data_7NPA
#
_entry.id   7NPA
#
_cell.length_a   113.148
_cell.length_b   124.157
_cell.length_c   241.062
_cell.angle_alpha   102.280
_cell.angle_beta   95.710
_cell.angle_gamma   90.250
#
_symmetry.space_group_name_H-M   'P 1'
#
loop_
_entity.id
_entity.type
_entity.pdbx_description
1 polymer 'Coenzyme F420-dependent sulfite reductase'
2 non-polymer 'IRON/SULFUR CLUSTER'
3 non-polymer 'FLAVIN-ADENINE DINUCLEOTIDE'
4 non-polymer 1,2-ETHANEDIOL
5 non-polymer SIROHEME
6 non-polymer 'SULFATE ION'
7 non-polymer 'HYDROSULFURIC ACID'
8 non-polymer 'CHLORIDE ION'
9 non-polymer GLYCEROL
10 non-polymer 'LITHIUM ION'
11 non-polymer DI(HYDROXYETHYL)ETHER
12 non-polymer 2-AMINO-2-HYDROXYMETHYL-PROPANE-1,3-DIOL
13 water water
#
_entity_poly.entity_id   1
_entity_poly.type   'polypeptide(L)'
_entity_poly.pdbx_seq_one_letter_code
;MYEWKLNDIVDNGICAKCGTCTVVCPNGILTFEDRPKLTEECLRKGNGMCFEVCPRVSSGKYQIKIREKFKEEYYYGKGD
VEGQDGGVVTTFLKYLLKNKKIDGAIVVGDECWKPVSLIVQNEEDLMNTTKSKYTVSTLEALKTAGEMGLEKVAVVGLPC
QINGLRKLQYFQYLAKHDGELGKNGKPVKLPKIEYLIGLLCTEKFEYDELKETLAKYNINMDDVEKFDIKKGKLLVYVNG
EEHKIPLKEIELSAGCKMCRDFDAEMADVSVGCVGSPDGYSTVIIRTEKGEEIKNAIELKEGVNLEAIEKLRDLKLNRFK
KEVERRKAEDEKVSFYWTADYGGVGKRADGTYFIRIRAKPAGWYSIDEAREILEIAEKYDGKIKMTNRGAFEIHGISGFD
VEAMVLELMEKGFITGSEGPLVRATLACPGEGNCGSGLINTTELCKILEDNFKEHPAPYKFKIAISGCPNKCVRPQIHDI
GIAGVKFPVVNEENCNGCGRCAEVCKIEAIDIRGETSYTNYNVCIGCGKCIKACPNEGRDVKEEGFMVYVGGKTGREVIE
GVSMKLMSVEEILNLIDKVLIVYHKYAKKPQRERLAAVMARIGKGKFLEEVKELMEQN
;
_entity_poly.pdbx_strand_id   A,B,C,D,E,F,G,H,I,J,K,L,M,N,O,P
#
# COMPACT_ATOMS: atom_id res chain seq x y z
N MET A 1 3.35 11.23 54.34
CA MET A 1 2.79 9.90 54.72
C MET A 1 3.95 9.03 55.26
N TYR A 2 4.80 8.41 54.46
CA TYR A 2 5.86 7.53 55.02
C TYR A 2 7.21 8.25 55.10
N GLU A 3 8.01 7.95 56.11
CA GLU A 3 9.34 8.55 56.21
C GLU A 3 10.21 7.98 55.10
N TRP A 4 10.81 8.85 54.30
CA TRP A 4 11.58 8.44 53.14
C TRP A 4 12.61 9.53 52.86
N LYS A 5 13.90 9.19 52.95
CA LYS A 5 14.95 10.21 52.92
C LYS A 5 14.87 11.08 51.66
N LEU A 6 14.57 10.47 50.51
CA LEU A 6 14.53 11.25 49.27
C LEU A 6 13.40 12.26 49.22
N ASN A 7 12.53 12.26 50.24
CA ASN A 7 11.43 13.27 50.27
C ASN A 7 12.08 14.67 50.27
N ASP A 8 13.34 14.74 50.70
CA ASP A 8 14.08 16.03 50.75
C ASP A 8 14.33 16.52 49.32
N ILE A 9 14.56 15.61 48.37
CA ILE A 9 14.74 16.01 46.98
C ILE A 9 13.39 16.25 46.31
N VAL A 10 12.47 15.31 46.51
CA VAL A 10 11.21 15.31 45.79
C VAL A 10 10.31 16.44 46.25
N ASP A 11 10.23 16.68 47.56
CA ASP A 11 9.28 17.68 48.05
C ASP A 11 9.76 19.11 47.88
N ASN A 12 11.02 19.33 47.48
CA ASN A 12 11.58 20.67 47.35
C ASN A 12 11.89 21.04 45.90
N GLY A 13 11.32 20.34 44.93
CA GLY A 13 11.49 20.70 43.53
C GLY A 13 12.86 20.45 42.94
N ILE A 14 13.66 19.59 43.57
CA ILE A 14 14.99 19.26 43.06
C ILE A 14 14.96 17.97 42.26
N CYS A 15 13.96 17.12 42.47
CA CYS A 15 13.87 15.84 41.80
C CYS A 15 13.74 16.03 40.29
N ALA A 16 14.55 15.28 39.54
CA ALA A 16 14.50 15.33 38.07
C ALA A 16 13.32 14.57 37.46
N LYS A 17 12.62 13.76 38.26
CA LYS A 17 11.60 12.84 37.77
C LYS A 17 12.17 11.92 36.68
N CYS A 18 13.37 11.40 36.95
CA CYS A 18 14.04 10.44 36.08
C CYS A 18 13.53 9.01 36.27
N GLY A 19 13.15 8.62 37.48
CA GLY A 19 12.67 7.28 37.77
C GLY A 19 13.72 6.27 38.20
N THR A 20 14.98 6.67 38.36
CA THR A 20 16.02 5.71 38.71
C THR A 20 15.78 5.08 40.08
N CYS A 21 15.49 5.89 41.10
CA CYS A 21 15.34 5.38 42.45
C CYS A 21 14.28 4.29 42.55
N THR A 22 13.20 4.38 41.77
CA THR A 22 12.10 3.45 41.96
C THR A 22 12.33 2.09 41.31
N VAL A 23 13.42 1.90 40.56
CA VAL A 23 13.70 0.59 39.98
C VAL A 23 14.70 -0.23 40.79
N VAL A 24 15.36 0.38 41.78
CA VAL A 24 16.45 -0.31 42.47
C VAL A 24 16.03 -0.92 43.79
N CYS A 25 14.79 -0.73 44.22
CA CYS A 25 14.40 -1.15 45.56
C CYS A 25 14.29 -2.66 45.63
N PRO A 26 15.05 -3.35 46.50
CA PRO A 26 14.99 -4.83 46.51
C PRO A 26 13.72 -5.39 47.12
N ASN A 27 12.92 -4.56 47.79
CA ASN A 27 11.65 -4.98 48.36
C ASN A 27 10.45 -4.60 47.51
N GLY A 28 10.68 -3.91 46.38
CA GLY A 28 9.61 -3.54 45.48
C GLY A 28 8.56 -2.61 46.06
N ILE A 29 8.93 -1.77 47.03
CA ILE A 29 7.95 -0.92 47.71
C ILE A 29 7.99 0.52 47.19
N LEU A 30 8.67 0.75 46.08
CA LEU A 30 8.67 2.03 45.41
C LEU A 30 7.99 1.93 44.05
N THR A 31 7.19 2.94 43.75
CA THR A 31 6.52 3.02 42.43
C THR A 31 6.63 4.47 41.94
N PHE A 32 6.59 4.67 40.62
CA PHE A 32 6.63 6.07 40.11
C PHE A 32 5.28 6.39 39.45
N GLU A 33 4.57 7.37 40.00
CA GLU A 33 3.28 7.85 39.43
C GLU A 33 3.58 9.22 38.81
N ASP A 34 3.32 10.29 39.56
CA ASP A 34 3.68 11.66 39.10
C ASP A 34 5.03 11.99 39.74
N ARG A 35 5.43 11.16 40.69
CA ARG A 35 6.72 11.29 41.41
C ARG A 35 7.04 9.96 42.10
N PRO A 36 8.28 9.77 42.59
CA PRO A 36 8.62 8.52 43.27
C PRO A 36 7.83 8.46 44.58
N LYS A 37 7.28 7.30 44.92
CA LYS A 37 6.53 7.22 46.19
C LYS A 37 6.63 5.81 46.80
N LEU A 38 6.55 5.75 48.12
CA LEU A 38 6.56 4.48 48.88
C LEU A 38 5.12 3.94 48.90
N THR A 39 4.95 2.66 48.57
CA THR A 39 3.64 2.01 48.67
C THR A 39 3.40 1.39 50.04
N GLU A 40 4.43 1.32 50.89
CA GLU A 40 4.30 0.84 52.25
C GLU A 40 5.53 1.30 53.02
N GLU A 41 5.55 1.03 54.32
CA GLU A 41 6.62 1.51 55.18
C GLU A 41 7.96 0.89 54.80
N CYS A 42 8.99 1.74 54.75
CA CYS A 42 10.37 1.31 54.57
C CYS A 42 11.03 1.33 55.94
N LEU A 43 11.52 0.18 56.39
CA LEU A 43 12.12 0.09 57.72
C LEU A 43 13.39 0.91 57.85
N ARG A 44 14.04 1.23 56.74
CA ARG A 44 15.24 2.06 56.70
C ARG A 44 14.92 3.56 56.59
N LYS A 45 13.65 3.91 56.45
CA LYS A 45 13.22 5.29 56.19
C LYS A 45 13.94 5.89 54.98
N GLY A 46 14.17 5.07 53.97
CA GLY A 46 14.79 5.54 52.75
C GLY A 46 16.29 5.71 52.79
N ASN A 47 16.94 5.24 53.85
CA ASN A 47 18.41 5.25 53.95
C ASN A 47 18.88 4.01 53.21
N GLY A 48 19.01 4.12 51.91
CA GLY A 48 19.38 2.96 51.14
C GLY A 48 19.62 3.28 49.68
N MET A 49 19.45 2.24 48.84
CA MET A 49 19.92 2.28 47.46
C MET A 49 19.17 3.31 46.61
N CYS A 50 17.88 3.51 46.84
CA CYS A 50 17.14 4.61 46.20
C CYS A 50 17.89 5.93 46.35
N PHE A 51 18.14 6.33 47.59
CA PHE A 51 18.86 7.57 47.86
C PHE A 51 20.25 7.53 47.25
N GLU A 52 20.91 6.37 47.32
CA GLU A 52 22.29 6.30 46.87
C GLU A 52 22.44 6.33 45.36
N VAL A 53 21.41 6.02 44.56
CA VAL A 53 21.53 6.14 43.10
C VAL A 53 21.02 7.47 42.58
N CYS A 54 20.51 8.34 43.43
CA CYS A 54 19.84 9.54 42.94
C CYS A 54 20.85 10.54 42.41
N PRO A 55 20.76 10.96 41.13
CA PRO A 55 21.76 11.89 40.60
C PRO A 55 21.59 13.30 41.11
N ARG A 56 20.52 13.60 41.83
CA ARG A 56 20.28 14.93 42.42
C ARG A 56 20.74 14.99 43.87
N VAL A 57 21.16 13.87 44.44
CA VAL A 57 21.89 13.90 45.71
C VAL A 57 23.37 14.16 45.45
N SER A 58 23.96 13.38 44.54
CA SER A 58 25.38 13.50 44.21
C SER A 58 25.57 12.94 42.80
N SER A 59 26.23 13.69 41.93
CA SER A 59 26.36 13.28 40.51
C SER A 59 27.28 12.07 40.29
N GLY A 60 28.27 11.87 41.16
CA GLY A 60 29.27 10.85 40.92
C GLY A 60 30.11 11.07 39.67
N LYS A 61 29.91 12.22 39.03
CA LYS A 61 30.48 12.45 37.66
C LYS A 61 32.00 12.30 37.56
N TYR A 62 32.76 12.85 38.49
CA TYR A 62 34.22 12.76 38.37
C TYR A 62 34.67 11.29 38.39
N GLN A 63 34.22 10.51 39.39
CA GLN A 63 34.70 9.13 39.49
C GLN A 63 34.21 8.27 38.33
N ILE A 64 33.02 8.57 37.79
CA ILE A 64 32.55 7.87 36.61
C ILE A 64 33.38 8.25 35.38
N LYS A 65 33.58 9.56 35.18
CA LYS A 65 34.23 10.01 33.93
C LYS A 65 35.69 9.55 33.84
N ILE A 66 36.41 9.47 34.97
CA ILE A 66 37.79 9.02 34.88
C ILE A 66 37.87 7.53 34.52
N ARG A 67 36.77 6.79 34.68
CA ARG A 67 36.68 5.38 34.30
C ARG A 67 36.15 5.18 32.88
N GLU A 68 35.12 5.93 32.51
CA GLU A 68 34.58 5.80 31.15
C GLU A 68 35.53 6.41 30.12
N LYS A 69 36.34 7.40 30.50
CA LYS A 69 37.33 8.00 29.61
C LYS A 69 36.67 8.44 28.30
N PHE A 70 35.67 9.30 28.48
CA PHE A 70 34.79 9.69 27.37
C PHE A 70 35.57 10.39 26.27
N LYS A 71 35.22 10.06 25.03
CA LYS A 71 35.59 10.82 23.87
C LYS A 71 34.38 11.70 23.50
N GLU A 72 34.48 12.41 22.39
CA GLU A 72 33.39 13.33 22.00
C GLU A 72 33.46 13.56 20.49
N GLU A 73 32.92 12.61 19.70
CA GLU A 73 32.97 12.72 18.25
C GLU A 73 31.57 13.05 17.71
N TYR A 74 31.50 14.10 16.89
CA TYR A 74 30.24 14.68 16.42
C TYR A 74 29.95 14.25 14.99
N TYR A 75 28.76 13.68 14.79
CA TYR A 75 28.29 13.25 13.48
C TYR A 75 26.82 13.64 13.37
N TYR A 76 26.26 13.51 12.16
CA TYR A 76 24.81 13.43 12.03
C TYR A 76 24.45 12.34 11.04
N GLY A 77 23.20 11.88 11.12
CA GLY A 77 22.79 10.80 10.24
C GLY A 77 21.31 10.51 10.35
N LYS A 78 20.86 9.60 9.49
CA LYS A 78 19.49 9.12 9.51
C LYS A 78 19.50 7.61 9.32
N GLY A 79 18.54 6.96 9.94
CA GLY A 79 18.34 5.54 9.79
C GLY A 79 17.31 5.24 8.73
N ASP A 80 16.70 4.05 8.83
CA ASP A 80 15.75 3.59 7.85
C ASP A 80 14.33 3.49 8.41
N VAL A 81 14.06 4.13 9.55
CA VAL A 81 12.72 4.22 10.11
C VAL A 81 12.35 5.69 10.20
N GLU A 82 11.05 5.96 10.14
CA GLU A 82 10.55 7.31 10.37
C GLU A 82 10.53 7.58 11.87
N GLY A 83 11.41 8.46 12.33
CA GLY A 83 11.50 8.78 13.74
C GLY A 83 11.21 10.23 14.04
N GLN A 84 11.59 10.68 15.25
CA GLN A 84 11.43 12.09 15.59
C GLN A 84 12.19 12.98 14.61
N ASP A 85 13.47 12.68 14.39
CA ASP A 85 14.34 13.44 13.53
C ASP A 85 14.88 12.52 12.44
N GLY A 86 16.03 11.90 12.67
CA GLY A 86 16.58 10.96 11.73
C GLY A 86 16.15 9.51 11.88
N GLY A 87 15.45 9.16 12.96
CA GLY A 87 15.18 7.75 13.21
C GLY A 87 16.41 6.97 13.63
N VAL A 88 17.42 7.66 14.14
CA VAL A 88 18.69 7.02 14.48
C VAL A 88 18.53 6.13 15.70
N VAL A 89 17.87 6.62 16.74
CA VAL A 89 17.80 5.82 17.97
C VAL A 89 17.14 4.48 17.69
N THR A 90 15.97 4.52 17.05
CA THR A 90 15.27 3.26 16.79
C THR A 90 16.06 2.37 15.84
N THR A 91 16.70 2.95 14.82
CA THR A 91 17.50 2.13 13.90
C THR A 91 18.65 1.45 14.63
N PHE A 92 19.35 2.19 15.51
CA PHE A 92 20.42 1.59 16.31
C PHE A 92 19.91 0.44 17.17
N LEU A 93 18.77 0.65 17.85
CA LEU A 93 18.21 -0.40 18.70
C LEU A 93 17.84 -1.63 17.88
N LYS A 94 17.34 -1.43 16.66
CA LYS A 94 17.03 -2.56 15.78
C LYS A 94 18.29 -3.34 15.47
N TYR A 95 19.39 -2.62 15.20
CA TYR A 95 20.67 -3.26 14.90
C TYR A 95 21.18 -4.05 16.11
N LEU A 96 21.03 -3.50 17.31
CA LEU A 96 21.52 -4.18 18.50
C LEU A 96 20.70 -5.43 18.81
N LEU A 97 19.38 -5.38 18.58
CA LEU A 97 18.55 -6.56 18.75
C LEU A 97 18.87 -7.62 17.70
N LYS A 98 18.96 -7.20 16.42
CA LYS A 98 19.22 -8.15 15.35
C LYS A 98 20.52 -8.89 15.57
N ASN A 99 21.56 -8.17 15.96
CA ASN A 99 22.89 -8.77 16.14
C ASN A 99 23.12 -9.30 17.54
N LYS A 100 22.04 -9.55 18.29
CA LYS A 100 22.12 -10.17 19.63
C LYS A 100 23.12 -9.48 20.56
N LYS A 101 23.24 -8.15 20.48
CA LYS A 101 24.05 -7.38 21.43
C LYS A 101 23.30 -7.15 22.73
N ILE A 102 21.97 -7.19 22.67
CA ILE A 102 21.10 -7.00 23.82
C ILE A 102 19.95 -8.00 23.70
N ASP A 103 19.32 -8.27 24.84
CA ASP A 103 18.11 -9.09 24.90
C ASP A 103 16.84 -8.27 24.76
N GLY A 104 16.92 -6.96 24.99
CA GLY A 104 15.78 -6.09 24.89
C GLY A 104 16.21 -4.66 25.07
N ALA A 105 15.27 -3.75 24.80
CA ALA A 105 15.49 -2.32 24.93
C ALA A 105 14.44 -1.71 25.86
N ILE A 106 14.91 -0.83 26.74
CA ILE A 106 14.02 -0.07 27.61
C ILE A 106 13.72 1.24 26.90
N VAL A 107 12.47 1.41 26.45
CA VAL A 107 12.08 2.54 25.61
C VAL A 107 10.75 3.09 26.09
N VAL A 108 10.40 4.26 25.53
CA VAL A 108 9.19 5.00 25.92
C VAL A 108 8.23 4.99 24.74
N GLY A 109 7.08 4.33 24.95
CA GLY A 109 5.94 4.45 24.09
C GLY A 109 4.93 5.42 24.65
N ASP A 110 3.71 5.36 24.13
CA ASP A 110 2.67 6.24 24.63
C ASP A 110 1.28 5.67 24.37
N GLU A 111 0.37 6.07 25.25
CA GLU A 111 -1.09 5.88 25.07
C GLU A 111 -1.69 7.27 25.00
N CYS A 112 -2.01 7.71 23.78
CA CYS A 112 -2.47 9.08 23.49
C CYS A 112 -1.63 10.14 24.21
N TRP A 113 -0.30 10.06 24.02
CA TRP A 113 0.73 10.98 24.52
C TRP A 113 1.00 10.81 26.01
N LYS A 114 0.34 9.88 26.70
CA LYS A 114 0.77 9.54 28.06
C LYS A 114 1.92 8.54 27.95
N PRO A 115 3.15 8.93 28.33
CA PRO A 115 4.29 8.00 28.13
C PRO A 115 4.15 6.72 28.93
N VAL A 116 4.73 5.65 28.39
CA VAL A 116 4.77 4.34 29.05
C VAL A 116 6.14 3.75 28.85
N SER A 117 6.76 3.33 29.96
CA SER A 117 8.04 2.63 29.91
C SER A 117 7.83 1.20 29.45
N LEU A 118 8.59 0.77 28.45
CA LEU A 118 8.40 -0.54 27.85
C LEU A 118 9.71 -1.30 27.75
N ILE A 119 9.62 -2.61 27.90
CA ILE A 119 10.71 -3.51 27.56
C ILE A 119 10.31 -4.20 26.26
N VAL A 120 11.03 -3.90 25.19
CA VAL A 120 10.73 -4.45 23.87
C VAL A 120 11.84 -5.41 23.50
N GLN A 121 11.46 -6.55 22.93
CA GLN A 121 12.38 -7.62 22.57
C GLN A 121 12.36 -7.93 21.09
N ASN A 122 11.53 -7.26 20.30
CA ASN A 122 11.49 -7.51 18.85
C ASN A 122 11.24 -6.20 18.12
N GLU A 123 11.52 -6.22 16.81
CA GLU A 123 11.38 -5.04 15.91
C GLU A 123 9.95 -4.51 15.90
N GLU A 124 8.95 -5.38 15.77
CA GLU A 124 7.53 -4.94 15.71
C GLU A 124 7.16 -4.12 16.96
N ASP A 125 7.54 -4.59 18.15
CA ASP A 125 7.20 -3.86 19.36
C ASP A 125 8.01 -2.57 19.49
N LEU A 126 9.21 -2.55 18.92
CA LEU A 126 10.05 -1.35 18.97
C LEU A 126 9.45 -0.21 18.13
N MET A 127 8.70 -0.56 17.08
CA MET A 127 8.25 0.45 16.13
C MET A 127 7.18 1.37 16.71
N ASN A 128 6.56 1.00 17.83
CA ASN A 128 5.58 1.86 18.49
C ASN A 128 6.21 2.88 19.42
N THR A 129 7.55 2.95 19.50
CA THR A 129 8.23 3.80 20.47
C THR A 129 9.04 4.91 19.84
N THR A 130 8.94 5.11 18.53
CA THR A 130 9.59 6.25 17.90
C THR A 130 8.92 7.54 18.37
N LYS A 131 9.59 8.65 18.07
CA LYS A 131 9.12 10.00 18.35
C LYS A 131 9.35 10.41 19.79
N SER A 132 9.47 11.71 20.01
CA SER A 132 9.67 12.27 21.34
C SER A 132 8.34 12.47 22.04
N LYS A 133 8.29 12.07 23.30
CA LYS A 133 7.20 12.36 24.22
C LYS A 133 7.79 13.37 25.20
N TYR A 134 7.31 14.61 25.15
CA TYR A 134 7.93 15.70 25.90
C TYR A 134 7.41 15.84 27.33
N THR A 135 6.90 14.75 27.93
CA THR A 135 6.40 14.81 29.30
C THR A 135 7.07 13.73 30.14
N VAL A 136 6.82 13.80 31.45
CA VAL A 136 7.51 12.94 32.40
C VAL A 136 7.40 11.49 31.98
N SER A 137 8.54 10.81 31.91
CA SER A 137 8.66 9.39 31.60
C SER A 137 9.32 8.68 32.80
N THR A 138 9.17 7.36 32.84
CA THR A 138 9.78 6.56 33.90
C THR A 138 10.75 5.54 33.29
N LEU A 139 11.36 4.75 34.17
CA LEU A 139 12.23 3.66 33.78
C LEU A 139 11.67 2.33 34.27
N GLU A 140 10.36 2.27 34.54
CA GLU A 140 9.78 1.16 35.28
C GLU A 140 9.95 -0.17 34.56
N ALA A 141 10.08 -0.15 33.24
CA ALA A 141 10.25 -1.41 32.51
C ALA A 141 11.58 -2.09 32.84
N LEU A 142 12.51 -1.38 33.46
CA LEU A 142 13.72 -2.06 33.94
C LEU A 142 13.37 -3.10 34.99
N LYS A 143 12.39 -2.82 35.85
CA LYS A 143 11.96 -3.81 36.83
C LYS A 143 11.36 -5.04 36.14
N THR A 144 10.53 -4.80 35.11
CA THR A 144 9.94 -5.90 34.35
C THR A 144 11.03 -6.73 33.69
N ALA A 145 12.00 -6.07 33.05
CA ALA A 145 13.09 -6.81 32.42
C ALA A 145 13.80 -7.69 33.43
N GLY A 146 13.97 -7.19 34.64
CA GLY A 146 14.62 -7.98 35.68
C GLY A 146 13.77 -9.16 36.12
N GLU A 147 12.44 -8.97 36.21
CA GLU A 147 11.57 -10.09 36.56
C GLU A 147 11.60 -11.16 35.48
N MET A 148 11.72 -10.74 34.21
CA MET A 148 11.80 -11.69 33.11
C MET A 148 13.16 -12.37 33.05
N GLY A 149 14.16 -11.86 33.76
CA GLY A 149 15.49 -12.44 33.70
C GLY A 149 16.31 -12.10 32.46
N LEU A 150 16.01 -11.01 31.77
CA LEU A 150 16.81 -10.65 30.60
C LEU A 150 18.22 -10.31 31.05
N GLU A 151 19.21 -10.82 30.32
CA GLU A 151 20.60 -10.64 30.74
C GLU A 151 21.08 -9.23 30.45
N LYS A 152 20.81 -8.72 29.25
CA LYS A 152 21.38 -7.44 28.82
C LYS A 152 20.33 -6.59 28.11
N VAL A 153 20.35 -5.29 28.40
CA VAL A 153 19.46 -4.34 27.73
C VAL A 153 20.22 -3.08 27.34
N ALA A 154 19.68 -2.39 26.34
CA ALA A 154 19.98 -1.00 26.08
C ALA A 154 18.88 -0.14 26.70
N VAL A 155 19.25 1.03 27.21
CA VAL A 155 18.28 1.98 27.75
C VAL A 155 18.41 3.31 27.01
N VAL A 156 17.28 3.86 26.57
CA VAL A 156 17.21 5.23 26.07
C VAL A 156 16.73 6.11 27.22
N GLY A 157 17.42 7.21 27.45
CA GLY A 157 17.06 8.10 28.55
C GLY A 157 17.43 9.54 28.30
N LEU A 158 16.67 10.43 28.95
CA LEU A 158 17.04 11.81 29.10
C LEU A 158 18.32 11.93 29.93
N PRO A 159 19.00 13.07 29.86
CA PRO A 159 20.27 13.21 30.60
C PRO A 159 20.15 12.80 32.05
N CYS A 160 19.07 13.20 32.72
CA CYS A 160 18.91 12.86 34.14
C CYS A 160 18.80 11.36 34.34
N GLN A 161 18.17 10.66 33.39
CA GLN A 161 18.05 9.21 33.47
C GLN A 161 19.38 8.52 33.19
N ILE A 162 20.13 9.02 32.20
CA ILE A 162 21.47 8.53 31.97
C ILE A 162 22.33 8.69 33.22
N ASN A 163 22.23 9.83 33.89
CA ASN A 163 23.07 10.11 35.06
C ASN A 163 22.72 9.18 36.22
N GLY A 164 21.42 8.97 36.46
CA GLY A 164 21.02 8.00 37.47
C GLY A 164 21.51 6.59 37.17
N LEU A 165 21.39 6.16 35.91
CA LEU A 165 21.77 4.79 35.57
C LEU A 165 23.28 4.60 35.54
N ARG A 166 24.06 5.66 35.28
CA ARG A 166 25.50 5.56 35.46
C ARG A 166 25.84 5.37 36.93
N LYS A 167 25.11 6.02 37.83
CA LYS A 167 25.33 5.77 39.26
C LYS A 167 25.01 4.31 39.60
N LEU A 168 23.94 3.76 39.02
CA LEU A 168 23.63 2.35 39.19
C LEU A 168 24.77 1.46 38.72
N GLN A 169 25.27 1.72 37.51
CA GLN A 169 26.38 0.91 36.99
C GLN A 169 27.59 0.97 37.92
N TYR A 170 27.87 2.16 38.47
CA TYR A 170 29.06 2.40 39.26
C TYR A 170 28.76 2.39 40.75
N PHE A 171 27.70 1.69 41.14
CA PHE A 171 27.19 1.79 42.51
C PHE A 171 28.26 1.46 43.56
N GLN A 172 29.00 0.38 43.36
CA GLN A 172 29.97 -0.02 44.38
C GLN A 172 31.04 1.05 44.59
N TYR A 173 31.38 1.81 43.55
CA TYR A 173 32.37 2.87 43.69
C TYR A 173 31.79 4.08 44.40
N LEU A 174 30.52 4.42 44.13
CA LEU A 174 29.95 5.64 44.69
C LEU A 174 29.35 5.43 46.07
N ALA A 175 28.61 4.33 46.25
CA ALA A 175 28.00 4.02 47.55
C ALA A 175 28.95 3.31 48.51
N LYS A 176 30.02 2.69 47.99
CA LYS A 176 31.07 2.02 48.75
C LYS A 176 30.62 0.72 49.38
N HIS A 177 29.57 0.10 48.86
CA HIS A 177 29.13 -1.21 49.29
C HIS A 177 28.30 -1.83 48.18
N ASP A 178 27.91 -3.09 48.39
CA ASP A 178 27.11 -3.83 47.42
C ASP A 178 25.66 -3.35 47.42
N GLY A 179 24.98 -3.67 46.32
CA GLY A 179 23.57 -3.36 46.19
C GLY A 179 22.78 -3.84 47.40
N GLU A 180 21.84 -3.00 47.84
CA GLU A 180 21.03 -3.25 49.05
C GLU A 180 20.32 -4.61 48.97
N LEU A 181 20.39 -5.37 50.07
CA LEU A 181 19.68 -6.63 50.23
C LEU A 181 18.26 -6.37 50.68
N GLY A 182 17.32 -7.05 50.03
CA GLY A 182 15.94 -7.01 50.46
C GLY A 182 15.71 -7.86 51.69
N LYS A 183 14.44 -7.90 52.10
CA LYS A 183 14.00 -8.69 53.29
C LYS A 183 14.39 -10.16 53.09
N ASN A 184 14.37 -10.65 51.86
CA ASN A 184 14.72 -12.04 51.61
C ASN A 184 16.23 -12.27 51.49
N GLY A 185 17.05 -11.25 51.76
CA GLY A 185 18.49 -11.41 51.73
C GLY A 185 19.14 -11.23 50.38
N LYS A 186 18.37 -10.89 49.35
CA LYS A 186 18.89 -10.80 47.99
C LYS A 186 18.72 -9.40 47.42
N PRO A 187 19.59 -8.99 46.51
CA PRO A 187 19.48 -7.66 45.90
C PRO A 187 18.40 -7.64 44.82
N VAL A 188 18.11 -6.44 44.34
CA VAL A 188 17.08 -6.26 43.32
C VAL A 188 17.48 -7.02 42.06
N LYS A 189 16.47 -7.48 41.33
CA LYS A 189 16.66 -8.14 40.04
C LYS A 189 16.58 -7.11 38.93
N LEU A 190 17.68 -6.93 38.21
CA LEU A 190 17.76 -5.99 37.11
C LEU A 190 18.68 -6.54 36.03
N PRO A 191 18.38 -6.30 34.76
CA PRO A 191 19.31 -6.67 33.70
C PRO A 191 20.58 -5.84 33.78
N LYS A 192 21.63 -6.34 33.14
CA LYS A 192 22.81 -5.51 32.93
C LYS A 192 22.50 -4.44 31.89
N ILE A 193 22.82 -3.18 32.21
CA ILE A 193 22.65 -2.08 31.26
C ILE A 193 23.89 -2.02 30.39
N GLU A 194 23.74 -2.53 29.17
CA GLU A 194 24.85 -2.72 28.24
C GLU A 194 25.11 -1.47 27.39
N TYR A 195 24.06 -0.69 27.10
CA TYR A 195 24.17 0.52 26.29
C TYR A 195 23.30 1.59 26.94
N LEU A 196 23.85 2.79 27.06
CA LEU A 196 23.11 3.98 27.50
C LEU A 196 23.07 4.94 26.32
N ILE A 197 21.88 5.08 25.73
CA ILE A 197 21.63 5.98 24.61
C ILE A 197 20.90 7.19 25.17
N GLY A 198 21.59 8.34 25.15
CA GLY A 198 21.06 9.56 25.71
C GLY A 198 20.44 10.47 24.66
N LEU A 199 19.43 11.20 25.10
CA LEU A 199 18.78 12.22 24.28
C LEU A 199 19.25 13.59 24.76
N LEU A 200 19.52 14.49 23.82
CA LEU A 200 19.64 15.89 24.18
C LEU A 200 18.32 16.36 24.75
N CYS A 201 18.38 17.30 25.69
CA CYS A 201 17.16 17.73 26.37
C CYS A 201 17.33 19.11 26.98
N THR A 202 16.39 20.00 26.68
CA THR A 202 16.34 21.28 27.37
C THR A 202 15.31 21.32 28.48
N GLU A 203 14.29 20.46 28.43
CA GLU A 203 13.22 20.48 29.43
C GLU A 203 12.18 19.44 29.03
N LYS A 204 11.38 19.03 30.02
CA LYS A 204 10.17 18.25 29.81
C LYS A 204 9.05 18.89 30.62
N PHE A 205 7.80 18.49 30.34
CA PHE A 205 6.63 19.07 30.97
C PHE A 205 5.83 18.03 31.74
N GLU A 206 5.04 18.53 32.69
CA GLU A 206 3.98 17.72 33.27
C GLU A 206 2.87 17.55 32.24
N TYR A 207 2.38 16.32 32.08
CA TYR A 207 1.36 16.06 31.06
C TYR A 207 0.18 17.01 31.21
N ASP A 208 -0.32 17.20 32.43
CA ASP A 208 -1.49 18.06 32.62
C ASP A 208 -1.20 19.48 32.17
N GLU A 209 0.02 19.97 32.47
CA GLU A 209 0.41 21.32 32.08
C GLU A 209 0.48 21.47 30.56
N LEU A 210 1.03 20.48 29.87
CA LEU A 210 1.07 20.53 28.41
C LEU A 210 -0.33 20.55 27.82
N LYS A 211 -1.18 19.61 28.27
CA LYS A 211 -2.55 19.52 27.74
C LYS A 211 -3.32 20.81 27.98
N GLU A 212 -3.17 21.41 29.16
CA GLU A 212 -3.85 22.67 29.44
C GLU A 212 -3.29 23.80 28.59
N THR A 213 -1.96 23.83 28.38
CA THR A 213 -1.36 24.86 27.54
C THR A 213 -1.87 24.75 26.11
N LEU A 214 -1.90 23.53 25.56
CA LEU A 214 -2.46 23.34 24.24
C LEU A 214 -3.91 23.80 24.17
N ALA A 215 -4.71 23.50 25.21
CA ALA A 215 -6.11 23.92 25.19
C ALA A 215 -6.22 25.44 25.06
N LYS A 216 -5.28 26.19 25.64
CA LYS A 216 -5.30 27.64 25.52
C LYS A 216 -5.16 28.08 24.07
N TYR A 217 -4.43 27.30 23.26
CA TYR A 217 -4.25 27.55 21.84
C TYR A 217 -5.27 26.77 21.00
N ASN A 218 -6.37 26.34 21.62
CA ASN A 218 -7.46 25.65 20.94
C ASN A 218 -7.00 24.36 20.29
N ILE A 219 -6.04 23.67 20.91
CA ILE A 219 -5.54 22.40 20.40
C ILE A 219 -5.92 21.30 21.38
N ASN A 220 -6.49 20.22 20.84
CA ASN A 220 -6.81 19.02 21.61
C ASN A 220 -5.65 18.04 21.51
N MET A 221 -4.89 17.92 22.61
CA MET A 221 -3.66 17.07 22.66
C MET A 221 -3.93 15.67 22.10
N ASP A 222 -5.10 15.10 22.40
CA ASP A 222 -5.42 13.78 21.88
C ASP A 222 -5.36 13.71 20.37
N ASP A 223 -5.51 14.84 19.67
CA ASP A 223 -5.50 14.87 18.21
C ASP A 223 -4.13 15.13 17.61
N VAL A 224 -3.11 15.34 18.43
CA VAL A 224 -1.78 15.72 17.92
C VAL A 224 -1.09 14.50 17.33
N GLU A 225 -0.52 14.70 16.14
CA GLU A 225 0.27 13.68 15.46
C GLU A 225 1.73 13.68 15.90
N LYS A 226 2.30 14.85 16.19
CA LYS A 226 3.70 14.92 16.55
C LYS A 226 3.97 16.20 17.31
N PHE A 227 4.89 16.12 18.25
CA PHE A 227 5.45 17.28 18.92
C PHE A 227 6.91 17.46 18.50
N ASP A 228 7.43 18.68 18.66
CA ASP A 228 8.84 18.97 18.42
C ASP A 228 9.23 20.19 19.23
N ILE A 229 10.49 20.24 19.64
CA ILE A 229 11.07 21.43 20.25
C ILE A 229 12.23 21.85 19.35
N LYS A 230 12.10 23.02 18.74
CA LYS A 230 13.07 23.54 17.78
C LYS A 230 13.14 25.05 17.94
N LYS A 231 14.36 25.57 18.09
CA LYS A 231 14.64 27.01 18.03
C LYS A 231 13.69 27.81 18.92
N GLY A 232 13.57 27.38 20.16
CA GLY A 232 12.82 28.10 21.16
C GLY A 232 11.32 27.97 21.06
N LYS A 233 10.82 27.02 20.28
CA LYS A 233 9.39 26.86 20.06
C LYS A 233 9.00 25.41 20.31
N LEU A 234 7.80 25.24 20.84
CA LEU A 234 7.12 23.94 20.81
C LEU A 234 6.31 23.89 19.52
N LEU A 235 6.63 22.92 18.67
CA LEU A 235 5.91 22.72 17.43
C LEU A 235 4.88 21.61 17.66
N VAL A 236 3.65 21.86 17.21
CA VAL A 236 2.54 20.94 17.40
C VAL A 236 1.89 20.70 16.05
N TYR A 237 1.93 19.45 15.60
CA TYR A 237 1.38 19.04 14.31
C TYR A 237 0.05 18.37 14.57
N VAL A 238 -1.02 18.98 14.08
CA VAL A 238 -2.36 18.45 14.31
C VAL A 238 -3.23 18.88 13.14
N ASN A 239 -4.08 17.96 12.69
CA ASN A 239 -4.98 18.21 11.56
C ASN A 239 -4.22 18.72 10.35
N GLY A 240 -3.04 18.13 10.11
CA GLY A 240 -2.24 18.55 8.97
C GLY A 240 -1.76 19.97 9.04
N GLU A 241 -1.63 20.53 10.24
CA GLU A 241 -1.21 21.92 10.44
C GLU A 241 -0.03 21.94 11.40
N GLU A 242 0.84 22.93 11.23
CA GLU A 242 1.93 23.17 12.17
C GLU A 242 1.60 24.38 13.02
N HIS A 243 1.58 24.19 14.34
CA HIS A 243 1.33 25.26 15.29
C HIS A 243 2.59 25.49 16.13
N LYS A 244 2.96 26.74 16.32
CA LYS A 244 4.15 27.09 17.10
C LYS A 244 3.72 27.78 18.38
N ILE A 245 4.26 27.33 19.51
CA ILE A 245 4.01 27.93 20.81
C ILE A 245 5.37 28.31 21.40
N PRO A 246 5.61 29.58 21.76
CA PRO A 246 6.91 29.93 22.34
C PRO A 246 7.14 29.19 23.67
N LEU A 247 8.35 28.63 23.82
CA LEU A 247 8.62 27.84 25.02
C LEU A 247 8.50 28.69 26.28
N LYS A 248 8.75 30.00 26.17
CA LYS A 248 8.63 30.89 27.30
C LYS A 248 7.24 30.88 27.92
N GLU A 249 6.23 30.43 27.16
CA GLU A 249 4.83 30.47 27.66
C GLU A 249 4.38 29.13 28.26
N ILE A 250 5.28 28.17 28.37
CA ILE A 250 4.94 26.83 28.86
C ILE A 250 5.78 26.55 30.10
N GLU A 251 5.10 26.19 31.20
CA GLU A 251 5.82 25.91 32.47
C GLU A 251 6.48 24.53 32.37
N LEU A 252 7.77 24.46 32.69
CA LEU A 252 8.49 23.20 32.65
C LEU A 252 8.36 22.46 33.99
N SER A 253 8.63 21.16 33.94
CA SER A 253 8.66 20.37 35.16
C SER A 253 9.69 20.99 36.10
N ALA A 254 9.34 21.10 37.38
CA ALA A 254 10.10 21.97 38.28
C ALA A 254 11.56 21.56 38.36
N GLY A 255 11.84 20.25 38.38
CA GLY A 255 13.21 19.78 38.51
C GLY A 255 14.11 20.14 37.35
N CYS A 256 13.55 20.40 36.16
CA CYS A 256 14.38 20.83 35.05
C CYS A 256 15.08 22.15 35.33
N LYS A 257 14.54 22.97 36.23
CA LYS A 257 15.23 24.22 36.54
C LYS A 257 16.55 23.97 37.28
N MET A 258 16.68 22.82 37.94
CA MET A 258 17.85 22.47 38.72
C MET A 258 18.79 21.59 37.91
N CYS A 259 18.62 21.56 36.60
CA CYS A 259 19.38 20.67 35.72
C CYS A 259 20.53 21.37 35.04
N ARG A 260 21.65 20.65 34.87
CA ARG A 260 22.86 21.21 34.26
C ARG A 260 23.23 20.56 32.93
N ASP A 261 22.70 19.39 32.61
CA ASP A 261 23.21 18.50 31.56
C ASP A 261 22.29 18.56 30.34
N PHE A 262 22.73 19.29 29.30
CA PHE A 262 21.95 19.42 28.07
C PHE A 262 22.10 18.19 27.17
N ASP A 263 23.33 17.73 26.94
CA ASP A 263 23.62 16.79 25.87
C ASP A 263 23.80 15.35 26.34
N ALA A 264 23.36 15.04 27.56
CA ALA A 264 23.50 13.69 28.12
C ALA A 264 24.97 13.27 28.07
N GLU A 265 25.81 14.11 28.68
CA GLU A 265 27.29 14.00 28.61
C GLU A 265 27.84 12.65 29.08
N MET A 266 27.08 11.86 29.83
CA MET A 266 27.61 10.56 30.35
C MET A 266 27.11 9.38 29.50
N ALA A 267 26.38 9.65 28.43
CA ALA A 267 25.83 8.52 27.63
C ALA A 267 26.92 7.89 26.76
N ASP A 268 26.70 6.63 26.38
CA ASP A 268 27.59 5.99 25.41
C ASP A 268 27.52 6.71 24.07
N VAL A 269 26.31 7.11 23.67
CA VAL A 269 26.07 7.93 22.49
C VAL A 269 24.87 8.79 22.83
N SER A 270 24.93 10.07 22.45
CA SER A 270 23.87 11.03 22.66
C SER A 270 23.29 11.43 21.30
N VAL A 271 21.96 11.52 21.21
CA VAL A 271 21.26 11.83 19.97
C VAL A 271 20.29 12.98 20.19
N GLY A 272 20.26 13.90 19.23
CA GLY A 272 19.37 15.04 19.29
C GLY A 272 19.15 15.61 17.90
N CYS A 273 18.48 16.76 17.86
CA CYS A 273 18.27 17.46 16.60
C CYS A 273 19.14 18.70 16.42
N VAL A 274 19.58 19.32 17.52
CA VAL A 274 20.34 20.57 17.41
C VAL A 274 21.68 20.32 16.72
N GLY A 275 22.00 21.19 15.75
CA GLY A 275 23.28 21.15 15.09
C GLY A 275 23.32 20.37 13.80
N SER A 276 22.23 19.75 13.41
CA SER A 276 22.17 18.91 12.23
C SER A 276 20.96 19.31 11.40
N PRO A 277 20.99 19.04 10.10
CA PRO A 277 19.88 19.43 9.23
C PRO A 277 18.61 18.64 9.54
N ASP A 278 17.47 19.25 9.19
N ASP A 278 17.48 19.15 9.23
CA ASP A 278 16.18 18.59 9.46
CA ASP A 278 16.19 18.50 9.49
C ASP A 278 16.13 17.24 8.75
C ASP A 278 16.14 17.15 8.78
N GLY A 279 15.49 16.28 9.40
CA GLY A 279 15.43 14.92 8.88
C GLY A 279 16.61 14.06 9.25
N TYR A 280 17.64 14.64 9.89
CA TYR A 280 18.79 13.93 10.43
C TYR A 280 18.79 14.11 11.95
N SER A 281 19.43 13.17 12.64
CA SER A 281 19.70 13.30 14.06
C SER A 281 21.18 13.60 14.28
N THR A 282 21.46 14.49 15.22
CA THR A 282 22.82 14.67 15.70
C THR A 282 23.22 13.47 16.55
N VAL A 283 24.47 13.04 16.40
CA VAL A 283 25.00 11.87 17.09
C VAL A 283 26.34 12.25 17.71
N ILE A 284 26.41 12.19 19.03
CA ILE A 284 27.64 12.47 19.78
C ILE A 284 28.10 11.15 20.38
N ILE A 285 29.17 10.58 19.83
CA ILE A 285 29.70 9.29 20.26
C ILE A 285 30.77 9.53 21.33
N ARG A 286 30.63 8.85 22.47
CA ARG A 286 31.56 9.13 23.58
C ARG A 286 32.33 7.88 24.04
N THR A 287 31.83 6.65 23.82
CA THR A 287 32.49 5.46 24.32
C THR A 287 32.57 4.42 23.21
N GLU A 288 33.31 3.33 23.48
CA GLU A 288 33.39 2.25 22.51
C GLU A 288 32.05 1.57 22.28
N LYS A 289 31.18 1.51 23.31
CA LYS A 289 29.82 1.02 23.09
C LYS A 289 29.07 1.94 22.14
N GLY A 290 29.23 3.26 22.32
CA GLY A 290 28.58 4.19 21.40
C GLY A 290 29.11 4.06 19.99
N GLU A 291 30.39 3.69 19.88
CA GLU A 291 31.04 3.58 18.55
C GLU A 291 30.35 2.52 17.68
N GLU A 292 29.60 1.60 18.27
CA GLU A 292 28.91 0.58 17.49
C GLU A 292 27.80 1.17 16.62
N ILE A 293 27.36 2.39 16.90
CA ILE A 293 26.33 3.01 16.07
C ILE A 293 26.85 3.27 14.66
N LYS A 294 28.18 3.39 14.49
CA LYS A 294 28.73 3.50 13.15
C LYS A 294 28.36 2.30 12.28
N ASN A 295 28.16 1.12 12.89
CA ASN A 295 27.76 -0.04 12.10
C ASN A 295 26.29 0.00 11.70
N ALA A 296 25.50 0.83 12.37
CA ALA A 296 24.05 0.86 12.17
C ALA A 296 23.60 2.03 11.32
N ILE A 297 24.38 3.11 11.29
CA ILE A 297 24.01 4.35 10.64
C ILE A 297 25.16 4.82 9.73
N GLU A 298 24.84 5.26 8.51
CA GLU A 298 25.85 5.90 7.62
C GLU A 298 25.99 7.35 8.11
N LEU A 299 27.04 7.62 8.89
CA LEU A 299 27.20 8.91 9.55
C LEU A 299 27.94 9.91 8.68
N LYS A 300 27.62 11.18 8.89
CA LYS A 300 28.23 12.29 8.18
C LYS A 300 28.85 13.25 9.19
N GLU A 301 29.86 13.98 8.76
CA GLU A 301 30.47 15.02 9.57
C GLU A 301 29.94 16.38 9.14
N GLY A 302 30.07 17.37 10.03
CA GLY A 302 29.65 18.72 9.72
C GLY A 302 28.62 19.29 10.68
N VAL A 303 28.66 18.84 11.92
CA VAL A 303 27.71 19.30 12.91
C VAL A 303 27.99 20.75 13.31
N ASN A 304 26.92 21.52 13.53
CA ASN A 304 27.06 22.88 14.05
C ASN A 304 27.26 22.78 15.56
N LEU A 305 28.53 22.75 15.96
CA LEU A 305 28.88 22.60 17.37
C LEU A 305 28.45 23.79 18.20
N GLU A 306 28.46 24.99 17.62
CA GLU A 306 28.07 26.18 18.38
C GLU A 306 26.60 26.15 18.75
N ALA A 307 25.76 25.59 17.89
CA ALA A 307 24.33 25.49 18.23
C ALA A 307 24.14 24.65 19.47
N ILE A 308 24.93 23.59 19.62
CA ILE A 308 24.88 22.73 20.79
C ILE A 308 25.42 23.47 22.01
N GLU A 309 26.60 24.07 21.84
CA GLU A 309 27.28 24.80 22.96
C GLU A 309 26.38 25.92 23.51
N LYS A 310 25.66 26.62 22.65
CA LYS A 310 24.79 27.72 23.15
C LYS A 310 23.68 27.16 24.06
N LEU A 311 23.15 25.98 23.75
CA LEU A 311 22.10 25.36 24.60
C LEU A 311 22.74 24.86 25.91
N ARG A 312 23.96 24.33 25.86
CA ARG A 312 24.67 24.02 27.10
C ARG A 312 24.72 25.25 28.00
N ASP A 313 25.09 26.39 27.44
CA ASP A 313 25.25 27.63 28.20
C ASP A 313 23.89 28.14 28.69
N LEU A 314 22.86 28.12 27.83
CA LEU A 314 21.54 28.55 28.28
C LEU A 314 21.04 27.70 29.43
N LYS A 315 21.24 26.38 29.36
CA LYS A 315 20.79 25.54 30.46
C LYS A 315 21.58 25.82 31.73
N LEU A 316 22.91 25.98 31.62
CA LEU A 316 23.71 26.31 32.80
C LEU A 316 23.26 27.63 33.41
N ASN A 317 22.96 28.63 32.59
CA ASN A 317 22.54 29.91 33.14
C ASN A 317 21.18 29.81 33.83
N ARG A 318 20.29 28.96 33.30
CA ARG A 318 19.00 28.73 33.97
C ARG A 318 19.21 28.10 35.34
N PHE A 319 20.05 27.08 35.39
CA PHE A 319 20.40 26.42 36.65
C PHE A 319 21.00 27.42 37.64
N LYS A 320 21.93 28.25 37.18
CA LYS A 320 22.55 29.20 38.10
C LYS A 320 21.54 30.20 38.65
N LYS A 321 20.62 30.66 37.79
CA LYS A 321 19.59 31.57 38.23
C LYS A 321 18.69 30.94 39.29
N GLU A 322 18.37 29.66 39.14
CA GLU A 322 17.50 29.01 40.12
C GLU A 322 18.23 28.76 41.43
N VAL A 323 19.51 28.39 41.37
CA VAL A 323 20.27 28.18 42.60
C VAL A 323 20.39 29.50 43.36
N GLU A 324 20.71 30.58 42.64
CA GLU A 324 20.79 31.89 43.28
C GLU A 324 19.45 32.28 43.90
N ARG A 325 18.34 31.94 43.23
CA ARG A 325 17.03 32.25 43.80
C ARG A 325 16.82 31.48 45.10
N ARG A 326 17.18 30.20 45.12
CA ARG A 326 17.01 29.39 46.33
C ARG A 326 17.90 29.90 47.45
N LYS A 327 19.13 30.32 47.12
CA LYS A 327 20.00 30.94 48.10
C LYS A 327 19.35 32.18 48.68
N ALA A 328 18.77 33.03 47.83
CA ALA A 328 18.16 34.26 48.31
C ALA A 328 16.95 34.01 49.19
N GLU A 329 16.19 32.95 48.93
CA GLU A 329 14.95 32.67 49.64
C GLU A 329 15.11 31.62 50.74
N ASP A 330 16.34 31.21 51.04
CA ASP A 330 16.61 30.17 52.05
C ASP A 330 15.89 28.86 51.73
N GLU A 331 15.79 28.53 50.44
CA GLU A 331 15.18 27.28 50.04
C GLU A 331 16.24 26.18 49.95
N LYS A 332 15.78 24.93 49.98
CA LYS A 332 16.67 23.79 49.96
C LYS A 332 17.49 23.75 48.68
N VAL A 333 18.79 23.52 48.80
CA VAL A 333 19.64 23.23 47.65
C VAL A 333 20.43 21.97 47.95
N SER A 334 20.43 21.03 46.99
CA SER A 334 21.27 19.85 47.04
C SER A 334 22.46 20.11 46.13
N PHE A 335 23.67 20.17 46.70
CA PHE A 335 24.86 20.55 45.95
C PHE A 335 25.44 19.34 45.21
N TYR A 336 24.60 18.74 44.36
CA TYR A 336 24.93 17.45 43.79
C TYR A 336 26.11 17.51 42.84
N TRP A 337 26.40 18.68 42.28
CA TRP A 337 27.46 18.85 41.30
C TRP A 337 28.85 19.00 41.92
N THR A 338 28.96 19.06 43.25
CA THR A 338 30.30 19.08 43.83
C THR A 338 31.09 17.84 43.41
N ALA A 339 30.40 16.71 43.23
CA ALA A 339 31.01 15.47 42.79
C ALA A 339 31.42 15.49 41.32
N ASP A 340 31.18 16.59 40.60
CA ASP A 340 31.75 16.73 39.26
C ASP A 340 33.27 16.92 39.31
N TYR A 341 33.81 17.28 40.48
CA TYR A 341 35.19 17.76 40.61
C TYR A 341 36.00 16.88 41.56
N GLY A 342 37.24 16.62 41.19
CA GLY A 342 38.15 15.94 42.09
C GLY A 342 38.58 16.84 43.23
N GLY A 343 38.91 16.22 44.36
CA GLY A 343 39.47 16.94 45.49
C GLY A 343 38.48 17.62 46.42
N VAL A 344 37.18 17.41 46.24
CA VAL A 344 36.15 18.05 47.04
C VAL A 344 35.59 17.03 48.03
N GLY A 345 35.58 17.40 49.31
CA GLY A 345 34.99 16.58 50.34
C GLY A 345 34.03 17.38 51.20
N LYS A 346 33.07 16.67 51.78
CA LYS A 346 32.08 17.31 52.64
C LYS A 346 32.53 17.22 54.09
N ARG A 347 32.56 18.37 54.77
CA ARG A 347 32.92 18.47 56.17
C ARG A 347 31.74 18.04 57.04
N ALA A 348 32.04 17.87 58.33
CA ALA A 348 31.02 17.45 59.28
C ALA A 348 29.89 18.45 59.40
N ASP A 349 30.16 19.73 59.10
CA ASP A 349 29.18 20.78 59.30
C ASP A 349 28.46 21.17 57.99
N GLY A 350 28.61 20.40 56.92
CA GLY A 350 27.88 20.68 55.71
C GLY A 350 28.53 21.67 54.77
N THR A 351 29.64 22.30 55.15
CA THR A 351 30.46 23.02 54.19
C THR A 351 31.44 22.01 53.62
N TYR A 352 32.34 22.46 52.75
CA TYR A 352 33.23 21.56 52.03
C TYR A 352 34.69 21.94 52.24
N PHE A 353 35.56 20.96 52.00
CA PHE A 353 36.99 21.19 51.88
C PHE A 353 37.41 20.87 50.45
N ILE A 354 38.40 21.61 49.97
CA ILE A 354 38.95 21.44 48.64
C ILE A 354 40.43 21.13 48.81
N ARG A 355 40.84 19.96 48.34
CA ARG A 355 42.22 19.51 48.45
C ARG A 355 42.95 19.80 47.14
N ILE A 356 44.03 20.57 47.24
CA ILE A 356 44.90 20.81 46.09
C ILE A 356 45.95 19.70 46.09
N ARG A 357 45.90 18.84 45.07
CA ARG A 357 46.78 17.67 44.99
C ARG A 357 48.23 18.09 45.25
N ALA A 358 48.88 17.41 46.20
CA ALA A 358 50.21 17.82 46.62
C ALA A 358 51.17 17.87 45.43
N LYS A 359 51.97 18.91 45.38
CA LYS A 359 52.99 19.04 44.35
C LYS A 359 54.22 18.19 44.70
N PRO A 360 54.97 17.76 43.69
CA PRO A 360 56.08 16.82 43.95
C PRO A 360 57.04 17.31 45.04
N ALA A 361 57.27 16.42 46.01
CA ALA A 361 58.19 16.59 47.14
C ALA A 361 57.81 17.78 48.01
N GLY A 362 56.58 18.26 47.87
CA GLY A 362 56.12 19.34 48.70
C GLY A 362 56.72 20.69 48.43
N TRP A 363 57.35 20.90 47.27
CA TRP A 363 57.90 22.21 46.91
C TRP A 363 56.80 23.08 46.32
N TYR A 364 56.69 24.32 46.80
CA TYR A 364 55.77 25.30 46.26
C TYR A 364 56.52 26.62 46.06
N SER A 365 56.33 27.25 44.91
CA SER A 365 56.86 28.59 44.75
C SER A 365 56.09 29.54 45.66
N ILE A 366 56.77 30.62 46.06
CA ILE A 366 56.13 31.63 46.91
C ILE A 366 54.92 32.21 46.19
N ASP A 367 55.03 32.46 44.89
CA ASP A 367 53.88 32.97 44.14
C ASP A 367 52.72 31.96 44.17
N GLU A 368 53.04 30.67 43.98
CA GLU A 368 52.01 29.64 44.01
C GLU A 368 51.28 29.63 45.35
N ALA A 369 52.05 29.65 46.45
CA ALA A 369 51.46 29.65 47.78
C ALA A 369 50.61 30.89 48.00
N ARG A 370 51.10 32.05 47.53
CA ARG A 370 50.33 33.28 47.66
C ARG A 370 49.02 33.21 46.86
N GLU A 371 49.05 32.60 45.67
CA GLU A 371 47.82 32.45 44.89
C GLU A 371 46.79 31.59 45.63
N ILE A 372 47.24 30.49 46.23
CA ILE A 372 46.33 29.65 46.99
C ILE A 372 45.72 30.44 48.13
N LEU A 373 46.55 31.20 48.86
CA LEU A 373 46.04 31.96 50.00
C LEU A 373 45.04 33.01 49.56
N GLU A 374 45.26 33.61 48.40
CA GLU A 374 44.36 34.67 47.89
C GLU A 374 42.99 34.04 47.57
N ILE A 375 42.98 32.86 46.95
CA ILE A 375 41.72 32.21 46.62
C ILE A 375 41.01 31.75 47.89
N ALA A 376 41.76 31.18 48.83
CA ALA A 376 41.14 30.78 50.09
C ALA A 376 40.49 31.97 50.77
N GLU A 377 41.20 33.09 50.84
CA GLU A 377 40.65 34.30 51.48
C GLU A 377 39.38 34.78 50.79
N LYS A 378 39.34 34.71 49.45
CA LYS A 378 38.20 35.20 48.69
C LYS A 378 36.92 34.45 49.06
N TYR A 379 37.06 33.15 49.33
CA TYR A 379 35.92 32.27 49.60
C TYR A 379 35.78 31.93 51.08
N ASP A 380 36.46 32.67 51.97
CA ASP A 380 36.39 32.50 53.41
C ASP A 380 36.89 31.13 53.87
N GLY A 381 37.90 30.60 53.18
CA GLY A 381 38.43 29.30 53.53
C GLY A 381 39.55 29.36 54.56
N LYS A 382 39.74 28.23 55.24
CA LYS A 382 40.76 28.06 56.25
C LYS A 382 41.78 27.03 55.79
N ILE A 383 43.05 27.31 56.04
CA ILE A 383 44.15 26.52 55.50
C ILE A 383 44.48 25.35 56.44
N LYS A 384 44.56 24.15 55.87
CA LYS A 384 45.02 22.95 56.55
C LYS A 384 46.09 22.31 55.67
N MET A 385 47.24 22.00 56.28
CA MET A 385 48.35 21.32 55.56
C MET A 385 48.27 19.83 55.89
N THR A 386 48.16 18.99 54.84
CA THR A 386 47.99 17.55 55.05
C THR A 386 49.36 16.86 55.24
N ASN A 387 49.30 15.62 55.71
CA ASN A 387 50.50 14.83 55.92
C ASN A 387 51.01 14.20 54.62
N ARG A 388 50.45 14.59 53.47
CA ARG A 388 51.08 14.36 52.17
C ARG A 388 51.55 15.65 51.51
N GLY A 389 51.58 16.76 52.26
CA GLY A 389 52.15 18.00 51.77
C GLY A 389 51.24 18.84 50.90
N ALA A 390 49.94 18.66 51.05
CA ALA A 390 48.97 19.39 50.25
C ALA A 390 48.34 20.50 51.08
N PHE A 391 48.01 21.59 50.37
CA PHE A 391 47.10 22.60 50.90
C PHE A 391 45.68 22.07 50.77
N GLU A 392 44.93 22.10 51.86
CA GLU A 392 43.53 21.73 51.89
C GLU A 392 42.74 22.89 52.48
N ILE A 393 41.73 23.38 51.77
CA ILE A 393 41.02 24.59 52.15
C ILE A 393 39.66 24.21 52.70
N HIS A 394 39.39 24.61 53.94
CA HIS A 394 38.19 24.20 54.66
C HIS A 394 37.18 25.31 54.79
N GLY A 395 35.90 24.91 54.87
CA GLY A 395 34.83 25.83 55.19
C GLY A 395 34.13 26.45 53.99
N ILE A 396 34.26 25.85 52.82
CA ILE A 396 33.72 26.42 51.59
C ILE A 396 32.25 26.06 51.48
N SER A 397 31.41 27.07 51.23
CA SER A 397 29.98 26.85 51.04
C SER A 397 29.73 26.04 49.78
N GLY A 398 28.70 25.20 49.83
CA GLY A 398 28.29 24.50 48.63
C GLY A 398 28.02 25.43 47.47
N PHE A 399 27.56 26.65 47.75
CA PHE A 399 27.30 27.63 46.69
C PHE A 399 28.57 28.12 46.01
N ASP A 400 29.73 28.01 46.68
CA ASP A 400 31.00 28.53 46.18
C ASP A 400 31.94 27.45 45.64
N VAL A 401 31.65 26.17 45.84
CA VAL A 401 32.62 25.13 45.54
C VAL A 401 33.02 25.19 44.08
N GLU A 402 32.03 25.16 43.18
CA GLU A 402 32.32 25.14 41.72
C GLU A 402 33.15 26.36 41.31
N ALA A 403 32.71 27.55 41.71
CA ALA A 403 33.44 28.76 41.34
C ALA A 403 34.88 28.72 41.85
N MET A 404 35.08 28.27 43.09
CA MET A 404 36.43 28.25 43.63
C MET A 404 37.30 27.21 42.93
N VAL A 405 36.76 26.01 42.69
CA VAL A 405 37.55 24.99 42.01
C VAL A 405 37.96 25.49 40.62
N LEU A 406 37.01 26.11 39.90
CA LEU A 406 37.32 26.63 38.57
C LEU A 406 38.39 27.72 38.63
N GLU A 407 38.35 28.57 39.65
CA GLU A 407 39.38 29.58 39.83
C GLU A 407 40.74 28.94 40.09
N LEU A 408 40.75 27.88 40.90
CA LEU A 408 42.02 27.17 41.20
C LEU A 408 42.56 26.54 39.90
N MET A 409 41.68 25.95 39.10
CA MET A 409 42.09 25.31 37.82
C MET A 409 42.61 26.36 36.83
N GLU A 410 41.98 27.54 36.80
CA GLU A 410 42.41 28.63 35.88
C GLU A 410 43.84 29.07 36.24
N LYS A 411 44.17 29.10 37.53
CA LYS A 411 45.52 29.52 38.00
C LYS A 411 46.52 28.37 37.86
N GLY A 412 46.10 27.26 37.25
CA GLY A 412 46.97 26.08 37.13
C GLY A 412 47.04 24.97 38.17
N PHE A 413 46.19 25.08 39.20
CA PHE A 413 46.21 24.08 40.25
C PHE A 413 45.26 22.94 39.90
N ILE A 414 45.64 21.74 40.31
CA ILE A 414 44.82 20.54 40.15
C ILE A 414 44.23 20.22 41.51
N THR A 415 42.90 20.16 41.60
CA THR A 415 42.23 19.68 42.81
C THR A 415 42.05 18.17 42.70
N GLY A 416 42.37 17.46 43.77
CA GLY A 416 42.33 16.00 43.70
C GLY A 416 42.91 15.33 44.92
N SER A 417 43.52 14.17 44.68
CA SER A 417 44.07 13.31 45.73
C SER A 417 42.97 12.84 46.68
N GLU A 418 41.79 12.62 46.11
CA GLU A 418 40.61 12.16 46.91
C GLU A 418 39.84 11.10 46.10
N GLY A 419 39.27 10.12 46.79
CA GLY A 419 38.51 9.08 46.13
C GLY A 419 39.38 7.93 45.67
N PRO A 420 38.74 6.95 45.02
CA PRO A 420 39.41 5.69 44.61
C PRO A 420 40.26 5.90 43.37
N LEU A 421 41.48 6.36 43.59
CA LEU A 421 42.40 6.64 42.48
C LEU A 421 43.80 6.81 43.05
N VAL A 422 44.76 7.00 42.14
CA VAL A 422 46.16 7.21 42.53
C VAL A 422 46.29 8.60 43.15
N ARG A 423 46.58 8.61 44.44
CA ARG A 423 46.69 9.83 45.23
C ARG A 423 48.01 10.53 44.93
N ALA A 424 48.17 11.73 45.48
CA ALA A 424 49.41 12.48 45.30
C ALA A 424 50.60 11.63 45.75
N THR A 425 51.58 11.49 44.87
CA THR A 425 52.79 10.79 45.20
C THR A 425 53.59 11.59 46.23
N LEU A 426 54.04 10.91 47.27
CA LEU A 426 54.72 11.55 48.40
C LEU A 426 56.23 11.30 48.32
N ALA A 427 57.01 12.38 48.20
CA ALA A 427 58.46 12.28 48.12
C ALA A 427 59.11 13.26 49.07
N CYS A 428 60.30 12.89 49.54
CA CYS A 428 61.09 13.78 50.39
C CYS A 428 61.98 14.68 49.55
N PRO A 429 62.78 15.57 50.15
CA PRO A 429 63.63 16.47 49.33
C PRO A 429 64.72 15.76 48.55
N GLY A 430 65.25 14.63 49.05
CA GLY A 430 66.20 13.86 48.29
C GLY A 430 67.57 14.51 48.01
N GLU A 431 68.24 13.94 47.01
CA GLU A 431 69.62 14.28 46.72
C GLU A 431 69.79 15.76 46.39
N GLY A 432 70.90 16.34 46.86
CA GLY A 432 71.20 17.74 46.62
C GLY A 432 70.44 18.70 47.49
N ASN A 433 69.46 18.21 48.24
CA ASN A 433 68.73 19.01 49.22
C ASN A 433 69.02 18.46 50.60
N CYS A 434 68.57 17.25 50.90
CA CYS A 434 68.95 16.58 52.13
C CYS A 434 70.34 15.99 51.98
N GLY A 435 71.17 16.19 53.00
CA GLY A 435 72.51 15.63 53.02
C GLY A 435 72.56 14.12 52.92
N SER A 436 71.48 13.42 53.28
CA SER A 436 71.48 11.96 53.17
C SER A 436 70.92 11.45 51.85
N GLY A 437 70.42 12.34 51.00
CA GLY A 437 69.67 11.90 49.82
C GLY A 437 70.60 11.25 48.80
N LEU A 438 70.13 10.14 48.25
CA LEU A 438 70.89 9.37 47.28
C LEU A 438 70.34 9.43 45.86
N ILE A 439 69.07 9.80 45.70
CA ILE A 439 68.40 9.82 44.39
C ILE A 439 67.62 11.12 44.28
N ASN A 440 67.32 11.48 43.03
CA ASN A 440 66.54 12.68 42.69
C ASN A 440 65.06 12.35 42.87
N THR A 441 64.60 12.48 44.11
CA THR A 441 63.21 12.17 44.44
C THR A 441 62.23 13.12 43.77
N THR A 442 62.57 14.41 43.68
CA THR A 442 61.61 15.36 43.10
C THR A 442 61.28 14.99 41.66
N GLU A 443 62.30 14.68 40.87
CA GLU A 443 62.11 14.37 39.46
C GLU A 443 61.39 13.05 39.29
N LEU A 444 61.75 12.02 40.08
CA LEU A 444 61.02 10.76 39.98
C LEU A 444 59.57 10.96 40.37
N CYS A 445 59.31 11.77 41.39
CA CYS A 445 57.93 12.08 41.76
C CYS A 445 57.18 12.75 40.63
N LYS A 446 57.82 13.74 39.98
CA LYS A 446 57.19 14.42 38.85
C LYS A 446 56.88 13.44 37.74
N ILE A 447 57.81 12.53 37.45
CA ILE A 447 57.58 11.52 36.41
C ILE A 447 56.39 10.63 36.76
N LEU A 448 56.31 10.16 38.02
CA LEU A 448 55.21 9.28 38.41
C LEU A 448 53.87 10.01 38.34
N GLU A 449 53.86 11.26 38.78
CA GLU A 449 52.65 12.09 38.70
C GLU A 449 52.22 12.30 37.25
N ASP A 450 53.18 12.62 36.37
CA ASP A 450 52.84 12.87 34.97
C ASP A 450 52.18 11.64 34.35
N ASN A 451 52.62 10.46 34.77
CA ASN A 451 52.13 9.21 34.19
C ASN A 451 50.85 8.69 34.83
N PHE A 452 50.64 8.92 36.12
CA PHE A 452 49.56 8.24 36.84
C PHE A 452 48.64 9.12 37.65
N LYS A 453 48.83 10.43 37.68
CA LYS A 453 48.02 11.25 38.58
C LYS A 453 46.52 11.05 38.31
N GLU A 454 45.76 10.85 39.39
CA GLU A 454 44.30 10.69 39.36
C GLU A 454 43.85 9.47 38.54
N HIS A 455 44.72 8.51 38.23
CA HIS A 455 44.26 7.33 37.51
C HIS A 455 43.37 6.50 38.44
N PRO A 456 42.23 6.02 37.96
CA PRO A 456 41.32 5.26 38.82
C PRO A 456 41.91 3.94 39.29
N ALA A 457 41.46 3.51 40.46
CA ALA A 457 41.80 2.21 41.02
C ALA A 457 40.60 1.73 41.83
N PRO A 458 40.52 0.43 42.13
CA PRO A 458 39.39 -0.05 42.95
C PRO A 458 39.24 0.65 44.30
N TYR A 459 40.33 1.16 44.87
CA TYR A 459 40.33 1.87 46.14
C TYR A 459 41.52 2.82 46.09
N LYS A 460 41.69 3.65 47.11
CA LYS A 460 42.81 4.61 47.12
C LYS A 460 44.14 3.87 46.97
N PHE A 461 45.06 4.51 46.25
CA PHE A 461 46.34 3.91 45.85
C PHE A 461 47.41 4.97 46.06
N LYS A 462 48.39 4.68 46.92
CA LYS A 462 49.35 5.69 47.37
C LYS A 462 50.77 5.23 47.11
N ILE A 463 51.55 6.12 46.48
CA ILE A 463 52.95 5.88 46.17
C ILE A 463 53.82 6.83 46.99
N ALA A 464 54.95 6.32 47.48
CA ALA A 464 55.93 7.13 48.20
C ALA A 464 57.34 6.83 47.70
N ILE A 465 58.17 7.87 47.67
CA ILE A 465 59.54 7.83 47.18
C ILE A 465 60.44 8.48 48.21
N SER A 466 61.29 7.69 48.88
CA SER A 466 62.28 8.26 49.79
C SER A 466 63.65 8.32 49.13
N GLY A 467 64.43 9.34 49.52
CA GLY A 467 65.75 9.56 48.94
C GLY A 467 66.83 8.62 49.45
N CYS A 468 66.58 7.95 50.58
CA CYS A 468 67.54 7.06 51.21
C CYS A 468 66.79 6.08 52.09
N PRO A 469 67.48 5.11 52.69
CA PRO A 469 66.79 4.11 53.52
C PRO A 469 66.23 4.62 54.84
N ASN A 470 66.43 5.88 55.23
CA ASN A 470 65.70 6.37 56.41
C ASN A 470 64.19 6.37 56.19
N LYS A 471 63.74 6.45 54.94
CA LYS A 471 62.35 6.20 54.56
C LYS A 471 61.40 7.13 55.31
N CYS A 472 61.75 8.42 55.32
CA CYS A 472 60.95 9.41 56.04
C CYS A 472 59.50 9.45 55.59
N VAL A 473 59.23 9.17 54.30
CA VAL A 473 57.88 9.22 53.75
C VAL A 473 57.22 7.84 53.71
N ARG A 474 57.90 6.81 54.26
CA ARG A 474 57.35 5.47 54.52
C ARG A 474 57.03 4.64 53.28
N PRO A 475 57.96 4.52 52.35
CA PRO A 475 57.70 3.70 51.16
C PRO A 475 57.48 2.22 51.47
N GLN A 476 57.94 1.71 52.61
CA GLN A 476 57.78 0.29 52.89
C GLN A 476 56.40 -0.08 53.37
N ILE A 477 55.51 0.90 53.58
CA ILE A 477 54.12 0.62 53.91
C ILE A 477 53.22 1.47 53.01
N HIS A 478 53.56 1.53 51.73
CA HIS A 478 52.73 2.13 50.68
C HIS A 478 52.37 1.11 49.61
N ASP A 479 51.34 1.42 48.82
CA ASP A 479 50.92 0.53 47.73
C ASP A 479 52.08 0.25 46.78
N ILE A 480 52.83 1.30 46.41
CA ILE A 480 54.13 1.18 45.77
C ILE A 480 55.08 2.08 46.53
N GLY A 481 56.23 1.55 46.88
CA GLY A 481 57.26 2.32 47.57
C GLY A 481 58.58 2.23 46.84
N ILE A 482 59.30 3.34 46.81
CA ILE A 482 60.63 3.41 46.26
C ILE A 482 61.54 4.05 47.30
N ALA A 483 62.74 3.48 47.46
CA ALA A 483 63.75 4.04 48.34
C ALA A 483 65.09 4.01 47.63
N GLY A 484 65.79 5.15 47.64
CA GLY A 484 67.15 5.18 47.12
C GLY A 484 68.08 4.41 48.04
N VAL A 485 68.98 3.64 47.43
CA VAL A 485 69.98 2.86 48.15
C VAL A 485 71.32 2.95 47.45
N LYS A 486 72.38 2.77 48.24
CA LYS A 486 73.75 2.81 47.77
C LYS A 486 74.55 1.93 48.72
N PHE A 487 74.84 0.70 48.31
CA PHE A 487 75.51 -0.27 49.15
C PHE A 487 77.02 -0.19 48.95
N PRO A 488 77.79 -0.37 50.03
CA PRO A 488 79.25 -0.27 49.93
C PRO A 488 79.88 -1.64 49.72
N VAL A 489 81.13 -1.60 49.23
CA VAL A 489 82.02 -2.75 49.26
C VAL A 489 83.41 -2.23 49.62
N VAL A 490 84.02 -2.83 50.64
CA VAL A 490 85.34 -2.37 51.10
C VAL A 490 86.39 -2.66 50.02
N ASN A 491 87.26 -1.68 49.77
CA ASN A 491 88.41 -1.84 48.86
C ASN A 491 89.58 -2.32 49.71
N GLU A 492 89.98 -3.57 49.56
CA GLU A 492 91.04 -4.13 50.43
C GLU A 492 92.37 -3.37 50.33
N GLU A 493 92.66 -2.74 49.19
CA GLU A 493 93.96 -2.13 48.98
C GLU A 493 94.06 -0.83 49.74
N ASN A 494 92.94 -0.15 49.95
CA ASN A 494 92.92 1.18 50.55
C ASN A 494 92.49 1.21 52.01
N CYS A 495 91.54 0.38 52.43
CA CYS A 495 91.07 0.45 53.82
C CYS A 495 92.22 0.13 54.78
N ASN A 496 92.36 0.93 55.84
CA ASN A 496 93.44 0.74 56.80
C ASN A 496 92.91 0.52 58.23
N GLY A 497 91.62 0.25 58.38
CA GLY A 497 91.03 0.01 59.67
C GLY A 497 91.06 1.20 60.63
N CYS A 498 91.13 2.41 60.06
CA CYS A 498 91.13 3.68 60.85
C CYS A 498 89.91 3.71 61.80
N GLY A 499 88.77 3.18 61.35
CA GLY A 499 87.57 3.02 62.20
C GLY A 499 86.46 4.04 62.04
N ARG A 500 86.65 5.07 61.20
CA ARG A 500 85.67 6.15 61.11
C ARG A 500 84.31 5.68 60.58
N CYS A 501 84.29 4.84 59.55
CA CYS A 501 83.01 4.44 58.95
C CYS A 501 82.07 3.82 59.97
N ALA A 502 82.59 2.97 60.86
CA ALA A 502 81.70 2.32 61.82
C ALA A 502 80.96 3.34 62.69
N GLU A 503 81.56 4.52 62.89
CA GLU A 503 80.95 5.53 63.75
C GLU A 503 79.71 6.17 63.15
N VAL A 504 79.60 6.21 61.82
CA VAL A 504 78.44 6.84 61.19
C VAL A 504 77.34 5.83 60.89
N CYS A 505 77.55 4.55 61.15
CA CYS A 505 76.57 3.50 60.85
C CYS A 505 75.76 3.24 62.10
N LYS A 506 74.59 3.87 62.19
CA LYS A 506 73.81 3.79 63.42
C LYS A 506 73.30 2.37 63.68
N ILE A 507 73.12 1.57 62.63
CA ILE A 507 72.66 0.19 62.82
C ILE A 507 73.80 -0.78 63.07
N GLU A 508 75.04 -0.30 63.12
CA GLU A 508 76.21 -1.10 63.56
C GLU A 508 76.44 -2.31 62.65
N ALA A 509 76.47 -2.06 61.34
CA ALA A 509 76.71 -3.11 60.36
C ALA A 509 78.19 -3.31 60.03
N ILE A 510 79.05 -2.45 60.59
CA ILE A 510 80.48 -2.47 60.19
C ILE A 510 81.36 -3.11 61.28
N ASP A 511 82.26 -3.99 60.84
CA ASP A 511 83.23 -4.65 61.75
C ASP A 511 84.61 -4.08 61.43
N ILE A 512 85.22 -3.36 62.39
CA ILE A 512 86.60 -2.83 62.20
C ILE A 512 87.53 -3.89 62.76
N ARG A 513 88.44 -4.41 61.94
CA ARG A 513 89.31 -5.50 62.39
C ARG A 513 90.74 -5.26 61.91
N GLY A 514 91.66 -5.09 62.85
CA GLY A 514 93.06 -4.91 62.50
C GLY A 514 93.22 -3.74 61.56
N GLU A 515 93.79 -3.99 60.38
N GLU A 515 93.79 -4.02 60.38
CA GLU A 515 94.02 -2.95 59.39
CA GLU A 515 94.03 -2.96 59.37
C GLU A 515 92.98 -2.96 58.27
C GLU A 515 93.00 -3.05 58.23
N THR A 516 91.75 -3.39 58.54
CA THR A 516 90.73 -3.48 57.52
C THR A 516 89.34 -3.37 58.16
N SER A 517 88.31 -3.44 57.32
CA SER A 517 86.94 -3.38 57.78
C SER A 517 86.08 -4.31 56.94
N TYR A 518 84.90 -4.62 57.46
CA TYR A 518 83.95 -5.50 56.80
C TYR A 518 82.55 -4.90 56.95
N THR A 519 81.64 -5.34 56.08
CA THR A 519 80.24 -4.97 56.12
C THR A 519 79.39 -6.22 56.29
N ASN A 520 78.46 -6.19 57.24
CA ASN A 520 77.49 -7.26 57.42
C ASN A 520 76.28 -6.94 56.53
N TYR A 521 76.21 -7.60 55.38
CA TYR A 521 75.17 -7.36 54.40
C TYR A 521 73.82 -7.95 54.81
N ASN A 522 73.75 -8.71 55.91
CA ASN A 522 72.46 -9.08 56.44
C ASN A 522 71.84 -7.97 57.27
N VAL A 523 72.60 -6.91 57.57
CA VAL A 523 72.11 -5.77 58.33
C VAL A 523 72.16 -4.48 57.51
N CYS A 524 73.23 -4.26 56.74
CA CYS A 524 73.40 -3.04 55.95
C CYS A 524 72.15 -2.74 55.12
N ILE A 525 71.68 -1.49 55.22
CA ILE A 525 70.50 -1.05 54.48
C ILE A 525 70.87 -0.16 53.29
N GLY A 526 72.18 0.02 53.01
CA GLY A 526 72.57 0.77 51.84
C GLY A 526 72.28 2.26 51.91
N CYS A 527 72.60 2.87 53.03
CA CYS A 527 72.46 4.32 53.16
C CYS A 527 73.62 5.08 52.53
N GLY A 528 74.75 4.43 52.27
CA GLY A 528 75.89 5.07 51.66
C GLY A 528 76.72 5.97 52.57
N LYS A 529 76.37 6.10 53.86
CA LYS A 529 77.06 7.07 54.70
C LYS A 529 78.52 6.70 54.93
N CYS A 530 78.82 5.41 55.09
CA CYS A 530 80.20 4.98 55.27
C CYS A 530 81.06 5.33 54.07
N ILE A 531 80.50 5.26 52.86
CA ILE A 531 81.27 5.61 51.66
C ILE A 531 81.68 7.08 51.71
N LYS A 532 80.74 7.92 52.15
CA LYS A 532 80.97 9.39 52.20
C LYS A 532 81.88 9.78 53.37
N ALA A 533 81.83 9.03 54.47
CA ALA A 533 82.63 9.37 55.65
C ALA A 533 84.07 8.89 55.56
N CYS A 534 84.37 7.92 54.73
CA CYS A 534 85.72 7.37 54.69
C CYS A 534 86.70 8.40 54.14
N PRO A 535 87.80 8.69 54.82
CA PRO A 535 88.79 9.62 54.28
C PRO A 535 89.89 8.99 53.45
N ASN A 536 89.86 7.66 53.24
CA ASN A 536 90.97 6.91 52.66
C ASN A 536 90.59 6.14 51.40
N GLU A 537 89.48 6.49 50.76
CA GLU A 537 89.01 5.78 49.56
C GLU A 537 88.89 4.28 49.84
N GLY A 538 88.37 3.96 51.02
CA GLY A 538 88.28 2.58 51.46
C GLY A 538 87.00 1.83 51.15
N ARG A 539 85.96 2.56 50.74
CA ARG A 539 84.65 1.93 50.43
C ARG A 539 84.18 2.35 49.03
N ASP A 540 83.96 1.37 48.15
CA ASP A 540 83.47 1.64 46.81
C ASP A 540 81.98 1.33 46.79
N VAL A 541 81.34 1.61 45.66
CA VAL A 541 79.92 1.33 45.50
C VAL A 541 79.75 -0.10 45.01
N LYS A 542 79.03 -0.89 45.79
CA LYS A 542 78.69 -2.25 45.38
C LYS A 542 77.51 -2.26 44.42
N GLU A 543 76.46 -1.51 44.75
CA GLU A 543 75.19 -1.51 44.02
C GLU A 543 74.45 -0.26 44.43
N GLU A 544 73.75 0.39 43.50
CA GLU A 544 72.97 1.57 43.87
C GLU A 544 71.79 1.73 42.92
N GLY A 545 70.74 2.34 43.41
CA GLY A 545 69.59 2.61 42.55
C GLY A 545 68.31 2.74 43.36
N PHE A 546 67.21 2.40 42.68
CA PHE A 546 65.86 2.55 43.22
C PHE A 546 65.38 1.20 43.74
N MET A 547 65.34 1.03 45.07
CA MET A 547 64.75 -0.16 45.66
C MET A 547 63.23 -0.04 45.68
N VAL A 548 62.52 -1.13 45.36
CA VAL A 548 61.08 -1.09 45.15
C VAL A 548 60.37 -2.07 46.10
N TYR A 549 59.21 -1.61 46.63
CA TYR A 549 58.30 -2.37 47.47
C TYR A 549 56.89 -2.32 46.87
N VAL A 550 56.16 -3.43 46.97
CA VAL A 550 54.81 -3.52 46.41
C VAL A 550 53.86 -4.11 47.45
N GLY A 551 52.75 -3.41 47.69
CA GLY A 551 51.63 -3.98 48.42
C GLY A 551 51.54 -3.67 49.88
N GLY A 552 52.01 -2.48 50.27
CA GLY A 552 51.96 -2.07 51.68
C GLY A 552 50.88 -1.01 51.90
N LYS A 553 50.59 -0.70 53.17
CA LYS A 553 49.59 0.35 53.47
C LYS A 553 49.60 0.64 54.97
N THR A 554 48.99 1.77 55.34
CA THR A 554 48.71 2.12 56.76
C THR A 554 47.20 2.36 56.86
N GLY A 555 46.76 3.04 57.93
CA GLY A 555 45.32 3.29 58.12
C GLY A 555 44.73 2.31 59.10
N ARG A 556 43.65 1.63 58.70
CA ARG A 556 43.01 0.64 59.61
C ARG A 556 44.01 -0.47 59.95
N GLU A 557 44.84 -0.90 59.00
CA GLU A 557 45.87 -1.93 59.28
C GLU A 557 47.23 -1.49 58.71
N VAL A 558 48.32 -1.94 59.34
CA VAL A 558 49.68 -1.72 58.87
C VAL A 558 50.13 -2.97 58.12
N ILE A 559 50.53 -2.80 56.86
CA ILE A 559 51.04 -3.91 56.05
C ILE A 559 52.31 -3.46 55.34
N GLU A 560 53.38 -4.21 55.52
CA GLU A 560 54.62 -3.93 54.82
C GLU A 560 54.59 -4.53 53.43
N GLY A 561 54.92 -3.73 52.42
CA GLY A 561 54.96 -4.23 51.06
C GLY A 561 56.03 -5.30 50.89
N VAL A 562 55.85 -6.11 49.84
CA VAL A 562 56.83 -7.12 49.46
C VAL A 562 58.04 -6.43 48.84
N SER A 563 59.23 -6.68 49.41
CA SER A 563 60.45 -6.18 48.81
C SER A 563 60.66 -6.83 47.45
N MET A 564 61.01 -6.03 46.44
CA MET A 564 61.16 -6.56 45.09
C MET A 564 62.63 -6.65 44.73
N LYS A 565 63.25 -5.58 44.24
CA LYS A 565 64.62 -5.52 43.76
C LYS A 565 64.84 -4.08 43.32
N LEU A 566 66.08 -3.77 42.96
CA LEU A 566 66.35 -2.49 42.31
C LEU A 566 65.80 -2.49 40.89
N MET A 567 65.22 -1.37 40.49
CA MET A 567 64.56 -1.25 39.19
C MET A 567 64.90 0.11 38.58
N SER A 568 64.89 0.16 37.25
CA SER A 568 65.11 1.42 36.51
C SER A 568 63.81 2.23 36.49
N VAL A 569 63.87 3.49 36.10
N VAL A 569 63.87 3.49 36.08
CA VAL A 569 62.62 4.32 36.05
CA VAL A 569 62.63 4.31 36.04
C VAL A 569 61.65 3.71 35.03
C VAL A 569 61.65 3.69 35.03
N GLU A 570 62.17 3.23 33.89
CA GLU A 570 61.31 2.60 32.85
C GLU A 570 60.59 1.37 33.42
N GLU A 571 61.32 0.54 34.18
CA GLU A 571 60.74 -0.64 34.81
C GLU A 571 59.68 -0.26 35.85
N ILE A 572 59.95 0.79 36.62
CA ILE A 572 59.00 1.23 37.64
C ILE A 572 57.69 1.69 37.01
N LEU A 573 57.78 2.44 35.91
CA LEU A 573 56.57 2.86 35.20
C LEU A 573 55.79 1.66 34.67
N ASN A 574 56.49 0.68 34.10
CA ASN A 574 55.86 -0.56 33.66
C ASN A 574 55.20 -1.28 34.83
N LEU A 575 55.93 -1.39 35.93
CA LEU A 575 55.42 -2.07 37.12
C LEU A 575 54.13 -1.44 37.63
N ILE A 576 54.12 -0.12 37.79
CA ILE A 576 52.95 0.54 38.35
C ILE A 576 51.73 0.32 37.45
N ASP A 577 51.94 0.45 36.14
CA ASP A 577 50.86 0.26 35.17
C ASP A 577 50.26 -1.14 35.30
N LYS A 578 51.12 -2.16 35.38
CA LYS A 578 50.64 -3.54 35.44
C LYS A 578 50.06 -3.90 36.80
N VAL A 579 50.63 -3.36 37.88
CA VAL A 579 50.03 -3.56 39.20
C VAL A 579 48.60 -3.04 39.21
N LEU A 580 48.39 -1.86 38.65
CA LEU A 580 47.02 -1.32 38.62
C LEU A 580 46.10 -2.22 37.80
N ILE A 581 46.60 -2.80 36.71
CA ILE A 581 45.78 -3.68 35.90
C ILE A 581 45.41 -4.95 36.67
N VAL A 582 46.38 -5.58 37.32
CA VAL A 582 46.08 -6.84 38.03
C VAL A 582 45.22 -6.58 39.25
N TYR A 583 45.43 -5.44 39.92
CA TYR A 583 44.55 -5.01 41.01
C TYR A 583 43.11 -4.87 40.54
N HIS A 584 42.90 -4.20 39.41
N HIS A 584 42.91 -4.22 39.40
CA HIS A 584 41.57 -4.10 38.83
CA HIS A 584 41.56 -4.12 38.85
C HIS A 584 41.00 -5.48 38.52
C HIS A 584 41.00 -5.49 38.50
N LYS A 585 41.85 -6.37 38.01
CA LYS A 585 41.38 -7.68 37.57
C LYS A 585 40.80 -8.46 38.74
N TYR A 586 41.46 -8.41 39.90
CA TYR A 586 41.10 -9.30 41.01
C TYR A 586 40.31 -8.62 42.10
N ALA A 587 40.21 -7.29 42.12
CA ALA A 587 39.46 -6.61 43.16
C ALA A 587 37.99 -6.93 43.02
N LYS A 588 37.35 -7.27 44.14
CA LYS A 588 35.92 -7.55 44.17
C LYS A 588 35.11 -6.52 44.93
N LYS A 589 35.74 -5.68 45.75
CA LYS A 589 35.02 -4.76 46.63
C LYS A 589 35.60 -3.35 46.47
N PRO A 590 35.14 -2.62 45.45
CA PRO A 590 35.55 -1.23 45.30
C PRO A 590 35.33 -0.46 46.59
N GLN A 591 36.28 0.41 46.92
CA GLN A 591 36.27 1.30 48.08
C GLN A 591 36.43 0.57 49.41
N ARG A 592 36.79 -0.70 49.39
CA ARG A 592 37.00 -1.50 50.59
C ARG A 592 38.27 -2.34 50.55
N GLU A 593 38.63 -2.87 49.38
CA GLU A 593 39.80 -3.73 49.22
C GLU A 593 40.96 -2.91 48.67
N ARG A 594 41.95 -2.65 49.53
CA ARG A 594 43.20 -2.06 49.07
C ARG A 594 44.00 -3.11 48.29
N LEU A 595 45.03 -2.64 47.57
CA LEU A 595 45.90 -3.57 46.85
C LEU A 595 46.43 -4.68 47.76
N ALA A 596 46.89 -4.33 48.96
CA ALA A 596 47.40 -5.34 49.88
C ALA A 596 46.35 -6.41 50.18
N ALA A 597 45.07 -6.03 50.30
CA ALA A 597 44.02 -7.00 50.59
C ALA A 597 43.80 -7.95 49.41
N VAL A 598 43.90 -7.46 48.18
CA VAL A 598 43.76 -8.32 47.00
C VAL A 598 44.92 -9.30 46.92
N MET A 599 46.14 -8.81 47.14
CA MET A 599 47.31 -9.69 47.15
C MET A 599 47.18 -10.76 48.22
N ALA A 600 46.68 -10.38 49.39
CA ALA A 600 46.50 -11.36 50.46
C ALA A 600 45.45 -12.39 50.09
N ARG A 601 44.38 -11.95 49.43
CA ARG A 601 43.28 -12.84 49.12
C ARG A 601 43.69 -13.89 48.10
N ILE A 602 44.38 -13.49 47.03
CA ILE A 602 44.68 -14.42 45.96
C ILE A 602 46.06 -15.05 46.07
N GLY A 603 46.93 -14.53 46.96
CA GLY A 603 48.29 -14.99 47.07
C GLY A 603 49.28 -13.99 46.53
N LYS A 604 50.23 -13.58 47.36
CA LYS A 604 51.22 -12.54 46.94
C LYS A 604 51.99 -13.02 45.72
N GLY A 605 52.46 -14.27 45.74
CA GLY A 605 53.22 -14.79 44.59
C GLY A 605 52.38 -14.81 43.33
N LYS A 606 51.13 -15.24 43.44
CA LYS A 606 50.27 -15.31 42.23
C LYS A 606 50.07 -13.90 41.67
N PHE A 607 49.81 -12.93 42.53
CA PHE A 607 49.56 -11.55 42.04
C PHE A 607 50.84 -10.99 41.37
N LEU A 608 51.97 -11.16 42.05
CA LEU A 608 53.26 -10.64 41.52
C LEU A 608 53.66 -11.36 40.23
N GLU A 609 53.39 -12.66 40.14
CA GLU A 609 53.73 -13.42 38.92
C GLU A 609 52.94 -12.87 37.72
N GLU A 610 51.65 -12.58 37.92
CA GLU A 610 50.81 -12.03 36.81
C GLU A 610 51.36 -10.66 36.41
N VAL A 611 51.76 -9.86 37.40
CA VAL A 611 52.30 -8.50 37.09
C VAL A 611 53.56 -8.67 36.22
N LYS A 612 54.43 -9.61 36.60
CA LYS A 612 55.69 -9.83 35.83
C LYS A 612 55.34 -10.26 34.40
N GLU A 613 54.35 -11.13 34.25
CA GLU A 613 53.99 -11.59 32.91
C GLU A 613 53.53 -10.43 32.03
N LEU A 614 52.70 -9.53 32.58
CA LEU A 614 52.23 -8.38 31.81
C LEU A 614 53.37 -7.42 31.49
N MET A 615 54.31 -7.26 32.42
CA MET A 615 55.46 -6.39 32.21
C MET A 615 56.30 -6.88 31.04
N GLU A 616 56.46 -8.20 30.93
CA GLU A 616 57.28 -8.80 29.87
C GLU A 616 56.58 -8.73 28.52
N GLN A 617 55.25 -8.73 28.51
CA GLN A 617 54.52 -8.52 27.26
C GLN A 617 54.66 -7.08 26.79
N ASN A 618 54.79 -6.13 27.71
CA ASN A 618 54.93 -4.71 27.40
C ASN A 618 56.00 -4.47 26.34
N MET B 1 103.37 17.89 56.41
CA MET B 1 102.18 18.46 57.09
C MET B 1 101.12 17.36 57.26
N TYR B 2 101.11 16.70 58.41
CA TYR B 2 100.14 15.60 58.69
C TYR B 2 98.71 16.09 58.41
N GLU B 3 97.97 15.35 57.59
CA GLU B 3 96.60 15.71 57.25
C GLU B 3 95.69 15.62 58.48
N TRP B 4 94.95 16.71 58.75
CA TRP B 4 94.14 16.79 59.96
C TRP B 4 92.99 17.73 59.66
N LYS B 5 91.76 17.19 59.69
CA LYS B 5 90.58 17.91 59.20
C LYS B 5 90.40 19.26 59.88
N LEU B 6 90.68 19.35 61.19
CA LEU B 6 90.46 20.60 61.93
C LEU B 6 91.39 21.73 61.48
N ASN B 7 92.37 21.45 60.63
CA ASN B 7 93.14 22.53 60.04
C ASN B 7 92.26 23.48 59.23
N ASP B 8 91.10 23.01 58.74
CA ASP B 8 90.13 23.90 58.12
C ASP B 8 89.74 25.04 59.06
N ILE B 9 89.67 24.76 60.36
CA ILE B 9 89.39 25.78 61.37
C ILE B 9 90.68 26.54 61.72
N VAL B 10 91.75 25.81 62.02
CA VAL B 10 92.96 26.45 62.52
C VAL B 10 93.64 27.30 61.45
N ASP B 11 93.69 26.81 60.23
CA ASP B 11 94.42 27.57 59.21
C ASP B 11 93.64 28.78 58.72
N ASN B 12 92.37 28.92 59.10
CA ASN B 12 91.56 30.03 58.62
C ASN B 12 91.23 31.05 59.72
N GLY B 13 91.97 31.01 60.83
CA GLY B 13 91.80 32.02 61.87
C GLY B 13 90.52 31.94 62.66
N ILE B 14 89.86 30.78 62.63
CA ILE B 14 88.62 30.56 63.37
C ILE B 14 88.86 29.85 64.71
N CYS B 15 90.00 29.20 64.86
CA CYS B 15 90.29 28.43 66.05
C CYS B 15 90.35 29.33 67.29
N ALA B 16 89.60 28.95 68.33
CA ALA B 16 89.60 29.69 69.58
C ALA B 16 90.87 29.44 70.40
N LYS B 17 91.68 28.46 70.02
CA LYS B 17 92.81 28.01 70.81
C LYS B 17 92.34 27.71 72.24
N CYS B 18 91.26 26.93 72.33
CA CYS B 18 90.69 26.52 73.64
C CYS B 18 91.37 25.25 74.14
N GLY B 19 91.82 24.39 73.22
CA GLY B 19 92.51 23.14 73.60
C GLY B 19 91.64 21.90 73.82
N THR B 20 90.33 21.99 73.55
CA THR B 20 89.46 20.85 73.78
C THR B 20 89.82 19.66 72.88
N CYS B 21 90.07 19.93 71.59
CA CYS B 21 90.33 18.86 70.62
C CYS B 21 91.51 17.98 71.01
N THR B 22 92.54 18.56 71.63
CA THR B 22 93.78 17.82 71.87
C THR B 22 93.72 16.95 73.11
N VAL B 23 92.65 17.04 73.92
CA VAL B 23 92.57 16.15 75.08
C VAL B 23 91.76 14.88 74.83
N VAL B 24 91.04 14.78 73.71
CA VAL B 24 90.11 13.67 73.50
C VAL B 24 90.69 12.54 72.64
N CYS B 25 91.92 12.68 72.15
CA CYS B 25 92.42 11.70 71.19
C CYS B 25 92.75 10.38 71.89
N PRO B 26 92.12 9.27 71.50
CA PRO B 26 92.39 8.00 72.20
C PRO B 26 93.74 7.39 71.86
N ASN B 27 94.43 7.90 70.85
CA ASN B 27 95.78 7.44 70.54
C ASN B 27 96.86 8.34 71.11
N GLY B 28 96.47 9.44 71.75
CA GLY B 28 97.41 10.36 72.36
C GLY B 28 98.35 11.03 71.38
N ILE B 29 97.92 11.22 70.14
CA ILE B 29 98.79 11.78 69.12
C ILE B 29 98.51 13.25 68.86
N LEU B 30 97.71 13.91 69.70
CA LEU B 30 97.47 15.34 69.63
C LEU B 30 98.12 16.02 70.83
N THR B 31 98.80 17.12 70.59
CA THR B 31 99.35 17.97 71.64
C THR B 31 99.02 19.41 71.28
N PHE B 32 98.98 20.29 72.27
CA PHE B 32 98.71 21.69 72.00
C PHE B 32 99.98 22.50 72.30
N GLU B 33 100.56 23.09 71.26
CA GLU B 33 101.75 23.93 71.42
C GLU B 33 101.31 25.36 71.22
N ASP B 34 101.57 25.98 70.08
CA ASP B 34 100.96 27.26 69.74
C ASP B 34 99.59 27.04 69.11
N ARG B 35 99.34 25.82 68.67
CA ARG B 35 98.10 25.40 68.03
C ARG B 35 97.98 23.90 68.23
N PRO B 36 96.82 23.31 67.93
CA PRO B 36 96.72 21.84 67.97
C PRO B 36 97.66 21.22 66.95
N LYS B 37 98.33 20.15 67.35
CA LYS B 37 99.37 19.54 66.51
C LYS B 37 99.32 18.04 66.62
N LEU B 38 99.43 17.35 65.49
CA LEU B 38 99.64 15.91 65.47
C LEU B 38 101.12 15.60 65.73
N THR B 39 101.38 14.60 66.57
CA THR B 39 102.74 14.14 66.79
C THR B 39 103.12 13.00 65.85
N GLU B 40 102.15 12.43 65.16
CA GLU B 40 102.39 11.40 64.16
C GLU B 40 101.15 11.30 63.27
N GLU B 41 101.24 10.46 62.25
CA GLU B 41 100.14 10.37 61.29
C GLU B 41 98.86 9.89 61.95
N CYS B 42 97.76 10.55 61.63
CA CYS B 42 96.43 10.11 62.02
C CYS B 42 95.82 9.37 60.84
N LEU B 43 95.52 8.09 61.04
CA LEU B 43 94.96 7.26 59.96
C LEU B 43 93.60 7.75 59.50
N ARG B 44 92.86 8.48 60.34
CA ARG B 44 91.58 9.07 60.00
C ARG B 44 91.71 10.46 59.38
N LYS B 45 92.92 10.99 59.33
CA LYS B 45 93.17 12.35 58.84
C LYS B 45 92.30 13.37 59.57
N GLY B 46 92.12 13.15 60.87
CA GLY B 46 91.37 14.06 61.71
C GLY B 46 89.87 13.93 61.63
N ASN B 47 89.35 12.90 60.94
CA ASN B 47 87.92 12.63 60.91
C ASN B 47 87.58 11.79 62.13
N GLY B 48 87.31 12.47 63.24
CA GLY B 48 87.07 11.81 64.51
C GLY B 48 86.71 12.75 65.64
N MET B 49 87.01 12.30 66.87
CA MET B 49 86.49 12.96 68.08
C MET B 49 87.03 14.37 68.28
N CYS B 50 88.29 14.60 67.93
CA CYS B 50 88.84 15.97 67.92
C CYS B 50 87.91 16.93 67.18
N PHE B 51 87.64 16.63 65.91
CA PHE B 51 86.75 17.47 65.11
C PHE B 51 85.36 17.55 65.74
N GLU B 52 84.87 16.45 66.29
CA GLU B 52 83.50 16.37 66.77
C GLU B 52 83.26 17.15 68.07
N VAL B 53 84.31 17.45 68.85
CA VAL B 53 84.14 18.25 70.06
C VAL B 53 84.45 19.74 69.85
N CYS B 54 84.85 20.14 68.66
CA CYS B 54 85.34 21.50 68.45
C CYS B 54 84.16 22.48 68.48
N PRO B 55 84.16 23.47 69.39
CA PRO B 55 83.01 24.38 69.46
C PRO B 55 82.95 25.38 68.32
N ARG B 56 83.99 25.45 67.48
CA ARG B 56 83.99 26.35 66.33
C ARG B 56 83.56 25.66 65.03
N VAL B 57 83.34 24.34 65.07
CA VAL B 57 82.68 23.65 63.96
C VAL B 57 81.16 23.76 64.11
N SER B 58 80.69 23.42 65.31
CA SER B 58 79.25 23.45 65.66
C SER B 58 79.15 23.64 67.16
N SER B 59 78.36 24.61 67.61
CA SER B 59 78.26 24.93 69.06
C SER B 59 77.51 23.87 69.83
N GLY B 60 76.54 23.20 69.20
CA GLY B 60 75.68 22.30 69.93
C GLY B 60 74.85 22.95 71.01
N LYS B 61 74.82 24.28 71.03
N LYS B 61 74.87 24.29 71.05
CA LYS B 61 74.20 25.04 72.15
CA LYS B 61 74.21 25.06 72.14
C LYS B 61 72.72 24.71 72.40
C LYS B 61 72.75 24.65 72.39
N TYR B 62 71.91 24.60 71.34
CA TYR B 62 70.49 24.36 71.56
C TYR B 62 70.27 23.04 72.30
N GLN B 63 70.88 21.97 71.81
CA GLN B 63 70.66 20.64 72.40
C GLN B 63 71.26 20.55 73.79
N ILE B 64 72.31 21.34 74.05
CA ILE B 64 72.91 21.33 75.41
C ILE B 64 72.02 22.16 76.35
N LYS B 65 71.58 23.33 75.90
CA LYS B 65 70.77 24.24 76.75
C LYS B 65 69.43 23.63 77.16
N ILE B 66 68.75 22.89 76.27
CA ILE B 66 67.42 22.32 76.67
C ILE B 66 67.59 21.25 77.74
N ARG B 67 68.79 20.67 77.86
CA ARG B 67 69.02 19.61 78.88
C ARG B 67 69.55 20.25 80.17
N GLU B 68 70.40 21.27 80.04
CA GLU B 68 70.98 21.92 81.25
C GLU B 68 69.94 22.83 81.91
N LYS B 69 69.06 23.43 81.12
CA LYS B 69 67.99 24.31 81.62
C LYS B 69 68.56 25.40 82.52
N PHE B 70 69.45 26.20 81.92
CA PHE B 70 70.22 27.17 82.67
C PHE B 70 69.33 28.22 83.34
N LYS B 71 69.67 28.57 84.58
CA LYS B 71 69.13 29.76 85.20
C LYS B 71 70.20 30.85 85.12
N GLU B 72 69.90 32.02 85.70
CA GLU B 72 70.82 33.17 85.61
C GLU B 72 70.68 34.05 86.86
N GLU B 73 71.41 33.69 87.93
CA GLU B 73 71.35 34.43 89.18
C GLU B 73 72.65 35.19 89.37
N TYR B 74 72.54 36.50 89.62
CA TYR B 74 73.70 37.37 89.69
C TYR B 74 74.02 37.75 91.14
N TYR B 75 75.29 37.57 91.53
CA TYR B 75 75.79 37.95 92.83
C TYR B 75 77.21 38.48 92.67
N TYR B 76 77.77 38.98 93.76
CA TYR B 76 79.21 39.25 93.82
C TYR B 76 79.69 38.95 95.24
N GLY B 77 80.98 38.65 95.36
CA GLY B 77 81.51 38.32 96.66
C GLY B 77 83.02 38.18 96.62
N LYS B 78 83.58 37.90 97.80
CA LYS B 78 85.02 37.69 97.94
C LYS B 78 85.28 36.40 98.72
N GLY B 79 86.35 35.70 98.32
CA GLY B 79 86.80 34.52 99.02
C GLY B 79 87.77 34.84 100.15
N ASP B 80 88.49 33.81 100.59
CA ASP B 80 89.48 33.94 101.65
C ASP B 80 90.90 33.78 101.13
N VAL B 81 91.12 33.95 99.83
CA VAL B 81 92.45 33.96 99.24
C VAL B 81 92.59 35.21 98.40
N GLU B 82 93.83 35.67 98.26
CA GLU B 82 94.10 36.80 97.37
C GLU B 82 94.11 36.29 95.93
N GLY B 83 93.12 36.69 95.15
CA GLY B 83 93.04 36.28 93.76
C GLY B 83 93.13 37.46 92.83
N GLN B 84 92.75 37.24 91.57
CA GLN B 84 92.75 38.30 90.58
C GLN B 84 91.84 39.45 91.01
N ASP B 85 90.63 39.11 91.43
CA ASP B 85 89.62 40.06 91.87
C ASP B 85 89.24 39.66 93.29
N GLY B 86 88.20 38.85 93.45
CA GLY B 86 87.78 38.45 94.78
C GLY B 86 88.35 37.15 95.30
N GLY B 87 89.12 36.44 94.48
CA GLY B 87 89.56 35.11 94.85
C GLY B 87 88.42 34.12 94.98
N VAL B 88 87.32 34.33 94.26
CA VAL B 88 86.17 33.45 94.37
C VAL B 88 86.45 32.10 93.74
N VAL B 89 87.05 32.10 92.54
CA VAL B 89 87.25 30.82 91.85
C VAL B 89 88.06 29.87 92.71
N THR B 90 89.23 30.33 93.18
CA THR B 90 90.09 29.45 93.96
C THR B 90 89.43 29.04 95.27
N THR B 91 88.71 29.96 95.91
CA THR B 91 88.06 29.60 97.17
C THR B 91 87.00 28.51 96.95
N PHE B 92 86.23 28.62 95.86
CA PHE B 92 85.25 27.59 95.52
C PHE B 92 85.93 26.25 95.29
N LEU B 93 87.04 26.25 94.54
CA LEU B 93 87.75 25.01 94.27
C LEU B 93 88.25 24.38 95.57
N LYS B 94 88.76 25.20 96.50
CA LYS B 94 89.19 24.67 97.79
C LYS B 94 88.04 24.00 98.51
N TYR B 95 86.86 24.63 98.48
CA TYR B 95 85.68 24.04 99.12
C TYR B 95 85.32 22.71 98.47
N LEU B 96 85.39 22.63 97.15
CA LEU B 96 85.04 21.39 96.47
C LEU B 96 86.03 20.28 96.83
N LEU B 97 87.31 20.60 96.92
CA LEU B 97 88.29 19.60 97.30
C LEU B 97 88.08 19.17 98.75
N LYS B 98 87.90 20.15 99.64
CA LYS B 98 87.76 19.85 101.07
C LYS B 98 86.55 18.95 101.34
N ASN B 99 85.44 19.22 100.65
CA ASN B 99 84.22 18.45 100.87
C ASN B 99 84.09 17.27 99.92
N LYS B 100 85.17 16.91 99.24
CA LYS B 100 85.25 15.64 98.50
C LYS B 100 84.18 15.55 97.40
N LYS B 101 83.94 16.69 96.76
CA LYS B 101 82.98 16.76 95.63
C LYS B 101 83.75 16.44 94.35
N ILE B 102 85.06 16.70 94.34
CA ILE B 102 85.94 16.42 93.21
C ILE B 102 87.20 15.76 93.75
N ASP B 103 87.88 15.04 92.86
CA ASP B 103 89.19 14.49 93.17
C ASP B 103 90.33 15.40 92.73
N GLY B 104 90.06 16.32 91.81
CA GLY B 104 91.07 17.28 91.41
C GLY B 104 90.44 18.46 90.70
N ALA B 105 91.27 19.48 90.51
CA ALA B 105 90.87 20.67 89.77
C ALA B 105 91.85 20.91 88.63
N ILE B 106 91.29 21.22 87.47
CA ILE B 106 92.05 21.56 86.27
C ILE B 106 92.12 23.08 86.23
N VAL B 107 93.32 23.62 86.43
CA VAL B 107 93.54 25.06 86.58
C VAL B 107 94.80 25.45 85.82
N VAL B 108 95.01 26.76 85.69
CA VAL B 108 96.11 27.31 84.92
C VAL B 108 97.07 28.02 85.87
N GLY B 109 98.29 27.51 85.95
CA GLY B 109 99.40 28.20 86.57
C GLY B 109 100.24 28.89 85.51
N ASP B 110 101.45 29.25 85.89
CA ASP B 110 102.35 29.88 84.93
C ASP B 110 103.79 29.73 85.40
N GLU B 111 104.70 29.70 84.41
CA GLU B 111 106.14 29.80 84.63
C GLU B 111 106.56 31.10 83.94
N CYS B 112 106.77 32.15 84.73
CA CYS B 112 107.11 33.47 84.20
C CYS B 112 106.15 33.87 83.08
N TRP B 113 104.85 33.72 83.36
CA TRP B 113 103.72 34.15 82.54
C TRP B 113 103.47 33.28 81.31
N LYS B 114 104.22 32.19 81.14
CA LYS B 114 103.85 31.15 80.18
C LYS B 114 102.86 30.22 80.87
N PRO B 115 101.59 30.21 80.44
CA PRO B 115 100.60 29.40 81.17
C PRO B 115 100.90 27.91 81.09
N VAL B 116 100.48 27.18 82.13
CA VAL B 116 100.64 25.74 82.20
C VAL B 116 99.35 25.16 82.75
N SER B 117 98.83 24.12 82.09
CA SER B 117 97.63 23.43 82.55
C SER B 117 98.02 22.43 83.63
N LEU B 118 97.34 22.49 84.77
CA LEU B 118 97.72 21.69 85.93
C LEU B 118 96.53 20.90 86.47
N ILE B 119 96.80 19.70 86.96
CA ILE B 119 95.83 18.93 87.73
C ILE B 119 96.23 19.02 89.20
N VAL B 120 95.39 19.67 89.99
CA VAL B 120 95.68 19.96 91.39
C VAL B 120 94.76 19.10 92.24
N GLN B 121 95.33 18.39 93.21
CA GLN B 121 94.58 17.47 94.05
C GLN B 121 94.48 17.90 95.50
N ASN B 122 95.16 18.96 95.91
CA ASN B 122 95.10 19.42 97.30
C ASN B 122 95.13 20.94 97.30
N GLU B 123 94.60 21.51 98.38
CA GLU B 123 94.40 22.96 98.43
C GLU B 123 95.71 23.71 98.29
N GLU B 124 96.78 23.19 98.89
CA GLU B 124 98.06 23.90 98.85
C GLU B 124 98.52 24.15 97.42
N ASP B 125 98.32 23.17 96.53
CA ASP B 125 98.83 23.32 95.17
C ASP B 125 97.99 24.27 94.33
N LEU B 126 96.91 24.81 94.89
CA LEU B 126 96.16 25.86 94.22
C LEU B 126 96.78 27.24 94.43
N MET B 127 97.71 27.36 95.38
CA MET B 127 98.06 28.68 95.89
C MET B 127 98.72 29.55 94.82
N ASN B 128 99.53 28.98 93.94
CA ASN B 128 100.21 29.77 92.92
C ASN B 128 99.49 29.73 91.58
N THR B 129 98.24 29.27 91.54
CA THR B 129 97.45 29.26 90.32
C THR B 129 96.47 30.43 90.25
N THR B 130 96.40 31.25 91.31
CA THR B 130 95.53 32.40 91.29
C THR B 130 95.98 33.38 90.22
N LYS B 131 95.13 34.38 89.99
CA LYS B 131 95.40 35.46 89.04
C LYS B 131 95.15 35.03 87.61
N SER B 132 94.87 36.00 86.76
CA SER B 132 94.59 35.76 85.37
C SER B 132 95.90 35.76 84.57
N LYS B 133 96.00 34.78 83.68
CA LYS B 133 97.03 34.73 82.64
C LYS B 133 96.30 35.06 81.33
N TYR B 134 96.61 36.22 80.74
CA TYR B 134 95.85 36.72 79.60
C TYR B 134 96.41 36.26 78.24
N THR B 135 97.08 35.12 78.20
CA THR B 135 97.57 34.55 76.95
C THR B 135 97.04 33.13 76.79
N VAL B 136 97.30 32.55 75.61
CA VAL B 136 96.70 31.26 75.25
C VAL B 136 96.99 30.23 76.33
N SER B 137 95.93 29.58 76.80
CA SER B 137 95.98 28.51 77.78
C SER B 137 95.48 27.22 77.15
N THR B 138 95.81 26.08 77.76
CA THR B 138 95.32 24.80 77.26
C THR B 138 94.55 24.08 78.36
N LEU B 139 94.06 22.88 78.01
CA LEU B 139 93.36 22.00 78.94
C LEU B 139 94.12 20.68 79.09
N GLU B 140 95.42 20.69 78.83
CA GLU B 140 96.19 19.47 78.65
C GLU B 140 96.19 18.62 79.91
N ALA B 141 96.10 19.24 81.09
CA ALA B 141 96.10 18.46 82.34
C ALA B 141 94.91 17.51 82.43
N LEU B 142 93.85 17.69 81.64
CA LEU B 142 92.77 16.71 81.64
C LEU B 142 93.31 15.33 81.26
N LYS B 143 94.26 15.27 80.33
CA LYS B 143 94.82 13.98 79.94
C LYS B 143 95.58 13.33 81.08
N THR B 144 96.35 14.14 81.83
CA THR B 144 97.08 13.63 82.98
C THR B 144 96.11 13.10 84.04
N ALA B 145 95.05 13.85 84.34
CA ALA B 145 94.03 13.37 85.27
C ALA B 145 93.47 12.04 84.83
N GLY B 146 93.20 11.90 83.53
CA GLY B 146 92.72 10.62 83.02
C GLY B 146 93.74 9.51 83.20
N GLU B 147 95.01 9.80 82.92
CA GLU B 147 96.06 8.81 83.14
C GLU B 147 96.14 8.41 84.61
N MET B 148 95.93 9.38 85.51
CA MET B 148 95.99 9.10 86.94
C MET B 148 94.77 8.34 87.43
N GLY B 149 93.72 8.25 86.63
CA GLY B 149 92.53 7.55 87.07
C GLY B 149 91.62 8.35 87.98
N LEU B 150 91.80 9.67 88.04
CA LEU B 150 90.93 10.50 88.87
C LEU B 150 89.50 10.42 88.37
N GLU B 151 88.56 10.25 89.31
CA GLU B 151 87.18 9.95 88.92
C GLU B 151 86.42 11.22 88.51
N LYS B 152 86.60 12.32 89.26
CA LYS B 152 85.83 13.55 89.04
C LYS B 152 86.73 14.77 89.18
N VAL B 153 86.57 15.74 88.26
CA VAL B 153 87.30 17.00 88.35
C VAL B 153 86.37 18.18 88.13
N ALA B 154 86.76 19.33 88.68
CA ALA B 154 86.27 20.65 88.30
C ALA B 154 87.25 21.25 87.30
N VAL B 155 86.73 21.98 86.31
CA VAL B 155 87.57 22.65 85.32
C VAL B 155 87.23 24.14 85.31
N VAL B 156 88.27 24.98 85.35
CA VAL B 156 88.16 26.42 85.13
C VAL B 156 88.50 26.68 83.68
N GLY B 157 87.66 27.43 82.98
CA GLY B 157 87.86 27.66 81.56
C GLY B 157 87.35 29.02 81.10
N LEU B 158 87.99 29.54 80.06
CA LEU B 158 87.45 30.62 79.28
C LEU B 158 86.19 30.14 78.57
N PRO B 159 85.34 31.07 78.08
CA PRO B 159 84.11 30.64 77.44
C PRO B 159 84.31 29.60 76.31
N CYS B 160 85.34 29.75 75.49
CA CYS B 160 85.55 28.77 74.38
C CYS B 160 85.83 27.39 74.97
N GLN B 161 86.58 27.33 76.08
CA GLN B 161 86.91 26.08 76.73
C GLN B 161 85.68 25.47 77.39
N ILE B 162 84.83 26.31 78.03
CA ILE B 162 83.57 25.80 78.56
C ILE B 162 82.72 25.20 77.44
N ASN B 163 82.69 25.87 76.28
CA ASN B 163 81.87 25.43 75.17
C ASN B 163 82.35 24.09 74.61
N GLY B 164 83.67 23.90 74.52
CA GLY B 164 84.19 22.61 74.06
C GLY B 164 83.91 21.51 75.06
N LEU B 165 84.14 21.77 76.35
CA LEU B 165 83.94 20.75 77.37
C LEU B 165 82.47 20.38 77.52
N ARG B 166 81.55 21.31 77.25
CA ARG B 166 80.15 20.93 77.20
C ARG B 166 79.89 19.96 76.06
N LYS B 167 80.53 20.18 74.91
CA LYS B 167 80.37 19.23 73.80
C LYS B 167 80.90 17.85 74.19
N LEU B 168 82.04 17.81 74.89
CA LEU B 168 82.56 16.54 75.37
C LEU B 168 81.58 15.87 76.32
N GLN B 169 81.01 16.63 77.26
CA GLN B 169 80.02 16.07 78.18
C GLN B 169 78.84 15.47 77.43
N TYR B 170 78.39 16.13 76.37
CA TYR B 170 77.20 15.73 75.63
C TYR B 170 77.56 15.03 74.32
N PHE B 171 78.74 14.43 74.27
CA PHE B 171 79.28 13.94 73.01
C PHE B 171 78.33 13.00 72.27
N GLN B 172 77.75 12.03 72.98
CA GLN B 172 76.86 11.04 72.31
C GLN B 172 75.68 11.72 71.62
N TYR B 173 75.20 12.82 72.19
CA TYR B 173 74.06 13.54 71.60
C TYR B 173 74.45 14.37 70.40
N LEU B 174 75.67 14.92 70.37
CA LEU B 174 76.05 15.78 69.25
C LEU B 174 76.74 14.99 68.15
N ALA B 175 77.61 14.06 68.52
CA ALA B 175 78.32 13.23 67.55
C ALA B 175 77.53 12.00 67.13
N LYS B 176 76.58 11.55 67.96
CA LYS B 176 75.67 10.47 67.63
C LYS B 176 76.35 9.09 67.62
N HIS B 177 77.45 8.94 68.35
CA HIS B 177 78.09 7.65 68.53
C HIS B 177 78.95 7.72 69.79
N ASP B 178 79.51 6.58 70.18
CA ASP B 178 80.34 6.56 71.38
C ASP B 178 81.70 7.21 71.10
N GLY B 179 82.38 7.56 72.19
CA GLY B 179 83.73 8.08 72.10
C GLY B 179 84.63 7.21 71.24
N GLU B 180 85.46 7.88 70.44
CA GLU B 180 86.36 7.22 69.47
C GLU B 180 87.26 6.19 70.15
N LEU B 181 87.36 5.00 69.53
CA LEU B 181 88.25 3.94 69.98
C LEU B 181 89.63 4.12 69.36
N GLY B 182 90.66 4.00 70.19
CA GLY B 182 92.03 4.08 69.74
C GLY B 182 92.46 2.78 69.09
N LYS B 183 93.74 2.73 68.72
CA LYS B 183 94.32 1.52 68.08
C LYS B 183 94.17 0.31 69.01
N ASN B 184 94.20 0.52 70.33
CA ASN B 184 94.08 -0.61 71.25
C ASN B 184 92.63 -1.01 71.51
N GLY B 185 91.67 -0.39 70.82
CA GLY B 185 90.27 -0.73 70.95
C GLY B 185 89.54 -0.03 72.07
N LYS B 186 90.20 0.87 72.79
CA LYS B 186 89.62 1.53 73.94
C LYS B 186 89.54 3.05 73.74
N PRO B 187 88.56 3.69 74.38
CA PRO B 187 88.43 5.15 74.24
C PRO B 187 89.43 5.88 75.12
N VAL B 188 89.47 7.20 74.93
CA VAL B 188 90.37 8.03 75.71
C VAL B 188 90.00 7.95 77.18
N LYS B 189 91.04 7.98 78.02
CA LYS B 189 90.91 8.00 79.47
C LYS B 189 90.82 9.44 79.93
N LEU B 190 89.67 9.83 80.47
CA LEU B 190 89.45 11.18 80.94
C LEU B 190 88.59 11.12 82.21
N PRO B 191 88.81 12.06 83.14
CA PRO B 191 87.92 12.13 84.30
C PRO B 191 86.54 12.63 83.90
N LYS B 192 85.55 12.35 84.74
CA LYS B 192 84.26 12.97 84.56
C LYS B 192 84.36 14.45 84.92
N ILE B 193 83.89 15.33 84.05
CA ILE B 193 83.91 16.77 84.32
C ILE B 193 82.64 17.07 85.13
N GLU B 194 82.83 17.24 86.43
CA GLU B 194 81.74 17.40 87.38
C GLU B 194 81.31 18.85 87.56
N TYR B 195 82.23 19.79 87.37
CA TYR B 195 81.96 21.21 87.53
C TYR B 195 82.67 21.98 86.42
N LEU B 196 81.97 22.94 85.82
CA LEU B 196 82.55 23.84 84.84
C LEU B 196 82.40 25.27 85.36
N ILE B 197 83.54 25.86 85.72
CA ILE B 197 83.61 27.22 86.24
C ILE B 197 84.16 28.09 85.11
N GLY B 198 83.33 28.99 84.60
CA GLY B 198 83.69 29.82 83.46
C GLY B 198 84.19 31.18 83.92
N LEU B 199 85.14 31.71 83.17
CA LEU B 199 85.61 33.09 83.34
C LEU B 199 84.95 33.97 82.29
N LEU B 200 84.52 35.16 82.70
CA LEU B 200 84.21 36.18 81.70
C LEU B 200 85.49 36.52 80.92
N CYS B 201 85.32 36.86 79.64
CA CYS B 201 86.53 37.07 78.80
C CYS B 201 86.23 37.98 77.60
N THR B 202 86.95 39.09 77.50
CA THR B 202 86.82 39.97 76.31
C THR B 202 87.71 39.43 75.18
N GLU B 203 88.90 38.92 75.55
CA GLU B 203 89.91 38.39 74.61
C GLU B 203 91.14 37.88 75.36
N LYS B 204 92.02 37.18 74.64
CA LYS B 204 93.33 36.77 75.12
C LYS B 204 94.35 37.09 74.04
N PHE B 205 95.63 37.06 74.42
CA PHE B 205 96.69 37.42 73.45
C PHE B 205 97.69 36.26 73.29
N GLU B 206 98.41 36.29 72.16
CA GLU B 206 99.53 35.36 71.95
C GLU B 206 100.63 35.85 72.89
N TYR B 207 101.36 34.94 73.53
CA TYR B 207 102.38 35.37 74.53
C TYR B 207 103.44 36.25 73.88
N ASP B 208 103.92 35.87 72.70
CA ASP B 208 104.99 36.65 72.00
C ASP B 208 104.47 38.03 71.59
N GLU B 209 103.22 38.11 71.15
CA GLU B 209 102.63 39.42 70.75
C GLU B 209 102.54 40.33 71.99
N LEU B 210 102.11 39.80 73.12
CA LEU B 210 102.01 40.59 74.37
C LEU B 210 103.41 41.01 74.84
N LYS B 211 104.37 40.08 74.79
CA LYS B 211 105.74 40.38 75.28
C LYS B 211 106.34 41.50 74.42
N GLU B 212 106.18 41.41 73.10
CA GLU B 212 106.71 42.45 72.18
C GLU B 212 106.02 43.79 72.44
N THR B 213 104.71 43.75 72.68
CA THR B 213 103.95 45.01 72.96
C THR B 213 104.48 45.64 74.24
N LEU B 214 104.74 44.84 75.27
CA LEU B 214 105.26 45.36 76.56
C LEU B 214 106.66 45.96 76.34
N ALA B 215 107.47 45.34 75.48
CA ALA B 215 108.84 45.80 75.15
C ALA B 215 108.80 47.21 74.54
N LYS B 216 107.78 47.50 73.73
CA LYS B 216 107.56 48.85 73.11
C LYS B 216 107.34 49.91 74.20
N TYR B 217 106.70 49.54 75.32
CA TYR B 217 106.46 50.41 76.50
C TYR B 217 107.61 50.30 77.50
N ASN B 218 108.70 49.62 77.11
CA ASN B 218 109.93 49.43 77.92
C ASN B 218 109.61 48.63 79.19
N ILE B 219 108.69 47.66 79.05
CA ILE B 219 108.32 46.78 80.19
C ILE B 219 108.83 45.38 79.88
N ASN B 220 109.52 44.78 80.84
CA ASN B 220 109.99 43.38 80.65
C ASN B 220 108.87 42.51 81.22
N MET B 221 108.27 41.65 80.39
CA MET B 221 107.14 40.77 80.80
C MET B 221 107.55 39.85 81.96
N ASP B 222 108.81 39.38 81.95
CA ASP B 222 109.35 38.49 83.00
C ASP B 222 109.25 39.13 84.39
N ASP B 223 109.42 40.46 84.51
CA ASP B 223 109.33 41.15 85.82
C ASP B 223 107.89 41.55 86.19
N VAL B 224 106.91 41.34 85.32
CA VAL B 224 105.53 41.78 85.67
C VAL B 224 105.01 41.00 86.88
N GLU B 225 104.44 41.73 87.86
CA GLU B 225 103.87 41.12 89.09
C GLU B 225 102.41 40.71 88.86
N LYS B 226 101.66 41.56 88.15
CA LYS B 226 100.23 41.24 87.90
C LYS B 226 99.76 41.90 86.60
N PHE B 227 98.79 41.26 85.95
CA PHE B 227 98.15 41.77 84.71
C PHE B 227 96.66 41.93 85.04
N ASP B 228 96.00 42.88 84.37
CA ASP B 228 94.55 43.05 84.59
C ASP B 228 93.94 43.69 83.36
N ILE B 229 92.63 43.47 83.15
CA ILE B 229 91.90 44.17 82.06
C ILE B 229 90.72 44.84 82.75
N LYS B 230 90.76 46.17 82.83
CA LYS B 230 89.66 46.94 83.46
C LYS B 230 89.38 48.16 82.59
N LYS B 231 88.11 48.47 82.36
CA LYS B 231 87.70 49.66 81.58
C LYS B 231 88.37 49.68 80.20
N GLY B 232 88.45 48.53 79.52
CA GLY B 232 89.02 48.44 78.15
C GLY B 232 90.51 48.74 78.09
N LYS B 233 91.24 48.54 79.19
CA LYS B 233 92.70 48.80 79.20
C LYS B 233 93.43 47.62 79.85
N LEU B 234 94.64 47.34 79.38
CA LEU B 234 95.44 46.27 80.03
C LEU B 234 96.24 46.95 81.15
N LEU B 235 96.05 46.50 82.38
CA LEU B 235 96.80 47.08 83.53
C LEU B 235 98.04 46.23 83.74
N VAL B 236 99.22 46.85 83.79
CA VAL B 236 100.47 46.07 84.01
C VAL B 236 101.12 46.57 85.29
N TYR B 237 101.24 45.69 86.29
CA TYR B 237 101.87 46.05 87.57
C TYR B 237 103.29 45.47 87.54
N VAL B 238 104.30 46.34 87.52
CA VAL B 238 105.71 45.87 87.45
C VAL B 238 106.61 46.84 88.21
N ASN B 239 107.51 46.32 89.05
CA ASN B 239 108.51 47.12 89.80
C ASN B 239 107.83 48.22 90.65
N GLY B 240 106.67 47.94 91.25
CA GLY B 240 105.93 48.91 92.09
C GLY B 240 105.20 49.99 91.29
N GLU B 241 105.10 49.82 89.96
CA GLU B 241 104.47 50.82 89.09
C GLU B 241 103.23 50.22 88.41
N GLU B 242 102.30 51.06 87.98
CA GLU B 242 101.11 50.58 87.24
C GLU B 242 101.12 51.23 85.86
N HIS B 243 100.99 50.43 84.80
CA HIS B 243 100.96 50.95 83.41
C HIS B 243 99.60 50.63 82.81
N LYS B 244 98.96 51.60 82.15
CA LYS B 244 97.65 51.33 81.51
C LYS B 244 97.88 51.35 80.01
N ILE B 245 97.61 50.22 79.33
CA ILE B 245 97.80 50.15 77.86
C ILE B 245 96.41 49.93 77.24
N PRO B 246 95.94 50.80 76.33
CA PRO B 246 94.64 50.60 75.70
C PRO B 246 94.68 49.26 74.95
N LEU B 247 93.56 48.51 75.02
CA LEU B 247 93.42 47.18 74.37
C LEU B 247 93.57 47.30 72.84
N LYS B 248 93.14 48.42 72.25
CA LYS B 248 93.23 48.70 70.79
C LYS B 248 94.69 48.63 70.30
N GLU B 249 95.67 49.02 71.13
CA GLU B 249 97.12 48.98 70.81
C GLU B 249 97.69 47.54 70.84
N ILE B 250 96.95 46.55 71.38
CA ILE B 250 97.46 45.14 71.46
C ILE B 250 96.68 44.24 70.49
N GLU B 251 97.41 43.45 69.69
CA GLU B 251 96.76 42.53 68.73
C GLU B 251 96.30 41.28 69.49
N LEU B 252 95.00 40.97 69.46
CA LEU B 252 94.49 39.79 70.21
C LEU B 252 94.63 38.52 69.37
N SER B 253 94.41 37.37 70.01
CA SER B 253 94.49 36.06 69.28
C SER B 253 93.41 36.11 68.18
N ALA B 254 93.72 35.61 66.97
CA ALA B 254 92.80 35.77 65.83
C ALA B 254 91.43 35.16 66.10
N GLY B 255 91.38 33.98 66.72
CA GLY B 255 90.09 33.31 66.99
C GLY B 255 89.14 34.14 67.82
N CYS B 256 89.68 35.05 68.65
CA CYS B 256 88.81 35.86 69.49
C CYS B 256 87.90 36.76 68.67
N LYS B 257 88.33 37.13 67.46
CA LYS B 257 87.48 37.94 66.60
C LYS B 257 86.25 37.18 66.12
N MET B 258 86.29 35.85 66.17
CA MET B 258 85.18 35.01 65.74
C MET B 258 84.33 34.52 66.91
N CYS B 259 84.51 35.10 68.09
CA CYS B 259 83.88 34.65 69.32
C CYS B 259 82.62 35.47 69.63
N ARG B 260 81.65 34.79 70.24
CA ARG B 260 80.35 35.37 70.57
C ARG B 260 80.05 35.41 72.07
N ASP B 261 80.81 34.70 72.90
CA ASP B 261 80.42 34.34 74.26
C ASP B 261 81.29 35.12 75.24
N PHE B 262 80.72 36.17 75.83
CA PHE B 262 81.50 36.98 76.76
C PHE B 262 81.52 36.40 78.18
N ASP B 263 80.39 35.87 78.66
CA ASP B 263 80.23 35.55 80.08
C ASP B 263 80.21 34.06 80.35
N ALA B 264 80.81 33.25 79.47
CA ALA B 264 80.81 31.79 79.60
C ALA B 264 79.41 31.29 79.91
N GLU B 265 78.50 31.53 78.96
CA GLU B 265 77.07 31.39 79.23
C GLU B 265 76.63 29.96 79.50
N MET B 266 77.47 28.97 79.19
CA MET B 266 77.15 27.58 79.41
C MET B 266 77.80 27.00 80.65
N ALA B 267 78.50 27.82 81.43
CA ALA B 267 79.16 27.32 82.63
C ALA B 267 78.15 27.00 83.73
N ASP B 268 78.57 26.15 84.66
CA ASP B 268 77.76 25.94 85.88
C ASP B 268 77.69 27.22 86.70
N VAL B 269 78.83 27.91 86.84
CA VAL B 269 78.90 29.25 87.42
C VAL B 269 79.97 30.01 86.65
N SER B 270 79.74 31.29 86.42
CA SER B 270 80.68 32.15 85.70
C SER B 270 81.15 33.26 86.63
N VAL B 271 82.42 33.64 86.51
CA VAL B 271 83.04 34.56 87.46
C VAL B 271 83.84 35.59 86.68
N GLY B 272 83.69 36.85 87.06
CA GLY B 272 84.42 37.93 86.36
C GLY B 272 84.59 39.15 87.26
N CYS B 273 84.99 40.28 86.68
CA CYS B 273 85.19 41.52 87.47
C CYS B 273 84.16 42.59 87.08
N VAL B 274 83.61 42.51 85.86
CA VAL B 274 82.63 43.53 85.39
C VAL B 274 81.33 43.43 86.20
N GLY B 275 80.77 44.58 86.60
CA GLY B 275 79.49 44.63 87.33
C GLY B 275 79.61 44.55 88.84
N SER B 276 80.82 44.40 89.38
CA SER B 276 80.99 44.31 90.81
C SER B 276 82.15 45.20 91.26
N PRO B 277 82.16 45.59 92.54
CA PRO B 277 83.18 46.54 93.02
C PRO B 277 84.58 45.94 93.02
N ASP B 278 85.57 46.81 92.89
CA ASP B 278 86.95 46.33 92.86
C ASP B 278 87.24 45.52 94.12
N GLY B 279 88.04 44.47 93.97
CA GLY B 279 88.30 43.56 95.07
C GLY B 279 87.25 42.50 95.28
N TYR B 280 86.15 42.53 94.54
CA TYR B 280 85.14 41.49 94.55
C TYR B 280 85.11 40.83 93.17
N SER B 281 84.58 39.61 93.12
CA SER B 281 84.32 38.92 91.86
C SER B 281 82.81 38.88 91.59
N THR B 282 82.44 39.15 90.34
CA THR B 282 81.07 38.92 89.89
C THR B 282 80.82 37.42 89.73
N VAL B 283 79.62 36.97 90.09
CA VAL B 283 79.28 35.55 90.10
C VAL B 283 77.91 35.39 89.46
N ILE B 284 77.86 34.61 88.38
CA ILE B 284 76.62 34.30 87.66
C ILE B 284 76.39 32.80 87.78
N ILE B 285 75.38 32.42 88.57
CA ILE B 285 75.06 31.03 88.84
C ILE B 285 74.02 30.55 87.83
N ARG B 286 74.28 29.40 87.23
CA ARG B 286 73.45 28.93 86.11
C ARG B 286 72.90 27.53 86.27
N THR B 287 73.47 26.69 87.13
CA THR B 287 73.00 25.33 87.31
C THR B 287 73.05 24.99 88.78
N GLU B 288 72.45 23.84 89.12
CA GLU B 288 72.50 23.36 90.51
C GLU B 288 73.93 23.05 90.95
N LYS B 289 74.79 22.61 90.01
CA LYS B 289 76.20 22.46 90.36
C LYS B 289 76.80 23.81 90.75
N GLY B 290 76.54 24.85 89.96
CA GLY B 290 77.01 26.18 90.32
C GLY B 290 76.46 26.68 91.64
N GLU B 291 75.23 26.29 91.99
CA GLU B 291 74.60 26.74 93.22
C GLU B 291 75.43 26.40 94.46
N GLU B 292 76.28 25.39 94.37
CA GLU B 292 77.09 25.00 95.51
C GLU B 292 78.07 26.09 95.92
N ILE B 293 78.38 27.04 95.03
CA ILE B 293 79.27 28.13 95.40
C ILE B 293 78.67 28.95 96.54
N LYS B 294 77.35 28.94 96.70
CA LYS B 294 76.72 29.67 97.80
C LYS B 294 77.18 29.15 99.15
N ASN B 295 77.60 27.88 99.20
CA ASN B 295 78.17 27.32 100.42
C ASN B 295 79.61 27.74 100.63
N ALA B 296 80.29 28.14 99.57
CA ALA B 296 81.71 28.45 99.64
C ALA B 296 81.98 29.93 99.82
N ILE B 297 81.06 30.77 99.33
CA ILE B 297 81.28 32.22 99.25
C ILE B 297 80.08 32.91 99.88
N GLU B 298 80.36 33.97 100.64
CA GLU B 298 79.32 34.83 101.20
C GLU B 298 78.92 35.82 100.11
N LEU B 299 77.83 35.52 99.41
CA LEU B 299 77.45 36.30 98.24
C LEU B 299 76.51 37.44 98.61
N LYS B 300 76.58 38.52 97.83
CA LYS B 300 75.69 39.67 97.97
C LYS B 300 75.08 39.98 96.61
N GLU B 301 73.92 40.64 96.65
CA GLU B 301 73.28 41.13 95.44
C GLU B 301 73.72 42.57 95.18
N GLY B 302 73.50 43.03 93.94
CA GLY B 302 73.82 44.40 93.58
C GLY B 302 74.75 44.52 92.39
N VAL B 303 74.80 43.48 91.56
CA VAL B 303 75.64 43.51 90.37
C VAL B 303 75.11 44.53 89.38
N ASN B 304 76.02 45.25 88.72
CA ASN B 304 75.63 46.21 87.68
C ASN B 304 75.39 45.44 86.39
N LEU B 305 74.12 45.10 86.13
CA LEU B 305 73.80 44.23 85.01
C LEU B 305 74.05 44.91 83.67
N GLU B 306 73.86 46.22 83.61
CA GLU B 306 74.07 46.94 82.36
C GLU B 306 75.55 46.93 81.97
N ALA B 307 76.44 46.96 82.96
CA ALA B 307 77.86 46.93 82.66
C ALA B 307 78.23 45.63 81.96
N ILE B 308 77.67 44.51 82.44
CA ILE B 308 77.93 43.22 81.80
C ILE B 308 77.33 43.19 80.41
N GLU B 309 76.09 43.66 80.28
CA GLU B 309 75.43 43.62 78.98
C GLU B 309 76.23 44.41 77.95
N LYS B 310 76.85 45.52 78.37
CA LYS B 310 77.65 46.33 77.45
C LYS B 310 78.81 45.53 76.86
N LEU B 311 79.37 44.62 77.66
CA LEU B 311 80.51 43.80 77.16
C LEU B 311 79.99 42.70 76.23
N ARG B 312 78.81 42.16 76.51
CA ARG B 312 78.21 41.19 75.60
C ARG B 312 78.03 41.82 74.22
N ASP B 313 77.53 43.06 74.20
CA ASP B 313 77.29 43.75 72.94
C ASP B 313 78.60 44.09 72.23
N LEU B 314 79.61 44.52 72.98
CA LEU B 314 80.90 44.79 72.36
C LEU B 314 81.46 43.55 71.68
N LYS B 315 81.31 42.38 72.30
CA LYS B 315 81.83 41.17 71.68
C LYS B 315 81.00 40.76 70.46
N LEU B 316 79.67 40.83 70.57
CA LEU B 316 78.82 40.50 69.44
C LEU B 316 79.08 41.45 68.28
N ASN B 317 79.29 42.74 68.57
CA ASN B 317 79.64 43.69 67.53
C ASN B 317 80.95 43.32 66.86
N ARG B 318 81.97 43.02 67.66
CA ARG B 318 83.24 42.57 67.08
C ARG B 318 83.02 41.36 66.17
N PHE B 319 82.21 40.41 66.62
CA PHE B 319 81.94 39.21 65.84
C PHE B 319 81.26 39.54 64.52
N LYS B 320 80.24 40.40 64.56
CA LYS B 320 79.51 40.78 63.35
C LYS B 320 80.45 41.42 62.33
N LYS B 321 81.36 42.29 62.78
CA LYS B 321 82.29 42.97 61.89
C LYS B 321 83.25 41.99 61.22
N GLU B 322 83.71 40.99 61.96
CA GLU B 322 84.65 40.02 61.38
C GLU B 322 83.94 39.11 60.38
N VAL B 323 82.73 38.65 60.71
CA VAL B 323 82.00 37.80 59.78
C VAL B 323 81.69 38.56 58.50
N GLU B 324 81.25 39.82 58.63
CA GLU B 324 80.96 40.63 57.45
C GLU B 324 82.23 40.86 56.63
N ARG B 325 83.37 41.07 57.30
CA ARG B 325 84.62 41.23 56.58
C ARG B 325 84.94 39.96 55.79
N ARG B 326 84.78 38.80 56.44
CA ARG B 326 85.05 37.54 55.77
C ARG B 326 84.12 37.35 54.58
N LYS B 327 82.86 37.75 54.72
CA LYS B 327 81.92 37.64 53.62
C LYS B 327 82.35 38.54 52.46
N ALA B 328 82.78 39.77 52.78
CA ALA B 328 83.18 40.71 51.72
C ALA B 328 84.45 40.26 51.01
N GLU B 329 85.37 39.62 51.74
CA GLU B 329 86.67 39.21 51.20
C GLU B 329 86.67 37.76 50.75
N ASP B 330 85.51 37.12 50.75
CA ASP B 330 85.37 35.70 50.31
C ASP B 330 86.31 34.77 51.10
N GLU B 331 86.46 35.00 52.41
CA GLU B 331 87.27 34.16 53.28
C GLU B 331 86.39 33.12 53.94
N LYS B 332 87.03 32.14 54.58
CA LYS B 332 86.31 31.02 55.15
C LYS B 332 85.55 31.44 56.40
N VAL B 333 84.31 30.95 56.51
CA VAL B 333 83.51 31.09 57.72
C VAL B 333 82.96 29.73 58.10
N SER B 334 83.12 29.36 59.37
CA SER B 334 82.43 28.21 59.95
C SER B 334 81.20 28.73 60.69
N PHE B 335 80.01 28.40 60.18
CA PHE B 335 78.75 28.91 60.74
C PHE B 335 78.38 28.12 62.00
N TYR B 336 79.26 28.18 63.00
CA TYR B 336 79.15 27.27 64.14
C TYR B 336 77.95 27.57 65.02
N TRP B 337 77.42 28.78 64.94
CA TRP B 337 76.33 29.24 65.78
C TRP B 337 74.95 28.88 65.24
N THR B 338 74.86 28.28 64.05
CA THR B 338 73.55 27.81 63.59
C THR B 338 72.96 26.82 64.58
N ALA B 339 73.81 26.02 65.24
CA ALA B 339 73.36 25.04 66.22
C ALA B 339 72.90 25.70 67.52
N ASP B 340 72.99 27.03 67.63
CA ASP B 340 72.38 27.72 68.75
C ASP B 340 70.85 27.65 68.70
N TYR B 341 70.27 27.36 67.54
CA TYR B 341 68.83 27.50 67.32
C TYR B 341 68.19 26.19 66.93
N GLY B 342 67.00 25.94 67.47
CA GLY B 342 66.23 24.79 67.04
C GLY B 342 65.68 24.97 65.63
N GLY B 343 65.48 23.85 64.96
CA GLY B 343 64.87 23.82 63.64
C GLY B 343 65.80 24.09 62.49
N VAL B 344 67.10 24.19 62.72
CA VAL B 344 68.07 24.52 61.68
C VAL B 344 68.79 23.25 61.26
N GLY B 345 68.80 22.97 59.96
CA GLY B 345 69.62 21.90 59.42
C GLY B 345 70.39 22.40 58.21
N LYS B 346 71.50 21.72 58.00
CA LYS B 346 72.44 21.97 56.88
C LYS B 346 72.01 21.10 55.71
N ARG B 347 71.82 21.72 54.54
CA ARG B 347 71.50 21.01 53.30
C ARG B 347 72.77 20.41 52.71
N ALA B 348 72.60 19.58 51.68
CA ALA B 348 73.74 18.92 51.02
C ALA B 348 74.68 19.91 50.35
N ASP B 349 74.18 21.11 50.00
CA ASP B 349 74.97 22.07 49.24
C ASP B 349 75.57 23.16 50.11
N GLY B 350 75.53 23.01 51.43
CA GLY B 350 76.17 23.97 52.32
C GLY B 350 75.29 25.13 52.74
N THR B 351 74.11 25.30 52.16
CA THR B 351 73.13 26.23 52.70
C THR B 351 72.32 25.48 53.75
N TYR B 352 71.31 26.15 54.34
CA TYR B 352 70.56 25.58 55.44
C TYR B 352 69.06 25.57 55.15
N PHE B 353 68.33 24.71 55.87
CA PHE B 353 66.88 24.77 55.91
C PHE B 353 66.47 25.16 57.33
N ILE B 354 65.35 25.86 57.43
CA ILE B 354 64.79 26.27 58.72
C ILE B 354 63.37 25.68 58.80
N ARG B 355 63.14 24.82 59.79
CA ARG B 355 61.86 24.15 59.98
C ARG B 355 61.04 24.89 61.03
N ILE B 356 59.85 25.34 60.63
CA ILE B 356 58.92 25.96 61.56
C ILE B 356 58.07 24.83 62.14
N ARG B 357 58.24 24.57 63.44
CA ARG B 357 57.55 23.45 64.06
C ARG B 357 56.06 23.48 63.69
N ALA B 358 55.57 22.35 63.18
CA ALA B 358 54.20 22.30 62.67
C ALA B 358 53.21 22.71 63.76
N LYS B 359 52.22 23.51 63.36
CA LYS B 359 51.15 23.94 64.25
C LYS B 359 50.10 22.85 64.40
N PRO B 360 49.37 22.83 65.52
CA PRO B 360 48.43 21.73 65.78
C PRO B 360 47.44 21.46 64.65
N ALA B 361 47.40 20.18 64.22
CA ALA B 361 46.53 19.67 63.16
C ALA B 361 46.79 20.33 61.82
N GLY B 362 47.93 21.01 61.67
CA GLY B 362 48.24 21.63 60.41
C GLY B 362 47.41 22.85 60.05
N TRP B 363 46.69 23.45 61.00
CA TRP B 363 45.94 24.66 60.71
C TRP B 363 46.85 25.88 60.77
N TYR B 364 46.78 26.72 59.73
CA TYR B 364 47.50 27.98 59.68
C TYR B 364 46.57 29.09 59.26
N SER B 365 46.61 30.23 59.95
CA SER B 365 45.86 31.40 59.49
C SER B 365 46.46 31.94 58.20
N ILE B 366 45.63 32.59 57.38
CA ILE B 366 46.13 33.17 56.14
C ILE B 366 47.22 34.21 56.45
N ASP B 367 46.99 35.00 57.49
CA ASP B 367 47.97 36.03 57.93
C ASP B 367 49.30 35.34 58.29
N GLU B 368 49.24 34.24 59.06
CA GLU B 368 50.44 33.51 59.46
C GLU B 368 51.22 33.00 58.26
N ALA B 369 50.51 32.35 57.32
CA ALA B 369 51.16 31.80 56.14
C ALA B 369 51.80 32.92 55.31
N ARG B 370 51.11 34.06 55.20
CA ARG B 370 51.66 35.17 54.44
C ARG B 370 52.93 35.72 55.09
N GLU B 371 52.97 35.77 56.42
CA GLU B 371 54.17 36.25 57.11
C GLU B 371 55.36 35.32 56.85
N ILE B 372 55.12 34.01 56.89
CA ILE B 372 56.15 33.02 56.61
C ILE B 372 56.68 33.23 55.21
N LEU B 373 55.77 33.44 54.26
CA LEU B 373 56.20 33.66 52.89
C LEU B 373 56.99 34.95 52.72
N GLU B 374 56.67 36.00 53.47
CA GLU B 374 57.42 37.27 53.31
C GLU B 374 58.87 37.07 53.78
N ILE B 375 59.05 36.35 54.89
CA ILE B 375 60.35 36.11 55.49
C ILE B 375 61.18 35.20 54.59
N ALA B 376 60.56 34.15 54.03
CA ALA B 376 61.23 33.30 53.06
C ALA B 376 61.70 34.12 51.87
N GLU B 377 60.84 34.98 51.34
CA GLU B 377 61.21 35.81 50.18
C GLU B 377 62.37 36.74 50.51
N LYS B 378 62.36 37.32 51.71
CA LYS B 378 63.40 38.27 52.09
C LYS B 378 64.79 37.62 52.04
N TYR B 379 64.89 36.35 52.43
CA TYR B 379 66.17 35.66 52.51
C TYR B 379 66.37 34.68 51.37
N ASP B 380 65.60 34.80 50.30
CA ASP B 380 65.72 33.96 49.12
C ASP B 380 65.50 32.48 49.43
N GLY B 381 64.60 32.20 50.37
CA GLY B 381 64.31 30.83 50.73
C GLY B 381 63.22 30.20 49.85
N LYS B 382 63.24 28.88 49.81
CA LYS B 382 62.28 28.09 49.03
C LYS B 382 61.41 27.25 49.97
N ILE B 383 60.12 27.17 49.67
CA ILE B 383 59.13 26.55 50.55
C ILE B 383 59.03 25.06 50.26
N LYS B 384 59.13 24.25 51.32
CA LYS B 384 58.86 22.81 51.29
C LYS B 384 57.91 22.48 52.43
N MET B 385 56.81 21.78 52.11
CA MET B 385 55.84 21.35 53.16
C MET B 385 56.21 19.93 53.59
N THR B 386 56.38 19.70 54.90
CA THR B 386 56.79 18.39 55.38
C THR B 386 55.58 17.48 55.58
N ASN B 387 55.83 16.19 55.72
CA ASN B 387 54.74 15.23 55.96
C ASN B 387 54.29 15.19 57.42
N ARG B 388 54.71 16.15 58.26
CA ARG B 388 54.04 16.45 59.52
C ARG B 388 53.37 17.82 59.50
N GLY B 389 53.20 18.41 58.31
CA GLY B 389 52.44 19.64 58.17
C GLY B 389 53.19 20.91 58.49
N ALA B 390 54.52 20.89 58.38
CA ALA B 390 55.34 22.06 58.71
C ALA B 390 55.81 22.77 57.46
N PHE B 391 55.94 24.09 57.58
CA PHE B 391 56.70 24.88 56.63
C PHE B 391 58.18 24.71 56.90
N GLU B 392 58.94 24.32 55.87
CA GLU B 392 60.40 24.23 55.97
C GLU B 392 60.98 25.05 54.82
N ILE B 393 61.86 26.00 55.15
CA ILE B 393 62.36 26.98 54.19
C ILE B 393 63.80 26.63 53.88
N HIS B 394 64.07 26.38 52.59
CA HIS B 394 65.33 25.87 52.12
C HIS B 394 66.16 26.95 51.42
N GLY B 395 67.48 26.76 51.49
CA GLY B 395 68.40 27.57 50.73
C GLY B 395 68.95 28.78 51.44
N ILE B 396 68.88 28.82 52.77
CA ILE B 396 69.29 29.99 53.51
C ILE B 396 70.79 29.97 53.71
N SER B 397 71.44 31.07 53.37
CA SER B 397 72.89 31.18 53.59
C SER B 397 73.20 31.15 55.08
N GLY B 398 74.33 30.53 55.42
CA GLY B 398 74.81 30.56 56.80
C GLY B 398 74.93 31.97 57.35
N PHE B 399 75.21 32.95 56.48
CA PHE B 399 75.28 34.33 56.93
C PHE B 399 73.92 34.87 57.36
N ASP B 400 72.83 34.28 56.87
CA ASP B 400 71.49 34.78 57.13
C ASP B 400 70.72 33.98 58.16
N VAL B 401 71.22 32.81 58.58
CA VAL B 401 70.40 31.92 59.39
C VAL B 401 69.94 32.61 60.66
N GLU B 402 70.89 33.23 61.38
CA GLU B 402 70.56 33.82 62.68
C GLU B 402 69.56 34.96 62.54
N ALA B 403 69.79 35.88 61.61
CA ALA B 403 68.86 36.99 61.43
C ALA B 403 67.47 36.48 61.07
N MET B 404 67.40 35.47 60.21
CA MET B 404 66.09 34.95 59.79
C MET B 404 65.39 34.26 60.94
N VAL B 405 66.12 33.44 61.70
CA VAL B 405 65.48 32.75 62.82
C VAL B 405 64.96 33.77 63.83
N LEU B 406 65.78 34.78 64.15
CA LEU B 406 65.33 35.80 65.08
C LEU B 406 64.11 36.53 64.54
N GLU B 407 64.09 36.77 63.22
CA GLU B 407 62.92 37.39 62.60
C GLU B 407 61.66 36.51 62.69
N LEU B 408 61.82 35.20 62.47
CA LEU B 408 60.71 34.27 62.69
C LEU B 408 60.24 34.32 64.13
N MET B 409 61.20 34.33 65.09
CA MET B 409 60.86 34.36 66.51
C MET B 409 60.08 35.60 66.91
N GLU B 410 60.50 36.74 66.35
CA GLU B 410 59.87 38.05 66.65
C GLU B 410 58.38 38.04 66.22
N LYS B 411 58.07 37.36 65.12
CA LYS B 411 56.68 37.31 64.60
C LYS B 411 55.85 36.23 65.33
N GLY B 412 56.46 35.58 66.32
CA GLY B 412 55.78 34.57 67.11
C GLY B 412 55.96 33.13 66.64
N PHE B 413 56.77 32.87 65.62
CA PHE B 413 56.95 31.50 65.15
C PHE B 413 58.04 30.81 65.95
N ILE B 414 57.84 29.51 66.13
CA ILE B 414 58.82 28.67 66.87
C ILE B 414 59.52 27.76 65.85
N THR B 415 60.82 27.95 65.67
CA THR B 415 61.58 27.05 64.81
C THR B 415 61.99 25.83 65.64
N GLY B 416 61.82 24.64 65.05
CA GLY B 416 62.12 23.43 65.81
C GLY B 416 61.70 22.15 65.08
N SER B 417 61.30 21.17 65.89
CA SER B 417 60.96 19.82 65.44
C SER B 417 62.14 19.11 64.78
N GLU B 418 63.35 19.34 65.31
CA GLU B 418 64.55 18.68 64.80
C GLU B 418 65.46 18.29 65.97
N GLY B 419 66.21 17.23 65.79
CA GLY B 419 67.12 16.78 66.79
C GLY B 419 66.47 15.86 67.81
N PRO B 420 67.23 15.45 68.83
CA PRO B 420 66.72 14.46 69.79
C PRO B 420 65.80 15.06 70.85
N LEU B 421 64.52 15.17 70.53
CA LEU B 421 63.54 15.83 71.39
C LEU B 421 62.15 15.46 70.89
N VAL B 422 61.12 15.92 71.61
CA VAL B 422 59.73 15.68 71.22
C VAL B 422 59.41 16.54 70.01
N ARG B 423 59.17 15.90 68.88
CA ARG B 423 58.91 16.54 67.61
C ARG B 423 57.49 17.08 67.57
N ALA B 424 57.17 17.86 66.53
CA ALA B 424 55.81 18.40 66.38
C ALA B 424 54.79 17.27 66.42
N THR B 425 53.80 17.41 67.30
CA THR B 425 52.71 16.43 67.41
C THR B 425 51.83 16.50 66.16
N LEU B 426 51.53 15.33 65.59
CA LEU B 426 50.80 15.27 64.32
C LEU B 426 49.36 14.85 64.57
N ALA B 427 48.43 15.73 64.21
CA ALA B 427 47.01 15.49 64.40
C ALA B 427 46.27 15.77 63.10
N CYS B 428 45.17 15.06 62.91
CA CYS B 428 44.28 15.28 61.77
C CYS B 428 43.22 16.32 62.14
N PRO B 429 42.32 16.68 61.21
CA PRO B 429 41.31 17.73 61.53
C PRO B 429 40.30 17.32 62.58
N GLY B 430 39.97 16.02 62.70
CA GLY B 430 39.12 15.57 63.78
C GLY B 430 37.66 16.01 63.74
N GLU B 431 37.05 15.91 64.91
CA GLU B 431 35.61 16.11 65.06
C GLU B 431 35.17 17.49 64.64
N GLY B 432 34.00 17.58 64.02
CA GLY B 432 33.47 18.84 63.57
C GLY B 432 34.11 19.36 62.31
N ASN B 433 35.20 18.75 61.85
CA ASN B 433 35.84 19.10 60.59
C ASN B 433 35.70 17.92 59.64
N CYS B 434 36.37 16.82 59.92
CA CYS B 434 36.18 15.58 59.20
C CYS B 434 34.87 14.91 59.65
N GLY B 435 34.08 14.46 58.69
CA GLY B 435 32.82 13.77 58.98
C GLY B 435 32.98 12.50 59.80
N SER B 436 34.17 11.90 59.79
CA SER B 436 34.42 10.71 60.58
C SER B 436 34.99 11.03 61.96
N GLY B 437 35.25 12.30 62.26
CA GLY B 437 35.98 12.63 63.47
C GLY B 437 35.18 12.39 64.74
N LEU B 438 35.85 11.80 65.73
CA LEU B 438 35.21 11.46 66.99
C LEU B 438 35.70 12.28 68.18
N ILE B 439 36.90 12.86 68.11
CA ILE B 439 37.49 13.59 69.23
C ILE B 439 38.03 14.92 68.71
N ASN B 440 38.24 15.84 69.63
CA ASN B 440 38.79 17.15 69.31
C ASN B 440 40.30 17.01 69.22
N THR B 441 40.76 16.62 68.03
CA THR B 441 42.19 16.37 67.81
C THR B 441 43.00 17.66 67.92
N THR B 442 42.48 18.77 67.40
CA THR B 442 43.24 20.01 67.45
C THR B 442 43.54 20.44 68.88
N GLU B 443 42.51 20.41 69.74
CA GLU B 443 42.70 20.85 71.12
C GLU B 443 43.61 19.90 71.87
N LEU B 444 43.45 18.59 71.66
CA LEU B 444 44.35 17.65 72.33
C LEU B 444 45.78 17.86 71.84
N CYS B 445 45.96 18.10 70.54
CA CYS B 445 47.30 18.36 70.00
C CYS B 445 47.91 19.59 70.64
N LYS B 446 47.11 20.66 70.79
CA LYS B 446 47.59 21.87 71.42
C LYS B 446 48.01 21.60 72.86
N ILE B 447 47.23 20.80 73.59
CA ILE B 447 47.55 20.47 74.98
C ILE B 447 48.87 19.73 75.06
N LEU B 448 49.06 18.73 74.20
CA LEU B 448 50.30 17.97 74.22
C LEU B 448 51.48 18.86 73.85
N GLU B 449 51.30 19.72 72.85
CA GLU B 449 52.38 20.65 72.48
C GLU B 449 52.71 21.59 73.63
N ASP B 450 51.69 22.14 74.30
CA ASP B 450 51.94 23.06 75.40
C ASP B 450 52.75 22.42 76.52
N ASN B 451 52.55 21.12 76.75
CA ASN B 451 53.21 20.43 77.84
C ASN B 451 54.59 19.88 77.48
N PHE B 452 54.82 19.51 76.22
CA PHE B 452 56.01 18.73 75.86
C PHE B 452 56.81 19.24 74.66
N LYS B 453 56.42 20.32 74.01
CA LYS B 453 57.12 20.70 72.79
C LYS B 453 58.61 20.93 73.08
N GLU B 454 59.45 20.37 72.22
CA GLU B 454 60.91 20.51 72.27
C GLU B 454 61.52 19.94 73.56
N HIS B 455 60.80 19.10 74.31
CA HIS B 455 61.40 18.48 75.49
C HIS B 455 62.47 17.49 75.03
N PRO B 456 63.63 17.46 75.68
CA PRO B 456 64.68 16.55 75.22
C PRO B 456 64.33 15.09 75.45
N ALA B 457 64.87 14.22 74.60
CA ALA B 457 64.74 12.78 74.71
C ALA B 457 66.03 12.15 74.19
N PRO B 458 66.31 10.89 74.52
CA PRO B 458 67.53 10.27 73.97
C PRO B 458 67.62 10.27 72.45
N TYR B 459 66.48 10.30 71.76
CA TYR B 459 66.40 10.30 70.31
C TYR B 459 65.08 10.96 69.96
N LYS B 460 64.82 11.18 68.67
CA LYS B 460 63.57 11.78 68.26
C LYS B 460 62.38 10.98 68.80
N PHE B 461 61.33 11.72 69.19
CA PHE B 461 60.19 11.18 69.90
C PHE B 461 58.97 11.82 69.27
N LYS B 462 58.09 11.01 68.68
CA LYS B 462 57.02 11.51 67.83
C LYS B 462 55.68 11.03 68.33
N ILE B 463 54.73 11.96 68.50
CA ILE B 463 53.38 11.68 68.95
C ILE B 463 52.40 11.96 67.81
N ALA B 464 51.40 11.09 67.67
CA ALA B 464 50.34 11.32 66.69
C ALA B 464 48.96 11.08 67.30
N ILE B 465 47.99 11.88 66.83
CA ILE B 465 46.62 11.86 67.31
C ILE B 465 45.68 11.76 66.10
N SER B 466 45.00 10.63 65.95
CA SER B 466 43.96 10.54 64.91
C SER B 466 42.57 10.72 65.53
N GLY B 467 41.67 11.29 64.72
CA GLY B 467 40.32 11.57 65.20
C GLY B 467 39.42 10.35 65.26
N CYS B 468 39.80 9.27 64.58
CA CYS B 468 39.00 8.07 64.51
C CYS B 468 39.94 6.91 64.13
N PRO B 469 39.43 5.69 64.10
CA PRO B 469 40.29 4.52 63.84
C PRO B 469 40.82 4.40 62.43
N ASN B 470 40.42 5.26 61.48
CA ASN B 470 41.09 5.25 60.18
C ASN B 470 42.57 5.62 60.31
N LYS B 471 42.93 6.35 61.36
CA LYS B 471 44.32 6.51 61.78
C LYS B 471 45.18 7.08 60.63
N CYS B 472 44.65 8.13 60.01
CA CYS B 472 45.33 8.76 58.87
C CYS B 472 46.73 9.23 59.22
N VAL B 473 46.96 9.65 60.46
CA VAL B 473 48.27 10.18 60.86
C VAL B 473 49.13 9.12 61.51
N ARG B 474 48.66 7.84 61.52
CA ARG B 474 49.42 6.64 61.88
C ARG B 474 49.83 6.58 63.34
N PRO B 475 48.89 6.80 64.27
CA PRO B 475 49.25 6.70 65.69
C PRO B 475 49.67 5.30 66.13
N GLN B 476 49.31 4.24 65.40
CA GLN B 476 49.68 2.91 65.84
C GLN B 476 51.14 2.56 65.55
N ILE B 477 51.89 3.46 64.88
CA ILE B 477 53.32 3.31 64.68
C ILE B 477 54.06 4.59 65.04
N HIS B 478 53.66 5.22 66.14
CA HIS B 478 54.32 6.40 66.70
C HIS B 478 54.83 6.08 68.09
N ASP B 479 55.80 6.87 68.58
CA ASP B 479 56.31 6.64 69.93
C ASP B 479 55.17 6.66 70.95
N ILE B 480 54.27 7.64 70.83
CA ILE B 480 52.99 7.64 71.51
C ILE B 480 51.91 7.89 70.46
N GLY B 481 50.86 7.09 70.48
CA GLY B 481 49.73 7.28 69.58
C GLY B 481 48.40 7.33 70.30
N ILE B 482 47.52 8.21 69.83
CA ILE B 482 46.17 8.33 70.34
C ILE B 482 45.22 8.24 69.15
N ALA B 483 44.15 7.47 69.31
CA ALA B 483 43.10 7.36 68.29
C ALA B 483 41.75 7.48 68.96
N GLY B 484 40.90 8.38 68.46
CA GLY B 484 39.54 8.45 68.96
C GLY B 484 38.75 7.21 68.57
N VAL B 485 37.96 6.71 69.52
CA VAL B 485 37.12 5.54 69.29
C VAL B 485 35.74 5.75 69.91
N LYS B 486 34.75 5.04 69.34
CA LYS B 486 33.37 5.07 69.79
C LYS B 486 32.77 3.72 69.37
N PHE B 487 32.63 2.81 70.34
CA PHE B 487 32.15 1.45 70.09
C PHE B 487 30.63 1.38 70.24
N PRO B 488 29.96 0.61 69.41
CA PRO B 488 28.49 0.53 69.47
C PRO B 488 28.04 -0.61 70.37
N VAL B 489 26.79 -0.52 70.83
CA VAL B 489 26.06 -1.64 71.39
C VAL B 489 24.63 -1.54 70.89
N VAL B 490 24.10 -2.63 70.33
CA VAL B 490 22.76 -2.62 69.77
C VAL B 490 21.73 -2.49 70.89
N ASN B 491 20.75 -1.60 70.64
CA ASN B 491 19.56 -1.41 71.51
C ASN B 491 18.51 -2.36 70.93
N GLU B 492 18.27 -3.49 71.60
CA GLU B 492 17.34 -4.56 71.11
C GLU B 492 15.89 -4.08 70.95
N GLU B 493 15.48 -3.05 71.69
CA GLU B 493 14.08 -2.53 71.61
C GLU B 493 13.84 -1.71 70.33
N ASN B 494 14.88 -1.10 69.77
CA ASN B 494 14.74 -0.23 68.62
C ASN B 494 15.22 -0.89 67.35
N CYS B 495 16.28 -1.70 67.39
CA CYS B 495 16.81 -2.28 66.14
C CYS B 495 15.76 -3.17 65.49
N ASN B 496 15.57 -3.00 64.18
CA ASN B 496 14.57 -3.79 63.48
C ASN B 496 15.12 -4.59 62.31
N GLY B 497 16.46 -4.73 62.21
CA GLY B 497 17.09 -5.51 61.15
C GLY B 497 17.00 -4.90 59.77
N CYS B 498 16.78 -3.59 59.71
CA CYS B 498 16.67 -2.86 58.42
C CYS B 498 17.89 -3.14 57.52
N GLY B 499 19.09 -3.27 58.09
CA GLY B 499 20.28 -3.62 57.34
C GLY B 499 21.22 -2.48 56.99
N ARG B 500 20.83 -1.24 57.25
CA ARG B 500 21.60 -0.09 56.79
C ARG B 500 22.99 -0.03 57.42
N CYS B 501 23.09 -0.25 58.74
CA CYS B 501 24.38 -0.14 59.41
C CYS B 501 25.44 -1.05 58.79
N ALA B 502 25.07 -2.27 58.38
CA ALA B 502 26.06 -3.18 57.84
C ALA B 502 26.70 -2.61 56.57
N GLU B 503 25.96 -1.76 55.84
CA GLU B 503 26.47 -1.20 54.59
C GLU B 503 27.61 -0.21 54.81
N VAL B 504 27.64 0.46 55.96
CA VAL B 504 28.69 1.46 56.20
C VAL B 504 29.90 0.89 56.92
N CYS B 505 29.86 -0.38 57.32
CA CYS B 505 30.98 -0.99 58.05
C CYS B 505 31.87 -1.70 57.05
N LYS B 506 32.94 -1.02 56.64
CA LYS B 506 33.79 -1.54 55.55
C LYS B 506 34.52 -2.81 55.96
N ILE B 507 34.78 -3.00 57.26
CA ILE B 507 35.45 -4.21 57.70
C ILE B 507 34.48 -5.34 58.00
N GLU B 508 33.17 -5.12 57.79
CA GLU B 508 32.15 -6.16 57.85
C GLU B 508 32.06 -6.82 59.23
N ALA B 509 31.95 -5.99 60.26
CA ALA B 509 31.83 -6.49 61.64
C ALA B 509 30.39 -6.72 62.07
N ILE B 510 29.41 -6.41 61.21
CA ILE B 510 28.01 -6.40 61.60
C ILE B 510 27.27 -7.56 60.96
N ASP B 511 26.51 -8.28 61.79
CA ASP B 511 25.62 -9.40 61.39
C ASP B 511 24.16 -8.93 61.45
N ILE B 512 23.47 -8.83 60.30
CA ILE B 512 22.03 -8.56 60.25
C ILE B 512 21.29 -9.89 60.31
N ARG B 513 20.45 -10.07 61.33
CA ARG B 513 19.75 -11.34 61.51
C ARG B 513 18.29 -11.10 61.87
N GLY B 514 17.38 -11.57 61.03
CA GLY B 514 15.96 -11.43 61.32
C GLY B 514 15.60 -9.97 61.54
N GLU B 515 15.06 -9.66 62.72
CA GLU B 515 14.67 -8.31 63.08
C GLU B 515 15.68 -7.65 64.03
N THR B 516 16.95 -8.03 63.96
CA THR B 516 17.95 -7.44 64.85
C THR B 516 19.30 -7.50 64.16
N SER B 517 20.32 -7.03 64.87
CA SER B 517 21.67 -6.99 64.37
C SER B 517 22.62 -7.24 65.53
N TYR B 518 23.85 -7.58 65.17
CA TYR B 518 24.89 -7.89 66.13
C TYR B 518 26.19 -7.23 65.67
N THR B 519 27.12 -7.08 66.60
CA THR B 519 28.45 -6.55 66.34
C THR B 519 29.48 -7.61 66.72
N ASN B 520 30.43 -7.88 65.82
CA ASN B 520 31.56 -8.76 66.13
C ASN B 520 32.67 -7.91 66.72
N TYR B 521 32.80 -7.94 68.05
CA TYR B 521 33.77 -7.10 68.74
C TYR B 521 35.21 -7.58 68.60
N ASN B 522 35.44 -8.76 68.02
CA ASN B 522 36.80 -9.14 67.68
C ASN B 522 37.26 -8.48 66.37
N VAL B 523 36.35 -7.82 65.65
CA VAL B 523 36.67 -7.10 64.42
C VAL B 523 36.39 -5.61 64.54
N CYS B 524 35.27 -5.24 65.17
CA CYS B 524 34.88 -3.84 65.30
C CYS B 524 36.02 -2.98 65.85
N ILE B 525 36.30 -1.86 65.16
CA ILE B 525 37.39 -0.97 65.56
C ILE B 525 36.87 0.31 66.22
N GLY B 526 35.57 0.40 66.47
CA GLY B 526 35.05 1.54 67.17
C GLY B 526 35.09 2.84 66.40
N CYS B 527 34.71 2.81 65.12
CA CYS B 527 34.63 4.03 64.32
C CYS B 527 33.35 4.82 64.54
N GLY B 528 32.32 4.20 65.13
CA GLY B 528 31.09 4.90 65.31
C GLY B 528 30.21 5.05 64.08
N LYS B 529 30.65 4.58 62.91
N LYS B 529 30.65 4.57 62.92
CA LYS B 529 29.85 4.81 61.69
CA LYS B 529 29.85 4.81 61.69
C LYS B 529 28.42 4.23 61.80
C LYS B 529 28.42 4.23 61.79
N CYS B 530 28.27 2.99 62.26
CA CYS B 530 26.94 2.39 62.37
C CYS B 530 26.01 3.22 63.22
N ILE B 531 26.52 3.81 64.31
CA ILE B 531 25.66 4.63 65.19
C ILE B 531 25.09 5.81 64.44
N LYS B 532 25.91 6.45 63.62
CA LYS B 532 25.50 7.65 62.88
C LYS B 532 24.56 7.28 61.73
N ALA B 533 24.75 6.11 61.13
CA ALA B 533 23.97 5.71 59.96
C ALA B 533 22.62 5.15 60.30
N CYS B 534 22.44 4.66 61.52
CA CYS B 534 21.18 4.02 61.87
C CYS B 534 20.05 5.04 61.87
N PRO B 535 18.95 4.79 61.16
CA PRO B 535 17.81 5.71 61.21
C PRO B 535 16.78 5.42 62.31
N ASN B 536 17.02 4.40 63.13
CA ASN B 536 16.01 3.88 64.05
C ASN B 536 16.47 3.87 65.50
N GLU B 537 17.53 4.63 65.81
CA GLU B 537 18.11 4.69 67.19
C GLU B 537 18.37 3.27 67.69
N GLY B 538 18.92 2.41 66.82
CA GLY B 538 19.16 1.02 67.12
C GLY B 538 20.53 0.72 67.69
N ARG B 539 21.46 1.68 67.68
CA ARG B 539 22.80 1.49 68.21
C ARG B 539 23.13 2.62 69.17
N ASP B 540 23.52 2.27 70.38
CA ASP B 540 23.97 3.20 71.40
C ASP B 540 25.49 3.11 71.53
N VAL B 541 26.05 3.98 72.36
CA VAL B 541 27.50 3.98 72.61
C VAL B 541 27.79 3.00 73.73
N LYS B 542 28.65 2.01 73.42
CA LYS B 542 29.13 1.07 74.45
C LYS B 542 30.27 1.69 75.25
N GLU B 543 31.22 2.34 74.57
CA GLU B 543 32.43 2.88 75.18
C GLU B 543 33.03 3.87 74.18
N GLU B 544 33.61 4.97 74.69
CA GLU B 544 34.23 5.94 73.80
C GLU B 544 35.35 6.69 74.53
N GLY B 545 36.32 7.16 73.77
CA GLY B 545 37.39 7.97 74.35
C GLY B 545 38.65 7.92 73.50
N PHE B 546 39.79 8.13 74.18
CA PHE B 546 41.10 8.21 73.56
C PHE B 546 41.80 6.87 73.73
N MET B 547 41.93 6.11 72.65
CA MET B 547 42.69 4.86 72.68
C MET B 547 44.18 5.16 72.53
N VAL B 548 45.02 4.51 73.35
CA VAL B 548 46.43 4.85 73.44
C VAL B 548 47.31 3.67 73.03
N TYR B 549 48.40 3.98 72.31
CA TYR B 549 49.43 3.06 71.87
C TYR B 549 50.79 3.60 72.32
N VAL B 550 51.70 2.71 72.71
CA VAL B 550 53.02 3.12 73.19
C VAL B 550 54.12 2.29 72.54
N GLY B 551 55.10 2.96 71.97
CA GLY B 551 56.32 2.31 71.53
C GLY B 551 56.39 1.92 70.07
N GLY B 552 55.75 2.67 69.17
CA GLY B 552 55.85 2.41 67.76
C GLY B 552 56.83 3.36 67.06
N LYS B 553 57.07 3.08 65.78
CA LYS B 553 57.94 3.94 64.92
C LYS B 553 57.87 3.48 63.47
N THR B 554 58.30 4.38 62.58
CA THR B 554 58.57 4.05 61.15
C THR B 554 60.03 4.43 60.89
N GLY B 555 60.40 4.62 59.61
CA GLY B 555 61.80 4.97 59.32
C GLY B 555 62.57 3.73 58.90
N ARG B 556 63.72 3.49 59.52
CA ARG B 556 64.55 2.29 59.18
C ARG B 556 63.77 1.00 59.47
N GLU B 557 62.95 0.97 60.53
CA GLU B 557 62.13 -0.23 60.84
C GLU B 557 60.69 0.21 61.12
N VAL B 558 59.73 -0.68 60.86
CA VAL B 558 58.31 -0.40 61.18
C VAL B 558 57.98 -1.19 62.45
N ILE B 559 57.54 -0.49 63.49
CA ILE B 559 57.18 -1.19 64.76
C ILE B 559 55.82 -0.65 65.19
N GLU B 560 54.87 -1.54 65.44
CA GLU B 560 53.57 -1.13 65.96
C GLU B 560 53.65 -1.02 67.48
N GLY B 561 53.18 0.09 68.01
CA GLY B 561 53.17 0.27 69.44
C GLY B 561 52.27 -0.72 70.15
N VAL B 562 52.54 -0.89 71.44
CA VAL B 562 51.71 -1.73 72.29
C VAL B 562 50.39 -1.03 72.54
N SER B 563 49.28 -1.70 72.22
CA SER B 563 47.96 -1.18 72.57
C SER B 563 47.82 -1.13 74.09
N MET B 564 47.33 0.00 74.61
CA MET B 564 47.21 0.17 76.04
C MET B 564 45.76 0.01 76.48
N LYS B 565 44.99 1.08 76.43
CA LYS B 565 43.61 1.14 76.87
C LYS B 565 43.14 2.56 76.60
N LEU B 566 41.84 2.81 76.83
CA LEU B 566 41.35 4.19 76.77
C LEU B 566 41.84 4.98 77.99
N MET B 567 42.24 6.23 77.76
CA MET B 567 42.78 7.05 78.84
C MET B 567 42.22 8.47 78.75
N SER B 568 42.12 9.12 79.91
CA SER B 568 41.74 10.52 79.97
C SER B 568 42.92 11.39 79.56
N VAL B 569 42.63 12.66 79.27
CA VAL B 569 43.70 13.58 78.90
C VAL B 569 44.71 13.70 80.03
N GLU B 570 44.24 13.76 81.27
CA GLU B 570 45.15 13.86 82.41
C GLU B 570 46.05 12.63 82.50
N GLU B 571 45.49 11.45 82.28
CA GLU B 571 46.29 10.23 82.28
C GLU B 571 47.30 10.24 81.13
N ILE B 572 46.90 10.73 79.97
CA ILE B 572 47.83 10.79 78.82
C ILE B 572 48.99 11.72 79.13
N LEU B 573 48.72 12.86 79.75
CA LEU B 573 49.81 13.77 80.13
C LEU B 573 50.76 13.09 81.13
N ASN B 574 50.20 12.40 82.12
CA ASN B 574 51.01 11.64 83.07
C ASN B 574 51.82 10.58 82.35
N LEU B 575 51.17 9.85 81.44
CA LEU B 575 51.84 8.77 80.73
C LEU B 575 53.03 9.27 79.93
N ILE B 576 52.83 10.33 79.14
CA ILE B 576 53.91 10.80 78.27
C ILE B 576 55.10 11.24 79.10
N ASP B 577 54.84 11.96 80.21
CA ASP B 577 55.89 12.40 81.12
C ASP B 577 56.68 11.20 81.64
N LYS B 578 55.97 10.16 82.06
CA LYS B 578 56.64 9.01 82.66
C LYS B 578 57.33 8.13 81.62
N VAL B 579 56.75 7.99 80.42
CA VAL B 579 57.43 7.26 79.36
C VAL B 579 58.78 7.90 79.07
N LEU B 580 58.83 9.24 79.00
CA LEU B 580 60.07 9.94 78.71
C LEU B 580 61.11 9.71 79.80
N ILE B 581 60.66 9.65 81.06
CA ILE B 581 61.56 9.41 82.17
C ILE B 581 62.15 8.01 82.09
N VAL B 582 61.31 7.00 81.85
CA VAL B 582 61.80 5.62 81.81
C VAL B 582 62.65 5.41 80.56
N TYR B 583 62.28 6.06 79.44
CA TYR B 583 63.12 6.03 78.25
C TYR B 583 64.52 6.58 78.55
N HIS B 584 64.58 7.74 79.19
N HIS B 584 64.58 7.73 79.21
CA HIS B 584 65.87 8.30 79.60
CA HIS B 584 65.88 8.30 79.59
C HIS B 584 66.63 7.34 80.50
C HIS B 584 66.64 7.38 80.54
N LYS B 585 65.93 6.72 81.46
CA LYS B 585 66.59 5.87 82.42
C LYS B 585 67.32 4.72 81.74
N TYR B 586 66.67 4.10 80.75
CA TYR B 586 67.24 2.85 80.16
C TYR B 586 67.97 3.05 78.82
N ALA B 587 67.84 4.22 78.19
CA ALA B 587 68.51 4.42 76.90
C ALA B 587 70.02 4.45 77.12
N LYS B 588 70.76 3.77 76.23
CA LYS B 588 72.25 3.72 76.36
C LYS B 588 72.91 4.36 75.13
N LYS B 589 72.17 4.58 74.06
CA LYS B 589 72.74 5.09 72.81
C LYS B 589 71.93 6.27 72.33
N PRO B 590 72.22 7.46 72.86
CA PRO B 590 71.57 8.68 72.34
C PRO B 590 71.72 8.77 70.82
N GLN B 591 70.66 9.21 70.17
CA GLN B 591 70.61 9.43 68.72
C GLN B 591 70.65 8.14 67.90
N ARG B 592 70.49 6.97 68.55
CA ARG B 592 70.43 5.68 67.84
C ARG B 592 69.27 4.81 68.34
N GLU B 593 68.96 4.87 69.63
CA GLU B 593 67.95 4.03 70.26
C GLU B 593 66.63 4.81 70.38
N ARG B 594 65.66 4.43 69.56
CA ARG B 594 64.30 4.93 69.75
C ARG B 594 63.67 4.27 70.97
N LEU B 595 62.56 4.85 71.42
CA LEU B 595 61.79 4.26 72.50
C LEU B 595 61.52 2.78 72.24
N ALA B 596 61.08 2.46 71.01
CA ALA B 596 60.77 1.07 70.67
C ALA B 596 61.98 0.17 70.88
N ALA B 597 63.18 0.67 70.58
CA ALA B 597 64.39 -0.13 70.74
C ALA B 597 64.68 -0.39 72.21
N VAL B 598 64.47 0.62 73.05
CA VAL B 598 64.69 0.46 74.49
C VAL B 598 63.69 -0.54 75.07
N MET B 599 62.41 -0.44 74.68
CA MET B 599 61.41 -1.40 75.15
C MET B 599 61.78 -2.80 74.73
N ALA B 600 62.22 -2.97 73.48
CA ALA B 600 62.57 -4.31 73.00
C ALA B 600 63.74 -4.87 73.79
N ARG B 601 64.70 -4.02 74.13
CA ARG B 601 65.91 -4.47 74.80
C ARG B 601 65.62 -4.92 76.21
N ILE B 602 64.84 -4.16 76.97
CA ILE B 602 64.64 -4.47 78.38
C ILE B 602 63.38 -5.30 78.63
N GLY B 603 62.49 -5.44 77.64
CA GLY B 603 61.24 -6.14 77.82
C GLY B 603 60.08 -5.17 77.84
N LYS B 604 59.10 -5.37 76.96
CA LYS B 604 58.00 -4.41 76.89
C LYS B 604 57.23 -4.34 78.19
N GLY B 605 56.98 -5.51 78.81
CA GLY B 605 56.30 -5.53 80.09
C GLY B 605 57.09 -4.86 81.19
N LYS B 606 58.40 -5.11 81.25
CA LYS B 606 59.22 -4.43 82.25
C LYS B 606 59.12 -2.91 82.08
N PHE B 607 59.25 -2.44 80.84
CA PHE B 607 59.22 -1.00 80.60
C PHE B 607 57.90 -0.40 81.02
N LEU B 608 56.79 -0.97 80.54
CA LEU B 608 55.47 -0.40 80.81
C LEU B 608 55.10 -0.53 82.29
N GLU B 609 55.55 -1.60 82.96
CA GLU B 609 55.31 -1.72 84.40
C GLU B 609 55.96 -0.57 85.16
N GLU B 610 57.19 -0.20 84.77
CA GLU B 610 57.87 0.91 85.48
C GLU B 610 57.14 2.22 85.19
N VAL B 611 56.67 2.39 83.96
CA VAL B 611 55.92 3.64 83.62
C VAL B 611 54.68 3.72 84.52
N LYS B 612 53.95 2.60 84.64
CA LYS B 612 52.72 2.54 85.47
C LYS B 612 53.05 2.91 86.92
N GLU B 613 54.16 2.38 87.46
CA GLU B 613 54.54 2.67 88.84
C GLU B 613 54.77 4.17 89.03
N LEU B 614 55.50 4.80 88.10
CA LEU B 614 55.76 6.24 88.21
C LEU B 614 54.47 7.04 88.08
N MET B 615 53.56 6.58 87.22
CA MET B 615 52.27 7.26 87.05
C MET B 615 51.46 7.25 88.34
N GLU B 616 51.53 6.14 89.08
CA GLU B 616 50.77 6.00 90.33
C GLU B 616 51.37 6.84 91.46
N GLN B 617 52.68 7.07 91.43
CA GLN B 617 53.31 7.96 92.40
C GLN B 617 52.91 9.41 92.14
N ASN B 618 52.59 9.74 90.89
CA ASN B 618 52.22 11.09 90.45
C ASN B 618 51.17 11.77 91.33
N MET C 1 7.16 -37.46 57.51
CA MET C 1 7.58 -36.87 58.80
C MET C 1 8.68 -35.82 58.54
N TYR C 2 8.65 -34.70 59.28
CA TYR C 2 9.64 -33.66 59.11
C TYR C 2 11.02 -34.20 59.46
N GLU C 3 12.01 -33.88 58.64
CA GLU C 3 13.37 -34.35 58.87
C GLU C 3 13.98 -33.68 60.10
N TRP C 4 14.51 -34.51 61.00
CA TRP C 4 15.03 -34.02 62.29
C TRP C 4 16.15 -34.96 62.71
N LYS C 5 17.38 -34.42 62.79
CA LYS C 5 18.57 -35.25 62.97
C LYS C 5 18.50 -36.11 64.23
N LEU C 6 17.91 -35.56 65.30
CA LEU C 6 17.85 -36.30 66.61
C LEU C 6 16.98 -37.55 66.47
N ASN C 7 16.44 -37.80 65.27
CA ASN C 7 15.65 -39.03 64.97
C ASN C 7 16.56 -40.27 65.02
N ASP C 8 17.86 -40.11 64.74
CA ASP C 8 18.86 -41.20 64.84
C ASP C 8 18.91 -41.71 66.29
N ILE C 9 18.78 -40.83 67.28
CA ILE C 9 18.75 -41.21 68.73
C ILE C 9 17.37 -41.74 69.11
N VAL C 10 16.29 -40.99 68.82
CA VAL C 10 14.96 -41.37 69.25
C VAL C 10 14.54 -42.66 68.56
N ASP C 11 14.82 -42.80 67.26
CA ASP C 11 14.28 -43.97 66.57
C ASP C 11 15.05 -45.26 66.84
N ASN C 12 16.21 -45.20 67.48
CA ASN C 12 17.02 -46.38 67.75
C ASN C 12 17.04 -46.74 69.22
N GLY C 13 16.11 -46.22 70.01
CA GLY C 13 16.00 -46.59 71.41
C GLY C 13 17.10 -46.07 72.32
N ILE C 14 17.81 -45.02 71.89
CA ILE C 14 18.87 -44.43 72.70
C ILE C 14 18.40 -43.21 73.48
N CYS C 15 17.29 -42.59 73.07
CA CYS C 15 16.77 -41.39 73.70
C CYS C 15 16.36 -41.67 75.15
N ALA C 16 16.85 -40.84 76.06
CA ALA C 16 16.52 -40.92 77.47
C ALA C 16 15.13 -40.39 77.81
N LYS C 17 14.44 -39.72 76.87
CA LYS C 17 13.17 -39.05 77.16
C LYS C 17 13.31 -38.10 78.34
N CYS C 18 14.41 -37.34 78.33
CA CYS C 18 14.70 -36.30 79.31
C CYS C 18 13.96 -35.01 78.99
N GLY C 19 13.80 -34.67 77.70
CA GLY C 19 13.12 -33.44 77.32
C GLY C 19 14.00 -32.22 77.12
N THR C 20 15.32 -32.36 77.24
CA THR C 20 16.19 -31.20 77.14
C THR C 20 16.09 -30.56 75.76
N CYS C 21 16.14 -31.38 74.71
CA CYS C 21 16.18 -30.87 73.35
C CYS C 21 14.99 -29.98 73.02
N THR C 22 13.81 -30.27 73.56
CA THR C 22 12.61 -29.55 73.12
C THR C 22 12.43 -28.21 73.81
N VAL C 23 13.27 -27.84 74.78
CA VAL C 23 13.13 -26.52 75.39
C VAL C 23 14.06 -25.47 74.78
N VAL C 24 15.02 -25.85 73.93
CA VAL C 24 16.03 -24.91 73.46
C VAL C 24 15.72 -24.33 72.09
N CYS C 25 14.64 -24.75 71.44
CA CYS C 25 14.43 -24.34 70.06
C CYS C 25 14.05 -22.86 69.99
N PRO C 26 14.82 -22.01 69.29
CA PRO C 26 14.47 -20.58 69.26
C PRO C 26 13.26 -20.27 68.39
N ASN C 27 12.79 -21.24 67.59
CA ASN C 27 11.58 -21.06 66.80
C ASN C 27 10.36 -21.69 67.45
N GLY C 28 10.54 -22.36 68.58
CA GLY C 28 9.43 -22.99 69.29
C GLY C 28 8.72 -24.07 68.51
N ILE C 29 9.43 -24.79 67.64
CA ILE C 29 8.78 -25.81 66.81
C ILE C 29 9.03 -27.21 67.34
N LEU C 30 9.55 -27.33 68.55
CA LEU C 30 9.67 -28.61 69.23
C LEU C 30 8.76 -28.65 70.45
N THR C 31 8.07 -29.78 70.61
CA THR C 31 7.28 -30.07 71.79
C THR C 31 7.58 -31.50 72.21
N PHE C 32 7.32 -31.80 73.48
CA PHE C 32 7.55 -33.19 73.97
C PHE C 32 6.22 -33.80 74.42
N GLU C 33 5.79 -34.86 73.72
CA GLU C 33 4.55 -35.61 74.07
C GLU C 33 5.02 -36.95 74.64
N ASP C 34 5.04 -38.01 73.82
CA ASP C 34 5.57 -39.31 74.26
C ASP C 34 7.08 -39.33 73.94
N ARG C 35 7.49 -38.47 73.03
CA ARG C 35 8.90 -38.33 72.56
C ARG C 35 9.10 -36.91 71.99
N PRO C 36 10.34 -36.46 71.72
CA PRO C 36 10.57 -35.14 71.12
C PRO C 36 9.84 -35.09 69.77
N LYS C 37 9.15 -33.99 69.48
CA LYS C 37 8.37 -33.91 68.22
C LYS C 37 8.47 -32.53 67.56
N LEU C 38 8.76 -32.53 66.26
CA LEU C 38 8.76 -31.31 65.41
C LEU C 38 7.32 -31.02 64.98
N THR C 39 6.83 -29.82 65.25
CA THR C 39 5.47 -29.42 64.86
C THR C 39 5.41 -28.78 63.48
N GLU C 40 6.56 -28.46 62.88
CA GLU C 40 6.58 -27.93 61.53
C GLU C 40 7.99 -28.12 60.96
N GLU C 41 8.14 -27.80 59.68
CA GLU C 41 9.42 -28.07 59.03
C GLU C 41 10.53 -27.26 59.68
N CYS C 42 11.65 -27.92 59.94
CA CYS C 42 12.86 -27.27 60.40
C CYS C 42 13.79 -27.09 59.22
N LEU C 43 14.14 -25.83 58.91
CA LEU C 43 14.99 -25.56 57.76
C LEU C 43 16.39 -26.15 57.91
N ARG C 44 16.85 -26.36 59.13
CA ARG C 44 18.13 -26.98 59.41
C ARG C 44 18.04 -28.51 59.46
N LYS C 45 16.83 -29.06 59.33
CA LYS C 45 16.60 -30.50 59.48
C LYS C 45 17.18 -31.02 60.80
N GLY C 46 17.06 -30.21 61.85
CA GLY C 46 17.52 -30.60 63.18
C GLY C 46 19.01 -30.47 63.42
N ASN C 47 19.75 -29.86 62.49
CA ASN C 47 21.18 -29.59 62.70
C ASN C 47 21.27 -28.28 63.46
N GLY C 48 21.18 -28.38 64.78
CA GLY C 48 21.16 -27.20 65.63
C GLY C 48 21.18 -27.49 67.11
N MET C 49 20.64 -26.55 67.88
CA MET C 49 20.82 -26.54 69.32
C MET C 49 20.18 -27.74 70.01
N CYS C 50 19.00 -28.19 69.53
CA CYS C 50 18.42 -29.44 70.03
C CYS C 50 19.44 -30.57 70.06
N PHE C 51 20.02 -30.89 68.90
CA PHE C 51 21.03 -31.96 68.80
C PHE C 51 22.24 -31.65 69.69
N GLU C 52 22.64 -30.39 69.76
CA GLU C 52 23.85 -30.01 70.45
C GLU C 52 23.73 -30.09 71.96
N VAL C 53 22.51 -30.07 72.52
CA VAL C 53 22.34 -30.22 73.97
C VAL C 53 22.03 -31.65 74.36
N CYS C 54 21.91 -32.58 73.41
CA CYS C 54 21.42 -33.91 73.75
C CYS C 54 22.48 -34.70 74.49
N PRO C 55 22.21 -35.20 75.71
CA PRO C 55 23.25 -35.91 76.46
C PRO C 55 23.54 -37.31 75.95
N ARG C 56 22.74 -37.83 75.01
CA ARG C 56 22.96 -39.14 74.40
C ARG C 56 23.70 -39.06 73.07
N VAL C 57 23.97 -37.85 72.58
CA VAL C 57 24.93 -37.69 71.48
C VAL C 57 26.35 -37.63 72.03
N SER C 58 26.55 -36.78 73.02
CA SER C 58 27.85 -36.59 73.65
C SER C 58 27.60 -36.07 75.04
N SER C 59 28.23 -36.71 76.05
CA SER C 59 27.96 -36.34 77.43
C SER C 59 28.49 -34.96 77.76
N GLY C 60 29.64 -34.58 77.18
CA GLY C 60 30.35 -33.38 77.59
C GLY C 60 30.89 -33.42 79.01
N LYS C 61 30.94 -34.59 79.64
CA LYS C 61 31.13 -34.64 81.09
C LYS C 61 32.54 -34.21 81.50
N TYR C 62 33.58 -34.57 80.73
CA TYR C 62 34.93 -34.17 81.13
C TYR C 62 35.06 -32.65 81.18
N GLN C 63 34.63 -31.96 80.12
CA GLN C 63 34.79 -30.51 80.09
C GLN C 63 33.90 -29.83 81.13
N ILE C 64 32.74 -30.41 81.43
CA ILE C 64 31.91 -29.85 82.49
C ILE C 64 32.56 -30.07 83.87
N LYS C 65 33.02 -31.30 84.14
CA LYS C 65 33.48 -31.61 85.49
C LYS C 65 34.74 -30.83 85.87
N ILE C 66 35.65 -30.56 84.93
CA ILE C 66 36.88 -29.86 85.31
C ILE C 66 36.59 -28.41 85.69
N ARG C 67 35.42 -27.90 85.30
CA ARG C 67 34.94 -26.56 85.63
C ARG C 67 34.09 -26.54 86.90
N GLU C 68 33.18 -27.51 87.07
CA GLU C 68 32.34 -27.54 88.27
C GLU C 68 33.17 -27.97 89.49
N LYS C 69 34.21 -28.77 89.27
CA LYS C 69 35.10 -29.26 90.34
C LYS C 69 34.27 -29.86 91.48
N PHE C 70 33.52 -30.90 91.13
CA PHE C 70 32.56 -31.49 92.05
C PHE C 70 33.24 -32.02 93.30
N LYS C 71 32.60 -31.81 94.45
CA LYS C 71 32.92 -32.52 95.66
C LYS C 71 31.88 -33.64 95.78
N GLU C 72 31.93 -34.38 96.89
CA GLU C 72 31.02 -35.51 97.08
C GLU C 72 30.85 -35.74 98.58
N GLU C 73 29.94 -35.00 99.20
CA GLU C 73 29.68 -35.09 100.64
C GLU C 73 28.32 -35.74 100.86
N TYR C 74 28.29 -36.79 101.67
CA TYR C 74 27.09 -37.60 101.86
C TYR C 74 26.40 -37.30 103.19
N TYR C 75 25.10 -37.05 103.12
CA TYR C 75 24.28 -36.79 104.30
C TYR C 75 22.91 -37.43 104.11
N TYR C 76 22.10 -37.42 105.16
CA TYR C 76 20.67 -37.71 105.02
C TYR C 76 19.92 -36.78 105.95
N GLY C 77 18.65 -36.58 105.67
CA GLY C 77 17.85 -35.72 106.51
C GLY C 77 16.41 -35.71 106.07
N LYS C 78 15.60 -34.92 106.79
CA LYS C 78 14.21 -34.71 106.42
C LYS C 78 13.86 -33.23 106.57
N GLY C 79 12.94 -32.79 105.72
CA GLY C 79 12.41 -31.43 105.75
C GLY C 79 11.19 -31.36 106.63
N ASP C 80 10.37 -30.34 106.38
CA ASP C 80 9.19 -30.08 107.19
C ASP C 80 7.88 -30.27 106.43
N VAL C 81 7.91 -30.97 105.29
CA VAL C 81 6.71 -31.27 104.53
C VAL C 81 6.71 -32.76 104.21
N GLU C 82 5.52 -33.27 103.92
CA GLU C 82 5.36 -34.68 103.58
C GLU C 82 5.77 -34.91 102.13
N GLY C 83 6.87 -35.62 101.92
CA GLY C 83 7.30 -35.90 100.57
C GLY C 83 7.38 -37.38 100.23
N GLN C 84 8.09 -37.69 99.15
CA GLN C 84 8.35 -39.08 98.80
C GLN C 84 9.06 -39.79 99.94
N ASP C 85 10.19 -39.22 100.33
CA ASP C 85 11.04 -39.80 101.40
C ASP C 85 11.07 -38.81 102.56
N GLY C 86 12.09 -37.97 102.63
CA GLY C 86 12.17 -36.97 103.68
C GLY C 86 11.56 -35.61 103.38
N GLY C 87 11.06 -35.40 102.16
CA GLY C 87 10.59 -34.09 101.79
C GLY C 87 11.71 -33.08 101.65
N VAL C 88 12.93 -33.56 101.38
CA VAL C 88 14.08 -32.66 101.33
C VAL C 88 14.02 -31.75 100.12
N VAL C 89 13.62 -32.30 98.95
CA VAL C 89 13.65 -31.49 97.75
C VAL C 89 12.67 -30.33 97.86
N THR C 90 11.42 -30.63 98.22
CA THR C 90 10.42 -29.57 98.35
C THR C 90 10.84 -28.57 99.43
N THR C 91 11.37 -29.04 100.56
CA THR C 91 11.77 -28.11 101.61
C THR C 91 12.89 -27.20 101.12
N PHE C 92 13.90 -27.75 100.44
CA PHE C 92 14.96 -26.92 99.88
C PHE C 92 14.37 -25.89 98.91
N LEU C 93 13.45 -26.30 98.05
CA LEU C 93 12.88 -25.37 97.08
C LEU C 93 12.10 -24.28 97.78
N LYS C 94 11.47 -24.63 98.90
CA LYS C 94 10.70 -23.66 99.72
C LYS C 94 11.68 -22.65 100.32
N TYR C 95 12.88 -23.09 100.68
CA TYR C 95 13.90 -22.20 101.25
C TYR C 95 14.47 -21.27 100.19
N LEU C 96 14.72 -21.78 98.98
CA LEU C 96 15.28 -20.94 97.93
C LEU C 96 14.30 -19.87 97.48
N LEU C 97 13.00 -20.22 97.40
CA LEU C 97 12.00 -19.21 97.08
C LEU C 97 11.90 -18.16 98.17
N LYS C 98 11.83 -18.60 99.43
CA LYS C 98 11.64 -17.66 100.54
C LYS C 98 12.79 -16.67 100.64
N ASN C 99 14.02 -17.12 100.36
CA ASN C 99 15.20 -16.27 100.46
C ASN C 99 15.55 -15.62 99.13
N LYS C 100 14.61 -15.64 98.18
CA LYS C 100 14.77 -14.96 96.86
C LYS C 100 16.05 -15.39 96.13
N LYS C 101 16.49 -16.64 96.32
CA LYS C 101 17.60 -17.17 95.55
C LYS C 101 17.18 -17.59 94.14
N ILE C 102 15.88 -17.81 93.93
CA ILE C 102 15.34 -18.14 92.61
C ILE C 102 14.01 -17.40 92.49
N ASP C 103 13.58 -17.21 91.25
CA ASP C 103 12.27 -16.64 90.94
C ASP C 103 11.20 -17.70 90.76
N GLY C 104 11.59 -18.95 90.58
CA GLY C 104 10.66 -20.04 90.42
C GLY C 104 11.40 -21.35 90.36
N ALA C 105 10.65 -22.43 90.47
CA ALA C 105 11.20 -23.77 90.42
C ALA C 105 10.50 -24.56 89.31
N ILE C 106 11.30 -25.29 88.55
CA ILE C 106 10.79 -26.20 87.51
C ILE C 106 10.65 -27.57 88.16
N VAL C 107 9.43 -28.05 88.28
CA VAL C 107 9.10 -29.22 89.09
C VAL C 107 8.03 -30.03 88.37
N VAL C 108 7.86 -31.28 88.78
CA VAL C 108 6.94 -32.21 88.13
C VAL C 108 5.76 -32.43 89.06
N GLY C 109 4.58 -31.98 88.63
CA GLY C 109 3.33 -32.34 89.24
C GLY C 109 2.67 -33.49 88.48
N ASP C 110 1.39 -33.69 88.77
CA ASP C 110 0.66 -34.75 88.09
C ASP C 110 -0.83 -34.49 88.11
N GLU C 111 -1.48 -34.99 87.05
CA GLU C 111 -2.95 -35.09 86.98
C GLU C 111 -3.22 -36.59 86.96
N CYS C 112 -3.65 -37.10 88.11
CA CYS C 112 -3.90 -38.54 88.30
C CYS C 112 -2.76 -39.38 87.69
N TRP C 113 -1.53 -39.06 88.11
CA TRP C 113 -0.26 -39.75 87.82
C TRP C 113 0.25 -39.53 86.40
N LYS C 114 -0.42 -38.74 85.57
CA LYS C 114 0.17 -38.26 84.32
C LYS C 114 1.06 -37.07 84.66
N PRO C 115 2.37 -37.18 84.51
CA PRO C 115 3.25 -36.08 84.96
C PRO C 115 3.02 -34.81 84.15
N VAL C 116 3.25 -33.67 84.82
CA VAL C 116 3.10 -32.34 84.17
C VAL C 116 4.24 -31.44 84.66
N SER C 117 5.02 -30.90 83.73
CA SER C 117 6.12 -29.99 84.05
C SER C 117 5.52 -28.64 84.41
N LEU C 118 5.91 -28.11 85.57
CA LEU C 118 5.30 -26.90 86.10
C LEU C 118 6.38 -25.89 86.46
N ILE C 119 6.07 -24.61 86.29
CA ILE C 119 6.89 -23.53 86.83
C ILE C 119 6.10 -22.94 88.00
N VAL C 120 6.63 -23.11 89.21
CA VAL C 120 5.96 -22.69 90.43
C VAL C 120 6.72 -21.52 91.03
N GLN C 121 5.99 -20.52 91.51
CA GLN C 121 6.58 -19.30 92.05
C GLN C 121 6.22 -19.03 93.50
N ASN C 122 5.44 -19.90 94.15
CA ASN C 122 5.04 -19.72 95.53
C ASN C 122 4.94 -21.09 96.19
N GLU C 123 4.93 -21.09 97.53
CA GLU C 123 4.90 -22.35 98.33
C GLU C 123 3.62 -23.14 98.03
N GLU C 124 2.49 -22.46 97.87
CA GLU C 124 1.21 -23.14 97.63
C GLU C 124 1.29 -24.04 96.41
N ASP C 125 1.76 -23.50 95.27
CA ASP C 125 1.81 -24.30 94.05
C ASP C 125 2.89 -25.39 94.14
N LEU C 126 3.93 -25.16 94.96
CA LEU C 126 4.99 -26.15 95.11
C LEU C 126 4.51 -27.42 95.79
N MET C 127 3.54 -27.31 96.72
CA MET C 127 3.12 -28.46 97.50
C MET C 127 2.40 -29.52 96.67
N ASN C 128 1.89 -29.17 95.50
CA ASN C 128 1.27 -30.15 94.61
C ASN C 128 2.28 -30.95 93.80
N THR C 129 3.56 -30.77 94.05
CA THR C 129 4.61 -31.41 93.27
C THR C 129 5.44 -32.40 94.09
N THR C 130 5.04 -32.68 95.33
CA THR C 130 5.77 -33.68 96.10
C THR C 130 5.51 -35.07 95.52
N LYS C 131 6.36 -36.00 95.92
CA LYS C 131 6.25 -37.44 95.61
C LYS C 131 6.86 -37.73 94.24
N SER C 132 7.31 -38.96 94.06
CA SER C 132 7.91 -39.38 92.81
C SER C 132 6.83 -39.83 91.83
N LYS C 133 6.96 -39.39 90.58
CA LYS C 133 6.17 -39.88 89.45
C LYS C 133 7.11 -40.72 88.61
N TYR C 134 6.89 -42.05 88.61
CA TYR C 134 7.85 -42.98 88.03
C TYR C 134 7.62 -43.22 86.54
N THR C 135 7.07 -42.24 85.82
CA THR C 135 6.89 -42.34 84.38
C THR C 135 7.50 -41.12 83.70
N VAL C 136 7.49 -41.16 82.36
CA VAL C 136 8.24 -40.18 81.58
C VAL C 136 7.78 -38.78 81.95
N SER C 137 8.75 -37.90 82.19
CA SER C 137 8.53 -36.49 82.50
C SER C 137 9.24 -35.63 81.47
N THR C 138 8.87 -34.35 81.43
CA THR C 138 9.52 -33.41 80.54
C THR C 138 10.08 -32.25 81.34
N LEU C 139 10.65 -31.29 80.61
CA LEU C 139 11.16 -30.04 81.17
C LEU C 139 10.44 -28.84 80.56
N GLU C 140 9.23 -29.05 80.04
CA GLU C 140 8.61 -28.07 79.16
C GLU C 140 8.36 -26.73 79.85
N ALA C 141 8.15 -26.74 81.17
CA ALA C 141 7.90 -25.49 81.89
C ALA C 141 9.09 -24.52 81.83
N LEU C 142 10.29 -24.98 81.50
CA LEU C 142 11.38 -24.03 81.27
C LEU C 142 11.00 -23.02 80.18
N LYS C 143 10.30 -23.49 79.15
CA LYS C 143 9.89 -22.58 78.09
C LYS C 143 8.91 -21.53 78.60
N THR C 144 7.94 -21.96 79.40
CA THR C 144 6.99 -21.02 79.99
C THR C 144 7.71 -20.00 80.86
N ALA C 145 8.61 -20.46 81.71
CA ALA C 145 9.40 -19.55 82.53
C ALA C 145 10.14 -18.53 81.67
N GLY C 146 10.68 -18.98 80.54
CA GLY C 146 11.33 -18.05 79.63
C GLY C 146 10.36 -17.04 79.05
N GLU C 147 9.16 -17.50 78.68
CA GLU C 147 8.15 -16.59 78.15
C GLU C 147 7.75 -15.56 79.21
N MET C 148 7.73 -15.97 80.47
CA MET C 148 7.38 -15.06 81.55
C MET C 148 8.51 -14.11 81.92
N GLY C 149 9.73 -14.38 81.46
CA GLY C 149 10.85 -13.50 81.75
C GLY C 149 11.51 -13.72 83.10
N LEU C 150 11.24 -14.83 83.77
CA LEU C 150 11.86 -15.11 85.07
C LEU C 150 13.37 -15.17 84.92
N GLU C 151 14.07 -14.53 85.87
CA GLU C 151 15.52 -14.40 85.75
C GLU C 151 16.25 -15.70 86.11
N LYS C 152 15.91 -16.30 87.23
CA LYS C 152 16.64 -17.45 87.75
C LYS C 152 15.65 -18.51 88.23
N VAL C 153 15.94 -19.78 87.92
CA VAL C 153 15.13 -20.86 88.43
C VAL C 153 16.01 -21.95 89.02
N ALA C 154 15.39 -22.80 89.85
CA ALA C 154 15.91 -24.10 90.23
C ALA C 154 15.17 -25.16 89.40
N VAL C 155 15.87 -26.22 89.03
CA VAL C 155 15.27 -27.32 88.29
C VAL C 155 15.55 -28.61 89.02
N VAL C 156 14.52 -29.42 89.21
CA VAL C 156 14.64 -30.78 89.71
C VAL C 156 14.60 -31.72 88.50
N GLY C 157 15.55 -32.65 88.43
CA GLY C 157 15.64 -33.51 87.27
C GLY C 157 16.20 -34.88 87.58
N LEU C 158 15.77 -35.86 86.80
CA LEU C 158 16.44 -37.14 86.76
C LEU C 158 17.85 -36.99 86.18
N PRO C 159 18.73 -37.97 86.42
CA PRO C 159 20.12 -37.83 85.94
C PRO C 159 20.24 -37.42 84.49
N CYS C 160 19.43 -38.02 83.61
CA CYS C 160 19.50 -37.67 82.19
C CYS C 160 19.14 -36.19 81.97
N GLN C 161 18.13 -35.70 82.69
CA GLN C 161 17.74 -34.30 82.59
C GLN C 161 18.82 -33.37 83.14
N ILE C 162 19.45 -33.73 84.25
CA ILE C 162 20.58 -32.95 84.76
C ILE C 162 21.69 -32.89 83.71
N ASN C 163 21.98 -34.02 83.08
CA ASN C 163 23.05 -34.07 82.09
C ASN C 163 22.76 -33.17 80.90
N GLY C 164 21.54 -33.25 80.36
CA GLY C 164 21.14 -32.33 79.31
C GLY C 164 21.23 -30.87 79.72
N LEU C 165 20.77 -30.54 80.93
CA LEU C 165 20.77 -29.13 81.33
C LEU C 165 22.18 -28.64 81.64
N ARG C 166 23.09 -29.53 82.03
CA ARG C 166 24.49 -29.10 82.17
C ARG C 166 25.08 -28.76 80.80
N LYS C 167 24.74 -29.54 79.77
CA LYS C 167 25.16 -29.18 78.41
C LYS C 167 24.61 -27.81 78.02
N LEU C 168 23.36 -27.52 78.40
CA LEU C 168 22.80 -26.21 78.09
C LEU C 168 23.58 -25.10 78.79
N GLN C 169 23.88 -25.30 80.07
CA GLN C 169 24.67 -24.31 80.79
C GLN C 169 26.03 -24.08 80.15
N TYR C 170 26.68 -25.15 79.69
CA TYR C 170 28.03 -25.09 79.15
C TYR C 170 28.02 -25.07 77.62
N PHE C 171 26.92 -24.60 77.03
CA PHE C 171 26.69 -24.76 75.60
C PHE C 171 27.87 -24.23 74.78
N GLN C 172 28.38 -23.05 75.13
CA GLN C 172 29.40 -22.44 74.28
C GLN C 172 30.68 -23.24 74.26
N TYR C 173 31.01 -23.89 75.39
CA TYR C 173 32.20 -24.72 75.47
C TYR C 173 32.03 -26.01 74.68
N LEU C 174 30.83 -26.57 74.67
CA LEU C 174 30.62 -27.86 74.02
C LEU C 174 30.26 -27.72 72.54
N ALA C 175 29.37 -26.80 72.21
CA ALA C 175 28.97 -26.59 70.82
C ALA C 175 29.89 -25.65 70.06
N LYS C 176 30.71 -24.88 70.79
CA LYS C 176 31.73 -23.97 70.23
C LYS C 176 31.12 -22.77 69.48
N HIS C 177 29.90 -22.37 69.86
CA HIS C 177 29.29 -21.18 69.30
C HIS C 177 28.17 -20.75 70.22
N ASP C 178 27.59 -19.59 69.91
CA ASP C 178 26.48 -19.06 70.70
C ASP C 178 25.19 -19.83 70.42
N GLY C 179 24.25 -19.71 71.35
CA GLY C 179 22.91 -20.25 71.17
C GLY C 179 22.30 -19.91 69.82
N GLU C 180 21.65 -20.91 69.23
CA GLU C 180 21.06 -20.81 67.88
C GLU C 180 20.06 -19.65 67.78
N LEU C 181 20.19 -18.85 66.71
CA LEU C 181 19.27 -17.78 66.44
C LEU C 181 18.04 -18.30 65.71
N GLY C 182 16.87 -17.85 66.13
CA GLY C 182 15.64 -18.17 65.45
C GLY C 182 15.44 -17.34 64.19
N LYS C 183 14.29 -17.57 63.55
CA LYS C 183 13.96 -16.83 62.34
C LYS C 183 13.92 -15.32 62.59
N ASN C 184 13.56 -14.89 63.81
CA ASN C 184 13.55 -13.47 64.13
C ASN C 184 14.92 -12.92 64.52
N GLY C 185 15.95 -13.76 64.36
CA GLY C 185 17.35 -13.37 64.62
C GLY C 185 17.72 -13.40 66.08
N LYS C 186 16.84 -13.92 66.92
CA LYS C 186 17.13 -13.92 68.38
C LYS C 186 17.17 -15.35 68.92
N PRO C 187 17.98 -15.62 69.96
CA PRO C 187 18.04 -16.95 70.57
C PRO C 187 16.82 -17.23 71.46
N VAL C 188 16.70 -18.47 71.93
CA VAL C 188 15.56 -18.87 72.75
C VAL C 188 15.57 -18.10 74.07
N LYS C 189 14.37 -17.83 74.57
CA LYS C 189 14.17 -17.20 75.87
C LYS C 189 14.06 -18.29 76.93
N LEU C 190 15.05 -18.35 77.82
CA LEU C 190 15.06 -19.27 78.94
C LEU C 190 15.59 -18.56 80.18
N PRO C 191 15.13 -18.97 81.35
CA PRO C 191 15.72 -18.45 82.59
C PRO C 191 17.13 -18.99 82.78
N LYS C 192 17.90 -18.28 83.60
CA LYS C 192 19.18 -18.82 84.05
C LYS C 192 18.89 -19.97 85.01
N ILE C 193 19.52 -21.12 84.77
CA ILE C 193 19.36 -22.28 85.64
C ILE C 193 20.40 -22.15 86.75
N GLU C 194 19.93 -21.72 87.91
CA GLU C 194 20.77 -21.37 89.06
C GLU C 194 21.08 -22.56 89.97
N TYR C 195 20.16 -23.53 90.06
CA TYR C 195 20.35 -24.74 90.87
C TYR C 195 19.87 -25.94 90.06
N LEU C 196 20.66 -27.00 90.06
CA LEU C 196 20.27 -28.28 89.48
C LEU C 196 20.21 -29.30 90.62
N ILE C 197 18.99 -29.76 90.91
CA ILE C 197 18.73 -30.73 91.98
C ILE C 197 18.44 -32.07 91.31
N GLY C 198 19.36 -33.00 91.44
CA GLY C 198 19.21 -34.29 90.81
C GLY C 198 18.54 -35.31 91.71
N LEU C 199 17.79 -36.22 91.10
CA LEU C 199 17.22 -37.37 91.79
C LEU C 199 18.06 -38.60 91.47
N LEU C 200 18.26 -39.46 92.46
CA LEU C 200 18.74 -40.82 92.16
C LEU C 200 17.70 -41.52 91.31
N CYS C 201 18.15 -42.43 90.44
CA CYS C 201 17.22 -43.06 89.50
C CYS C 201 17.77 -44.37 88.95
N THR C 202 17.00 -45.45 89.08
CA THR C 202 17.38 -46.69 88.39
C THR C 202 16.60 -46.91 87.10
N GLU C 203 15.41 -46.32 86.97
CA GLU C 203 14.60 -46.42 85.76
C GLU C 203 13.32 -45.61 85.91
N LYS C 204 12.69 -45.35 84.76
CA LYS C 204 11.32 -44.82 84.69
C LYS C 204 10.56 -45.68 83.70
N PHE C 205 9.23 -45.59 83.75
CA PHE C 205 8.36 -46.40 82.92
C PHE C 205 7.57 -45.51 81.96
N GLU C 206 7.09 -46.14 80.89
CA GLU C 206 6.06 -45.53 80.06
C GLU C 206 4.74 -45.62 80.82
N TYR C 207 3.98 -44.51 80.80
CA TYR C 207 2.76 -44.46 81.60
C TYR C 207 1.80 -45.59 81.22
N ASP C 208 1.57 -45.79 79.92
CA ASP C 208 0.66 -46.85 79.49
C ASP C 208 1.16 -48.21 79.93
N GLU C 209 2.49 -48.42 79.89
CA GLU C 209 3.03 -49.72 80.30
C GLU C 209 2.83 -49.95 81.79
N LEU C 210 3.05 -48.93 82.61
CA LEU C 210 2.81 -49.07 84.04
C LEU C 210 1.33 -49.30 84.33
N LYS C 211 0.45 -48.56 83.66
CA LYS C 211 -0.98 -48.74 83.89
C LYS C 211 -1.43 -50.15 83.54
N GLU C 212 -0.96 -50.69 82.42
CA GLU C 212 -1.33 -52.05 82.04
C GLU C 212 -0.69 -53.07 82.98
N THR C 213 0.55 -52.82 83.41
CA THR C 213 1.17 -53.71 84.40
C THR C 213 0.35 -53.75 85.68
N LEU C 214 -0.06 -52.58 86.18
CA LEU C 214 -0.87 -52.55 87.40
C LEU C 214 -2.21 -53.26 87.20
N ALA C 215 -2.80 -53.14 86.00
CA ALA C 215 -4.06 -53.82 85.74
C ALA C 215 -3.93 -55.33 85.89
N LYS C 216 -2.76 -55.88 85.58
CA LYS C 216 -2.54 -57.32 85.71
C LYS C 216 -2.58 -57.77 87.16
N TYR C 217 -2.15 -56.91 88.09
CA TYR C 217 -2.26 -57.16 89.51
C TYR C 217 -3.56 -56.62 90.09
N ASN C 218 -4.55 -56.34 89.23
CA ASN C 218 -5.86 -55.86 89.65
C ASN C 218 -5.77 -54.55 90.43
N ILE C 219 -4.87 -53.67 89.99
CA ILE C 219 -4.72 -52.34 90.55
C ILE C 219 -5.10 -51.33 89.48
N ASN C 220 -6.03 -50.43 89.83
CA ASN C 220 -6.38 -49.31 88.96
C ASN C 220 -5.46 -48.13 89.31
N MET C 221 -4.59 -47.77 88.36
CA MET C 221 -3.57 -46.76 88.64
C MET C 221 -4.18 -45.46 89.12
N ASP C 222 -5.40 -45.15 88.67
CA ASP C 222 -6.04 -43.89 89.03
C ASP C 222 -6.28 -43.80 90.53
N ASP C 223 -6.42 -44.94 91.22
CA ASP C 223 -6.69 -44.94 92.65
C ASP C 223 -5.43 -45.05 93.50
N VAL C 224 -4.25 -45.13 92.88
CA VAL C 224 -3.03 -45.33 93.63
C VAL C 224 -2.69 -44.07 94.41
N GLU C 225 -2.36 -44.24 95.68
CA GLU C 225 -2.04 -43.11 96.55
C GLU C 225 -0.57 -42.71 96.49
N LYS C 226 0.32 -43.68 96.33
CA LYS C 226 1.75 -43.42 96.32
C LYS C 226 2.45 -44.60 95.64
N PHE C 227 3.53 -44.29 94.93
CA PHE C 227 4.44 -45.27 94.37
C PHE C 227 5.77 -45.16 95.10
N ASP C 228 6.52 -46.26 95.13
CA ASP C 228 7.90 -46.23 95.64
C ASP C 228 8.68 -47.30 94.91
N ILE C 229 9.99 -47.08 94.78
CA ILE C 229 10.91 -48.09 94.27
C ILE C 229 11.95 -48.33 95.36
N LYS C 230 11.91 -49.50 95.99
CA LYS C 230 12.82 -49.84 97.07
C LYS C 230 13.24 -51.30 96.95
N LYS C 231 14.54 -51.55 97.08
CA LYS C 231 15.09 -52.90 97.21
C LYS C 231 14.53 -53.84 96.15
N GLY C 232 14.56 -53.37 94.91
CA GLY C 232 14.23 -54.19 93.75
C GLY C 232 12.77 -54.34 93.45
N LYS C 233 11.89 -53.62 94.16
CA LYS C 233 10.46 -53.78 94.00
C LYS C 233 9.82 -52.44 93.70
N LEU C 234 8.74 -52.47 92.93
CA LEU C 234 7.82 -51.34 92.83
C LEU C 234 6.80 -51.50 93.96
N LEU C 235 6.78 -50.54 94.87
CA LEU C 235 5.78 -50.49 95.93
C LEU C 235 4.59 -49.66 95.48
N VAL C 236 3.39 -50.20 95.67
CA VAL C 236 2.15 -49.54 95.25
C VAL C 236 1.21 -49.45 96.44
N TYR C 237 0.86 -48.23 96.82
CA TYR C 237 -0.02 -47.99 97.96
C TYR C 237 -1.39 -47.59 97.44
N VAL C 238 -2.38 -48.45 97.71
CA VAL C 238 -3.72 -48.25 97.17
C VAL C 238 -4.72 -48.87 98.14
N ASN C 239 -5.78 -48.13 98.44
CA ASN C 239 -6.82 -48.58 99.37
C ASN C 239 -6.22 -48.94 100.73
N GLY C 240 -5.26 -48.14 101.19
CA GLY C 240 -4.63 -48.43 102.46
C GLY C 240 -3.91 -49.77 102.52
N GLU C 241 -3.42 -50.25 101.38
CA GLU C 241 -2.67 -51.49 101.31
C GLU C 241 -1.33 -51.21 100.66
N GLU C 242 -0.35 -52.09 100.90
CA GLU C 242 0.93 -52.02 100.21
C GLU C 242 1.05 -53.26 99.32
N HIS C 243 1.22 -53.03 98.02
CA HIS C 243 1.44 -54.10 97.05
C HIS C 243 2.86 -54.01 96.52
N LYS C 244 3.53 -55.15 96.39
CA LYS C 244 4.90 -55.21 95.92
C LYS C 244 4.95 -55.97 94.59
N ILE C 245 5.59 -55.36 93.61
CA ILE C 245 5.75 -55.92 92.26
C ILE C 245 7.24 -55.95 91.96
N PRO C 246 7.84 -57.11 91.71
CA PRO C 246 9.27 -57.13 91.36
C PRO C 246 9.55 -56.31 90.10
N LEU C 247 10.58 -55.46 90.17
CA LEU C 247 10.91 -54.59 89.03
C LEU C 247 11.19 -55.40 87.77
N LYS C 248 11.55 -56.68 87.95
CA LYS C 248 11.87 -57.61 86.83
C LYS C 248 10.64 -57.85 85.93
N GLU C 249 9.45 -57.76 86.52
CA GLU C 249 8.18 -58.02 85.78
C GLU C 249 7.69 -56.74 85.09
N ILE C 250 8.44 -55.64 85.18
CA ILE C 250 7.98 -54.40 84.58
C ILE C 250 8.95 -53.93 83.51
N GLU C 251 8.40 -53.59 82.33
CA GLU C 251 9.23 -53.09 81.20
C GLU C 251 9.58 -51.62 81.43
N LEU C 252 10.87 -51.30 81.55
CA LEU C 252 11.29 -49.89 81.78
C LEU C 252 11.36 -49.18 80.43
N SER C 253 11.39 -47.84 80.44
CA SER C 253 11.48 -47.06 79.18
C SER C 253 12.79 -47.49 78.48
N ALA C 254 12.71 -47.76 77.17
CA ALA C 254 13.84 -48.30 76.38
C ALA C 254 15.15 -47.53 76.64
N GLY C 255 15.08 -46.20 76.67
CA GLY C 255 16.30 -45.41 76.82
C GLY C 255 17.04 -45.66 78.12
N CYS C 256 16.34 -46.12 79.16
CA CYS C 256 17.01 -46.36 80.43
C CYS C 256 18.02 -47.49 80.32
N LYS C 257 17.85 -48.39 79.36
CA LYS C 257 18.81 -49.47 79.19
C LYS C 257 20.17 -48.95 78.72
N MET C 258 20.18 -47.74 78.15
CA MET C 258 21.44 -47.13 77.62
C MET C 258 21.95 -46.06 78.59
N CYS C 259 21.53 -46.13 79.85
CA CYS C 259 21.87 -45.13 80.85
C CYS C 259 22.99 -45.60 81.75
N ARG C 260 23.86 -44.67 82.14
CA ARG C 260 25.01 -44.95 82.97
C ARG C 260 24.99 -44.30 84.35
N ASP C 261 24.09 -43.35 84.59
CA ASP C 261 24.21 -42.37 85.67
C ASP C 261 23.09 -42.63 86.67
N PHE C 262 23.44 -43.28 87.78
CA PHE C 262 22.43 -43.61 88.78
C PHE C 262 22.15 -42.44 89.71
N ASP C 263 23.20 -41.72 90.15
CA ASP C 263 23.09 -40.81 91.28
C ASP C 263 23.10 -39.34 90.85
N ALA C 264 22.79 -39.07 89.58
CA ALA C 264 22.80 -37.71 89.03
C ALA C 264 24.09 -37.01 89.41
N GLU C 265 25.19 -37.57 88.89
CA GLU C 265 26.53 -37.23 89.35
C GLU C 265 26.94 -35.81 89.00
N MET C 266 26.19 -35.14 88.13
CA MET C 266 26.56 -33.76 87.73
C MET C 266 25.66 -32.72 88.41
N ALA C 267 24.78 -33.15 89.32
CA ALA C 267 23.89 -32.19 89.93
C ALA C 267 24.63 -31.36 90.98
N ASP C 268 24.03 -30.22 91.32
CA ASP C 268 24.55 -29.42 92.43
C ASP C 268 24.38 -30.18 93.74
N VAL C 269 23.23 -30.82 93.92
CA VAL C 269 22.95 -31.74 95.02
C VAL C 269 22.03 -32.83 94.46
N SER C 270 22.30 -34.07 94.84
CA SER C 270 21.48 -35.21 94.41
C SER C 270 20.75 -35.78 95.62
N VAL C 271 19.49 -36.20 95.43
CA VAL C 271 18.63 -36.63 96.51
C VAL C 271 17.98 -37.96 96.13
N GLY C 272 17.94 -38.87 97.10
CA GLY C 272 17.38 -40.19 96.84
C GLY C 272 16.92 -40.83 98.14
N CYS C 273 16.52 -42.09 98.04
CA CYS C 273 16.17 -42.87 99.21
C CYS C 273 17.18 -43.96 99.54
N VAL C 274 18.03 -44.39 98.60
CA VAL C 274 18.98 -45.45 98.91
C VAL C 274 20.03 -44.95 99.89
N GLY C 275 20.35 -45.79 100.87
CA GLY C 275 21.43 -45.49 101.79
C GLY C 275 21.03 -44.74 103.03
N SER C 276 19.77 -44.34 103.17
CA SER C 276 19.31 -43.65 104.37
C SER C 276 18.05 -44.30 104.92
N PRO C 277 17.76 -44.07 106.20
CA PRO C 277 16.60 -44.70 106.83
C PRO C 277 15.28 -44.19 106.26
N ASP C 278 14.26 -45.03 106.39
N ASP C 278 14.26 -45.13 106.42
CA ASP C 278 12.92 -44.69 105.91
CA ASP C 278 12.93 -44.78 105.94
C ASP C 278 12.48 -43.36 106.50
C ASP C 278 12.48 -43.45 106.53
N GLY C 279 11.88 -42.51 105.66
CA GLY C 279 11.38 -41.23 106.09
C GLY C 279 12.40 -40.13 106.00
N TYR C 280 13.65 -40.46 105.66
CA TYR C 280 14.69 -39.51 105.34
C TYR C 280 15.05 -39.64 103.87
N SER C 281 15.67 -38.59 103.33
CA SER C 281 16.24 -38.62 101.99
C SER C 281 17.77 -38.59 102.07
N THR C 282 18.41 -39.36 101.21
CA THR C 282 19.85 -39.26 101.03
C THR C 282 20.18 -37.98 100.27
N VAL C 283 21.26 -37.33 100.67
CA VAL C 283 21.66 -36.02 100.13
C VAL C 283 23.14 -36.08 99.79
N ILE C 284 23.47 -35.92 98.52
CA ILE C 284 24.84 -35.89 98.04
C ILE C 284 25.14 -34.48 97.55
N ILE C 285 25.94 -33.73 98.31
CA ILE C 285 26.26 -32.36 97.96
C ILE C 285 27.52 -32.38 97.10
N ARG C 286 27.48 -31.68 95.95
CA ARG C 286 28.58 -31.72 95.01
C ARG C 286 29.14 -30.35 94.63
N THR C 287 28.39 -29.26 94.84
CA THR C 287 28.89 -27.94 94.50
C THR C 287 28.53 -26.96 95.61
N GLU C 288 29.06 -25.74 95.48
CA GLU C 288 28.74 -24.70 96.45
C GLU C 288 27.27 -24.30 96.36
N LYS C 289 26.68 -24.33 95.15
CA LYS C 289 25.23 -24.15 95.06
C LYS C 289 24.50 -25.21 95.89
N GLY C 290 24.94 -26.47 95.78
CA GLY C 290 24.31 -27.53 96.55
C GLY C 290 24.54 -27.40 98.05
N GLU C 291 25.67 -26.81 98.45
CA GLU C 291 25.96 -26.66 99.86
C GLU C 291 24.93 -25.79 100.55
N GLU C 292 24.18 -24.97 99.80
CA GLU C 292 23.16 -24.12 100.41
C GLU C 292 22.04 -24.93 101.07
N ILE C 293 21.90 -26.22 100.71
CA ILE C 293 20.89 -27.04 101.36
C ILE C 293 21.17 -27.22 102.83
N LYS C 294 22.43 -27.06 103.25
CA LYS C 294 22.74 -27.16 104.68
C LYS C 294 21.95 -26.14 105.48
N ASN C 295 21.57 -25.03 104.85
CA ASN C 295 20.77 -24.02 105.55
C ASN C 295 19.29 -24.36 105.60
N ALA C 296 18.84 -25.28 104.75
CA ALA C 296 17.42 -25.62 104.66
C ALA C 296 17.05 -26.88 105.40
N ILE C 297 18.02 -27.76 105.65
CA ILE C 297 17.78 -29.10 106.19
C ILE C 297 18.78 -29.35 107.30
N GLU C 298 18.31 -29.94 108.41
CA GLU C 298 19.24 -30.38 109.49
C GLU C 298 19.78 -31.74 109.05
N LEU C 299 20.98 -31.77 108.48
CA LEU C 299 21.53 -32.97 107.88
C LEU C 299 22.27 -33.82 108.92
N LYS C 300 22.24 -35.13 108.70
CA LYS C 300 22.90 -36.12 109.58
C LYS C 300 23.87 -36.97 108.75
N GLU C 301 24.92 -37.47 109.39
CA GLU C 301 25.96 -38.31 108.71
C GLU C 301 25.63 -39.79 108.96
N GLY C 302 26.29 -40.73 108.25
CA GLY C 302 25.99 -42.16 108.45
C GLY C 302 25.31 -42.82 107.26
N VAL C 303 25.37 -42.22 106.08
CA VAL C 303 24.76 -42.82 104.85
C VAL C 303 25.46 -44.13 104.51
N ASN C 304 24.70 -45.16 104.11
CA ASN C 304 25.23 -46.44 103.65
C ASN C 304 25.74 -46.24 102.22
N LEU C 305 27.04 -45.92 102.10
CA LEU C 305 27.61 -45.63 100.78
C LEU C 305 27.60 -46.84 99.87
N GLU C 306 27.74 -48.05 100.44
CA GLU C 306 27.78 -49.26 99.64
C GLU C 306 26.42 -49.54 99.01
N ALA C 307 25.32 -49.17 99.66
CA ALA C 307 24.01 -49.33 99.04
C ALA C 307 23.94 -48.53 97.75
N ILE C 308 24.52 -47.33 97.75
CA ILE C 308 24.50 -46.48 96.57
C ILE C 308 25.42 -47.05 95.50
N GLU C 309 26.62 -47.46 95.90
CA GLU C 309 27.60 -47.96 94.95
C GLU C 309 27.08 -49.22 94.25
N LYS C 310 26.36 -50.05 95.02
CA LYS C 310 25.78 -51.31 94.48
C LYS C 310 24.87 -51.01 93.28
N LEU C 311 24.08 -49.94 93.36
CA LEU C 311 23.17 -49.56 92.29
C LEU C 311 23.91 -48.87 91.15
N ARG C 312 24.96 -48.11 91.45
CA ARG C 312 25.82 -47.61 90.39
C ARG C 312 26.31 -48.77 89.52
N ASP C 313 26.77 -49.85 90.16
CA ASP C 313 27.38 -50.93 89.39
C ASP C 313 26.32 -51.76 88.67
N LEU C 314 25.17 -51.98 89.29
CA LEU C 314 24.07 -52.67 88.62
C LEU C 314 23.62 -51.90 87.37
N LYS C 315 23.51 -50.58 87.47
CA LYS C 315 23.14 -49.77 86.31
C LYS C 315 24.22 -49.84 85.24
N LEU C 316 25.49 -49.71 85.64
CA LEU C 316 26.56 -49.80 84.65
C LEU C 316 26.54 -51.16 83.96
N ASN C 317 26.35 -52.23 84.73
CA ASN C 317 26.33 -53.57 84.14
C ASN C 317 25.15 -53.73 83.18
N ARG C 318 24.00 -53.17 83.52
CA ARG C 318 22.86 -53.17 82.60
C ARG C 318 23.21 -52.47 81.29
N PHE C 319 23.85 -51.29 81.41
CA PHE C 319 24.28 -50.54 80.24
C PHE C 319 25.29 -51.34 79.42
N LYS C 320 26.27 -51.97 80.07
CA LYS C 320 27.23 -52.77 79.33
C LYS C 320 26.54 -53.92 78.59
N LYS C 321 25.58 -54.59 79.22
CA LYS C 321 24.87 -55.68 78.56
C LYS C 321 24.15 -55.20 77.30
N GLU C 322 23.46 -54.06 77.38
CA GLU C 322 22.74 -53.56 76.22
C GLU C 322 23.68 -53.15 75.09
N VAL C 323 24.79 -52.47 75.42
CA VAL C 323 25.74 -52.09 74.37
C VAL C 323 26.30 -53.35 73.71
N GLU C 324 26.65 -54.35 74.51
CA GLU C 324 27.17 -55.59 73.94
C GLU C 324 26.12 -56.27 73.07
N ARG C 325 24.85 -56.24 73.51
CA ARG C 325 23.79 -56.81 72.69
C ARG C 325 23.71 -56.11 71.34
N ARG C 326 23.71 -54.77 71.37
CA ARG C 326 23.68 -54.00 70.14
C ARG C 326 24.91 -54.30 69.28
N LYS C 327 26.07 -54.45 69.89
CA LYS C 327 27.26 -54.78 69.12
C LYS C 327 27.05 -56.09 68.36
N ALA C 328 26.52 -57.09 69.04
CA ALA C 328 26.32 -58.39 68.43
C ALA C 328 25.25 -58.34 67.34
N GLU C 329 24.24 -57.48 67.47
CA GLU C 329 23.14 -57.44 66.52
C GLU C 329 23.37 -56.40 65.41
N ASP C 330 24.49 -55.69 65.44
CA ASP C 330 24.77 -54.61 64.50
C ASP C 330 23.70 -53.51 64.58
N GLU C 331 23.22 -53.24 65.78
CA GLU C 331 22.29 -52.14 66.02
C GLU C 331 23.07 -50.86 66.33
N LYS C 332 22.38 -49.74 66.14
CA LYS C 332 23.00 -48.40 66.32
C LYS C 332 23.40 -48.15 67.79
N VAL C 333 24.65 -47.74 67.99
CA VAL C 333 25.14 -47.30 69.30
C VAL C 333 25.70 -45.90 69.13
N SER C 334 25.25 -44.98 69.97
CA SER C 334 25.83 -43.64 70.09
C SER C 334 26.85 -43.69 71.23
N PHE C 335 28.13 -43.47 70.92
CA PHE C 335 29.20 -43.60 71.92
C PHE C 335 29.32 -42.31 72.74
N TYR C 336 28.23 -41.95 73.41
CA TYR C 336 28.13 -40.62 74.00
C TYR C 336 29.07 -40.43 75.19
N TRP C 337 29.50 -41.53 75.82
CA TRP C 337 30.36 -41.49 76.99
C TRP C 337 31.86 -41.34 76.66
N THR C 338 32.20 -41.27 75.37
CA THR C 338 33.64 -41.04 75.05
C THR C 338 34.04 -39.68 75.62
N ALA C 339 33.08 -38.75 75.69
CA ALA C 339 33.31 -37.42 76.21
C ALA C 339 33.43 -37.37 77.72
N ASP C 340 33.30 -38.51 78.41
CA ASP C 340 33.62 -38.60 79.83
C ASP C 340 35.11 -38.47 80.09
N TYR C 341 35.93 -38.69 79.05
CA TYR C 341 37.40 -38.78 79.25
C TYR C 341 38.16 -37.75 78.42
N GLY C 342 39.25 -37.22 78.99
CA GLY C 342 40.13 -36.29 78.29
C GLY C 342 41.00 -37.03 77.29
N GLY C 343 41.45 -36.35 76.24
CA GLY C 343 42.38 -36.94 75.25
C GLY C 343 41.69 -37.84 74.24
N VAL C 344 40.35 -37.85 74.22
CA VAL C 344 39.63 -38.72 73.25
C VAL C 344 39.08 -37.84 72.12
N GLY C 345 39.45 -38.17 70.88
CA GLY C 345 38.97 -37.43 69.70
C GLY C 345 38.37 -38.40 68.70
N LYS C 346 37.40 -37.92 67.93
CA LYS C 346 36.75 -38.72 66.89
C LYS C 346 37.44 -38.48 65.55
N ARG C 347 37.87 -39.58 64.92
CA ARG C 347 38.51 -39.55 63.61
C ARG C 347 37.46 -39.36 62.52
N ALA C 348 37.96 -39.11 61.30
CA ALA C 348 37.09 -38.91 60.15
C ALA C 348 36.26 -40.13 59.83
N ASP C 349 36.75 -41.33 60.17
CA ASP C 349 36.10 -42.57 59.76
C ASP C 349 35.24 -43.19 60.86
N GLY C 350 34.95 -42.45 61.92
CA GLY C 350 34.06 -42.94 62.96
C GLY C 350 34.73 -43.75 64.06
N THR C 351 36.02 -44.05 63.95
CA THR C 351 36.78 -44.58 65.06
C THR C 351 37.36 -43.40 65.82
N TYR C 352 38.14 -43.68 66.85
CA TYR C 352 38.64 -42.66 67.75
C TYR C 352 40.16 -42.71 67.86
N PHE C 353 40.75 -41.57 68.27
CA PHE C 353 42.14 -41.50 68.67
C PHE C 353 42.18 -41.15 70.15
N ILE C 354 43.22 -41.64 70.82
CA ILE C 354 43.43 -41.40 72.24
C ILE C 354 44.81 -40.75 72.38
N ARG C 355 44.83 -39.52 72.89
CA ARG C 355 46.05 -38.76 73.05
C ARG C 355 46.55 -38.90 74.48
N ILE C 356 47.77 -39.41 74.63
CA ILE C 356 48.43 -39.52 75.93
C ILE C 356 49.20 -38.22 76.15
N ARG C 357 48.75 -37.43 77.12
CA ARG C 357 49.34 -36.11 77.38
C ARG C 357 50.86 -36.21 77.45
N ALA C 358 51.54 -35.38 76.64
CA ALA C 358 52.98 -35.48 76.53
C ALA C 358 53.67 -35.33 77.88
N LYS C 359 54.65 -36.18 78.12
CA LYS C 359 55.45 -36.15 79.33
C LYS C 359 56.50 -35.04 79.21
N PRO C 360 56.94 -34.48 80.33
CA PRO C 360 57.84 -33.31 80.27
C PRO C 360 59.08 -33.54 79.42
N ALA C 361 59.32 -32.60 78.49
CA ALA C 361 60.47 -32.57 77.60
C ALA C 361 60.52 -33.78 76.67
N GLY C 362 59.41 -34.50 76.57
CA GLY C 362 59.33 -35.63 75.67
C GLY C 362 60.14 -36.84 76.09
N TRP C 363 60.55 -36.93 77.35
CA TRP C 363 61.30 -38.09 77.83
C TRP C 363 60.33 -39.21 78.21
N TYR C 364 60.59 -40.42 77.71
CA TYR C 364 59.83 -41.61 78.07
C TYR C 364 60.80 -42.73 78.43
N SER C 365 60.53 -43.41 79.53
CA SER C 365 61.30 -44.62 79.82
C SER C 365 60.98 -45.70 78.80
N ILE C 366 61.93 -46.61 78.57
CA ILE C 366 61.69 -47.70 77.64
C ILE C 366 60.50 -48.53 78.10
N ASP C 367 60.38 -48.76 79.41
CA ASP C 367 59.24 -49.51 79.94
C ASP C 367 57.93 -48.80 79.64
N GLU C 368 57.90 -47.47 79.83
CA GLU C 368 56.67 -46.70 79.55
C GLU C 368 56.26 -46.85 78.09
N ALA C 369 57.21 -46.66 77.17
CA ALA C 369 56.89 -46.78 75.75
C ALA C 369 56.38 -48.18 75.41
N ARG C 370 57.02 -49.21 75.99
CA ARG C 370 56.57 -50.58 75.73
C ARG C 370 55.14 -50.81 76.23
N GLU C 371 54.80 -50.21 77.37
CA GLU C 371 53.44 -50.34 77.90
C GLU C 371 52.43 -49.69 76.97
N ILE C 372 52.76 -48.52 76.43
CA ILE C 372 51.86 -47.86 75.49
C ILE C 372 51.65 -48.74 74.25
N LEU C 373 52.74 -49.28 73.72
CA LEU C 373 52.64 -50.10 72.51
C LEU C 373 51.82 -51.36 72.78
N GLU C 374 51.99 -51.99 73.95
CA GLU C 374 51.23 -53.18 74.28
C GLU C 374 49.74 -52.91 74.34
N ILE C 375 49.36 -51.78 74.93
CA ILE C 375 47.94 -51.44 74.97
C ILE C 375 47.44 -51.09 73.58
N ALA C 376 48.24 -50.35 72.81
CA ALA C 376 47.85 -50.06 71.43
C ALA C 376 47.62 -51.36 70.66
N GLU C 377 48.54 -52.31 70.78
CA GLU C 377 48.39 -53.57 70.05
C GLU C 377 47.11 -54.30 70.45
N LYS C 378 46.77 -54.29 71.74
CA LYS C 378 45.61 -55.04 72.21
C LYS C 378 44.34 -54.57 71.54
N TYR C 379 44.22 -53.27 71.30
CA TYR C 379 43.02 -52.65 70.75
C TYR C 379 43.18 -52.29 69.28
N ASP C 380 44.20 -52.84 68.62
CA ASP C 380 44.44 -52.65 67.18
C ASP C 380 44.65 -51.18 66.86
N GLY C 381 45.32 -50.46 67.77
CA GLY C 381 45.58 -49.04 67.55
C GLY C 381 46.86 -48.81 66.76
N LYS C 382 46.92 -47.64 66.13
CA LYS C 382 48.07 -47.23 65.33
C LYS C 382 48.76 -46.02 65.94
N ILE C 383 50.09 -46.04 65.95
CA ILE C 383 50.86 -45.03 66.67
C ILE C 383 51.11 -43.81 65.80
N LYS C 384 50.78 -42.63 66.34
CA LYS C 384 51.10 -41.34 65.77
C LYS C 384 51.80 -40.49 66.85
N MET C 385 52.97 -39.93 66.50
CA MET C 385 53.73 -39.04 67.41
C MET C 385 53.36 -37.60 67.08
N THR C 386 52.88 -36.83 68.07
CA THR C 386 52.45 -35.46 67.83
C THR C 386 53.63 -34.48 67.87
N ASN C 387 53.39 -33.27 67.35
CA ASN C 387 54.44 -32.26 67.35
C ASN C 387 54.58 -31.55 68.70
N ARG C 388 53.93 -32.08 69.74
CA ARG C 388 54.23 -31.73 71.12
C ARG C 388 54.80 -32.92 71.90
N GLY C 389 55.25 -33.96 71.20
CA GLY C 389 55.94 -35.07 71.84
C GLY C 389 55.04 -36.10 72.47
N ALA C 390 53.80 -36.22 72.05
CA ALA C 390 52.86 -37.16 72.65
C ALA C 390 52.65 -38.39 71.77
N PHE C 391 52.42 -39.52 72.43
CA PHE C 391 51.88 -40.70 71.78
C PHE C 391 50.37 -40.51 71.59
N GLU C 392 49.90 -40.68 70.35
CA GLU C 392 48.49 -40.63 70.02
C GLU C 392 48.12 -41.91 69.28
N ILE C 393 47.13 -42.63 69.80
CA ILE C 393 46.76 -43.96 69.31
C ILE C 393 45.46 -43.85 68.52
N HIS C 394 45.52 -44.25 67.27
CA HIS C 394 44.44 -44.08 66.31
C HIS C 394 43.73 -45.40 65.98
N GLY C 395 42.46 -45.27 65.62
CA GLY C 395 41.69 -46.38 65.09
C GLY C 395 40.91 -47.17 66.10
N ILE C 396 40.65 -46.59 67.27
CA ILE C 396 40.00 -47.31 68.36
C ILE C 396 38.49 -47.28 68.16
N SER C 397 37.87 -48.45 68.21
CA SER C 397 36.42 -48.54 68.11
C SER C 397 35.77 -47.84 69.29
N GLY C 398 34.62 -47.22 69.03
CA GLY C 398 33.84 -46.65 70.10
C GLY C 398 33.53 -47.65 71.19
N PHE C 399 33.39 -48.93 70.83
CA PHE C 399 33.13 -49.96 71.82
C PHE C 399 34.31 -50.18 72.76
N ASP C 400 35.53 -49.82 72.35
CA ASP C 400 36.73 -50.09 73.11
C ASP C 400 37.30 -48.87 73.82
N VAL C 401 36.82 -47.66 73.51
CA VAL C 401 37.48 -46.45 73.98
C VAL C 401 37.57 -46.45 75.50
N GLU C 402 36.45 -46.71 76.18
CA GLU C 402 36.45 -46.61 77.64
C GLU C 402 37.40 -47.62 78.26
N ALA C 403 37.30 -48.89 77.82
CA ALA C 403 38.16 -49.94 78.36
C ALA C 403 39.64 -49.59 78.17
N MET C 404 39.98 -49.06 77.00
CA MET C 404 41.38 -48.72 76.71
C MET C 404 41.85 -47.55 77.57
N VAL C 405 41.03 -46.50 77.70
CA VAL C 405 41.44 -45.35 78.51
C VAL C 405 41.66 -45.79 79.95
N LEU C 406 40.75 -46.61 80.49
CA LEU C 406 40.90 -47.08 81.86
C LEU C 406 42.18 -47.90 82.02
N GLU C 407 42.52 -48.70 80.99
CA GLU C 407 43.77 -49.46 81.05
C GLU C 407 44.98 -48.53 81.07
N LEU C 408 44.98 -47.49 80.23
CA LEU C 408 46.09 -46.54 80.24
C LEU C 408 46.16 -45.86 81.59
N MET C 409 45.02 -45.45 82.12
CA MET C 409 44.99 -44.78 83.45
C MET C 409 45.52 -45.73 84.52
N GLU C 410 45.23 -47.02 84.40
CA GLU C 410 45.70 -48.04 85.38
C GLU C 410 47.23 -48.08 85.38
N LYS C 411 47.84 -47.97 84.20
CA LYS C 411 49.32 -48.00 84.04
C LYS C 411 49.92 -46.65 84.47
N GLY C 412 49.10 -45.68 84.85
CA GLY C 412 49.63 -44.41 85.28
C GLY C 412 49.67 -43.34 84.22
N PHE C 413 49.15 -43.60 83.02
CA PHE C 413 49.17 -42.60 81.96
C PHE C 413 47.95 -41.70 82.08
N ILE C 414 48.14 -40.43 81.73
CA ILE C 414 47.05 -39.46 81.70
C ILE C 414 46.71 -39.24 80.23
N THR C 415 45.45 -39.49 79.88
CA THR C 415 44.97 -39.13 78.55
C THR C 415 44.44 -37.68 78.61
N GLY C 416 44.85 -36.87 77.65
CA GLY C 416 44.42 -35.47 77.70
C GLY C 416 45.09 -34.63 76.63
N SER C 417 45.41 -33.37 76.97
CA SER C 417 46.01 -32.37 76.03
C SER C 417 45.05 -32.12 74.86
N GLU C 418 43.75 -32.15 75.15
CA GLU C 418 42.68 -31.95 74.13
C GLU C 418 41.54 -31.12 74.73
N GLY C 419 40.96 -30.22 73.92
CA GLY C 419 39.85 -29.40 74.36
C GLY C 419 40.29 -28.10 75.01
N PRO C 420 39.30 -27.31 75.48
CA PRO C 420 39.60 -25.96 76.02
C PRO C 420 40.21 -26.00 77.42
N LEU C 421 41.52 -26.21 77.47
CA LEU C 421 42.24 -26.33 78.74
C LEU C 421 43.74 -26.17 78.50
N VAL C 422 44.51 -26.21 79.58
CA VAL C 422 45.97 -26.11 79.49
C VAL C 422 46.52 -27.41 78.92
N ARG C 423 47.06 -27.34 77.71
CA ARG C 423 47.59 -28.48 76.99
C ARG C 423 48.95 -28.88 77.55
N ALA C 424 49.47 -30.00 77.06
CA ALA C 424 50.78 -30.47 77.49
C ALA C 424 51.82 -29.37 77.28
N THR C 425 52.56 -29.05 78.34
CA THR C 425 53.64 -28.08 78.25
C THR C 425 54.78 -28.65 77.42
N LEU C 426 55.28 -27.85 76.48
CA LEU C 426 56.30 -28.30 75.53
C LEU C 426 57.66 -27.74 75.92
N ALA C 427 58.61 -28.63 76.21
CA ALA C 427 59.96 -28.27 76.62
C ALA C 427 60.98 -29.04 75.79
N CYS C 428 62.14 -28.42 75.60
CA CYS C 428 63.25 -29.08 74.95
C CYS C 428 64.12 -29.79 75.98
N PRO C 429 65.19 -30.49 75.58
CA PRO C 429 66.02 -31.21 76.57
C PRO C 429 66.77 -30.31 77.53
N GLY C 430 67.13 -29.10 77.12
CA GLY C 430 67.73 -28.14 78.04
C GLY C 430 69.13 -28.49 78.57
N GLU C 431 69.47 -27.82 79.65
CA GLU C 431 70.81 -27.88 80.25
C GLU C 431 71.20 -29.29 80.64
N GLY C 432 72.47 -29.62 80.42
CA GLY C 432 73.01 -30.93 80.74
C GLY C 432 72.65 -32.00 79.74
N ASN C 433 71.74 -31.69 78.81
CA ASN C 433 71.41 -32.60 77.71
C ASN C 433 71.84 -31.96 76.40
N CYS C 434 71.19 -30.86 76.00
CA CYS C 434 71.65 -30.09 74.86
C CYS C 434 72.86 -29.24 75.26
N GLY C 435 73.88 -29.24 74.41
CA GLY C 435 75.06 -28.43 74.67
C GLY C 435 74.78 -26.94 74.77
N SER C 436 73.70 -26.48 74.17
CA SER C 436 73.36 -25.06 74.23
C SER C 436 72.46 -24.73 75.41
N GLY C 437 72.02 -25.72 76.19
CA GLY C 437 71.00 -25.49 77.20
C GLY C 437 71.53 -24.68 78.38
N LEU C 438 70.70 -23.72 78.82
CA LEU C 438 71.05 -22.82 79.91
C LEU C 438 70.24 -23.05 81.18
N ILE C 439 69.06 -23.67 81.08
CA ILE C 439 68.16 -23.89 82.21
C ILE C 439 67.68 -25.33 82.19
N ASN C 440 67.19 -25.78 83.34
CA ASN C 440 66.64 -27.13 83.53
C ASN C 440 65.19 -27.12 83.04
N THR C 441 65.03 -27.33 81.73
CA THR C 441 63.72 -27.32 81.11
C THR C 441 62.84 -28.47 81.59
N THR C 442 63.41 -29.65 81.78
CA THR C 442 62.61 -30.80 82.20
C THR C 442 61.96 -30.54 83.56
N GLU C 443 62.73 -30.03 84.52
CA GLU C 443 62.19 -29.77 85.84
C GLU C 443 61.18 -28.63 85.82
N LEU C 444 61.47 -27.54 85.10
CA LEU C 444 60.49 -26.46 85.02
C LEU C 444 59.20 -26.95 84.35
N CYS C 445 59.34 -27.76 83.30
CA CYS C 445 58.16 -28.32 82.65
C CYS C 445 57.36 -29.19 83.62
N LYS C 446 58.05 -30.01 84.40
CA LYS C 446 57.36 -30.82 85.41
C LYS C 446 56.62 -29.94 86.41
N ILE C 447 57.24 -28.84 86.84
CA ILE C 447 56.59 -27.96 87.80
C ILE C 447 55.31 -27.35 87.20
N LEU C 448 55.39 -26.86 85.97
CA LEU C 448 54.21 -26.24 85.36
C LEU C 448 53.11 -27.27 85.15
N GLU C 449 53.48 -28.48 84.73
CA GLU C 449 52.49 -29.54 84.57
C GLU C 449 51.82 -29.88 85.89
N ASP C 450 52.61 -30.00 86.96
CA ASP C 450 52.09 -30.32 88.28
C ASP C 450 51.11 -29.26 88.75
N ASN C 451 51.35 -28.00 88.41
CA ASN C 451 50.48 -26.92 88.85
C ASN C 451 49.27 -26.70 87.96
N PHE C 452 49.37 -26.93 86.64
CA PHE C 452 48.32 -26.50 85.72
C PHE C 452 47.79 -27.54 84.73
N LYS C 453 48.24 -28.79 84.80
N LYS C 453 48.24 -28.79 84.80
CA LYS C 453 47.83 -29.74 83.76
CA LYS C 453 47.83 -29.74 83.76
C LYS C 453 46.31 -29.88 83.73
C LYS C 453 46.31 -29.88 83.73
N GLU C 454 45.76 -29.82 82.52
CA GLU C 454 44.32 -29.99 82.27
C GLU C 454 43.44 -28.93 82.95
N HIS C 455 44.00 -27.84 83.39
CA HIS C 455 43.17 -26.78 83.96
C HIS C 455 42.32 -26.12 82.88
N PRO C 456 41.04 -25.86 83.16
CA PRO C 456 40.17 -25.28 82.14
C PRO C 456 40.56 -23.85 81.76
N ALA C 457 40.25 -23.50 80.52
CA ALA C 457 40.45 -22.17 79.97
C ALA C 457 39.36 -21.93 78.94
N PRO C 458 39.08 -20.66 78.59
CA PRO C 458 38.07 -20.40 77.54
C PRO C 458 38.36 -21.09 76.21
N TYR C 459 39.63 -21.35 75.88
CA TYR C 459 40.03 -22.01 74.65
C TYR C 459 41.38 -22.66 74.96
N LYS C 460 41.91 -23.43 74.01
CA LYS C 460 43.18 -24.12 74.25
C LYS C 460 44.26 -23.12 74.66
N PHE C 461 45.13 -23.56 75.58
CA PHE C 461 46.13 -22.72 76.22
C PHE C 461 47.42 -23.52 76.27
N LYS C 462 48.47 -23.02 75.60
CA LYS C 462 49.69 -23.78 75.36
C LYS C 462 50.90 -23.04 75.89
N ILE C 463 51.73 -23.74 76.68
CA ILE C 463 52.96 -23.21 77.25
C ILE C 463 54.15 -23.93 76.64
N ALA C 464 55.22 -23.19 76.38
CA ALA C 464 56.46 -23.76 75.88
C ALA C 464 57.64 -23.20 76.67
N ILE C 465 58.66 -24.05 76.87
CA ILE C 465 59.87 -23.72 77.62
C ILE C 465 61.07 -24.11 76.78
N SER C 466 61.84 -23.13 76.31
CA SER C 466 63.08 -23.42 75.62
C SER C 466 64.26 -23.23 76.56
N GLY C 467 65.30 -24.06 76.34
CA GLY C 467 66.48 -24.01 77.21
C GLY C 467 67.42 -22.87 76.90
N CYS C 468 67.27 -22.22 75.75
CA CYS C 468 68.13 -21.13 75.32
C CYS C 468 67.40 -20.29 74.28
N PRO C 469 67.99 -19.19 73.80
CA PRO C 469 67.28 -18.33 72.84
C PRO C 469 67.09 -18.92 71.44
N ASN C 470 67.64 -20.11 71.14
CA ASN C 470 67.29 -20.72 69.86
C ASN C 470 65.80 -21.05 69.79
N LYS C 471 65.15 -21.25 70.93
CA LYS C 471 63.69 -21.31 71.00
C LYS C 471 63.13 -22.40 70.07
N CYS C 472 63.72 -23.60 70.15
CA CYS C 472 63.31 -24.69 69.27
C CYS C 472 61.84 -25.05 69.43
N VAL C 473 61.29 -24.90 70.64
CA VAL C 473 59.89 -25.25 70.91
C VAL C 473 58.97 -24.03 70.80
N ARG C 474 59.51 -22.88 70.37
CA ARG C 474 58.78 -21.69 69.93
C ARG C 474 58.02 -20.97 71.05
N PRO C 475 58.69 -20.68 72.16
CA PRO C 475 58.01 -19.97 73.26
C PRO C 475 57.55 -18.55 72.89
N GLN C 476 58.12 -17.93 71.86
CA GLN C 476 57.75 -16.57 71.52
C GLN C 476 56.43 -16.50 70.78
N ILE C 477 55.82 -17.64 70.45
CA ILE C 477 54.48 -17.67 69.87
C ILE C 477 53.60 -18.69 70.57
N HIS C 478 53.68 -18.72 71.91
CA HIS C 478 52.83 -19.55 72.76
C HIS C 478 52.02 -18.66 73.69
N ASP C 479 50.95 -19.22 74.26
CA ASP C 479 50.14 -18.44 75.20
C ASP C 479 51.00 -17.94 76.36
N ILE C 480 51.85 -18.81 76.90
CA ILE C 480 52.92 -18.42 77.82
C ILE C 480 54.19 -19.04 77.29
N GLY C 481 55.25 -18.25 77.21
CA GLY C 481 56.55 -18.75 76.76
C GLY C 481 57.64 -18.40 77.74
N ILE C 482 58.56 -19.33 77.90
CA ILE C 482 59.76 -19.16 78.71
C ILE C 482 60.97 -19.56 77.88
N ALA C 483 62.02 -18.76 77.93
CA ALA C 483 63.28 -19.08 77.28
C ALA C 483 64.42 -18.79 78.25
N GLY C 484 65.33 -19.74 78.40
CA GLY C 484 66.51 -19.49 79.20
C GLY C 484 67.44 -18.51 78.51
N VAL C 485 68.01 -17.59 79.31
CA VAL C 485 68.94 -16.61 78.78
C VAL C 485 70.11 -16.43 79.73
N LYS C 486 71.24 -15.98 79.15
CA LYS C 486 72.47 -15.70 79.88
C LYS C 486 73.24 -14.66 79.06
N PHE C 487 73.18 -13.42 79.50
CA PHE C 487 73.80 -12.32 78.77
C PHE C 487 75.23 -12.08 79.26
N PRO C 488 76.14 -11.74 78.36
CA PRO C 488 77.54 -11.52 78.75
C PRO C 488 77.85 -10.06 79.08
N VAL C 489 78.94 -9.90 79.83
CA VAL C 489 79.58 -8.60 80.02
C VAL C 489 81.08 -8.85 79.97
N VAL C 490 81.78 -8.09 79.12
CA VAL C 490 83.21 -8.33 78.93
C VAL C 490 83.98 -7.99 80.21
N ASN C 491 84.92 -8.87 80.58
CA ASN C 491 85.87 -8.65 81.68
C ASN C 491 87.06 -7.94 81.08
N GLU C 492 87.06 -6.61 81.22
CA GLU C 492 88.07 -5.70 80.61
C GLU C 492 89.51 -6.07 81.00
N GLU C 493 89.72 -6.61 82.19
CA GLU C 493 91.11 -6.97 82.61
C GLU C 493 91.58 -8.23 81.87
N ASN C 494 90.65 -9.11 81.48
CA ASN C 494 91.07 -10.39 80.90
C ASN C 494 90.97 -10.45 79.37
N CYS C 495 89.97 -9.78 78.81
CA CYS C 495 89.80 -9.82 77.33
C CYS C 495 91.06 -9.28 76.64
N ASN C 496 91.56 -10.01 75.63
CA ASN C 496 92.75 -9.57 74.90
C ASN C 496 92.47 -9.42 73.41
N GLY C 497 91.19 -9.45 73.00
CA GLY C 497 90.83 -9.28 71.64
C GLY C 497 91.30 -10.41 70.72
N CYS C 498 91.44 -11.61 71.28
CA CYS C 498 91.88 -12.81 70.51
C CYS C 498 90.93 -13.05 69.33
N GLY C 499 89.64 -12.78 69.52
CA GLY C 499 88.64 -12.88 68.44
C GLY C 499 87.79 -14.13 68.42
N ARG C 500 88.02 -15.09 69.32
CA ARG C 500 87.30 -16.37 69.26
C ARG C 500 85.80 -16.21 69.47
N CYS C 501 85.39 -15.42 70.48
CA CYS C 501 83.96 -15.30 70.79
C CYS C 501 83.14 -14.83 69.59
N ALA C 502 83.66 -13.87 68.81
CA ALA C 502 82.87 -13.38 67.68
C ALA C 502 82.54 -14.51 66.71
N GLU C 503 83.39 -15.54 66.66
CA GLU C 503 83.19 -16.62 65.71
C GLU C 503 81.98 -17.48 66.05
N VAL C 504 81.60 -17.56 67.34
CA VAL C 504 80.49 -18.40 67.74
C VAL C 504 79.17 -17.64 67.81
N CYS C 505 79.19 -16.34 67.57
CA CYS C 505 77.97 -15.53 67.61
C CYS C 505 77.39 -15.44 66.21
N LYS C 506 76.39 -16.28 65.92
CA LYS C 506 75.86 -16.31 64.56
C LYS C 506 75.13 -15.03 64.20
N ILE C 507 74.62 -14.32 65.21
CA ILE C 507 73.88 -13.06 64.94
C ILE C 507 74.84 -11.85 64.85
N GLU C 508 76.14 -12.10 65.05
CA GLU C 508 77.19 -11.08 64.87
C GLU C 508 76.97 -9.86 65.78
N ALA C 509 76.77 -10.13 67.06
CA ALA C 509 76.58 -9.09 68.05
C ALA C 509 77.89 -8.59 68.66
N ILE C 510 79.03 -9.20 68.32
CA ILE C 510 80.29 -8.94 69.01
C ILE C 510 81.21 -8.11 68.11
N ASP C 511 81.79 -7.05 68.68
CA ASP C 511 82.80 -6.19 68.02
C ASP C 511 84.19 -6.47 68.61
N ILE C 512 85.09 -7.14 67.87
CA ILE C 512 86.49 -7.31 68.27
C ILE C 512 87.26 -6.07 67.85
N ARG C 513 87.88 -5.39 68.81
CA ARG C 513 88.58 -4.13 68.55
C ARG C 513 89.90 -4.10 69.32
N GLY C 514 91.00 -4.08 68.60
CA GLY C 514 92.31 -3.98 69.23
C GLY C 514 92.53 -5.08 70.23
N GLU C 515 92.78 -4.70 71.48
CA GLU C 515 93.04 -5.71 72.54
C GLU C 515 91.80 -5.91 73.43
N THR C 516 90.60 -5.73 72.87
CA THR C 516 89.40 -5.93 73.67
C THR C 516 88.23 -6.30 72.76
N SER C 517 87.07 -6.47 73.37
CA SER C 517 85.86 -6.82 72.65
C SER C 517 84.68 -6.11 73.28
N TYR C 518 83.58 -6.06 72.51
CA TYR C 518 82.35 -5.42 72.93
C TYR C 518 81.15 -6.26 72.53
N THR C 519 80.01 -6.03 73.18
CA THR C 519 78.75 -6.67 72.85
C THR C 519 77.71 -5.61 72.49
N ASN C 520 77.02 -5.79 71.36
CA ASN C 520 75.92 -4.91 70.97
C ASN C 520 74.65 -5.46 71.60
N TYR C 521 74.22 -4.84 72.70
CA TYR C 521 73.08 -5.37 73.44
C TYR C 521 71.74 -5.10 72.77
N ASN C 522 71.72 -4.31 71.69
CA ASN C 522 70.51 -4.20 70.90
C ASN C 522 70.34 -5.40 69.97
N VAL C 523 71.34 -6.27 69.87
CA VAL C 523 71.27 -7.48 69.05
C VAL C 523 71.41 -8.76 69.89
N CYS C 524 72.35 -8.76 70.85
CA CYS C 524 72.58 -9.94 71.67
C CYS C 524 71.29 -10.48 72.26
N ILE C 525 71.08 -11.79 72.10
CA ILE C 525 69.89 -12.48 72.59
C ILE C 525 70.17 -13.30 73.85
N GLY C 526 71.40 -13.21 74.39
CA GLY C 526 71.73 -13.90 75.62
C GLY C 526 71.81 -15.41 75.52
N CYS C 527 72.46 -15.92 74.48
CA CYS C 527 72.65 -17.36 74.36
C CYS C 527 73.80 -17.88 75.21
N GLY C 528 74.70 -16.99 75.63
CA GLY C 528 75.80 -17.41 76.48
C GLY C 528 76.95 -18.11 75.79
N LYS C 529 76.90 -18.33 74.48
CA LYS C 529 77.93 -19.13 73.81
C LYS C 529 79.30 -18.46 73.89
N CYS C 530 79.35 -17.13 73.79
CA CYS C 530 80.63 -16.41 73.87
C CYS C 530 81.30 -16.63 75.23
N ILE C 531 80.51 -16.74 76.30
CA ILE C 531 81.08 -16.96 77.63
C ILE C 531 81.79 -18.33 77.68
N LYS C 532 81.14 -19.31 77.04
CA LYS C 532 81.62 -20.72 77.01
C LYS C 532 82.81 -20.87 76.06
N ALA C 533 82.81 -20.14 74.93
CA ALA C 533 83.88 -20.26 73.95
C ALA C 533 85.14 -19.49 74.35
N CYS C 534 85.05 -18.50 75.22
CA CYS C 534 86.22 -17.68 75.52
C CYS C 534 87.26 -18.51 76.27
N PRO C 535 88.51 -18.55 75.80
CA PRO C 535 89.56 -19.30 76.52
C PRO C 535 90.30 -18.50 77.57
N ASN C 536 89.94 -17.23 77.79
CA ASN C 536 90.72 -16.31 78.60
C ASN C 536 89.93 -15.68 79.74
N GLU C 537 88.78 -16.25 80.10
CA GLU C 537 87.91 -15.71 81.15
C GLU C 537 87.58 -14.24 80.88
N GLY C 538 87.34 -13.93 79.61
CA GLY C 538 87.12 -12.57 79.16
C GLY C 538 85.70 -12.10 79.20
N ARG C 539 84.76 -13.01 79.44
CA ARG C 539 83.33 -12.69 79.49
C ARG C 539 82.72 -13.29 80.75
N ASP C 540 82.08 -12.45 81.54
CA ASP C 540 81.33 -12.86 82.72
C ASP C 540 79.83 -12.73 82.44
N VAL C 541 79.02 -13.15 83.41
CA VAL C 541 77.58 -13.11 83.29
C VAL C 541 77.05 -11.74 83.73
N LYS C 542 76.36 -11.07 82.82
CA LYS C 542 75.71 -9.80 83.13
C LYS C 542 74.35 -9.99 83.81
N GLU C 543 73.55 -10.92 83.28
CA GLU C 543 72.18 -11.16 83.69
C GLU C 543 71.81 -12.54 83.17
N GLU C 544 71.05 -13.32 83.95
CA GLU C 544 70.65 -14.64 83.49
C GLU C 544 69.35 -15.06 84.15
N GLY C 545 68.61 -15.93 83.47
CA GLY C 545 67.39 -16.47 84.08
C GLY C 545 66.38 -16.92 83.04
N PHE C 546 65.10 -16.83 83.46
CA PHE C 546 63.95 -17.28 82.68
C PHE C 546 63.29 -16.06 82.02
N MET C 547 63.48 -15.88 80.71
CA MET C 547 62.78 -14.82 80.00
C MET C 547 61.36 -15.26 79.65
N VAL C 548 60.41 -14.36 79.84
CA VAL C 548 58.98 -14.69 79.76
C VAL C 548 58.29 -13.87 78.67
N TYR C 549 57.41 -14.55 77.92
CA TYR C 549 56.55 -13.96 76.89
C TYR C 549 55.10 -14.34 77.19
N VAL C 550 54.16 -13.42 76.93
CA VAL C 550 52.75 -13.66 77.19
C VAL C 550 51.91 -13.26 75.98
N GLY C 551 51.05 -14.16 75.53
CA GLY C 551 50.03 -13.84 74.56
C GLY C 551 50.33 -14.14 73.10
N GLY C 552 51.12 -15.17 72.82
CA GLY C 552 51.36 -15.60 71.45
C GLY C 552 50.52 -16.80 71.07
N LYS C 553 50.59 -17.16 69.78
CA LYS C 553 49.91 -18.35 69.26
C LYS C 553 50.43 -18.63 67.86
N THR C 554 50.15 -19.84 67.42
CA THR C 554 50.24 -20.15 65.97
C THR C 554 48.84 -20.66 65.60
N GLY C 555 48.76 -21.42 64.52
CA GLY C 555 47.49 -21.95 64.08
C GLY C 555 46.91 -21.14 62.93
N ARG C 556 45.67 -20.68 63.09
CA ARG C 556 45.03 -19.89 62.03
C ARG C 556 45.72 -18.55 61.83
N GLU C 557 46.32 -18.00 62.88
CA GLU C 557 47.10 -16.77 62.82
C GLU C 557 48.39 -16.97 63.62
N VAL C 558 49.43 -16.23 63.24
CA VAL C 558 50.70 -16.18 63.96
C VAL C 558 50.72 -14.88 64.77
N ILE C 559 50.88 -15.00 66.08
CA ILE C 559 51.01 -13.83 66.96
C ILE C 559 52.17 -14.03 67.92
N GLU C 560 53.09 -13.05 67.95
CA GLU C 560 54.18 -13.07 68.90
C GLU C 560 53.73 -12.47 70.23
N GLY C 561 53.95 -13.19 71.31
CA GLY C 561 53.60 -12.70 72.62
C GLY C 561 54.41 -11.48 73.02
N VAL C 562 53.86 -10.75 73.98
CA VAL C 562 54.52 -9.57 74.53
C VAL C 562 55.69 -10.00 75.41
N SER C 563 56.88 -9.49 75.10
CA SER C 563 58.03 -9.71 75.95
C SER C 563 57.80 -9.07 77.32
N MET C 564 58.08 -9.81 78.38
CA MET C 564 57.85 -9.32 79.74
C MET C 564 59.16 -8.91 80.40
N LYS C 565 59.86 -9.87 81.01
CA LYS C 565 61.08 -9.67 81.76
C LYS C 565 61.56 -11.03 82.27
N LEU C 566 62.73 -11.06 82.91
CA LEU C 566 63.17 -12.26 83.60
C LEU C 566 62.34 -12.43 84.87
N MET C 567 61.96 -13.68 85.16
CA MET C 567 61.09 -13.97 86.30
C MET C 567 61.58 -15.21 87.02
N SER C 568 61.31 -15.28 88.32
CA SER C 568 61.57 -16.48 89.08
C SER C 568 60.49 -17.51 88.77
N VAL C 569 60.79 -18.77 89.14
CA VAL C 569 59.81 -19.84 88.98
C VAL C 569 58.58 -19.50 89.85
N GLU C 570 58.83 -18.94 91.03
CA GLU C 570 57.73 -18.52 91.94
C GLU C 570 56.85 -17.50 91.21
N GLU C 571 57.48 -16.54 90.55
CA GLU C 571 56.75 -15.45 89.83
C GLU C 571 56.02 -16.03 88.60
N ILE C 572 56.65 -16.99 87.92
CA ILE C 572 56.01 -17.59 86.75
C ILE C 572 54.72 -18.32 87.11
N LEU C 573 54.74 -19.06 88.22
CA LEU C 573 53.54 -19.77 88.66
C LEU C 573 52.41 -18.79 88.99
N ASN C 574 52.76 -17.71 89.69
CA ASN C 574 51.81 -16.64 89.99
C ASN C 574 51.27 -16.05 88.70
N LEU C 575 52.16 -15.79 87.74
CA LEU C 575 51.76 -15.17 86.48
C LEU C 575 50.76 -16.05 85.73
N ILE C 576 51.07 -17.34 85.57
CA ILE C 576 50.20 -18.20 84.77
C ILE C 576 48.81 -18.27 85.40
N ASP C 577 48.77 -18.40 86.74
CA ASP C 577 47.49 -18.46 87.45
C ASP C 577 46.66 -17.22 87.19
N LYS C 578 47.28 -16.05 87.27
CA LYS C 578 46.56 -14.79 87.12
C LYS C 578 46.22 -14.52 85.67
N VAL C 579 47.08 -14.93 84.72
CA VAL C 579 46.72 -14.79 83.31
C VAL C 579 45.46 -15.59 83.01
N LEU C 580 45.38 -16.82 83.53
CA LEU C 580 44.20 -17.63 83.29
C LEU C 580 42.96 -16.99 83.88
N ILE C 581 43.09 -16.35 85.05
CA ILE C 581 41.96 -15.68 85.67
C ILE C 581 41.49 -14.50 84.82
N VAL C 582 42.43 -13.67 84.37
CA VAL C 582 42.04 -12.50 83.60
C VAL C 582 41.51 -12.90 82.22
N TYR C 583 42.08 -13.96 81.64
CA TYR C 583 41.55 -14.54 80.40
C TYR C 583 40.10 -14.98 80.56
N HIS C 584 39.81 -15.73 81.62
N HIS C 584 39.80 -15.70 81.64
CA HIS C 584 38.43 -16.10 81.91
CA HIS C 584 38.41 -16.09 81.88
C HIS C 584 37.56 -14.86 82.06
C HIS C 584 37.53 -14.88 82.11
N LYS C 585 38.06 -13.84 82.77
CA LYS C 585 37.23 -12.68 83.08
C LYS C 585 36.74 -12.00 81.80
N TYR C 586 37.65 -11.84 80.83
CA TYR C 586 37.33 -11.03 79.61
C TYR C 586 36.95 -11.85 78.38
N ALA C 587 37.12 -13.16 78.39
CA ALA C 587 36.76 -13.95 77.22
C ALA C 587 35.25 -13.99 77.02
N LYS C 588 34.80 -13.83 75.78
CA LYS C 588 33.34 -13.84 75.51
C LYS C 588 32.96 -14.99 74.57
N LYS C 589 33.93 -15.63 73.92
CA LYS C 589 33.65 -16.66 72.94
C LYS C 589 34.47 -17.90 73.27
N PRO C 590 33.98 -18.72 74.20
CA PRO C 590 34.65 -20.00 74.48
C PRO C 590 34.83 -20.78 73.19
N GLN C 591 35.97 -21.45 73.08
CA GLN C 591 36.37 -22.29 71.95
C GLN C 591 36.66 -21.50 70.68
N ARG C 592 36.71 -20.16 70.76
CA ARG C 592 37.03 -19.35 69.60
C ARG C 592 38.06 -18.27 69.89
N GLU C 593 38.04 -17.68 71.07
CA GLU C 593 38.94 -16.57 71.40
C GLU C 593 40.12 -17.12 72.19
N ARG C 594 41.30 -17.14 71.56
CA ARG C 594 42.51 -17.44 72.32
C ARG C 594 42.87 -16.26 73.22
N LEU C 595 43.80 -16.52 74.13
CA LEU C 595 44.34 -15.47 74.99
C LEU C 595 44.76 -14.25 74.16
N ALA C 596 45.49 -14.47 73.08
CA ALA C 596 45.95 -13.36 72.26
C ALA C 596 44.78 -12.53 71.74
N ALA C 597 43.66 -13.17 71.40
CA ALA C 597 42.52 -12.42 70.87
C ALA C 597 41.87 -11.57 71.95
N VAL C 598 41.82 -12.09 73.19
CA VAL C 598 41.27 -11.30 74.28
C VAL C 598 42.17 -10.11 74.59
N MET C 599 43.50 -10.33 74.63
CA MET C 599 44.43 -9.24 74.84
C MET C 599 44.27 -8.18 73.74
N ALA C 600 44.14 -8.62 72.48
CA ALA C 600 43.98 -7.65 71.40
C ALA C 600 42.69 -6.85 71.54
N ARG C 601 41.61 -7.51 71.97
CA ARG C 601 40.30 -6.87 72.02
C ARG C 601 40.26 -5.79 73.11
N ILE C 602 40.78 -6.09 74.31
CA ILE C 602 40.64 -5.13 75.40
C ILE C 602 41.83 -4.21 75.55
N GLY C 603 42.94 -4.50 74.86
CA GLY C 603 44.17 -3.74 74.99
C GLY C 603 45.22 -4.54 75.74
N LYS C 604 46.41 -4.72 75.14
CA LYS C 604 47.44 -5.53 75.76
C LYS C 604 47.87 -4.96 77.11
N GLY C 605 48.07 -3.64 77.17
CA GLY C 605 48.45 -3.01 78.42
C GLY C 605 47.40 -3.18 79.48
N LYS C 606 46.13 -3.00 79.11
CA LYS C 606 45.04 -3.19 80.07
C LYS C 606 45.05 -4.61 80.63
N PHE C 607 45.17 -5.60 79.75
CA PHE C 607 45.18 -6.99 80.22
C PHE C 607 46.35 -7.23 81.17
N LEU C 608 47.56 -6.83 80.76
CA LEU C 608 48.75 -7.13 81.55
C LEU C 608 48.76 -6.37 82.86
N GLU C 609 48.19 -5.15 82.87
CA GLU C 609 48.08 -4.39 84.12
C GLU C 609 47.21 -5.12 85.13
N GLU C 610 46.11 -5.70 84.66
CA GLU C 610 45.18 -6.43 85.58
C GLU C 610 45.90 -7.66 86.14
N VAL C 611 46.65 -8.35 85.28
CA VAL C 611 47.41 -9.53 85.72
C VAL C 611 48.37 -9.16 86.82
N LYS C 612 49.11 -8.06 86.62
CA LYS C 612 50.09 -7.62 87.61
C LYS C 612 49.41 -7.28 88.93
N GLU C 613 48.26 -6.59 88.88
CA GLU C 613 47.54 -6.27 90.10
C GLU C 613 47.14 -7.53 90.86
N LEU C 614 46.66 -8.54 90.15
CA LEU C 614 46.31 -9.79 90.81
C LEU C 614 47.54 -10.49 91.38
N MET C 615 48.66 -10.43 90.66
CA MET C 615 49.91 -11.03 91.13
C MET C 615 50.37 -10.37 92.42
N GLU C 616 50.15 -9.06 92.52
CA GLU C 616 50.61 -8.29 93.71
C GLU C 616 49.75 -8.62 94.93
N GLN C 617 48.49 -9.02 94.70
CA GLN C 617 47.57 -9.37 95.82
C GLN C 617 47.90 -10.79 96.32
N ASN C 618 48.48 -11.62 95.46
CA ASN C 618 48.87 -12.98 95.85
C ASN C 618 49.78 -12.96 97.08
N TYR D 2 103.67 -23.97 75.24
CA TYR D 2 102.63 -22.95 74.90
C TYR D 2 101.26 -23.63 74.94
N GLU D 3 100.25 -22.95 75.48
CA GLU D 3 98.90 -23.54 75.53
C GLU D 3 98.35 -23.62 74.10
N TRP D 4 98.00 -24.83 73.67
CA TRP D 4 97.44 -25.10 72.31
C TRP D 4 96.37 -26.19 72.44
N LYS D 5 95.13 -25.90 72.03
CA LYS D 5 94.00 -26.86 72.18
C LYS D 5 94.32 -28.20 71.51
N LEU D 6 94.97 -28.18 70.34
CA LEU D 6 95.26 -29.40 69.61
C LEU D 6 96.29 -30.27 70.30
N ASN D 7 96.82 -29.81 71.42
CA ASN D 7 97.81 -30.64 72.15
C ASN D 7 97.09 -31.91 72.63
N ASP D 8 95.79 -31.82 72.89
CA ASP D 8 95.02 -33.00 73.28
C ASP D 8 95.13 -34.10 72.23
N ILE D 9 95.14 -33.72 70.96
CA ILE D 9 95.27 -34.68 69.87
C ILE D 9 96.72 -35.10 69.70
N VAL D 10 97.63 -34.11 69.64
CA VAL D 10 99.02 -34.38 69.29
C VAL D 10 99.73 -35.16 70.38
N ASP D 11 99.49 -34.80 71.64
CA ASP D 11 100.24 -35.41 72.73
C ASP D 11 99.73 -36.81 73.11
N ASN D 12 98.58 -37.25 72.57
CA ASN D 12 97.99 -38.53 72.92
C ASN D 12 98.01 -39.55 71.79
N GLY D 13 98.85 -39.34 70.77
CA GLY D 13 99.01 -40.30 69.70
C GLY D 13 97.85 -40.40 68.73
N ILE D 14 96.99 -39.38 68.68
CA ILE D 14 95.85 -39.38 67.77
C ILE D 14 96.13 -38.57 66.51
N CYS D 15 97.11 -37.66 66.56
CA CYS D 15 97.47 -36.84 65.41
C CYS D 15 97.94 -37.69 64.25
N ALA D 16 97.39 -37.44 63.07
CA ALA D 16 97.81 -38.15 61.86
C ALA D 16 99.14 -37.65 61.30
N LYS D 17 99.67 -36.53 61.80
CA LYS D 17 100.83 -35.85 61.20
C LYS D 17 100.60 -35.54 59.72
N CYS D 18 99.39 -35.06 59.42
CA CYS D 18 98.99 -34.64 58.09
C CYS D 18 99.52 -33.25 57.74
N GLY D 19 99.57 -32.35 58.72
CA GLY D 19 100.04 -31.01 58.49
C GLY D 19 99.00 -29.98 58.11
N THR D 20 97.72 -30.34 58.11
CA THR D 20 96.70 -29.38 57.70
C THR D 20 96.66 -28.16 58.63
N CYS D 21 96.66 -28.40 59.94
CA CYS D 21 96.50 -27.33 60.92
C CYS D 21 97.55 -26.24 60.77
N THR D 22 98.79 -26.61 60.39
CA THR D 22 99.87 -25.63 60.41
C THR D 22 99.89 -24.73 59.18
N VAL D 23 99.04 -24.97 58.18
CA VAL D 23 98.99 -24.09 57.02
C VAL D 23 97.88 -23.05 57.12
N VAL D 24 96.96 -23.16 58.07
CA VAL D 24 95.78 -22.28 58.09
C VAL D 24 95.93 -21.12 59.05
N CYS D 25 97.04 -21.01 59.77
CA CYS D 25 97.13 -20.02 60.83
C CYS D 25 97.30 -18.65 60.21
N PRO D 26 96.39 -17.70 60.48
CA PRO D 26 96.51 -16.37 59.85
C PRO D 26 97.60 -15.52 60.46
N ASN D 27 98.16 -15.93 61.58
CA ASN D 27 99.29 -15.23 62.18
C ASN D 27 100.62 -15.89 61.89
N GLY D 28 100.62 -17.02 61.17
CA GLY D 28 101.84 -17.71 60.81
C GLY D 28 102.67 -18.20 61.98
N ILE D 29 102.03 -18.55 63.10
CA ILE D 29 102.76 -18.97 64.29
C ILE D 29 102.73 -20.50 64.49
N LEU D 30 102.30 -21.26 63.49
CA LEU D 30 102.39 -22.70 63.53
C LEU D 30 103.41 -23.17 62.51
N THR D 31 104.24 -24.13 62.94
CA THR D 31 105.22 -24.76 62.02
C THR D 31 105.11 -26.27 62.22
N PHE D 32 105.47 -27.04 61.20
CA PHE D 32 105.45 -28.51 61.35
C PHE D 32 106.88 -29.03 61.22
N GLU D 33 107.38 -29.64 62.29
CA GLU D 33 108.73 -30.27 62.29
C GLU D 33 108.46 -31.77 62.40
N ASP D 34 108.56 -32.32 63.60
CA ASP D 34 108.20 -33.75 63.76
C ASP D 34 106.70 -33.83 64.11
N ARG D 35 106.13 -32.69 64.51
CA ARG D 35 104.70 -32.55 64.89
C ARG D 35 104.31 -31.08 64.74
N PRO D 36 103.00 -30.75 64.78
CA PRO D 36 102.58 -29.35 64.69
C PRO D 36 103.08 -28.67 65.97
N LYS D 37 103.58 -27.45 65.87
CA LYS D 37 104.05 -26.77 67.11
C LYS D 37 103.93 -25.25 66.97
N LEU D 38 103.69 -24.59 68.11
CA LEU D 38 103.56 -23.12 68.15
C LEU D 38 104.96 -22.51 68.23
N THR D 39 105.23 -21.51 67.39
CA THR D 39 106.51 -20.79 67.49
C THR D 39 106.44 -19.60 68.44
N GLU D 40 105.25 -19.23 68.89
CA GLU D 40 105.09 -18.18 69.89
C GLU D 40 103.70 -18.31 70.48
N GLU D 41 103.41 -17.48 71.48
CA GLU D 41 102.15 -17.61 72.20
C GLU D 41 100.95 -17.34 71.29
N CYS D 42 99.93 -18.19 71.42
CA CYS D 42 98.66 -18.01 70.74
C CYS D 42 97.66 -17.42 71.74
N LEU D 43 97.15 -16.22 71.44
CA LEU D 43 96.23 -15.56 72.36
C LEU D 43 94.91 -16.32 72.48
N ARG D 44 94.56 -17.14 71.49
CA ARG D 44 93.36 -17.95 71.56
C ARG D 44 93.61 -19.31 72.24
N LYS D 45 94.86 -19.60 72.60
CA LYS D 45 95.25 -20.90 73.15
C LYS D 45 94.80 -22.04 72.25
N GLY D 46 94.90 -21.82 70.94
CA GLY D 46 94.57 -22.83 69.96
C GLY D 46 93.09 -23.02 69.70
N ASN D 47 92.24 -22.15 70.25
CA ASN D 47 90.80 -22.19 69.98
C ASN D 47 90.56 -21.42 68.69
N GLY D 48 90.73 -22.11 67.58
CA GLY D 48 90.59 -21.47 66.29
C GLY D 48 90.75 -22.40 65.10
N MET D 49 91.09 -21.80 63.95
CA MET D 49 91.15 -22.48 62.62
C MET D 49 91.92 -23.80 62.63
N CYS D 50 93.14 -23.83 63.17
CA CYS D 50 93.90 -25.07 63.26
C CYS D 50 93.03 -26.17 63.86
N PHE D 51 92.47 -25.91 65.03
CA PHE D 51 91.66 -26.95 65.71
C PHE D 51 90.44 -27.33 64.85
N GLU D 52 89.86 -26.34 64.16
CA GLU D 52 88.62 -26.59 63.42
C GLU D 52 88.86 -27.31 62.10
N VAL D 53 90.07 -27.31 61.55
CA VAL D 53 90.31 -28.08 60.32
C VAL D 53 90.86 -29.47 60.59
N CYS D 54 91.12 -29.82 61.84
CA CYS D 54 91.81 -31.08 62.13
C CYS D 54 90.89 -32.29 61.86
N PRO D 55 91.29 -33.20 60.96
CA PRO D 55 90.40 -34.34 60.64
C PRO D 55 90.31 -35.37 61.76
N ARG D 56 91.12 -35.23 62.81
CA ARG D 56 91.08 -36.13 63.95
C ARG D 56 90.29 -35.56 65.13
N VAL D 57 89.81 -34.32 65.01
CA VAL D 57 88.81 -33.80 65.93
C VAL D 57 87.42 -34.24 65.48
N SER D 58 87.11 -34.03 64.20
CA SER D 58 85.83 -34.41 63.61
C SER D 58 86.05 -34.56 62.12
N SER D 59 85.58 -35.67 61.54
CA SER D 59 85.87 -35.93 60.13
C SER D 59 85.15 -34.95 59.19
N GLY D 60 83.95 -34.51 59.54
CA GLY D 60 83.08 -33.75 58.64
C GLY D 60 82.59 -34.54 57.43
N LYS D 61 82.76 -35.87 57.45
CA LYS D 61 82.61 -36.64 56.22
C LYS D 61 81.16 -36.67 55.71
N TYR D 62 80.17 -36.76 56.61
CA TYR D 62 78.80 -36.83 56.14
C TYR D 62 78.41 -35.57 55.36
N GLN D 63 78.68 -34.39 55.94
CA GLN D 63 78.28 -33.14 55.31
C GLN D 63 79.11 -32.87 54.05
N ILE D 64 80.32 -33.44 53.99
CA ILE D 64 81.17 -33.27 52.78
C ILE D 64 80.68 -34.21 51.68
N LYS D 65 80.47 -35.49 52.00
CA LYS D 65 80.06 -36.49 50.98
C LYS D 65 78.70 -36.15 50.36
N ILE D 66 77.74 -35.64 51.14
CA ILE D 66 76.41 -35.29 50.54
C ILE D 66 76.53 -34.16 49.51
N ARG D 67 77.55 -33.31 49.62
CA ARG D 67 77.80 -32.21 48.64
C ARG D 67 78.67 -32.73 47.48
N GLU D 68 79.72 -33.51 47.75
CA GLU D 68 80.57 -33.98 46.65
C GLU D 68 79.89 -35.05 45.82
N LYS D 69 78.96 -35.81 46.41
CA LYS D 69 78.20 -36.84 45.68
C LYS D 69 79.16 -37.75 44.92
N PHE D 70 80.06 -38.36 45.69
CA PHE D 70 81.15 -39.12 45.11
C PHE D 70 80.63 -40.30 44.28
N LYS D 71 81.28 -40.53 43.14
CA LYS D 71 81.16 -41.77 42.40
C LYS D 71 82.38 -42.64 42.74
N GLU D 72 82.46 -43.82 42.12
CA GLU D 72 83.52 -44.78 42.46
C GLU D 72 83.82 -45.61 41.21
N GLU D 73 84.65 -45.07 40.32
CA GLU D 73 84.99 -45.70 39.05
C GLU D 73 86.42 -46.20 39.10
N TYR D 74 86.61 -47.49 38.82
CA TYR D 74 87.91 -48.16 38.99
C TYR D 74 88.58 -48.38 37.65
N TYR D 75 89.82 -47.92 37.53
CA TYR D 75 90.64 -48.15 36.35
C TYR D 75 92.07 -48.43 36.81
N TYR D 76 92.94 -48.78 35.86
CA TYR D 76 94.38 -48.75 36.09
C TYR D 76 95.06 -48.22 34.83
N GLY D 77 96.29 -47.72 35.01
CA GLY D 77 96.99 -47.15 33.86
C GLY D 77 98.43 -46.80 34.18
N LYS D 78 99.13 -46.35 33.13
CA LYS D 78 100.54 -45.93 33.26
C LYS D 78 100.71 -44.59 32.52
N GLY D 79 101.50 -43.69 33.10
CA GLY D 79 101.79 -42.39 32.51
C GLY D 79 102.96 -42.46 31.54
N ASP D 80 103.50 -41.29 31.20
CA ASP D 80 104.65 -41.22 30.31
C ASP D 80 105.94 -40.84 31.04
N VAL D 81 105.95 -40.91 32.37
CA VAL D 81 107.15 -40.68 33.16
C VAL D 81 107.32 -41.85 34.11
N GLU D 82 108.56 -42.11 34.50
CA GLU D 82 108.83 -43.14 35.49
C GLU D 82 108.44 -42.67 36.88
N GLY D 83 107.59 -43.44 37.55
CA GLY D 83 107.20 -43.09 38.90
C GLY D 83 107.28 -44.28 39.84
N GLN D 84 106.58 -44.18 40.98
CA GLN D 84 106.51 -45.28 41.93
C GLN D 84 105.93 -46.54 41.28
N ASP D 85 104.79 -46.39 40.61
CA ASP D 85 104.07 -47.51 40.01
C ASP D 85 103.93 -47.21 38.53
N GLY D 86 102.81 -46.61 38.12
CA GLY D 86 102.63 -46.27 36.72
C GLY D 86 103.01 -44.87 36.35
N GLY D 87 103.42 -44.05 37.31
CA GLY D 87 103.71 -42.66 37.04
C GLY D 87 102.46 -41.85 36.73
N VAL D 88 101.31 -42.29 37.24
CA VAL D 88 100.04 -41.66 36.88
C VAL D 88 99.90 -40.30 37.54
N VAL D 89 100.28 -40.20 38.81
CA VAL D 89 100.10 -38.93 39.52
C VAL D 89 100.88 -37.82 38.83
N THR D 90 102.16 -38.06 38.58
CA THR D 90 103.00 -37.02 37.97
C THR D 90 102.52 -36.70 36.55
N THR D 91 102.13 -37.72 35.78
CA THR D 91 101.68 -37.46 34.41
C THR D 91 100.40 -36.62 34.41
N PHE D 92 99.49 -36.89 35.35
CA PHE D 92 98.29 -36.07 35.50
C PHE D 92 98.66 -34.63 35.85
N LEU D 93 99.60 -34.45 36.77
CA LEU D 93 99.96 -33.09 37.18
C LEU D 93 100.60 -32.32 36.04
N LYS D 94 101.46 -32.97 35.26
CA LYS D 94 101.99 -32.34 34.07
C LYS D 94 100.87 -31.87 33.14
N TYR D 95 99.85 -32.72 32.96
CA TYR D 95 98.73 -32.38 32.08
C TYR D 95 97.99 -31.15 32.61
N LEU D 96 97.72 -31.11 33.92
CA LEU D 96 97.03 -29.97 34.50
C LEU D 96 97.85 -28.69 34.37
N LEU D 97 99.18 -28.79 34.54
CA LEU D 97 100.03 -27.62 34.37
C LEU D 97 100.05 -27.15 32.92
N LYS D 98 100.24 -28.09 32.00
CA LYS D 98 100.33 -27.75 30.58
C LYS D 98 99.06 -27.07 30.09
N ASN D 99 97.90 -27.53 30.54
CA ASN D 99 96.61 -27.02 30.08
C ASN D 99 96.05 -25.93 30.98
N LYS D 100 96.88 -25.31 31.81
CA LYS D 100 96.50 -24.12 32.58
C LYS D 100 95.28 -24.39 33.47
N LYS D 101 95.16 -25.62 33.97
CA LYS D 101 94.11 -25.95 34.93
C LYS D 101 94.49 -25.54 36.35
N ILE D 102 95.80 -25.48 36.63
CA ILE D 102 96.32 -25.08 37.93
C ILE D 102 97.52 -24.16 37.69
N ASP D 103 97.83 -23.33 38.70
CA ASP D 103 99.02 -22.51 38.65
C ASP D 103 100.23 -23.21 39.27
N GLY D 104 100.01 -24.25 40.06
CA GLY D 104 101.09 -25.05 40.59
C GLY D 104 100.54 -26.29 41.27
N ALA D 105 101.46 -27.17 41.66
CA ALA D 105 101.11 -28.39 42.39
C ALA D 105 101.88 -28.46 43.70
N ILE D 106 101.17 -28.88 44.75
CA ILE D 106 101.76 -29.12 46.06
C ILE D 106 102.11 -30.62 46.11
N VAL D 107 103.41 -30.92 46.08
CA VAL D 107 103.91 -32.28 45.97
C VAL D 107 105.06 -32.45 46.96
N VAL D 108 105.52 -33.69 47.12
CA VAL D 108 106.57 -34.02 48.08
C VAL D 108 107.82 -34.46 47.34
N GLY D 109 108.90 -33.71 47.51
CA GLY D 109 110.22 -34.12 47.09
C GLY D 109 110.98 -34.74 48.25
N ASP D 110 112.30 -34.82 48.10
CA ASP D 110 113.11 -35.44 49.18
C ASP D 110 114.59 -35.08 49.07
N GLU D 111 115.19 -34.81 50.22
CA GLU D 111 116.63 -34.62 50.36
C GLU D 111 117.17 -35.87 51.04
N CYS D 112 117.67 -36.81 50.25
CA CYS D 112 118.18 -38.07 50.78
C CYS D 112 117.11 -38.74 51.65
N TRP D 113 115.90 -38.83 51.09
CA TRP D 113 114.74 -39.49 51.68
C TRP D 113 114.15 -38.72 52.85
N LYS D 114 114.63 -37.51 53.11
CA LYS D 114 113.96 -36.58 54.02
C LYS D 114 112.92 -35.81 53.22
N PRO D 115 111.62 -36.05 53.43
CA PRO D 115 110.62 -35.41 52.57
C PRO D 115 110.62 -33.90 52.72
N VAL D 116 110.24 -33.21 51.64
CA VAL D 116 110.09 -31.76 51.63
C VAL D 116 108.85 -31.42 50.83
N SER D 117 108.00 -30.56 51.39
CA SER D 117 106.81 -30.08 50.69
C SER D 117 107.22 -28.98 49.73
N LEU D 118 106.77 -29.10 48.48
CA LEU D 118 107.17 -28.18 47.42
C LEU D 118 105.95 -27.67 46.68
N ILE D 119 106.05 -26.42 46.23
CA ILE D 119 105.12 -25.85 45.24
C ILE D 119 105.90 -25.79 43.93
N VAL D 120 105.46 -26.56 42.95
CA VAL D 120 106.12 -26.63 41.65
C VAL D 120 105.19 -26.00 40.62
N GLN D 121 105.76 -25.19 39.73
CA GLN D 121 104.97 -24.53 38.69
C GLN D 121 105.34 -24.96 37.29
N ASN D 122 106.32 -25.85 37.13
CA ASN D 122 106.72 -26.30 35.79
C ASN D 122 107.08 -27.77 35.84
N GLU D 123 107.18 -28.36 34.65
CA GLU D 123 107.45 -29.80 34.55
C GLU D 123 108.82 -30.14 35.10
N GLU D 124 109.81 -29.26 34.88
CA GLU D 124 111.17 -29.54 35.35
C GLU D 124 111.19 -29.79 36.85
N ASP D 125 110.57 -28.90 37.62
CA ASP D 125 110.53 -29.07 39.07
C ASP D 125 109.69 -30.28 39.47
N LEU D 126 108.66 -30.59 38.69
CA LEU D 126 107.77 -31.70 39.03
C LEU D 126 108.51 -33.03 38.95
N MET D 127 109.53 -33.14 38.10
CA MET D 127 110.17 -34.43 37.88
C MET D 127 110.96 -34.90 39.11
N ASN D 128 111.31 -34.00 40.03
CA ASN D 128 112.03 -34.39 41.25
C ASN D 128 111.11 -34.96 42.32
N THR D 129 109.80 -34.96 42.10
CA THR D 129 108.84 -35.33 43.14
C THR D 129 108.24 -36.71 42.93
N THR D 130 108.73 -37.47 41.96
CA THR D 130 108.17 -38.80 41.71
C THR D 130 108.55 -39.74 42.84
N LYS D 131 107.85 -40.87 42.89
CA LYS D 131 108.11 -41.99 43.79
C LYS D 131 107.56 -41.72 45.20
N SER D 132 107.29 -42.79 45.94
CA SER D 132 106.73 -42.64 47.28
C SER D 132 107.82 -42.39 48.31
N LYS D 133 107.54 -41.46 49.23
CA LYS D 133 108.35 -41.22 50.42
C LYS D 133 107.52 -41.72 51.60
N TYR D 134 107.93 -42.82 52.22
CA TYR D 134 107.09 -43.47 53.22
C TYR D 134 107.31 -42.94 54.64
N THR D 135 107.72 -41.69 54.79
CA THR D 135 107.87 -41.07 56.11
C THR D 135 107.06 -39.78 56.18
N VAL D 136 106.99 -39.22 57.39
CA VAL D 136 106.11 -38.08 57.64
C VAL D 136 106.36 -36.98 56.61
N SER D 137 105.28 -36.48 56.03
CA SER D 137 105.29 -35.40 55.06
C SER D 137 104.47 -34.24 55.60
N THR D 138 104.71 -33.04 55.08
CA THR D 138 103.90 -31.89 55.44
C THR D 138 103.17 -31.35 54.20
N LEU D 139 102.37 -30.31 54.44
CA LEU D 139 101.72 -29.51 53.40
C LEU D 139 102.24 -28.08 53.38
N GLU D 140 103.44 -27.85 53.92
CA GLU D 140 103.85 -26.48 54.23
C GLU D 140 103.93 -25.62 52.99
N ALA D 141 104.17 -26.22 51.82
CA ALA D 141 104.28 -25.43 50.60
C ALA D 141 102.98 -24.74 50.24
N LEU D 142 101.86 -25.13 50.87
CA LEU D 142 100.62 -24.39 50.66
C LEU D 142 100.74 -22.96 51.17
N LYS D 143 101.45 -22.77 52.28
CA LYS D 143 101.72 -21.42 52.77
C LYS D 143 102.53 -20.63 51.76
N THR D 144 103.58 -21.24 51.22
CA THR D 144 104.40 -20.57 50.21
C THR D 144 103.59 -20.22 48.97
N ALA D 145 102.70 -21.11 48.55
CA ALA D 145 101.85 -20.82 47.39
C ALA D 145 100.95 -19.63 47.66
N GLY D 146 100.48 -19.49 48.91
CA GLY D 146 99.65 -18.34 49.25
C GLY D 146 100.45 -17.05 49.35
N GLU D 147 101.68 -17.14 49.83
CA GLU D 147 102.57 -15.99 49.81
C GLU D 147 102.85 -15.55 48.38
N MET D 148 103.04 -16.51 47.47
CA MET D 148 103.28 -16.21 46.06
C MET D 148 102.04 -15.69 45.36
N GLY D 149 100.85 -15.90 45.93
CA GLY D 149 99.64 -15.41 45.31
C GLY D 149 99.06 -16.30 44.24
N LEU D 150 99.46 -17.57 44.19
CA LEU D 150 98.97 -18.49 43.16
C LEU D 150 97.48 -18.72 43.35
N GLU D 151 96.73 -18.61 42.25
CA GLU D 151 95.27 -18.66 42.34
C GLU D 151 94.77 -20.07 42.63
N LYS D 152 95.30 -21.07 41.91
CA LYS D 152 94.77 -22.43 41.98
C LYS D 152 95.90 -23.45 42.04
N VAL D 153 95.76 -24.45 42.88
CA VAL D 153 96.74 -25.53 42.95
C VAL D 153 96.05 -26.88 42.98
N ALA D 154 96.78 -27.90 42.52
CA ALA D 154 96.47 -29.30 42.78
C ALA D 154 97.33 -29.75 43.95
N VAL D 155 96.76 -30.59 44.82
CA VAL D 155 97.48 -31.12 45.97
C VAL D 155 97.41 -32.65 45.95
N VAL D 156 98.58 -33.28 46.10
CA VAL D 156 98.69 -34.73 46.29
C VAL D 156 98.82 -34.98 47.78
N GLY D 157 97.98 -35.86 48.32
CA GLY D 157 97.96 -36.07 49.75
C GLY D 157 97.67 -37.52 50.10
N LEU D 158 98.23 -37.94 51.23
CA LEU D 158 97.77 -39.15 51.88
C LEU D 158 96.34 -38.95 52.39
N PRO D 159 95.62 -40.04 52.65
CA PRO D 159 94.20 -39.90 53.07
C PRO D 159 93.98 -38.87 54.18
N CYS D 160 94.81 -38.87 55.23
CA CYS D 160 94.62 -37.89 56.30
C CYS D 160 94.75 -36.47 55.78
N GLN D 161 95.65 -36.26 54.80
CA GLN D 161 95.84 -34.94 54.23
C GLN D 161 94.66 -34.57 53.34
N ILE D 162 94.12 -35.52 52.59
CA ILE D 162 92.92 -35.23 51.82
C ILE D 162 91.80 -34.84 52.76
N ASN D 163 91.71 -35.53 53.89
CA ASN D 163 90.61 -35.28 54.82
C ASN D 163 90.72 -33.91 55.45
N GLY D 164 91.91 -33.53 55.90
CA GLY D 164 92.09 -32.17 56.42
C GLY D 164 91.76 -31.11 55.38
N LEU D 165 92.20 -31.31 54.14
CA LEU D 165 92.02 -30.28 53.11
C LEU D 165 90.57 -30.19 52.65
N ARG D 166 89.83 -31.30 52.68
CA ARG D 166 88.40 -31.22 52.44
C ARG D 166 87.72 -30.37 53.52
N LYS D 167 88.13 -30.55 54.78
CA LYS D 167 87.57 -29.71 55.85
C LYS D 167 87.88 -28.24 55.60
N LEU D 168 89.09 -27.93 55.13
CA LEU D 168 89.42 -26.55 54.79
C LEU D 168 88.53 -26.03 53.67
N GLN D 169 88.34 -26.85 52.62
CA GLN D 169 87.45 -26.46 51.54
C GLN D 169 86.03 -26.19 52.04
N TYR D 170 85.54 -27.02 52.96
CA TYR D 170 84.17 -26.91 53.47
C TYR D 170 84.10 -26.20 54.82
N PHE D 171 85.06 -25.32 55.10
CA PHE D 171 85.25 -24.78 56.44
C PHE D 171 84.01 -24.10 56.96
N GLN D 172 83.37 -23.28 56.12
CA GLN D 172 82.22 -22.50 56.61
C GLN D 172 81.08 -23.41 57.04
N TYR D 173 80.92 -24.56 56.36
CA TYR D 173 79.87 -25.50 56.73
C TYR D 173 80.21 -26.22 58.02
N LEU D 174 81.48 -26.57 58.21
CA LEU D 174 81.85 -27.39 59.36
C LEU D 174 82.07 -26.53 60.59
N ALA D 175 82.77 -25.40 60.44
CA ALA D 175 83.08 -24.53 61.57
C ALA D 175 81.98 -23.54 61.87
N LYS D 176 81.11 -23.27 60.88
CA LYS D 176 79.95 -22.39 60.99
C LYS D 176 80.32 -20.90 61.06
N HIS D 177 81.49 -20.52 60.57
CA HIS D 177 81.88 -19.12 60.50
C HIS D 177 82.98 -19.02 59.45
N ASP D 178 83.41 -17.78 59.19
CA ASP D 178 84.44 -17.55 58.18
C ASP D 178 85.81 -17.92 58.72
N GLY D 179 86.76 -18.11 57.80
CA GLY D 179 88.14 -18.30 58.17
C GLY D 179 88.63 -17.30 59.18
N GLU D 180 89.41 -17.80 60.14
CA GLU D 180 89.92 -16.99 61.27
C GLU D 180 90.73 -15.78 60.78
N LEU D 181 90.42 -14.61 61.36
CA LEU D 181 91.15 -13.39 61.10
C LEU D 181 92.40 -13.34 61.97
N GLY D 182 93.51 -12.96 61.37
CA GLY D 182 94.72 -12.70 62.13
C GLY D 182 94.71 -11.33 62.77
N LYS D 183 95.84 -11.01 63.40
CA LYS D 183 95.98 -9.74 64.08
C LYS D 183 95.75 -8.56 63.14
N ASN D 184 96.14 -8.68 61.87
CA ASN D 184 95.91 -7.63 60.90
C ASN D 184 94.47 -7.60 60.38
N GLY D 185 93.60 -8.48 60.86
CA GLY D 185 92.20 -8.46 60.48
C GLY D 185 91.86 -9.20 59.20
N LYS D 186 92.81 -9.96 58.65
CA LYS D 186 92.66 -10.67 57.40
C LYS D 186 92.90 -12.16 57.60
N PRO D 187 92.23 -13.01 56.82
CA PRO D 187 92.43 -14.46 56.93
C PRO D 187 93.76 -14.87 56.30
N VAL D 188 94.10 -16.14 56.51
CA VAL D 188 95.33 -16.68 55.98
C VAL D 188 95.27 -16.64 54.44
N LYS D 189 96.43 -16.39 53.84
CA LYS D 189 96.58 -16.40 52.39
C LYS D 189 96.87 -17.83 51.94
N LEU D 190 95.98 -18.40 51.13
CA LEU D 190 96.13 -19.75 50.61
C LEU D 190 95.58 -19.80 49.19
N PRO D 191 96.19 -20.60 48.30
CA PRO D 191 95.59 -20.79 46.98
C PRO D 191 94.26 -21.52 47.10
N LYS D 192 93.46 -21.45 46.04
CA LYS D 192 92.30 -22.32 45.93
C LYS D 192 92.77 -23.73 45.60
N ILE D 193 92.30 -24.73 46.36
CA ILE D 193 92.66 -26.11 46.11
C ILE D 193 91.66 -26.65 45.09
N GLU D 194 92.11 -26.74 43.85
CA GLU D 194 91.25 -27.07 42.72
C GLU D 194 91.16 -28.57 42.47
N TYR D 195 92.21 -29.33 42.80
CA TYR D 195 92.23 -30.77 42.66
C TYR D 195 92.83 -31.38 43.91
N LEU D 196 92.24 -32.47 44.38
CA LEU D 196 92.76 -33.26 45.48
C LEU D 196 93.04 -34.66 44.96
N ILE D 197 94.33 -34.99 44.85
CA ILE D 197 94.77 -36.29 44.37
C ILE D 197 95.25 -37.07 45.57
N GLY D 198 94.50 -38.11 45.93
CA GLY D 198 94.83 -38.92 47.08
C GLY D 198 95.67 -40.14 46.70
N LEU D 199 96.48 -40.55 47.66
CA LEU D 199 97.23 -41.79 47.58
C LEU D 199 96.58 -42.84 48.48
N LEU D 200 96.52 -44.08 48.01
CA LEU D 200 96.25 -45.19 48.91
C LEU D 200 97.36 -45.28 49.95
N CYS D 201 96.99 -45.66 51.17
CA CYS D 201 97.94 -45.65 52.29
C CYS D 201 97.61 -46.66 53.36
N THR D 202 98.57 -47.54 53.64
CA THR D 202 98.48 -48.46 54.76
C THR D 202 99.09 -47.86 56.03
N GLU D 203 100.16 -47.07 55.88
CA GLU D 203 100.85 -46.47 57.01
C GLU D 203 102.04 -45.66 56.48
N LYS D 204 102.57 -44.80 57.35
CA LYS D 204 103.85 -44.13 57.15
C LYS D 204 104.68 -44.30 58.42
N PHE D 205 105.97 -43.96 58.31
CA PHE D 205 106.92 -44.14 59.40
C PHE D 205 107.55 -42.81 59.80
N GLU D 206 108.06 -42.76 61.03
CA GLU D 206 108.99 -41.70 61.40
C GLU D 206 110.31 -41.93 60.67
N TYR D 207 110.92 -40.84 60.21
CA TYR D 207 112.19 -40.97 59.43
C TYR D 207 113.26 -41.68 60.26
N ASP D 208 113.44 -41.26 61.51
CA ASP D 208 114.49 -41.86 62.39
C ASP D 208 114.20 -43.34 62.61
N GLU D 209 112.94 -43.71 62.81
CA GLU D 209 112.57 -45.14 63.04
C GLU D 209 112.91 -45.97 61.79
N LEU D 210 112.58 -45.45 60.60
CA LEU D 210 112.88 -46.20 59.35
C LEU D 210 114.39 -46.33 59.18
N LYS D 211 115.12 -45.23 59.43
CA LYS D 211 116.61 -45.23 59.26
C LYS D 211 117.23 -46.23 60.25
N GLU D 212 116.75 -46.23 61.50
CA GLU D 212 117.28 -47.15 62.54
C GLU D 212 116.98 -48.60 62.12
N THR D 213 115.78 -48.82 61.56
CA THR D 213 115.38 -50.17 61.08
C THR D 213 116.27 -50.57 59.91
N LEU D 214 116.60 -49.64 59.03
CA LEU D 214 117.48 -49.95 57.87
C LEU D 214 118.88 -50.31 58.42
N ALA D 215 119.32 -49.57 59.43
CA ALA D 215 120.65 -49.79 60.06
C ALA D 215 120.77 -51.24 60.58
N LYS D 216 119.67 -51.80 61.11
CA LYS D 216 119.65 -53.19 61.64
C LYS D 216 119.98 -54.20 60.53
N TYR D 217 119.51 -53.94 59.30
CA TYR D 217 119.72 -54.82 58.13
C TYR D 217 121.00 -54.42 57.37
N ASN D 218 121.79 -53.50 57.94
CA ASN D 218 123.06 -52.98 57.35
C ASN D 218 122.78 -52.24 56.04
N ILE D 219 121.62 -51.58 55.94
CA ILE D 219 121.26 -50.81 54.72
C ILE D 219 121.44 -49.34 55.04
N ASN D 220 122.22 -48.62 54.23
CA ASN D 220 122.43 -47.17 54.45
C ASN D 220 121.27 -46.46 53.72
N MET D 221 120.45 -45.72 54.46
CA MET D 221 119.27 -45.01 53.86
C MET D 221 119.73 -44.08 52.75
N ASP D 222 120.84 -43.34 52.97
CA ASP D 222 121.37 -42.38 51.98
C ASP D 222 121.65 -43.05 50.62
N ASP D 223 121.79 -44.39 50.56
CA ASP D 223 122.07 -45.03 49.28
C ASP D 223 120.86 -45.72 48.66
N VAL D 224 119.69 -45.67 49.30
CA VAL D 224 118.56 -46.43 48.79
C VAL D 224 118.04 -45.80 47.51
N GLU D 225 117.77 -46.65 46.52
CA GLU D 225 117.29 -46.18 45.22
C GLU D 225 115.79 -45.90 45.24
N LYS D 226 115.03 -46.78 45.88
CA LYS D 226 113.57 -46.73 45.84
C LYS D 226 113.02 -47.57 46.98
N PHE D 227 111.91 -47.12 47.55
CA PHE D 227 111.14 -47.88 48.54
C PHE D 227 109.84 -48.36 47.89
N ASP D 228 109.24 -49.39 48.50
CA ASP D 228 107.92 -49.84 48.08
C ASP D 228 107.30 -50.66 49.20
N ILE D 229 105.96 -50.66 49.23
CA ILE D 229 105.18 -51.43 50.23
C ILE D 229 104.20 -52.32 49.46
N LYS D 230 104.53 -53.60 49.32
CA LYS D 230 103.66 -54.55 48.57
C LYS D 230 103.49 -55.85 49.37
N LYS D 231 102.27 -56.37 49.41
CA LYS D 231 101.95 -57.62 50.08
C LYS D 231 102.43 -57.59 51.54
N GLY D 232 102.15 -56.48 52.21
CA GLY D 232 102.48 -56.36 53.62
C GLY D 232 103.96 -56.45 53.94
N LYS D 233 104.82 -56.04 53.00
CA LYS D 233 106.26 -56.02 53.22
C LYS D 233 106.81 -54.72 52.66
N LEU D 234 107.93 -54.26 53.24
CA LEU D 234 108.61 -53.02 52.76
C LEU D 234 109.79 -53.46 51.86
N LEU D 235 109.79 -53.03 50.60
CA LEU D 235 110.87 -53.41 49.66
C LEU D 235 111.89 -52.27 49.58
N VAL D 236 113.18 -52.58 49.72
CA VAL D 236 114.26 -51.55 49.65
C VAL D 236 115.19 -51.87 48.49
N TYR D 237 115.41 -50.92 47.58
CA TYR D 237 116.31 -51.16 46.43
C TYR D 237 117.59 -50.33 46.62
N VAL D 238 118.71 -50.99 46.98
CA VAL D 238 119.98 -50.25 47.21
C VAL D 238 121.14 -50.96 46.52
N ASN D 239 121.89 -50.22 45.68
CA ASN D 239 123.12 -50.75 45.02
C ASN D 239 122.85 -52.09 44.33
N GLY D 240 121.73 -52.25 43.61
CA GLY D 240 121.50 -53.54 42.93
C GLY D 240 120.21 -54.25 43.33
N GLU D 241 120.29 -55.32 44.11
CA GLU D 241 119.10 -56.15 44.46
C GLU D 241 118.15 -55.46 45.44
N GLU D 242 116.96 -56.05 45.60
CA GLU D 242 115.91 -55.50 46.51
C GLU D 242 115.86 -56.31 47.80
N HIS D 243 115.99 -55.63 48.94
CA HIS D 243 115.95 -56.25 50.29
C HIS D 243 114.50 -56.30 50.78
N LYS D 244 114.03 -57.45 51.27
CA LYS D 244 112.62 -57.56 51.72
C LYS D 244 112.55 -57.48 53.26
N ILE D 245 111.79 -56.52 53.79
CA ILE D 245 111.62 -56.37 55.27
C ILE D 245 110.13 -56.50 55.60
N PRO D 246 109.72 -57.43 56.49
CA PRO D 246 108.30 -57.59 56.85
C PRO D 246 107.81 -56.31 57.53
N LEU D 247 106.57 -55.91 57.23
CA LEU D 247 106.00 -54.67 57.83
C LEU D 247 106.00 -54.80 59.37
N LYS D 248 105.69 -56.01 59.87
CA LYS D 248 105.65 -56.27 61.31
C LYS D 248 106.88 -55.73 62.02
N GLU D 249 108.03 -55.75 61.35
CA GLU D 249 109.32 -55.43 61.98
C GLU D 249 109.60 -53.95 62.04
N ILE D 250 108.73 -53.11 61.48
CA ILE D 250 108.93 -51.67 61.44
C ILE D 250 107.79 -51.01 62.21
N GLU D 251 108.14 -50.16 63.16
CA GLU D 251 107.13 -49.45 63.94
C GLU D 251 106.57 -48.28 63.13
N LEU D 252 105.26 -48.25 63.00
CA LEU D 252 104.60 -47.21 62.22
C LEU D 252 104.36 -45.96 63.07
N SER D 253 104.20 -44.83 62.38
CA SER D 253 103.83 -43.59 63.03
C SER D 253 102.56 -43.81 63.87
N ALA D 254 102.60 -43.30 65.11
CA ALA D 254 101.59 -43.69 66.10
C ALA D 254 100.18 -43.36 65.63
N GLY D 255 99.98 -42.16 65.06
CA GLY D 255 98.66 -41.78 64.60
C GLY D 255 98.08 -42.69 63.54
N CYS D 256 98.93 -43.42 62.81
CA CYS D 256 98.42 -44.33 61.79
C CYS D 256 97.55 -45.42 62.42
N LYS D 257 97.81 -45.77 63.69
CA LYS D 257 96.96 -46.78 64.33
C LYS D 257 95.53 -46.28 64.54
N MET D 258 95.31 -44.97 64.55
CA MET D 258 93.98 -44.40 64.74
C MET D 258 93.30 -44.06 63.42
N CYS D 259 93.82 -44.56 62.31
CA CYS D 259 93.33 -44.16 60.99
C CYS D 259 92.37 -45.19 60.42
N ARG D 260 91.36 -44.70 59.70
CA ARG D 260 90.31 -45.53 59.14
C ARG D 260 90.30 -45.57 57.62
N ASP D 261 90.96 -44.63 56.98
CA ASP D 261 90.77 -44.31 55.56
C ASP D 261 91.94 -44.90 54.78
N PHE D 262 91.69 -46.03 54.10
CA PHE D 262 92.78 -46.65 53.35
C PHE D 262 92.97 -46.03 51.97
N ASP D 263 91.87 -45.75 51.24
CA ASP D 263 91.95 -45.43 49.82
C ASP D 263 91.70 -43.96 49.53
N ALA D 264 91.85 -43.08 50.54
CA ALA D 264 91.60 -41.64 50.39
C ALA D 264 90.22 -41.41 49.75
N GLU D 265 89.19 -41.85 50.49
CA GLU D 265 87.85 -41.92 49.95
C GLU D 265 87.24 -40.56 49.62
N MET D 266 87.83 -39.47 50.09
CA MET D 266 87.31 -38.13 49.82
C MET D 266 88.04 -37.43 48.67
N ALA D 267 89.04 -38.06 48.06
CA ALA D 267 89.78 -37.38 47.01
C ALA D 267 88.94 -37.28 45.75
N ASP D 268 89.31 -36.31 44.89
CA ASP D 268 88.80 -36.28 43.53
C ASP D 268 89.18 -37.55 42.78
N VAL D 269 90.41 -38.00 42.94
CA VAL D 269 90.90 -39.24 42.35
C VAL D 269 91.95 -39.80 43.30
N SER D 270 91.89 -41.11 43.52
CA SER D 270 92.83 -41.81 44.40
C SER D 270 93.68 -42.75 43.57
N VAL D 271 94.97 -42.85 43.91
CA VAL D 271 95.95 -43.59 43.11
C VAL D 271 96.77 -44.46 44.04
N GLY D 272 96.96 -45.72 43.64
CA GLY D 272 97.74 -46.66 44.43
C GLY D 272 98.26 -47.78 43.55
N CYS D 273 98.83 -48.79 44.20
CA CYS D 273 99.35 -49.95 43.47
C CYS D 273 98.49 -51.19 43.65
N VAL D 274 97.77 -51.29 44.77
CA VAL D 274 96.97 -52.49 45.04
C VAL D 274 95.86 -52.61 44.00
N GLY D 275 95.61 -53.84 43.56
CA GLY D 275 94.50 -54.10 42.66
C GLY D 275 94.83 -54.02 41.18
N SER D 276 96.05 -53.62 40.83
CA SER D 276 96.43 -53.45 39.43
C SER D 276 97.81 -54.05 39.18
N PRO D 277 98.10 -54.41 37.93
CA PRO D 277 99.38 -55.08 37.64
C PRO D 277 100.57 -54.19 37.94
N ASP D 278 101.70 -54.82 38.23
CA ASP D 278 102.92 -54.06 38.52
C ASP D 278 103.30 -53.24 37.30
N GLY D 279 103.82 -52.03 37.56
CA GLY D 279 104.10 -51.08 36.51
C GLY D 279 102.93 -50.18 36.16
N TYR D 280 101.74 -50.46 36.70
CA TYR D 280 100.54 -49.66 36.49
C TYR D 280 100.13 -49.06 37.83
N SER D 281 99.38 -47.96 37.78
CA SER D 281 98.79 -47.38 38.98
C SER D 281 97.30 -47.67 38.97
N THR D 282 96.76 -48.03 40.13
CA THR D 282 95.31 -48.10 40.30
C THR D 282 94.76 -46.68 40.38
N VAL D 283 93.65 -46.43 39.67
CA VAL D 283 93.03 -45.11 39.61
C VAL D 283 91.56 -45.26 39.99
N ILE D 284 91.15 -44.60 41.07
CA ILE D 284 89.76 -44.61 41.51
C ILE D 284 89.23 -43.19 41.34
N ILE D 285 88.33 -42.99 40.38
CA ILE D 285 87.81 -41.66 40.07
C ILE D 285 86.52 -41.46 40.84
N ARG D 286 86.43 -40.33 41.54
CA ARG D 286 85.31 -40.08 42.43
C ARG D 286 84.55 -38.80 42.16
N THR D 287 85.11 -37.86 41.41
CA THR D 287 84.42 -36.59 41.16
C THR D 287 84.69 -36.15 39.72
N GLU D 288 83.96 -35.11 39.30
CA GLU D 288 84.14 -34.60 37.95
C GLU D 288 85.52 -33.99 37.76
N LYS D 289 86.08 -33.37 38.81
CA LYS D 289 87.48 -32.95 38.74
C LYS D 289 88.40 -34.15 38.50
N GLY D 290 88.16 -35.24 39.23
CA GLY D 290 88.96 -36.44 39.02
C GLY D 290 88.79 -37.02 37.64
N GLU D 291 87.61 -36.84 37.04
CA GLU D 291 87.34 -37.36 35.71
C GLU D 291 88.29 -36.81 34.66
N GLU D 292 88.89 -35.64 34.91
CA GLU D 292 89.83 -35.06 33.96
C GLU D 292 91.07 -35.92 33.76
N ILE D 293 91.36 -36.85 34.67
CA ILE D 293 92.51 -37.72 34.48
C ILE D 293 92.36 -38.60 33.25
N LYS D 294 91.12 -38.82 32.80
CA LYS D 294 90.89 -39.63 31.60
C LYS D 294 91.50 -39.00 30.36
N ASN D 295 91.63 -37.67 30.35
CA ASN D 295 92.32 -37.01 29.25
C ASN D 295 93.82 -37.21 29.32
N ALA D 296 94.36 -37.42 30.52
CA ALA D 296 95.82 -37.46 30.69
C ALA D 296 96.40 -38.86 30.66
N ILE D 297 95.56 -39.88 30.88
CA ILE D 297 96.01 -41.27 31.03
C ILE D 297 95.11 -42.16 30.21
N GLU D 298 95.70 -43.16 29.56
CA GLU D 298 94.94 -44.21 28.82
C GLU D 298 94.57 -45.27 29.87
N LEU D 299 93.35 -45.20 30.40
CA LEU D 299 92.96 -46.07 31.49
C LEU D 299 92.32 -47.35 30.98
N LYS D 300 92.56 -48.44 31.72
CA LYS D 300 92.01 -49.75 31.44
C LYS D 300 91.11 -50.18 32.59
N GLU D 301 90.12 -51.02 32.28
CA GLU D 301 89.33 -51.66 33.32
C GLU D 301 89.95 -53.01 33.69
N GLY D 302 89.49 -53.57 34.79
CA GLY D 302 89.98 -54.85 35.26
C GLY D 302 90.68 -54.82 36.61
N VAL D 303 90.52 -53.74 37.38
CA VAL D 303 91.12 -53.68 38.71
C VAL D 303 90.56 -54.81 39.55
N ASN D 304 91.42 -55.38 40.41
CA ASN D 304 91.00 -56.42 41.34
C ASN D 304 90.36 -55.72 42.54
N LEU D 305 89.03 -55.63 42.52
CA LEU D 305 88.32 -54.88 43.55
C LEU D 305 88.48 -55.52 44.92
N GLU D 306 88.51 -56.85 44.98
CA GLU D 306 88.57 -57.52 46.28
C GLU D 306 89.92 -57.30 46.96
N ALA D 307 91.00 -57.16 46.17
CA ALA D 307 92.31 -56.88 46.77
C ALA D 307 92.31 -55.54 47.51
N ILE D 308 91.66 -54.53 46.91
CA ILE D 308 91.57 -53.22 47.57
C ILE D 308 90.72 -53.32 48.82
N GLU D 309 89.58 -53.99 48.74
CA GLU D 309 88.70 -54.11 49.90
C GLU D 309 89.38 -54.82 51.05
N LYS D 310 90.27 -55.78 50.76
CA LYS D 310 90.99 -56.45 51.84
C LYS D 310 91.82 -55.47 52.66
N LEU D 311 92.45 -54.50 51.99
CA LEU D 311 93.26 -53.52 52.70
C LEU D 311 92.38 -52.54 53.48
N ARG D 312 91.18 -52.23 52.96
CA ARG D 312 90.23 -51.43 53.73
C ARG D 312 89.91 -52.10 55.06
N ASP D 313 89.65 -53.42 55.02
CA ASP D 313 89.27 -54.14 56.23
C ASP D 313 90.44 -54.27 57.20
N LEU D 314 91.65 -54.51 56.68
CA LEU D 314 92.78 -54.66 57.58
C LEU D 314 93.07 -53.35 58.32
N LYS D 315 92.96 -52.21 57.61
CA LYS D 315 93.13 -50.93 58.28
C LYS D 315 92.04 -50.71 59.33
N LEU D 316 90.80 -51.06 59.01
CA LEU D 316 89.73 -50.85 59.97
C LEU D 316 89.90 -51.74 61.19
N ASN D 317 90.39 -52.97 61.00
CA ASN D 317 90.61 -53.85 62.14
C ASN D 317 91.76 -53.34 63.00
N ARG D 318 92.79 -52.74 62.39
CA ARG D 318 93.86 -52.14 63.16
C ARG D 318 93.33 -51.00 64.01
N PHE D 319 92.46 -50.18 63.41
CA PHE D 319 91.86 -49.05 64.14
C PHE D 319 90.99 -49.54 65.28
N LYS D 320 90.19 -50.59 65.04
CA LYS D 320 89.32 -51.12 66.10
C LYS D 320 90.14 -51.66 67.28
N LYS D 321 91.27 -52.31 66.99
CA LYS D 321 92.14 -52.79 68.07
C LYS D 321 92.71 -51.64 68.89
N GLU D 322 93.14 -50.56 68.22
CA GLU D 322 93.69 -49.42 68.96
C GLU D 322 92.62 -48.71 69.78
N VAL D 323 91.41 -48.58 69.23
CA VAL D 323 90.33 -47.94 70.01
C VAL D 323 89.96 -48.79 71.21
N GLU D 324 89.83 -50.11 71.03
CA GLU D 324 89.55 -51.00 72.16
C GLU D 324 90.66 -50.91 73.21
N ARG D 325 91.92 -50.81 72.77
CA ARG D 325 93.01 -50.73 73.73
C ARG D 325 92.93 -49.44 74.54
N ARG D 326 92.63 -48.33 73.88
CA ARG D 326 92.47 -47.06 74.59
C ARG D 326 91.31 -47.14 75.57
N LYS D 327 90.20 -47.77 75.17
CA LYS D 327 89.06 -47.92 76.07
C LYS D 327 89.43 -48.74 77.30
N ALA D 328 90.20 -49.81 77.09
CA ALA D 328 90.58 -50.67 78.21
C ALA D 328 91.60 -49.99 79.11
N GLU D 329 92.49 -49.18 78.55
CA GLU D 329 93.56 -48.55 79.32
C GLU D 329 93.20 -47.15 79.81
N ASP D 330 91.97 -46.69 79.59
CA ASP D 330 91.56 -45.38 80.10
C ASP D 330 92.36 -44.26 79.43
N GLU D 331 92.71 -44.46 78.16
CA GLU D 331 93.45 -43.47 77.37
C GLU D 331 92.48 -42.61 76.58
N LYS D 332 92.97 -41.45 76.16
CA LYS D 332 92.11 -40.49 75.47
C LYS D 332 91.73 -41.00 74.08
N VAL D 333 90.48 -40.80 73.71
CA VAL D 333 89.98 -41.08 72.38
C VAL D 333 89.24 -39.84 71.88
N SER D 334 89.58 -39.40 70.67
CA SER D 334 88.79 -38.41 69.94
C SER D 334 87.86 -39.17 69.00
N PHE D 335 86.55 -39.06 69.22
CA PHE D 335 85.57 -39.84 68.46
C PHE D 335 85.25 -39.16 67.12
N TYR D 336 86.29 -38.95 66.31
CA TYR D 336 86.17 -38.09 65.15
C TYR D 336 85.28 -38.66 64.04
N TRP D 337 85.09 -39.98 64.01
CA TRP D 337 84.28 -40.64 62.99
C TRP D 337 82.78 -40.57 63.26
N THR D 338 82.34 -40.01 64.40
CA THR D 338 80.89 -39.85 64.60
C THR D 338 80.32 -38.99 63.49
N ALA D 339 81.09 -38.02 63.02
CA ALA D 339 80.69 -37.12 61.94
C ALA D 339 80.62 -37.81 60.58
N ASP D 340 80.97 -39.09 60.50
CA ASP D 340 80.73 -39.87 59.28
C ASP D 340 79.24 -40.11 59.04
N TYR D 341 78.40 -39.94 60.05
CA TYR D 341 77.02 -40.38 60.03
C TYR D 341 76.07 -39.21 60.29
N GLY D 342 74.96 -39.19 59.54
CA GLY D 342 73.92 -38.23 59.82
C GLY D 342 73.17 -38.56 61.10
N GLY D 343 72.61 -37.53 61.71
CA GLY D 343 71.75 -37.68 62.87
C GLY D 343 72.46 -37.83 64.19
N VAL D 344 73.78 -37.62 64.25
CA VAL D 344 74.54 -37.78 65.47
C VAL D 344 74.87 -36.39 66.03
N GLY D 345 74.54 -36.18 67.29
CA GLY D 345 74.88 -34.93 67.96
C GLY D 345 75.56 -35.21 69.28
N LYS D 346 76.40 -34.28 69.70
CA LYS D 346 77.11 -34.40 70.97
C LYS D 346 76.32 -33.67 72.05
N ARG D 347 76.04 -34.39 73.15
CA ARG D 347 75.38 -33.83 74.32
C ARG D 347 76.37 -33.00 75.14
N ALA D 348 75.83 -32.25 76.10
CA ALA D 348 76.64 -31.41 76.96
C ALA D 348 77.61 -32.21 77.82
N ASP D 349 77.30 -33.48 78.08
CA ASP D 349 78.10 -34.29 79.01
C ASP D 349 79.08 -35.19 78.29
N GLY D 350 79.28 -35.01 76.99
CA GLY D 350 80.27 -35.79 76.28
C GLY D 350 79.76 -37.10 75.68
N THR D 351 78.54 -37.50 75.97
CA THR D 351 77.94 -38.62 75.25
C THR D 351 77.20 -38.05 74.03
N TYR D 352 76.53 -38.92 73.28
CA TYR D 352 75.92 -38.52 72.03
C TYR D 352 74.42 -38.84 72.04
N PHE D 353 73.70 -38.11 71.20
CA PHE D 353 72.32 -38.44 70.87
C PHE D 353 72.29 -38.82 69.40
N ILE D 354 71.40 -39.74 69.08
CA ILE D 354 71.21 -40.22 67.72
C ILE D 354 69.75 -39.94 67.37
N ARG D 355 69.54 -39.14 66.32
CA ARG D 355 68.21 -38.75 65.89
C ARG D 355 67.80 -39.65 64.72
N ILE D 356 66.69 -40.36 64.87
CA ILE D 356 66.10 -41.14 63.79
C ILE D 356 65.15 -40.21 63.03
N ARG D 357 65.49 -39.89 61.80
CA ARG D 357 64.72 -38.94 60.99
C ARG D 357 63.24 -39.30 61.02
N ALA D 358 62.42 -38.32 61.41
CA ALA D 358 60.96 -38.50 61.57
C ALA D 358 60.31 -39.15 60.34
N LYS D 359 59.52 -40.21 60.58
CA LYS D 359 58.77 -40.90 59.51
C LYS D 359 57.60 -40.00 59.10
N PRO D 360 57.09 -40.08 57.85
CA PRO D 360 56.02 -39.18 57.42
C PRO D 360 54.78 -39.20 58.33
N ALA D 361 54.31 -37.98 58.66
CA ALA D 361 53.12 -37.72 59.51
C ALA D 361 53.29 -38.33 60.91
N GLY D 362 54.50 -38.75 61.29
CA GLY D 362 54.70 -39.31 62.60
C GLY D 362 54.09 -40.66 62.87
N TRP D 363 53.72 -41.39 61.82
CA TRP D 363 53.19 -42.75 61.97
C TRP D 363 54.36 -43.72 62.13
N TYR D 364 54.27 -44.57 63.15
CA TYR D 364 55.23 -45.66 63.35
C TYR D 364 54.47 -46.96 63.58
N SER D 365 54.87 -48.04 62.90
CA SER D 365 54.29 -49.32 63.22
C SER D 365 54.72 -49.75 64.62
N ILE D 366 53.89 -50.56 65.27
CA ILE D 366 54.29 -51.06 66.57
C ILE D 366 55.59 -51.85 66.46
N ASP D 367 55.74 -52.63 65.39
CA ASP D 367 56.97 -53.38 65.19
C ASP D 367 58.19 -52.45 65.08
N GLU D 368 58.06 -51.36 64.32
CA GLU D 368 59.15 -50.39 64.16
C GLU D 368 59.54 -49.77 65.50
N ALA D 369 58.53 -49.31 66.25
CA ALA D 369 58.77 -48.69 67.54
C ALA D 369 59.47 -49.64 68.48
N ARG D 370 59.05 -50.91 68.49
CA ARG D 370 59.69 -51.88 69.36
C ARG D 370 61.15 -52.10 68.98
N GLU D 371 61.45 -52.09 67.67
CA GLU D 371 62.83 -52.27 67.22
C GLU D 371 63.71 -51.13 67.70
N ILE D 372 63.21 -49.90 67.63
CA ILE D 372 63.96 -48.74 68.12
C ILE D 372 64.23 -48.88 69.60
N LEU D 373 63.21 -49.26 70.38
CA LEU D 373 63.40 -49.39 71.82
C LEU D 373 64.41 -50.49 72.15
N GLU D 374 64.39 -51.58 71.39
CA GLU D 374 65.33 -52.67 71.62
C GLU D 374 66.77 -52.20 71.40
N ILE D 375 67.00 -51.43 70.34
CA ILE D 375 68.35 -50.93 70.08
C ILE D 375 68.76 -49.92 71.13
N ALA D 376 67.85 -49.03 71.52
CA ALA D 376 68.15 -48.08 72.59
C ALA D 376 68.53 -48.81 73.86
N GLU D 377 67.76 -49.83 74.23
CA GLU D 377 68.06 -50.58 75.44
C GLU D 377 69.43 -51.22 75.35
N LYS D 378 69.78 -51.77 74.19
CA LYS D 378 71.04 -52.46 74.04
C LYS D 378 72.23 -51.54 74.34
N TYR D 379 72.12 -50.26 73.98
CA TYR D 379 73.20 -49.31 74.16
C TYR D 379 72.99 -48.35 75.32
N ASP D 380 72.06 -48.66 76.23
CA ASP D 380 71.78 -47.85 77.41
C ASP D 380 71.33 -46.44 77.05
N GLY D 381 70.58 -46.33 75.96
CA GLY D 381 70.04 -45.04 75.55
C GLY D 381 68.68 -44.72 76.18
N LYS D 382 68.39 -43.42 76.20
CA LYS D 382 67.16 -42.88 76.74
C LYS D 382 66.36 -42.21 75.63
N ILE D 383 65.05 -42.40 75.66
CA ILE D 383 64.16 -41.98 74.57
C ILE D 383 63.72 -40.55 74.78
N LYS D 384 63.88 -39.72 73.75
CA LYS D 384 63.32 -38.37 73.70
C LYS D 384 62.54 -38.22 72.40
N MET D 385 61.30 -37.74 72.50
CA MET D 385 60.44 -37.53 71.30
C MET D 385 60.55 -36.05 70.91
N THR D 386 60.98 -35.77 69.68
CA THR D 386 61.18 -34.40 69.23
C THR D 386 59.85 -33.79 68.79
N ASN D 387 59.85 -32.45 68.67
CA ASN D 387 58.65 -31.75 68.20
C ASN D 387 58.49 -31.78 66.68
N ARG D 388 59.25 -32.62 65.97
CA ARG D 388 58.95 -33.00 64.59
C ARG D 388 58.55 -34.48 64.47
N GLY D 389 58.27 -35.14 65.59
CA GLY D 389 57.79 -36.51 65.57
C GLY D 389 58.85 -37.57 65.44
N ALA D 390 60.08 -37.28 65.84
CA ALA D 390 61.18 -38.23 65.72
C ALA D 390 61.54 -38.85 67.07
N PHE D 391 61.97 -40.11 67.01
CA PHE D 391 62.69 -40.74 68.11
C PHE D 391 64.13 -40.25 68.13
N GLU D 392 64.57 -39.73 69.27
CA GLU D 392 65.95 -39.33 69.48
C GLU D 392 66.48 -40.04 70.73
N ILE D 393 67.59 -40.75 70.57
CA ILE D 393 68.11 -41.62 71.62
C ILE D 393 69.35 -40.98 72.23
N HIS D 394 69.31 -40.73 73.54
CA HIS D 394 70.33 -39.98 74.24
C HIS D 394 71.22 -40.85 75.11
N GLY D 395 72.46 -40.39 75.30
CA GLY D 395 73.37 -41.01 76.25
C GLY D 395 74.29 -42.05 75.69
N ILE D 396 74.50 -42.06 74.37
CA ILE D 396 75.28 -43.10 73.72
C ILE D 396 76.76 -42.75 73.84
N SER D 397 77.55 -43.71 74.29
CA SER D 397 79.00 -43.52 74.39
C SER D 397 79.58 -43.35 72.99
N GLY D 398 80.61 -42.51 72.88
CA GLY D 398 81.34 -42.42 71.64
C GLY D 398 81.84 -43.76 71.14
N PHE D 399 82.14 -44.68 72.05
CA PHE D 399 82.58 -46.01 71.65
C PHE D 399 81.49 -46.81 70.97
N ASP D 400 80.22 -46.46 71.20
CA ASP D 400 79.10 -47.23 70.68
C ASP D 400 78.39 -46.57 69.50
N VAL D 401 78.69 -45.31 69.17
CA VAL D 401 77.87 -44.59 68.21
C VAL D 401 77.85 -45.31 66.87
N GLU D 402 79.01 -45.69 66.35
CA GLU D 402 79.07 -46.28 65.02
C GLU D 402 78.30 -47.60 64.97
N ALA D 403 78.51 -48.48 65.94
CA ALA D 403 77.83 -49.76 65.94
C ALA D 403 76.32 -49.59 65.99
N MET D 404 75.84 -48.66 66.83
CA MET D 404 74.39 -48.46 66.97
C MET D 404 73.78 -47.90 65.69
N VAL D 405 74.44 -46.91 65.07
CA VAL D 405 73.94 -46.35 63.83
C VAL D 405 73.86 -47.41 62.74
N LEU D 406 74.90 -48.24 62.61
CA LEU D 406 74.87 -49.30 61.60
C LEU D 406 73.75 -50.29 61.91
N GLU D 407 73.53 -50.60 63.19
CA GLU D 407 72.42 -51.48 63.55
C GLU D 407 71.09 -50.86 63.16
N LEU D 408 70.92 -49.57 63.42
CA LEU D 408 69.70 -48.89 63.01
C LEU D 408 69.56 -48.91 61.50
N MET D 409 70.66 -48.64 60.77
CA MET D 409 70.59 -48.64 59.32
C MET D 409 70.23 -50.01 58.77
N GLU D 410 70.79 -51.06 59.38
CA GLU D 410 70.49 -52.42 58.95
C GLU D 410 69.00 -52.71 59.06
N LYS D 411 68.33 -52.17 60.08
CA LYS D 411 66.90 -52.37 60.26
C LYS D 411 66.06 -51.45 59.38
N GLY D 412 66.68 -50.60 58.57
CA GLY D 412 65.95 -49.76 57.63
C GLY D 412 65.71 -48.34 58.11
N PHE D 413 66.21 -47.98 59.28
CA PHE D 413 66.00 -46.63 59.78
C PHE D 413 67.07 -45.69 59.22
N ILE D 414 66.64 -44.46 59.00
CA ILE D 414 67.58 -43.40 58.53
C ILE D 414 67.85 -42.48 59.73
N THR D 415 69.12 -42.42 60.14
CA THR D 415 69.54 -41.48 61.17
C THR D 415 69.83 -40.17 60.45
N GLY D 416 69.29 -39.07 60.96
CA GLY D 416 69.45 -37.81 60.25
C GLY D 416 68.62 -36.69 60.81
N SER D 417 68.17 -35.82 59.92
CA SER D 417 67.42 -34.60 60.28
C SER D 417 68.28 -33.67 61.15
N GLU D 418 69.59 -33.62 60.87
CA GLU D 418 70.52 -32.78 61.62
C GLU D 418 71.52 -32.18 60.64
N GLY D 419 71.97 -30.96 60.95
CA GLY D 419 72.94 -30.28 60.12
C GLY D 419 72.31 -29.50 58.97
N PRO D 420 73.17 -28.89 58.14
CA PRO D 420 72.68 -28.02 57.03
C PRO D 420 72.16 -28.79 55.82
N LEU D 421 70.89 -29.19 55.91
CA LEU D 421 70.26 -30.00 54.89
C LEU D 421 68.75 -29.97 55.11
N VAL D 422 68.02 -30.63 54.20
CA VAL D 422 66.57 -30.72 54.29
C VAL D 422 66.21 -31.67 55.44
N ARG D 423 65.61 -31.10 56.48
CA ARG D 423 65.23 -31.83 57.68
C ARG D 423 63.97 -32.66 57.43
N ALA D 424 63.62 -33.49 58.42
CA ALA D 424 62.42 -34.32 58.31
C ALA D 424 61.20 -33.45 58.03
N THR D 425 60.47 -33.79 56.97
CA THR D 425 59.26 -33.06 56.63
C THR D 425 58.20 -33.32 57.68
N LEU D 426 57.55 -32.26 58.15
CA LEU D 426 56.58 -32.37 59.23
C LEU D 426 55.16 -32.30 58.67
N ALA D 427 54.39 -33.35 58.88
CA ALA D 427 53.01 -33.45 58.40
C ALA D 427 52.09 -33.87 59.53
N CYS D 428 50.85 -33.44 59.46
CA CYS D 428 49.81 -33.87 60.38
C CYS D 428 49.11 -35.12 59.85
N PRO D 429 48.13 -35.68 60.56
CA PRO D 429 47.46 -36.90 60.06
C PRO D 429 46.63 -36.69 58.80
N GLY D 430 46.08 -35.51 58.61
CA GLY D 430 45.40 -35.20 57.37
C GLY D 430 44.09 -35.95 57.14
N GLU D 431 43.69 -35.94 55.87
CA GLU D 431 42.39 -36.44 55.45
C GLU D 431 42.20 -37.93 55.79
N GLY D 432 40.98 -38.29 56.19
CA GLY D 432 40.65 -39.66 56.54
C GLY D 432 41.12 -40.08 57.92
N ASN D 433 41.93 -39.27 58.57
CA ASN D 433 42.35 -39.49 59.94
C ASN D 433 41.77 -38.36 60.81
N CYS D 434 42.23 -37.15 60.62
CA CYS D 434 41.61 -36.00 61.26
C CYS D 434 40.31 -35.63 60.55
N GLY D 435 39.27 -35.36 61.33
CA GLY D 435 38.00 -34.94 60.77
C GLY D 435 38.06 -33.66 59.96
N SER D 436 39.07 -32.82 60.19
CA SER D 436 39.22 -31.57 59.47
C SER D 436 40.10 -31.69 58.23
N GLY D 437 40.73 -32.84 58.03
CA GLY D 437 41.73 -32.96 56.97
C GLY D 437 41.11 -32.90 55.58
N LEU D 438 41.78 -32.16 54.71
CA LEU D 438 41.34 -31.93 53.34
C LEU D 438 42.22 -32.59 52.29
N ILE D 439 43.47 -32.94 52.65
CA ILE D 439 44.42 -33.51 51.70
C ILE D 439 45.12 -34.70 52.37
N ASN D 440 45.69 -35.56 51.53
CA ASN D 440 46.46 -36.72 51.97
C ASN D 440 47.86 -36.24 52.33
N THR D 441 48.02 -35.82 53.58
CA THR D 441 49.28 -35.27 54.08
C THR D 441 50.36 -36.34 54.17
N THR D 442 49.99 -37.56 54.57
CA THR D 442 50.98 -38.61 54.72
C THR D 442 51.64 -38.92 53.39
N GLU D 443 50.84 -39.06 52.33
CA GLU D 443 51.39 -39.40 51.02
C GLU D 443 52.22 -38.25 50.46
N LEU D 444 51.74 -37.02 50.60
CA LEU D 444 52.55 -35.88 50.14
C LEU D 444 53.86 -35.82 50.92
N CYS D 445 53.80 -36.06 52.23
CA CYS D 445 55.03 -36.06 53.03
C CYS D 445 55.99 -37.12 52.53
N LYS D 446 55.48 -38.33 52.25
CA LYS D 446 56.35 -39.38 51.72
C LYS D 446 56.95 -38.97 50.38
N ILE D 447 56.17 -38.34 49.51
CA ILE D 447 56.69 -37.91 48.21
C ILE D 447 57.82 -36.90 48.39
N LEU D 448 57.62 -35.90 49.25
CA LEU D 448 58.66 -34.92 49.48
C LEU D 448 59.91 -35.55 50.11
N GLU D 449 59.71 -36.46 51.08
CA GLU D 449 60.87 -37.16 51.66
C GLU D 449 61.62 -37.97 50.62
N ASP D 450 60.89 -38.70 49.76
CA ASP D 450 61.55 -39.51 48.74
C ASP D 450 62.37 -38.64 47.80
N ASN D 451 61.93 -37.41 47.54
CA ASN D 451 62.62 -36.53 46.61
C ASN D 451 63.74 -35.70 47.23
N PHE D 452 63.63 -35.32 48.51
CA PHE D 452 64.55 -34.33 49.06
C PHE D 452 65.20 -34.69 50.39
N LYS D 453 64.92 -35.85 50.98
CA LYS D 453 65.44 -36.12 52.31
C LYS D 453 66.98 -36.04 52.31
N GLU D 454 67.50 -35.31 53.29
CA GLU D 454 68.93 -35.15 53.54
C GLU D 454 69.66 -34.41 52.41
N HIS D 455 68.92 -33.71 51.54
CA HIS D 455 69.59 -32.93 50.50
C HIS D 455 70.32 -31.74 51.13
N PRO D 456 71.55 -31.46 50.72
CA PRO D 456 72.30 -30.37 51.37
C PRO D 456 71.69 -29.01 51.06
N ALA D 457 71.84 -28.09 52.01
CA ALA D 457 71.43 -26.71 51.83
C ALA D 457 72.41 -25.83 52.61
N PRO D 458 72.46 -24.53 52.32
CA PRO D 458 73.41 -23.66 53.06
C PRO D 458 73.21 -23.69 54.57
N TYR D 459 71.99 -23.94 55.03
CA TYR D 459 71.62 -24.01 56.45
C TYR D 459 70.42 -24.95 56.51
N LYS D 460 69.97 -25.25 57.73
CA LYS D 460 68.83 -26.13 57.88
C LYS D 460 67.62 -25.62 57.08
N PHE D 461 66.87 -26.58 56.52
CA PHE D 461 65.76 -26.31 55.61
C PHE D 461 64.61 -27.23 56.00
N LYS D 462 63.49 -26.64 56.41
CA LYS D 462 62.38 -27.37 57.01
C LYS D 462 61.09 -27.14 56.24
N ILE D 463 60.42 -28.24 55.89
CA ILE D 463 59.16 -28.24 55.17
C ILE D 463 58.06 -28.77 56.09
N ALA D 464 56.87 -28.15 56.04
CA ALA D 464 55.71 -28.62 56.77
C ALA D 464 54.47 -28.68 55.89
N ILE D 465 53.62 -29.68 56.17
CA ILE D 465 52.42 -29.95 55.40
C ILE D 465 51.26 -30.09 56.37
N SER D 466 50.34 -29.13 56.36
CA SER D 466 49.11 -29.27 57.15
C SER D 466 47.95 -29.69 56.25
N GLY D 467 47.03 -30.48 56.83
CA GLY D 467 45.91 -31.02 56.10
C GLY D 467 44.79 -30.03 55.86
N CYS D 468 44.80 -28.91 56.59
CA CYS D 468 43.75 -27.92 56.51
C CYS D 468 44.32 -26.60 57.01
N PRO D 469 43.56 -25.50 56.94
CA PRO D 469 44.10 -24.20 57.35
C PRO D 469 44.29 -24.01 58.85
N ASN D 470 43.91 -24.96 59.70
CA ASN D 470 44.27 -24.82 61.10
C ASN D 470 45.79 -24.83 61.27
N LYS D 471 46.50 -25.45 60.34
CA LYS D 471 47.96 -25.30 60.24
C LYS D 471 48.65 -25.72 61.54
N CYS D 472 48.24 -26.89 62.06
CA CYS D 472 48.80 -27.38 63.32
C CYS D 472 50.32 -27.53 63.28
N VAL D 473 50.89 -27.88 62.12
CA VAL D 473 52.32 -28.09 62.01
C VAL D 473 53.05 -26.83 61.51
N ARG D 474 52.33 -25.71 61.37
CA ARG D 474 52.88 -24.37 61.14
C ARG D 474 53.57 -24.15 59.79
N PRO D 475 52.89 -24.51 58.70
CA PRO D 475 53.50 -24.31 57.36
C PRO D 475 53.73 -22.84 57.01
N GLN D 476 53.05 -21.90 57.67
CA GLN D 476 53.22 -20.50 57.29
C GLN D 476 54.49 -19.88 57.88
N ILE D 477 55.25 -20.60 58.70
CA ILE D 477 56.56 -20.17 59.18
C ILE D 477 57.57 -21.30 59.01
N HIS D 478 57.53 -21.95 57.84
CA HIS D 478 58.50 -22.97 57.44
C HIS D 478 59.19 -22.50 56.16
N ASP D 479 60.37 -23.06 55.89
CA ASP D 479 61.08 -22.68 54.66
C ASP D 479 60.20 -22.91 53.43
N ILE D 480 59.51 -24.06 53.38
CA ILE D 480 58.41 -24.32 52.46
C ILE D 480 57.24 -24.80 53.30
N GLY D 481 56.06 -24.25 53.05
CA GLY D 481 54.85 -24.69 53.73
C GLY D 481 53.76 -25.05 52.74
N ILE D 482 53.01 -26.10 53.08
CA ILE D 482 51.85 -26.50 52.31
C ILE D 482 50.67 -26.64 53.27
N ALA D 483 49.52 -26.13 52.87
CA ALA D 483 48.28 -26.27 53.62
C ALA D 483 47.15 -26.65 52.67
N GLY D 484 46.40 -27.69 53.03
CA GLY D 484 45.21 -28.04 52.27
C GLY D 484 44.13 -26.99 52.45
N VAL D 485 43.49 -26.63 51.34
CA VAL D 485 42.38 -25.68 51.38
C VAL D 485 41.22 -26.17 50.52
N LYS D 486 40.03 -25.71 50.89
CA LYS D 486 38.80 -26.03 50.18
C LYS D 486 37.84 -24.85 50.44
N PHE D 487 37.71 -23.99 49.45
CA PHE D 487 36.89 -22.79 49.61
C PHE D 487 35.46 -23.03 49.14
N PRO D 488 34.47 -22.42 49.81
CA PRO D 488 33.06 -22.65 49.46
C PRO D 488 32.53 -21.60 48.48
N VAL D 489 31.43 -21.97 47.82
CA VAL D 489 30.60 -21.02 47.09
C VAL D 489 29.13 -21.42 47.31
N VAL D 490 28.32 -20.46 47.73
CA VAL D 490 26.92 -20.73 48.01
C VAL D 490 26.18 -21.00 46.71
N ASN D 491 25.37 -22.06 46.73
CA ASN D 491 24.42 -22.36 45.65
C ASN D 491 23.12 -21.67 46.01
N GLU D 492 22.86 -20.52 45.41
CA GLU D 492 21.66 -19.73 45.79
C GLU D 492 20.36 -20.47 45.43
N GLU D 493 20.41 -21.48 44.56
CA GLU D 493 19.12 -22.16 44.24
C GLU D 493 18.69 -23.04 45.43
N ASN D 494 19.64 -23.38 46.30
CA ASN D 494 19.42 -24.33 47.41
C ASN D 494 19.51 -23.72 48.79
N CYS D 495 20.41 -22.76 49.03
CA CYS D 495 20.53 -22.21 50.38
C CYS D 495 19.22 -21.56 50.78
N ASN D 496 18.78 -21.82 52.00
CA ASN D 496 17.51 -21.26 52.49
C ASN D 496 17.70 -20.40 53.75
N GLY D 497 18.93 -20.04 54.09
CA GLY D 497 19.22 -19.20 55.21
C GLY D 497 18.96 -19.81 56.58
N CYS D 498 18.99 -21.15 56.63
CA CYS D 498 18.79 -21.92 57.88
C CYS D 498 19.74 -21.42 58.98
N GLY D 499 20.98 -21.06 58.60
CA GLY D 499 21.97 -20.50 59.53
C GLY D 499 22.99 -21.46 60.08
N ARG D 500 22.90 -22.78 59.76
CA ARG D 500 23.79 -23.73 60.41
C ARG D 500 25.26 -23.47 60.08
N CYS D 501 25.57 -23.20 58.80
CA CYS D 501 26.97 -23.04 58.39
C CYS D 501 27.69 -21.95 59.20
N ALA D 502 27.02 -20.84 59.46
CA ALA D 502 27.67 -19.76 60.19
C ALA D 502 28.14 -20.22 61.55
N GLU D 503 27.45 -21.22 62.12
CA GLU D 503 27.80 -21.69 63.47
C GLU D 503 29.12 -22.44 63.51
N VAL D 504 29.52 -23.07 62.39
CA VAL D 504 30.77 -23.84 62.40
C VAL D 504 31.96 -23.01 61.95
N CYS D 505 31.75 -21.76 61.54
CA CYS D 505 32.84 -20.90 61.07
C CYS D 505 33.35 -20.06 62.23
N LYS D 506 34.43 -20.52 62.85
CA LYS D 506 34.94 -19.85 64.04
C LYS D 506 35.46 -18.45 63.72
N ILE D 507 35.93 -18.19 62.50
CA ILE D 507 36.42 -16.85 62.18
C ILE D 507 35.30 -15.94 61.70
N GLU D 508 34.05 -16.43 61.66
CA GLU D 508 32.85 -15.62 61.37
C GLU D 508 32.92 -14.97 59.99
N ALA D 509 33.22 -15.78 58.99
CA ALA D 509 33.29 -15.31 57.60
C ALA D 509 31.95 -15.39 56.87
N ILE D 510 30.91 -15.92 57.49
CA ILE D 510 29.65 -16.19 56.83
C ILE D 510 28.60 -15.18 57.28
N ASP D 511 27.90 -14.62 56.30
CA ASP D 511 26.76 -13.69 56.49
C ASP D 511 25.44 -14.42 56.20
N ILE D 512 24.62 -14.70 57.21
CA ILE D 512 23.27 -15.25 56.98
C ILE D 512 22.34 -14.06 56.77
N ARG D 513 21.65 -14.02 55.63
CA ARG D 513 20.76 -12.90 55.30
C ARG D 513 19.45 -13.43 54.72
N GLY D 514 18.36 -13.18 55.41
CA GLY D 514 17.06 -13.56 54.88
C GLY D 514 17.02 -15.04 54.57
N GLU D 515 16.74 -15.38 53.31
CA GLU D 515 16.63 -16.76 52.88
C GLU D 515 17.89 -17.24 52.17
N THR D 516 19.04 -16.65 52.48
CA THR D 516 20.26 -17.03 51.79
C THR D 516 21.46 -16.76 52.69
N SER D 517 22.65 -17.00 52.14
CA SER D 517 23.87 -16.77 52.89
C SER D 517 24.94 -16.29 51.93
N TYR D 518 25.99 -15.73 52.51
CA TYR D 518 27.14 -15.18 51.78
C TYR D 518 28.42 -15.59 52.49
N THR D 519 29.53 -15.53 51.75
CA THR D 519 30.87 -15.77 52.29
C THR D 519 31.72 -14.54 52.07
N ASN D 520 32.38 -14.07 53.13
CA ASN D 520 33.36 -12.99 53.02
C ASN D 520 34.73 -13.59 52.70
N TYR D 521 35.11 -13.53 51.43
CA TYR D 521 36.35 -14.16 50.98
C TYR D 521 37.61 -13.38 51.40
N ASN D 522 37.46 -12.20 51.99
CA ASN D 522 38.62 -11.54 52.61
C ASN D 522 38.94 -12.12 53.99
N VAL D 523 38.06 -12.96 54.52
CA VAL D 523 38.26 -13.62 55.80
C VAL D 523 38.35 -15.13 55.67
N CYS D 524 37.48 -15.74 54.86
CA CYS D 524 37.45 -17.20 54.67
C CYS D 524 38.84 -17.76 54.40
N ILE D 525 39.19 -18.81 55.13
CA ILE D 525 40.50 -19.44 54.98
C ILE D 525 40.42 -20.78 54.26
N GLY D 526 39.24 -21.17 53.78
CA GLY D 526 39.11 -22.40 53.03
C GLY D 526 39.26 -23.67 53.84
N CYS D 527 38.63 -23.73 55.01
CA CYS D 527 38.63 -24.95 55.82
C CYS D 527 37.60 -25.97 55.34
N GLY D 528 36.60 -25.56 54.56
CA GLY D 528 35.60 -26.44 54.04
C GLY D 528 34.51 -26.89 55.01
N LYS D 529 34.53 -26.43 56.26
CA LYS D 529 33.61 -26.98 57.25
C LYS D 529 32.15 -26.65 56.92
N CYS D 530 31.89 -25.43 56.43
CA CYS D 530 30.53 -25.01 56.09
C CYS D 530 29.95 -25.92 55.01
N ILE D 531 30.79 -26.43 54.10
CA ILE D 531 30.30 -27.32 53.04
C ILE D 531 29.78 -28.65 53.64
N LYS D 532 30.53 -29.17 54.61
CA LYS D 532 30.16 -30.45 55.27
C LYS D 532 29.03 -30.22 56.28
N ALA D 533 28.93 -29.03 56.88
CA ALA D 533 27.90 -28.82 57.90
C ALA D 533 26.52 -28.52 57.29
N CYS D 534 26.47 -28.05 56.05
CA CYS D 534 25.19 -27.65 55.45
C CYS D 534 24.33 -28.89 55.24
N PRO D 535 23.09 -28.92 55.73
CA PRO D 535 22.22 -30.08 55.47
C PRO D 535 21.41 -29.98 54.20
N ASN D 536 21.57 -28.90 53.43
CA ASN D 536 20.66 -28.56 52.35
C ASN D 536 21.35 -28.43 50.99
N GLU D 537 22.55 -28.96 50.85
CA GLU D 537 23.30 -28.88 49.59
C GLU D 537 23.44 -27.42 49.15
N GLY D 538 23.66 -26.54 50.12
CA GLY D 538 23.71 -25.12 49.86
C GLY D 538 25.07 -24.55 49.54
N ARG D 539 26.14 -25.33 49.75
CA ARG D 539 27.50 -24.86 49.54
C ARG D 539 28.26 -25.88 48.70
N ASP D 540 28.83 -25.40 47.59
CA ASP D 540 29.66 -26.19 46.70
C ASP D 540 31.12 -25.80 46.87
N VAL D 541 32.00 -26.55 46.22
CA VAL D 541 33.42 -26.26 46.23
C VAL D 541 33.72 -25.24 45.13
N LYS D 542 34.27 -24.11 45.53
CA LYS D 542 34.74 -23.06 44.64
C LYS D 542 36.12 -23.36 44.09
N GLU D 543 37.03 -23.77 44.97
CA GLU D 543 38.44 -23.98 44.64
C GLU D 543 39.01 -24.85 45.74
N GLU D 544 39.91 -25.77 45.40
CA GLU D 544 40.52 -26.60 46.41
C GLU D 544 41.90 -27.05 45.95
N GLY D 545 42.78 -27.29 46.92
CA GLY D 545 44.10 -27.83 46.57
C GLY D 545 45.16 -27.56 47.63
N PHE D 546 46.40 -27.49 47.17
CA PHE D 546 47.58 -27.33 48.03
C PHE D 546 48.02 -25.86 48.00
N MET D 547 47.75 -25.13 49.08
CA MET D 547 48.23 -23.77 49.23
C MET D 547 49.69 -23.80 49.65
N VAL D 548 50.51 -22.93 49.04
CA VAL D 548 51.96 -22.98 49.23
C VAL D 548 52.47 -21.65 49.78
N TYR D 549 53.42 -21.76 50.72
CA TYR D 549 54.13 -20.63 51.33
C TYR D 549 55.62 -20.86 51.19
N VAL D 550 56.38 -19.78 50.96
CA VAL D 550 57.83 -19.89 50.76
C VAL D 550 58.57 -18.86 51.62
N GLY D 551 59.54 -19.32 52.38
CA GLY D 551 60.50 -18.43 53.03
C GLY D 551 60.20 -18.04 54.47
N GLY D 552 59.55 -18.90 55.24
CA GLY D 552 59.31 -18.66 56.65
C GLY D 552 60.31 -19.41 57.53
N LYS D 553 60.22 -19.13 58.84
CA LYS D 553 61.07 -19.81 59.85
C LYS D 553 60.64 -19.43 61.25
N THR D 554 61.03 -20.25 62.21
CA THR D 554 60.93 -19.87 63.65
C THR D 554 62.35 -19.94 64.22
N GLY D 555 62.47 -20.04 65.53
CA GLY D 555 63.81 -20.11 66.14
C GLY D 555 64.22 -18.76 66.69
N ARG D 556 65.39 -18.26 66.29
CA ARG D 556 65.83 -16.98 66.83
C ARG D 556 64.92 -15.84 66.36
N GLU D 557 64.30 -15.97 65.20
CA GLU D 557 63.35 -15.00 64.68
C GLU D 557 62.14 -15.75 64.14
N VAL D 558 60.99 -15.07 64.14
CA VAL D 558 59.76 -15.54 63.50
C VAL D 558 59.60 -14.80 62.17
N ILE D 559 59.49 -15.54 61.07
CA ILE D 559 59.23 -14.95 59.76
C ILE D 559 58.13 -15.77 59.07
N GLU D 560 57.07 -15.09 58.62
CA GLU D 560 56.01 -15.76 57.85
C GLU D 560 56.42 -15.83 56.39
N GLY D 561 56.29 -17.00 55.79
CA GLY D 561 56.62 -17.16 54.39
C GLY D 561 55.69 -16.35 53.49
N VAL D 562 56.18 -16.10 52.28
CA VAL D 562 55.39 -15.42 51.27
C VAL D 562 54.32 -16.39 50.76
N SER D 563 53.06 -15.99 50.84
CA SER D 563 51.99 -16.78 50.25
C SER D 563 52.15 -16.82 48.74
N MET D 564 52.05 -18.00 48.15
CA MET D 564 52.23 -18.10 46.70
C MET D 564 50.91 -18.27 45.98
N LYS D 565 50.41 -19.50 45.89
CA LYS D 565 49.19 -19.85 45.15
C LYS D 565 48.95 -21.34 45.36
N LEU D 566 47.82 -21.85 44.86
CA LEU D 566 47.61 -23.29 44.81
C LEU D 566 48.49 -23.91 43.73
N MET D 567 49.11 -25.04 44.07
CA MET D 567 50.02 -25.72 43.13
C MET D 567 49.76 -27.23 43.16
N SER D 568 50.07 -27.90 42.04
CA SER D 568 49.96 -29.38 41.93
C SER D 568 51.18 -30.00 42.60
N VAL D 569 51.14 -31.30 42.88
CA VAL D 569 52.31 -31.97 43.51
C VAL D 569 53.53 -31.84 42.57
N GLU D 570 53.32 -31.97 41.27
CA GLU D 570 54.43 -31.85 40.30
C GLU D 570 55.04 -30.45 40.40
N GLU D 571 54.20 -29.43 40.53
CA GLU D 571 54.69 -28.02 40.62
C GLU D 571 55.46 -27.83 41.93
N ILE D 572 54.96 -28.43 43.02
CA ILE D 572 55.62 -28.30 44.32
C ILE D 572 57.01 -28.91 44.27
N LEU D 573 57.15 -30.08 43.66
CA LEU D 573 58.46 -30.71 43.54
C LEU D 573 59.43 -29.85 42.71
N ASN D 574 58.93 -29.29 41.60
CA ASN D 574 59.72 -28.33 40.82
C ASN D 574 60.12 -27.14 41.67
N LEU D 575 59.16 -26.58 42.42
CA LEU D 575 59.43 -25.42 43.26
C LEU D 575 60.53 -25.69 44.28
N ILE D 576 60.41 -26.78 45.03
CA ILE D 576 61.38 -27.03 46.10
C ILE D 576 62.77 -27.17 45.51
N ASP D 577 62.89 -27.89 44.40
CA ASP D 577 64.16 -28.08 43.73
C ASP D 577 64.79 -26.74 43.35
N LYS D 578 63.99 -25.85 42.75
CA LYS D 578 64.53 -24.56 42.29
C LYS D 578 64.77 -23.61 43.45
N VAL D 579 63.93 -23.65 44.49
CA VAL D 579 64.21 -22.84 45.68
C VAL D 579 65.57 -23.20 46.26
N LEU D 580 65.88 -24.50 46.36
CA LEU D 580 67.16 -24.91 46.91
C LEU D 580 68.32 -24.42 46.02
N ILE D 581 68.12 -24.40 44.69
CA ILE D 581 69.16 -23.94 43.78
C ILE D 581 69.43 -22.45 43.97
N VAL D 582 68.38 -21.63 44.03
CA VAL D 582 68.57 -20.18 44.15
C VAL D 582 69.09 -19.83 45.53
N TYR D 583 68.65 -20.57 46.55
CA TYR D 583 69.19 -20.42 47.90
C TYR D 583 70.69 -20.68 47.90
N HIS D 584 71.12 -21.78 47.29
N HIS D 584 71.14 -21.76 47.26
CA HIS D 584 72.54 -22.05 47.13
CA HIS D 584 72.57 -22.00 47.18
C HIS D 584 73.22 -20.90 46.41
C HIS D 584 73.27 -20.91 46.38
N LYS D 585 72.60 -20.39 45.35
CA LYS D 585 73.23 -19.38 44.49
C LYS D 585 73.56 -18.13 45.30
N TYR D 586 72.65 -17.69 46.16
CA TYR D 586 72.79 -16.39 46.79
C TYR D 586 73.23 -16.44 48.24
N ALA D 587 73.20 -17.61 48.88
CA ALA D 587 73.64 -17.71 50.28
C ALA D 587 75.14 -17.43 50.39
N LYS D 588 75.52 -16.64 51.41
CA LYS D 588 76.95 -16.25 51.59
C LYS D 588 77.50 -16.72 52.95
N LYS D 589 76.62 -17.15 53.86
CA LYS D 589 77.04 -17.54 55.20
C LYS D 589 76.42 -18.90 55.52
N PRO D 590 77.06 -19.98 55.08
CA PRO D 590 76.61 -21.32 55.48
C PRO D 590 76.47 -21.40 56.99
N GLN D 591 75.40 -22.06 57.43
CA GLN D 591 75.11 -22.33 58.84
C GLN D 591 74.70 -21.09 59.63
N ARG D 592 74.44 -19.99 58.96
CA ARG D 592 73.98 -18.75 59.56
C ARG D 592 72.81 -18.13 58.81
N GLU D 593 72.79 -18.21 57.48
CA GLU D 593 71.73 -17.59 56.68
C GLU D 593 70.68 -18.63 56.31
N ARG D 594 69.49 -18.52 56.90
CA ARG D 594 68.36 -19.31 56.44
C ARG D 594 67.85 -18.78 55.10
N LEU D 595 66.98 -19.56 54.46
CA LEU D 595 66.36 -19.09 53.22
C LEU D 595 65.72 -17.72 53.39
N ALA D 596 64.96 -17.53 54.47
CA ALA D 596 64.29 -16.26 54.69
C ALA D 596 65.29 -15.11 54.73
N ALA D 597 66.47 -15.34 55.31
CA ALA D 597 67.47 -14.29 55.37
C ALA D 597 68.02 -13.97 53.99
N VAL D 598 68.22 -14.98 53.14
CA VAL D 598 68.70 -14.74 51.79
C VAL D 598 67.65 -13.96 50.99
N MET D 599 66.38 -14.38 51.11
CA MET D 599 65.31 -13.68 50.42
C MET D 599 65.24 -12.23 50.87
N ALA D 600 65.38 -12.00 52.18
CA ALA D 600 65.33 -10.63 52.70
C ALA D 600 66.48 -9.80 52.17
N ARG D 601 67.68 -10.39 52.06
CA ARG D 601 68.87 -9.66 51.66
C ARG D 601 68.80 -9.23 50.21
N ILE D 602 68.36 -10.12 49.31
CA ILE D 602 68.38 -9.79 47.88
C ILE D 602 67.05 -9.28 47.36
N GLY D 603 65.98 -9.38 48.13
CA GLY D 603 64.65 -8.97 47.69
C GLY D 603 63.77 -10.18 47.46
N LYS D 604 62.60 -10.23 48.12
CA LYS D 604 61.73 -11.39 48.00
C LYS D 604 61.29 -11.60 46.56
N GLY D 605 60.92 -10.52 45.88
CA GLY D 605 60.49 -10.63 44.49
C GLY D 605 61.60 -11.10 43.57
N LYS D 606 62.82 -10.56 43.76
CA LYS D 606 63.95 -11.00 42.96
C LYS D 606 64.19 -12.50 43.11
N PHE D 607 64.18 -12.97 44.36
CA PHE D 607 64.40 -14.39 44.62
C PHE D 607 63.33 -15.24 43.97
N LEU D 608 62.05 -14.88 44.18
CA LEU D 608 60.97 -15.71 43.67
C LEU D 608 60.89 -15.67 42.16
N GLU D 609 61.26 -14.54 41.56
CA GLU D 609 61.21 -14.46 40.07
C GLU D 609 62.28 -15.38 39.48
N GLU D 610 63.45 -15.46 40.13
CA GLU D 610 64.50 -16.36 39.66
C GLU D 610 64.06 -17.80 39.82
N VAL D 611 63.40 -18.12 40.94
CA VAL D 611 62.83 -19.46 41.13
C VAL D 611 61.84 -19.76 40.02
N LYS D 612 60.96 -18.80 39.72
CA LYS D 612 59.95 -19.03 38.66
C LYS D 612 60.65 -19.31 37.32
N GLU D 613 61.70 -18.54 37.01
CA GLU D 613 62.41 -18.72 35.73
C GLU D 613 63.01 -20.10 35.64
N LEU D 614 63.61 -20.60 36.72
CA LEU D 614 64.18 -21.94 36.68
C LEU D 614 63.09 -22.99 36.54
N MET D 615 61.94 -22.79 37.20
CA MET D 615 60.85 -23.76 37.13
C MET D 615 60.32 -23.90 35.70
N GLU D 616 60.30 -22.78 34.97
CA GLU D 616 59.77 -22.76 33.58
C GLU D 616 60.74 -23.47 32.63
N GLN D 617 62.03 -23.44 32.94
CA GLN D 617 63.07 -24.15 32.13
C GLN D 617 62.89 -25.66 32.25
N ASN D 618 62.54 -26.14 33.46
CA ASN D 618 62.37 -27.58 33.82
C ASN D 618 61.80 -28.41 32.66
N TYR E 2 12.07 12.93 -41.69
CA TYR E 2 12.97 13.42 -40.62
C TYR E 2 14.44 13.36 -41.08
N GLU E 3 15.20 14.43 -40.86
CA GLU E 3 16.62 14.47 -41.22
C GLU E 3 17.42 13.48 -40.39
N TRP E 4 18.20 12.64 -41.05
CA TRP E 4 18.93 11.56 -40.38
C TRP E 4 20.15 11.20 -41.21
N LYS E 5 21.35 11.38 -40.62
CA LYS E 5 22.59 11.28 -41.39
C LYS E 5 22.73 9.94 -42.10
N LEU E 6 22.30 8.85 -41.47
CA LEU E 6 22.47 7.54 -42.07
C LEU E 6 21.62 7.32 -43.32
N ASN E 7 20.71 8.25 -43.64
CA ASN E 7 20.03 8.16 -44.92
C ASN E 7 21.02 8.20 -46.08
N ASP E 8 22.20 8.77 -45.88
CA ASP E 8 23.24 8.69 -46.90
C ASP E 8 23.55 7.23 -47.27
N ILE E 9 23.50 6.35 -46.27
CA ILE E 9 23.70 4.92 -46.50
C ILE E 9 22.41 4.26 -46.98
N VAL E 10 21.32 4.45 -46.24
CA VAL E 10 20.09 3.70 -46.46
C VAL E 10 19.45 4.07 -47.79
N ASP E 11 19.41 5.38 -48.11
CA ASP E 11 18.73 5.80 -49.33
C ASP E 11 19.57 5.57 -50.58
N ASN E 12 20.84 5.15 -50.44
CA ASN E 12 21.71 4.91 -51.57
C ASN E 12 22.05 3.43 -51.78
N GLY E 13 21.27 2.52 -51.19
CA GLY E 13 21.44 1.10 -51.44
C GLY E 13 22.67 0.47 -50.84
N ILE E 14 23.30 1.11 -49.87
CA ILE E 14 24.49 0.58 -49.23
C ILE E 14 24.17 -0.11 -47.91
N CYS E 15 23.01 0.17 -47.32
CA CYS E 15 22.65 -0.40 -46.02
C CYS E 15 22.55 -1.92 -46.08
N ALA E 16 23.22 -2.58 -45.14
CA ALA E 16 23.16 -4.02 -45.01
C ALA E 16 21.85 -4.51 -44.41
N LYS E 17 21.04 -3.61 -43.86
CA LYS E 17 19.87 -3.98 -43.09
C LYS E 17 20.24 -5.01 -42.02
N CYS E 18 21.27 -4.67 -41.24
CA CYS E 18 21.76 -5.51 -40.12
C CYS E 18 20.98 -5.17 -38.85
N GLY E 19 20.57 -3.91 -38.72
CA GLY E 19 19.80 -3.45 -37.55
C GLY E 19 20.58 -2.93 -36.36
N THR E 20 21.90 -2.80 -36.47
CA THR E 20 22.71 -2.36 -35.33
C THR E 20 22.35 -0.93 -34.89
N CYS E 21 22.22 -0.01 -35.85
CA CYS E 21 21.95 1.39 -35.55
C CYS E 21 20.70 1.57 -34.71
N THR E 22 19.67 0.77 -34.95
CA THR E 22 18.38 1.04 -34.31
C THR E 22 18.28 0.53 -32.88
N VAL E 23 19.28 -0.23 -32.41
CA VAL E 23 19.24 -0.66 -31.03
C VAL E 23 20.03 0.24 -30.09
N VAL E 24 20.84 1.17 -30.61
CA VAL E 24 21.72 1.97 -29.76
C VAL E 24 21.16 3.33 -29.41
N CYS E 25 20.00 3.69 -29.93
CA CYS E 25 19.51 5.05 -29.73
C CYS E 25 19.08 5.24 -28.28
N PRO E 26 19.68 6.16 -27.52
CA PRO E 26 19.31 6.32 -26.11
C PRO E 26 17.96 7.00 -25.90
N ASN E 27 17.36 7.53 -26.96
CA ASN E 27 16.03 8.12 -26.90
C ASN E 27 14.95 7.20 -27.42
N GLY E 28 15.32 6.02 -27.90
CA GLY E 28 14.37 5.05 -28.41
C GLY E 28 13.55 5.53 -29.59
N ILE E 29 14.11 6.44 -30.39
CA ILE E 29 13.34 7.03 -31.52
C ILE E 29 13.70 6.34 -32.85
N LEU E 30 14.44 5.24 -32.79
CA LEU E 30 14.80 4.50 -34.02
C LEU E 30 14.07 3.15 -34.00
N THR E 31 13.42 2.81 -35.10
CA THR E 31 12.72 1.51 -35.20
C THR E 31 13.15 0.85 -36.51
N PHE E 32 13.14 -0.49 -36.56
CA PHE E 32 13.49 -1.16 -37.83
C PHE E 32 12.25 -1.91 -38.33
N GLU E 33 11.71 -1.46 -39.46
CA GLU E 33 10.55 -2.12 -40.12
C GLU E 33 11.14 -2.91 -41.29
N ASP E 34 11.19 -2.29 -42.48
CA ASP E 34 11.87 -2.91 -43.64
C ASP E 34 13.26 -2.27 -43.77
N ARG E 35 13.47 -1.15 -43.06
CA ARG E 35 14.74 -0.37 -43.01
C ARG E 35 14.76 0.42 -41.70
N PRO E 36 15.92 0.96 -41.26
CA PRO E 36 15.99 1.76 -40.04
C PRO E 36 15.19 3.04 -40.27
N LYS E 37 14.34 3.43 -39.31
CA LYS E 37 13.53 4.65 -39.51
C LYS E 37 13.34 5.43 -38.19
N LEU E 38 13.33 6.75 -38.29
CA LEU E 38 13.08 7.64 -37.13
C LEU E 38 11.57 7.71 -36.92
N THR E 39 11.11 7.57 -35.68
CA THR E 39 9.70 7.71 -35.37
C THR E 39 9.35 9.13 -34.95
N GLU E 40 10.36 9.96 -34.72
CA GLU E 40 10.15 11.38 -34.40
C GLU E 40 11.45 12.14 -34.67
N GLU E 41 11.36 13.47 -34.56
CA GLU E 41 12.51 14.34 -34.89
C GLU E 41 13.73 14.04 -34.01
N CYS E 42 14.89 13.87 -34.66
CA CYS E 42 16.16 13.70 -33.97
C CYS E 42 16.87 15.04 -33.91
N LEU E 43 17.13 15.53 -32.69
CA LEU E 43 17.75 16.85 -32.55
C LEU E 43 19.15 16.90 -33.14
N ARG E 44 19.84 15.76 -33.21
CA ARG E 44 21.17 15.66 -33.80
C ARG E 44 21.14 15.43 -35.30
N LYS E 45 19.95 15.25 -35.87
CA LYS E 45 19.82 14.91 -37.28
C LYS E 45 20.65 13.68 -37.61
N GLY E 46 20.69 12.73 -36.66
CA GLY E 46 21.40 11.49 -36.87
C GLY E 46 22.90 11.54 -36.71
N ASN E 47 23.45 12.66 -36.22
CA ASN E 47 24.87 12.75 -35.92
C ASN E 47 25.10 12.20 -34.52
N GLY E 48 25.27 10.89 -34.44
CA GLY E 48 25.39 10.26 -33.15
C GLY E 48 25.68 8.78 -33.24
N MET E 49 25.27 8.07 -32.20
CA MET E 49 25.71 6.70 -32.02
C MET E 49 25.21 5.72 -33.11
N CYS E 50 24.01 6.00 -33.65
CA CYS E 50 23.46 5.14 -34.73
C CYS E 50 24.43 5.18 -35.92
N PHE E 51 24.87 6.38 -36.32
CA PHE E 51 25.82 6.58 -37.41
C PHE E 51 27.18 5.92 -37.06
N GLU E 52 27.61 6.09 -35.80
CA GLU E 52 28.94 5.68 -35.34
C GLU E 52 29.09 4.17 -35.18
N VAL E 53 28.01 3.39 -35.04
CA VAL E 53 28.13 1.92 -35.02
C VAL E 53 27.91 1.28 -36.39
N CYS E 54 27.61 2.06 -37.40
CA CYS E 54 27.21 1.45 -38.67
C CYS E 54 28.43 0.85 -39.36
N PRO E 55 28.42 -0.46 -39.65
CA PRO E 55 29.58 -1.07 -40.32
C PRO E 55 29.73 -0.68 -41.77
N ARG E 56 28.75 0.02 -42.36
CA ARG E 56 28.84 0.47 -43.74
C ARG E 56 29.33 1.91 -43.86
N VAL E 57 29.52 2.61 -42.73
CA VAL E 57 30.26 3.87 -42.75
C VAL E 57 31.76 3.60 -42.63
N SER E 58 32.14 2.80 -41.65
CA SER E 58 33.55 2.44 -41.43
C SER E 58 33.58 1.12 -40.67
N SER E 59 34.38 0.17 -41.17
CA SER E 59 34.40 -1.17 -40.59
C SER E 59 35.01 -1.19 -39.19
N GLY E 60 36.00 -0.34 -38.95
CA GLY E 60 36.78 -0.48 -37.72
C GLY E 60 37.57 -1.76 -37.60
N LYS E 61 37.76 -2.53 -38.69
CA LYS E 61 38.26 -3.90 -38.51
C LYS E 61 39.72 -3.93 -38.05
N TYR E 62 40.58 -3.03 -38.52
CA TYR E 62 41.98 -3.12 -38.11
C TYR E 62 42.12 -2.99 -36.60
N GLN E 63 41.52 -1.94 -36.03
CA GLN E 63 41.66 -1.70 -34.60
C GLN E 63 40.96 -2.77 -33.77
N ILE E 64 39.88 -3.35 -34.29
CA ILE E 64 39.23 -4.47 -33.60
C ILE E 64 40.12 -5.71 -33.67
N LYS E 65 40.61 -6.03 -34.86
CA LYS E 65 41.31 -7.30 -35.00
C LYS E 65 42.62 -7.33 -34.21
N ILE E 66 43.32 -6.21 -34.10
CA ILE E 66 44.58 -6.24 -33.36
C ILE E 66 44.35 -6.47 -31.86
N ARG E 67 43.11 -6.24 -31.39
CA ARG E 67 42.72 -6.51 -30.01
C ARG E 67 42.14 -7.90 -29.84
N GLU E 68 41.30 -8.36 -30.78
CA GLU E 68 40.74 -9.71 -30.66
C GLU E 68 41.79 -10.78 -30.95
N LYS E 69 42.77 -10.47 -31.81
CA LYS E 69 43.84 -11.41 -32.14
C LYS E 69 43.24 -12.76 -32.55
N PHE E 70 42.41 -12.72 -33.60
CA PHE E 70 41.63 -13.86 -34.02
C PHE E 70 42.51 -15.03 -34.43
N LYS E 71 42.08 -16.24 -34.09
CA LYS E 71 42.60 -17.45 -34.69
C LYS E 71 41.60 -17.94 -35.74
N GLU E 72 41.85 -19.11 -36.31
CA GLU E 72 41.01 -19.61 -37.41
C GLU E 72 41.09 -21.12 -37.49
N GLU E 73 40.31 -21.81 -36.66
CA GLU E 73 40.34 -23.26 -36.54
C GLU E 73 39.08 -23.83 -37.20
N TYR E 74 39.27 -24.77 -38.13
CA TYR E 74 38.18 -25.31 -38.93
C TYR E 74 37.77 -26.69 -38.43
N TYR E 75 36.47 -26.85 -38.17
CA TYR E 75 35.88 -28.12 -37.76
C TYR E 75 34.49 -28.23 -38.38
N TYR E 76 33.89 -29.41 -38.27
CA TYR E 76 32.46 -29.57 -38.54
C TYR E 76 31.86 -30.51 -37.51
N GLY E 77 30.56 -30.38 -37.29
CA GLY E 77 29.94 -31.17 -36.25
C GLY E 77 28.43 -31.11 -36.35
N LYS E 78 27.80 -31.86 -35.44
CA LYS E 78 26.34 -31.87 -35.33
C LYS E 78 25.98 -31.82 -33.85
N GLY E 79 24.91 -31.10 -33.55
CA GLY E 79 24.37 -31.03 -32.21
C GLY E 79 23.31 -32.09 -31.99
N ASP E 80 22.55 -31.92 -30.91
CA ASP E 80 21.56 -32.90 -30.49
C ASP E 80 20.12 -32.41 -30.68
N VAL E 81 19.92 -31.33 -31.44
CA VAL E 81 18.60 -30.88 -31.83
C VAL E 81 18.59 -30.76 -33.35
N GLU E 82 17.37 -30.77 -33.91
CA GLU E 82 17.20 -30.67 -35.39
C GLU E 82 17.27 -29.19 -35.80
N GLY E 83 18.26 -28.83 -36.61
CA GLY E 83 18.42 -27.43 -37.05
C GLY E 83 18.50 -27.32 -38.56
N GLN E 84 18.98 -26.17 -39.05
CA GLN E 84 19.13 -25.94 -40.48
C GLN E 84 20.06 -26.97 -41.09
N ASP E 85 21.22 -27.16 -40.47
CA ASP E 85 22.23 -28.09 -40.96
C ASP E 85 22.50 -29.10 -39.83
N GLY E 86 23.53 -28.88 -39.02
CA GLY E 86 23.83 -29.78 -37.93
C GLY E 86 23.21 -29.39 -36.61
N GLY E 87 22.44 -28.31 -36.56
CA GLY E 87 21.88 -27.85 -35.31
C GLY E 87 22.93 -27.42 -34.30
N VAL E 88 24.09 -26.93 -34.79
CA VAL E 88 25.19 -26.58 -33.89
C VAL E 88 24.90 -25.28 -33.14
N VAL E 89 24.42 -24.24 -33.84
CA VAL E 89 24.20 -22.96 -33.17
C VAL E 89 23.28 -23.13 -31.97
N THR E 90 22.12 -23.76 -32.19
CA THR E 90 21.15 -23.92 -31.10
C THR E 90 21.70 -24.77 -29.97
N THR E 91 22.43 -25.83 -30.30
CA THR E 91 23.01 -26.69 -29.25
C THR E 91 24.02 -25.91 -28.40
N PHE E 92 24.84 -25.08 -29.04
CA PHE E 92 25.79 -24.24 -28.30
C PHE E 92 25.04 -23.28 -27.37
N LEU E 93 23.97 -22.65 -27.86
CA LEU E 93 23.19 -21.74 -27.03
C LEU E 93 22.59 -22.46 -25.82
N LYS E 94 22.08 -23.68 -26.02
CA LYS E 94 21.57 -24.45 -24.89
C LYS E 94 22.66 -24.67 -23.85
N TYR E 95 23.86 -25.01 -24.30
CA TYR E 95 24.99 -25.20 -23.39
C TYR E 95 25.29 -23.91 -22.62
N LEU E 96 25.36 -22.77 -23.30
CA LEU E 96 25.67 -21.51 -22.62
C LEU E 96 24.58 -21.15 -21.61
N LEU E 97 23.32 -21.41 -21.95
CA LEU E 97 22.24 -21.13 -21.01
C LEU E 97 22.30 -22.06 -19.82
N LYS E 98 22.47 -23.37 -20.06
CA LYS E 98 22.49 -24.33 -18.97
C LYS E 98 23.63 -24.05 -18.00
N ASN E 99 24.80 -23.70 -18.53
CA ASN E 99 25.99 -23.48 -17.73
C ASN E 99 26.14 -22.04 -17.26
N LYS E 100 25.08 -21.24 -17.36
CA LYS E 100 25.04 -19.90 -16.78
C LYS E 100 26.13 -18.99 -17.35
N LYS E 101 26.52 -19.24 -18.60
CA LYS E 101 27.47 -18.36 -19.28
C LYS E 101 26.79 -17.10 -19.80
N ILE E 102 25.47 -17.15 -20.00
CA ILE E 102 24.70 -16.02 -20.48
C ILE E 102 23.35 -16.03 -19.79
N ASP E 103 22.74 -14.84 -19.67
CA ASP E 103 21.39 -14.74 -19.12
C ASP E 103 20.31 -14.94 -20.18
N GLY E 104 20.66 -14.78 -21.45
CA GLY E 104 19.74 -15.06 -22.53
C GLY E 104 20.49 -15.00 -23.85
N ALA E 105 19.79 -15.39 -24.91
CA ALA E 105 20.34 -15.35 -26.26
C ALA E 105 19.44 -14.53 -27.18
N ILE E 106 20.07 -13.72 -28.03
CA ILE E 106 19.37 -12.95 -29.06
C ILE E 106 19.39 -13.80 -30.33
N VAL E 107 18.21 -14.28 -30.74
CA VAL E 107 18.09 -15.23 -31.84
C VAL E 107 16.90 -14.80 -32.69
N VAL E 108 16.76 -15.43 -33.85
CA VAL E 108 15.72 -15.06 -34.81
C VAL E 108 14.71 -16.20 -34.90
N GLY E 109 13.47 -15.91 -34.52
CA GLY E 109 12.34 -16.78 -34.76
C GLY E 109 11.57 -16.35 -35.99
N ASP E 110 10.34 -16.85 -36.10
CA ASP E 110 9.52 -16.50 -37.29
C ASP E 110 8.02 -16.71 -37.05
N GLU E 111 7.22 -15.85 -37.68
CA GLU E 111 5.73 -15.98 -37.69
C GLU E 111 5.39 -16.17 -39.18
N CYS E 112 5.14 -17.40 -39.61
CA CYS E 112 4.85 -17.71 -41.04
C CYS E 112 5.98 -17.19 -41.93
N TRP E 113 7.23 -17.49 -41.52
CA TRP E 113 8.50 -17.14 -42.19
C TRP E 113 8.83 -15.65 -42.10
N LYS E 114 8.00 -14.87 -41.40
CA LYS E 114 8.35 -13.44 -41.19
C LYS E 114 9.27 -13.45 -39.97
N PRO E 115 10.55 -13.05 -40.09
CA PRO E 115 11.50 -13.11 -38.98
C PRO E 115 11.14 -12.21 -37.79
N VAL E 116 11.44 -12.69 -36.58
CA VAL E 116 11.19 -11.89 -35.35
C VAL E 116 12.41 -12.01 -34.43
N SER E 117 12.99 -10.87 -34.07
CA SER E 117 14.11 -10.86 -33.13
C SER E 117 13.57 -11.20 -31.74
N LEU E 118 14.17 -12.20 -31.10
CA LEU E 118 13.68 -12.70 -29.82
C LEU E 118 14.80 -12.72 -28.79
N ILE E 119 14.41 -12.50 -27.52
CA ILE E 119 15.30 -12.69 -26.37
C ILE E 119 14.76 -13.90 -25.61
N VAL E 120 15.53 -14.99 -25.63
CA VAL E 120 15.12 -16.23 -24.97
C VAL E 120 16.05 -16.48 -23.79
N GLN E 121 15.47 -17.00 -22.71
CA GLN E 121 16.22 -17.25 -21.48
C GLN E 121 16.10 -18.69 -21.00
N ASN E 122 15.43 -19.55 -21.76
CA ASN E 122 15.22 -20.95 -21.42
C ASN E 122 15.26 -21.78 -22.69
N GLU E 123 15.54 -23.07 -22.53
CA GLU E 123 15.66 -23.96 -23.68
C GLU E 123 14.34 -24.10 -24.42
N GLU E 124 13.21 -24.05 -23.72
CA GLU E 124 11.90 -24.17 -24.38
C GLU E 124 11.77 -23.11 -25.47
N ASP E 125 11.99 -21.84 -25.11
CA ASP E 125 11.80 -20.75 -26.07
C ASP E 125 12.88 -20.76 -27.14
N LEU E 126 14.06 -21.29 -26.83
CA LEU E 126 15.14 -21.35 -27.82
C LEU E 126 14.76 -22.26 -28.98
N MET E 127 13.96 -23.29 -28.73
CA MET E 127 13.70 -24.30 -29.74
C MET E 127 12.83 -23.79 -30.88
N ASN E 128 12.18 -22.64 -30.72
CA ASN E 128 11.42 -22.04 -31.81
C ASN E 128 12.27 -21.27 -32.80
N THR E 129 13.59 -21.19 -32.59
CA THR E 129 14.44 -20.31 -33.38
C THR E 129 15.39 -21.06 -34.28
N THR E 130 15.22 -22.37 -34.43
CA THR E 130 16.11 -23.10 -35.32
C THR E 130 15.79 -22.79 -36.78
N LYS E 131 16.71 -23.18 -37.66
CA LYS E 131 16.59 -23.04 -39.10
C LYS E 131 16.85 -21.62 -39.58
N SER E 132 17.29 -21.51 -40.83
CA SER E 132 17.62 -20.22 -41.42
C SER E 132 16.37 -19.54 -41.96
N LYS E 133 16.22 -18.25 -41.63
CA LYS E 133 15.24 -17.37 -42.26
C LYS E 133 16.02 -16.48 -43.24
N TYR E 134 15.78 -16.66 -44.54
CA TYR E 134 16.64 -16.05 -45.55
C TYR E 134 16.18 -14.64 -45.96
N THR E 135 15.52 -13.92 -45.06
CA THR E 135 15.05 -12.57 -45.33
C THR E 135 15.53 -11.66 -44.22
N VAL E 136 15.23 -10.36 -44.38
CA VAL E 136 15.80 -9.34 -43.51
C VAL E 136 15.45 -9.64 -42.05
N SER E 137 16.48 -9.63 -41.20
CA SER E 137 16.40 -9.85 -39.77
C SER E 137 16.82 -8.58 -39.05
N THR E 138 16.36 -8.41 -37.82
CA THR E 138 16.77 -7.29 -36.99
C THR E 138 17.46 -7.82 -35.74
N LEU E 139 17.93 -6.88 -34.91
CA LEU E 139 18.50 -7.15 -33.59
C LEU E 139 17.66 -6.54 -32.47
N GLU E 140 16.38 -6.30 -32.72
CA GLU E 140 15.60 -5.45 -31.81
C GLU E 140 15.49 -6.05 -30.41
N ALA E 141 15.56 -7.38 -30.28
CA ALA E 141 15.45 -7.98 -28.96
C ALA E 141 16.60 -7.56 -28.04
N LEU E 142 17.68 -6.97 -28.57
CA LEU E 142 18.72 -6.41 -27.71
C LEU E 142 18.16 -5.28 -26.85
N LYS E 143 17.29 -4.44 -27.40
CA LYS E 143 16.66 -3.39 -26.60
C LYS E 143 15.83 -3.98 -25.47
N THR E 144 15.08 -5.04 -25.77
CA THR E 144 14.25 -5.70 -24.75
C THR E 144 15.12 -6.26 -23.62
N ALA E 145 16.19 -6.97 -24.00
CA ALA E 145 17.12 -7.52 -23.01
C ALA E 145 17.69 -6.42 -22.11
N GLY E 146 17.98 -5.25 -22.67
CA GLY E 146 18.48 -4.16 -21.85
C GLY E 146 17.42 -3.60 -20.93
N GLU E 147 16.16 -3.53 -21.42
CA GLU E 147 15.05 -3.12 -20.57
C GLU E 147 14.84 -4.12 -19.43
N MET E 148 15.01 -5.41 -19.71
CA MET E 148 14.87 -6.45 -18.70
C MET E 148 16.00 -6.42 -17.68
N GLY E 149 17.13 -5.77 -18.01
CA GLY E 149 18.28 -5.74 -17.15
C GLY E 149 19.20 -6.93 -17.22
N LEU E 150 19.06 -7.78 -18.23
CA LEU E 150 19.95 -8.94 -18.37
C LEU E 150 21.40 -8.48 -18.49
N GLU E 151 22.29 -9.16 -17.76
CA GLU E 151 23.69 -8.74 -17.70
C GLU E 151 24.47 -9.16 -18.94
N LYS E 152 24.33 -10.42 -19.34
CA LYS E 152 25.14 -11.03 -20.37
C LYS E 152 24.23 -11.73 -21.38
N VAL E 153 24.48 -11.54 -22.68
CA VAL E 153 23.77 -12.29 -23.70
C VAL E 153 24.73 -12.77 -24.79
N ALA E 154 24.33 -13.86 -25.45
CA ALA E 154 24.91 -14.27 -26.72
C ALA E 154 24.03 -13.78 -27.86
N VAL E 155 24.65 -13.39 -28.97
CA VAL E 155 23.92 -12.93 -30.15
C VAL E 155 24.33 -13.79 -31.33
N VAL E 156 23.35 -14.27 -32.09
CA VAL E 156 23.60 -14.91 -33.38
C VAL E 156 23.34 -13.86 -34.44
N GLY E 157 24.26 -13.71 -35.38
CA GLY E 157 24.10 -12.70 -36.41
C GLY E 157 24.73 -13.10 -37.73
N LEU E 158 24.18 -12.54 -38.80
CA LEU E 158 24.82 -12.55 -40.10
C LEU E 158 26.09 -11.70 -40.05
N PRO E 159 27.02 -11.92 -41.00
CA PRO E 159 28.28 -11.15 -40.96
C PRO E 159 28.09 -9.65 -40.71
N CYS E 160 27.15 -9.00 -41.38
CA CYS E 160 27.00 -7.55 -41.19
C CYS E 160 26.53 -7.24 -39.79
N GLN E 161 25.71 -8.11 -39.17
CA GLN E 161 25.30 -7.91 -37.78
C GLN E 161 26.49 -8.09 -36.84
N ILE E 162 27.33 -9.11 -37.08
CA ILE E 162 28.53 -9.27 -36.27
C ILE E 162 29.40 -8.02 -36.35
N ASN E 163 29.54 -7.47 -37.56
CA ASN E 163 30.42 -6.33 -37.76
C ASN E 163 29.89 -5.09 -37.05
N GLY E 164 28.57 -4.88 -37.09
CA GLY E 164 27.98 -3.79 -36.33
C GLY E 164 28.17 -3.94 -34.83
N LEU E 165 27.98 -5.15 -34.33
CA LEU E 165 28.02 -5.37 -32.89
C LEU E 165 29.45 -5.33 -32.36
N ARG E 166 30.42 -5.72 -33.17
CA ARG E 166 31.82 -5.49 -32.82
C ARG E 166 32.10 -4.00 -32.67
N LYS E 167 31.56 -3.17 -33.57
CA LYS E 167 31.74 -1.73 -33.39
C LYS E 167 31.13 -1.26 -32.08
N LEU E 168 29.99 -1.81 -31.69
CA LEU E 168 29.38 -1.44 -30.41
C LEU E 168 30.30 -1.85 -29.26
N GLN E 169 30.82 -3.07 -29.31
CA GLN E 169 31.70 -3.52 -28.24
C GLN E 169 32.92 -2.62 -28.10
N TYR E 170 33.48 -2.18 -29.23
CA TYR E 170 34.69 -1.35 -29.23
C TYR E 170 34.38 0.12 -29.43
N PHE E 171 33.18 0.55 -29.02
CA PHE E 171 32.68 1.87 -29.38
C PHE E 171 33.65 2.99 -29.01
N GLN E 172 34.18 2.97 -27.78
CA GLN E 172 34.99 4.10 -27.34
C GLN E 172 36.27 4.23 -28.17
N TYR E 173 36.81 3.11 -28.64
CA TYR E 173 38.03 3.13 -29.45
C TYR E 173 37.77 3.67 -30.85
N LEU E 174 36.58 3.42 -31.40
CA LEU E 174 36.27 3.80 -32.78
C LEU E 174 35.62 5.18 -32.85
N ALA E 175 34.65 5.44 -31.97
CA ALA E 175 33.99 6.75 -31.95
C ALA E 175 34.76 7.80 -31.12
N LYS E 176 35.64 7.36 -30.23
CA LYS E 176 36.52 8.21 -29.41
C LYS E 176 35.78 8.98 -28.32
N HIS E 177 34.66 8.44 -27.84
CA HIS E 177 33.92 9.06 -26.75
C HIS E 177 32.94 8.03 -26.21
N ASP E 178 32.26 8.40 -25.12
CA ASP E 178 31.34 7.47 -24.48
C ASP E 178 30.05 7.35 -25.28
N GLY E 179 29.31 6.28 -25.03
CA GLY E 179 28.00 6.08 -25.62
C GLY E 179 27.13 7.31 -25.45
N GLU E 180 26.39 7.64 -26.50
CA GLU E 180 25.55 8.86 -26.54
C GLU E 180 24.55 8.91 -25.39
N LEU E 181 24.43 10.08 -24.76
CA LEU E 181 23.47 10.34 -23.70
C LEU E 181 22.12 10.75 -24.30
N GLY E 182 21.05 10.11 -23.83
CA GLY E 182 19.71 10.52 -24.19
C GLY E 182 19.30 11.80 -23.50
N LYS E 183 18.04 12.18 -23.76
CA LYS E 183 17.45 13.42 -23.18
C LYS E 183 17.48 13.35 -21.64
N ASN E 184 17.30 12.15 -21.07
CA ASN E 184 17.34 11.99 -19.64
C ASN E 184 18.77 12.00 -19.08
N GLY E 185 19.78 12.17 -19.95
CA GLY E 185 21.17 12.26 -19.53
C GLY E 185 21.86 10.93 -19.37
N LYS E 186 21.21 9.83 -19.72
CA LYS E 186 21.77 8.50 -19.56
C LYS E 186 21.92 7.81 -20.91
N PRO E 187 22.91 6.93 -21.03
CA PRO E 187 23.10 6.19 -22.29
C PRO E 187 22.10 5.06 -22.40
N VAL E 188 22.07 4.45 -23.59
CA VAL E 188 21.12 3.36 -23.85
C VAL E 188 21.40 2.19 -22.91
N LYS E 189 20.32 1.50 -22.54
CA LYS E 189 20.39 0.29 -21.71
C LYS E 189 20.50 -0.92 -22.63
N LEU E 190 21.63 -1.61 -22.56
CA LEU E 190 21.85 -2.80 -23.37
C LEU E 190 22.64 -3.81 -22.56
N PRO E 191 22.39 -5.10 -22.76
CA PRO E 191 23.20 -6.12 -22.08
C PRO E 191 24.61 -6.17 -22.65
N LYS E 192 25.52 -6.74 -21.87
CA LYS E 192 26.86 -7.00 -22.37
C LYS E 192 26.79 -8.15 -23.37
N ILE E 193 27.34 -7.93 -24.56
CA ILE E 193 27.40 -8.98 -25.58
C ILE E 193 28.61 -9.83 -25.25
N GLU E 194 28.37 -11.01 -24.70
CA GLU E 194 29.42 -11.91 -24.22
C GLU E 194 29.89 -12.89 -25.29
N TYR E 195 29.02 -13.27 -26.23
CA TYR E 195 29.38 -14.16 -27.31
C TYR E 195 28.76 -13.66 -28.60
N LEU E 196 29.52 -13.71 -29.68
CA LEU E 196 29.05 -13.38 -31.02
C LEU E 196 29.19 -14.62 -31.89
N ILE E 197 28.07 -15.22 -32.23
CA ILE E 197 28.01 -16.42 -33.08
C ILE E 197 27.62 -15.93 -34.47
N GLY E 198 28.53 -16.06 -35.41
CA GLY E 198 28.30 -15.61 -36.77
C GLY E 198 27.81 -16.74 -37.65
N LEU E 199 26.99 -16.39 -38.63
CA LEU E 199 26.59 -17.30 -39.68
C LEU E 199 27.34 -16.95 -40.97
N LEU E 200 27.73 -17.98 -41.72
CA LEU E 200 28.15 -17.78 -43.11
C LEU E 200 26.95 -17.32 -43.93
N CYS E 201 27.18 -16.41 -44.89
CA CYS E 201 26.02 -15.84 -45.62
C CYS E 201 26.43 -15.28 -46.98
N THR E 202 25.78 -15.74 -48.06
CA THR E 202 26.08 -15.27 -49.43
C THR E 202 25.18 -14.08 -49.76
N GLU E 203 23.91 -14.14 -49.33
CA GLU E 203 22.91 -13.05 -49.58
C GLU E 203 21.62 -13.33 -48.81
N LYS E 204 20.80 -12.28 -48.62
CA LYS E 204 19.47 -12.38 -47.98
C LYS E 204 18.47 -11.67 -48.91
N PHE E 205 17.19 -12.02 -48.82
CA PHE E 205 16.16 -11.44 -49.67
C PHE E 205 15.19 -10.58 -48.88
N GLU E 206 14.45 -9.74 -49.59
CA GLU E 206 13.33 -9.02 -49.02
C GLU E 206 12.15 -9.98 -48.89
N TYR E 207 11.54 -10.02 -47.71
CA TYR E 207 10.45 -11.00 -47.42
C TYR E 207 9.33 -10.93 -48.46
N ASP E 208 8.85 -9.73 -48.79
CA ASP E 208 7.74 -9.55 -49.76
C ASP E 208 8.18 -10.02 -51.15
N GLU E 209 9.41 -9.65 -51.54
CA GLU E 209 9.98 -10.05 -52.86
C GLU E 209 10.02 -11.57 -52.93
N LEU E 210 10.49 -12.21 -51.86
CA LEU E 210 10.61 -13.69 -51.82
C LEU E 210 9.21 -14.32 -51.91
N LYS E 211 8.24 -13.73 -51.21
CA LYS E 211 6.84 -14.24 -51.19
C LYS E 211 6.25 -14.17 -52.60
N GLU E 212 6.56 -13.10 -53.34
CA GLU E 212 6.03 -12.92 -54.72
C GLU E 212 6.52 -14.08 -55.58
N THR E 213 7.79 -14.47 -55.44
CA THR E 213 8.36 -15.60 -56.21
C THR E 213 7.67 -16.92 -55.79
N LEU E 214 7.52 -17.15 -54.48
CA LEU E 214 6.87 -18.38 -53.96
C LEU E 214 5.41 -18.45 -54.48
N ALA E 215 4.69 -17.33 -54.41
CA ALA E 215 3.27 -17.27 -54.86
C ALA E 215 3.20 -17.61 -56.36
N LYS E 216 4.19 -17.14 -57.13
CA LYS E 216 4.33 -17.38 -58.60
C LYS E 216 4.49 -18.88 -58.88
N TYR E 217 5.17 -19.61 -57.99
CA TYR E 217 5.40 -21.07 -58.11
C TYR E 217 4.30 -21.86 -57.37
N ASN E 218 3.22 -21.17 -57.03
CA ASN E 218 2.06 -21.79 -56.33
C ASN E 218 2.50 -22.39 -55.00
N ILE E 219 3.49 -21.74 -54.36
CA ILE E 219 3.99 -22.15 -53.02
C ILE E 219 3.50 -21.14 -52.01
N ASN E 220 2.96 -21.60 -50.88
CA ASN E 220 2.50 -20.69 -49.80
C ASN E 220 3.54 -20.75 -48.68
N MET E 221 4.06 -19.59 -48.26
CA MET E 221 5.09 -19.54 -47.20
C MET E 221 4.59 -20.26 -45.94
N ASP E 222 3.38 -19.95 -45.48
CA ASP E 222 2.76 -20.63 -44.31
C ASP E 222 2.93 -22.15 -44.41
N ASP E 223 2.90 -22.70 -45.63
CA ASP E 223 3.05 -24.15 -45.87
C ASP E 223 4.52 -24.57 -45.84
N VAL E 224 5.42 -23.75 -46.39
CA VAL E 224 6.89 -24.08 -46.47
C VAL E 224 7.39 -24.55 -45.11
N GLU E 225 8.00 -25.75 -45.07
CA GLU E 225 8.53 -26.34 -43.81
C GLU E 225 10.01 -25.98 -43.64
N LYS E 226 10.76 -25.88 -44.73
CA LYS E 226 12.20 -25.53 -44.62
C LYS E 226 12.68 -24.81 -45.89
N PHE E 227 13.67 -23.93 -45.72
CA PHE E 227 14.31 -23.19 -46.84
C PHE E 227 15.81 -23.52 -46.79
N ASP E 228 16.46 -23.62 -47.95
CA ASP E 228 17.91 -23.91 -47.93
C ASP E 228 18.60 -23.27 -49.14
N ILE E 229 19.86 -22.88 -48.98
CA ILE E 229 20.66 -22.32 -50.12
C ILE E 229 21.88 -23.22 -50.24
N LYS E 230 21.91 -24.06 -51.27
CA LYS E 230 23.05 -24.98 -51.52
C LYS E 230 23.43 -24.88 -53.00
N LYS E 231 24.73 -24.86 -53.30
CA LYS E 231 25.21 -24.83 -54.72
C LYS E 231 24.51 -23.71 -55.51
N GLY E 232 24.40 -22.52 -54.94
CA GLY E 232 23.77 -21.38 -55.64
C GLY E 232 22.35 -21.64 -56.08
N LYS E 233 21.56 -22.34 -55.26
CA LYS E 233 20.15 -22.63 -55.60
C LYS E 233 19.28 -22.49 -54.35
N LEU E 234 18.04 -22.01 -54.50
CA LEU E 234 17.14 -21.89 -53.33
C LEU E 234 16.28 -23.16 -53.26
N LEU E 235 16.34 -23.87 -52.15
CA LEU E 235 15.55 -25.12 -51.98
C LEU E 235 14.35 -24.82 -51.09
N VAL E 236 13.13 -25.07 -51.60
CA VAL E 236 11.90 -24.82 -50.81
C VAL E 236 11.26 -26.19 -50.52
N TYR E 237 11.10 -26.52 -49.25
CA TYR E 237 10.47 -27.81 -48.88
C TYR E 237 9.04 -27.53 -48.41
N VAL E 238 8.06 -27.93 -49.23
CA VAL E 238 6.61 -27.75 -48.92
C VAL E 238 5.88 -29.04 -49.28
N ASN E 239 4.99 -29.52 -48.40
CA ASN E 239 4.16 -30.73 -48.64
C ASN E 239 5.04 -31.95 -48.95
N GLY E 240 6.18 -32.10 -48.24
CA GLY E 240 7.11 -33.21 -48.46
C GLY E 240 7.65 -33.26 -49.89
N GLU E 241 7.83 -32.09 -50.50
CA GLU E 241 8.36 -31.97 -51.90
C GLU E 241 9.50 -30.95 -51.90
N GLU E 242 10.52 -31.15 -52.74
CA GLU E 242 11.69 -30.22 -52.82
C GLU E 242 11.65 -29.46 -54.14
N HIS E 243 11.62 -28.12 -54.06
CA HIS E 243 11.60 -27.25 -55.26
C HIS E 243 12.92 -26.49 -55.31
N LYS E 244 13.51 -26.38 -56.51
CA LYS E 244 14.81 -25.67 -56.65
C LYS E 244 14.62 -24.43 -57.52
N ILE E 245 14.97 -23.25 -56.99
CA ILE E 245 14.87 -21.98 -57.77
C ILE E 245 16.28 -21.41 -57.90
N PRO E 246 16.75 -21.03 -59.10
CA PRO E 246 18.10 -20.49 -59.24
C PRO E 246 18.21 -19.17 -58.44
N LEU E 247 19.32 -18.99 -57.72
CA LEU E 247 19.54 -17.78 -56.90
C LEU E 247 19.53 -16.54 -57.80
N LYS E 248 19.99 -16.70 -59.04
CA LYS E 248 20.04 -15.58 -60.03
C LYS E 248 18.62 -15.05 -60.31
N GLU E 249 17.63 -15.95 -60.31
CA GLU E 249 16.19 -15.62 -60.56
C GLU E 249 15.66 -14.67 -59.49
N ILE E 250 16.11 -14.82 -58.23
CA ILE E 250 15.60 -13.99 -57.09
C ILE E 250 16.46 -12.73 -56.89
N GLU E 251 15.78 -11.60 -56.63
CA GLU E 251 16.44 -10.29 -56.35
C GLU E 251 16.77 -10.24 -54.86
N LEU E 252 18.06 -10.14 -54.52
CA LEU E 252 18.51 -10.13 -53.10
C LEU E 252 18.39 -8.71 -52.53
N SER E 253 18.55 -8.58 -51.21
CA SER E 253 18.52 -7.23 -50.58
C SER E 253 19.64 -6.40 -51.22
N ALA E 254 19.37 -5.13 -51.54
CA ALA E 254 20.32 -4.28 -52.30
C ALA E 254 21.67 -4.16 -51.60
N GLY E 255 21.68 -4.06 -50.27
CA GLY E 255 22.93 -3.92 -49.50
C GLY E 255 23.87 -5.08 -49.70
N CYS E 256 23.35 -6.30 -49.82
CA CYS E 256 24.19 -7.51 -50.03
C CYS E 256 25.16 -7.31 -51.21
N LYS E 257 24.81 -6.48 -52.20
CA LYS E 257 25.71 -6.23 -53.36
C LYS E 257 26.94 -5.43 -52.92
N MET E 258 26.89 -4.80 -51.74
CA MET E 258 28.01 -4.01 -51.26
C MET E 258 28.76 -4.70 -50.13
N CYS E 259 28.52 -6.00 -49.94
CA CYS E 259 29.06 -6.75 -48.82
C CYS E 259 30.37 -7.42 -49.22
N ARG E 260 31.27 -7.53 -48.24
CA ARG E 260 32.58 -8.15 -48.43
C ARG E 260 32.78 -9.41 -47.60
N ASP E 261 31.99 -9.61 -46.55
CA ASP E 261 32.26 -10.58 -45.50
C ASP E 261 31.35 -11.79 -45.71
N PHE E 262 31.94 -12.90 -46.20
CA PHE E 262 31.16 -14.11 -46.40
C PHE E 262 31.06 -14.94 -45.13
N ASP E 263 32.15 -15.06 -44.36
CA ASP E 263 32.21 -16.08 -43.31
C ASP E 263 32.13 -15.49 -41.90
N ALA E 264 31.63 -14.27 -41.75
CA ALA E 264 31.49 -13.62 -40.44
C ALA E 264 32.85 -13.61 -39.73
N GLU E 265 33.82 -12.97 -40.41
CA GLU E 265 35.21 -13.13 -40.03
C GLU E 265 35.54 -12.55 -38.66
N MET E 266 34.64 -11.73 -38.11
CA MET E 266 34.88 -11.08 -36.80
C MET E 266 34.15 -11.81 -35.66
N ALA E 267 33.45 -12.91 -35.95
CA ALA E 267 32.72 -13.59 -34.90
C ALA E 267 33.68 -14.34 -33.98
N ASP E 268 33.19 -14.63 -32.76
CA ASP E 268 33.91 -15.57 -31.90
C ASP E 268 33.95 -16.97 -32.52
N VAL E 269 32.85 -17.36 -33.17
CA VAL E 269 32.76 -18.62 -33.90
C VAL E 269 31.75 -18.39 -35.02
N SER E 270 32.07 -18.90 -36.21
CA SER E 270 31.21 -18.79 -37.38
C SER E 270 30.71 -20.17 -37.78
N VAL E 271 29.44 -20.26 -38.17
CA VAL E 271 28.80 -21.54 -38.49
C VAL E 271 28.11 -21.42 -39.83
N GLY E 272 28.30 -22.44 -40.67
CA GLY E 272 27.66 -22.49 -41.97
C GLY E 272 27.49 -23.92 -42.41
N CYS E 273 27.08 -24.09 -43.67
CA CYS E 273 26.98 -25.42 -44.25
C CYS E 273 28.07 -25.71 -45.26
N VAL E 274 28.58 -24.70 -45.97
CA VAL E 274 29.58 -24.95 -46.99
C VAL E 274 30.81 -25.58 -46.35
N GLY E 275 31.41 -26.54 -47.06
CA GLY E 275 32.63 -27.17 -46.61
C GLY E 275 32.45 -28.43 -45.78
N SER E 276 31.22 -28.79 -45.44
CA SER E 276 30.97 -29.90 -44.53
C SER E 276 29.84 -30.77 -45.08
N PRO E 277 29.79 -32.04 -44.69
CA PRO E 277 28.77 -32.94 -45.24
C PRO E 277 27.37 -32.56 -44.79
N ASP E 278 26.38 -32.92 -45.60
CA ASP E 278 24.99 -32.61 -45.27
C ASP E 278 24.63 -33.20 -43.92
N GLY E 279 23.84 -32.46 -43.16
CA GLY E 279 23.52 -32.83 -41.79
C GLY E 279 24.52 -32.36 -40.77
N TYR E 280 25.63 -31.77 -41.20
CA TYR E 280 26.62 -31.20 -40.31
C TYR E 280 26.72 -29.70 -40.55
N SER E 281 27.21 -28.99 -39.54
CA SER E 281 27.50 -27.57 -39.64
C SER E 281 29.01 -27.37 -39.70
N THR E 282 29.44 -26.47 -40.57
CA THR E 282 30.84 -26.03 -40.55
C THR E 282 31.04 -25.08 -39.37
N VAL E 283 32.18 -25.21 -38.69
CA VAL E 283 32.46 -24.45 -37.48
C VAL E 283 33.86 -23.87 -37.60
N ILE E 284 33.95 -22.53 -37.58
CA ILE E 284 35.24 -21.86 -37.61
C ILE E 284 35.40 -21.11 -36.30
N ILE E 285 36.30 -21.58 -35.46
CA ILE E 285 36.55 -20.98 -34.14
C ILE E 285 37.63 -19.93 -34.29
N ARG E 286 37.39 -18.74 -33.73
CA ARG E 286 38.29 -17.61 -33.92
C ARG E 286 38.76 -16.95 -32.63
N THR E 287 38.09 -17.17 -31.50
CA THR E 287 38.49 -16.54 -30.25
C THR E 287 38.37 -17.55 -29.11
N GLU E 288 38.82 -17.16 -27.93
CA GLU E 288 38.69 -18.03 -26.76
C GLU E 288 37.22 -18.21 -26.36
N LYS E 289 36.39 -17.18 -26.56
CA LYS E 289 34.96 -17.35 -26.35
C LYS E 289 34.39 -18.38 -27.33
N GLY E 290 34.82 -18.31 -28.59
CA GLY E 290 34.43 -19.33 -29.55
C GLY E 290 34.89 -20.71 -29.16
N GLU E 291 36.05 -20.82 -28.52
CA GLU E 291 36.59 -22.13 -28.15
C GLU E 291 35.63 -22.92 -27.27
N GLU E 292 34.73 -22.25 -26.54
CA GLU E 292 33.83 -22.95 -25.64
C GLU E 292 32.86 -23.87 -26.37
N ILE E 293 32.70 -23.71 -27.68
CA ILE E 293 31.84 -24.61 -28.46
C ILE E 293 32.38 -26.03 -28.48
N LYS E 294 33.69 -26.22 -28.27
CA LYS E 294 34.24 -27.57 -28.19
C LYS E 294 33.61 -28.33 -27.03
N ASN E 295 33.22 -27.63 -25.97
CA ASN E 295 32.60 -28.30 -24.83
C ASN E 295 31.17 -28.73 -25.12
N ALA E 296 30.49 -28.07 -26.06
CA ALA E 296 29.09 -28.35 -26.33
C ALA E 296 28.88 -29.23 -27.56
N ILE E 297 29.87 -29.33 -28.44
CA ILE E 297 29.75 -30.06 -29.70
C ILE E 297 30.94 -31.00 -29.84
N GLU E 298 30.69 -32.20 -30.35
CA GLU E 298 31.75 -33.15 -30.67
C GLU E 298 32.26 -32.82 -32.06
N LEU E 299 33.38 -32.12 -32.14
CA LEU E 299 33.87 -31.58 -33.40
C LEU E 299 34.83 -32.54 -34.11
N LYS E 300 34.80 -32.47 -35.44
CA LYS E 300 35.68 -33.31 -36.28
C LYS E 300 36.36 -32.42 -37.33
N GLU E 301 37.60 -32.75 -37.67
CA GLU E 301 38.36 -32.07 -38.70
C GLU E 301 38.04 -32.69 -40.06
N GLY E 302 38.29 -31.92 -41.12
CA GLY E 302 38.04 -32.41 -42.46
C GLY E 302 37.23 -31.48 -43.33
N VAL E 303 37.14 -30.21 -42.92
CA VAL E 303 36.43 -29.23 -43.72
C VAL E 303 37.14 -29.04 -45.06
N ASN E 304 36.36 -28.98 -46.14
CA ASN E 304 36.88 -28.65 -47.47
C ASN E 304 37.10 -27.15 -47.54
N LEU E 305 38.35 -26.71 -47.32
CA LEU E 305 38.63 -25.29 -47.21
C LEU E 305 38.41 -24.56 -48.53
N GLU E 306 38.76 -25.22 -49.64
CA GLU E 306 38.61 -24.60 -50.95
C GLU E 306 37.16 -24.24 -51.24
N ALA E 307 36.22 -25.05 -50.74
CA ALA E 307 34.81 -24.76 -51.00
C ALA E 307 34.41 -23.44 -50.39
N ILE E 308 34.89 -23.18 -49.17
CA ILE E 308 34.63 -21.91 -48.50
C ILE E 308 35.31 -20.77 -49.23
N GLU E 309 36.57 -20.96 -49.64
CA GLU E 309 37.29 -19.88 -50.30
C GLU E 309 36.58 -19.44 -51.58
N LYS E 310 35.94 -20.39 -52.26
CA LYS E 310 35.25 -20.04 -53.50
C LYS E 310 34.08 -19.10 -53.23
N LEU E 311 33.38 -19.29 -52.11
CA LEU E 311 32.29 -18.38 -51.77
C LEU E 311 32.81 -17.03 -51.33
N ARG E 312 33.98 -17.00 -50.69
CA ARG E 312 34.60 -15.72 -50.35
C ARG E 312 34.90 -14.91 -51.61
N ASP E 313 35.50 -15.55 -52.62
CA ASP E 313 35.83 -14.84 -53.84
C ASP E 313 34.56 -14.49 -54.62
N LEU E 314 33.56 -15.38 -54.59
CA LEU E 314 32.29 -15.07 -55.24
C LEU E 314 31.67 -13.79 -54.67
N LYS E 315 31.76 -13.61 -53.36
CA LYS E 315 31.20 -12.40 -52.76
C LYS E 315 32.05 -11.18 -53.07
N LEU E 316 33.37 -11.33 -53.05
CA LEU E 316 34.22 -10.17 -53.32
C LEU E 316 34.19 -9.78 -54.78
N ASN E 317 34.03 -10.74 -55.69
CA ASN E 317 33.82 -10.39 -57.09
C ASN E 317 32.51 -9.63 -57.29
N ARG E 318 31.45 -10.09 -56.63
CA ARG E 318 30.18 -9.36 -56.68
C ARG E 318 30.34 -7.95 -56.12
N PHE E 319 31.07 -7.81 -55.01
CA PHE E 319 31.32 -6.49 -54.43
C PHE E 319 32.08 -5.59 -55.42
N LYS E 320 33.12 -6.13 -56.06
CA LYS E 320 33.91 -5.32 -56.98
C LYS E 320 33.08 -4.84 -58.15
N LYS E 321 32.21 -5.72 -58.67
CA LYS E 321 31.36 -5.38 -59.83
C LYS E 321 30.41 -4.23 -59.47
N GLU E 322 29.83 -4.27 -58.26
CA GLU E 322 28.91 -3.21 -57.84
C GLU E 322 29.66 -1.92 -57.57
N VAL E 323 30.86 -1.99 -56.98
CA VAL E 323 31.64 -0.78 -56.74
C VAL E 323 32.03 -0.13 -58.07
N GLU E 324 32.44 -0.94 -59.05
CA GLU E 324 32.79 -0.40 -60.36
C GLU E 324 31.57 0.19 -61.06
N ARG E 325 30.42 -0.49 -60.94
CA ARG E 325 29.19 0.06 -61.51
C ARG E 325 28.89 1.43 -60.92
N ARG E 326 28.94 1.54 -59.59
CA ARG E 326 28.68 2.82 -58.93
C ARG E 326 29.70 3.86 -59.36
N LYS E 327 30.96 3.45 -59.51
CA LYS E 327 32.04 4.38 -59.92
C LYS E 327 31.69 5.00 -61.29
N ALA E 328 31.25 4.16 -62.23
CA ALA E 328 30.89 4.60 -63.60
C ALA E 328 29.71 5.57 -63.59
N GLU E 329 28.73 5.35 -62.70
CA GLU E 329 27.49 6.17 -62.66
C GLU E 329 27.57 7.35 -61.68
N ASP E 330 28.71 7.55 -61.02
CA ASP E 330 28.90 8.63 -60.01
C ASP E 330 27.92 8.43 -58.84
N GLU E 331 27.49 7.20 -58.60
CA GLU E 331 26.62 6.90 -57.46
C GLU E 331 27.42 6.84 -56.17
N LYS E 332 26.70 6.90 -55.04
CA LYS E 332 27.35 6.91 -53.74
C LYS E 332 28.16 5.64 -53.52
N VAL E 333 29.36 5.81 -53.00
CA VAL E 333 30.15 4.69 -52.53
C VAL E 333 30.71 5.07 -51.17
N SER E 334 30.38 4.29 -50.16
CA SER E 334 30.95 4.48 -48.83
C SER E 334 32.15 3.54 -48.71
N PHE E 335 33.33 4.12 -48.52
CA PHE E 335 34.59 3.36 -48.54
C PHE E 335 34.87 2.73 -47.18
N TYR E 336 33.92 1.92 -46.71
CA TYR E 336 33.95 1.48 -45.31
C TYR E 336 35.10 0.54 -45.02
N TRP E 337 35.65 -0.12 -46.02
CA TRP E 337 36.72 -1.10 -45.85
C TRP E 337 38.10 -0.46 -45.76
N THR E 338 38.24 0.86 -45.94
CA THR E 338 39.56 1.46 -45.73
C THR E 338 40.05 1.22 -44.32
N ALA E 339 39.12 1.16 -43.36
CA ALA E 339 39.44 0.88 -41.97
C ALA E 339 39.87 -0.56 -41.73
N ASP E 340 39.85 -1.41 -42.76
CA ASP E 340 40.43 -2.74 -42.62
C ASP E 340 41.95 -2.70 -42.48
N TYR E 341 42.59 -1.59 -42.86
CA TYR E 341 44.05 -1.55 -43.00
C TYR E 341 44.65 -0.49 -42.08
N GLY E 342 45.78 -0.84 -41.47
CA GLY E 342 46.51 0.12 -40.68
C GLY E 342 47.16 1.19 -41.55
N GLY E 343 47.34 2.37 -40.98
CA GLY E 343 48.04 3.43 -41.67
C GLY E 343 47.22 4.23 -42.68
N VAL E 344 45.90 4.01 -42.74
CA VAL E 344 45.06 4.72 -43.69
C VAL E 344 44.29 5.81 -42.95
N GLY E 345 44.37 7.04 -43.47
CA GLY E 345 43.63 8.15 -42.91
C GLY E 345 42.90 8.93 -43.99
N LYS E 346 41.84 9.61 -43.58
CA LYS E 346 41.05 10.44 -44.47
C LYS E 346 41.57 11.88 -44.46
N ARG E 347 41.85 12.40 -45.66
CA ARG E 347 42.21 13.80 -45.81
C ARG E 347 40.96 14.68 -45.71
N ALA E 348 41.17 15.99 -45.63
CA ALA E 348 40.05 16.94 -45.54
C ALA E 348 39.25 17.03 -46.84
N ASP E 349 39.86 16.69 -47.98
CA ASP E 349 39.33 17.00 -49.30
C ASP E 349 38.71 15.80 -50.03
N GLY E 350 38.41 14.72 -49.32
CA GLY E 350 37.74 13.59 -49.93
C GLY E 350 38.62 12.46 -50.45
N THR E 351 39.94 12.61 -50.45
CA THR E 351 40.89 11.53 -50.69
C THR E 351 41.45 10.99 -49.37
N TYR E 352 42.41 10.06 -49.49
CA TYR E 352 43.01 9.37 -48.36
C TYR E 352 44.51 9.59 -48.36
N PHE E 353 45.14 9.43 -47.20
CA PHE E 353 46.60 9.32 -47.10
C PHE E 353 46.94 7.94 -46.54
N ILE E 354 48.09 7.43 -46.96
CA ILE E 354 48.60 6.14 -46.50
C ILE E 354 49.97 6.38 -45.87
N ARG E 355 50.09 6.03 -44.59
CA ARG E 355 51.33 6.21 -43.85
C ARG E 355 52.09 4.90 -43.83
N ILE E 356 53.34 4.93 -44.31
CA ILE E 356 54.24 3.78 -44.24
C ILE E 356 55.01 3.91 -42.93
N ARG E 357 54.77 2.98 -41.99
CA ARG E 357 55.36 3.09 -40.66
C ARG E 357 56.87 3.34 -40.75
N ALA E 358 57.34 4.39 -40.07
CA ALA E 358 58.75 4.77 -40.20
C ALA E 358 59.66 3.60 -39.84
N LYS E 359 60.72 3.42 -40.64
CA LYS E 359 61.75 2.44 -40.42
C LYS E 359 62.75 2.94 -39.37
N PRO E 360 63.42 2.04 -38.66
CA PRO E 360 64.28 2.44 -37.55
C PRO E 360 65.33 3.49 -37.92
N ALA E 361 65.36 4.56 -37.12
CA ALA E 361 66.31 5.66 -37.25
C ALA E 361 66.18 6.39 -38.58
N GLY E 362 65.08 6.15 -39.28
CA GLY E 362 64.84 6.83 -40.55
C GLY E 362 65.74 6.42 -41.69
N TRP E 363 66.42 5.27 -41.58
CA TRP E 363 67.26 4.79 -42.68
C TRP E 363 66.40 4.07 -43.71
N TYR E 364 66.58 4.41 -44.99
CA TYR E 364 65.91 3.72 -46.09
C TYR E 364 66.92 3.41 -47.18
N SER E 365 66.87 2.19 -47.72
CA SER E 365 67.68 1.89 -48.88
C SER E 365 67.20 2.68 -50.09
N ILE E 366 68.12 2.96 -51.00
CA ILE E 366 67.74 3.64 -52.24
C ILE E 366 66.71 2.80 -53.00
N ASP E 367 66.90 1.49 -53.01
CA ASP E 367 65.93 0.58 -53.68
C ASP E 367 64.55 0.72 -53.02
N GLU E 368 64.50 0.74 -51.68
CA GLU E 368 63.22 0.86 -50.97
C GLU E 368 62.53 2.18 -51.30
N ALA E 369 63.27 3.29 -51.23
CA ALA E 369 62.68 4.59 -51.50
C ALA E 369 62.14 4.63 -52.94
N ARG E 370 62.89 4.06 -53.89
CA ARG E 370 62.41 4.06 -55.27
C ARG E 370 61.13 3.27 -55.43
N GLU E 371 61.00 2.15 -54.72
CA GLU E 371 59.76 1.35 -54.80
C GLU E 371 58.57 2.14 -54.28
N ILE E 372 58.76 2.86 -53.18
CA ILE E 372 57.68 3.68 -52.63
C ILE E 372 57.27 4.73 -53.64
N LEU E 373 58.26 5.39 -54.28
CA LEU E 373 57.93 6.43 -55.25
C LEU E 373 57.22 5.85 -56.47
N GLU E 374 57.62 4.64 -56.88
CA GLU E 374 56.96 3.98 -58.01
C GLU E 374 55.49 3.71 -57.71
N ILE E 375 55.19 3.23 -56.50
CA ILE E 375 53.82 2.94 -56.13
C ILE E 375 53.00 4.23 -56.01
N ALA E 376 53.59 5.26 -55.40
CA ALA E 376 52.90 6.56 -55.31
C ALA E 376 52.58 7.09 -56.69
N GLU E 377 53.54 7.02 -57.62
CA GLU E 377 53.30 7.50 -58.98
C GLU E 377 52.17 6.74 -59.64
N LYS E 378 52.10 5.43 -59.41
CA LYS E 378 51.06 4.61 -60.06
C LYS E 378 49.67 5.08 -59.67
N TYR E 379 49.50 5.52 -58.43
CA TYR E 379 48.19 5.91 -57.91
C TYR E 379 48.04 7.42 -57.79
N ASP E 380 48.93 8.17 -58.43
CA ASP E 380 48.88 9.64 -58.46
C ASP E 380 48.92 10.24 -57.06
N GLY E 381 49.70 9.58 -56.19
CA GLY E 381 49.87 10.07 -54.83
C GLY E 381 51.01 11.06 -54.73
N LYS E 382 50.96 11.86 -53.66
CA LYS E 382 51.94 12.89 -53.38
C LYS E 382 52.72 12.57 -52.11
N ILE E 383 54.02 12.81 -52.14
CA ILE E 383 54.91 12.40 -51.06
C ILE E 383 54.97 13.48 -49.99
N LYS E 384 54.76 13.07 -48.74
CA LYS E 384 54.95 13.89 -47.55
C LYS E 384 55.81 13.13 -46.55
N MET E 385 56.89 13.76 -46.07
CA MET E 385 57.72 13.17 -45.03
C MET E 385 57.28 13.68 -43.65
N THR E 386 57.01 12.74 -42.73
CA THR E 386 56.51 13.12 -41.42
C THR E 386 57.67 13.42 -40.47
N ASN E 387 57.35 14.06 -39.34
CA ASN E 387 58.37 14.38 -38.35
C ASN E 387 58.74 13.18 -37.46
N ARG E 388 58.28 11.98 -37.82
CA ARG E 388 58.87 10.75 -37.26
C ARG E 388 59.62 9.94 -38.31
N GLY E 389 59.94 10.55 -39.45
CA GLY E 389 60.76 9.90 -40.45
C GLY E 389 60.04 8.94 -41.36
N ALA E 390 58.73 9.09 -41.52
CA ALA E 390 57.93 8.18 -42.33
C ALA E 390 57.57 8.82 -43.66
N PHE E 391 57.50 7.98 -44.70
CA PHE E 391 56.86 8.35 -45.96
C PHE E 391 55.35 8.26 -45.81
N GLU E 392 54.65 9.32 -46.18
CA GLU E 392 53.19 9.36 -46.18
C GLU E 392 52.71 9.78 -47.56
N ILE E 393 51.81 8.98 -48.16
CA ILE E 393 51.38 9.20 -49.54
C ILE E 393 49.96 9.75 -49.53
N HIS E 394 49.78 10.93 -50.12
CA HIS E 394 48.53 11.68 -50.07
C HIS E 394 47.79 11.72 -51.39
N GLY E 395 46.46 11.83 -51.29
CA GLY E 395 45.65 12.04 -52.47
C GLY E 395 45.10 10.79 -53.13
N ILE E 396 45.03 9.70 -52.40
CA ILE E 396 44.61 8.42 -52.93
C ILE E 396 43.09 8.34 -52.90
N SER E 397 42.49 7.99 -54.02
CA SER E 397 41.06 7.81 -54.09
C SER E 397 40.64 6.62 -53.22
N GLY E 398 39.46 6.74 -52.60
CA GLY E 398 38.89 5.61 -51.89
C GLY E 398 38.79 4.35 -52.73
N PHE E 399 38.61 4.51 -54.05
CA PHE E 399 38.56 3.35 -54.92
C PHE E 399 39.91 2.64 -55.04
N ASP E 400 41.02 3.34 -54.76
CA ASP E 400 42.36 2.80 -54.94
C ASP E 400 43.05 2.40 -53.65
N VAL E 401 42.47 2.75 -52.49
CA VAL E 401 43.19 2.58 -51.23
C VAL E 401 43.58 1.12 -51.03
N GLU E 402 42.60 0.22 -51.17
CA GLU E 402 42.85 -1.22 -50.91
C GLU E 402 43.94 -1.76 -51.85
N ALA E 403 43.84 -1.47 -53.15
CA ALA E 403 44.84 -2.01 -54.10
C ALA E 403 46.24 -1.48 -53.75
N MET E 404 46.35 -0.18 -53.47
CA MET E 404 47.68 0.43 -53.17
C MET E 404 48.27 -0.18 -51.89
N VAL E 405 47.46 -0.33 -50.83
CA VAL E 405 47.98 -0.90 -49.55
C VAL E 405 48.46 -2.33 -49.80
N LEU E 406 47.69 -3.09 -50.57
CA LEU E 406 48.07 -4.49 -50.86
C LEU E 406 49.39 -4.52 -51.64
N GLU E 407 49.57 -3.58 -52.58
CA GLU E 407 50.83 -3.51 -53.37
C GLU E 407 51.99 -3.20 -52.42
N LEU E 408 51.78 -2.26 -51.49
CA LEU E 408 52.84 -1.88 -50.53
C LEU E 408 53.20 -3.10 -49.67
N MET E 409 52.17 -3.83 -49.22
CA MET E 409 52.38 -5.03 -48.37
C MET E 409 53.16 -6.09 -49.15
N GLU E 410 52.86 -6.24 -50.45
CA GLU E 410 53.53 -7.22 -51.34
C GLU E 410 55.03 -6.90 -51.43
N LYS E 411 55.38 -5.60 -51.48
CA LYS E 411 56.79 -5.14 -51.60
C LYS E 411 57.53 -5.20 -50.26
N GLY E 412 56.85 -5.59 -49.18
CA GLY E 412 57.44 -5.74 -47.87
C GLY E 412 57.21 -4.55 -46.96
N PHE E 413 56.42 -3.57 -47.41
CA PHE E 413 56.19 -2.40 -46.59
C PHE E 413 55.02 -2.63 -45.64
N ILE E 414 55.15 -2.07 -44.44
CA ILE E 414 54.08 -2.12 -43.45
C ILE E 414 53.47 -0.72 -43.37
N THR E 415 52.17 -0.64 -43.64
CA THR E 415 51.41 0.59 -43.45
C THR E 415 50.89 0.62 -42.03
N GLY E 416 51.04 1.77 -41.37
CA GLY E 416 50.66 1.84 -39.96
C GLY E 416 51.07 3.14 -39.29
N SER E 417 51.41 3.01 -38.02
CA SER E 417 51.74 4.16 -37.17
C SER E 417 50.55 5.13 -37.05
N GLU E 418 49.34 4.58 -37.07
CA GLU E 418 48.15 5.47 -36.91
C GLU E 418 47.12 4.76 -36.01
N GLY E 419 46.36 5.56 -35.27
CA GLY E 419 45.37 5.03 -34.35
C GLY E 419 45.92 4.70 -32.97
N PRO E 420 45.05 4.13 -32.12
CA PRO E 420 45.42 3.87 -30.71
C PRO E 420 46.29 2.62 -30.57
N LEU E 421 47.60 2.81 -30.76
CA LEU E 421 48.55 1.71 -30.70
C LEU E 421 49.96 2.29 -30.59
N VAL E 422 50.95 1.39 -30.46
CA VAL E 422 52.35 1.79 -30.39
C VAL E 422 52.79 2.28 -31.77
N ARG E 423 53.09 3.57 -31.86
CA ARG E 423 53.49 4.23 -33.10
C ARG E 423 54.95 3.91 -33.42
N ALA E 424 55.38 4.31 -34.62
CA ALA E 424 56.74 4.05 -35.05
C ALA E 424 57.72 4.62 -34.02
N THR E 425 58.66 3.79 -33.58
CA THR E 425 59.69 4.25 -32.66
C THR E 425 60.64 5.22 -33.36
N LEU E 426 60.93 6.33 -32.71
CA LEU E 426 61.74 7.40 -33.30
C LEU E 426 63.15 7.37 -32.72
N ALA E 427 64.14 7.18 -33.58
CA ALA E 427 65.54 7.12 -33.19
C ALA E 427 66.39 8.02 -34.08
N CYS E 428 67.47 8.55 -33.50
CA CYS E 428 68.45 9.34 -34.24
C CYS E 428 69.49 8.40 -34.82
N PRO E 429 70.47 8.91 -35.57
CA PRO E 429 71.48 8.01 -36.17
C PRO E 429 72.40 7.32 -35.16
N GLY E 430 72.66 7.96 -34.02
CA GLY E 430 73.41 7.32 -32.95
C GLY E 430 74.89 7.04 -33.24
N GLU E 431 75.44 6.19 -32.39
CA GLU E 431 76.87 5.80 -32.34
C GLU E 431 77.39 5.36 -33.72
N GLY E 432 78.61 5.79 -34.07
CA GLY E 432 79.24 5.41 -35.31
C GLY E 432 78.73 6.16 -36.52
N ASN E 433 77.62 6.89 -36.38
CA ASN E 433 77.12 7.75 -37.43
C ASN E 433 77.27 9.20 -36.98
N CYS E 434 76.53 9.60 -35.95
CA CYS E 434 76.73 10.91 -35.34
C CYS E 434 77.96 10.88 -34.44
N GLY E 435 78.80 11.91 -34.56
CA GLY E 435 79.98 12.03 -33.73
C GLY E 435 79.70 12.10 -32.24
N SER E 436 78.49 12.48 -31.84
CA SER E 436 78.11 12.54 -30.44
C SER E 436 77.46 11.26 -29.95
N GLY E 437 77.20 10.31 -30.83
CA GLY E 437 76.40 9.14 -30.47
C GLY E 437 77.14 8.23 -29.49
N LEU E 438 76.41 7.78 -28.46
CA LEU E 438 76.96 6.94 -27.42
C LEU E 438 76.42 5.50 -27.45
N ILE E 439 75.28 5.27 -28.10
CA ILE E 439 74.64 3.95 -28.14
C ILE E 439 74.19 3.67 -29.57
N ASN E 440 73.96 2.38 -29.83
CA ASN E 440 73.47 1.90 -31.12
C ASN E 440 71.95 2.09 -31.13
N THR E 441 71.54 3.30 -31.53
CA THR E 441 70.13 3.67 -31.55
C THR E 441 69.36 2.87 -32.60
N THR E 442 69.97 2.62 -33.76
CA THR E 442 69.27 1.89 -34.81
C THR E 442 68.90 0.49 -34.34
N GLU E 443 69.84 -0.23 -33.73
CA GLU E 443 69.57 -1.60 -33.30
C GLU E 443 68.56 -1.65 -32.16
N LEU E 444 68.69 -0.73 -31.20
CA LEU E 444 67.68 -0.69 -30.14
C LEU E 444 66.31 -0.38 -30.73
N CYS E 445 66.26 0.56 -31.69
CA CYS E 445 64.98 0.88 -32.34
C CYS E 445 64.39 -0.34 -33.04
N LYS E 446 65.23 -1.10 -33.75
CA LYS E 446 64.75 -2.31 -34.41
C LYS E 446 64.21 -3.31 -33.39
N ILE E 447 64.89 -3.47 -32.25
CA ILE E 447 64.43 -4.41 -31.22
C ILE E 447 63.07 -3.99 -30.67
N LEU E 448 62.90 -2.70 -30.34
CA LEU E 448 61.61 -2.27 -29.80
C LEU E 448 60.51 -2.43 -30.84
N GLU E 449 60.82 -2.12 -32.11
CA GLU E 449 59.84 -2.31 -33.17
C GLU E 449 59.46 -3.78 -33.31
N ASP E 450 60.46 -4.67 -33.30
CA ASP E 450 60.19 -6.09 -33.42
C ASP E 450 59.30 -6.59 -32.29
N ASN E 451 59.42 -5.97 -31.12
CA ASN E 451 58.66 -6.46 -29.93
C ASN E 451 57.31 -5.78 -29.76
N PHE E 452 57.18 -4.49 -30.11
CA PHE E 452 55.90 -3.78 -29.83
C PHE E 452 55.26 -3.11 -31.06
N LYS E 453 55.81 -3.28 -32.26
CA LYS E 453 55.23 -2.59 -33.45
C LYS E 453 53.72 -2.90 -33.60
N GLU E 454 52.90 -1.85 -33.65
CA GLU E 454 51.42 -1.89 -33.86
C GLU E 454 50.67 -2.54 -32.68
N HIS E 455 51.28 -2.59 -31.49
CA HIS E 455 50.59 -3.21 -30.34
C HIS E 455 49.45 -2.29 -29.89
N PRO E 456 48.24 -2.82 -29.60
CA PRO E 456 47.12 -1.98 -29.17
C PRO E 456 47.38 -1.32 -27.81
N ALA E 457 46.89 -0.09 -27.67
CA ALA E 457 46.98 0.70 -26.42
C ALA E 457 45.70 1.54 -26.31
N PRO E 458 45.33 2.07 -25.11
CA PRO E 458 44.11 2.88 -24.97
C PRO E 458 44.11 4.12 -25.88
N TYR E 459 45.28 4.73 -26.07
CA TYR E 459 45.49 5.91 -26.97
C TYR E 459 46.85 5.71 -27.66
N LYS E 460 47.26 6.65 -28.53
CA LYS E 460 48.56 6.58 -29.17
C LYS E 460 49.69 6.55 -28.15
N PHE E 461 50.75 5.79 -28.46
CA PHE E 461 51.85 5.50 -27.55
C PHE E 461 53.15 5.61 -28.31
N LYS E 462 54.02 6.54 -27.92
CA LYS E 462 55.19 6.89 -28.71
C LYS E 462 56.47 6.71 -27.92
N ILE E 463 57.43 6.04 -28.53
CA ILE E 463 58.74 5.78 -27.95
C ILE E 463 59.79 6.52 -28.76
N ALA E 464 60.78 7.08 -28.07
CA ALA E 464 61.90 7.73 -28.73
C ALA E 464 63.21 7.31 -28.07
N ILE E 465 64.24 7.19 -28.89
CA ILE E 465 65.56 6.77 -28.49
C ILE E 465 66.58 7.75 -29.03
N SER E 466 67.23 8.50 -28.16
CA SER E 466 68.32 9.37 -28.57
C SER E 466 69.66 8.74 -28.22
N GLY E 467 70.65 9.01 -29.07
CA GLY E 467 71.98 8.44 -28.91
C GLY E 467 72.84 9.09 -27.83
N CYS E 468 72.45 10.26 -27.36
CA CYS E 468 73.22 11.02 -26.37
C CYS E 468 72.25 11.99 -25.70
N PRO E 469 72.70 12.74 -24.68
CA PRO E 469 71.81 13.64 -23.96
C PRO E 469 71.36 14.89 -24.73
N ASN E 470 71.86 15.13 -25.96
CA ASN E 470 71.29 16.24 -26.74
C ASN E 470 69.82 15.98 -27.06
N LYS E 471 69.40 14.70 -27.09
CA LYS E 471 67.97 14.32 -27.13
C LYS E 471 67.24 14.94 -28.32
N CYS E 472 67.84 14.79 -29.51
CA CYS E 472 67.30 15.40 -30.72
C CYS E 472 65.89 14.90 -31.03
N VAL E 473 65.57 13.64 -30.70
CA VAL E 473 64.26 13.08 -30.97
C VAL E 473 63.34 13.18 -29.75
N ARG E 474 63.77 13.88 -28.69
CA ARG E 474 62.95 14.29 -27.56
C ARG E 474 62.42 13.14 -26.71
N PRO E 475 63.30 12.23 -26.28
CA PRO E 475 62.84 11.13 -25.41
C PRO E 475 62.29 11.58 -24.05
N GLN E 476 62.63 12.79 -23.59
CA GLN E 476 62.17 13.22 -22.27
C GLN E 476 60.72 13.72 -22.26
N ILE E 477 60.08 13.78 -23.43
CA ILE E 477 58.66 14.11 -23.55
C ILE E 477 57.98 13.08 -24.46
N HIS E 478 58.30 11.81 -24.28
CA HIS E 478 57.67 10.69 -24.97
C HIS E 478 57.05 9.74 -23.93
N ASP E 479 56.11 8.91 -24.37
CA ASP E 479 55.51 7.94 -23.45
C ASP E 479 56.58 7.07 -22.80
N ILE E 480 57.53 6.59 -23.61
CA ILE E 480 58.76 5.97 -23.12
C ILE E 480 59.92 6.64 -23.86
N GLY E 481 60.93 7.04 -23.11
CA GLY E 481 62.11 7.66 -23.72
C GLY E 481 63.37 6.99 -23.24
N ILE E 482 64.32 6.86 -24.15
CA ILE E 482 65.64 6.33 -23.86
C ILE E 482 66.68 7.33 -24.38
N ALA E 483 67.69 7.60 -23.56
CA ALA E 483 68.80 8.45 -23.99
C ALA E 483 70.10 7.77 -23.57
N GLY E 484 71.04 7.67 -24.50
CA GLY E 484 72.37 7.19 -24.16
C GLY E 484 73.11 8.20 -23.31
N VAL E 485 73.81 7.71 -22.28
CA VAL E 485 74.59 8.56 -21.38
C VAL E 485 75.93 7.89 -21.09
N LYS E 486 76.93 8.72 -20.77
CA LYS E 486 78.29 8.29 -20.45
C LYS E 486 78.87 9.35 -19.51
N PHE E 487 78.89 9.07 -18.21
CA PHE E 487 79.32 10.06 -17.24
C PHE E 487 80.82 9.92 -16.98
N PRO E 488 81.51 11.04 -16.80
CA PRO E 488 82.96 11.00 -16.57
C PRO E 488 83.30 10.94 -15.09
N VAL E 489 84.53 10.48 -14.83
CA VAL E 489 85.16 10.66 -13.51
C VAL E 489 86.64 10.96 -13.76
N VAL E 490 87.14 12.04 -13.15
CA VAL E 490 88.51 12.46 -13.41
C VAL E 490 89.49 11.39 -12.90
N ASN E 491 90.49 11.06 -13.71
CA ASN E 491 91.58 10.20 -13.27
C ASN E 491 92.59 11.18 -12.65
N GLU E 492 92.57 11.17 -11.32
CA GLU E 492 93.45 12.02 -10.46
C GLU E 492 94.89 11.89 -10.94
N GLU E 493 95.30 10.71 -11.42
CA GLU E 493 96.72 10.51 -11.82
C GLU E 493 97.03 11.09 -13.21
N ASN E 494 96.08 11.14 -14.14
CA ASN E 494 96.48 11.63 -15.48
C ASN E 494 96.15 13.12 -15.67
N CYS E 495 95.13 13.59 -14.96
CA CYS E 495 94.69 15.00 -15.15
C CYS E 495 95.81 15.97 -14.72
N ASN E 496 96.10 16.95 -15.58
CA ASN E 496 97.12 17.97 -15.29
C ASN E 496 96.55 19.39 -15.35
N GLY E 497 95.23 19.52 -15.41
CA GLY E 497 94.61 20.82 -15.46
C GLY E 497 94.84 21.60 -16.73
N CYS E 498 95.13 20.89 -17.83
CA CYS E 498 95.39 21.53 -19.15
C CYS E 498 94.24 22.47 -19.53
N GLY E 499 92.99 22.08 -19.22
CA GLY E 499 91.80 22.92 -19.44
C GLY E 499 90.96 22.62 -20.66
N ARG E 500 91.39 21.69 -21.51
CA ARG E 500 90.69 21.46 -22.77
C ARG E 500 89.26 20.96 -22.54
N CYS E 501 89.07 20.02 -21.61
CA CYS E 501 87.75 19.43 -21.41
C CYS E 501 86.70 20.50 -21.13
N ALA E 502 87.05 21.51 -20.35
CA ALA E 502 86.07 22.54 -20.00
C ALA E 502 85.56 23.26 -21.25
N GLU E 503 86.37 23.32 -22.30
CA GLU E 503 85.96 24.06 -23.49
C GLU E 503 84.86 23.36 -24.28
N VAL E 504 84.77 22.03 -24.19
CA VAL E 504 83.78 21.30 -24.97
C VAL E 504 82.49 21.07 -24.19
N CYS E 505 82.42 21.47 -22.94
CA CYS E 505 81.23 21.29 -22.11
C CYS E 505 80.39 22.56 -22.20
N LYS E 506 79.36 22.52 -23.05
CA LYS E 506 78.56 23.72 -23.28
C LYS E 506 77.77 24.13 -22.04
N ILE E 507 77.43 23.18 -21.17
CA ILE E 507 76.69 23.52 -19.96
C ILE E 507 77.60 23.88 -18.81
N GLU E 508 78.93 23.89 -19.03
CA GLU E 508 79.90 24.44 -18.08
C GLU E 508 79.87 23.71 -16.75
N ALA E 509 79.94 22.37 -16.81
CA ALA E 509 79.94 21.53 -15.63
C ALA E 509 81.34 21.28 -15.07
N ILE E 510 82.36 21.75 -15.79
CA ILE E 510 83.76 21.39 -15.42
C ILE E 510 84.50 22.55 -14.74
N ASP E 511 85.21 22.24 -13.65
N ASP E 511 85.21 22.25 -13.66
CA ASP E 511 86.02 23.25 -12.91
CA ASP E 511 86.01 23.25 -12.90
C ASP E 511 87.50 22.89 -13.07
C ASP E 511 87.50 22.91 -13.05
N ILE E 512 88.28 23.79 -13.69
CA ILE E 512 89.73 23.57 -13.88
C ILE E 512 90.43 24.30 -12.73
N ARG E 513 91.13 23.56 -11.88
CA ARG E 513 91.75 24.14 -10.69
C ARG E 513 93.19 23.64 -10.57
N GLY E 514 94.15 24.55 -10.64
CA GLY E 514 95.53 24.17 -10.49
C GLY E 514 95.93 23.13 -11.51
N GLU E 515 96.38 21.97 -11.03
CA GLU E 515 96.83 20.88 -11.88
C GLU E 515 95.82 19.74 -11.97
N THR E 516 94.53 20.05 -11.80
CA THR E 516 93.50 19.01 -11.83
C THR E 516 92.19 19.61 -12.31
N SER E 517 91.17 18.76 -12.39
CA SER E 517 89.84 19.19 -12.82
C SER E 517 88.78 18.45 -12.02
N TYR E 518 87.56 19.00 -12.03
CA TYR E 518 86.42 18.46 -11.31
C TYR E 518 85.19 18.49 -12.21
N THR E 519 84.20 17.67 -11.86
CA THR E 519 82.91 17.65 -12.56
C THR E 519 81.80 17.95 -11.55
N ASN E 520 80.91 18.88 -11.91
CA ASN E 520 79.73 19.17 -11.11
C ASN E 520 78.61 18.23 -11.56
N TYR E 521 78.40 17.17 -10.79
CA TYR E 521 77.44 16.14 -11.14
C TYR E 521 75.98 16.56 -10.94
N ASN E 522 75.73 17.73 -10.35
CA ASN E 522 74.38 18.26 -10.36
C ASN E 522 74.04 18.96 -11.67
N VAL E 523 75.03 19.14 -12.56
CA VAL E 523 74.82 19.74 -13.86
C VAL E 523 75.16 18.79 -15.00
N CYS E 524 76.25 18.04 -14.86
CA CYS E 524 76.70 17.12 -15.90
C CYS E 524 75.56 16.22 -16.36
N ILE E 525 75.38 16.16 -17.68
CA ILE E 525 74.31 15.32 -18.27
C ILE E 525 74.86 14.03 -18.88
N GLY E 526 76.15 13.76 -18.74
CA GLY E 526 76.69 12.49 -19.25
C GLY E 526 76.72 12.37 -20.76
N CYS E 527 77.15 13.44 -21.46
CA CYS E 527 77.34 13.40 -22.90
C CYS E 527 78.64 12.72 -23.30
N GLY E 528 79.60 12.62 -22.38
CA GLY E 528 80.87 11.99 -22.63
C GLY E 528 81.90 12.79 -23.42
N LYS E 529 81.53 13.99 -23.86
CA LYS E 529 82.40 14.84 -24.74
C LYS E 529 83.77 15.09 -24.10
N CYS E 530 83.80 15.47 -22.82
CA CYS E 530 85.08 15.72 -22.14
C CYS E 530 85.98 14.47 -22.15
N ILE E 531 85.41 13.27 -22.01
CA ILE E 531 86.22 12.05 -22.04
C ILE E 531 86.91 11.95 -23.38
N LYS E 532 86.19 12.24 -24.47
CA LYS E 532 86.72 12.13 -25.83
C LYS E 532 87.69 13.25 -26.15
N ALA E 533 87.49 14.44 -25.58
CA ALA E 533 88.34 15.58 -25.89
C ALA E 533 89.65 15.55 -25.12
N CYS E 534 89.72 14.82 -24.02
CA CYS E 534 90.92 14.89 -23.19
C CYS E 534 92.10 14.27 -23.95
N PRO E 535 93.22 14.97 -24.07
CA PRO E 535 94.40 14.37 -24.74
C PRO E 535 95.33 13.60 -23.81
N ASN E 536 95.01 13.50 -22.52
CA ASN E 536 95.94 13.01 -21.50
C ASN E 536 95.39 11.84 -20.68
N GLU E 537 94.37 11.16 -21.19
CA GLU E 537 93.71 10.03 -20.47
C GLU E 537 93.33 10.48 -19.05
N GLY E 538 92.82 11.70 -18.94
CA GLY E 538 92.47 12.31 -17.66
C GLY E 538 91.05 12.09 -17.18
N ARG E 539 90.17 11.57 -18.03
CA ARG E 539 88.78 11.32 -17.68
C ARG E 539 88.42 9.88 -18.06
N ASP E 540 87.93 9.13 -17.09
CA ASP E 540 87.45 7.76 -17.27
C ASP E 540 85.92 7.74 -17.22
N VAL E 541 85.35 6.57 -17.50
CA VAL E 541 83.90 6.38 -17.48
C VAL E 541 83.46 6.04 -16.06
N LYS E 542 82.58 6.86 -15.50
CA LYS E 542 81.99 6.58 -14.19
C LYS E 542 80.82 5.62 -14.30
N GLU E 543 79.94 5.84 -15.27
CA GLU E 543 78.72 5.08 -15.48
C GLU E 543 78.26 5.37 -16.90
N GLU E 544 77.69 4.36 -17.57
CA GLU E 544 77.19 4.55 -18.93
C GLU E 544 76.08 3.54 -19.21
N GLY E 545 75.18 3.90 -20.11
CA GLY E 545 74.11 2.98 -20.52
C GLY E 545 72.91 3.74 -21.07
N PHE E 546 71.74 3.09 -20.95
CA PHE E 546 70.47 3.60 -21.49
C PHE E 546 69.70 4.25 -20.35
N MET E 547 69.63 5.58 -20.35
CA MET E 547 68.80 6.31 -19.40
C MET E 547 67.35 6.29 -19.87
N VAL E 548 66.43 6.06 -18.95
CA VAL E 548 65.02 5.81 -19.27
C VAL E 548 64.12 6.86 -18.63
N TYR E 549 63.11 7.29 -19.38
CA TYR E 549 62.06 8.21 -18.94
C TYR E 549 60.70 7.57 -19.20
N VAL E 550 59.74 7.79 -18.31
CA VAL E 550 58.40 7.22 -18.47
C VAL E 550 57.34 8.29 -18.24
N GLY E 551 56.37 8.35 -19.15
CA GLY E 551 55.16 9.18 -18.95
C GLY E 551 55.20 10.58 -19.51
N GLY E 552 55.95 10.79 -20.59
CA GLY E 552 56.00 12.14 -21.18
C GLY E 552 55.16 12.22 -22.45
N LYS E 553 54.86 13.43 -22.91
CA LYS E 553 54.11 13.58 -24.18
C LYS E 553 54.25 15.02 -24.68
N THR E 554 53.93 15.21 -25.96
CA THR E 554 53.76 16.58 -26.50
C THR E 554 52.34 16.66 -27.10
N GLY E 555 52.08 17.64 -27.96
CA GLY E 555 50.74 17.73 -28.56
C GLY E 555 49.92 18.80 -27.87
N ARG E 556 48.75 18.43 -27.35
CA ARG E 556 47.90 19.45 -26.72
C ARG E 556 48.52 19.98 -25.44
N GLU E 557 49.35 19.17 -24.77
CA GLU E 557 50.10 19.53 -23.58
C GLU E 557 51.52 19.00 -23.70
N VAL E 558 52.44 19.68 -23.02
CA VAL E 558 53.82 19.22 -22.87
C VAL E 558 53.96 18.61 -21.48
N ILE E 559 54.37 17.35 -21.40
CA ILE E 559 54.62 16.69 -20.11
C ILE E 559 55.96 15.97 -20.19
N GLU E 560 56.85 16.25 -19.22
CA GLU E 560 58.12 15.56 -19.16
C GLU E 560 57.95 14.25 -18.41
N GLY E 561 58.45 13.16 -18.98
CA GLY E 561 58.36 11.89 -18.29
C GLY E 561 59.18 11.88 -17.01
N VAL E 562 58.83 10.92 -16.15
CA VAL E 562 59.56 10.68 -14.90
C VAL E 562 60.90 10.02 -15.24
N SER E 563 61.99 10.64 -14.79
CA SER E 563 63.29 10.00 -14.92
C SER E 563 63.33 8.73 -14.06
N MET E 564 63.79 7.63 -14.65
CA MET E 564 63.81 6.37 -13.92
C MET E 564 65.22 6.07 -13.43
N LYS E 565 66.04 5.45 -14.29
CA LYS E 565 67.40 5.00 -13.99
C LYS E 565 67.99 4.40 -15.25
N LEU E 566 69.27 4.02 -15.22
CA LEU E 566 69.84 3.27 -16.34
C LEU E 566 69.28 1.84 -16.35
N MET E 567 68.97 1.33 -17.52
CA MET E 567 68.37 0.01 -17.64
C MET E 567 69.01 -0.73 -18.80
N SER E 568 69.00 -2.06 -18.69
CA SER E 568 69.51 -2.95 -19.77
C SER E 568 68.42 -3.11 -20.83
N VAL E 569 68.76 -3.62 -22.00
CA VAL E 569 67.75 -3.81 -23.08
C VAL E 569 66.68 -4.79 -22.61
N GLU E 570 67.09 -5.85 -21.89
CA GLU E 570 66.11 -6.85 -21.40
C GLU E 570 65.14 -6.16 -20.43
N GLU E 571 65.67 -5.29 -19.57
CA GLU E 571 64.86 -4.53 -18.58
C GLU E 571 63.90 -3.58 -19.32
N ILE E 572 64.38 -2.93 -20.38
CA ILE E 572 63.52 -1.97 -21.15
C ILE E 572 62.36 -2.75 -21.79
N LEU E 573 62.64 -3.92 -22.37
CA LEU E 573 61.57 -4.72 -22.97
C LEU E 573 60.52 -5.10 -21.92
N ASN E 574 60.98 -5.54 -20.74
CA ASN E 574 60.07 -5.85 -19.64
C ASN E 574 59.27 -4.61 -19.24
N LEU E 575 59.96 -3.47 -19.10
CA LEU E 575 59.31 -2.24 -18.67
C LEU E 575 58.20 -1.82 -19.63
N ILE E 576 58.51 -1.78 -20.93
CA ILE E 576 57.51 -1.32 -21.89
C ILE E 576 56.28 -2.24 -21.87
N ASP E 577 56.51 -3.55 -21.79
CA ASP E 577 55.39 -4.50 -21.74
C ASP E 577 54.49 -4.21 -20.54
N LYS E 578 55.08 -4.01 -19.37
CA LYS E 578 54.29 -3.80 -18.14
C LYS E 578 53.65 -2.41 -18.08
N VAL E 579 54.33 -1.38 -18.60
CA VAL E 579 53.69 -0.06 -18.68
C VAL E 579 52.40 -0.16 -19.48
N LEU E 580 52.45 -0.86 -20.61
CA LEU E 580 51.26 -1.00 -21.44
C LEU E 580 50.15 -1.74 -20.70
N ILE E 581 50.50 -2.75 -19.90
CA ILE E 581 49.49 -3.49 -19.16
C ILE E 581 48.85 -2.59 -18.10
N VAL E 582 49.66 -1.86 -17.34
CA VAL E 582 49.11 -1.01 -16.29
C VAL E 582 48.35 0.17 -16.89
N TYR E 583 48.83 0.69 -18.03
CA TYR E 583 48.09 1.70 -18.77
C TYR E 583 46.70 1.20 -19.14
N HIS E 584 46.63 -0.02 -19.70
N HIS E 584 46.63 -0.02 -19.67
CA HIS E 584 45.35 -0.63 -20.02
CA HIS E 584 45.33 -0.58 -20.02
C HIS E 584 44.48 -0.79 -18.78
C HIS E 584 44.47 -0.83 -18.79
N LYS E 585 45.10 -1.17 -17.65
CA LYS E 585 44.34 -1.47 -16.45
C LYS E 585 43.58 -0.24 -15.95
N TYR E 586 44.25 0.92 -15.97
CA TYR E 586 43.67 2.15 -15.37
C TYR E 586 43.07 3.11 -16.40
N ALA E 587 43.35 2.93 -17.70
CA ALA E 587 42.77 3.86 -18.69
C ALA E 587 41.24 3.72 -18.69
N LYS E 588 40.53 4.83 -18.73
CA LYS E 588 39.03 4.79 -18.70
C LYS E 588 38.46 5.47 -19.95
N LYS E 589 39.30 6.18 -20.69
CA LYS E 589 38.84 6.95 -21.84
C LYS E 589 39.73 6.64 -23.04
N PRO E 590 39.46 5.54 -23.73
CA PRO E 590 40.18 5.26 -24.98
C PRO E 590 40.13 6.46 -25.92
N GLN E 591 41.24 6.70 -26.62
CA GLN E 591 41.39 7.75 -27.62
C GLN E 591 41.40 9.15 -27.00
N ARG E 592 41.47 9.26 -25.68
CA ARG E 592 41.51 10.56 -25.00
C ARG E 592 42.58 10.63 -23.91
N GLU E 593 42.81 9.54 -23.20
CA GLU E 593 43.74 9.52 -22.07
C GLU E 593 45.07 8.93 -22.52
N ARG E 594 46.09 9.78 -22.65
CA ARG E 594 47.45 9.31 -22.85
C ARG E 594 47.98 8.67 -21.56
N LEU E 595 49.09 7.93 -21.68
CA LEU E 595 49.74 7.36 -20.50
C LEU E 595 49.98 8.41 -19.42
N ALA E 596 50.50 9.58 -19.81
CA ALA E 596 50.79 10.63 -18.84
C ALA E 596 49.53 11.03 -18.07
N ALA E 597 48.38 11.05 -18.74
CA ALA E 597 47.13 11.44 -18.07
C ALA E 597 46.68 10.37 -17.08
N VAL E 598 46.90 9.10 -17.41
CA VAL E 598 46.56 8.03 -16.46
C VAL E 598 47.46 8.11 -15.23
N MET E 599 48.76 8.31 -15.43
CA MET E 599 49.69 8.45 -14.31
C MET E 599 49.31 9.64 -13.43
N ALA E 600 48.95 10.75 -14.05
CA ALA E 600 48.56 11.94 -13.29
C ALA E 600 47.31 11.67 -12.47
N ARG E 601 46.35 10.94 -13.05
CA ARG E 601 45.08 10.70 -12.36
C ARG E 601 45.27 9.78 -11.15
N ILE E 602 46.04 8.69 -11.28
CA ILE E 602 46.11 7.73 -10.17
C ILE E 602 47.29 7.98 -9.26
N GLY E 603 48.23 8.84 -9.65
CA GLY E 603 49.45 9.03 -8.90
C GLY E 603 50.64 8.44 -9.62
N LYS E 604 51.67 9.25 -9.86
CA LYS E 604 52.82 8.73 -10.61
C LYS E 604 53.49 7.59 -9.88
N GLY E 605 53.65 7.74 -8.55
CA GLY E 605 54.27 6.68 -7.77
C GLY E 605 53.47 5.39 -7.76
N LYS E 606 52.15 5.49 -7.62
CA LYS E 606 51.31 4.30 -7.65
C LYS E 606 51.47 3.56 -8.97
N PHE E 607 51.42 4.32 -10.06
CA PHE E 607 51.54 3.73 -11.39
C PHE E 607 52.88 3.01 -11.55
N LEU E 608 53.97 3.71 -11.22
CA LEU E 608 55.30 3.12 -11.43
C LEU E 608 55.55 1.96 -10.48
N GLU E 609 54.98 2.01 -9.27
CA GLU E 609 55.10 0.90 -8.34
C GLU E 609 54.45 -0.37 -8.89
N GLU E 610 53.26 -0.24 -9.48
CA GLU E 610 52.59 -1.42 -10.04
C GLU E 610 53.37 -1.97 -11.21
N VAL E 611 53.90 -1.09 -12.05
CA VAL E 611 54.75 -1.52 -13.17
C VAL E 611 55.93 -2.33 -12.65
N LYS E 612 56.59 -1.82 -11.61
CA LYS E 612 57.77 -2.51 -11.08
C LYS E 612 57.39 -3.88 -10.50
N GLU E 613 56.26 -3.97 -9.79
CA GLU E 613 55.82 -5.26 -9.27
C GLU E 613 55.61 -6.25 -10.39
N LEU E 614 54.98 -5.82 -11.49
CA LEU E 614 54.77 -6.73 -12.62
C LEU E 614 56.10 -7.14 -13.25
N MET E 615 57.05 -6.21 -13.32
CA MET E 615 58.37 -6.54 -13.90
C MET E 615 59.08 -7.61 -13.07
N GLU E 616 58.92 -7.56 -11.74
CA GLU E 616 59.60 -8.50 -10.85
C GLU E 616 58.97 -9.89 -10.90
N GLN E 617 57.66 -9.96 -11.17
CA GLN E 617 57.01 -11.26 -11.37
C GLN E 617 57.43 -11.90 -12.69
N ASN E 618 57.74 -11.07 -13.70
CA ASN E 618 58.13 -11.54 -15.02
C ASN E 618 59.21 -12.61 -15.00
N MET F 1 110.62 15.57 -30.27
CA MET F 1 109.58 16.42 -30.90
C MET F 1 108.39 16.58 -29.95
N TYR F 2 107.90 17.80 -29.78
CA TYR F 2 106.74 18.07 -28.87
C TYR F 2 105.44 17.61 -29.54
N GLU F 3 104.58 16.94 -28.77
CA GLU F 3 103.26 16.50 -29.32
C GLU F 3 102.44 17.75 -29.60
N TRP F 4 101.99 17.95 -30.84
CA TRP F 4 101.24 19.14 -31.18
C TRP F 4 100.24 18.81 -32.27
N LYS F 5 98.93 19.00 -32.02
CA LYS F 5 97.95 18.46 -32.98
C LYS F 5 98.14 19.01 -34.40
N LEU F 6 98.54 20.27 -34.54
CA LEU F 6 98.70 20.89 -35.85
C LEU F 6 99.88 20.32 -36.63
N ASN F 7 100.71 19.46 -36.02
CA ASN F 7 101.78 18.83 -36.80
C ASN F 7 101.21 18.07 -38.00
N ASP F 8 99.97 17.56 -37.89
CA ASP F 8 99.29 16.87 -38.99
C ASP F 8 99.16 17.76 -40.22
N ILE F 9 98.87 19.05 -40.02
CA ILE F 9 98.82 20.01 -41.14
C ILE F 9 100.25 20.41 -41.55
N VAL F 10 101.06 20.77 -40.56
CA VAL F 10 102.37 21.37 -40.84
C VAL F 10 103.29 20.35 -41.49
N ASP F 11 103.28 19.10 -41.01
CA ASP F 11 104.23 18.12 -41.52
C ASP F 11 103.84 17.49 -42.84
N ASN F 12 102.62 17.70 -43.34
CA ASN F 12 102.16 17.07 -44.57
C ASN F 12 101.99 18.06 -45.71
N GLY F 13 102.62 19.24 -45.61
CA GLY F 13 102.59 20.20 -46.70
C GLY F 13 101.26 20.89 -46.92
N ILE F 14 100.38 20.88 -45.91
CA ILE F 14 99.08 21.53 -46.02
C ILE F 14 99.08 22.93 -45.40
N CYS F 15 100.03 23.21 -44.52
CA CYS F 15 100.11 24.50 -43.86
C CYS F 15 100.38 25.62 -44.87
N ALA F 16 99.55 26.66 -44.83
CA ALA F 16 99.71 27.81 -45.69
C ALA F 16 100.86 28.72 -45.26
N LYS F 17 101.44 28.49 -44.08
CA LYS F 17 102.42 29.41 -43.51
C LYS F 17 101.83 30.82 -43.46
N CYS F 18 100.61 30.92 -42.98
CA CYS F 18 100.00 32.23 -42.77
C CYS F 18 100.47 32.87 -41.44
N GLY F 19 100.70 32.09 -40.40
CA GLY F 19 101.11 32.63 -39.11
C GLY F 19 99.98 32.91 -38.13
N THR F 20 98.73 32.59 -38.47
CA THR F 20 97.63 32.88 -37.56
C THR F 20 97.76 32.10 -36.26
N CYS F 21 98.06 30.80 -36.35
CA CYS F 21 98.07 29.95 -35.17
C CYS F 21 99.04 30.47 -34.10
N THR F 22 100.17 31.03 -34.52
CA THR F 22 101.21 31.36 -33.54
C THR F 22 100.96 32.67 -32.82
N VAL F 23 99.93 33.43 -33.18
CA VAL F 23 99.63 34.66 -32.45
C VAL F 23 98.55 34.49 -31.39
N VAL F 24 97.86 33.35 -31.37
CA VAL F 24 96.69 33.22 -30.49
C VAL F 24 96.99 32.49 -29.19
N CYS F 25 98.21 31.97 -29.02
CA CYS F 25 98.50 31.10 -27.87
C CYS F 25 98.55 31.89 -26.58
N PRO F 26 97.72 31.58 -25.57
CA PRO F 26 97.71 32.40 -24.34
C PRO F 26 98.90 32.16 -23.43
N ASN F 27 99.71 31.12 -23.67
CA ASN F 27 100.92 30.88 -22.92
C ASN F 27 102.17 31.35 -23.65
N GLY F 28 102.03 31.86 -24.87
CA GLY F 28 103.17 32.37 -25.60
C GLY F 28 104.21 31.32 -25.91
N ILE F 29 103.81 30.07 -26.10
CA ILE F 29 104.78 29.01 -26.35
C ILE F 29 104.85 28.64 -27.82
N LEU F 30 104.25 29.43 -28.69
CA LEU F 30 104.35 29.26 -30.12
C LEU F 30 105.12 30.42 -30.74
N THR F 31 106.01 30.09 -31.68
CA THR F 31 106.76 31.13 -32.43
C THR F 31 106.76 30.71 -33.91
N PHE F 32 106.86 31.68 -34.83
CA PHE F 32 106.89 31.34 -36.27
C PHE F 32 108.28 31.65 -36.84
N GLU F 33 108.98 30.61 -37.28
CA GLU F 33 110.31 30.75 -37.93
C GLU F 33 110.11 30.37 -39.40
N ASP F 34 110.63 29.21 -39.80
CA ASP F 34 110.35 28.67 -41.16
C ASP F 34 108.88 28.23 -41.20
N ARG F 35 108.42 27.67 -40.08
CA ARG F 35 107.03 27.15 -39.89
C ARG F 35 106.61 27.37 -38.44
N PRO F 36 105.32 27.22 -38.07
CA PRO F 36 104.90 27.39 -36.67
C PRO F 36 105.62 26.32 -35.84
N LYS F 37 106.14 26.70 -34.66
CA LYS F 37 106.88 25.74 -33.80
C LYS F 37 106.52 25.94 -32.32
N LEU F 38 106.68 24.89 -31.52
CA LEU F 38 106.43 24.91 -30.06
C LEU F 38 107.77 25.15 -29.34
N THR F 39 107.89 26.27 -28.62
CA THR F 39 109.13 26.57 -27.85
C THR F 39 109.28 25.58 -26.68
N GLU F 40 108.16 25.16 -26.07
CA GLU F 40 108.22 24.19 -24.95
C GLU F 40 107.02 23.24 -25.01
N GLU F 41 106.92 22.33 -24.04
CA GLU F 41 105.83 21.36 -24.02
C GLU F 41 104.48 22.03 -23.83
N CYS F 42 103.49 21.61 -24.63
CA CYS F 42 102.11 22.05 -24.48
C CYS F 42 101.33 20.95 -23.76
N LEU F 43 100.79 21.28 -22.58
CA LEU F 43 100.06 20.29 -21.81
C LEU F 43 98.81 19.81 -22.53
N ARG F 44 98.27 20.60 -23.46
CA ARG F 44 97.14 20.17 -24.25
C ARG F 44 97.54 19.38 -25.49
N LYS F 45 98.84 19.24 -25.76
CA LYS F 45 99.31 18.62 -27.00
C LYS F 45 98.67 19.28 -28.21
N GLY F 46 98.52 20.59 -28.15
CA GLY F 46 98.00 21.34 -29.26
C GLY F 46 96.51 21.26 -29.48
N ASN F 47 95.77 20.68 -28.52
CA ASN F 47 94.31 20.64 -28.60
C ASN F 47 93.82 21.96 -28.03
N GLY F 48 93.76 22.97 -28.89
CA GLY F 48 93.38 24.28 -28.41
C GLY F 48 93.26 25.29 -29.53
N MET F 49 93.43 26.55 -29.13
CA MET F 49 93.06 27.66 -29.99
C MET F 49 93.91 27.74 -31.25
N CYS F 50 95.20 27.41 -31.15
CA CYS F 50 96.05 27.27 -32.33
C CYS F 50 95.34 26.42 -33.39
N PHE F 51 94.98 25.18 -33.04
CA PHE F 51 94.29 24.28 -33.96
C PHE F 51 92.98 24.90 -34.45
N GLU F 52 92.24 25.56 -33.55
CA GLU F 52 90.89 26.02 -33.86
C GLU F 52 90.83 27.24 -34.77
N VAL F 53 91.90 28.03 -34.91
CA VAL F 53 91.89 29.15 -35.83
C VAL F 53 92.49 28.80 -37.18
N CYS F 54 93.00 27.59 -37.35
CA CYS F 54 93.77 27.28 -38.54
C CYS F 54 92.84 27.18 -39.74
N PRO F 55 93.04 28.00 -40.78
CA PRO F 55 92.13 27.96 -41.94
C PRO F 55 92.32 26.72 -42.81
N ARG F 56 93.35 25.91 -42.55
CA ARG F 56 93.58 24.66 -43.27
C ARG F 56 93.05 23.44 -42.54
N VAL F 57 92.54 23.62 -41.31
CA VAL F 57 91.75 22.58 -40.67
C VAL F 57 90.29 22.67 -41.12
N SER F 58 89.73 23.87 -41.04
CA SER F 58 88.34 24.12 -41.43
C SER F 58 88.26 25.58 -41.82
N SER F 59 87.68 25.85 -42.99
CA SER F 59 87.65 27.23 -43.49
C SER F 59 86.73 28.11 -42.65
N GLY F 60 85.57 27.55 -42.28
CA GLY F 60 84.52 28.30 -41.56
C GLY F 60 83.92 29.36 -42.45
N LYS F 61 84.13 29.24 -43.76
CA LYS F 61 83.68 30.28 -44.74
C LYS F 61 82.15 30.44 -44.79
N TYR F 62 81.38 29.35 -44.76
CA TYR F 62 79.91 29.53 -44.87
C TYR F 62 79.37 30.35 -43.68
N GLN F 63 79.79 30.01 -42.47
CA GLN F 63 79.28 30.73 -41.27
C GLN F 63 79.76 32.19 -41.30
N ILE F 64 81.00 32.43 -41.74
CA ILE F 64 81.51 33.83 -41.83
C ILE F 64 80.79 34.61 -42.94
N LYS F 65 80.61 33.99 -44.11
CA LYS F 65 80.05 34.70 -45.29
C LYS F 65 78.60 35.15 -45.03
N ILE F 66 77.79 34.34 -44.35
CA ILE F 66 76.37 34.72 -44.07
C ILE F 66 76.32 35.95 -43.15
N ARG F 67 77.27 36.07 -42.22
CA ARG F 67 77.36 37.25 -41.32
C ARG F 67 77.93 38.49 -42.04
N GLU F 68 79.02 38.31 -42.80
CA GLU F 68 79.67 39.43 -43.55
C GLU F 68 78.77 39.93 -44.67
N LYS F 69 78.03 39.03 -45.34
CA LYS F 69 77.13 39.38 -46.47
C LYS F 69 77.95 40.19 -47.47
N PHE F 70 79.01 39.58 -48.01
CA PHE F 70 79.95 40.27 -48.87
C PHE F 70 79.28 40.81 -50.13
N LYS F 71 79.71 41.99 -50.56
CA LYS F 71 79.44 42.46 -51.90
C LYS F 71 80.70 42.22 -52.75
N GLU F 72 80.68 42.74 -53.97
CA GLU F 72 81.78 42.54 -54.91
C GLU F 72 81.79 43.65 -55.95
N GLU F 73 82.33 44.81 -55.59
CA GLU F 73 82.37 45.99 -56.47
C GLU F 73 83.79 46.18 -56.98
N TYR F 74 83.94 46.19 -58.30
CA TYR F 74 85.25 46.23 -58.96
C TYR F 74 85.60 47.66 -59.37
N TYR F 75 86.76 48.13 -58.92
CA TYR F 75 87.30 49.43 -59.31
C TYR F 75 88.78 49.26 -59.61
N TYR F 76 89.40 50.30 -60.15
CA TYR F 76 90.86 50.43 -60.13
C TYR F 76 91.22 51.85 -59.76
N GLY F 77 92.34 52.01 -59.07
CA GLY F 77 92.71 53.31 -58.54
C GLY F 77 94.20 53.45 -58.33
N LYS F 78 94.59 54.66 -57.96
CA LYS F 78 96.01 54.97 -57.68
C LYS F 78 96.05 55.93 -56.49
N GLY F 79 96.94 55.65 -55.54
CA GLY F 79 97.15 56.50 -54.39
C GLY F 79 98.14 57.62 -54.67
N ASP F 80 98.49 58.36 -53.62
CA ASP F 80 99.43 59.47 -53.72
C ASP F 80 100.82 59.10 -53.25
N VAL F 81 101.10 57.82 -53.02
CA VAL F 81 102.44 57.33 -52.73
C VAL F 81 102.81 56.30 -53.78
N GLU F 82 104.11 56.13 -54.00
CA GLU F 82 104.60 55.12 -54.93
C GLU F 82 104.57 53.76 -54.26
N GLY F 83 103.83 52.82 -54.84
CA GLY F 83 103.69 51.50 -54.28
C GLY F 83 104.02 50.40 -55.26
N GLN F 84 103.59 49.17 -54.97
CA GLN F 84 103.79 48.08 -55.92
C GLN F 84 103.12 48.39 -57.25
N ASP F 85 101.84 48.77 -57.20
CA ASP F 85 101.08 49.10 -58.40
C ASP F 85 100.60 50.54 -58.32
N GLY F 86 99.41 50.77 -57.77
CA GLY F 86 98.92 52.13 -57.62
C GLY F 86 99.18 52.77 -56.27
N GLY F 87 99.88 52.09 -55.37
CA GLY F 87 100.02 52.59 -54.01
C GLY F 87 98.71 52.69 -53.26
N VAL F 88 97.71 51.89 -53.65
CA VAL F 88 96.38 52.02 -53.05
C VAL F 88 96.41 51.54 -51.60
N VAL F 89 97.02 50.39 -51.33
CA VAL F 89 96.98 49.85 -49.97
C VAL F 89 97.59 50.84 -48.98
N THR F 90 98.80 51.33 -49.27
CA THR F 90 99.48 52.22 -48.34
C THR F 90 98.73 53.55 -48.20
N THR F 91 98.15 54.04 -49.29
CA THR F 91 97.40 55.30 -49.22
C THR F 91 96.15 55.15 -48.33
N PHE F 92 95.46 54.00 -48.44
CA PHE F 92 94.28 53.76 -47.61
C PHE F 92 94.66 53.65 -46.14
N LEU F 93 95.79 52.97 -45.85
CA LEU F 93 96.26 52.89 -44.47
C LEU F 93 96.58 54.27 -43.91
N LYS F 94 97.23 55.13 -44.71
CA LYS F 94 97.46 56.50 -44.30
C LYS F 94 96.15 57.17 -43.90
N TYR F 95 95.14 57.08 -44.79
CA TYR F 95 93.83 57.69 -44.52
C TYR F 95 93.24 57.17 -43.20
N LEU F 96 93.40 55.87 -42.93
CA LEU F 96 92.81 55.29 -41.72
C LEU F 96 93.54 55.77 -40.46
N LEU F 97 94.86 55.91 -40.54
CA LEU F 97 95.61 56.46 -39.40
C LEU F 97 95.26 57.93 -39.18
N LYS F 98 95.23 58.72 -40.26
CA LYS F 98 95.04 60.16 -40.12
C LYS F 98 93.66 60.46 -39.52
N ASN F 99 92.62 59.75 -39.95
CA ASN F 99 91.27 59.95 -39.44
C ASN F 99 91.00 59.09 -38.21
N LYS F 100 92.04 58.52 -37.61
CA LYS F 100 91.93 57.84 -36.31
C LYS F 100 90.87 56.75 -36.34
N LYS F 101 90.72 56.06 -37.48
CA LYS F 101 89.90 54.87 -37.55
C LYS F 101 90.60 53.65 -36.95
N ILE F 102 91.93 53.69 -36.86
CA ILE F 102 92.73 52.60 -36.29
C ILE F 102 93.84 53.19 -35.44
N ASP F 103 94.33 52.38 -34.49
CA ASP F 103 95.49 52.79 -33.70
C ASP F 103 96.81 52.37 -34.34
N GLY F 104 96.79 51.36 -35.20
CA GLY F 104 98.01 50.93 -35.87
C GLY F 104 97.66 50.03 -37.04
N ALA F 105 98.68 49.75 -37.84
CA ALA F 105 98.54 48.87 -39.00
C ALA F 105 99.54 47.73 -38.89
N ILE F 106 99.06 46.51 -39.16
CA ILE F 106 99.92 45.33 -39.24
C ILE F 106 100.34 45.18 -40.69
N VAL F 107 101.62 45.37 -40.96
CA VAL F 107 102.15 45.42 -42.32
C VAL F 107 103.47 44.68 -42.36
N VAL F 108 103.94 44.40 -43.58
CA VAL F 108 105.16 43.64 -43.80
C VAL F 108 106.23 44.57 -44.36
N GLY F 109 107.32 44.74 -43.61
CA GLY F 109 108.52 45.38 -44.11
C GLY F 109 109.53 44.34 -44.57
N ASP F 110 110.78 44.77 -44.76
CA ASP F 110 111.79 43.78 -45.21
C ASP F 110 113.19 44.24 -44.82
N GLU F 111 114.04 43.30 -44.44
CA GLU F 111 115.46 43.59 -44.17
C GLU F 111 116.22 42.89 -45.31
N CYS F 112 116.58 43.64 -46.34
CA CYS F 112 117.26 43.07 -47.54
C CYS F 112 116.43 41.92 -48.12
N TRP F 113 115.11 42.14 -48.26
CA TRP F 113 114.08 41.21 -48.81
C TRP F 113 113.66 40.12 -47.82
N LYS F 114 114.17 40.16 -46.60
CA LYS F 114 113.70 39.18 -45.58
C LYS F 114 112.49 39.85 -44.93
N PRO F 115 111.26 39.35 -45.12
CA PRO F 115 110.06 40.00 -44.58
C PRO F 115 110.08 40.10 -43.05
N VAL F 116 109.59 41.22 -42.54
CA VAL F 116 109.46 41.42 -41.06
C VAL F 116 108.03 41.87 -40.76
N SER F 117 107.36 41.22 -39.81
CA SER F 117 105.98 41.65 -39.45
C SER F 117 106.10 42.90 -38.58
N LEU F 118 105.37 43.97 -38.92
CA LEU F 118 105.52 45.21 -38.18
C LEU F 118 104.16 45.75 -37.78
N ILE F 119 104.16 46.47 -36.66
CA ILE F 119 103.02 47.24 -36.19
C ILE F 119 103.44 48.71 -36.29
N VAL F 120 102.83 49.46 -37.21
CA VAL F 120 103.20 50.84 -37.49
C VAL F 120 102.08 51.76 -37.03
N GLN F 121 102.45 52.88 -36.42
CA GLN F 121 101.49 53.83 -35.89
C GLN F 121 101.60 55.22 -36.49
N ASN F 122 102.52 55.45 -37.42
CA ASN F 122 102.71 56.76 -38.03
C ASN F 122 103.04 56.60 -39.51
N GLU F 123 102.89 57.71 -40.24
CA GLU F 123 103.10 57.68 -41.69
C GLU F 123 104.53 57.27 -42.04
N GLU F 124 105.49 57.83 -41.29
CA GLU F 124 106.93 57.56 -41.53
C GLU F 124 107.22 56.06 -41.54
N ASP F 125 106.73 55.35 -40.52
CA ASP F 125 106.95 53.89 -40.37
C ASP F 125 106.19 53.14 -41.46
N LEU F 126 105.01 53.65 -41.85
CA LEU F 126 104.23 52.98 -42.89
C LEU F 126 104.97 52.96 -44.22
N MET F 127 105.68 54.06 -44.54
CA MET F 127 106.28 54.19 -45.86
C MET F 127 107.43 53.21 -46.11
N ASN F 128 107.94 52.54 -45.08
CA ASN F 128 108.96 51.51 -45.28
C ASN F 128 108.37 50.17 -45.70
N THR F 129 107.05 50.06 -45.74
CA THR F 129 106.37 48.79 -45.94
C THR F 129 105.72 48.69 -47.32
N THR F 130 106.01 49.62 -48.21
CA THR F 130 105.47 49.52 -49.56
C THR F 130 106.10 48.34 -50.29
N LYS F 131 105.46 47.98 -51.42
CA LYS F 131 105.94 46.96 -52.35
C LYS F 131 105.59 45.55 -51.89
N SER F 132 105.46 44.63 -52.84
CA SER F 132 105.21 43.23 -52.51
C SER F 132 106.51 42.52 -52.15
N LYS F 133 106.45 41.73 -51.07
CA LYS F 133 107.52 40.82 -50.67
C LYS F 133 107.01 39.41 -50.91
N TYR F 134 107.59 38.70 -51.88
CA TYR F 134 106.98 37.48 -52.38
C TYR F 134 107.50 36.23 -51.66
N THR F 135 107.90 36.35 -50.40
CA THR F 135 108.34 35.21 -49.61
C THR F 135 107.53 35.14 -48.32
N VAL F 136 107.71 34.03 -47.59
CA VAL F 136 106.88 33.77 -46.42
C VAL F 136 106.90 34.97 -45.48
N SER F 137 105.70 35.37 -45.05
CA SER F 137 105.46 36.46 -44.11
C SER F 137 104.77 35.87 -42.88
N THR F 138 104.91 36.55 -41.74
CA THR F 138 104.19 36.13 -40.55
C THR F 138 103.22 37.24 -40.14
N LEU F 139 102.51 37.00 -39.03
CA LEU F 139 101.61 37.98 -38.44
C LEU F 139 102.04 38.31 -37.01
N GLU F 140 103.32 38.08 -36.70
CA GLU F 140 103.77 38.17 -35.31
C GLU F 140 103.60 39.57 -34.72
N ALA F 141 103.55 40.61 -35.56
CA ALA F 141 103.34 41.96 -35.02
C ALA F 141 102.02 42.08 -34.29
N LEU F 142 101.04 41.20 -34.57
CA LEU F 142 99.78 41.24 -33.84
C LEU F 142 100.00 41.00 -32.35
N LYS F 143 100.93 40.10 -32.00
CA LYS F 143 101.24 39.87 -30.59
C LYS F 143 101.82 41.13 -29.96
N THR F 144 102.73 41.79 -30.67
CA THR F 144 103.30 43.05 -30.18
C THR F 144 102.22 44.10 -29.99
N ALA F 145 101.32 44.23 -30.97
CA ALA F 145 100.23 45.20 -30.85
C ALA F 145 99.40 44.92 -29.60
N GLY F 146 99.18 43.65 -29.28
CA GLY F 146 98.43 43.30 -28.09
C GLY F 146 99.20 43.55 -26.81
N GLU F 147 100.51 43.29 -26.84
CA GLU F 147 101.37 43.66 -25.72
C GLU F 147 101.36 45.18 -25.50
N MET F 148 101.38 45.95 -26.59
CA MET F 148 101.32 47.41 -26.46
C MET F 148 99.95 47.90 -26.01
N GLY F 149 98.90 47.11 -26.22
CA GLY F 149 97.58 47.52 -25.82
C GLY F 149 96.82 48.36 -26.82
N LEU F 150 97.21 48.34 -28.10
CA LEU F 150 96.46 49.06 -29.11
C LEU F 150 95.05 48.47 -29.23
N GLU F 151 94.05 49.36 -29.29
CA GLU F 151 92.67 48.88 -29.29
C GLU F 151 92.26 48.36 -30.65
N LYS F 152 92.57 49.08 -31.72
CA LYS F 152 92.13 48.73 -33.07
C LYS F 152 93.30 48.78 -34.03
N VAL F 153 93.34 47.83 -34.96
CA VAL F 153 94.35 47.81 -36.00
C VAL F 153 93.71 47.42 -37.33
N ALA F 154 94.37 47.86 -38.41
CA ALA F 154 94.15 47.32 -39.73
C ALA F 154 95.23 46.29 -40.02
N VAL F 155 94.87 45.22 -40.72
CA VAL F 155 95.84 44.19 -41.12
C VAL F 155 95.77 44.02 -42.63
N VAL F 156 96.94 44.01 -43.26
CA VAL F 156 97.11 43.61 -44.66
C VAL F 156 97.58 42.15 -44.66
N GLY F 157 96.93 41.32 -45.47
CA GLY F 157 97.28 39.91 -45.47
C GLY F 157 97.08 39.25 -46.82
N LEU F 158 97.82 38.17 -47.04
CA LEU F 158 97.54 37.28 -48.14
C LEU F 158 96.21 36.58 -47.87
N PRO F 159 95.58 36.02 -48.91
CA PRO F 159 94.32 35.30 -48.69
C PRO F 159 94.39 34.34 -47.52
N CYS F 160 95.45 33.53 -47.39
CA CYS F 160 95.47 32.56 -46.30
C CYS F 160 95.51 33.26 -44.97
N GLN F 161 96.08 34.48 -44.89
CA GLN F 161 96.09 35.22 -43.63
C GLN F 161 94.74 35.86 -43.33
N ILE F 162 94.08 36.41 -44.36
CA ILE F 162 92.71 36.92 -44.16
C ILE F 162 91.81 35.82 -43.61
N ASN F 163 91.94 34.60 -44.16
CA ASN F 163 91.05 33.51 -43.76
C ASN F 163 91.29 33.11 -42.32
N GLY F 164 92.56 33.02 -41.92
CA GLY F 164 92.88 32.78 -40.52
C GLY F 164 92.32 33.85 -39.61
N LEU F 165 92.54 35.11 -39.97
CA LEU F 165 92.06 36.20 -39.12
C LEU F 165 90.54 36.30 -39.10
N ARG F 166 89.86 35.94 -40.19
CA ARG F 166 88.39 35.89 -40.12
C ARG F 166 87.94 34.84 -39.12
N LYS F 167 88.63 33.69 -39.05
CA LYS F 167 88.32 32.68 -38.06
C LYS F 167 88.57 33.21 -36.65
N LEU F 168 89.63 34.00 -36.47
CA LEU F 168 89.90 34.60 -35.17
C LEU F 168 88.77 35.53 -34.76
N GLN F 169 88.33 36.37 -35.69
CA GLN F 169 87.23 37.29 -35.39
C GLN F 169 85.96 36.54 -34.99
N TYR F 170 85.67 35.44 -35.67
CA TYR F 170 84.44 34.66 -35.50
C TYR F 170 84.67 33.43 -34.61
N PHE F 171 85.67 33.50 -33.74
CA PHE F 171 86.15 32.31 -33.04
C PHE F 171 85.06 31.63 -32.23
N GLN F 172 84.22 32.41 -31.55
CA GLN F 172 83.21 31.81 -30.70
C GLN F 172 82.17 31.07 -31.53
N TYR F 173 81.93 31.49 -32.77
CA TYR F 173 80.97 30.80 -33.62
C TYR F 173 81.52 29.49 -34.16
N LEU F 174 82.83 29.44 -34.44
CA LEU F 174 83.44 28.27 -35.07
C LEU F 174 83.96 27.27 -34.03
N ALA F 175 84.67 27.76 -33.01
CA ALA F 175 85.18 26.88 -31.97
C ALA F 175 84.13 26.54 -30.93
N LYS F 176 83.09 27.38 -30.78
CA LYS F 176 81.93 27.16 -29.91
C LYS F 176 82.26 27.37 -28.43
N HIS F 177 83.28 28.17 -28.17
CA HIS F 177 83.71 28.51 -26.79
C HIS F 177 84.56 29.79 -26.82
N ASP F 178 84.87 30.34 -25.65
CA ASP F 178 85.67 31.59 -25.51
C ASP F 178 87.15 31.33 -25.82
N GLY F 179 87.91 32.39 -26.06
CA GLY F 179 89.35 32.23 -26.35
C GLY F 179 90.05 31.45 -25.24
N GLU F 180 90.92 30.51 -25.62
CA GLU F 180 91.61 29.63 -24.66
C GLU F 180 92.27 30.41 -23.51
N LEU F 181 92.08 29.93 -22.29
CA LEU F 181 92.74 30.49 -21.12
C LEU F 181 94.13 29.90 -20.94
N GLY F 182 95.09 30.76 -20.65
CA GLY F 182 96.44 30.32 -20.35
C GLY F 182 96.56 29.83 -18.91
N LYS F 183 97.79 29.48 -18.54
CA LYS F 183 98.06 29.02 -17.19
C LYS F 183 97.63 30.06 -16.16
N ASN F 184 97.79 31.34 -16.48
CA ASN F 184 97.38 32.39 -15.54
C ASN F 184 95.86 32.62 -15.53
N GLY F 185 95.11 31.86 -16.32
CA GLY F 185 93.67 31.95 -16.34
C GLY F 185 93.07 32.99 -17.27
N LYS F 186 93.90 33.63 -18.11
CA LYS F 186 93.47 34.73 -18.96
C LYS F 186 93.76 34.42 -20.41
N PRO F 187 92.93 34.91 -21.34
CA PRO F 187 93.17 34.65 -22.75
C PRO F 187 94.27 35.55 -23.30
N VAL F 188 94.64 35.31 -24.56
CA VAL F 188 95.72 36.06 -25.19
C VAL F 188 95.29 37.51 -25.40
N LYS F 189 96.28 38.41 -25.36
CA LYS F 189 96.03 39.83 -25.57
C LYS F 189 96.29 40.16 -27.05
N LEU F 190 95.25 40.65 -27.73
CA LEU F 190 95.32 41.01 -29.14
C LEU F 190 94.43 42.22 -29.38
N PRO F 191 94.78 43.09 -30.33
CA PRO F 191 93.88 44.19 -30.68
C PRO F 191 92.67 43.69 -31.45
N LYS F 192 91.65 44.53 -31.53
CA LYS F 192 90.52 44.24 -32.42
C LYS F 192 90.95 44.46 -33.87
N ILE F 193 90.69 43.47 -34.73
CA ILE F 193 91.01 43.60 -36.15
C ILE F 193 89.85 44.34 -36.80
N GLU F 194 90.04 45.65 -37.04
CA GLU F 194 88.98 46.52 -37.51
C GLU F 194 88.85 46.51 -39.04
N TYR F 195 89.98 46.38 -39.73
CA TYR F 195 90.03 46.33 -41.19
C TYR F 195 90.87 45.13 -41.57
N LEU F 196 90.40 44.35 -42.55
CA LEU F 196 91.21 43.31 -43.18
C LEU F 196 91.37 43.69 -44.64
N ILE F 197 92.58 44.09 -45.02
CA ILE F 197 92.89 44.43 -46.40
C ILE F 197 93.61 43.23 -47.01
N GLY F 198 93.01 42.64 -48.04
CA GLY F 198 93.54 41.45 -48.67
C GLY F 198 94.29 41.74 -49.96
N LEU F 199 95.33 40.95 -50.20
CA LEU F 199 96.09 41.01 -51.43
C LEU F 199 95.67 39.85 -52.34
N LEU F 200 95.54 40.13 -53.62
CA LEU F 200 95.45 39.04 -54.58
C LEU F 200 96.75 38.27 -54.55
N CYS F 201 96.68 36.95 -54.78
CA CYS F 201 97.88 36.14 -54.61
C CYS F 201 97.81 34.84 -55.38
N THR F 202 98.80 34.60 -56.24
N THR F 202 98.80 34.61 -56.24
CA THR F 202 98.91 33.30 -56.91
CA THR F 202 98.95 33.34 -56.93
C THR F 202 99.81 32.35 -56.14
C THR F 202 99.81 32.36 -56.16
N GLU F 203 100.82 32.87 -55.44
CA GLU F 203 101.77 32.03 -54.71
C GLU F 203 102.80 32.91 -54.01
N LYS F 204 103.51 32.29 -53.05
CA LYS F 204 104.67 32.87 -52.37
C LYS F 204 105.78 31.82 -52.38
N PHE F 205 107.02 32.26 -52.14
CA PHE F 205 108.19 31.39 -52.16
C PHE F 205 108.86 31.34 -50.79
N GLU F 206 109.64 30.27 -50.59
CA GLU F 206 110.61 30.25 -49.51
C GLU F 206 111.76 31.18 -49.85
N TYR F 207 112.23 31.94 -48.86
CA TYR F 207 113.30 32.89 -49.10
C TYR F 207 114.51 32.21 -49.72
N ASP F 208 114.90 31.04 -49.18
CA ASP F 208 116.08 30.34 -49.69
C ASP F 208 115.89 29.95 -51.15
N GLU F 209 114.71 29.45 -51.50
CA GLU F 209 114.48 29.00 -52.87
C GLU F 209 114.55 30.17 -53.85
N LEU F 210 113.95 31.31 -53.49
CA LEU F 210 113.95 32.44 -54.42
C LEU F 210 115.35 33.01 -54.61
N LYS F 211 116.16 33.06 -53.54
CA LYS F 211 117.51 33.56 -53.72
C LYS F 211 118.34 32.61 -54.57
N GLU F 212 118.22 31.30 -54.30
CA GLU F 212 118.95 30.32 -55.11
C GLU F 212 118.51 30.36 -56.57
N THR F 213 117.20 30.45 -56.82
CA THR F 213 116.72 30.63 -58.18
C THR F 213 117.34 31.87 -58.81
N LEU F 214 117.33 32.98 -58.08
CA LEU F 214 117.96 34.20 -58.59
C LEU F 214 119.42 33.96 -58.92
N ALA F 215 120.14 33.20 -58.09
CA ALA F 215 121.55 32.94 -58.34
C ALA F 215 121.74 32.17 -59.65
N LYS F 216 120.79 31.30 -60.01
CA LYS F 216 120.92 30.57 -61.27
C LYS F 216 120.89 31.50 -62.47
N TYR F 217 120.23 32.64 -62.33
CA TYR F 217 120.18 33.67 -63.37
C TYR F 217 121.23 34.75 -63.14
N ASN F 218 122.21 34.49 -62.28
CA ASN F 218 123.29 35.42 -61.99
C ASN F 218 122.77 36.76 -61.48
N ILE F 219 121.70 36.72 -60.68
CA ILE F 219 121.17 37.91 -60.01
C ILE F 219 121.37 37.71 -58.50
N ASN F 220 121.96 38.73 -57.85
CA ASN F 220 122.18 38.74 -56.39
C ASN F 220 120.91 39.33 -55.76
N MET F 221 120.15 38.53 -55.02
CA MET F 221 118.88 39.01 -54.45
C MET F 221 119.07 40.29 -53.66
N ASP F 222 120.21 40.43 -52.98
CA ASP F 222 120.42 41.60 -52.13
C ASP F 222 120.40 42.90 -52.92
N ASP F 223 120.72 42.86 -54.21
CA ASP F 223 120.76 44.07 -55.03
C ASP F 223 119.44 44.38 -55.73
N VAL F 224 118.42 43.54 -55.57
CA VAL F 224 117.16 43.78 -56.29
C VAL F 224 116.49 45.01 -55.71
N GLU F 225 115.93 45.84 -56.60
CA GLU F 225 115.20 47.02 -56.15
C GLU F 225 113.69 46.77 -56.07
N LYS F 226 113.14 45.97 -56.98
CA LYS F 226 111.71 45.67 -56.97
C LYS F 226 111.49 44.27 -57.55
N PHE F 227 110.44 43.62 -57.04
CA PHE F 227 109.94 42.36 -57.56
C PHE F 227 108.54 42.60 -58.11
N ASP F 228 108.10 41.71 -59.00
CA ASP F 228 106.74 41.79 -59.51
C ASP F 228 106.40 40.46 -60.20
N ILE F 229 105.13 40.08 -60.12
CA ILE F 229 104.62 38.91 -60.81
C ILE F 229 103.53 39.39 -61.77
N LYS F 230 103.84 39.40 -63.07
CA LYS F 230 102.89 39.84 -64.09
C LYS F 230 102.91 38.89 -65.27
N LYS F 231 101.72 38.46 -65.67
CA LYS F 231 101.50 37.60 -66.85
C LYS F 231 102.35 36.34 -66.77
N GLY F 232 102.27 35.68 -65.61
CA GLY F 232 102.92 34.40 -65.44
C GLY F 232 104.43 34.46 -65.36
N LYS F 233 105.00 35.65 -65.20
CA LYS F 233 106.44 35.85 -65.10
C LYS F 233 106.76 36.54 -63.80
N LEU F 234 107.94 36.24 -63.24
CA LEU F 234 108.48 36.99 -62.12
C LEU F 234 109.45 38.03 -62.67
N LEU F 235 109.12 39.31 -62.47
CA LEU F 235 109.98 40.40 -62.91
C LEU F 235 110.92 40.78 -61.76
N VAL F 236 112.20 40.94 -62.10
CA VAL F 236 113.24 41.31 -61.15
C VAL F 236 113.90 42.58 -61.67
N TYR F 237 113.86 43.64 -60.89
CA TYR F 237 114.44 44.93 -61.26
C TYR F 237 115.71 45.15 -60.44
N VAL F 238 116.84 45.24 -61.13
CA VAL F 238 118.13 45.40 -60.45
C VAL F 238 119.07 46.17 -61.39
N ASN F 239 119.71 47.21 -60.83
CA ASN F 239 120.60 48.11 -61.56
C ASN F 239 120.00 48.57 -62.89
N GLY F 240 118.74 49.01 -62.83
CA GLY F 240 118.13 49.66 -63.96
C GLY F 240 117.70 48.78 -65.09
N GLU F 241 117.62 47.46 -64.88
CA GLU F 241 117.20 46.54 -65.92
C GLU F 241 116.13 45.58 -65.39
N GLU F 242 115.25 45.17 -66.30
CA GLU F 242 114.15 44.27 -66.01
C GLU F 242 114.52 42.87 -66.49
N HIS F 243 114.51 41.90 -65.57
CA HIS F 243 114.73 40.50 -65.91
C HIS F 243 113.44 39.73 -65.68
N LYS F 244 113.08 38.86 -66.62
CA LYS F 244 111.86 38.08 -66.54
C LYS F 244 112.21 36.62 -66.36
N ILE F 245 111.74 36.03 -65.26
CA ILE F 245 111.96 34.61 -64.95
C ILE F 245 110.61 33.90 -65.01
N PRO F 246 110.44 32.88 -65.85
CA PRO F 246 109.16 32.16 -65.86
C PRO F 246 108.82 31.63 -64.47
N LEU F 247 107.54 31.75 -64.11
CA LEU F 247 107.09 31.21 -62.84
C LEU F 247 107.29 29.70 -62.80
N LYS F 248 107.32 29.05 -63.97
CA LYS F 248 107.54 27.61 -64.02
C LYS F 248 108.84 27.23 -63.34
N GLU F 249 109.85 28.10 -63.40
CA GLU F 249 111.20 27.79 -62.97
C GLU F 249 111.44 28.02 -61.47
N ILE F 250 110.42 28.45 -60.73
CA ILE F 250 110.55 28.75 -59.31
C ILE F 250 109.58 27.85 -58.55
N GLU F 251 110.09 27.09 -57.58
CA GLU F 251 109.22 26.22 -56.80
C GLU F 251 108.52 27.04 -55.73
N LEU F 252 107.19 27.02 -55.75
CA LEU F 252 106.39 27.75 -54.77
C LEU F 252 106.42 27.04 -53.43
N SER F 253 106.14 27.81 -52.37
CA SER F 253 106.00 27.23 -51.04
C SER F 253 104.93 26.13 -51.06
N ALA F 254 105.21 25.02 -50.36
CA ALA F 254 104.42 23.80 -50.54
C ALA F 254 102.94 24.05 -50.30
N GLY F 255 102.60 24.76 -49.22
CA GLY F 255 101.21 24.96 -48.85
C GLY F 255 100.40 25.71 -49.89
N CYS F 256 101.06 26.47 -50.76
CA CYS F 256 100.32 27.17 -51.81
C CYS F 256 99.65 26.19 -52.77
N LYS F 257 100.17 24.98 -52.90
CA LYS F 257 99.54 23.99 -53.77
C LYS F 257 98.16 23.59 -53.27
N MET F 258 97.92 23.70 -51.96
CA MET F 258 96.63 23.32 -51.37
C MET F 258 95.71 24.52 -51.19
N CYS F 259 96.01 25.65 -51.83
CA CYS F 259 95.27 26.88 -51.63
C CYS F 259 94.24 27.06 -52.74
N ARG F 260 93.07 27.59 -52.38
CA ARG F 260 91.97 27.80 -53.30
C ARG F 260 91.64 29.27 -53.54
N ASP F 261 92.06 30.13 -52.62
CA ASP F 261 91.64 31.56 -52.56
C ASP F 261 92.60 32.52 -53.27
N PHE F 262 92.35 32.79 -54.56
CA PHE F 262 93.19 33.76 -55.32
C PHE F 262 92.95 35.23 -54.93
N ASP F 263 91.68 35.64 -54.75
CA ASP F 263 91.38 37.08 -54.59
C ASP F 263 91.14 37.54 -53.13
N ALA F 264 91.52 36.72 -52.13
CA ALA F 264 91.29 37.08 -50.71
C ALA F 264 89.82 37.47 -50.56
N GLU F 265 88.93 36.53 -50.91
CA GLU F 265 87.45 36.70 -51.00
C GLU F 265 86.80 37.13 -49.67
N MET F 266 87.40 36.86 -48.52
CA MET F 266 86.82 37.24 -47.20
C MET F 266 87.33 38.60 -46.72
N ALA F 267 88.17 39.29 -47.50
CA ALA F 267 88.73 40.59 -47.05
C ALA F 267 87.67 41.70 -47.12
N ASP F 268 87.86 42.77 -46.35
CA ASP F 268 86.94 43.94 -46.41
C ASP F 268 87.15 44.57 -47.80
N VAL F 269 88.40 44.61 -48.23
CA VAL F 269 88.75 45.09 -49.56
C VAL F 269 89.97 44.32 -49.99
N SER F 270 89.95 43.82 -51.22
CA SER F 270 91.05 43.09 -51.82
C SER F 270 91.68 43.92 -52.92
N VAL F 271 93.01 43.92 -52.97
CA VAL F 271 93.75 44.80 -53.87
C VAL F 271 94.81 43.98 -54.60
N GLY F 272 94.87 44.16 -55.91
CA GLY F 272 95.87 43.47 -56.71
C GLY F 272 96.24 44.24 -57.97
N CYS F 273 96.90 43.58 -58.91
CA CYS F 273 97.28 44.23 -60.18
C CYS F 273 96.48 43.73 -61.37
N VAL F 274 96.06 42.47 -61.38
CA VAL F 274 95.37 41.92 -62.54
C VAL F 274 94.06 42.68 -62.77
N GLY F 275 93.76 42.91 -64.04
CA GLY F 275 92.50 43.52 -64.42
C GLY F 275 92.51 45.03 -64.55
N SER F 276 93.61 45.69 -64.20
CA SER F 276 93.70 47.13 -64.21
C SER F 276 94.94 47.59 -64.97
N PRO F 277 94.92 48.81 -65.50
CA PRO F 277 96.07 49.30 -66.27
C PRO F 277 97.27 49.61 -65.39
N ASP F 278 98.45 49.66 -66.03
CA ASP F 278 99.68 49.86 -65.29
C ASP F 278 99.66 51.17 -64.51
N GLY F 279 100.30 51.17 -63.35
CA GLY F 279 100.27 52.30 -62.45
C GLY F 279 99.05 52.37 -61.57
N TYR F 280 98.10 51.45 -61.75
CA TYR F 280 96.88 51.39 -60.96
C TYR F 280 96.88 50.09 -60.15
N SER F 281 96.08 50.08 -59.09
CA SER F 281 95.76 48.86 -58.35
C SER F 281 94.31 48.48 -58.62
N THR F 282 94.07 47.18 -58.81
CA THR F 282 92.70 46.68 -58.81
C THR F 282 92.16 46.70 -57.39
N VAL F 283 90.90 47.06 -57.24
CA VAL F 283 90.26 47.22 -55.93
C VAL F 283 88.92 46.50 -55.97
N ILE F 284 88.74 45.52 -55.08
CA ILE F 284 87.49 44.78 -54.96
C ILE F 284 86.91 45.11 -53.59
N ILE F 285 85.84 45.88 -53.57
CA ILE F 285 85.20 46.30 -52.32
C ILE F 285 84.14 45.28 -51.95
N ARG F 286 84.21 44.76 -50.73
CA ARG F 286 83.31 43.68 -50.31
C ARG F 286 82.49 43.96 -49.06
N THR F 287 82.92 44.87 -48.18
CA THR F 287 82.13 45.22 -47.01
C THR F 287 82.04 46.73 -46.86
N GLU F 288 81.24 47.17 -45.90
CA GLU F 288 81.13 48.60 -45.65
C GLU F 288 82.42 49.16 -45.06
N LYS F 289 83.17 48.33 -44.34
CA LYS F 289 84.54 48.74 -43.98
C LYS F 289 85.37 48.94 -45.24
N GLY F 290 85.22 48.07 -46.23
CA GLY F 290 85.95 48.25 -47.48
C GLY F 290 85.54 49.50 -48.23
N GLU F 291 84.27 49.89 -48.12
CA GLU F 291 83.79 51.06 -48.85
C GLU F 291 84.47 52.34 -48.43
N GLU F 292 85.07 52.36 -47.23
CA GLU F 292 85.76 53.56 -46.75
C GLU F 292 86.93 53.95 -47.64
N ILE F 293 87.47 53.00 -48.41
CA ILE F 293 88.55 53.32 -49.33
C ILE F 293 88.11 54.33 -50.39
N LYS F 294 86.82 54.40 -50.70
CA LYS F 294 86.35 55.38 -51.66
C LYS F 294 86.69 56.80 -51.23
N ASN F 295 86.70 57.05 -49.92
CA ASN F 295 87.15 58.35 -49.43
C ASN F 295 88.63 58.57 -49.67
N ALA F 296 89.41 57.49 -49.74
CA ALA F 296 90.87 57.61 -49.74
C ALA F 296 91.45 57.61 -51.14
N ILE F 297 90.73 57.08 -52.14
CA ILE F 297 91.25 56.93 -53.49
C ILE F 297 90.19 57.38 -54.49
N GLU F 298 90.66 57.94 -55.61
CA GLU F 298 89.78 58.35 -56.71
C GLU F 298 89.68 57.18 -57.67
N LEU F 299 88.62 56.40 -57.51
CA LEU F 299 88.50 55.11 -58.19
C LEU F 299 87.79 55.26 -59.55
N LYS F 300 88.10 54.33 -60.44
CA LYS F 300 87.47 54.27 -61.76
C LYS F 300 86.92 52.87 -61.98
N GLU F 301 85.94 52.76 -62.88
CA GLU F 301 85.40 51.48 -63.28
C GLU F 301 86.04 51.05 -64.60
N GLY F 302 85.75 49.84 -65.02
CA GLY F 302 86.30 49.28 -66.24
C GLY F 302 87.27 48.14 -66.04
N VAL F 303 87.26 47.47 -64.88
CA VAL F 303 88.15 46.36 -64.61
C VAL F 303 87.88 45.23 -65.60
N ASN F 304 88.95 44.54 -66.00
CA ASN F 304 88.82 43.36 -66.86
C ASN F 304 88.48 42.17 -65.97
N LEU F 305 87.19 41.84 -65.90
CA LEU F 305 86.74 40.80 -64.99
C LEU F 305 87.21 39.42 -65.43
N GLU F 306 87.32 39.22 -66.75
CA GLU F 306 87.73 37.89 -67.28
C GLU F 306 89.17 37.54 -66.87
N ALA F 307 90.03 38.55 -66.76
CA ALA F 307 91.44 38.31 -66.40
C ALA F 307 91.56 37.84 -64.96
N ILE F 308 90.74 38.40 -64.07
CA ILE F 308 90.76 37.97 -62.67
C ILE F 308 90.18 36.56 -62.55
N GLU F 309 89.04 36.32 -63.22
CA GLU F 309 88.43 34.99 -63.17
C GLU F 309 89.39 33.93 -63.68
N LYS F 310 90.16 34.24 -64.71
CA LYS F 310 91.13 33.27 -65.23
C LYS F 310 92.11 32.85 -64.15
N LEU F 311 92.59 33.81 -63.33
CA LEU F 311 93.52 33.47 -62.27
C LEU F 311 92.82 32.69 -61.15
N ARG F 312 91.56 33.01 -60.85
CA ARG F 312 90.80 32.18 -59.93
C ARG F 312 90.75 30.74 -60.41
N ASP F 313 90.45 30.55 -61.69
CA ASP F 313 90.30 29.19 -62.23
C ASP F 313 91.63 28.46 -62.28
N LEU F 314 92.72 29.19 -62.54
CA LEU F 314 94.05 28.58 -62.51
C LEU F 314 94.37 28.03 -61.12
N LYS F 315 94.12 28.85 -60.09
CA LYS F 315 94.43 28.40 -58.74
C LYS F 315 93.56 27.20 -58.36
N LEU F 316 92.28 27.25 -58.70
CA LEU F 316 91.39 26.14 -58.32
C LEU F 316 91.81 24.86 -59.02
N ASN F 317 92.25 24.94 -60.27
CA ASN F 317 92.70 23.75 -60.98
C ASN F 317 94.00 23.22 -60.38
N ARG F 318 94.88 24.11 -59.92
CA ARG F 318 96.10 23.67 -59.26
C ARG F 318 95.78 22.96 -57.96
N PHE F 319 94.84 23.51 -57.19
CA PHE F 319 94.39 22.84 -55.99
C PHE F 319 93.80 21.48 -56.31
N LYS F 320 92.92 21.42 -57.32
CA LYS F 320 92.26 20.15 -57.64
C LYS F 320 93.29 19.10 -58.05
N LYS F 321 94.27 19.48 -58.85
CA LYS F 321 95.29 18.52 -59.25
C LYS F 321 96.07 18.01 -58.05
N GLU F 322 96.42 18.91 -57.11
CA GLU F 322 97.17 18.47 -55.94
C GLU F 322 96.33 17.55 -55.06
N VAL F 323 95.04 17.86 -54.88
CA VAL F 323 94.19 16.98 -54.08
C VAL F 323 94.09 15.61 -54.75
N GLU F 324 93.90 15.60 -56.08
CA GLU F 324 93.81 14.32 -56.78
C GLU F 324 95.10 13.53 -56.67
N ARG F 325 96.25 14.22 -56.69
CA ARG F 325 97.54 13.53 -56.50
C ARG F 325 97.59 12.88 -55.12
N ARG F 326 97.30 13.66 -54.08
CA ARG F 326 97.28 13.10 -52.73
C ARG F 326 96.33 11.92 -52.63
N LYS F 327 95.14 12.04 -53.24
CA LYS F 327 94.21 10.91 -53.23
C LYS F 327 94.85 9.68 -53.85
N ALA F 328 95.56 9.86 -54.97
CA ALA F 328 96.16 8.72 -55.65
C ALA F 328 97.35 8.15 -54.89
N GLU F 329 98.08 8.98 -54.14
CA GLU F 329 99.26 8.52 -53.42
C GLU F 329 98.97 8.21 -51.95
N ASP F 330 97.69 8.26 -51.55
CA ASP F 330 97.30 8.05 -50.17
C ASP F 330 98.06 8.98 -49.22
N GLU F 331 98.27 10.22 -49.65
CA GLU F 331 98.82 11.25 -48.78
C GLU F 331 97.69 11.88 -47.99
N LYS F 332 98.04 12.51 -46.87
CA LYS F 332 97.02 13.09 -46.02
C LYS F 332 96.38 14.29 -46.71
N VAL F 333 95.07 14.42 -46.53
CA VAL F 333 94.31 15.56 -47.01
C VAL F 333 93.47 16.07 -45.85
N SER F 334 93.49 17.37 -45.62
CA SER F 334 92.58 18.02 -44.70
C SER F 334 91.49 18.67 -45.52
N PHE F 335 90.25 18.19 -45.36
CA PHE F 335 89.12 18.65 -46.19
C PHE F 335 88.53 19.97 -45.66
N TYR F 336 89.40 20.98 -45.55
CA TYR F 336 89.02 22.20 -44.86
C TYR F 336 87.91 22.97 -45.57
N TRP F 337 87.72 22.74 -46.86
CA TRP F 337 86.73 23.49 -47.64
C TRP F 337 85.32 22.91 -47.53
N THR F 338 85.11 21.80 -46.81
CA THR F 338 83.75 21.34 -46.60
C THR F 338 82.92 22.43 -45.91
N ALA F 339 83.57 23.23 -45.05
CA ALA F 339 82.96 24.32 -44.30
C ALA F 339 82.63 25.52 -45.17
N ASP F 340 82.98 25.47 -46.45
CA ASP F 340 82.51 26.46 -47.41
C ASP F 340 81.01 26.35 -47.65
N TYR F 341 80.41 25.21 -47.32
CA TYR F 341 79.04 24.90 -47.72
C TYR F 341 78.14 24.61 -46.52
N GLY F 342 76.92 25.12 -46.58
CA GLY F 342 75.94 24.78 -45.57
C GLY F 342 75.46 23.34 -45.70
N GLY F 343 75.02 22.78 -44.59
CA GLY F 343 74.43 21.46 -44.58
C GLY F 343 75.41 20.31 -44.55
N VAL F 344 76.70 20.56 -44.36
CA VAL F 344 77.72 19.52 -44.35
C VAL F 344 78.16 19.26 -42.91
N GLY F 345 78.10 18.00 -42.50
CA GLY F 345 78.57 17.62 -41.17
C GLY F 345 79.50 16.42 -41.26
N LYS F 346 80.39 16.33 -40.27
CA LYS F 346 81.34 15.21 -40.21
C LYS F 346 80.76 14.09 -39.37
N ARG F 347 80.73 12.89 -39.94
CA ARG F 347 80.28 11.69 -39.25
C ARG F 347 81.38 11.19 -38.32
N ALA F 348 80.99 10.24 -37.46
CA ALA F 348 81.94 9.70 -36.48
C ALA F 348 83.10 8.97 -37.14
N ASP F 349 82.91 8.46 -38.36
CA ASP F 349 83.91 7.64 -39.02
C ASP F 349 84.73 8.42 -40.04
N GLY F 350 84.65 9.74 -40.04
CA GLY F 350 85.49 10.54 -40.93
C GLY F 350 84.92 10.81 -42.31
N THR F 351 83.78 10.21 -42.65
CA THR F 351 83.05 10.60 -43.84
C THR F 351 82.09 11.71 -43.43
N TYR F 352 81.27 12.18 -44.37
CA TYR F 352 80.42 13.34 -44.15
C TYR F 352 78.96 12.99 -44.44
N PHE F 353 78.07 13.78 -43.88
CA PHE F 353 76.66 13.78 -44.25
C PHE F 353 76.34 15.13 -44.85
N ILE F 354 75.39 15.11 -45.79
CA ILE F 354 74.92 16.31 -46.44
C ILE F 354 73.42 16.40 -46.19
N ARG F 355 73.00 17.47 -45.54
CA ARG F 355 71.60 17.69 -45.21
C ARG F 355 70.98 18.59 -46.26
N ILE F 356 69.93 18.11 -46.91
CA ILE F 356 69.13 18.92 -47.83
C ILE F 356 68.04 19.60 -47.00
N ARG F 357 68.12 20.92 -46.89
CA ARG F 357 67.20 21.69 -46.05
C ARG F 357 65.77 21.29 -46.35
N ALA F 358 65.03 20.92 -45.30
CA ALA F 358 63.69 20.38 -45.48
C ALA F 358 62.82 21.36 -46.25
N LYS F 359 62.04 20.82 -47.22
CA LYS F 359 61.09 21.62 -47.99
C LYS F 359 59.83 21.88 -47.18
N PRO F 360 59.13 22.98 -47.43
CA PRO F 360 57.98 23.34 -46.59
C PRO F 360 56.95 22.22 -46.45
N ALA F 361 56.60 21.95 -45.18
CA ALA F 361 55.61 20.95 -44.79
C ALA F 361 55.99 19.54 -45.22
N GLY F 362 57.27 19.34 -45.59
CA GLY F 362 57.71 18.01 -45.94
C GLY F 362 57.19 17.46 -47.26
N TRP F 363 56.67 18.32 -48.15
CA TRP F 363 56.22 17.89 -49.47
C TRP F 363 57.39 17.83 -50.44
N TYR F 364 57.51 16.71 -51.16
CA TYR F 364 58.50 16.53 -52.23
C TYR F 364 57.79 15.98 -53.45
N SER F 365 58.07 16.55 -54.62
CA SER F 365 57.58 15.95 -55.83
C SER F 365 58.30 14.62 -56.03
N ILE F 366 57.66 13.71 -56.78
CA ILE F 366 58.30 12.43 -57.06
C ILE F 366 59.60 12.65 -57.83
N ASP F 367 59.61 13.60 -58.76
CA ASP F 367 60.83 13.90 -59.52
C ASP F 367 61.94 14.39 -58.60
N GLU F 368 61.60 15.27 -57.65
CA GLU F 368 62.61 15.79 -56.71
C GLU F 368 63.25 14.66 -55.92
N ALA F 369 62.42 13.77 -55.36
CA ALA F 369 62.94 12.66 -54.58
C ALA F 369 63.82 11.75 -55.44
N ARG F 370 63.39 11.48 -56.67
CA ARG F 370 64.20 10.65 -57.56
C ARG F 370 65.55 11.31 -57.85
N GLU F 371 65.57 12.64 -57.97
CA GLU F 371 66.84 13.34 -58.20
C GLU F 371 67.76 13.18 -57.00
N ILE F 372 67.21 13.30 -55.79
CA ILE F 372 68.01 13.15 -54.58
C ILE F 372 68.58 11.75 -54.51
N LEU F 373 67.74 10.75 -54.76
CA LEU F 373 68.23 9.38 -54.70
C LEU F 373 69.28 9.14 -55.77
N GLU F 374 69.07 9.75 -56.94
CA GLU F 374 70.01 9.60 -58.09
C GLU F 374 71.40 10.12 -57.70
N ILE F 375 71.47 11.26 -57.01
CA ILE F 375 72.76 11.84 -56.58
C ILE F 375 73.35 11.02 -55.46
N ALA F 376 72.53 10.62 -54.49
CA ALA F 376 73.06 9.80 -53.41
C ALA F 376 73.73 8.54 -53.95
N GLU F 377 73.06 7.85 -54.88
CA GLU F 377 73.61 6.62 -55.43
C GLU F 377 74.95 6.87 -56.13
N LYS F 378 75.04 7.98 -56.85
CA LYS F 378 76.26 8.29 -57.59
C LYS F 378 77.46 8.43 -56.65
N TYR F 379 77.24 8.97 -55.45
CA TYR F 379 78.32 9.20 -54.50
C TYR F 379 78.32 8.19 -53.36
N ASP F 380 77.61 7.08 -53.54
CA ASP F 380 77.56 5.99 -52.56
C ASP F 380 77.02 6.46 -51.22
N GLY F 381 76.03 7.35 -51.28
CA GLY F 381 75.37 7.84 -50.09
C GLY F 381 74.20 6.99 -49.65
N LYS F 382 73.96 7.07 -48.34
CA LYS F 382 72.89 6.34 -47.61
C LYS F 382 71.84 7.38 -47.17
N ILE F 383 70.56 7.03 -47.29
CA ILE F 383 69.45 7.95 -47.03
C ILE F 383 69.00 7.84 -45.58
N LYS F 384 68.90 8.99 -44.91
CA LYS F 384 68.33 9.13 -43.59
C LYS F 384 67.32 10.26 -43.65
N MET F 385 66.10 10.00 -43.17
CA MET F 385 65.07 11.03 -43.08
C MET F 385 65.10 11.63 -41.67
N THR F 386 65.20 12.96 -41.58
CA THR F 386 65.32 13.62 -40.29
C THR F 386 63.92 13.90 -39.70
N ASN F 387 63.89 14.22 -38.40
CA ASN F 387 62.64 14.53 -37.74
C ASN F 387 62.18 15.98 -37.99
N ARG F 388 62.82 16.68 -38.95
CA ARG F 388 62.27 17.89 -39.54
C ARG F 388 61.88 17.69 -41.00
N GLY F 389 61.83 16.44 -41.46
CA GLY F 389 61.36 16.14 -42.80
C GLY F 389 62.37 16.32 -43.90
N ALA F 390 63.66 16.27 -43.58
CA ALA F 390 64.72 16.48 -44.56
C ALA F 390 65.34 15.15 -44.98
N PHE F 391 65.77 15.10 -46.24
CA PHE F 391 66.68 14.06 -46.70
C PHE F 391 68.10 14.41 -46.25
N GLU F 392 68.76 13.48 -45.58
CA GLU F 392 70.15 13.65 -45.17
C GLU F 392 70.92 12.44 -45.69
N ILE F 393 72.00 12.71 -46.43
CA ILE F 393 72.73 11.67 -47.15
C ILE F 393 74.06 11.42 -46.46
N HIS F 394 74.27 10.18 -46.04
CA HIS F 394 75.41 9.82 -45.20
C HIS F 394 76.47 9.03 -45.94
N GLY F 395 77.70 9.17 -45.46
CA GLY F 395 78.81 8.36 -45.93
C GLY F 395 79.61 8.96 -47.06
N ILE F 396 79.54 10.27 -47.26
CA ILE F 396 80.19 10.90 -48.40
C ILE F 396 81.66 11.16 -48.07
N SER F 397 82.53 10.75 -48.98
CA SER F 397 83.95 11.00 -48.81
C SER F 397 84.24 12.50 -48.88
N GLY F 398 85.20 12.94 -48.07
CA GLY F 398 85.64 14.32 -48.16
C GLY F 398 86.04 14.73 -49.57
N PHE F 399 86.56 13.78 -50.36
CA PHE F 399 86.92 14.06 -51.74
C PHE F 399 85.72 14.35 -52.63
N ASP F 400 84.52 13.89 -52.25
CA ASP F 400 83.33 14.04 -53.08
C ASP F 400 82.39 15.12 -52.59
N VAL F 401 82.59 15.66 -51.38
CA VAL F 401 81.60 16.54 -50.77
C VAL F 401 81.31 17.72 -51.68
N GLU F 402 82.37 18.39 -52.18
CA GLU F 402 82.15 19.61 -52.94
C GLU F 402 81.41 19.32 -54.24
N ALA F 403 81.85 18.30 -54.98
CA ALA F 403 81.19 17.95 -56.23
C ALA F 403 79.73 17.58 -56.00
N MET F 404 79.44 16.85 -54.92
CA MET F 404 78.06 16.45 -54.67
C MET F 404 77.19 17.65 -54.30
N VAL F 405 77.67 18.52 -53.42
CA VAL F 405 76.89 19.70 -53.05
C VAL F 405 76.62 20.56 -54.27
N LEU F 406 77.62 20.75 -55.13
CA LEU F 406 77.42 21.55 -56.33
C LEU F 406 76.40 20.90 -57.25
N GLU F 407 76.42 19.56 -57.34
CA GLU F 407 75.43 18.86 -58.14
C GLU F 407 74.03 19.08 -57.59
N LEU F 408 73.88 19.01 -56.26
CA LEU F 408 72.59 19.27 -55.65
C LEU F 408 72.16 20.70 -55.89
N MET F 409 73.09 21.66 -55.76
CA MET F 409 72.71 23.08 -55.98
C MET F 409 72.28 23.28 -57.44
N GLU F 410 72.90 22.54 -58.36
CA GLU F 410 72.57 22.66 -59.81
C GLU F 410 71.14 22.17 -60.05
N LYS F 411 70.70 21.15 -59.30
CA LYS F 411 69.32 20.60 -59.44
C LYS F 411 68.31 21.52 -58.76
N GLY F 412 68.78 22.54 -58.03
CA GLY F 412 67.90 23.46 -57.39
C GLY F 412 67.74 23.18 -55.92
N PHE F 413 68.49 22.22 -55.40
CA PHE F 413 68.38 21.86 -54.01
C PHE F 413 69.26 22.76 -53.16
N ILE F 414 68.78 23.02 -51.95
CA ILE F 414 69.53 23.87 -50.98
C ILE F 414 70.02 22.98 -49.84
N THR F 415 71.35 22.85 -49.72
CA THR F 415 71.95 22.14 -48.60
C THR F 415 72.07 23.08 -47.40
N GLY F 416 71.67 22.62 -46.20
CA GLY F 416 71.68 23.53 -45.07
C GLY F 416 70.96 22.97 -43.88
N SER F 417 70.34 23.87 -43.11
CA SER F 417 69.67 23.52 -41.86
C SER F 417 70.67 22.97 -40.84
N GLU F 418 71.88 23.51 -40.85
CA GLU F 418 72.94 23.11 -39.93
C GLU F 418 73.72 24.34 -39.50
N GLY F 419 74.21 24.32 -38.26
CA GLY F 419 74.99 25.43 -37.74
C GLY F 419 74.17 26.54 -37.13
N PRO F 420 74.85 27.61 -36.65
CA PRO F 420 74.11 28.68 -35.93
C PRO F 420 73.34 29.63 -36.85
N LEU F 421 72.13 29.21 -37.21
CA LEU F 421 71.28 29.97 -38.12
C LEU F 421 69.84 29.45 -38.03
N VAL F 422 68.96 30.11 -38.77
CA VAL F 422 67.55 29.73 -38.85
C VAL F 422 67.45 28.43 -39.64
N ARG F 423 67.06 27.36 -38.95
CA ARG F 423 66.94 26.02 -39.51
C ARG F 423 65.65 25.90 -40.33
N ALA F 424 65.53 24.75 -41.02
CA ALA F 424 64.35 24.51 -41.83
C ALA F 424 63.10 24.67 -40.99
N THR F 425 62.17 25.52 -41.45
CA THR F 425 60.90 25.70 -40.76
C THR F 425 60.08 24.43 -40.86
N LEU F 426 59.51 23.98 -39.73
CA LEU F 426 58.77 22.73 -39.66
C LEU F 426 57.27 22.99 -39.64
N ALA F 427 56.57 22.47 -40.64
CA ALA F 427 55.13 22.66 -40.76
C ALA F 427 54.46 21.32 -41.00
N CYS F 428 53.23 21.21 -40.55
CA CYS F 428 52.42 20.03 -40.82
C CYS F 428 51.63 20.23 -42.12
N PRO F 429 50.83 19.23 -42.55
CA PRO F 429 50.08 19.41 -43.81
C PRO F 429 49.03 20.51 -43.75
N GLY F 430 48.45 20.80 -42.59
CA GLY F 430 47.53 21.92 -42.50
C GLY F 430 46.19 21.77 -43.25
N GLU F 431 45.56 22.93 -43.43
CA GLU F 431 44.18 22.96 -43.93
C GLU F 431 44.08 22.38 -45.34
N GLY F 432 42.97 21.70 -45.60
CA GLY F 432 42.72 21.11 -46.90
C GLY F 432 43.49 19.85 -47.17
N ASN F 433 44.43 19.48 -46.31
CA ASN F 433 45.13 18.21 -46.37
C ASN F 433 44.72 17.38 -45.17
N CYS F 434 45.08 17.80 -43.97
CA CYS F 434 44.59 17.22 -42.73
C CYS F 434 43.19 17.71 -42.41
N GLY F 435 42.31 16.78 -42.03
CA GLY F 435 40.95 17.13 -41.65
C GLY F 435 40.84 18.07 -40.47
N SER F 436 41.87 18.16 -39.63
CA SER F 436 41.84 19.08 -38.50
C SER F 436 42.47 20.44 -38.81
N GLY F 437 43.03 20.63 -40.00
CA GLY F 437 43.79 21.84 -40.29
C GLY F 437 42.92 23.07 -40.40
N LEU F 438 43.40 24.17 -39.79
CA LEU F 438 42.68 25.43 -39.75
C LEU F 438 43.34 26.55 -40.55
N ILE F 439 44.63 26.42 -40.88
CA ILE F 439 45.37 27.43 -41.61
C ILE F 439 46.21 26.75 -42.69
N ASN F 440 46.62 27.56 -43.68
CA ASN F 440 47.48 27.11 -44.78
C ASN F 440 48.93 27.11 -44.29
N THR F 441 49.32 25.99 -43.68
CA THR F 441 50.65 25.86 -43.09
C THR F 441 51.75 25.84 -44.16
N THR F 442 51.50 25.19 -45.29
CA THR F 442 52.51 25.10 -46.33
C THR F 442 52.87 26.48 -46.86
N GLU F 443 51.85 27.29 -47.14
CA GLU F 443 52.11 28.61 -47.69
C GLU F 443 52.81 29.50 -46.66
N LEU F 444 52.37 29.46 -45.40
CA LEU F 444 53.04 30.25 -44.36
C LEU F 444 54.48 29.80 -44.18
N CYS F 445 54.71 28.48 -44.23
CA CYS F 445 56.07 27.95 -44.12
C CYS F 445 56.94 28.42 -45.27
N LYS F 446 56.41 28.40 -46.49
CA LYS F 446 57.15 28.92 -47.64
C LYS F 446 57.49 30.40 -47.47
N ILE F 447 56.55 31.18 -46.95
CA ILE F 447 56.78 32.61 -46.74
C ILE F 447 57.91 32.80 -45.73
N LEU F 448 57.87 32.06 -44.63
CA LEU F 448 58.91 32.21 -43.61
C LEU F 448 60.27 31.78 -44.15
N GLU F 449 60.29 30.69 -44.91
CA GLU F 449 61.54 30.24 -45.53
C GLU F 449 62.08 31.30 -46.49
N ASP F 450 61.21 31.82 -47.35
CA ASP F 450 61.67 32.85 -48.33
C ASP F 450 62.29 34.04 -47.57
N ASN F 451 61.65 34.43 -46.47
CA ASN F 451 62.13 35.56 -45.65
C ASN F 451 63.38 35.28 -44.80
N PHE F 452 63.51 34.09 -44.20
CA PHE F 452 64.62 33.90 -43.22
C PHE F 452 65.45 32.62 -43.34
N LYS F 453 65.37 31.89 -44.45
N LYS F 453 65.38 31.89 -44.46
CA LYS F 453 66.17 30.63 -44.55
CA LYS F 453 66.17 30.62 -44.54
C LYS F 453 67.67 30.91 -44.46
C LYS F 453 67.67 30.92 -44.45
N GLU F 454 68.36 30.16 -43.61
CA GLU F 454 69.84 30.27 -43.38
C GLU F 454 70.26 31.63 -42.82
N HIS F 455 69.35 32.45 -42.28
CA HIS F 455 69.81 33.71 -41.70
C HIS F 455 70.60 33.42 -40.42
N PRO F 456 71.72 34.11 -40.22
CA PRO F 456 72.58 33.78 -39.07
C PRO F 456 71.92 34.14 -37.75
N ALA F 457 72.25 33.38 -36.72
CA ALA F 457 71.81 33.65 -35.35
C ALA F 457 72.91 33.24 -34.39
N PRO F 458 72.89 33.73 -33.15
CA PRO F 458 73.94 33.33 -32.20
C PRO F 458 74.02 31.81 -31.96
N TYR F 459 72.92 31.09 -32.12
CA TYR F 459 72.86 29.64 -31.95
C TYR F 459 71.69 29.18 -32.82
N LYS F 460 71.51 27.87 -32.94
CA LYS F 460 70.44 27.36 -33.80
C LYS F 460 69.09 27.97 -33.42
N PHE F 461 68.27 28.22 -34.44
CA PHE F 461 67.00 28.95 -34.29
C PHE F 461 65.97 28.21 -35.11
N LYS F 462 64.93 27.69 -34.46
CA LYS F 462 64.00 26.77 -35.09
C LYS F 462 62.58 27.31 -34.97
N ILE F 463 61.87 27.33 -36.10
CA ILE F 463 60.48 27.76 -36.18
C ILE F 463 59.60 26.57 -36.55
N ALA F 464 58.41 26.49 -35.95
CA ALA F 464 57.44 25.45 -36.27
C ALA F 464 56.05 26.04 -36.45
N ILE F 465 55.27 25.49 -37.38
CA ILE F 465 53.92 25.96 -37.73
C ILE F 465 52.99 24.76 -37.70
N SER F 466 52.07 24.72 -36.74
CA SER F 466 51.05 23.68 -36.73
C SER F 466 49.74 24.23 -37.28
N GLY F 467 48.99 23.34 -37.94
CA GLY F 467 47.72 23.72 -38.55
C GLY F 467 46.58 23.86 -37.57
N CYS F 468 46.72 23.33 -36.37
CA CYS F 468 45.69 23.36 -35.34
C CYS F 468 46.34 23.17 -33.98
N PRO F 469 45.57 23.27 -32.90
CA PRO F 469 46.15 23.15 -31.54
C PRO F 469 46.62 21.74 -31.15
N ASN F 470 46.43 20.73 -31.99
CA ASN F 470 47.08 19.45 -31.70
C ASN F 470 48.60 19.59 -31.73
N LYS F 471 49.13 20.57 -32.46
CA LYS F 471 50.53 21.00 -32.35
C LYS F 471 51.47 19.83 -32.60
N CYS F 472 51.20 19.10 -33.69
CA CYS F 472 51.98 17.92 -34.01
C CYS F 472 53.46 18.23 -34.20
N VAL F 473 53.78 19.42 -34.70
CA VAL F 473 55.18 19.77 -34.95
C VAL F 473 55.78 20.58 -33.80
N ARG F 474 55.04 20.75 -32.69
CA ARG F 474 55.51 21.28 -31.41
C ARG F 474 55.88 22.78 -31.41
N PRO F 475 55.01 23.64 -31.92
CA PRO F 475 55.31 25.09 -31.89
C PRO F 475 55.45 25.68 -30.49
N GLN F 476 54.88 25.04 -29.46
CA GLN F 476 54.95 25.59 -28.11
C GLN F 476 56.29 25.34 -27.42
N ILE F 477 57.21 24.60 -28.05
CA ILE F 477 58.56 24.47 -27.54
C ILE F 477 59.55 24.71 -28.68
N HIS F 478 59.29 25.72 -29.50
CA HIS F 478 60.18 26.18 -30.58
C HIS F 478 60.59 27.63 -30.32
N ASP F 479 61.68 28.04 -30.96
CA ASP F 479 62.16 29.42 -30.80
C ASP F 479 61.06 30.41 -31.20
N ILE F 480 60.39 30.15 -32.31
CA ILE F 480 59.14 30.80 -32.69
C ILE F 480 58.16 29.69 -33.06
N GLY F 481 56.97 29.76 -32.51
CA GLY F 481 55.93 28.79 -32.81
C GLY F 481 54.66 29.48 -33.26
N ILE F 482 53.99 28.86 -34.23
CA ILE F 482 52.71 29.31 -34.74
C ILE F 482 51.77 28.12 -34.71
N ALA F 483 50.55 28.35 -34.22
CA ALA F 483 49.50 27.33 -34.25
C ALA F 483 48.21 27.97 -34.75
N GLY F 484 47.59 27.32 -35.73
CA GLY F 484 46.29 27.77 -36.17
C GLY F 484 45.25 27.53 -35.08
N VAL F 485 44.38 28.53 -34.89
CA VAL F 485 43.30 28.41 -33.91
C VAL F 485 42.00 28.93 -34.49
N LYS F 486 40.90 28.39 -33.96
CA LYS F 486 39.52 28.80 -34.34
C LYS F 486 38.64 28.58 -33.11
N PHE F 487 38.31 29.65 -32.39
CA PHE F 487 37.54 29.53 -31.16
C PHE F 487 36.04 29.66 -31.48
N PRO F 488 35.19 28.89 -30.80
CA PRO F 488 33.76 28.93 -31.08
C PRO F 488 33.04 29.91 -30.18
N VAL F 489 31.85 30.31 -30.63
CA VAL F 489 30.88 30.99 -29.79
C VAL F 489 29.50 30.42 -30.15
N VAL F 490 28.78 29.96 -29.13
CA VAL F 490 27.45 29.33 -29.34
C VAL F 490 26.47 30.34 -29.90
N ASN F 491 25.72 29.93 -30.93
CA ASN F 491 24.63 30.79 -31.47
C ASN F 491 23.39 30.37 -30.66
N GLU F 492 22.93 31.25 -29.76
CA GLU F 492 21.80 30.94 -28.85
C GLU F 492 20.50 30.65 -29.63
N GLU F 493 20.29 31.34 -30.74
CA GLU F 493 19.06 31.13 -31.55
C GLU F 493 19.01 29.70 -32.13
N ASN F 494 20.16 29.15 -32.53
CA ASN F 494 20.18 27.83 -33.22
C ASN F 494 20.51 26.63 -32.32
N CYS F 495 21.39 26.78 -31.32
CA CYS F 495 21.75 25.60 -30.54
C CYS F 495 20.52 25.05 -29.84
N ASN F 496 20.35 23.72 -29.89
CA ASN F 496 19.18 23.07 -29.28
C ASN F 496 19.58 22.01 -28.24
N GLY F 497 20.85 22.00 -27.81
CA GLY F 497 21.32 21.09 -26.78
C GLY F 497 21.39 19.64 -27.21
N CYS F 498 21.44 19.38 -28.53
CA CYS F 498 21.51 18.02 -29.06
C CYS F 498 22.62 17.19 -28.43
N GLY F 499 23.77 17.83 -28.11
CA GLY F 499 24.85 17.15 -27.42
C GLY F 499 26.00 16.68 -28.30
N ARG F 500 25.90 16.82 -29.61
CA ARG F 500 26.92 16.26 -30.50
C ARG F 500 28.29 16.90 -30.29
N CYS F 501 28.33 18.22 -30.18
CA CYS F 501 29.63 18.92 -30.09
C CYS F 501 30.45 18.44 -28.91
N ALA F 502 29.82 18.18 -27.76
CA ALA F 502 30.59 17.75 -26.61
C ALA F 502 31.34 16.46 -26.88
N GLU F 503 30.80 15.61 -27.76
CA GLU F 503 31.41 14.32 -28.05
C GLU F 503 32.71 14.44 -28.83
N VAL F 504 32.89 15.51 -29.60
CA VAL F 504 34.12 15.64 -30.38
C VAL F 504 35.18 16.43 -29.65
N CYS F 505 34.87 16.96 -28.46
CA CYS F 505 35.81 17.79 -27.69
C CYS F 505 36.53 16.88 -26.71
N LYS F 506 37.73 16.44 -27.08
CA LYS F 506 38.43 15.48 -26.23
C LYS F 506 38.83 16.06 -24.89
N ILE F 507 39.04 17.38 -24.81
CA ILE F 507 39.43 17.98 -23.55
C ILE F 507 38.23 18.39 -22.71
N GLU F 508 37.00 18.11 -23.18
CA GLU F 508 35.78 18.25 -22.40
C GLU F 508 35.55 19.69 -21.94
N ALA F 509 35.61 20.61 -22.90
CA ALA F 509 35.41 22.03 -22.64
C ALA F 509 33.94 22.45 -22.76
N ILE F 510 33.05 21.54 -23.15
CA ILE F 510 31.70 21.89 -23.52
C ILE F 510 30.72 21.36 -22.47
N ASP F 511 29.82 22.25 -22.06
CA ASP F 511 28.73 21.96 -21.12
C ASP F 511 27.39 21.93 -21.89
N ILE F 512 26.81 20.74 -22.09
CA ILE F 512 25.48 20.61 -22.68
C ILE F 512 24.48 20.78 -21.54
N ARG F 513 23.57 21.74 -21.66
CA ARG F 513 22.61 22.02 -20.59
C ARG F 513 21.25 22.27 -21.20
N GLY F 514 20.30 21.39 -20.90
CA GLY F 514 18.94 21.59 -21.40
C GLY F 514 18.89 21.75 -22.89
N GLU F 515 18.38 22.90 -23.36
CA GLU F 515 18.23 23.16 -24.78
C GLU F 515 19.34 24.06 -25.35
N THR F 516 20.51 24.07 -24.73
CA THR F 516 21.59 24.94 -25.20
C THR F 516 22.93 24.31 -24.81
N SER F 517 24.02 25.00 -25.11
CA SER F 517 25.34 24.52 -24.77
C SER F 517 26.22 25.73 -24.43
N TYR F 518 27.35 25.44 -23.78
CA TYR F 518 28.31 26.45 -23.35
C TYR F 518 29.73 25.99 -23.65
N THR F 519 30.66 26.94 -23.69
CA THR F 519 32.08 26.65 -23.83
C THR F 519 32.84 27.22 -22.63
N ASN F 520 33.69 26.38 -22.03
CA ASN F 520 34.61 26.82 -20.96
C ASN F 520 35.89 27.32 -21.63
N TYR F 521 36.01 28.65 -21.76
CA TYR F 521 37.15 29.26 -22.45
C TYR F 521 38.43 29.23 -21.64
N ASN F 522 38.38 28.79 -20.38
CA ASN F 522 39.63 28.54 -19.66
C ASN F 522 40.25 27.20 -20.01
N VAL F 523 39.52 26.36 -20.76
CA VAL F 523 40.00 25.06 -21.23
C VAL F 523 40.08 25.01 -22.74
N CYS F 524 39.07 25.54 -23.43
CA CYS F 524 39.01 25.49 -24.89
C CYS F 524 40.32 25.97 -25.52
N ILE F 525 40.85 25.16 -26.44
CA ILE F 525 42.10 25.47 -27.12
C ILE F 525 41.87 25.95 -28.55
N GLY F 526 40.61 26.13 -28.96
CA GLY F 526 40.33 26.66 -30.29
C GLY F 526 40.68 25.73 -31.43
N CYS F 527 40.32 24.44 -31.32
CA CYS F 527 40.52 23.52 -32.41
C CYS F 527 39.42 23.62 -33.45
N GLY F 528 38.28 24.20 -33.09
CA GLY F 528 37.15 24.41 -34.03
C GLY F 528 36.37 23.16 -34.40
N LYS F 529 36.67 22.02 -33.78
N LYS F 529 36.67 22.02 -33.77
CA LYS F 529 35.97 20.74 -34.13
CA LYS F 529 35.97 20.76 -34.14
C LYS F 529 34.47 20.82 -33.84
C LYS F 529 34.46 20.85 -33.87
N CYS F 530 34.09 21.48 -32.75
CA CYS F 530 32.65 21.60 -32.38
C CYS F 530 31.90 22.40 -33.45
N ILE F 531 32.57 23.36 -34.08
CA ILE F 531 31.95 24.15 -35.14
C ILE F 531 31.67 23.29 -36.37
N LYS F 532 32.66 22.48 -36.72
CA LYS F 532 32.54 21.59 -37.89
C LYS F 532 31.58 20.43 -37.56
N ALA F 533 31.47 20.02 -36.30
CA ALA F 533 30.63 18.87 -36.00
C ALA F 533 29.16 19.21 -35.81
N CYS F 534 28.83 20.46 -35.53
CA CYS F 534 27.45 20.79 -35.20
C CYS F 534 26.57 20.64 -36.43
N PRO F 535 25.44 19.93 -36.33
CA PRO F 535 24.54 19.80 -37.50
C PRO F 535 23.46 20.87 -37.60
N ASN F 536 23.44 21.85 -36.67
CA ASN F 536 22.33 22.79 -36.49
C ASN F 536 22.78 24.24 -36.58
N GLU F 537 23.96 24.50 -37.13
CA GLU F 537 24.50 25.87 -37.20
C GLU F 537 24.49 26.56 -35.83
N GLY F 538 24.83 25.78 -34.80
CA GLY F 538 24.78 26.24 -33.44
C GLY F 538 26.02 26.89 -32.90
N ARG F 539 27.15 26.82 -33.62
CA ARG F 539 28.40 27.41 -33.16
C ARG F 539 28.99 28.25 -34.30
N ASP F 540 29.28 29.52 -34.00
CA ASP F 540 29.92 30.44 -34.92
C ASP F 540 31.38 30.62 -34.50
N VAL F 541 32.14 31.35 -35.32
CA VAL F 541 33.54 31.64 -35.02
C VAL F 541 33.63 32.89 -34.14
N LYS F 542 34.23 32.74 -32.96
CA LYS F 542 34.49 33.87 -32.06
C LYS F 542 35.74 34.63 -32.48
N GLU F 543 36.80 33.89 -32.79
CA GLU F 543 38.12 34.45 -33.08
C GLU F 543 38.88 33.34 -33.81
N GLU F 544 39.69 33.72 -34.79
CA GLU F 544 40.49 32.73 -35.50
C GLU F 544 41.75 33.38 -36.04
N GLY F 545 42.81 32.58 -36.20
CA GLY F 545 44.03 33.13 -36.80
C GLY F 545 45.28 32.35 -36.38
N PHE F 546 46.42 33.07 -36.39
CA PHE F 546 47.73 32.48 -36.14
C PHE F 546 48.14 32.82 -34.71
N MET F 547 48.09 31.81 -33.83
CA MET F 547 48.57 31.97 -32.46
C MET F 547 50.09 31.84 -32.41
N VAL F 548 50.74 32.72 -31.66
CA VAL F 548 52.20 32.83 -31.69
C VAL F 548 52.80 32.58 -30.31
N TYR F 549 53.92 31.84 -30.30
CA TYR F 549 54.71 31.55 -29.11
C TYR F 549 56.15 31.98 -29.37
N VAL F 550 56.82 32.53 -28.36
CA VAL F 550 58.20 32.99 -28.52
C VAL F 550 59.07 32.46 -27.37
N GLY F 551 60.18 31.81 -27.74
CA GLY F 551 61.23 31.49 -26.79
C GLY F 551 61.22 30.10 -26.19
N GLY F 552 60.75 29.10 -26.91
CA GLY F 552 60.79 27.72 -26.44
C GLY F 552 61.97 26.95 -27.06
N LYS F 553 62.16 25.73 -26.57
CA LYS F 553 63.14 24.83 -27.14
C LYS F 553 62.93 23.42 -26.61
N THR F 554 63.58 22.50 -27.29
CA THR F 554 63.76 21.14 -26.74
C THR F 554 65.27 20.91 -26.70
N GLY F 555 65.69 19.66 -26.66
CA GLY F 555 67.09 19.31 -26.65
C GLY F 555 67.59 19.00 -25.25
N ARG F 556 68.65 19.68 -24.82
CA ARG F 556 69.20 19.43 -23.48
C ARG F 556 68.21 19.82 -22.39
N GLU F 557 67.35 20.81 -22.65
CA GLU F 557 66.30 21.25 -21.75
C GLU F 557 65.02 21.44 -22.56
N VAL F 558 63.87 21.30 -21.89
CA VAL F 558 62.55 21.58 -22.46
C VAL F 558 62.09 22.92 -21.90
N ILE F 559 61.80 23.88 -22.80
CA ILE F 559 61.26 25.18 -22.39
C ILE F 559 60.06 25.52 -23.27
N GLU F 560 58.94 25.84 -22.63
CA GLU F 560 57.76 26.27 -23.35
C GLU F 560 57.86 27.77 -23.61
N GLY F 561 57.64 28.16 -24.87
CA GLY F 561 57.68 29.56 -25.22
C GLY F 561 56.58 30.37 -24.54
N VAL F 562 56.80 31.68 -24.50
CA VAL F 562 55.81 32.63 -23.98
C VAL F 562 54.69 32.76 -25.00
N SER F 563 53.46 32.50 -24.57
CA SER F 563 52.31 32.76 -25.42
C SER F 563 52.16 34.25 -25.66
N MET F 564 51.93 34.64 -26.92
CA MET F 564 51.84 36.05 -27.28
C MET F 564 50.40 36.43 -27.52
N LYS F 565 49.88 36.25 -28.74
CA LYS F 565 48.56 36.68 -29.18
C LYS F 565 48.43 36.21 -30.64
N LEU F 566 47.23 36.40 -31.20
CA LEU F 566 47.06 36.15 -32.62
C LEU F 566 47.72 37.27 -33.42
N MET F 567 48.39 36.91 -34.49
CA MET F 567 49.12 37.88 -35.30
C MET F 567 48.88 37.60 -36.78
N SER F 568 48.98 38.66 -37.58
CA SER F 568 48.87 38.54 -39.05
C SER F 568 50.21 38.05 -39.59
N VAL F 569 50.26 37.66 -40.86
N VAL F 569 50.25 37.66 -40.87
CA VAL F 569 51.54 37.18 -41.45
CA VAL F 569 51.52 37.19 -41.47
C VAL F 569 52.54 38.35 -41.50
C VAL F 569 52.52 38.36 -41.48
N GLU F 570 52.05 39.57 -41.79
CA GLU F 570 52.93 40.76 -41.82
C GLU F 570 53.54 40.98 -40.42
N GLU F 571 52.72 40.83 -39.37
CA GLU F 571 53.23 40.99 -38.01
C GLU F 571 54.22 39.89 -37.64
N ILE F 572 53.95 38.65 -38.07
CA ILE F 572 54.86 37.55 -37.76
C ILE F 572 56.24 37.79 -38.40
N LEU F 573 56.26 38.28 -39.64
CA LEU F 573 57.52 38.55 -40.31
C LEU F 573 58.30 39.63 -39.57
N ASN F 574 57.59 40.70 -39.17
CA ASN F 574 58.20 41.77 -38.38
C ASN F 574 58.74 41.21 -37.08
N LEU F 575 57.94 40.39 -36.41
CA LEU F 575 58.34 39.81 -35.13
C LEU F 575 59.61 38.97 -35.25
N ILE F 576 59.66 38.06 -36.21
CA ILE F 576 60.82 37.18 -36.32
C ILE F 576 62.07 38.01 -36.59
N ASP F 577 61.95 39.00 -37.47
CA ASP F 577 63.08 39.87 -37.76
C ASP F 577 63.58 40.55 -36.50
N LYS F 578 62.66 41.09 -35.69
CA LYS F 578 63.09 41.82 -34.50
C LYS F 578 63.54 40.88 -33.37
N VAL F 579 62.95 39.70 -33.25
CA VAL F 579 63.43 38.74 -32.27
C VAL F 579 64.90 38.40 -32.54
N LEU F 580 65.25 38.18 -33.81
CA LEU F 580 66.63 37.87 -34.13
C LEU F 580 67.57 39.03 -33.80
N ILE F 581 67.11 40.26 -34.02
CA ILE F 581 67.94 41.43 -33.73
C ILE F 581 68.20 41.52 -32.23
N VAL F 582 67.15 41.39 -31.42
CA VAL F 582 67.31 41.50 -29.97
C VAL F 582 68.08 40.31 -29.43
N TYR F 583 67.87 39.12 -30.00
CA TYR F 583 68.67 37.95 -29.64
C TYR F 583 70.15 38.22 -29.91
N HIS F 584 70.44 38.81 -31.07
N HIS F 584 70.48 38.75 -31.08
CA HIS F 584 71.84 39.12 -31.46
CA HIS F 584 71.88 39.07 -31.37
C HIS F 584 72.42 40.18 -30.52
C HIS F 584 72.42 40.11 -30.40
N LYS F 585 71.57 41.07 -30.01
CA LYS F 585 72.06 42.17 -29.17
C LYS F 585 72.51 41.66 -27.81
N TYR F 586 71.78 40.70 -27.23
CA TYR F 586 72.00 40.29 -25.85
C TYR F 586 72.73 38.96 -25.71
N ALA F 587 72.86 38.19 -26.78
CA ALA F 587 73.57 36.90 -26.70
C ALA F 587 75.04 37.17 -26.44
N LYS F 588 75.64 36.40 -25.52
CA LYS F 588 77.08 36.56 -25.17
C LYS F 588 77.87 35.27 -25.41
N LYS F 589 77.19 34.16 -25.69
CA LYS F 589 77.88 32.86 -25.86
C LYS F 589 77.34 32.23 -27.12
N PRO F 590 77.85 32.65 -28.28
CA PRO F 590 77.49 31.98 -29.52
C PRO F 590 77.69 30.47 -29.41
N GLN F 591 76.77 29.72 -30.02
CA GLN F 591 76.77 28.27 -30.07
C GLN F 591 76.48 27.60 -28.73
N ARG F 592 76.03 28.37 -27.74
CA ARG F 592 75.71 27.82 -26.42
C ARG F 592 74.39 28.38 -25.88
N GLU F 593 74.13 29.67 -26.13
CA GLU F 593 72.95 30.34 -25.59
C GLU F 593 71.86 30.35 -26.65
N ARG F 594 70.81 29.55 -26.45
CA ARG F 594 69.63 29.64 -27.30
C ARG F 594 68.84 30.90 -26.96
N LEU F 595 67.89 31.24 -27.85
CA LEU F 595 67.00 32.35 -27.57
C LEU F 595 66.38 32.24 -26.18
N ALA F 596 65.89 31.05 -25.83
CA ALA F 596 65.26 30.90 -24.52
C ALA F 596 66.21 31.27 -23.38
N ALA F 597 67.49 30.90 -23.51
CA ALA F 597 68.47 31.19 -22.48
C ALA F 597 68.73 32.69 -22.36
N VAL F 598 68.77 33.40 -23.50
CA VAL F 598 68.97 34.85 -23.46
C VAL F 598 67.77 35.53 -22.79
N MET F 599 66.56 35.12 -23.14
CA MET F 599 65.36 35.66 -22.52
C MET F 599 65.36 35.42 -21.01
N ALA F 600 65.75 34.22 -20.59
CA ALA F 600 65.77 33.91 -19.16
C ALA F 600 66.80 34.77 -18.43
N ARG F 601 67.96 35.00 -19.06
CA ARG F 601 69.03 35.76 -18.42
C ARG F 601 68.65 37.21 -18.22
N ILE F 602 68.04 37.85 -19.23
CA ILE F 602 67.79 39.28 -19.12
C ILE F 602 66.37 39.61 -18.65
N GLY F 603 65.47 38.64 -18.59
CA GLY F 603 64.09 38.89 -18.22
C GLY F 603 63.21 38.76 -19.45
N LYS F 604 62.19 37.90 -19.36
CA LYS F 604 61.33 37.67 -20.51
C LYS F 604 60.61 38.94 -20.92
N GLY F 605 60.11 39.69 -19.92
CA GLY F 605 59.41 40.93 -20.22
C GLY F 605 60.33 41.95 -20.88
N LYS F 606 61.55 42.10 -20.36
CA LYS F 606 62.49 43.03 -20.97
C LYS F 606 62.75 42.66 -22.41
N PHE F 607 63.00 41.37 -22.68
CA PHE F 607 63.32 40.95 -24.02
C PHE F 607 62.16 41.26 -24.97
N LEU F 608 60.94 40.84 -24.60
CA LEU F 608 59.80 41.01 -25.49
C LEU F 608 59.41 42.48 -25.65
N GLU F 609 59.67 43.27 -24.61
CA GLU F 609 59.37 44.73 -24.64
C GLU F 609 60.24 45.39 -25.73
N GLU F 610 61.52 45.01 -25.77
CA GLU F 610 62.43 45.58 -26.76
C GLU F 610 62.04 45.14 -28.15
N VAL F 611 61.64 43.87 -28.29
CA VAL F 611 61.15 43.39 -29.59
C VAL F 611 59.98 44.23 -30.05
N LYS F 612 59.01 44.47 -29.16
CA LYS F 612 57.84 45.24 -29.57
C LYS F 612 58.21 46.65 -29.99
N GLU F 613 59.13 47.28 -29.26
CA GLU F 613 59.57 48.64 -29.59
C GLU F 613 60.18 48.68 -30.99
N LEU F 614 61.01 47.70 -31.31
CA LEU F 614 61.58 47.64 -32.66
C LEU F 614 60.50 47.37 -33.71
N MET F 615 59.51 46.55 -33.38
CA MET F 615 58.44 46.27 -34.35
C MET F 615 57.67 47.54 -34.69
N GLU F 616 57.45 48.39 -33.70
CA GLU F 616 56.68 49.62 -33.91
C GLU F 616 57.49 50.66 -34.66
N GLN F 617 58.81 50.63 -34.52
CA GLN F 617 59.66 51.52 -35.31
C GLN F 617 59.69 51.08 -36.77
N ASN F 618 59.55 49.77 -37.01
CA ASN F 618 59.56 49.20 -38.35
C ASN F 618 58.56 49.91 -39.27
N MET G 1 5.43 24.05 2.73
CA MET G 1 5.19 22.59 2.55
C MET G 1 6.36 21.98 1.76
N TYR G 2 6.62 22.51 0.56
CA TYR G 2 7.74 22.03 -0.29
C TYR G 2 9.07 22.37 0.40
N GLU G 3 10.09 21.51 0.25
CA GLU G 3 11.39 21.80 0.86
C GLU G 3 12.05 22.96 0.13
N TRP G 4 12.42 24.00 0.89
CA TRP G 4 12.99 25.23 0.34
C TRP G 4 13.91 25.87 1.38
N LYS G 5 15.20 25.97 1.05
CA LYS G 5 16.20 26.36 2.04
C LYS G 5 15.88 27.69 2.70
N LEU G 6 15.33 28.65 1.94
CA LEU G 6 15.05 29.96 2.51
C LEU G 6 13.91 29.95 3.52
N ASN G 7 13.22 28.83 3.70
CA ASN G 7 12.24 28.75 4.78
C ASN G 7 12.88 28.97 6.14
N ASP G 8 14.19 28.69 6.25
CA ASP G 8 14.94 29.02 7.46
C ASP G 8 14.83 30.51 7.80
N ILE G 9 14.81 31.35 6.77
CA ILE G 9 14.63 32.79 6.97
C ILE G 9 13.15 33.14 7.13
N VAL G 10 12.33 32.69 6.18
CA VAL G 10 10.95 33.15 6.11
C VAL G 10 10.13 32.67 7.30
N ASP G 11 10.28 31.40 7.69
CA ASP G 11 9.45 30.83 8.75
C ASP G 11 9.89 31.24 10.15
N ASN G 12 11.02 31.95 10.28
CA ASN G 12 11.55 32.37 11.57
C ASN G 12 11.49 33.88 11.78
N GLY G 13 10.71 34.60 10.96
CA GLY G 13 10.50 36.03 11.15
C GLY G 13 11.66 36.94 10.80
N ILE G 14 12.62 36.46 10.01
CA ILE G 14 13.78 37.24 9.60
C ILE G 14 13.61 37.80 8.19
N CYS G 15 12.68 37.27 7.41
CA CYS G 15 12.49 37.72 6.04
C CYS G 15 12.06 39.19 6.00
N ALA G 16 12.77 39.98 5.18
CA ALA G 16 12.45 41.39 4.99
C ALA G 16 11.21 41.61 4.11
N LYS G 17 10.75 40.57 3.41
CA LYS G 17 9.68 40.68 2.41
C LYS G 17 10.04 41.72 1.35
N CYS G 18 11.29 41.64 0.87
CA CYS G 18 11.81 42.50 -0.20
C CYS G 18 11.42 42.02 -1.59
N GLY G 19 11.34 40.71 -1.79
CA GLY G 19 11.00 40.13 -3.09
C GLY G 19 12.16 39.79 -4.02
N THR G 20 13.41 39.99 -3.60
CA THR G 20 14.55 39.75 -4.49
C THR G 20 14.63 38.28 -4.93
N CYS G 21 14.51 37.36 -3.99
CA CYS G 21 14.63 35.94 -4.27
C CYS G 21 13.65 35.48 -5.35
N THR G 22 12.45 36.06 -5.38
CA THR G 22 11.43 35.52 -6.28
C THR G 22 11.57 36.00 -7.72
N VAL G 23 12.45 36.95 -7.99
CA VAL G 23 12.64 37.36 -9.37
C VAL G 23 13.78 36.64 -10.06
N VAL G 24 14.63 35.90 -9.33
CA VAL G 24 15.82 35.32 -9.95
C VAL G 24 15.64 33.88 -10.39
N CYS G 25 14.51 33.25 -10.09
CA CYS G 25 14.37 31.81 -10.30
C CYS G 25 14.29 31.51 -11.79
N PRO G 26 15.20 30.71 -12.36
CA PRO G 26 15.17 30.44 -13.81
C PRO G 26 14.08 29.47 -14.25
N ASN G 27 13.43 28.79 -13.30
CA ASN G 27 12.31 27.91 -13.58
C ASN G 27 10.97 28.58 -13.30
N GLY G 28 10.98 29.81 -12.80
CA GLY G 28 9.75 30.55 -12.59
C GLY G 28 8.81 29.90 -11.61
N ILE G 29 9.33 29.15 -10.64
CA ILE G 29 8.49 28.43 -9.69
C ILE G 29 8.41 29.14 -8.35
N LEU G 30 8.86 30.38 -8.27
CA LEU G 30 8.68 31.20 -7.09
C LEU G 30 7.70 32.32 -7.42
N THR G 31 6.77 32.56 -6.51
CA THR G 31 5.87 33.69 -6.61
C THR G 31 5.92 34.42 -5.28
N PHE G 32 5.52 35.68 -5.30
CA PHE G 32 5.49 36.46 -4.03
C PHE G 32 4.05 36.94 -3.78
N GLU G 33 3.41 36.35 -2.77
CA GLU G 33 2.03 36.74 -2.36
C GLU G 33 2.18 37.61 -1.11
N ASP G 34 2.02 37.02 0.07
CA ASP G 34 2.29 37.75 1.34
C ASP G 34 3.74 37.46 1.76
N ARG G 35 4.36 36.47 1.11
CA ARG G 35 5.75 36.03 1.36
C ARG G 35 6.25 35.25 0.14
N PRO G 36 7.56 34.98 0.01
CA PRO G 36 8.08 34.21 -1.11
C PRO G 36 7.60 32.77 -0.94
N LYS G 37 7.11 32.13 -2.01
CA LYS G 37 6.54 30.76 -1.91
C LYS G 37 6.84 29.92 -3.16
N LEU G 38 7.11 28.62 -2.96
CA LEU G 38 7.29 27.72 -4.11
C LEU G 38 5.90 27.33 -4.62
N THR G 39 5.67 27.44 -5.93
CA THR G 39 4.40 26.95 -6.49
C THR G 39 4.47 25.50 -6.95
N GLU G 40 5.67 24.91 -6.97
CA GLU G 40 5.84 23.50 -7.30
C GLU G 40 7.20 23.07 -6.75
N GLU G 41 7.47 21.77 -6.83
CA GLU G 41 8.68 21.24 -6.20
C GLU G 41 9.93 21.82 -6.85
N CYS G 42 10.89 22.20 -6.00
CA CYS G 42 12.21 22.65 -6.44
C CYS G 42 13.18 21.47 -6.27
N LEU G 43 13.78 21.04 -7.38
CA LEU G 43 14.66 19.87 -7.31
C LEU G 43 15.89 20.13 -6.45
N ARG G 44 16.29 21.39 -6.31
CA ARG G 44 17.43 21.80 -5.49
C ARG G 44 17.04 22.02 -4.04
N LYS G 45 15.75 21.90 -3.70
CA LYS G 45 15.28 22.20 -2.35
C LYS G 45 15.72 23.60 -1.91
N GLY G 46 15.69 24.54 -2.84
CA GLY G 46 16.05 25.90 -2.56
C GLY G 46 17.52 26.19 -2.45
N ASN G 47 18.39 25.24 -2.77
CA ASN G 47 19.84 25.46 -2.79
C ASN G 47 20.20 26.07 -4.13
N GLY G 48 20.10 27.38 -4.19
CA GLY G 48 20.32 28.07 -5.44
C GLY G 48 20.25 29.59 -5.34
N MET G 49 19.93 30.20 -6.47
CA MET G 49 20.11 31.64 -6.63
C MET G 49 19.20 32.46 -5.72
N CYS G 50 17.97 31.98 -5.49
CA CYS G 50 17.09 32.59 -4.49
C CYS G 50 17.83 32.78 -3.16
N PHE G 51 18.34 31.67 -2.61
CA PHE G 51 19.08 31.74 -1.34
C PHE G 51 20.29 32.66 -1.45
N GLU G 52 21.00 32.60 -2.59
CA GLU G 52 22.25 33.32 -2.75
C GLU G 52 22.08 34.83 -2.91
N VAL G 53 20.90 35.31 -3.30
CA VAL G 53 20.72 36.76 -3.41
C VAL G 53 20.08 37.36 -2.16
N CYS G 54 19.70 36.55 -1.19
CA CYS G 54 18.93 37.04 -0.05
C CYS G 54 19.78 37.90 0.86
N PRO G 55 19.44 39.18 1.09
CA PRO G 55 20.25 40.02 1.96
C PRO G 55 20.15 39.64 3.43
N ARG G 56 19.23 38.76 3.81
CA ARG G 56 19.11 38.33 5.20
C ARG G 56 19.88 37.03 5.47
N VAL G 57 20.50 36.49 4.42
CA VAL G 57 21.42 35.33 4.63
C VAL G 57 22.81 35.94 4.82
N SER G 58 23.24 36.76 3.86
CA SER G 58 24.55 37.46 3.93
C SER G 58 24.44 38.82 3.23
N SER G 59 24.90 39.88 3.88
CA SER G 59 24.82 41.24 3.28
C SER G 59 25.72 41.40 2.07
N GLY G 60 26.92 40.82 2.12
CA GLY G 60 27.93 41.02 1.05
C GLY G 60 28.29 42.49 0.95
N LYS G 61 28.04 43.27 2.02
CA LYS G 61 28.22 44.71 1.95
C LYS G 61 29.68 45.12 1.81
N TYR G 62 30.61 44.45 2.50
CA TYR G 62 32.00 44.87 2.40
C TYR G 62 32.50 44.78 0.96
N GLN G 63 32.28 43.63 0.31
CA GLN G 63 32.79 43.46 -1.05
C GLN G 63 32.05 44.36 -2.03
N ILE G 64 30.78 44.66 -1.77
CA ILE G 64 30.07 45.62 -2.61
C ILE G 64 30.64 47.02 -2.40
N LYS G 65 30.79 47.41 -1.14
CA LYS G 65 31.16 48.80 -0.86
C LYS G 65 32.57 49.14 -1.33
N ILE G 66 33.51 48.18 -1.28
CA ILE G 66 34.86 48.53 -1.71
C ILE G 66 34.90 48.73 -3.22
N ARG G 67 33.87 48.26 -3.93
CA ARG G 67 33.75 48.46 -5.37
C ARG G 67 32.94 49.70 -5.73
N GLU G 68 31.82 49.94 -5.03
CA GLU G 68 31.00 51.11 -5.33
C GLU G 68 31.66 52.39 -4.85
N LYS G 69 32.49 52.31 -3.80
CA LYS G 69 33.23 53.46 -3.29
C LYS G 69 32.29 54.63 -3.03
N PHE G 70 31.30 54.37 -2.15
CA PHE G 70 30.20 55.30 -1.94
C PHE G 70 30.68 56.64 -1.39
N LYS G 71 30.08 57.73 -1.88
CA LYS G 71 30.18 59.03 -1.23
C LYS G 71 28.88 59.28 -0.46
N GLU G 72 28.76 60.49 0.10
CA GLU G 72 27.58 60.81 0.95
C GLU G 72 27.30 62.31 0.90
N GLU G 73 26.61 62.78 -0.14
CA GLU G 73 26.29 64.22 -0.30
C GLU G 73 24.82 64.45 0.08
N TYR G 74 24.57 65.40 0.97
CA TYR G 74 23.22 65.66 1.48
C TYR G 74 22.63 66.92 0.86
N TYR G 75 21.41 66.79 0.33
CA TYR G 75 20.66 67.88 -0.27
C TYR G 75 19.17 67.68 0.01
N TYR G 76 18.37 68.69 -0.32
CA TYR G 76 16.92 68.52 -0.41
C TYR G 76 16.43 69.29 -1.62
N GLY G 77 15.26 68.90 -2.10
CA GLY G 77 14.70 69.57 -3.26
C GLY G 77 13.27 69.11 -3.49
N LYS G 78 12.65 69.73 -4.49
CA LYS G 78 11.32 69.35 -4.93
C LYS G 78 11.30 69.24 -6.46
N GLY G 79 10.56 68.25 -6.95
CA GLY G 79 10.37 68.06 -8.38
C GLY G 79 9.21 68.87 -8.91
N ASP G 80 8.76 68.50 -10.10
CA ASP G 80 7.65 69.18 -10.76
C ASP G 80 6.38 68.33 -10.79
N VAL G 81 6.32 67.26 -9.99
CA VAL G 81 5.10 66.49 -9.83
C VAL G 81 4.77 66.39 -8.36
N GLU G 82 3.48 66.28 -8.06
CA GLU G 82 3.00 66.04 -6.70
C GLU G 82 3.33 64.61 -6.30
N GLY G 83 4.19 64.44 -5.31
CA GLY G 83 4.47 63.12 -4.80
C GLY G 83 4.21 62.99 -3.32
N GLN G 84 4.80 61.98 -2.70
CA GLN G 84 4.69 61.81 -1.26
C GLN G 84 5.19 63.04 -0.52
N ASP G 85 6.41 63.47 -0.84
CA ASP G 85 7.03 64.62 -0.20
C ASP G 85 7.30 65.67 -1.27
N GLY G 86 8.49 65.66 -1.85
CA GLY G 86 8.82 66.61 -2.91
C GLY G 86 8.59 66.15 -4.34
N GLY G 87 8.15 64.91 -4.56
CA GLY G 87 8.05 64.40 -5.91
C GLY G 87 9.39 64.20 -6.58
N VAL G 88 10.45 64.00 -5.79
CA VAL G 88 11.78 63.94 -6.34
C VAL G 88 12.01 62.61 -7.07
N VAL G 89 11.59 61.50 -6.46
CA VAL G 89 11.81 60.20 -7.08
C VAL G 89 11.17 60.16 -8.47
N THR G 90 9.90 60.56 -8.57
CA THR G 90 9.19 60.47 -9.85
C THR G 90 9.78 61.43 -10.87
N THR G 91 10.17 62.63 -10.44
CA THR G 91 10.76 63.59 -11.38
C THR G 91 12.11 63.08 -11.92
N PHE G 92 12.92 62.47 -11.05
CA PHE G 92 14.17 61.87 -11.48
C PHE G 92 13.93 60.74 -12.50
N LEU G 93 12.90 59.92 -12.26
CA LEU G 93 12.61 58.84 -13.19
C LEU G 93 12.14 59.37 -14.55
N LYS G 94 11.32 60.43 -14.56
CA LYS G 94 10.94 61.03 -15.83
C LYS G 94 12.17 61.51 -16.60
N TYR G 95 13.10 62.17 -15.89
CA TYR G 95 14.34 62.64 -16.50
C TYR G 95 15.13 61.49 -17.11
N LEU G 96 15.24 60.37 -16.39
CA LEU G 96 16.02 59.26 -16.89
C LEU G 96 15.38 58.67 -18.14
N LEU G 97 14.04 58.62 -18.17
CA LEU G 97 13.34 58.12 -19.34
C LEU G 97 13.48 59.08 -20.51
N LYS G 98 13.23 60.38 -20.27
CA LYS G 98 13.27 61.34 -21.37
C LYS G 98 14.66 61.38 -22.01
N ASN G 99 15.70 61.27 -21.21
CA ASN G 99 17.06 61.33 -21.69
C ASN G 99 17.62 59.97 -22.06
N LYS G 100 16.78 58.95 -22.10
CA LYS G 100 17.15 57.61 -22.58
C LYS G 100 18.30 57.00 -21.81
N LYS G 101 18.28 57.24 -20.48
CA LYS G 101 19.30 56.65 -19.59
C LYS G 101 18.82 55.25 -19.19
N ILE G 102 17.50 55.01 -19.28
CA ILE G 102 16.91 53.73 -18.95
C ILE G 102 15.84 53.42 -19.99
N ASP G 103 15.56 52.14 -20.16
CA ASP G 103 14.45 51.68 -21.00
C ASP G 103 13.16 51.57 -20.20
N GLY G 104 13.26 51.45 -18.89
CA GLY G 104 12.08 51.39 -18.05
C GLY G 104 12.43 51.63 -16.59
N ALA G 105 11.38 51.88 -15.81
CA ALA G 105 11.48 52.06 -14.38
C ALA G 105 10.62 51.00 -13.69
N ILE G 106 11.19 50.36 -12.68
CA ILE G 106 10.49 49.39 -11.84
C ILE G 106 9.99 50.14 -10.61
N VAL G 107 8.68 50.34 -10.52
CA VAL G 107 8.09 51.19 -9.49
C VAL G 107 6.87 50.48 -8.90
N VAL G 108 6.35 51.05 -7.82
CA VAL G 108 5.23 50.47 -7.08
C VAL G 108 4.00 51.36 -7.26
N GLY G 109 2.99 50.83 -7.94
CA GLY G 109 1.67 51.40 -7.96
C GLY G 109 0.79 50.76 -6.91
N ASP G 110 -0.53 50.88 -7.11
CA ASP G 110 -1.44 50.27 -6.16
C ASP G 110 -2.80 50.02 -6.79
N GLU G 111 -3.51 49.07 -6.17
CA GLU G 111 -4.92 48.71 -6.49
C GLU G 111 -5.66 48.80 -5.15
N CYS G 112 -6.35 49.91 -4.90
CA CYS G 112 -7.06 50.16 -3.62
C CYS G 112 -6.06 50.03 -2.46
N TRP G 113 -4.87 50.60 -2.66
CA TRP G 113 -3.72 50.66 -1.71
C TRP G 113 -2.98 49.31 -1.60
N LYS G 114 -3.28 48.36 -2.47
CA LYS G 114 -2.52 47.07 -2.46
C LYS G 114 -1.36 47.29 -3.43
N PRO G 115 -0.09 47.30 -2.95
CA PRO G 115 1.06 47.54 -3.82
C PRO G 115 1.12 46.60 -5.02
N VAL G 116 1.44 47.16 -6.19
CA VAL G 116 1.59 46.36 -7.44
C VAL G 116 2.92 46.78 -8.10
N SER G 117 3.79 45.81 -8.37
CA SER G 117 5.05 46.10 -9.03
C SER G 117 4.79 46.33 -10.52
N LEU G 118 5.26 47.47 -11.04
CA LEU G 118 5.00 47.85 -12.41
C LEU G 118 6.31 48.13 -13.16
N ILE G 119 6.30 47.83 -14.45
CA ILE G 119 7.40 48.20 -15.34
C ILE G 119 6.86 49.30 -16.24
N VAL G 120 7.41 50.50 -16.07
CA VAL G 120 6.94 51.69 -16.77
C VAL G 120 7.98 52.12 -17.80
N GLN G 121 7.53 52.34 -19.03
CA GLN G 121 8.40 52.73 -20.13
C GLN G 121 8.14 54.14 -20.64
N ASN G 122 7.06 54.76 -20.16
CA ASN G 122 6.68 56.14 -20.59
C ASN G 122 6.65 57.07 -19.38
N GLU G 123 6.99 58.35 -19.59
CA GLU G 123 6.99 59.37 -18.50
C GLU G 123 5.58 59.52 -17.93
N GLU G 124 4.56 59.55 -18.80
CA GLU G 124 3.13 59.76 -18.42
C GLU G 124 2.64 58.64 -17.51
N ASP G 125 3.11 57.42 -17.75
CA ASP G 125 2.73 56.22 -16.96
C ASP G 125 3.25 56.27 -15.52
N LEU G 126 4.23 57.10 -15.17
CA LEU G 126 4.74 57.21 -13.78
C LEU G 126 3.70 57.86 -12.83
N MET G 127 2.80 58.67 -13.37
CA MET G 127 1.83 59.46 -12.55
C MET G 127 1.01 58.63 -11.54
N ASN G 128 0.64 57.39 -11.85
CA ASN G 128 -0.09 56.56 -10.92
C ASN G 128 0.83 55.76 -9.99
N THR G 129 2.12 56.12 -9.90
CA THR G 129 3.06 55.44 -9.01
C THR G 129 3.65 56.35 -7.95
N THR G 130 3.22 57.61 -7.88
CA THR G 130 3.69 58.47 -6.82
C THR G 130 3.13 58.02 -5.47
N LYS G 131 3.67 58.60 -4.41
CA LYS G 131 3.23 58.39 -3.03
C LYS G 131 3.70 57.07 -2.43
N SER G 132 3.89 57.06 -1.12
CA SER G 132 4.36 55.88 -0.41
C SER G 132 3.20 54.92 -0.17
N LYS G 133 3.44 53.65 -0.44
CA LYS G 133 2.56 52.54 -0.08
C LYS G 133 3.25 51.84 1.10
N TYR G 134 2.71 52.02 2.32
CA TYR G 134 3.43 51.63 3.53
C TYR G 134 3.24 50.16 3.89
N THR G 135 3.01 49.28 2.91
CA THR G 135 2.86 47.86 3.17
C THR G 135 3.79 47.07 2.25
N VAL G 136 3.82 45.75 2.46
CA VAL G 136 4.72 44.89 1.73
C VAL G 136 4.60 45.12 0.23
N SER G 137 5.76 45.28 -0.41
CA SER G 137 5.90 45.43 -1.85
C SER G 137 6.82 44.35 -2.38
N THR G 138 6.74 44.13 -3.68
CA THR G 138 7.57 43.15 -4.36
C THR G 138 8.38 43.84 -5.45
N LEU G 139 9.20 43.04 -6.14
CA LEU G 139 9.98 43.49 -7.30
C LEU G 139 9.56 42.72 -8.55
N GLU G 140 8.34 42.19 -8.58
CA GLU G 140 7.98 41.20 -9.59
C GLU G 140 8.06 41.76 -11.00
N ALA G 141 7.89 43.07 -11.19
CA ALA G 141 7.93 43.59 -12.58
C ALA G 141 9.30 43.45 -13.22
N LEU G 142 10.34 43.14 -12.44
CA LEU G 142 11.65 42.88 -13.02
C LEU G 142 11.60 41.65 -13.93
N LYS G 143 10.80 40.65 -13.55
CA LYS G 143 10.64 39.48 -14.40
C LYS G 143 10.01 39.87 -15.73
N THR G 144 9.01 40.75 -15.68
CA THR G 144 8.35 41.21 -16.90
C THR G 144 9.33 42.01 -17.75
N ALA G 145 10.11 42.89 -17.13
CA ALA G 145 11.09 43.67 -17.88
C ALA G 145 12.05 42.74 -18.63
N GLY G 146 12.47 41.65 -17.98
CA GLY G 146 13.37 40.72 -18.63
C GLY G 146 12.73 39.99 -19.78
N GLU G 147 11.49 39.54 -19.59
CA GLU G 147 10.78 38.83 -20.66
C GLU G 147 10.55 39.75 -21.86
N MET G 148 10.34 41.04 -21.58
CA MET G 148 10.14 42.03 -22.68
C MET G 148 11.50 42.33 -23.36
N GLY G 149 12.60 41.98 -22.71
CA GLY G 149 13.91 42.23 -23.29
C GLY G 149 14.46 43.61 -23.05
N LEU G 150 13.97 44.34 -22.06
CA LEU G 150 14.45 45.70 -21.83
C LEU G 150 15.91 45.67 -21.38
N GLU G 151 16.71 46.57 -21.94
CA GLU G 151 18.15 46.48 -21.68
C GLU G 151 18.53 46.99 -20.31
N LYS G 152 18.05 48.17 -19.94
CA LYS G 152 18.42 48.82 -18.69
C LYS G 152 17.18 49.32 -17.98
N VAL G 153 17.17 49.24 -16.65
CA VAL G 153 16.09 49.82 -15.86
C VAL G 153 16.64 50.55 -14.64
N ALA G 154 15.83 51.47 -14.12
CA ALA G 154 15.99 52.00 -12.78
C ALA G 154 15.00 51.27 -11.88
N VAL G 155 15.41 50.99 -10.65
CA VAL G 155 14.53 50.38 -9.66
C VAL G 155 14.47 51.30 -8.44
N VAL G 156 13.25 51.55 -7.96
CA VAL G 156 13.01 52.20 -6.67
C VAL G 156 12.76 51.10 -5.65
N GLY G 157 13.42 51.17 -4.50
CA GLY G 157 13.31 50.11 -3.52
C GLY G 157 13.50 50.61 -2.11
N LEU G 158 12.85 49.93 -1.17
CA LEU G 158 13.19 50.07 0.23
C LEU G 158 14.62 49.61 0.46
N PRO G 159 15.24 49.96 1.60
CA PRO G 159 16.63 49.53 1.83
C PRO G 159 16.88 48.04 1.67
N CYS G 160 15.96 47.20 2.16
CA CYS G 160 16.12 45.75 2.04
C CYS G 160 16.10 45.31 0.57
N GLN G 161 15.27 45.98 -0.24
CA GLN G 161 15.26 45.72 -1.68
C GLN G 161 16.55 46.21 -2.34
N ILE G 162 17.03 47.40 -1.98
CA ILE G 162 18.32 47.87 -2.50
C ILE G 162 19.40 46.85 -2.17
N ASN G 163 19.37 46.29 -0.96
CA ASN G 163 20.43 45.38 -0.53
C ASN G 163 20.38 44.06 -1.30
N GLY G 164 19.17 43.57 -1.58
CA GLY G 164 19.07 42.35 -2.38
C GLY G 164 19.49 42.57 -3.82
N LEU G 165 19.09 43.71 -4.40
CA LEU G 165 19.45 44.00 -5.78
C LEU G 165 20.94 44.26 -5.96
N ARG G 166 21.60 44.84 -4.95
CA ARG G 166 23.05 44.95 -5.00
C ARG G 166 23.71 43.56 -5.02
N LYS G 167 23.17 42.61 -4.25
CA LYS G 167 23.69 41.24 -4.33
C LYS G 167 23.49 40.66 -5.73
N LEU G 168 22.36 40.96 -6.37
CA LEU G 168 22.13 40.49 -7.73
C LEU G 168 23.13 41.12 -8.70
N GLN G 169 23.37 42.43 -8.58
CA GLN G 169 24.36 43.05 -9.44
C GLN G 169 25.74 42.41 -9.27
N TYR G 170 26.11 42.08 -8.02
CA TYR G 170 27.43 41.57 -7.68
C TYR G 170 27.45 40.06 -7.49
N PHE G 171 26.49 39.37 -8.12
CA PHE G 171 26.24 37.96 -7.83
C PHE G 171 27.49 37.09 -7.98
N GLN G 172 28.22 37.23 -9.09
CA GLN G 172 29.35 36.33 -9.31
C GLN G 172 30.43 36.54 -8.26
N TYR G 173 30.52 37.75 -7.71
CA TYR G 173 31.51 37.98 -6.66
C TYR G 173 31.07 37.36 -5.34
N LEU G 174 29.77 37.33 -5.09
CA LEU G 174 29.26 36.86 -3.81
C LEU G 174 28.99 35.35 -3.84
N ALA G 175 28.31 34.88 -4.89
CA ALA G 175 27.98 33.46 -4.99
C ALA G 175 29.10 32.63 -5.58
N LYS G 176 30.04 33.26 -6.30
CA LYS G 176 31.26 32.65 -6.85
C LYS G 176 30.97 31.73 -8.03
N HIS G 177 29.86 31.97 -8.74
CA HIS G 177 29.52 31.25 -9.96
C HIS G 177 28.51 32.11 -10.72
N ASP G 178 28.21 31.66 -11.95
CA ASP G 178 27.22 32.35 -12.77
C ASP G 178 25.81 32.10 -12.25
N GLY G 179 24.88 32.95 -12.70
CA GLY G 179 23.48 32.78 -12.40
C GLY G 179 22.98 31.38 -12.70
N GLU G 180 22.11 30.88 -11.82
CA GLU G 180 21.56 29.50 -11.90
C GLU G 180 20.88 29.26 -13.25
N LEU G 181 21.18 28.10 -13.85
CA LEU G 181 20.52 27.64 -15.07
C LEU G 181 19.21 26.92 -14.73
N GLY G 182 18.17 27.22 -15.48
CA GLY G 182 16.92 26.51 -15.37
C GLY G 182 16.96 25.15 -16.04
N LYS G 183 15.81 24.47 -15.98
CA LYS G 183 15.67 23.18 -16.65
C LYS G 183 16.03 23.26 -18.13
N ASN G 184 15.73 24.38 -18.78
CA ASN G 184 16.03 24.55 -20.19
C ASN G 184 17.48 24.92 -20.47
N GLY G 185 18.33 24.99 -19.44
CA GLY G 185 19.74 25.27 -19.62
C GLY G 185 20.12 26.74 -19.62
N LYS G 186 19.17 27.64 -19.40
CA LYS G 186 19.40 29.08 -19.51
C LYS G 186 19.07 29.78 -18.20
N PRO G 187 19.77 30.88 -17.89
CA PRO G 187 19.47 31.63 -16.67
C PRO G 187 18.24 32.50 -16.86
N VAL G 188 17.76 33.03 -15.73
CA VAL G 188 16.63 33.94 -15.76
C VAL G 188 16.96 35.16 -16.64
N LYS G 189 15.93 35.66 -17.32
CA LYS G 189 16.02 36.89 -18.11
C LYS G 189 15.72 38.09 -17.21
N LEU G 190 16.68 39.00 -17.08
CA LEU G 190 16.53 40.17 -16.24
C LEU G 190 17.22 41.34 -16.93
N PRO G 191 16.64 42.54 -16.88
CA PRO G 191 17.34 43.71 -17.41
C PRO G 191 18.55 44.03 -16.54
N LYS G 192 19.45 44.86 -17.09
CA LYS G 192 20.51 45.43 -16.27
C LYS G 192 19.93 46.50 -15.36
N ILE G 193 20.26 46.43 -14.06
CA ILE G 193 19.82 47.44 -13.10
C ILE G 193 20.85 48.56 -13.14
N GLU G 194 20.51 49.62 -13.84
CA GLU G 194 21.40 50.75 -14.10
C GLU G 194 21.38 51.79 -13.00
N TYR G 195 20.23 51.95 -12.33
CA TYR G 195 20.07 52.88 -11.22
C TYR G 195 19.31 52.22 -10.09
N LEU G 196 19.82 52.36 -8.86
CA LEU G 196 19.10 51.93 -7.66
C LEU G 196 18.75 53.18 -6.85
N ILE G 197 17.45 53.50 -6.79
CA ILE G 197 16.94 54.63 -6.03
C ILE G 197 16.32 54.08 -4.75
N GLY G 198 16.97 54.38 -3.62
CA GLY G 198 16.51 53.90 -2.34
C GLY G 198 15.63 54.88 -1.59
N LEU G 199 14.69 54.34 -0.84
CA LEU G 199 13.85 55.12 0.05
C LEU G 199 14.36 54.97 1.48
N LEU G 200 14.33 56.05 2.24
CA LEU G 200 14.49 55.93 3.69
C LEU G 200 13.34 55.12 4.25
N CYS G 201 13.58 54.38 5.33
CA CYS G 201 12.52 53.48 5.81
C CYS G 201 12.76 53.08 7.26
N THR G 202 11.73 53.30 8.08
CA THR G 202 11.73 52.83 9.46
C THR G 202 11.04 51.48 9.59
N GLU G 203 10.03 51.21 8.76
CA GLU G 203 9.23 49.99 8.85
C GLU G 203 8.17 50.02 7.76
N LYS G 204 7.61 48.85 7.47
CA LYS G 204 6.40 48.72 6.68
C LYS G 204 5.42 47.79 7.40
N PHE G 205 4.17 47.81 6.97
CA PHE G 205 3.11 47.10 7.64
C PHE G 205 2.52 46.01 6.75
N GLU G 206 1.74 45.14 7.38
CA GLU G 206 1.00 44.10 6.68
C GLU G 206 -0.32 44.68 6.17
N TYR G 207 -0.59 44.49 4.88
CA TYR G 207 -1.78 45.09 4.22
C TYR G 207 -3.10 44.68 4.89
N ASP G 208 -3.33 43.37 5.07
CA ASP G 208 -4.64 42.94 5.64
C ASP G 208 -4.83 43.51 7.03
N GLU G 209 -3.77 43.49 7.86
CA GLU G 209 -3.81 44.03 9.24
C GLU G 209 -4.08 45.54 9.21
N LEU G 210 -3.45 46.27 8.27
CA LEU G 210 -3.63 47.74 8.18
C LEU G 210 -5.08 48.06 7.79
N LYS G 211 -5.62 47.30 6.83
CA LYS G 211 -7.02 47.53 6.37
C LYS G 211 -7.98 47.27 7.54
N GLU G 212 -7.71 46.22 8.32
CA GLU G 212 -8.55 45.85 9.49
C GLU G 212 -8.49 46.97 10.53
N THR G 213 -7.29 47.49 10.82
CA THR G 213 -7.16 48.56 11.79
C THR G 213 -7.89 49.81 11.33
N LEU G 214 -7.71 50.19 10.07
CA LEU G 214 -8.43 51.32 9.53
C LEU G 214 -9.94 51.16 9.73
N ALA G 215 -10.46 49.96 9.48
CA ALA G 215 -11.89 49.73 9.65
C ALA G 215 -12.32 49.88 11.10
N LYS G 216 -11.46 49.50 12.04
CA LYS G 216 -11.78 49.63 13.45
C LYS G 216 -12.07 51.08 13.82
N TYR G 217 -11.36 52.02 13.20
CA TYR G 217 -11.57 53.45 13.41
C TYR G 217 -12.39 54.05 12.27
N ASN G 218 -13.22 53.22 11.63
CA ASN G 218 -14.23 53.66 10.68
C ASN G 218 -13.60 54.44 9.54
N ILE G 219 -12.51 53.90 9.00
CA ILE G 219 -11.86 54.42 7.82
C ILE G 219 -12.00 53.38 6.72
N ASN G 220 -12.55 53.78 5.58
CA ASN G 220 -12.61 52.90 4.42
C ASN G 220 -11.32 53.07 3.62
N MET G 221 -10.43 52.07 3.67
CA MET G 221 -9.13 52.22 3.04
C MET G 221 -9.28 52.50 1.55
N ASP G 222 -10.37 52.02 0.93
CA ASP G 222 -10.57 52.24 -0.50
C ASP G 222 -10.63 53.72 -0.85
N ASP G 223 -11.11 54.57 0.07
CA ASP G 223 -11.26 55.99 -0.21
C ASP G 223 -10.08 56.82 0.28
N VAL G 224 -9.06 56.20 0.90
CA VAL G 224 -7.91 56.97 1.37
C VAL G 224 -7.19 57.58 0.18
N GLU G 225 -6.88 58.87 0.30
CA GLU G 225 -6.21 59.64 -0.79
C GLU G 225 -4.68 59.61 -0.61
N LYS G 226 -4.21 59.61 0.63
CA LYS G 226 -2.74 59.62 0.88
C LYS G 226 -2.45 59.15 2.31
N PHE G 227 -1.29 58.53 2.50
CA PHE G 227 -0.82 58.07 3.83
C PHE G 227 0.49 58.80 4.13
N ASP G 228 0.80 58.96 5.42
CA ASP G 228 2.07 59.61 5.83
C ASP G 228 2.39 59.13 7.25
N ILE G 229 3.67 59.19 7.65
CA ILE G 229 4.00 58.79 9.05
C ILE G 229 4.70 59.97 9.74
N LYS G 230 4.09 60.52 10.80
CA LYS G 230 4.70 61.68 11.53
C LYS G 230 4.40 61.58 13.03
N LYS G 231 5.39 61.90 13.87
CA LYS G 231 5.24 61.95 15.35
C LYS G 231 4.70 60.62 15.92
N GLY G 232 5.17 59.49 15.39
CA GLY G 232 4.76 58.15 15.87
C GLY G 232 3.32 57.81 15.53
N LYS G 233 2.75 58.48 14.52
CA LYS G 233 1.34 58.18 14.13
C LYS G 233 1.24 58.06 12.62
N LEU G 234 0.35 57.19 12.16
CA LEU G 234 0.12 57.05 10.70
C LEU G 234 -0.93 58.11 10.35
N LEU G 235 -0.63 59.00 9.41
CA LEU G 235 -1.60 60.04 9.00
C LEU G 235 -2.42 59.50 7.84
N VAL G 236 -3.75 59.56 7.95
CA VAL G 236 -4.61 59.06 6.84
C VAL G 236 -5.43 60.24 6.30
N TYR G 237 -5.27 60.57 5.03
CA TYR G 237 -6.03 61.69 4.44
C TYR G 237 -7.21 61.09 3.66
N VAL G 238 -8.42 61.30 4.16
CA VAL G 238 -9.62 60.73 3.48
C VAL G 238 -10.81 61.68 3.68
N ASN G 239 -11.63 61.87 2.65
CA ASN G 239 -12.85 62.72 2.70
C ASN G 239 -12.51 64.14 3.17
N GLY G 240 -11.39 64.71 2.73
CA GLY G 240 -10.95 66.07 3.11
C GLY G 240 -10.65 66.21 4.60
N GLU G 241 -10.25 65.13 5.27
CA GLU G 241 -9.94 65.15 6.72
C GLU G 241 -8.64 64.38 6.95
N GLU G 242 -7.99 64.61 8.08
CA GLU G 242 -6.73 63.89 8.40
C GLU G 242 -6.99 63.03 9.65
N HIS G 243 -6.76 61.72 9.55
CA HIS G 243 -6.95 60.81 10.70
C HIS G 243 -5.57 60.48 11.30
N LYS G 244 -5.47 60.45 12.63
CA LYS G 244 -4.19 60.13 13.32
C LYS G 244 -4.34 58.79 14.05
N ILE G 245 -3.77 57.72 13.48
CA ILE G 245 -3.86 56.37 14.11
C ILE G 245 -2.50 56.05 14.73
N PRO G 246 -2.44 55.62 16.02
CA PRO G 246 -1.15 55.33 16.66
C PRO G 246 -0.44 54.17 15.95
N LEU G 247 0.89 54.30 15.78
CA LEU G 247 1.69 53.25 15.09
C LEU G 247 1.70 51.97 15.92
N LYS G 248 1.67 52.10 17.25
CA LYS G 248 1.71 50.95 18.18
C LYS G 248 0.55 49.99 17.92
N GLU G 249 -0.56 50.50 17.35
CA GLU G 249 -1.76 49.67 17.07
C GLU G 249 -1.67 49.04 15.67
N ILE G 250 -0.65 49.41 14.89
CA ILE G 250 -0.48 48.83 13.53
C ILE G 250 0.49 47.64 13.59
N GLU G 251 0.17 46.56 12.87
CA GLU G 251 1.03 45.36 12.87
C GLU G 251 2.06 45.50 11.74
N LEU G 252 3.33 45.74 12.09
CA LEU G 252 4.40 45.93 11.07
C LEU G 252 4.94 44.57 10.63
N SER G 253 5.52 44.52 9.42
CA SER G 253 6.12 43.28 8.87
C SER G 253 7.14 42.77 9.89
N ALA G 254 7.06 41.49 10.28
CA ALA G 254 7.95 40.98 11.34
C ALA G 254 9.42 41.23 11.04
N GLY G 255 9.83 41.07 9.78
CA GLY G 255 11.24 41.20 9.45
C GLY G 255 11.82 42.58 9.66
N CYS G 256 10.98 43.60 9.82
CA CYS G 256 11.50 44.94 10.03
C CYS G 256 12.22 45.04 11.36
N LYS G 257 11.85 44.20 12.33
CA LYS G 257 12.55 44.19 13.62
C LYS G 257 13.99 43.72 13.49
N MET G 258 14.31 42.97 12.44
CA MET G 258 15.65 42.44 12.22
C MET G 258 16.46 43.31 11.26
N CYS G 259 16.02 44.54 11.00
CA CYS G 259 16.60 45.38 9.97
C CYS G 259 17.55 46.40 10.59
N ARG G 260 18.65 46.68 9.87
CA ARG G 260 19.69 47.60 10.34
C ARG G 260 19.78 48.88 9.51
N ASP G 261 19.27 48.88 8.28
CA ASP G 261 19.58 49.89 7.27
C ASP G 261 18.42 50.88 7.19
N PHE G 262 18.63 52.08 7.73
CA PHE G 262 17.57 53.08 7.70
C PHE G 262 17.53 53.84 6.38
N ASP G 263 18.69 54.30 5.91
CA ASP G 263 18.73 55.28 4.84
C ASP G 263 19.10 54.68 3.49
N ALA G 264 18.87 53.38 3.28
CA ALA G 264 19.21 52.72 2.02
C ALA G 264 20.65 53.06 1.63
N GLU G 265 21.58 52.69 2.51
CA GLU G 265 22.97 53.15 2.44
C GLU G 265 23.72 52.64 1.23
N MET G 266 23.15 51.68 0.50
CA MET G 266 23.84 51.07 -0.69
C MET G 266 23.23 51.60 -1.99
N ALA G 267 22.23 52.48 -1.91
CA ALA G 267 21.60 53.01 -3.10
C ALA G 267 22.53 53.99 -3.84
N ASP G 268 22.27 54.16 -5.14
CA ASP G 268 22.94 55.22 -5.89
C ASP G 268 22.57 56.59 -5.35
N VAL G 269 21.29 56.75 -5.00
CA VAL G 269 20.77 57.95 -4.35
C VAL G 269 19.63 57.50 -3.46
N SER G 270 19.58 58.05 -2.25
CA SER G 270 18.52 57.74 -1.29
C SER G 270 17.63 58.96 -1.08
N VAL G 271 16.31 58.73 -0.99
CA VAL G 271 15.32 59.81 -0.93
C VAL G 271 14.38 59.55 0.23
N GLY G 272 14.13 60.59 1.02
CA GLY G 272 13.29 60.46 2.18
C GLY G 272 12.63 61.76 2.56
N CYS G 273 11.94 61.79 3.70
N CYS G 273 11.99 61.75 3.73
CA CYS G 273 11.36 63.04 4.18
CA CYS G 273 11.28 62.90 4.26
C CYS G 273 12.07 63.61 5.40
C CYS G 273 12.05 63.57 5.39
N VAL G 274 12.68 62.75 6.21
N VAL G 274 12.63 62.75 6.26
CA VAL G 274 13.37 63.24 7.44
CA VAL G 274 13.36 63.26 7.46
C VAL G 274 14.60 64.09 7.06
C VAL G 274 14.59 64.10 7.07
N GLY G 275 14.70 65.27 7.71
CA GLY G 275 15.84 66.15 7.51
C GLY G 275 15.60 67.31 6.58
N SER G 276 14.44 67.39 5.95
CA SER G 276 14.14 68.45 5.00
C SER G 276 12.77 69.04 5.29
N PRO G 277 12.50 70.24 4.80
CA PRO G 277 11.22 70.88 5.11
C PRO G 277 10.06 70.16 4.43
N ASP G 278 8.87 70.33 5.03
CA ASP G 278 7.66 69.75 4.45
C ASP G 278 7.51 70.18 2.99
N GLY G 279 7.14 69.23 2.14
CA GLY G 279 6.98 69.49 0.73
C GLY G 279 8.23 69.29 -0.10
N TYR G 280 9.36 69.03 0.56
CA TYR G 280 10.61 68.69 -0.10
C TYR G 280 10.96 67.24 0.23
N SER G 281 11.82 66.65 -0.58
CA SER G 281 12.41 65.36 -0.26
C SER G 281 13.89 65.55 0.07
N THR G 282 14.34 64.81 1.07
CA THR G 282 15.76 64.71 1.37
C THR G 282 16.42 63.80 0.34
N VAL G 283 17.63 64.14 -0.05
CA VAL G 283 18.36 63.48 -1.13
C VAL G 283 19.77 63.20 -0.65
N ILE G 284 20.16 61.92 -0.61
CA ILE G 284 21.51 61.53 -0.24
C ILE G 284 22.13 60.87 -1.46
N ILE G 285 23.08 61.57 -2.09
CA ILE G 285 23.75 61.09 -3.29
C ILE G 285 24.99 60.33 -2.89
N ARG G 286 25.15 59.11 -3.42
CA ARG G 286 26.20 58.21 -2.98
C ARG G 286 27.11 57.72 -4.09
N THR G 287 26.67 57.77 -5.36
CA THR G 287 27.48 57.29 -6.47
C THR G 287 27.35 58.25 -7.64
N GLU G 288 28.17 58.03 -8.67
CA GLU G 288 28.10 58.86 -9.88
C GLU G 288 26.78 58.65 -10.63
N LYS G 289 26.22 57.44 -10.58
CA LYS G 289 24.87 57.26 -11.12
C LYS G 289 23.87 58.13 -10.36
N GLY G 290 24.02 58.21 -9.03
CA GLY G 290 23.13 59.04 -8.24
C GLY G 290 23.32 60.52 -8.51
N GLU G 291 24.55 60.92 -8.83
CA GLU G 291 24.85 62.31 -9.14
C GLU G 291 24.02 62.86 -10.27
N GLU G 292 23.52 62.00 -11.15
CA GLU G 292 22.69 62.47 -12.26
C GLU G 292 21.44 63.17 -11.76
N ILE G 293 21.01 62.92 -10.52
CA ILE G 293 19.81 63.58 -10.01
C ILE G 293 19.97 65.09 -9.99
N LYS G 294 21.22 65.59 -9.92
CA LYS G 294 21.44 67.04 -9.92
C LYS G 294 21.02 67.69 -11.22
N ASN G 295 20.93 66.93 -12.30
CA ASN G 295 20.41 67.44 -13.56
C ASN G 295 18.89 67.47 -13.61
N ALA G 296 18.21 66.74 -12.73
CA ALA G 296 16.76 66.62 -12.77
C ALA G 296 16.07 67.45 -11.71
N ILE G 297 16.79 67.82 -10.64
CA ILE G 297 16.24 68.50 -9.48
C ILE G 297 17.13 69.69 -9.14
N GLU G 298 16.50 70.83 -8.83
CA GLU G 298 17.21 71.97 -8.26
C GLU G 298 17.48 71.68 -6.79
N LEU G 299 18.70 71.27 -6.46
CA LEU G 299 18.98 70.82 -5.10
C LEU G 299 19.48 71.96 -4.23
N LYS G 300 19.10 71.91 -2.95
CA LYS G 300 19.48 72.86 -1.95
C LYS G 300 20.27 72.17 -0.85
N GLU G 301 21.17 72.92 -0.22
CA GLU G 301 21.92 72.45 0.92
C GLU G 301 21.23 72.90 2.20
N GLY G 302 21.47 72.17 3.29
CA GLY G 302 20.90 72.55 4.59
C GLY G 302 20.06 71.48 5.24
N VAL G 303 20.31 70.22 4.87
CA VAL G 303 19.60 69.09 5.48
C VAL G 303 19.93 69.01 6.96
N ASN G 304 18.93 68.64 7.77
CA ASN G 304 19.13 68.43 9.20
C ASN G 304 19.75 67.06 9.42
N LEU G 305 21.08 67.04 9.54
CA LEU G 305 21.82 65.78 9.57
C LEU G 305 21.54 65.03 10.87
N GLU G 306 21.36 65.77 11.96
CA GLU G 306 21.09 65.13 13.25
C GLU G 306 19.75 64.41 13.23
N ALA G 307 18.75 64.97 12.54
CA ALA G 307 17.44 64.31 12.48
C ALA G 307 17.56 62.94 11.82
N ILE G 308 18.40 62.83 10.79
CA ILE G 308 18.58 61.56 10.10
C ILE G 308 19.35 60.57 10.97
N GLU G 309 20.44 61.06 11.58
CA GLU G 309 21.25 60.18 12.43
C GLU G 309 20.42 59.60 13.58
N LYS G 310 19.48 60.40 14.08
CA LYS G 310 18.60 59.97 15.21
C LYS G 310 17.82 58.73 14.79
N LEU G 311 17.38 58.67 13.54
CA LEU G 311 16.60 57.50 13.06
C LEU G 311 17.55 56.32 12.79
N ARG G 312 18.75 56.59 12.29
CA ARG G 312 19.70 55.49 12.15
C ARG G 312 19.87 54.75 13.47
N ASP G 313 20.06 55.52 14.56
CA ASP G 313 20.34 54.91 15.85
C ASP G 313 19.12 54.21 16.42
N LEU G 314 17.94 54.81 16.26
CA LEU G 314 16.73 54.13 16.71
C LEU G 314 16.57 52.78 16.01
N LYS G 315 16.81 52.72 14.70
CA LYS G 315 16.66 51.44 14.00
C LYS G 315 17.69 50.43 14.46
N LEU G 316 18.94 50.85 14.62
CA LEU G 316 19.99 49.95 15.09
C LEU G 316 19.69 49.45 16.50
N ASN G 317 19.15 50.29 17.36
CA ASN G 317 18.83 49.85 18.71
C ASN G 317 17.66 48.87 18.72
N ARG G 318 16.65 49.10 17.88
CA ARG G 318 15.57 48.13 17.72
C ARG G 318 16.11 46.77 17.28
N PHE G 319 17.01 46.78 16.30
CA PHE G 319 17.64 45.55 15.81
C PHE G 319 18.38 44.83 16.95
N LYS G 320 19.20 45.57 17.70
CA LYS G 320 19.97 44.97 18.79
C LYS G 320 19.04 44.37 19.85
N LYS G 321 17.95 45.07 20.17
CA LYS G 321 17.00 44.54 21.14
C LYS G 321 16.38 43.23 20.64
N GLU G 322 16.01 43.18 19.36
CA GLU G 322 15.41 41.96 18.83
C GLU G 322 16.42 40.82 18.79
N VAL G 323 17.67 41.12 18.47
CA VAL G 323 18.70 40.09 18.44
C VAL G 323 18.94 39.54 19.84
N GLU G 324 18.97 40.42 20.85
CA GLU G 324 19.15 39.96 22.22
C GLU G 324 17.96 39.11 22.67
N ARG G 325 16.74 39.48 22.27
CA ARG G 325 15.57 38.67 22.61
C ARG G 325 15.69 37.28 22.02
N ARG G 326 16.10 37.20 20.76
CA ARG G 326 16.25 35.90 20.09
C ARG G 326 17.34 35.08 20.75
N LYS G 327 18.44 35.74 21.14
CA LYS G 327 19.53 35.04 21.81
C LYS G 327 19.03 34.38 23.09
N ALA G 328 18.23 35.11 23.88
CA ALA G 328 17.79 34.58 25.17
C ALA G 328 16.82 33.42 25.01
N GLU G 329 16.10 33.35 23.89
CA GLU G 329 15.10 32.30 23.65
C GLU G 329 15.59 31.19 22.75
N ASP G 330 16.84 31.25 22.30
CA ASP G 330 17.41 30.29 21.35
C ASP G 330 16.65 30.33 20.03
N GLU G 331 16.05 31.47 19.68
CA GLU G 331 15.42 31.56 18.37
C GLU G 331 16.48 31.74 17.27
N LYS G 332 16.02 31.55 16.03
CA LYS G 332 16.91 31.68 14.88
C LYS G 332 17.44 33.10 14.78
N VAL G 333 18.75 33.22 14.53
CA VAL G 333 19.37 34.48 14.14
C VAL G 333 20.25 34.17 12.93
N SER G 334 20.01 34.86 11.82
CA SER G 334 20.92 34.82 10.68
C SER G 334 21.89 35.98 10.83
N PHE G 335 23.18 35.68 10.91
CA PHE G 335 24.20 36.70 11.22
C PHE G 335 24.62 37.41 9.92
N TYR G 336 23.63 37.98 9.22
CA TYR G 336 23.87 38.45 7.85
C TYR G 336 24.82 39.64 7.79
N TRP G 337 24.96 40.39 8.88
CA TRP G 337 25.80 41.58 8.90
C TRP G 337 27.28 41.27 9.13
N THR G 338 27.67 40.00 9.38
CA THR G 338 29.09 39.72 9.51
C THR G 338 29.84 40.10 8.22
N ALA G 339 29.16 39.96 7.07
CA ALA G 339 29.71 40.30 5.76
C ALA G 339 29.82 41.81 5.53
N ASP G 340 29.39 42.62 6.49
CA ASP G 340 29.66 44.05 6.45
C ASP G 340 31.15 44.35 6.63
N TYR G 341 31.91 43.39 7.16
CA TYR G 341 33.25 43.63 7.65
C TYR G 341 34.28 42.77 6.93
N GLY G 342 35.42 43.37 6.62
CA GLY G 342 36.53 42.61 6.08
C GLY G 342 37.18 41.70 7.11
N GLY G 343 37.78 40.63 6.63
CA GLY G 343 38.52 39.72 7.49
C GLY G 343 37.69 38.71 8.26
N VAL G 344 36.38 38.62 8.02
CA VAL G 344 35.50 37.71 8.77
C VAL G 344 35.17 36.51 7.88
N GLY G 345 35.38 35.28 8.38
CA GLY G 345 35.06 34.08 7.65
C GLY G 345 34.34 33.09 8.56
N LYS G 346 33.60 32.18 7.95
CA LYS G 346 32.89 31.21 8.81
C LYS G 346 33.75 29.97 8.97
N ARG G 347 33.87 29.47 10.21
CA ARG G 347 34.46 28.18 10.51
C ARG G 347 33.46 27.07 10.19
N ALA G 348 33.96 25.84 10.20
CA ALA G 348 33.14 24.68 9.89
C ALA G 348 32.10 24.40 10.96
N ASP G 349 32.36 24.86 12.20
CA ASP G 349 31.61 24.41 13.37
C ASP G 349 30.58 25.41 13.90
N GLY G 350 30.22 26.43 13.12
CA GLY G 350 29.20 27.36 13.54
C GLY G 350 29.67 28.64 14.21
N THR G 351 30.96 28.79 14.46
CA THR G 351 31.55 30.06 14.86
C THR G 351 32.25 30.72 13.66
N TYR G 352 32.94 31.84 13.94
CA TYR G 352 33.61 32.67 12.96
C TYR G 352 35.09 32.81 13.32
N PHE G 353 35.90 33.14 12.33
CA PHE G 353 37.27 33.59 12.55
C PHE G 353 37.39 35.03 12.03
N ILE G 354 38.28 35.77 12.68
CA ILE G 354 38.56 37.18 12.29
C ILE G 354 40.04 37.29 11.99
N ARG G 355 40.37 37.65 10.75
CA ARG G 355 41.74 37.77 10.31
C ARG G 355 42.19 39.23 10.39
N ILE G 356 43.27 39.47 11.14
CA ILE G 356 43.89 40.79 11.22
C ILE G 356 44.91 40.85 10.09
N ARG G 357 44.67 41.70 9.10
CA ARG G 357 45.55 41.76 7.92
C ARG G 357 47.01 41.88 8.35
N ALA G 358 47.86 40.99 7.80
CA ALA G 358 49.25 40.93 8.28
C ALA G 358 49.96 42.27 8.12
N LYS G 359 50.74 42.64 9.15
CA LYS G 359 51.51 43.86 9.09
C LYS G 359 52.78 43.65 8.29
N PRO G 360 53.32 44.71 7.69
CA PRO G 360 54.47 44.55 6.78
C PRO G 360 55.63 43.78 7.40
N ALA G 361 56.08 42.75 6.66
CA ALA G 361 57.20 41.87 6.99
C ALA G 361 56.98 41.09 8.30
N GLY G 362 55.74 41.04 8.79
CA GLY G 362 55.43 40.29 10.00
C GLY G 362 55.95 40.88 11.30
N TRP G 363 56.31 42.16 11.26
CA TRP G 363 56.80 42.84 12.49
C TRP G 363 55.61 43.31 13.34
N TYR G 364 55.58 42.92 14.61
CA TYR G 364 54.52 43.41 15.52
C TYR G 364 55.18 43.95 16.78
N SER G 365 54.70 45.11 17.24
CA SER G 365 55.22 45.64 18.53
C SER G 365 54.69 44.75 19.66
N ILE G 366 55.41 44.66 20.77
CA ILE G 366 54.91 43.82 21.90
C ILE G 366 53.58 44.40 22.41
N ASP G 367 53.45 45.72 22.41
CA ASP G 367 52.19 46.37 22.85
C ASP G 367 51.06 45.96 21.90
N GLU G 368 51.34 45.95 20.59
CA GLU G 368 50.33 45.60 19.55
C GLU G 368 49.87 44.15 19.75
N ALA G 369 50.82 43.24 19.97
CA ALA G 369 50.48 41.81 20.12
C ALA G 369 49.67 41.61 21.40
N ARG G 370 50.03 42.33 22.46
CA ARG G 370 49.30 42.20 23.75
C ARG G 370 47.85 42.70 23.57
N GLU G 371 47.65 43.76 22.80
CA GLU G 371 46.29 44.31 22.57
C GLU G 371 45.46 43.27 21.82
N ILE G 372 46.05 42.61 20.82
CA ILE G 372 45.32 41.59 20.08
C ILE G 372 44.92 40.45 21.02
N LEU G 373 45.86 39.99 21.85
CA LEU G 373 45.59 38.88 22.76
C LEU G 373 44.53 39.26 23.80
N GLU G 374 44.55 40.51 24.24
CA GLU G 374 43.56 40.97 25.24
C GLU G 374 42.16 40.90 24.63
N ILE G 375 42.01 41.29 23.36
CA ILE G 375 40.70 41.26 22.72
C ILE G 375 40.28 39.82 22.46
N ALA G 376 41.21 38.99 21.99
CA ALA G 376 40.87 37.58 21.80
C ALA G 376 40.39 36.96 23.11
N GLU G 377 41.08 37.23 24.22
CA GLU G 377 40.69 36.67 25.51
C GLU G 377 39.29 37.11 25.90
N LYS G 378 38.96 38.38 25.64
CA LYS G 378 37.67 38.91 26.05
C LYS G 378 36.53 38.15 25.38
N TYR G 379 36.72 37.74 24.13
CA TYR G 379 35.68 37.08 23.37
C TYR G 379 35.92 35.58 23.26
N ASP G 380 36.83 35.03 24.07
CA ASP G 380 37.12 33.60 24.12
C ASP G 380 37.60 33.09 22.76
N GLY G 381 38.40 33.89 22.08
CA GLY G 381 38.97 33.50 20.81
C GLY G 381 40.26 32.73 20.99
N LYS G 382 40.60 31.97 19.97
CA LYS G 382 41.82 31.18 19.92
C LYS G 382 42.72 31.70 18.80
N ILE G 383 44.03 31.77 19.10
CA ILE G 383 45.01 32.38 18.22
C ILE G 383 45.54 31.35 17.23
N LYS G 384 45.54 31.71 15.96
CA LYS G 384 46.18 30.96 14.87
C LYS G 384 47.02 31.95 14.08
N MET G 385 48.29 31.59 13.84
CA MET G 385 49.19 32.39 13.02
C MET G 385 49.17 31.85 11.60
N THR G 386 48.90 32.72 10.63
CA THR G 386 48.80 32.25 9.25
C THR G 386 50.18 32.22 8.57
N ASN G 387 50.25 31.56 7.40
CA ASN G 387 51.51 31.51 6.68
C ASN G 387 51.79 32.78 5.85
N ARG G 388 51.01 33.85 6.04
CA ARG G 388 51.40 35.18 5.57
C ARG G 388 51.69 36.12 6.75
N GLY G 389 51.86 35.56 7.95
CA GLY G 389 52.27 36.35 9.10
C GLY G 389 51.16 37.08 9.82
N ALA G 390 49.91 36.64 9.72
CA ALA G 390 48.78 37.32 10.33
C ALA G 390 48.29 36.60 11.58
N PHE G 391 47.81 37.40 12.55
CA PHE G 391 46.99 36.89 13.63
C PHE G 391 45.56 36.65 13.14
N GLU G 392 45.06 35.44 13.35
CA GLU G 392 43.69 35.06 13.03
C GLU G 392 43.04 34.50 14.29
N ILE G 393 41.89 35.06 14.67
CA ILE G 393 41.24 34.72 15.93
C ILE G 393 40.02 33.86 15.65
N HIS G 394 40.00 32.65 16.21
CA HIS G 394 39.01 31.64 15.92
C HIS G 394 38.04 31.43 17.08
N GLY G 395 36.82 31.02 16.72
CA GLY G 395 35.82 30.60 17.69
C GLY G 395 34.88 31.69 18.14
N ILE G 396 34.74 32.76 17.37
CA ILE G 396 33.95 33.91 17.77
C ILE G 396 32.49 33.65 17.42
N SER G 397 31.61 33.83 18.39
CA SER G 397 30.19 33.71 18.15
C SER G 397 29.71 34.81 17.19
N GLY G 398 28.75 34.46 16.36
CA GLY G 398 28.12 35.44 15.48
C GLY G 398 27.56 36.63 16.23
N PHE G 399 27.12 36.40 17.47
CA PHE G 399 26.62 37.48 18.32
C PHE G 399 27.72 38.47 18.70
N ASP G 400 28.99 38.03 18.68
CA ASP G 400 30.10 38.88 19.10
C ASP G 400 30.91 39.45 17.94
N VAL G 401 30.68 39.01 16.70
CA VAL G 401 31.59 39.35 15.61
C VAL G 401 31.70 40.86 15.47
N GLU G 402 30.55 41.52 15.35
CA GLU G 402 30.55 42.99 15.12
C GLU G 402 31.25 43.73 16.26
N ALA G 403 30.91 43.41 17.50
CA ALA G 403 31.53 44.07 18.65
C ALA G 403 33.04 43.89 18.66
N MET G 404 33.50 42.67 18.42
CA MET G 404 34.96 42.41 18.45
C MET G 404 35.66 43.18 17.33
N VAL G 405 35.14 43.11 16.10
CA VAL G 405 35.77 43.82 14.99
C VAL G 405 35.82 45.32 15.27
N LEU G 406 34.73 45.88 15.80
CA LEU G 406 34.73 47.30 16.13
C LEU G 406 35.78 47.61 17.18
N GLU G 407 35.97 46.72 18.15
CA GLU G 407 36.99 46.93 19.17
C GLU G 407 38.39 46.93 18.57
N LEU G 408 38.67 46.01 17.64
CA LEU G 408 39.95 45.99 16.93
C LEU G 408 40.13 47.25 16.09
N MET G 409 39.10 47.65 15.34
CA MET G 409 39.23 48.85 14.53
C MET G 409 39.54 50.06 15.38
N GLU G 410 38.93 50.11 16.57
CA GLU G 410 39.15 51.25 17.52
C GLU G 410 40.62 51.28 17.95
N LYS G 411 41.26 50.12 18.06
CA LYS G 411 42.68 50.07 18.49
C LYS G 411 43.60 50.33 17.29
N GLY G 412 43.02 50.52 16.10
CA GLY G 412 43.82 50.80 14.93
C GLY G 412 44.13 49.60 14.08
N PHE G 413 43.57 48.43 14.39
CA PHE G 413 43.83 47.23 13.63
C PHE G 413 42.89 47.16 12.44
N ILE G 414 43.39 46.65 11.33
CA ILE G 414 42.58 46.43 10.13
C ILE G 414 42.31 44.94 10.02
N THR G 415 41.04 44.57 10.03
CA THR G 415 40.63 43.19 9.74
C THR G 415 40.45 43.08 8.23
N GLY G 416 40.99 42.00 7.65
CA GLY G 416 40.91 41.87 6.20
C GLY G 416 41.79 40.74 5.70
N SER G 417 42.34 40.96 4.51
CA SER G 417 43.12 39.97 3.80
C SER G 417 42.26 38.74 3.46
N GLU G 418 40.98 38.98 3.16
CA GLU G 418 40.10 37.90 2.76
C GLU G 418 39.16 38.39 1.65
N GLY G 419 38.75 37.44 0.80
CA GLY G 419 37.86 37.76 -0.29
C GLY G 419 38.61 38.22 -1.52
N PRO G 420 37.86 38.57 -2.56
CA PRO G 420 38.44 38.94 -3.88
C PRO G 420 39.01 40.35 -3.89
N LEU G 421 40.26 40.46 -3.41
CA LEU G 421 40.92 41.76 -3.28
C LEU G 421 42.41 41.51 -3.08
N VAL G 422 43.18 42.59 -2.99
CA VAL G 422 44.62 42.53 -2.75
C VAL G 422 44.86 42.13 -1.29
N ARG G 423 45.39 40.94 -1.09
CA ARG G 423 45.64 40.37 0.22
C ARG G 423 46.88 41.03 0.84
N ALA G 424 47.14 40.68 2.10
CA ALA G 424 48.30 41.22 2.80
C ALA G 424 49.57 40.92 2.02
N THR G 425 50.34 41.96 1.73
CA THR G 425 51.62 41.80 1.05
C THR G 425 52.58 41.07 1.98
N LEU G 426 53.27 40.06 1.45
CA LEU G 426 54.16 39.21 2.22
C LEU G 426 55.63 39.55 1.95
N ALA G 427 56.34 39.99 2.99
CA ALA G 427 57.75 40.36 2.88
C ALA G 427 58.56 39.68 3.97
N CYS G 428 59.84 39.41 3.66
CA CYS G 428 60.78 38.85 4.64
C CYS G 428 61.46 40.00 5.38
N PRO G 429 62.33 39.71 6.35
CA PRO G 429 62.96 40.82 7.11
C PRO G 429 63.87 41.71 6.28
N GLY G 430 64.50 41.17 5.25
CA GLY G 430 65.29 42.01 4.34
C GLY G 430 66.58 42.61 4.91
N GLU G 431 67.05 43.63 4.20
CA GLU G 431 68.34 44.24 4.46
C GLU G 431 68.42 44.76 5.89
N GLY G 432 69.61 44.64 6.50
CA GLY G 432 69.82 45.14 7.85
C GLY G 432 69.23 44.28 8.93
N ASN G 433 68.43 43.28 8.59
CA ASN G 433 67.95 42.30 9.56
C ASN G 433 68.54 40.95 9.20
N CYS G 434 68.16 40.41 8.05
CA CYS G 434 68.79 39.20 7.53
C CYS G 434 70.14 39.54 6.88
N GLY G 435 71.15 38.73 7.21
CA GLY G 435 72.48 38.88 6.63
C GLY G 435 72.53 38.79 5.12
N SER G 436 71.53 38.16 4.50
CA SER G 436 71.50 38.02 3.04
C SER G 436 70.70 39.13 2.37
N GLY G 437 70.02 39.97 3.14
CA GLY G 437 69.08 40.92 2.57
C GLY G 437 69.79 41.99 1.76
N LEU G 438 69.22 42.30 0.60
CA LEU G 438 69.77 43.28 -0.32
C LEU G 438 68.93 44.55 -0.44
N ILE G 439 67.64 44.50 -0.07
CA ILE G 439 66.72 45.63 -0.22
C ILE G 439 65.93 45.79 1.07
N ASN G 440 65.36 46.99 1.25
CA ASN G 440 64.51 47.32 2.40
C ASN G 440 63.12 46.77 2.10
N THR G 441 62.92 45.50 2.44
CA THR G 441 61.66 44.84 2.16
C THR G 441 60.54 45.42 3.01
N THR G 442 60.82 45.78 4.26
CA THR G 442 59.77 46.28 5.14
C THR G 442 59.16 47.56 4.58
N GLU G 443 60.02 48.49 4.15
CA GLU G 443 59.55 49.77 3.63
C GLU G 443 58.83 49.59 2.30
N LEU G 444 59.36 48.76 1.41
CA LEU G 444 58.65 48.54 0.17
C LEU G 444 57.29 47.91 0.44
N CYS G 445 57.22 46.97 1.39
CA CYS G 445 55.94 46.35 1.73
C CYS G 445 54.95 47.37 2.25
N LYS G 446 55.42 48.27 3.13
CA LYS G 446 54.55 49.33 3.66
C LYS G 446 54.03 50.22 2.54
N ILE G 447 54.90 50.55 1.57
CA ILE G 447 54.50 51.38 0.45
C ILE G 447 53.41 50.68 -0.36
N LEU G 448 53.61 49.38 -0.66
CA LEU G 448 52.60 48.66 -1.45
C LEU G 448 51.30 48.53 -0.69
N GLU G 449 51.37 48.27 0.62
CA GLU G 449 50.16 48.21 1.44
C GLU G 449 49.43 49.55 1.43
N ASP G 450 50.18 50.65 1.61
CA ASP G 450 49.57 51.98 1.64
C ASP G 450 48.86 52.30 0.33
N ASN G 451 49.37 51.80 -0.79
CA ASN G 451 48.80 52.06 -2.09
C ASN G 451 47.69 51.10 -2.48
N PHE G 452 47.73 49.84 -2.06
CA PHE G 452 46.84 48.84 -2.62
C PHE G 452 46.06 47.99 -1.61
N LYS G 453 46.25 48.18 -0.31
CA LYS G 453 45.61 47.26 0.64
C LYS G 453 44.09 47.24 0.44
N GLU G 454 43.55 46.01 0.37
CA GLU G 454 42.11 45.75 0.25
C GLU G 454 41.51 46.31 -1.04
N HIS G 455 42.32 46.63 -2.05
CA HIS G 455 41.74 47.05 -3.31
C HIS G 455 41.04 45.87 -3.98
N PRO G 456 39.85 46.07 -4.53
CA PRO G 456 39.12 44.94 -5.12
C PRO G 456 39.81 44.40 -6.36
N ALA G 457 39.64 43.09 -6.58
CA ALA G 457 40.13 42.42 -7.77
C ALA G 457 39.13 41.31 -8.12
N PRO G 458 39.17 40.80 -9.37
CA PRO G 458 38.23 39.72 -9.74
C PRO G 458 38.32 38.49 -8.85
N TYR G 459 39.49 38.24 -8.26
CA TYR G 459 39.76 37.11 -7.38
C TYR G 459 40.92 37.54 -6.49
N LYS G 460 41.26 36.70 -5.51
CA LYS G 460 42.35 37.03 -4.60
C LYS G 460 43.63 37.35 -5.38
N PHE G 461 44.38 38.33 -4.87
CA PHE G 461 45.54 38.91 -5.53
C PHE G 461 46.63 39.10 -4.48
N LYS G 462 47.76 38.42 -4.65
CA LYS G 462 48.78 38.30 -3.62
C LYS G 462 50.14 38.77 -4.12
N ILE G 463 50.78 39.65 -3.35
CA ILE G 463 52.08 40.21 -3.67
C ILE G 463 53.08 39.73 -2.63
N ALA G 464 54.29 39.40 -3.08
CA ALA G 464 55.37 39.03 -2.18
C ALA G 464 56.67 39.73 -2.57
N ILE G 465 57.45 40.07 -1.55
CA ILE G 465 58.70 40.80 -1.66
C ILE G 465 59.77 40.05 -0.88
N SER G 466 60.75 39.47 -1.58
CA SER G 466 61.92 38.89 -0.93
C SER G 466 63.12 39.84 -1.01
N GLY G 467 63.95 39.80 0.05
CA GLY G 467 65.11 40.67 0.14
C GLY G 467 66.28 40.25 -0.72
N CYS G 468 66.26 39.01 -1.19
CA CYS G 468 67.35 38.45 -1.98
C CYS G 468 66.80 37.29 -2.80
N PRO G 469 67.62 36.71 -3.70
CA PRO G 469 67.12 35.63 -4.58
C PRO G 469 66.85 34.30 -3.89
N ASN G 470 67.13 34.12 -2.60
CA ASN G 470 66.65 32.92 -1.93
C ASN G 470 65.12 32.84 -1.92
N LYS G 471 64.44 33.98 -2.01
CA LYS G 471 63.00 34.01 -2.31
C LYS G 471 62.19 33.21 -1.29
N CYS G 472 62.50 33.44 -0.01
CA CYS G 472 61.85 32.71 1.07
C CYS G 472 60.33 32.89 1.06
N VAL G 473 59.84 34.04 0.62
CA VAL G 473 58.40 34.31 0.60
C VAL G 473 57.78 34.02 -0.76
N ARG G 474 58.57 33.45 -1.71
CA ARG G 474 58.10 32.89 -2.96
C ARG G 474 57.53 33.92 -3.94
N PRO G 475 58.26 35.01 -4.21
CA PRO G 475 57.76 36.00 -5.18
C PRO G 475 57.63 35.46 -6.61
N GLN G 476 58.32 34.37 -6.96
CA GLN G 476 58.26 33.85 -8.32
C GLN G 476 56.98 33.03 -8.59
N ILE G 477 56.15 32.81 -7.58
CA ILE G 477 54.84 32.18 -7.76
C ILE G 477 53.76 33.01 -7.05
N HIS G 478 53.84 34.33 -7.20
CA HIS G 478 52.84 35.27 -6.69
C HIS G 478 52.26 36.07 -7.86
N ASP G 479 51.07 36.64 -7.63
CA ASP G 479 50.46 37.46 -8.67
C ASP G 479 51.41 38.58 -9.09
N ILE G 480 52.04 39.24 -8.12
CA ILE G 480 53.17 40.14 -8.35
C ILE G 480 54.29 39.70 -7.40
N GLY G 481 55.49 39.58 -7.94
CA GLY G 481 56.65 39.21 -7.13
C GLY G 481 57.80 40.20 -7.32
N ILE G 482 58.47 40.50 -6.21
CA ILE G 482 59.66 41.33 -6.20
C ILE G 482 60.76 40.59 -5.45
N ALA G 483 61.97 40.58 -6.01
CA ALA G 483 63.13 39.99 -5.35
C ALA G 483 64.31 40.95 -5.47
N GLY G 484 64.98 41.21 -4.34
CA GLY G 484 66.20 41.99 -4.39
C GLY G 484 67.30 41.20 -5.08
N VAL G 485 68.07 41.90 -5.94
CA VAL G 485 69.20 41.27 -6.63
C VAL G 485 70.39 42.23 -6.64
N LYS G 486 71.58 41.63 -6.71
CA LYS G 486 72.87 42.36 -6.76
C LYS G 486 73.84 41.48 -7.54
N PHE G 487 74.07 41.80 -8.81
CA PHE G 487 74.92 40.95 -9.63
C PHE G 487 76.37 41.42 -9.57
N PRO G 488 77.33 40.50 -9.60
CA PRO G 488 78.75 40.87 -9.51
C PRO G 488 79.38 41.02 -10.89
N VAL G 489 80.51 41.74 -10.90
CA VAL G 489 81.43 41.74 -12.03
C VAL G 489 82.85 41.73 -11.49
N VAL G 490 83.65 40.79 -11.96
CA VAL G 490 85.03 40.66 -11.47
C VAL G 490 85.83 41.88 -11.89
N ASN G 491 86.58 42.45 -10.93
CA ASN G 491 87.58 43.50 -11.25
C ASN G 491 88.89 42.75 -11.57
N GLU G 492 89.26 42.70 -12.86
CA GLU G 492 90.45 41.94 -13.35
C GLU G 492 91.76 42.43 -12.71
N GLU G 493 91.87 43.72 -12.42
CA GLU G 493 93.09 44.31 -11.81
C GLU G 493 93.33 43.76 -10.39
N ASN G 494 92.27 43.50 -9.62
CA ASN G 494 92.44 43.09 -8.20
C ASN G 494 92.31 41.57 -7.95
N CYS G 495 91.47 40.86 -8.69
CA CYS G 495 91.26 39.43 -8.40
C CYS G 495 92.57 38.65 -8.61
N ASN G 496 92.87 37.77 -7.66
CA ASN G 496 94.12 37.02 -7.71
C ASN G 496 93.91 35.52 -7.71
N GLY G 497 92.67 35.08 -7.94
CA GLY G 497 92.36 33.66 -7.99
C GLY G 497 92.45 32.94 -6.66
N CYS G 498 92.40 33.68 -5.54
CA CYS G 498 92.46 33.07 -4.22
C CYS G 498 91.45 31.93 -4.03
N GLY G 499 90.26 32.05 -4.62
CA GLY G 499 89.27 30.99 -4.58
C GLY G 499 88.14 31.15 -3.58
N ARG G 500 88.17 32.19 -2.74
CA ARG G 500 87.20 32.27 -1.65
C ARG G 500 85.78 32.44 -2.16
N CYS G 501 85.57 33.33 -3.13
CA CYS G 501 84.21 33.62 -3.59
C CYS G 501 83.47 32.35 -4.03
N ALA G 502 84.16 31.43 -4.70
CA ALA G 502 83.48 30.23 -5.17
C ALA G 502 82.89 29.41 -4.02
N GLU G 503 83.51 29.50 -2.84
CA GLU G 503 83.08 28.70 -1.70
C GLU G 503 81.72 29.14 -1.17
N VAL G 504 81.37 30.41 -1.36
CA VAL G 504 80.10 30.90 -0.85
C VAL G 504 78.99 30.84 -1.88
N CYS G 505 79.30 30.47 -3.13
CA CYS G 505 78.29 30.41 -4.17
C CYS G 505 77.74 28.98 -4.23
N LYS G 506 76.60 28.76 -3.59
CA LYS G 506 76.09 27.39 -3.50
C LYS G 506 75.65 26.85 -4.86
N ILE G 507 75.28 27.71 -5.82
CA ILE G 507 74.88 27.21 -7.13
C ILE G 507 76.05 27.06 -8.09
N GLU G 508 77.27 27.34 -7.65
CA GLU G 508 78.51 27.07 -8.40
C GLU G 508 78.57 27.83 -9.73
N ALA G 509 78.30 29.13 -9.67
CA ALA G 509 78.35 30.00 -10.83
C ALA G 509 79.73 30.58 -11.07
N ILE G 510 80.69 30.34 -10.18
CA ILE G 510 82.00 31.01 -10.23
C ILE G 510 83.03 30.02 -10.72
N ASP G 511 83.84 30.49 -11.68
CA ASP G 511 84.97 29.76 -12.29
C ASP G 511 86.30 30.38 -11.81
N ILE G 512 87.01 29.72 -10.88
CA ILE G 512 88.33 30.18 -10.46
C ILE G 512 89.34 29.58 -11.44
N ARG G 513 90.05 30.46 -12.15
CA ARG G 513 91.02 29.99 -13.16
C ARG G 513 92.34 30.75 -13.00
N GLY G 514 93.41 30.02 -12.68
CA GLY G 514 94.72 30.65 -12.56
C GLY G 514 94.72 31.74 -11.52
N GLU G 515 95.05 32.95 -11.95
CA GLU G 515 95.12 34.12 -11.06
C GLU G 515 93.91 35.03 -11.22
N THR G 516 92.78 34.49 -11.62
CA THR G 516 91.59 35.31 -11.79
C THR G 516 90.34 34.47 -11.58
N SER G 517 89.19 35.10 -11.75
CA SER G 517 87.91 34.42 -11.61
C SER G 517 86.94 34.99 -12.63
N TYR G 518 85.87 34.22 -12.85
CA TYR G 518 84.80 34.54 -13.79
C TYR G 518 83.45 34.19 -13.15
N THR G 519 82.39 34.76 -13.70
CA THR G 519 81.01 34.48 -13.30
C THR G 519 80.22 33.95 -14.49
N ASN G 520 79.52 32.85 -14.31
CA ASN G 520 78.62 32.35 -15.35
C ASN G 520 77.26 33.02 -15.16
N TYR G 521 76.98 34.04 -15.97
CA TYR G 521 75.75 34.81 -15.84
C TYR G 521 74.52 34.04 -16.32
N ASN G 522 74.70 32.85 -16.90
CA ASN G 522 73.53 32.01 -17.16
C ASN G 522 73.09 31.23 -15.92
N VAL G 523 73.90 31.27 -14.85
CA VAL G 523 73.56 30.60 -13.59
C VAL G 523 73.42 31.59 -12.44
N CYS G 524 74.32 32.57 -12.36
CA CYS G 524 74.33 33.56 -11.27
C CYS G 524 72.95 34.16 -11.08
N ILE G 525 72.47 34.19 -9.84
CA ILE G 525 71.15 34.73 -9.52
C ILE G 525 71.22 36.09 -8.84
N GLY G 526 72.40 36.68 -8.72
CA GLY G 526 72.52 38.01 -8.12
C GLY G 526 72.26 38.08 -6.63
N CYS G 527 72.79 37.12 -5.86
CA CYS G 527 72.66 37.17 -4.41
C CYS G 527 73.68 38.10 -3.76
N GLY G 528 74.77 38.45 -4.46
CA GLY G 528 75.78 39.35 -3.96
C GLY G 528 76.78 38.80 -2.97
N LYS G 529 76.64 37.52 -2.60
CA LYS G 529 77.52 36.94 -1.55
C LYS G 529 79.02 37.06 -1.91
N CYS G 530 79.40 36.72 -3.16
CA CYS G 530 80.78 36.77 -3.59
C CYS G 530 81.37 38.16 -3.43
N ILE G 531 80.56 39.20 -3.57
CA ILE G 531 81.07 40.55 -3.38
C ILE G 531 81.48 40.83 -1.93
N LYS G 532 80.64 40.43 -0.98
CA LYS G 532 80.94 40.68 0.45
C LYS G 532 82.03 39.72 0.94
N ALA G 533 82.15 38.55 0.32
CA ALA G 533 83.11 37.55 0.78
C ALA G 533 84.52 37.76 0.27
N CYS G 534 84.70 38.48 -0.83
CA CYS G 534 86.03 38.63 -1.39
C CYS G 534 86.87 39.53 -0.49
N PRO G 535 88.07 39.10 -0.07
CA PRO G 535 88.92 39.96 0.76
C PRO G 535 89.85 40.87 -0.03
N ASN G 536 89.76 40.89 -1.37
CA ASN G 536 90.77 41.53 -2.22
C ASN G 536 90.17 42.59 -3.16
N GLU G 537 88.97 43.09 -2.87
CA GLU G 537 88.32 44.07 -3.74
C GLU G 537 88.25 43.55 -5.17
N GLY G 538 87.96 42.27 -5.32
CA GLY G 538 87.99 41.65 -6.63
C GLY G 538 86.68 41.61 -7.35
N ARG G 539 85.58 41.95 -6.67
CA ARG G 539 84.23 41.92 -7.25
C ARG G 539 83.50 43.21 -6.96
N ASP G 540 83.00 43.86 -8.00
CA ASP G 540 82.18 45.05 -7.93
C ASP G 540 80.72 44.72 -8.30
N VAL G 541 79.85 45.73 -8.18
CA VAL G 541 78.44 45.57 -8.54
C VAL G 541 78.27 45.82 -10.03
N LYS G 542 77.75 44.82 -10.73
CA LYS G 542 77.41 44.95 -12.15
C LYS G 542 76.06 45.64 -12.32
N GLU G 543 75.07 45.20 -11.55
CA GLU G 543 73.70 45.66 -11.67
C GLU G 543 72.99 45.24 -10.39
N GLU G 544 72.08 46.09 -9.90
CA GLU G 544 71.33 45.76 -8.70
C GLU G 544 69.99 46.47 -8.72
N GLY G 545 69.02 45.91 -7.99
CA GLY G 545 67.73 46.56 -7.84
C GLY G 545 66.63 45.57 -7.49
N PHE G 546 65.41 45.92 -7.91
CA PHE G 546 64.20 45.15 -7.62
C PHE G 546 63.82 44.34 -8.84
N MET G 547 64.03 43.03 -8.79
CA MET G 547 63.58 42.16 -9.88
C MET G 547 62.10 41.84 -9.72
N VAL G 548 61.36 41.87 -10.83
CA VAL G 548 59.89 41.78 -10.81
C VAL G 548 59.41 40.58 -11.63
N TYR G 549 58.40 39.90 -11.10
CA TYR G 549 57.71 38.78 -11.72
C TYR G 549 56.22 39.08 -11.75
N VAL G 550 55.52 38.67 -12.80
CA VAL G 550 54.08 38.93 -12.94
C VAL G 550 53.35 37.66 -13.37
N GLY G 551 52.31 37.30 -12.62
CA GLY G 551 51.37 36.29 -13.05
C GLY G 551 51.61 34.89 -12.51
N GLY G 552 52.17 34.76 -11.31
CA GLY G 552 52.34 33.47 -10.69
C GLY G 552 51.23 33.20 -9.66
N LYS G 553 51.25 31.97 -9.13
CA LYS G 553 50.29 31.55 -8.07
C LYS G 553 50.67 30.18 -7.54
N THR G 554 50.14 29.86 -6.36
CA THR G 554 50.17 28.48 -5.82
C THR G 554 48.70 28.08 -5.56
N GLY G 555 48.46 27.10 -4.69
CA GLY G 555 47.07 26.70 -4.44
C GLY G 555 46.72 25.47 -5.24
N ARG G 556 45.60 25.51 -5.97
CA ARG G 556 45.16 24.35 -6.79
C ARG G 556 46.20 24.02 -7.88
N GLU G 557 46.85 25.04 -8.44
CA GLU G 557 47.91 24.81 -9.46
C GLU G 557 49.12 25.68 -9.11
N VAL G 558 50.31 25.26 -9.57
CA VAL G 558 51.55 26.07 -9.36
C VAL G 558 51.90 26.73 -10.70
N ILE G 559 51.99 28.05 -10.73
CA ILE G 559 52.36 28.78 -11.94
C ILE G 559 53.48 29.78 -11.60
N GLU G 560 54.59 29.70 -12.31
CA GLU G 560 55.66 30.68 -12.14
C GLU G 560 55.34 31.94 -12.94
N GLY G 561 55.45 33.10 -12.29
CA GLY G 561 55.21 34.35 -12.99
C GLY G 561 56.23 34.60 -14.09
N VAL G 562 55.83 35.47 -15.02
CA VAL G 562 56.72 35.90 -16.11
C VAL G 562 57.76 36.85 -15.53
N SER G 563 59.04 36.50 -15.69
CA SER G 563 60.10 37.41 -15.31
C SER G 563 60.05 38.65 -16.18
N MET G 564 60.18 39.82 -15.55
CA MET G 564 60.05 41.07 -16.26
C MET G 564 61.42 41.71 -16.41
N LYS G 565 61.91 42.48 -15.43
CA LYS G 565 63.14 43.25 -15.50
C LYS G 565 63.30 43.95 -14.14
N LEU G 566 64.41 44.64 -13.91
CA LEU G 566 64.54 45.49 -12.73
C LEU G 566 63.70 46.75 -12.90
N MET G 567 63.03 47.14 -11.82
CA MET G 567 62.16 48.34 -11.89
C MET G 567 62.32 49.17 -10.62
N SER G 568 62.05 50.47 -10.74
CA SER G 568 62.03 51.38 -9.61
C SER G 568 60.75 51.19 -8.79
N VAL G 569 60.74 51.73 -7.57
CA VAL G 569 59.52 51.67 -6.78
C VAL G 569 58.39 52.39 -7.51
N GLU G 570 58.69 53.55 -8.11
CA GLU G 570 57.67 54.27 -8.85
C GLU G 570 57.11 53.43 -9.99
N GLU G 571 57.98 52.73 -10.73
CA GLU G 571 57.51 51.85 -11.81
C GLU G 571 56.70 50.68 -11.27
N ILE G 572 57.09 50.13 -10.13
CA ILE G 572 56.36 49.01 -9.55
C ILE G 572 54.94 49.43 -9.18
N LEU G 573 54.80 50.61 -8.58
CA LEU G 573 53.47 51.10 -8.24
C LEU G 573 52.61 51.27 -9.49
N ASN G 574 53.19 51.83 -10.56
CA ASN G 574 52.48 51.95 -11.84
C ASN G 574 52.07 50.58 -12.36
N LEU G 575 53.01 49.64 -12.31
CA LEU G 575 52.74 48.29 -12.80
C LEU G 575 51.58 47.63 -12.07
N ILE G 576 51.60 47.67 -10.73
CA ILE G 576 50.56 46.97 -10.00
C ILE G 576 49.21 47.55 -10.34
N ASP G 577 49.14 48.88 -10.41
CA ASP G 577 47.89 49.58 -10.73
C ASP G 577 47.35 49.14 -12.09
N LYS G 578 48.22 49.09 -13.10
CA LYS G 578 47.79 48.74 -14.44
C LYS G 578 47.53 47.25 -14.59
N VAL G 579 48.28 46.41 -13.88
CA VAL G 579 47.96 44.98 -13.90
C VAL G 579 46.54 44.76 -13.38
N LEU G 580 46.17 45.44 -12.29
CA LEU G 580 44.84 45.27 -11.74
C LEU G 580 43.76 45.73 -12.73
N ILE G 581 44.04 46.80 -13.48
CA ILE G 581 43.08 47.30 -14.46
C ILE G 581 42.88 46.30 -15.59
N VAL G 582 43.97 45.78 -16.14
CA VAL G 582 43.87 44.85 -17.26
C VAL G 582 43.29 43.53 -16.80
N TYR G 583 43.62 43.11 -15.57
CA TYR G 583 42.98 41.92 -14.99
C TYR G 583 41.46 42.11 -14.92
N HIS G 584 41.00 43.24 -14.42
N HIS G 584 41.04 43.28 -14.47
CA HIS G 584 39.56 43.49 -14.39
CA HIS G 584 39.60 43.61 -14.35
C HIS G 584 38.98 43.53 -15.79
C HIS G 584 38.95 43.65 -15.74
N LYS G 585 39.71 44.12 -16.73
CA LYS G 585 39.17 44.26 -18.08
C LYS G 585 38.85 42.91 -18.69
N TYR G 586 39.76 41.95 -18.51
CA TYR G 586 39.63 40.64 -19.21
C TYR G 586 39.08 39.50 -18.33
N ALA G 587 39.01 39.66 -17.02
CA ALA G 587 38.49 38.56 -16.21
C ALA G 587 37.01 38.35 -16.49
N LYS G 588 36.60 37.09 -16.67
CA LYS G 588 35.21 36.76 -16.93
C LYS G 588 34.54 36.01 -15.80
N LYS G 589 35.30 35.44 -14.87
CA LYS G 589 34.74 34.59 -13.82
C LYS G 589 35.27 35.07 -12.48
N PRO G 590 34.63 36.09 -11.90
CA PRO G 590 35.01 36.51 -10.54
C PRO G 590 35.02 35.32 -9.59
N GLN G 591 36.01 35.32 -8.69
CA GLN G 591 36.20 34.33 -7.65
C GLN G 591 36.64 32.96 -8.18
N ARG G 592 37.00 32.87 -9.44
CA ARG G 592 37.48 31.63 -10.04
C ARG G 592 38.71 31.82 -10.89
N GLU G 593 38.83 32.95 -11.58
CA GLU G 593 39.95 33.22 -12.48
C GLU G 593 40.99 34.10 -11.76
N ARG G 594 42.13 33.50 -11.41
CA ARG G 594 43.27 34.28 -10.95
C ARG G 594 43.90 35.05 -12.11
N LEU G 595 44.76 36.01 -11.76
CA LEU G 595 45.50 36.74 -12.79
C LEU G 595 46.19 35.79 -13.76
N ALA G 596 46.84 34.74 -13.23
CA ALA G 596 47.54 33.80 -14.09
C ALA G 596 46.59 33.16 -15.11
N ALA G 597 45.34 32.88 -14.70
CA ALA G 597 44.40 32.25 -15.61
C ALA G 597 43.97 33.19 -16.73
N VAL G 598 43.80 34.48 -16.41
CA VAL G 598 43.45 35.45 -17.44
C VAL G 598 44.61 35.62 -18.42
N MET G 599 45.83 35.70 -17.91
CA MET G 599 47.00 35.81 -18.77
C MET G 599 47.09 34.61 -19.70
N ALA G 600 46.85 33.41 -19.17
CA ALA G 600 46.92 32.20 -19.97
C ALA G 600 45.84 32.20 -21.05
N ARG G 601 44.64 32.67 -20.69
CA ARG G 601 43.52 32.63 -21.62
C ARG G 601 43.73 33.59 -22.78
N ILE G 602 44.19 34.82 -22.53
CA ILE G 602 44.27 35.79 -23.61
C ILE G 602 45.66 35.88 -24.25
N GLY G 603 46.67 35.27 -23.64
CA GLY G 603 48.04 35.37 -24.11
C GLY G 603 48.89 36.21 -23.18
N LYS G 604 50.00 35.66 -22.70
CA LYS G 604 50.83 36.39 -21.76
C LYS G 604 51.35 37.68 -22.38
N GLY G 605 51.81 37.60 -23.63
CA GLY G 605 52.31 38.79 -24.30
C GLY G 605 51.24 39.83 -24.50
N LYS G 606 50.04 39.41 -24.92
CA LYS G 606 48.96 40.35 -25.10
C LYS G 606 48.65 41.07 -23.80
N PHE G 607 48.57 40.32 -22.69
CA PHE G 607 48.25 40.93 -21.40
C PHE G 607 49.31 41.95 -21.01
N LEU G 608 50.57 41.54 -21.05
CA LEU G 608 51.66 42.40 -20.59
C LEU G 608 51.87 43.60 -21.51
N GLU G 609 51.62 43.44 -22.82
CA GLU G 609 51.68 44.57 -23.74
C GLU G 609 50.65 45.63 -23.37
N GLU G 610 49.44 45.19 -23.01
CA GLU G 610 48.38 46.17 -22.65
C GLU G 610 48.76 46.87 -21.35
N VAL G 611 49.27 46.10 -20.38
CA VAL G 611 49.72 46.69 -19.14
C VAL G 611 50.74 47.76 -19.40
N LYS G 612 51.73 47.44 -20.25
CA LYS G 612 52.83 48.40 -20.56
C LYS G 612 52.26 49.66 -21.24
N GLU G 613 51.26 49.51 -22.12
CA GLU G 613 50.71 50.70 -22.78
C GLU G 613 50.02 51.59 -21.79
N LEU G 614 49.31 51.00 -20.82
CA LEU G 614 48.67 51.82 -19.80
C LEU G 614 49.71 52.52 -18.91
N MET G 615 50.82 51.84 -18.62
CA MET G 615 51.86 52.46 -17.77
C MET G 615 52.45 53.69 -18.46
N GLU G 616 52.59 53.65 -19.79
CA GLU G 616 53.20 54.77 -20.52
C GLU G 616 52.25 55.96 -20.63
N GLN G 617 50.95 55.72 -20.65
CA GLN G 617 50.03 56.86 -20.63
C GLN G 617 50.02 57.53 -19.26
N ASN G 618 50.26 56.77 -18.19
CA ASN G 618 50.28 57.30 -16.83
C ASN G 618 51.17 58.53 -16.71
N TYR H 2 101.83 39.01 8.23
CA TYR H 2 100.91 38.77 7.09
C TYR H 2 99.45 38.83 7.59
N GLU H 3 98.57 39.41 6.78
CA GLU H 3 97.15 39.52 7.12
C GLU H 3 96.49 38.14 7.22
N TRP H 4 95.82 37.90 8.34
CA TRP H 4 95.24 36.59 8.63
C TRP H 4 94.02 36.81 9.52
N LYS H 5 92.84 36.46 8.99
CA LYS H 5 91.58 36.84 9.63
C LYS H 5 91.49 36.33 11.07
N LEU H 6 92.04 35.15 11.35
CA LEU H 6 91.93 34.58 12.68
C LEU H 6 92.72 35.35 13.72
N ASN H 7 93.55 36.33 13.32
CA ASN H 7 94.19 37.20 14.30
C ASN H 7 93.16 37.94 15.13
N ASP H 8 91.94 38.11 14.61
CA ASP H 8 90.84 38.65 15.40
C ASP H 8 90.62 37.83 16.66
N ILE H 9 90.81 36.51 16.58
CA ILE H 9 90.72 35.64 17.75
C ILE H 9 92.01 35.68 18.56
N VAL H 10 93.15 35.49 17.88
CA VAL H 10 94.42 35.32 18.58
C VAL H 10 94.85 36.63 19.26
N ASP H 11 94.67 37.77 18.60
CA ASP H 11 95.19 38.99 19.18
C ASP H 11 94.34 39.50 20.33
N ASN H 12 93.17 38.92 20.57
CA ASN H 12 92.26 39.39 21.60
C ASN H 12 92.11 38.40 22.77
N GLY H 13 93.01 37.43 22.89
CA GLY H 13 92.98 36.52 24.03
C GLY H 13 91.85 35.52 24.02
N ILE H 14 91.23 35.27 22.87
CA ILE H 14 90.16 34.30 22.77
C ILE H 14 90.68 32.96 22.27
N CYS H 15 91.85 32.94 21.65
CA CYS H 15 92.39 31.71 21.09
C CYS H 15 92.67 30.69 22.18
N ALA H 16 92.15 29.48 21.98
CA ALA H 16 92.38 28.36 22.88
C ALA H 16 93.78 27.75 22.72
N LYS H 17 94.52 28.14 21.68
CA LYS H 17 95.78 27.51 21.37
C LYS H 17 95.61 26.00 21.27
N CYS H 18 94.56 25.59 20.57
CA CYS H 18 94.29 24.18 20.29
C CYS H 18 95.14 23.64 19.13
N GLY H 19 95.39 24.45 18.09
CA GLY H 19 96.15 24.01 16.93
C GLY H 19 95.36 23.47 15.75
N THR H 20 94.02 23.49 15.80
CA THR H 20 93.23 22.94 14.71
C THR H 20 93.43 23.72 13.40
N CYS H 21 93.39 25.04 13.46
CA CYS H 21 93.52 25.88 12.26
C CYS H 21 94.81 25.54 11.48
N THR H 22 95.91 25.27 12.18
CA THR H 22 97.18 25.18 11.45
C THR H 22 97.38 23.83 10.75
N VAL H 23 96.51 22.83 10.97
CA VAL H 23 96.68 21.56 10.28
C VAL H 23 95.85 21.45 9.00
N VAL H 24 94.92 22.36 8.75
CA VAL H 24 93.98 22.21 7.63
C VAL H 24 94.41 22.99 6.39
N CYS H 25 95.51 23.71 6.44
CA CYS H 25 95.84 24.60 5.33
C CYS H 25 96.31 23.81 4.13
N PRO H 26 95.66 23.93 2.96
CA PRO H 26 96.06 23.11 1.81
C PRO H 26 97.35 23.57 1.15
N ASN H 27 97.83 24.77 1.48
CA ASN H 27 99.10 25.26 1.00
C ASN H 27 100.23 25.10 2.01
N GLY H 28 99.94 24.60 3.19
CA GLY H 28 100.96 24.36 4.19
C GLY H 28 101.67 25.60 4.67
N ILE H 29 101.01 26.76 4.66
CA ILE H 29 101.65 28.00 5.06
C ILE H 29 101.28 28.40 6.49
N LEU H 30 100.67 27.50 7.25
CA LEU H 30 100.43 27.73 8.67
C LEU H 30 101.27 26.78 9.50
N THR H 31 101.84 27.33 10.58
CA THR H 31 102.65 26.56 11.55
C THR H 31 102.27 27.04 12.96
N PHE H 32 102.39 26.17 13.96
CA PHE H 32 102.03 26.57 15.34
C PHE H 32 103.28 26.57 16.24
N GLU H 33 103.71 27.77 16.65
CA GLU H 33 104.87 27.93 17.58
C GLU H 33 104.26 28.37 18.93
N ASP H 34 104.37 29.64 19.30
CA ASP H 34 103.73 30.08 20.57
C ASP H 34 102.23 30.27 20.30
N ARG H 35 101.88 30.50 19.03
CA ARG H 35 100.51 30.75 18.54
C ARG H 35 100.43 30.37 17.06
N PRO H 36 99.24 30.28 16.44
CA PRO H 36 99.15 29.95 15.01
C PRO H 36 99.90 31.05 14.24
N LYS H 37 100.74 30.67 13.27
CA LYS H 37 101.51 31.71 12.54
C LYS H 37 101.57 31.38 11.04
N LEU H 38 101.47 32.42 10.21
CA LEU H 38 101.56 32.31 8.74
C LEU H 38 103.04 32.37 8.37
N THR H 39 103.55 31.43 7.56
CA THR H 39 104.94 31.48 7.15
C THR H 39 105.13 32.24 5.86
N GLU H 40 104.05 32.60 5.17
CA GLU H 40 104.14 33.42 3.98
C GLU H 40 102.74 34.01 3.72
N GLU H 41 102.68 34.89 2.74
CA GLU H 41 101.45 35.62 2.51
C GLU H 41 100.33 34.67 2.08
N CYS H 42 99.14 34.88 2.65
CA CYS H 42 97.95 34.13 2.28
C CYS H 42 97.14 35.00 1.32
N LEU H 43 96.89 34.49 0.10
CA LEU H 43 96.14 35.29 -0.88
C LEU H 43 94.72 35.57 -0.42
N ARG H 44 94.16 34.72 0.45
CA ARG H 44 92.83 34.89 1.01
C ARG H 44 92.83 35.72 2.30
N LYS H 45 94.01 36.13 2.80
CA LYS H 45 94.11 36.85 4.07
C LYS H 45 93.39 36.09 5.18
N GLY H 46 93.49 34.76 5.12
CA GLY H 46 92.89 33.94 6.15
C GLY H 46 91.40 33.74 6.04
N ASN H 47 90.78 34.14 4.94
CA ASN H 47 89.37 33.86 4.70
C ASN H 47 89.31 32.47 4.09
N GLY H 48 89.28 31.47 4.96
CA GLY H 48 89.30 30.10 4.50
C GLY H 48 89.16 29.05 5.59
N MET H 49 89.62 27.85 5.24
CA MET H 49 89.50 26.61 6.05
C MET H 49 89.99 26.80 7.50
N CYS H 50 91.11 27.50 7.68
CA CYS H 50 91.66 27.77 9.04
C CYS H 50 90.58 28.45 9.88
N PHE H 51 90.04 29.56 9.39
CA PHE H 51 88.99 30.29 10.10
C PHE H 51 87.76 29.37 10.34
N GLU H 52 87.38 28.60 9.32
CA GLU H 52 86.13 27.83 9.34
C GLU H 52 86.16 26.63 10.28
N VAL H 53 87.33 26.13 10.69
CA VAL H 53 87.38 25.06 11.70
C VAL H 53 87.59 25.60 13.11
N CYS H 54 87.73 26.90 13.29
CA CYS H 54 88.12 27.41 14.61
C CYS H 54 86.97 27.28 15.59
N PRO H 55 87.13 26.55 16.71
CA PRO H 55 85.99 26.41 17.65
C PRO H 55 85.68 27.66 18.44
N ARG H 56 86.53 28.69 18.35
CA ARG H 56 86.29 29.95 19.05
C ARG H 56 85.64 30.99 18.16
N VAL H 57 85.44 30.69 16.88
CA VAL H 57 84.58 31.50 16.02
C VAL H 57 83.12 31.06 16.20
N SER H 58 82.87 29.75 16.09
CA SER H 58 81.55 29.17 16.21
C SER H 58 81.73 27.72 16.63
N SER H 59 80.98 27.30 17.64
CA SER H 59 81.17 25.94 18.18
C SER H 59 80.69 24.87 17.20
N GLY H 60 79.62 25.16 16.46
CA GLY H 60 78.97 24.13 15.64
C GLY H 60 78.36 22.99 16.44
N LYS H 61 78.20 23.17 17.76
CA LYS H 61 77.90 22.02 18.62
C LYS H 61 76.50 21.47 18.38
N TYR H 62 75.50 22.33 18.17
CA TYR H 62 74.14 21.80 17.99
C TYR H 62 74.06 20.87 16.78
N GLN H 63 74.57 21.31 15.63
CA GLN H 63 74.48 20.49 14.43
C GLN H 63 75.36 19.24 14.54
N ILE H 64 76.47 19.32 15.28
CA ILE H 64 77.29 18.12 15.51
C ILE H 64 76.55 17.14 16.42
N LYS H 65 76.02 17.63 17.53
CA LYS H 65 75.46 16.74 18.53
C LYS H 65 74.19 16.04 18.03
N ILE H 66 73.37 16.69 17.19
CA ILE H 66 72.18 15.99 16.71
C ILE H 66 72.55 14.85 15.77
N ARG H 67 73.79 14.85 15.25
CA ARG H 67 74.27 13.75 14.40
C ARG H 67 75.01 12.68 15.19
N GLU H 68 75.87 13.07 16.13
CA GLU H 68 76.58 12.08 16.95
C GLU H 68 75.65 11.40 17.94
N LYS H 69 74.60 12.08 18.38
CA LYS H 69 73.62 11.52 19.31
C LYS H 69 74.31 10.89 20.51
N PHE H 70 75.03 11.75 21.22
CA PHE H 70 75.89 11.29 22.32
C PHE H 70 75.09 10.63 23.43
N LYS H 71 75.64 9.54 23.95
CA LYS H 71 75.23 8.98 25.23
C LYS H 71 76.21 9.49 26.28
N GLU H 72 76.07 9.01 27.51
CA GLU H 72 76.90 9.51 28.62
C GLU H 72 76.97 8.42 29.68
N GLU H 73 77.89 7.48 29.51
CA GLU H 73 78.06 6.36 30.43
C GLU H 73 79.34 6.55 31.22
N TYR H 74 79.22 6.48 32.55
CA TYR H 74 80.31 6.76 33.48
C TYR H 74 80.91 5.47 34.00
N TYR H 75 82.24 5.36 33.93
CA TYR H 75 83.00 4.26 34.50
C TYR H 75 84.32 4.83 35.03
N TYR H 76 85.10 3.99 35.70
CA TYR H 76 86.51 4.28 35.96
C TYR H 76 87.28 2.97 35.90
N GLY H 77 88.60 3.07 35.70
CA GLY H 77 89.39 1.87 35.57
C GLY H 77 90.87 2.17 35.44
N LYS H 78 91.61 1.08 35.27
CA LYS H 78 93.07 1.20 35.09
C LYS H 78 93.47 0.41 33.86
N GLY H 79 94.48 0.93 33.17
CA GLY H 79 95.15 0.21 32.11
C GLY H 79 96.26 -0.68 32.64
N ASP H 80 97.11 -1.14 31.72
CA ASP H 80 98.23 -2.00 32.09
C ASP H 80 99.59 -1.29 31.95
N VAL H 81 99.60 0.04 31.88
CA VAL H 81 100.85 0.78 31.79
C VAL H 81 100.81 1.93 32.79
N GLU H 82 102.00 2.38 33.20
CA GLU H 82 102.11 3.53 34.08
C GLU H 82 101.72 4.80 33.32
N GLY H 83 100.71 5.49 33.83
CA GLY H 83 100.26 6.72 33.22
C GLY H 83 100.07 7.85 34.21
N GLN H 84 99.44 8.94 33.76
CA GLN H 84 99.14 10.05 34.66
C GLN H 84 98.26 9.59 35.82
N ASP H 85 97.17 8.90 35.50
CA ASP H 85 96.25 8.41 36.50
C ASP H 85 96.16 6.89 36.40
N GLY H 86 95.22 6.37 35.60
CA GLY H 86 95.14 4.94 35.41
C GLY H 86 95.87 4.40 34.20
N GLY H 87 96.46 5.26 33.37
CA GLY H 87 97.05 4.78 32.14
C GLY H 87 96.03 4.29 31.14
N VAL H 88 94.78 4.76 31.24
CA VAL H 88 93.72 4.22 30.43
C VAL H 88 93.87 4.67 28.97
N VAL H 89 94.20 5.95 28.76
CA VAL H 89 94.32 6.47 27.41
C VAL H 89 95.37 5.66 26.65
N THR H 90 96.56 5.52 27.21
CA THR H 90 97.62 4.82 26.51
C THR H 90 97.25 3.36 26.28
N THR H 91 96.61 2.72 27.26
CA THR H 91 96.25 1.31 27.10
C THR H 91 95.21 1.12 26.01
N PHE H 92 94.25 2.05 25.92
CA PHE H 92 93.25 2.01 24.86
C PHE H 92 93.91 2.16 23.49
N LEU H 93 94.87 3.09 23.37
CA LEU H 93 95.52 3.31 22.08
C LEU H 93 96.32 2.08 21.65
N LYS H 94 96.96 1.42 22.62
CA LYS H 94 97.65 0.15 22.33
C LYS H 94 96.67 -0.85 21.74
N TYR H 95 95.48 -0.98 22.37
CA TYR H 95 94.47 -1.91 21.88
C TYR H 95 94.03 -1.57 20.46
N LEU H 96 93.81 -0.28 20.17
CA LEU H 96 93.38 0.10 18.82
C LEU H 96 94.45 -0.23 17.79
N LEU H 97 95.73 -0.03 18.13
CA LEU H 97 96.80 -0.34 17.20
C LEU H 97 96.93 -1.85 17.01
N LYS H 98 96.90 -2.60 18.12
CA LYS H 98 97.07 -4.05 18.04
C LYS H 98 95.97 -4.68 17.21
N ASN H 99 94.73 -4.22 17.36
CA ASN H 99 93.61 -4.80 16.61
C ASN H 99 93.37 -4.09 15.29
N LYS H 100 94.36 -3.33 14.81
CA LYS H 100 94.31 -2.71 13.49
C LYS H 100 93.07 -1.84 13.30
N LYS H 101 92.59 -1.21 14.38
CA LYS H 101 91.50 -0.27 14.25
C LYS H 101 91.95 1.09 13.74
N ILE H 102 93.23 1.42 13.91
CA ILE H 102 93.80 2.68 13.43
C ILE H 102 95.17 2.35 12.85
N ASP H 103 95.66 3.24 11.99
CA ASP H 103 97.03 3.10 11.49
C ASP H 103 98.04 3.85 12.34
N GLY H 104 97.59 4.75 13.21
CA GLY H 104 98.48 5.46 14.10
C GLY H 104 97.68 6.31 15.06
N ALA H 105 98.39 6.87 16.03
CA ALA H 105 97.76 7.73 17.03
C ALA H 105 98.49 9.06 17.05
N ILE H 106 97.73 10.15 17.17
CA ILE H 106 98.25 11.50 17.32
C ILE H 106 98.29 11.80 18.80
N VAL H 107 99.49 11.88 19.38
CA VAL H 107 99.66 11.96 20.82
C VAL H 107 100.71 13.01 21.13
N VAL H 108 100.82 13.35 22.41
CA VAL H 108 101.71 14.40 22.87
C VAL H 108 102.83 13.78 23.69
N GLY H 109 104.06 13.88 23.19
CA GLY H 109 105.24 13.58 23.95
C GLY H 109 105.83 14.85 24.54
N ASP H 110 107.11 14.76 24.91
CA ASP H 110 107.78 15.95 25.41
C ASP H 110 109.29 15.82 25.30
N GLU H 111 109.95 16.96 25.22
CA GLU H 111 111.40 17.07 25.37
C GLU H 111 111.65 18.01 26.55
N CYS H 112 112.04 17.45 27.69
CA CYS H 112 112.18 18.20 28.94
C CYS H 112 110.90 19.00 29.21
N TRP H 113 109.76 18.33 29.01
CA TRP H 113 108.41 18.79 29.31
C TRP H 113 107.91 19.85 28.32
N LYS H 114 108.70 20.22 27.32
CA LYS H 114 108.16 20.97 26.19
C LYS H 114 107.36 20.02 25.30
N PRO H 115 106.06 20.23 25.13
CA PRO H 115 105.25 19.23 24.41
C PRO H 115 105.63 19.11 22.94
N VAL H 116 105.43 17.90 22.42
CA VAL H 116 105.72 17.60 21.02
C VAL H 116 104.61 16.73 20.48
N SER H 117 104.00 17.16 19.36
CA SER H 117 102.93 16.39 18.73
C SER H 117 103.55 15.26 17.92
N LEU H 118 103.16 14.02 18.23
CA LEU H 118 103.75 12.85 17.58
C LEU H 118 102.67 12.06 16.85
N ILE H 119 103.08 11.42 15.74
CA ILE H 119 102.30 10.38 15.09
C ILE H 119 103.02 9.07 15.38
N VAL H 120 102.41 8.22 16.20
CA VAL H 120 103.03 6.96 16.62
C VAL H 120 102.28 5.82 15.94
N GLN H 121 103.03 4.82 15.50
CA GLN H 121 102.45 3.67 14.82
C GLN H 121 102.74 2.34 15.49
N ASN H 122 103.45 2.33 16.63
CA ASN H 122 103.71 1.08 17.33
C ASN H 122 103.77 1.36 18.84
N GLU H 123 103.81 0.26 19.60
CA GLU H 123 103.69 0.36 21.06
C GLU H 123 104.89 1.08 21.67
N GLU H 124 106.09 0.80 21.19
CA GLU H 124 107.28 1.40 21.80
C GLU H 124 107.22 2.92 21.73
N ASP H 125 106.90 3.45 20.54
CA ASP H 125 106.84 4.90 20.38
C ASP H 125 105.68 5.50 21.16
N LEU H 126 104.61 4.73 21.35
CA LEU H 126 103.48 5.22 22.13
C LEU H 126 103.85 5.40 23.59
N MET H 127 104.78 4.58 24.10
CA MET H 127 105.07 4.57 25.52
C MET H 127 105.80 5.83 25.99
N ASN H 128 106.35 6.62 25.07
CA ASN H 128 106.97 7.88 25.43
C ASN H 128 105.96 9.01 25.65
N THR H 129 104.68 8.74 25.37
CA THR H 129 103.64 9.80 25.40
C THR H 129 102.74 9.72 26.63
N THR H 130 103.14 8.95 27.65
CA THR H 130 102.32 8.85 28.89
C THR H 130 102.50 10.12 29.75
N LYS H 131 101.50 10.36 30.62
CA LYS H 131 101.38 11.47 31.62
C LYS H 131 100.85 12.76 30.97
N SER H 132 100.44 13.70 31.82
CA SER H 132 99.87 14.98 31.35
C SER H 132 100.96 16.05 31.22
N LYS H 133 101.04 16.67 30.05
CA LYS H 133 101.90 17.87 29.85
C LYS H 133 100.91 19.02 30.05
N TYR H 134 101.14 19.86 31.06
CA TYR H 134 100.15 20.93 31.43
C TYR H 134 100.40 22.23 30.68
N THR H 135 101.20 22.21 29.61
CA THR H 135 101.47 23.42 28.80
C THR H 135 100.81 23.29 27.43
N VAL H 136 100.97 24.32 26.59
CA VAL H 136 100.36 24.42 25.27
C VAL H 136 100.85 23.27 24.40
N SER H 137 99.91 22.56 23.78
CA SER H 137 100.21 21.48 22.85
C SER H 137 99.59 21.79 21.50
N THR H 138 100.10 21.14 20.46
CA THR H 138 99.57 21.30 19.11
C THR H 138 99.00 19.97 18.64
N LEU H 139 98.54 19.97 17.39
CA LEU H 139 98.07 18.77 16.69
C LEU H 139 98.90 18.53 15.44
N GLU H 140 100.09 19.10 15.38
CA GLU H 140 100.81 19.25 14.11
C GLU H 140 101.11 17.91 13.46
N ALA H 141 101.20 16.83 14.25
CA ALA H 141 101.46 15.53 13.65
C ALA H 141 100.32 15.05 12.73
N LEU H 142 99.14 15.65 12.80
CA LEU H 142 98.11 15.32 11.81
C LEU H 142 98.61 15.59 10.40
N LYS H 143 99.34 16.69 10.22
CA LYS H 143 99.89 17.01 8.90
C LYS H 143 100.88 15.95 8.47
N THR H 144 101.72 15.49 9.40
CA THR H 144 102.68 14.43 9.10
C THR H 144 101.96 13.15 8.72
N ALA H 145 100.96 12.78 9.51
CA ALA H 145 100.16 11.60 9.20
C ALA H 145 99.60 11.69 7.79
N GLY H 146 99.13 12.87 7.40
CA GLY H 146 98.57 13.04 6.06
C GLY H 146 99.63 12.92 4.98
N GLU H 147 100.84 13.45 5.24
CA GLU H 147 101.92 13.31 4.28
C GLU H 147 102.37 11.85 4.17
N MET H 148 102.28 11.11 5.28
CA MET H 148 102.60 9.69 5.26
C MET H 148 101.53 8.85 4.56
N GLY H 149 100.33 9.40 4.40
CA GLY H 149 99.25 8.68 3.77
C GLY H 149 98.51 7.72 4.67
N LEU H 150 98.64 7.87 5.98
CA LEU H 150 97.94 6.97 6.88
C LEU H 150 96.44 7.13 6.71
N GLU H 151 95.74 5.99 6.65
CA GLU H 151 94.31 6.01 6.36
C GLU H 151 93.51 6.51 7.54
N LYS H 152 93.75 5.95 8.72
CA LYS H 152 92.94 6.25 9.89
C LYS H 152 93.84 6.49 11.09
N VAL H 153 93.44 7.44 11.95
CA VAL H 153 94.16 7.69 13.19
C VAL H 153 93.17 7.90 14.34
N ALA H 154 93.67 7.67 15.55
CA ALA H 154 93.06 8.16 16.77
C ALA H 154 93.81 9.43 17.19
N VAL H 155 93.08 10.38 17.75
CA VAL H 155 93.65 11.63 18.25
C VAL H 155 93.23 11.79 19.70
N VAL H 156 94.20 12.09 20.56
CA VAL H 156 93.96 12.48 21.94
C VAL H 156 94.02 14.01 21.99
N GLY H 157 93.05 14.63 22.65
CA GLY H 157 92.97 16.08 22.64
C GLY H 157 92.31 16.62 23.89
N LEU H 158 92.73 17.83 24.27
CA LEU H 158 92.00 18.63 25.24
C LEU H 158 90.65 19.03 24.64
N PRO H 159 89.69 19.44 25.48
CA PRO H 159 88.34 19.78 24.95
C PRO H 159 88.37 20.73 23.74
N CYS H 160 89.21 21.77 23.77
CA CYS H 160 89.27 22.72 22.66
C CYS H 160 89.77 22.06 21.39
N GLN H 161 90.70 21.12 21.53
CA GLN H 161 91.16 20.34 20.39
C GLN H 161 90.09 19.40 19.86
N ILE H 162 89.37 18.72 20.77
CA ILE H 162 88.23 17.89 20.35
C ILE H 162 87.23 18.74 19.57
N ASN H 163 86.93 19.94 20.07
CA ASN H 163 85.92 20.79 19.43
C ASN H 163 86.33 21.22 18.03
N GLY H 164 87.60 21.64 17.87
CA GLY H 164 88.10 21.93 16.53
C GLY H 164 88.04 20.73 15.59
N LEU H 165 88.43 19.55 16.08
CA LEU H 165 88.50 18.40 15.19
C LEU H 165 87.11 17.90 14.80
N ARG H 166 86.13 18.08 15.69
CA ARG H 166 84.74 17.78 15.31
C ARG H 166 84.26 18.74 14.23
N LYS H 167 84.68 20.01 14.28
CA LYS H 167 84.36 20.91 13.19
C LYS H 167 84.99 20.43 11.89
N LEU H 168 86.22 19.92 11.96
CA LEU H 168 86.87 19.39 10.76
C LEU H 168 86.10 18.17 10.23
N GLN H 169 85.67 17.26 11.11
CA GLN H 169 84.91 16.10 10.69
C GLN H 169 83.62 16.51 9.99
N TYR H 170 82.94 17.54 10.51
CA TYR H 170 81.64 17.99 10.02
C TYR H 170 81.76 19.22 9.13
N PHE H 171 82.91 19.37 8.46
CA PHE H 171 83.23 20.62 7.79
C PHE H 171 82.16 21.02 6.78
N GLN H 172 81.74 20.07 5.93
CA GLN H 172 80.78 20.43 4.87
C GLN H 172 79.44 20.92 5.45
N TYR H 173 79.06 20.44 6.63
CA TYR H 173 77.81 20.89 7.24
C TYR H 173 77.94 22.28 7.85
N LEU H 174 79.10 22.60 8.41
CA LEU H 174 79.28 23.86 9.11
C LEU H 174 79.75 24.99 8.18
N ALA H 175 80.71 24.69 7.31
CA ALA H 175 81.20 25.69 6.36
C ALA H 175 80.36 25.77 5.10
N LYS H 176 79.58 24.72 4.80
CA LYS H 176 78.65 24.68 3.67
C LYS H 176 79.35 24.58 2.32
N HIS H 177 80.58 24.06 2.30
CA HIS H 177 81.27 23.80 1.04
C HIS H 177 82.33 22.74 1.33
N ASP H 178 83.03 22.34 0.27
CA ASP H 178 84.08 21.33 0.37
C ASP H 178 85.34 21.94 0.96
N GLY H 179 86.23 21.08 1.43
CA GLY H 179 87.52 21.53 1.92
C GLY H 179 88.26 22.41 0.93
N GLU H 180 88.84 23.50 1.45
CA GLU H 180 89.54 24.51 0.63
C GLU H 180 90.59 23.87 -0.30
N LEU H 181 90.58 24.27 -1.56
CA LEU H 181 91.59 23.84 -2.52
C LEU H 181 92.83 24.73 -2.43
N GLY H 182 94.00 24.09 -2.43
CA GLY H 182 95.26 24.79 -2.47
C GLY H 182 95.65 25.22 -3.88
N LYS H 183 96.84 25.82 -3.98
CA LYS H 183 97.34 26.32 -5.26
C LYS H 183 97.33 25.23 -6.34
N ASN H 184 97.62 23.99 -5.97
CA ASN H 184 97.65 22.92 -6.96
C ASN H 184 96.26 22.39 -7.30
N GLY H 185 95.21 22.96 -6.72
CA GLY H 185 93.84 22.55 -7.01
C GLY H 185 93.31 21.43 -6.15
N LYS H 186 94.07 20.99 -5.14
CA LYS H 186 93.69 19.86 -4.29
C LYS H 186 93.58 20.29 -2.84
N PRO H 187 92.69 19.65 -2.07
CA PRO H 187 92.56 19.97 -0.65
C PRO H 187 93.72 19.40 0.16
N VAL H 188 93.71 19.73 1.45
CA VAL H 188 94.76 19.28 2.36
C VAL H 188 94.69 17.77 2.51
N LYS H 189 95.87 17.15 2.66
CA LYS H 189 95.99 15.72 2.91
C LYS H 189 96.00 15.49 4.41
N LEU H 190 94.96 14.82 4.92
CA LEU H 190 94.85 14.49 6.33
C LEU H 190 94.28 13.08 6.44
N PRO H 191 94.69 12.34 7.47
CA PRO H 191 94.07 11.03 7.72
C PRO H 191 92.63 11.21 8.18
N LYS H 192 91.85 10.13 8.05
CA LYS H 192 90.53 10.09 8.66
C LYS H 192 90.69 9.99 10.17
N ILE H 193 89.99 10.85 10.90
CA ILE H 193 90.04 10.81 12.37
C ILE H 193 88.94 9.86 12.82
N GLU H 194 89.35 8.64 13.16
CA GLU H 194 88.47 7.53 13.48
C GLU H 194 88.06 7.49 14.95
N TYR H 195 88.93 7.95 15.86
CA TYR H 195 88.59 8.04 17.27
C TYR H 195 89.05 9.39 17.80
N LEU H 196 88.20 10.03 18.60
CA LEU H 196 88.54 11.25 19.31
C LEU H 196 88.49 10.96 20.80
N ILE H 197 89.66 10.93 21.45
CA ILE H 197 89.78 10.64 22.88
C ILE H 197 90.02 11.97 23.59
N GLY H 198 89.04 12.42 24.36
CA GLY H 198 89.16 13.71 25.02
C GLY H 198 89.67 13.57 26.45
N LEU H 199 90.41 14.59 26.89
CA LEU H 199 90.88 14.70 28.26
C LEU H 199 90.01 15.71 29.01
N LEU H 200 89.70 15.42 30.26
CA LEU H 200 89.11 16.44 31.12
C LEU H 200 90.14 17.55 31.34
N CYS H 201 89.66 18.78 31.46
CA CYS H 201 90.61 19.90 31.51
C CYS H 201 89.99 21.12 32.17
N THR H 202 90.68 21.64 33.18
CA THR H 202 90.37 22.93 33.79
C THR H 202 91.18 24.08 33.22
N GLU H 203 92.43 23.83 32.81
CA GLU H 203 93.29 24.89 32.29
C GLU H 203 94.62 24.27 31.85
N LYS H 204 95.36 25.03 31.06
CA LYS H 204 96.74 24.74 30.71
C LYS H 204 97.54 26.03 30.88
N PHE H 205 98.86 25.88 30.99
CA PHE H 205 99.74 27.02 31.22
C PHE H 205 100.68 27.24 30.04
N GLU H 206 101.34 28.40 30.06
CA GLU H 206 102.41 28.70 29.13
C GLU H 206 103.71 28.10 29.65
N TYR H 207 104.47 27.45 28.76
CA TYR H 207 105.65 26.71 29.21
C TYR H 207 106.67 27.63 29.87
N ASP H 208 106.94 28.79 29.25
CA ASP H 208 107.93 29.70 29.83
C ASP H 208 107.50 30.19 31.20
N GLU H 209 106.20 30.48 31.38
CA GLU H 209 105.71 30.85 32.71
C GLU H 209 105.96 29.74 33.71
N LEU H 210 105.68 28.48 33.33
CA LEU H 210 105.80 27.38 34.28
C LEU H 210 107.25 27.13 34.66
N LYS H 211 108.17 27.15 33.68
CA LYS H 211 109.58 26.97 34.00
C LYS H 211 110.08 28.10 34.89
N GLU H 212 109.62 29.33 34.62
CA GLU H 212 109.96 30.46 35.48
C GLU H 212 109.54 30.20 36.92
N THR H 213 108.29 29.72 37.09
CA THR H 213 107.75 29.55 38.44
C THR H 213 108.47 28.46 39.21
N LEU H 214 108.82 27.37 38.50
CA LEU H 214 109.54 26.24 39.12
C LEU H 214 110.91 26.72 39.59
N ALA H 215 111.56 27.58 38.79
CA ALA H 215 112.86 28.15 39.16
C ALA H 215 112.74 29.05 40.38
N LYS H 216 111.60 29.73 40.53
CA LYS H 216 111.37 30.54 41.72
C LYS H 216 111.36 29.67 42.97
N TYR H 217 110.81 28.46 42.83
CA TYR H 217 110.72 27.48 43.95
C TYR H 217 111.95 26.57 43.95
N ASN H 218 113.05 27.04 43.34
CA ASN H 218 114.32 26.27 43.28
C ASN H 218 114.08 24.88 42.70
N ILE H 219 113.34 24.81 41.57
CA ILE H 219 113.05 23.50 40.93
C ILE H 219 113.51 23.56 39.47
N ASN H 220 114.31 22.56 39.04
CA ASN H 220 114.74 22.47 37.65
C ASN H 220 113.72 21.61 36.89
N MET H 221 113.04 22.21 35.91
CA MET H 221 111.95 21.50 35.24
C MET H 221 112.44 20.26 34.52
N ASP H 222 113.70 20.26 34.05
CA ASP H 222 114.19 19.09 33.32
C ASP H 222 114.27 17.87 34.21
N ASP H 223 114.42 18.08 35.51
CA ASP H 223 114.55 16.96 36.48
C ASP H 223 113.18 16.46 36.93
N VAL H 224 112.12 17.23 36.65
CA VAL H 224 110.73 16.84 37.07
C VAL H 224 110.36 15.48 36.45
N GLU H 225 109.87 14.56 37.27
CA GLU H 225 109.48 13.21 36.80
C GLU H 225 108.00 13.19 36.41
N LYS H 226 107.16 13.87 37.20
CA LYS H 226 105.69 13.89 36.94
C LYS H 226 105.06 15.18 37.48
N PHE H 227 103.95 15.59 36.85
CA PHE H 227 103.17 16.79 37.25
C PHE H 227 101.75 16.34 37.59
N ASP H 228 101.08 17.03 38.51
CA ASP H 228 99.67 16.72 38.90
C ASP H 228 99.03 17.98 39.48
N ILE H 229 97.70 18.05 39.49
CA ILE H 229 97.01 19.25 40.08
C ILE H 229 95.99 18.75 41.13
N LYS H 230 96.20 19.09 42.41
CA LYS H 230 95.27 18.69 43.50
C LYS H 230 95.10 19.80 44.54
N LYS H 231 93.86 20.05 44.96
CA LYS H 231 93.51 21.04 46.02
C LYS H 231 94.05 22.44 45.70
N GLY H 232 94.02 22.86 44.42
CA GLY H 232 94.47 24.22 44.03
C GLY H 232 95.98 24.39 44.04
N LYS H 233 96.73 23.30 44.10
CA LYS H 233 98.22 23.38 44.12
C LYS H 233 98.78 22.49 43.01
N LEU H 234 99.76 23.01 42.26
CA LEU H 234 100.40 22.15 41.22
C LEU H 234 101.33 21.21 41.99
N LEU H 235 101.23 19.90 41.73
CA LEU H 235 102.09 18.91 42.41
C LEU H 235 103.28 18.63 41.50
N VAL H 236 104.49 18.89 41.98
CA VAL H 236 105.73 18.66 41.18
C VAL H 236 106.55 17.56 41.84
N TYR H 237 106.69 16.41 41.18
CA TYR H 237 107.50 15.30 41.74
C TYR H 237 108.90 15.36 41.13
N VAL H 238 109.89 15.77 41.93
CA VAL H 238 111.30 15.86 41.44
C VAL H 238 112.24 15.28 42.51
N ASN H 239 113.21 14.46 42.10
CA ASN H 239 114.21 13.82 43.00
C ASN H 239 113.50 12.96 44.06
N GLY H 240 112.41 12.28 43.70
CA GLY H 240 111.62 11.44 44.64
C GLY H 240 111.01 12.26 45.77
N GLU H 241 110.67 13.52 45.52
CA GLU H 241 110.08 14.41 46.55
C GLU H 241 108.83 15.09 46.00
N GLU H 242 107.93 15.52 46.89
CA GLU H 242 106.67 16.20 46.46
C GLU H 242 106.80 17.69 46.80
N HIS H 243 106.72 18.54 45.77
CA HIS H 243 106.79 20.01 45.97
C HIS H 243 105.44 20.59 45.60
N LYS H 244 104.96 21.58 46.35
CA LYS H 244 103.63 22.16 46.07
C LYS H 244 103.77 23.64 45.69
N ILE H 245 103.15 24.03 44.58
CA ILE H 245 103.14 25.44 44.11
C ILE H 245 101.67 25.87 44.05
N PRO H 246 101.29 27.03 44.60
CA PRO H 246 99.88 27.45 44.56
C PRO H 246 99.48 27.65 43.10
N LEU H 247 98.29 27.16 42.71
CA LEU H 247 97.75 27.27 41.33
C LEU H 247 97.53 28.74 40.97
N LYS H 248 97.11 29.56 41.94
CA LYS H 248 96.85 31.01 41.74
C LYS H 248 98.13 31.73 41.31
N GLU H 249 99.29 31.31 41.84
CA GLU H 249 100.61 31.89 41.49
C GLU H 249 100.92 31.72 39.99
N ILE H 250 100.45 30.60 39.39
CA ILE H 250 100.71 30.25 37.96
C ILE H 250 99.67 30.88 37.02
N GLU H 251 100.14 31.62 36.01
CA GLU H 251 99.22 32.27 35.03
C GLU H 251 98.97 31.32 33.85
N LEU H 252 97.70 30.94 33.66
CA LEU H 252 97.26 29.98 32.62
C LEU H 252 97.19 30.64 31.24
N SER H 253 97.15 29.81 30.18
CA SER H 253 96.97 30.30 28.79
C SER H 253 95.72 31.19 28.79
N ALA H 254 95.82 32.40 28.23
CA ALA H 254 94.72 33.37 28.34
C ALA H 254 93.41 32.83 27.79
N GLY H 255 93.46 32.01 26.74
CA GLY H 255 92.24 31.50 26.13
C GLY H 255 91.44 30.57 27.02
N CYS H 256 92.08 29.96 28.02
CA CYS H 256 91.35 29.11 28.95
C CYS H 256 90.30 29.91 29.72
N LYS H 257 90.55 31.19 29.95
CA LYS H 257 89.58 32.05 30.62
C LYS H 257 88.25 32.14 29.86
N MET H 258 88.29 31.89 28.54
CA MET H 258 87.11 31.98 27.68
C MET H 258 86.52 30.62 27.35
N CYS H 259 86.90 29.59 28.11
CA CYS H 259 86.52 28.21 27.81
C CYS H 259 85.32 27.76 28.63
N ARG H 260 84.48 26.92 28.01
CA ARG H 260 83.28 26.40 28.64
C ARG H 260 83.31 24.90 28.90
N ASP H 261 84.13 24.16 28.18
CA ASP H 261 83.98 22.71 28.03
C ASP H 261 84.96 22.02 28.97
N PHE H 262 84.46 21.55 30.12
CA PHE H 262 85.35 20.92 31.06
C PHE H 262 85.66 19.47 30.72
N ASP H 263 84.65 18.71 30.28
CA ASP H 263 84.80 17.25 30.20
C ASP H 263 84.93 16.73 28.77
N ALA H 264 85.31 17.59 27.82
CA ALA H 264 85.47 17.18 26.43
C ALA H 264 84.17 16.52 25.96
N GLU H 265 83.09 17.31 26.01
CA GLU H 265 81.74 16.77 25.89
C GLU H 265 81.45 16.19 24.49
N MET H 266 82.30 16.51 23.52
CA MET H 266 82.06 16.03 22.13
C MET H 266 82.95 14.86 21.76
N ALA H 267 83.77 14.39 22.71
CA ALA H 267 84.66 13.28 22.42
C ALA H 267 83.90 11.96 22.30
N ASP H 268 84.52 11.00 21.62
CA ASP H 268 83.98 9.64 21.60
C ASP H 268 84.03 9.04 23.00
N VAL H 269 85.08 9.36 23.75
CA VAL H 269 85.27 8.96 25.13
C VAL H 269 86.18 10.01 25.76
N SER H 270 85.83 10.43 26.97
CA SER H 270 86.59 11.43 27.71
C SER H 270 87.18 10.79 28.95
N VAL H 271 88.42 11.18 29.26
CA VAL H 271 89.18 10.53 30.32
C VAL H 271 89.75 11.60 31.23
N GLY H 272 89.62 11.40 32.52
CA GLY H 272 90.18 12.31 33.49
C GLY H 272 90.41 11.61 34.82
N CYS H 273 90.69 12.42 35.84
N CYS H 273 90.66 12.44 35.83
CA CYS H 273 90.92 11.87 37.17
CA CYS H 273 90.98 11.96 37.17
C CYS H 273 89.81 12.21 38.15
C CYS H 273 89.87 12.26 38.16
N VAL H 274 89.15 13.37 38.01
CA VAL H 274 88.10 13.73 38.95
C VAL H 274 86.98 12.70 38.87
N GLY H 275 86.40 12.38 40.03
CA GLY H 275 85.30 11.44 40.09
C GLY H 275 85.68 10.00 40.33
N SER H 276 86.97 9.68 40.30
CA SER H 276 87.46 8.32 40.41
C SER H 276 88.56 8.27 41.47
N PRO H 277 88.77 7.11 42.09
CA PRO H 277 89.80 7.00 43.12
C PRO H 277 91.19 7.22 42.55
N ASP H 278 92.11 7.58 43.45
CA ASP H 278 93.51 7.79 43.07
C ASP H 278 94.06 6.55 42.38
N GLY H 279 94.78 6.76 41.29
CA GLY H 279 95.36 5.65 40.56
C GLY H 279 94.48 5.10 39.46
N TYR H 280 93.27 5.64 39.35
CA TYR H 280 92.36 5.22 38.27
C TYR H 280 92.02 6.45 37.43
N SER H 281 91.57 6.20 36.20
CA SER H 281 91.07 7.27 35.34
C SER H 281 89.55 7.18 35.23
N THR H 282 88.89 8.33 35.34
CA THR H 282 87.48 8.41 35.02
C THR H 282 87.29 8.29 33.52
N VAL H 283 86.27 7.54 33.11
CA VAL H 283 85.99 7.26 31.71
C VAL H 283 84.54 7.62 31.44
N ILE H 284 84.31 8.55 30.51
CA ILE H 284 82.97 8.92 30.08
C ILE H 284 82.79 8.53 28.63
N ILE H 285 81.99 7.49 28.38
CA ILE H 285 81.77 6.96 27.04
C ILE H 285 80.55 7.67 26.45
N ARG H 286 80.69 8.17 25.23
CA ARG H 286 79.65 8.97 24.61
C ARG H 286 79.21 8.49 23.23
N THR H 287 79.99 7.68 22.54
CA THR H 287 79.61 7.19 21.22
C THR H 287 79.92 5.71 21.11
N GLU H 288 79.47 5.10 20.01
CA GLU H 288 79.79 3.70 19.76
C GLU H 288 81.28 3.51 19.47
N LYS H 289 81.96 4.51 18.89
CA LYS H 289 83.42 4.42 18.80
C LYS H 289 84.05 4.35 20.18
N GLY H 290 83.57 5.19 21.10
CA GLY H 290 84.12 5.16 22.45
C GLY H 290 83.77 3.90 23.21
N GLU H 291 82.66 3.25 22.85
CA GLU H 291 82.27 2.02 23.52
C GLU H 291 83.35 0.94 23.39
N GLU H 292 84.17 1.00 22.35
CA GLU H 292 85.19 -0.01 22.18
C GLU H 292 86.19 -0.03 23.33
N ILE H 293 86.27 1.05 24.12
CA ILE H 293 87.19 1.04 25.23
C ILE H 293 86.85 -0.06 26.24
N LYS H 294 85.59 -0.54 26.21
CA LYS H 294 85.21 -1.62 27.13
C LYS H 294 85.96 -2.90 26.82
N ASN H 295 86.44 -3.07 25.58
CA ASN H 295 87.26 -4.24 25.26
C ASN H 295 88.70 -4.10 25.70
N ALA H 296 89.16 -2.88 25.97
CA ALA H 296 90.56 -2.65 26.33
C ALA H 296 90.78 -2.45 27.82
N ILE H 297 89.75 -2.08 28.58
CA ILE H 297 89.89 -1.74 30.00
C ILE H 297 88.82 -2.48 30.78
N GLU H 298 89.23 -3.04 31.93
CA GLU H 298 88.26 -3.67 32.86
C GLU H 298 87.66 -2.50 33.63
N LEU H 299 86.45 -2.11 33.26
CA LEU H 299 85.84 -0.89 33.81
C LEU H 299 84.92 -1.18 34.98
N LYS H 300 84.95 -0.27 35.96
CA LYS H 300 84.12 -0.33 37.17
C LYS H 300 83.11 0.82 37.13
N GLU H 301 82.00 0.64 37.82
CA GLU H 301 81.03 1.70 38.04
C GLU H 301 81.21 2.26 39.45
N GLY H 302 80.67 3.47 39.66
CA GLY H 302 80.78 4.13 40.94
C GLY H 302 81.46 5.48 40.88
N VAL H 303 81.46 6.11 39.70
CA VAL H 303 82.01 7.45 39.56
C VAL H 303 81.24 8.40 40.46
N ASN H 304 81.96 9.34 41.09
CA ASN H 304 81.30 10.40 41.85
C ASN H 304 80.86 11.49 40.88
N LEU H 305 79.59 11.44 40.49
CA LEU H 305 79.10 12.36 39.47
C LEU H 305 79.12 13.80 39.95
N GLU H 306 78.84 14.01 41.24
CA GLU H 306 78.79 15.37 41.81
C GLU H 306 80.15 16.06 41.70
N ALA H 307 81.23 15.29 41.89
CA ALA H 307 82.58 15.85 41.81
C ALA H 307 82.84 16.41 40.41
N ILE H 308 82.38 15.69 39.38
CA ILE H 308 82.60 16.17 38.01
C ILE H 308 81.73 17.39 37.74
N GLU H 309 80.46 17.35 38.15
CA GLU H 309 79.56 18.47 37.92
C GLU H 309 80.09 19.74 38.57
N LYS H 310 80.75 19.62 39.72
CA LYS H 310 81.29 20.82 40.36
C LYS H 310 82.39 21.44 39.52
N LEU H 311 83.23 20.62 38.89
CA LEU H 311 84.25 21.14 38.01
C LEU H 311 83.63 21.79 36.77
N ARG H 312 82.53 21.22 36.25
CA ARG H 312 81.84 21.84 35.14
C ARG H 312 81.32 23.23 35.53
N ASP H 313 80.71 23.33 36.71
CA ASP H 313 80.13 24.60 37.12
C ASP H 313 81.21 25.63 37.43
N LEU H 314 82.34 25.21 38.00
CA LEU H 314 83.44 26.14 38.22
C LEU H 314 83.93 26.74 36.91
N LYS H 315 84.13 25.90 35.89
CA LYS H 315 84.61 26.41 34.62
C LYS H 315 83.60 27.35 33.99
N LEU H 316 82.32 26.99 34.02
CA LEU H 316 81.29 27.84 33.42
C LEU H 316 81.22 29.18 34.15
N ASN H 317 81.37 29.17 35.47
CA ASN H 317 81.31 30.42 36.21
C ASN H 317 82.53 31.29 35.94
N ARG H 318 83.70 30.67 35.76
CA ARG H 318 84.89 31.40 35.35
C ARG H 318 84.68 32.03 33.98
N PHE H 319 84.14 31.26 33.04
CA PHE H 319 83.80 31.77 31.71
C PHE H 319 82.87 32.98 31.82
N LYS H 320 81.80 32.84 32.59
CA LYS H 320 80.82 33.92 32.69
C LYS H 320 81.45 35.17 33.29
N LYS H 321 82.27 35.00 34.33
CA LYS H 321 82.99 36.13 34.92
C LYS H 321 83.84 36.86 33.88
N GLU H 322 84.55 36.10 33.03
CA GLU H 322 85.41 36.75 32.03
C GLU H 322 84.58 37.45 30.96
N VAL H 323 83.46 36.84 30.55
CA VAL H 323 82.63 37.49 29.54
C VAL H 323 82.06 38.78 30.09
N GLU H 324 81.57 38.75 31.34
CA GLU H 324 81.04 39.97 31.95
C GLU H 324 82.10 41.05 32.04
N ARG H 325 83.34 40.67 32.37
CA ARG H 325 84.44 41.63 32.44
C ARG H 325 84.71 42.25 31.07
N ARG H 326 84.73 41.43 30.02
CA ARG H 326 84.94 41.95 28.67
C ARG H 326 83.80 42.87 28.27
N LYS H 327 82.57 42.52 28.63
CA LYS H 327 81.43 43.39 28.36
C LYS H 327 81.63 44.76 28.99
N ALA H 328 81.95 44.79 30.29
CA ALA H 328 82.10 46.06 30.99
C ALA H 328 83.32 46.83 30.50
N GLU H 329 84.38 46.13 30.10
CA GLU H 329 85.61 46.76 29.66
C GLU H 329 85.62 47.09 28.17
N ASP H 330 84.54 46.79 27.46
CA ASP H 330 84.44 47.02 26.01
C ASP H 330 85.58 46.32 25.26
N GLU H 331 85.83 45.07 25.62
CA GLU H 331 86.81 44.24 24.94
C GLU H 331 86.11 43.23 24.02
N LYS H 332 86.86 42.72 23.05
CA LYS H 332 86.29 41.82 22.05
C LYS H 332 85.77 40.54 22.70
N VAL H 333 84.58 40.13 22.28
CA VAL H 333 84.02 38.82 22.63
C VAL H 333 83.57 38.16 21.34
N SER H 334 83.99 36.91 21.15
CA SER H 334 83.49 36.06 20.07
C SER H 334 82.41 35.17 20.67
N PHE H 335 81.16 35.33 20.22
CA PHE H 335 80.02 34.63 20.81
C PHE H 335 79.89 33.21 20.23
N TYR H 336 80.96 32.44 20.38
CA TYR H 336 81.05 31.17 19.67
C TYR H 336 80.04 30.15 20.15
N TRP H 337 79.52 30.29 21.37
CA TRP H 337 78.61 29.32 21.95
C TRP H 337 77.16 29.51 21.51
N THR H 338 76.85 30.53 20.71
CA THR H 338 75.49 30.66 20.20
C THR H 338 75.11 29.44 19.37
N ALA H 339 76.08 28.85 18.67
CA ALA H 339 75.87 27.65 17.86
C ALA H 339 75.69 26.40 18.69
N ASP H 340 75.76 26.50 20.02
CA ASP H 340 75.36 25.39 20.87
C ASP H 340 73.85 25.11 20.80
N TYR H 341 73.06 26.08 20.31
CA TYR H 341 71.61 26.03 20.42
C TYR H 341 70.93 26.09 19.07
N GLY H 342 69.88 25.30 18.91
CA GLY H 342 69.07 25.39 17.72
C GLY H 342 68.25 26.66 17.70
N GLY H 343 67.97 27.12 16.49
CA GLY H 343 67.09 28.26 16.30
C GLY H 343 67.73 29.61 16.46
N VAL H 344 69.05 29.68 16.59
CA VAL H 344 69.76 30.94 16.77
C VAL H 344 70.42 31.31 15.44
N GLY H 345 70.18 32.52 14.98
CA GLY H 345 70.83 33.04 13.78
C GLY H 345 71.39 34.42 14.02
N LYS H 346 72.44 34.74 13.26
CA LYS H 346 73.08 36.05 13.35
C LYS H 346 72.46 37.02 12.34
N ARG H 347 72.03 38.19 12.85
CA ARG H 347 71.47 39.26 12.03
C ARG H 347 72.59 40.01 11.32
N ALA H 348 72.18 40.86 10.37
CA ALA H 348 73.15 41.62 9.60
C ALA H 348 73.94 42.57 10.48
N ASP H 349 73.37 43.01 11.62
CA ASP H 349 73.97 44.05 12.44
C ASP H 349 74.71 43.49 13.64
N GLY H 350 74.99 42.19 13.68
CA GLY H 350 75.78 41.64 14.75
C GLY H 350 75.01 41.22 15.98
N THR H 351 73.70 41.50 16.04
CA THR H 351 72.83 40.94 17.06
C THR H 351 72.28 39.63 16.48
N TYR H 352 71.40 38.98 17.23
CA TYR H 352 70.89 37.66 16.86
C TYR H 352 69.37 37.64 16.82
N PHE H 353 68.84 36.65 16.10
CA PHE H 353 67.42 36.30 16.17
C PHE H 353 67.30 34.89 16.76
N ILE H 354 66.21 34.67 17.48
CA ILE H 354 65.91 33.38 18.08
C ILE H 354 64.57 32.92 17.53
N ARG H 355 64.56 31.78 16.85
CA ARG H 355 63.36 31.24 16.23
C ARG H 355 62.76 30.17 17.13
N ILE H 356 61.50 30.37 17.53
CA ILE H 356 60.75 29.38 18.28
C ILE H 356 60.05 28.48 17.27
N ARG H 357 60.47 27.21 17.21
CA ARG H 357 59.94 26.28 16.22
C ARG H 357 58.42 26.32 16.20
N ALA H 358 57.86 26.53 15.01
CA ALA H 358 56.42 26.73 14.90
C ALA H 358 55.64 25.57 15.51
N LYS H 359 54.58 25.90 16.24
CA LYS H 359 53.71 24.90 16.82
C LYS H 359 52.72 24.39 15.77
N PRO H 360 52.25 23.15 15.92
CA PRO H 360 51.41 22.56 14.88
C PRO H 360 50.23 23.44 14.49
N ALA H 361 50.12 23.67 13.19
CA ALA H 361 49.06 24.43 12.51
C ALA H 361 48.98 25.88 12.97
N GLY H 362 50.04 26.37 13.62
CA GLY H 362 50.08 27.76 14.07
C GLY H 362 49.18 28.11 15.23
N TRP H 363 48.67 27.12 15.97
CA TRP H 363 47.85 27.43 17.14
C TRP H 363 48.75 27.73 18.32
N TYR H 364 48.48 28.82 19.01
CA TYR H 364 49.16 29.18 20.25
C TYR H 364 48.11 29.55 21.28
N SER H 365 48.25 29.03 22.49
CA SER H 365 47.40 29.50 23.57
C SER H 365 47.75 30.96 23.89
N ILE H 366 46.77 31.68 24.41
CA ILE H 366 47.02 33.06 24.81
C ILE H 366 48.12 33.11 25.85
N ASP H 367 48.15 32.14 26.77
CA ASP H 367 49.19 32.09 27.78
C ASP H 367 50.57 31.90 27.17
N GLU H 368 50.68 30.99 26.20
CA GLU H 368 51.97 30.75 25.54
C GLU H 368 52.47 32.01 24.86
N ALA H 369 51.59 32.67 24.09
CA ALA H 369 51.98 33.89 23.39
C ALA H 369 52.43 34.95 24.38
N ARG H 370 51.70 35.09 25.50
CA ARG H 370 52.08 36.08 26.49
C ARG H 370 53.44 35.78 27.09
N GLU H 371 53.75 34.50 27.28
CA GLU H 371 55.06 34.11 27.80
C GLU H 371 56.16 34.49 26.83
N ILE H 372 55.93 34.27 25.55
CA ILE H 372 56.91 34.63 24.53
C ILE H 372 57.15 36.13 24.56
N LEU H 373 56.07 36.91 24.62
CA LEU H 373 56.21 38.36 24.61
C LEU H 373 56.95 38.87 25.84
N GLU H 374 56.71 38.26 27.00
CA GLU H 374 57.39 38.67 28.23
C GLU H 374 58.89 38.46 28.12
N ILE H 375 59.30 37.32 27.57
CA ILE H 375 60.73 37.05 27.43
C ILE H 375 61.33 38.00 26.40
N ALA H 376 60.63 38.22 25.28
CA ALA H 376 61.12 39.19 24.30
C ALA H 376 61.31 40.56 24.95
N GLU H 377 60.33 40.98 25.76
CA GLU H 377 60.39 42.31 26.41
C GLU H 377 61.63 42.38 27.33
N LYS H 378 61.91 41.29 28.04
CA LYS H 378 63.01 41.30 29.01
C LYS H 378 64.35 41.56 28.34
N TYR H 379 64.54 41.04 27.13
CA TYR H 379 65.81 41.14 26.43
C TYR H 379 65.78 42.13 25.26
N ASP H 380 64.77 42.99 25.22
CA ASP H 380 64.67 44.03 24.19
C ASP H 380 64.56 43.41 22.81
N GLY H 381 63.85 42.29 22.70
CA GLY H 381 63.66 41.66 21.42
C GLY H 381 62.45 42.20 20.66
N LYS H 382 62.50 42.04 19.34
CA LYS H 382 61.45 42.50 18.44
C LYS H 382 60.80 41.29 17.77
N ILE H 383 59.48 41.31 17.69
CA ILE H 383 58.70 40.17 17.24
C ILE H 383 58.55 40.19 15.72
N LYS H 384 58.89 39.07 15.11
CA LYS H 384 58.66 38.81 13.69
C LYS H 384 57.95 37.47 13.56
N MET H 385 56.84 37.46 12.83
CA MET H 385 56.11 36.24 12.53
C MET H 385 56.56 35.70 11.18
N THR H 386 56.97 34.44 11.15
CA THR H 386 57.48 33.88 9.91
C THR H 386 56.35 33.29 9.07
N ASN H 387 56.66 32.99 7.80
CA ASN H 387 55.68 32.39 6.90
C ASN H 387 55.55 30.87 7.10
N ARG H 388 56.11 30.32 8.18
CA ARG H 388 55.74 29.00 8.69
C ARG H 388 55.04 29.09 10.05
N GLY H 389 54.58 30.28 10.45
CA GLY H 389 53.79 30.39 11.67
C GLY H 389 54.59 30.41 12.95
N ALA H 390 55.85 30.81 12.88
CA ALA H 390 56.73 30.84 14.05
C ALA H 390 56.92 32.26 14.54
N PHE H 391 57.02 32.39 15.87
CA PHE H 391 57.55 33.58 16.50
C PHE H 391 59.06 33.60 16.36
N GLU H 392 59.60 34.70 15.86
CA GLU H 392 61.04 34.91 15.74
C GLU H 392 61.39 36.22 16.43
N ILE H 393 62.32 36.17 17.38
CA ILE H 393 62.64 37.33 18.20
C ILE H 393 63.99 37.90 17.76
N HIS H 394 63.98 39.17 17.36
CA HIS H 394 65.13 39.81 16.74
C HIS H 394 65.78 40.82 17.67
N GLY H 395 67.08 40.99 17.47
CA GLY H 395 67.82 42.05 18.14
C GLY H 395 68.46 41.65 19.44
N ILE H 396 68.66 40.36 19.67
CA ILE H 396 69.20 39.88 20.92
C ILE H 396 70.71 40.00 20.89
N SER H 397 71.28 40.62 21.92
CA SER H 397 72.73 40.73 22.02
C SER H 397 73.35 39.35 22.21
N GLY H 398 74.52 39.15 21.62
CA GLY H 398 75.24 37.91 21.87
C GLY H 398 75.43 37.64 23.35
N PHE H 399 75.51 38.69 24.16
CA PHE H 399 75.64 38.49 25.60
C PHE H 399 74.39 37.90 26.23
N ASP H 400 73.22 38.05 25.58
CA ASP H 400 71.97 37.60 26.15
C ASP H 400 71.44 36.32 25.54
N VAL H 401 72.03 35.84 24.44
CA VAL H 401 71.42 34.76 23.67
C VAL H 401 71.19 33.54 24.57
N GLU H 402 72.22 33.11 25.29
CA GLU H 402 72.13 31.86 26.04
C GLU H 402 71.09 31.96 27.16
N ALA H 403 71.15 33.03 27.95
CA ALA H 403 70.17 33.19 29.01
C ALA H 403 68.75 33.20 28.44
N MET H 404 68.55 33.88 27.32
CA MET H 404 67.20 33.93 26.76
C MET H 404 66.76 32.57 26.23
N VAL H 405 67.64 31.87 25.51
CA VAL H 405 67.26 30.55 25.03
C VAL H 405 66.95 29.65 26.20
N LEU H 406 67.77 29.72 27.25
CA LEU H 406 67.53 28.85 28.43
C LEU H 406 66.18 29.22 29.06
N GLU H 407 65.85 30.51 29.13
CA GLU H 407 64.55 30.94 29.71
C GLU H 407 63.40 30.37 28.87
N LEU H 408 63.53 30.40 27.54
CA LEU H 408 62.46 29.88 26.64
C LEU H 408 62.28 28.38 26.85
N MET H 409 63.38 27.63 26.96
CA MET H 409 63.35 26.16 27.15
C MET H 409 62.70 25.84 28.51
N GLU H 410 62.97 26.67 29.51
CA GLU H 410 62.42 26.48 30.88
C GLU H 410 60.88 26.54 30.82
N LYS H 411 60.33 27.45 30.02
CA LYS H 411 58.86 27.60 29.87
C LYS H 411 58.29 26.53 28.92
N GLY H 412 59.14 25.64 28.37
CA GLY H 412 58.62 24.59 27.51
C GLY H 412 58.74 24.85 26.02
N PHE H 413 59.31 25.97 25.60
CA PHE H 413 59.42 26.26 24.17
C PHE H 413 60.68 25.62 23.60
N ILE H 414 60.59 25.17 22.36
CA ILE H 414 61.72 24.61 21.63
C ILE H 414 62.17 25.67 20.64
N THR H 415 63.43 26.08 20.73
CA THR H 415 64.02 26.95 19.73
C THR H 415 64.61 26.08 18.64
N GLY H 416 64.36 26.44 17.38
CA GLY H 416 64.82 25.59 16.30
C GLY H 416 64.26 25.99 14.95
N SER H 417 64.05 24.98 14.11
CA SER H 417 63.60 25.17 12.72
C SER H 417 64.65 25.95 11.92
N GLU H 418 65.92 25.68 12.21
CA GLU H 418 67.04 26.33 11.55
C GLU H 418 68.16 25.35 11.29
N GLY H 419 68.85 25.53 10.17
CA GLY H 419 69.96 24.67 9.81
C GLY H 419 69.54 23.41 9.07
N PRO H 420 70.51 22.55 8.78
CA PRO H 420 70.23 21.33 7.97
C PRO H 420 69.55 20.20 8.77
N LEU H 421 68.22 20.30 8.85
CA LEU H 421 67.41 19.36 9.61
C LEU H 421 65.95 19.50 9.20
N VAL H 422 65.08 18.66 9.77
CA VAL H 422 63.66 18.71 9.49
C VAL H 422 63.08 19.95 10.17
N ARG H 423 62.61 20.90 9.37
CA ARG H 423 62.07 22.17 9.83
C ARG H 423 60.66 21.98 10.41
N ALA H 424 60.13 23.05 10.98
CA ALA H 424 58.78 23.00 11.55
C ALA H 424 57.81 22.52 10.47
N THR H 425 57.03 21.49 10.78
CA THR H 425 56.02 21.03 9.84
C THR H 425 54.91 22.08 9.74
N LEU H 426 54.51 22.40 8.51
CA LEU H 426 53.57 23.47 8.25
C LEU H 426 52.20 22.89 7.90
N ALA H 427 51.21 23.21 8.72
CA ALA H 427 49.84 22.73 8.53
C ALA H 427 48.85 23.87 8.61
N CYS H 428 47.75 23.71 7.89
CA CYS H 428 46.63 24.63 7.94
C CYS H 428 45.67 24.20 9.06
N PRO H 429 44.59 24.95 9.30
CA PRO H 429 43.66 24.58 10.37
C PRO H 429 42.89 23.28 10.12
N GLY H 430 42.64 22.92 8.88
CA GLY H 430 42.02 21.64 8.57
C GLY H 430 40.58 21.47 9.05
N GLU H 431 40.16 20.19 9.09
CA GLU H 431 38.77 19.84 9.33
C GLU H 431 38.28 20.31 10.69
N GLY H 432 37.00 20.70 10.73
CA GLY H 432 36.38 21.17 11.95
C GLY H 432 36.75 22.59 12.30
N ASN H 433 37.74 23.17 11.62
CA ASN H 433 38.10 24.57 11.76
C ASN H 433 37.78 25.30 10.46
N CYS H 434 38.52 24.99 9.39
CA CYS H 434 38.20 25.48 8.06
C CYS H 434 37.04 24.69 7.48
N GLY H 435 36.07 25.38 6.88
CA GLY H 435 34.93 24.74 6.26
C GLY H 435 35.28 23.81 5.12
N SER H 436 36.44 23.99 4.49
CA SER H 436 36.84 23.13 3.41
C SER H 436 37.67 21.93 3.87
N GLY H 437 38.05 21.89 5.14
CA GLY H 437 38.99 20.88 5.60
C GLY H 437 38.42 19.48 5.59
N LEU H 438 39.24 18.54 5.14
CA LEU H 438 38.85 17.15 5.01
C LEU H 438 39.56 16.22 5.99
N ILE H 439 40.69 16.66 6.56
CA ILE H 439 41.51 15.82 7.45
C ILE H 439 41.92 16.63 8.67
N ASN H 440 42.29 15.92 9.73
CA ASN H 440 42.74 16.52 10.99
C ASN H 440 44.22 16.89 10.81
N THR H 441 44.44 18.06 10.25
CA THR H 441 45.78 18.53 9.96
C THR H 441 46.57 18.77 11.25
N THR H 442 45.90 19.29 12.28
CA THR H 442 46.63 19.60 13.52
C THR H 442 47.20 18.33 14.14
N GLU H 443 46.41 17.27 14.23
CA GLU H 443 46.88 16.05 14.85
C GLU H 443 47.96 15.39 14.01
N LEU H 444 47.79 15.35 12.69
CA LEU H 444 48.82 14.76 11.84
C LEU H 444 50.12 15.55 11.97
N CYS H 445 50.02 16.88 12.04
CA CYS H 445 51.21 17.70 12.21
C CYS H 445 51.92 17.40 13.54
N LYS H 446 51.15 17.24 14.61
CA LYS H 446 51.76 16.90 15.90
C LYS H 446 52.48 15.57 15.82
N ILE H 447 51.87 14.58 15.15
CA ILE H 447 52.48 13.27 15.03
C ILE H 447 53.80 13.34 14.27
N LEU H 448 53.81 14.07 13.14
CA LEU H 448 55.05 14.21 12.37
C LEU H 448 56.10 14.95 13.17
N GLU H 449 55.70 16.00 13.90
CA GLU H 449 56.65 16.70 14.76
C GLU H 449 57.20 15.77 15.84
N ASP H 450 56.31 14.99 16.48
CA ASP H 450 56.77 14.10 17.55
C ASP H 450 57.79 13.10 17.01
N ASN H 451 57.64 12.68 15.76
CA ASN H 451 58.51 11.67 15.20
C ASN H 451 59.80 12.21 14.58
N PHE H 452 59.79 13.42 14.01
CA PHE H 452 60.91 13.88 13.21
C PHE H 452 61.46 15.26 13.55
N LYS H 453 60.94 15.94 14.57
CA LYS H 453 61.34 17.32 14.79
C LYS H 453 62.84 17.40 15.03
N GLU H 454 63.49 18.35 14.34
CA GLU H 454 64.91 18.64 14.43
C GLU H 454 65.79 17.45 14.04
N HIS H 455 65.27 16.45 13.33
CA HIS H 455 66.10 15.33 12.90
C HIS H 455 67.08 15.81 11.82
N PRO H 456 68.36 15.43 11.88
CA PRO H 456 69.33 15.94 10.91
C PRO H 456 69.06 15.44 9.49
N ALA H 457 69.44 16.26 8.53
CA ALA H 457 69.36 15.91 7.12
C ALA H 457 70.51 16.61 6.39
N PRO H 458 70.86 16.15 5.18
CA PRO H 458 71.95 16.80 4.44
C PRO H 458 71.74 18.29 4.22
N TYR H 459 70.49 18.74 4.14
CA TYR H 459 70.11 20.14 3.95
C TYR H 459 68.73 20.32 4.57
N LYS H 460 68.24 21.55 4.60
CA LYS H 460 66.92 21.79 5.17
C LYS H 460 65.86 20.92 4.49
N PHE H 461 64.91 20.45 5.29
CA PHE H 461 63.93 19.45 4.88
C PHE H 461 62.58 19.90 5.46
N LYS H 462 61.62 20.15 4.58
CA LYS H 462 60.37 20.80 4.98
C LYS H 462 59.17 19.95 4.57
N ILE H 463 58.26 19.77 5.54
CA ILE H 463 57.02 19.02 5.36
C ILE H 463 55.85 19.99 5.47
N ALA H 464 54.83 19.79 4.62
CA ALA H 464 53.60 20.58 4.71
C ALA H 464 52.39 19.67 4.60
N ILE H 465 51.33 20.00 5.34
CA ILE H 465 50.09 19.24 5.40
C ILE H 465 48.92 20.20 5.15
N SER H 466 48.26 20.05 4.01
CA SER H 466 47.05 20.81 3.74
C SER H 466 45.80 19.95 4.01
N GLY H 467 44.74 20.62 4.46
CA GLY H 467 43.50 19.95 4.81
C GLY H 467 42.63 19.57 3.64
N CYS H 468 42.88 20.16 2.46
CA CYS H 468 42.08 19.90 1.27
C CYS H 468 42.96 20.26 0.07
N PRO H 469 42.48 20.01 -1.16
CA PRO H 469 43.32 20.28 -2.34
C PRO H 469 43.53 21.75 -2.66
N ASN H 470 42.93 22.69 -1.92
CA ASN H 470 43.34 24.08 -2.13
C ASN H 470 44.80 24.30 -1.79
N LYS H 471 45.36 23.47 -0.91
CA LYS H 471 46.81 23.37 -0.71
C LYS H 471 47.40 24.73 -0.28
N CYS H 472 46.76 25.35 0.71
CA CYS H 472 47.18 26.67 1.18
C CYS H 472 48.62 26.70 1.68
N VAL H 473 49.10 25.60 2.26
CA VAL H 473 50.46 25.56 2.80
C VAL H 473 51.45 24.95 1.81
N ARG H 474 51.00 24.67 0.59
CA ARG H 474 51.82 24.31 -0.57
C ARG H 474 52.53 22.96 -0.44
N PRO H 475 51.80 21.90 -0.08
CA PRO H 475 52.43 20.57 0.01
C PRO H 475 52.97 20.05 -1.31
N GLN H 476 52.50 20.57 -2.46
CA GLN H 476 52.97 20.04 -3.74
C GLN H 476 54.33 20.58 -4.14
N ILE H 477 54.92 21.50 -3.37
CA ILE H 477 56.28 21.97 -3.60
C ILE H 477 57.05 21.95 -2.27
N HIS H 478 56.88 20.88 -1.50
CA HIS H 478 57.62 20.65 -0.27
C HIS H 478 58.40 19.33 -0.40
N ASP H 479 59.41 19.18 0.45
CA ASP H 479 60.20 17.94 0.44
C ASP H 479 59.30 16.73 0.62
N ILE H 480 58.37 16.80 1.58
CA ILE H 480 57.24 15.87 1.69
C ILE H 480 55.98 16.70 1.83
N GLY H 481 54.96 16.37 1.06
CA GLY H 481 53.68 17.05 1.13
C GLY H 481 52.54 16.07 1.30
N ILE H 482 51.55 16.46 2.09
CA ILE H 482 50.34 15.69 2.31
C ILE H 482 49.16 16.62 2.06
N ALA H 483 48.15 16.13 1.35
CA ALA H 483 46.93 16.91 1.13
C ALA H 483 45.72 16.00 1.36
N GLY H 484 44.77 16.46 2.16
CA GLY H 484 43.54 15.71 2.32
C GLY H 484 42.73 15.72 1.04
N VAL H 485 42.18 14.56 0.68
CA VAL H 485 41.35 14.48 -0.52
C VAL H 485 40.12 13.65 -0.22
N LYS H 486 39.06 13.90 -0.99
CA LYS H 486 37.79 13.19 -0.90
C LYS H 486 37.13 13.25 -2.27
N PHE H 487 37.20 12.14 -3.02
CA PHE H 487 36.67 12.08 -4.38
C PHE H 487 35.23 11.59 -4.36
N PRO H 488 34.38 12.17 -5.21
CA PRO H 488 32.96 11.79 -5.24
C PRO H 488 32.70 10.70 -6.27
N VAL H 489 31.57 10.02 -6.08
CA VAL H 489 30.97 9.16 -7.10
C VAL H 489 29.48 9.38 -7.04
N VAL H 490 28.87 9.66 -8.19
CA VAL H 490 27.45 9.96 -8.23
C VAL H 490 26.64 8.73 -7.86
N ASN H 491 25.64 8.92 -7.00
CA ASN H 491 24.67 7.90 -6.67
C ASN H 491 23.53 8.06 -7.66
N GLU H 492 23.49 7.14 -8.64
CA GLU H 492 22.49 7.21 -9.73
C GLU H 492 21.05 7.05 -9.24
N GLU H 493 20.80 6.34 -8.13
CA GLU H 493 19.38 6.21 -7.70
C GLU H 493 18.89 7.54 -7.11
N ASN H 494 19.81 8.40 -6.68
CA ASN H 494 19.41 9.63 -5.96
C ASN H 494 19.60 10.93 -6.74
N CYS H 495 20.66 11.07 -7.54
CA CYS H 495 20.90 12.30 -8.27
C CYS H 495 19.75 12.55 -9.24
N ASN H 496 19.27 13.79 -9.27
CA ASN H 496 18.18 14.16 -10.16
C ASN H 496 18.56 15.27 -11.14
N GLY H 497 19.85 15.61 -11.25
CA GLY H 497 20.29 16.64 -12.18
C GLY H 497 19.90 18.05 -11.78
N CYS H 498 19.61 18.24 -10.49
CA CYS H 498 19.21 19.59 -9.98
C CYS H 498 20.24 20.65 -10.40
N GLY H 499 21.52 20.30 -10.49
CA GLY H 499 22.53 21.22 -10.97
C GLY H 499 23.34 21.94 -9.91
N ARG H 500 23.01 21.77 -8.62
CA ARG H 500 23.66 22.57 -7.59
C ARG H 500 25.17 22.28 -7.50
N CYS H 501 25.57 20.99 -7.54
CA CYS H 501 26.97 20.63 -7.36
C CYS H 501 27.88 21.33 -8.36
N ALA H 502 27.44 21.44 -9.61
CA ALA H 502 28.30 22.06 -10.62
C ALA H 502 28.68 23.49 -10.24
N GLU H 503 27.80 24.16 -9.49
CA GLU H 503 28.01 25.56 -9.11
C GLU H 503 29.13 25.73 -8.10
N VAL H 504 29.40 24.71 -7.27
CA VAL H 504 30.45 24.83 -6.25
C VAL H 504 31.78 24.29 -6.75
N CYS H 505 31.84 23.74 -7.95
CA CYS H 505 33.09 23.18 -8.49
C CYS H 505 33.78 24.26 -9.31
N LYS H 506 34.75 24.95 -8.68
CA LYS H 506 35.39 26.08 -9.34
C LYS H 506 36.20 25.63 -10.54
N ILE H 507 36.71 24.40 -10.53
CA ILE H 507 37.47 23.93 -11.69
C ILE H 507 36.58 23.30 -12.74
N GLU H 508 35.25 23.28 -12.53
CA GLU H 508 34.28 22.90 -13.56
C GLU H 508 34.46 21.47 -14.04
N ALA H 509 34.56 20.54 -13.09
CA ALA H 509 34.72 19.13 -13.39
C ALA H 509 33.40 18.38 -13.53
N ILE H 510 32.27 19.04 -13.31
CA ILE H 510 30.98 18.36 -13.22
C ILE H 510 30.15 18.64 -14.47
N ASP H 511 29.61 17.56 -15.05
CA ASP H 511 28.68 17.60 -16.20
C ASP H 511 27.25 17.33 -15.71
N ILE H 512 26.36 18.33 -15.75
CA ILE H 512 24.95 18.13 -15.45
C ILE H 512 24.26 17.76 -16.75
N ARG H 513 23.59 16.60 -16.78
CA ARG H 513 22.95 16.11 -18.00
C ARG H 513 21.58 15.54 -17.69
N GLY H 514 20.54 16.15 -18.21
CA GLY H 514 19.20 15.64 -18.00
C GLY H 514 18.88 15.45 -16.53
N GLU H 515 18.56 14.23 -16.13
CA GLU H 515 18.20 13.92 -14.75
C GLU H 515 19.36 13.31 -13.97
N THR H 516 20.61 13.59 -14.35
CA THR H 516 21.76 13.01 -13.66
C THR H 516 22.96 13.94 -13.78
N SER H 517 24.08 13.52 -13.21
CA SER H 517 25.32 14.27 -13.28
C SER H 517 26.49 13.31 -13.39
N TYR H 518 27.63 13.86 -13.81
CA TYR H 518 28.86 13.13 -14.03
C TYR H 518 30.01 13.95 -13.47
N THR H 519 31.13 13.25 -13.23
CA THR H 519 32.38 13.87 -12.78
C THR H 519 33.48 13.54 -13.79
N ASN H 520 34.23 14.57 -14.21
CA ASN H 520 35.41 14.36 -15.03
C ASN H 520 36.60 14.12 -14.11
N TYR H 521 36.97 12.85 -13.94
CA TYR H 521 38.04 12.51 -13.02
C TYR H 521 39.43 12.85 -13.56
N ASN H 522 39.55 13.31 -14.80
CA ASN H 522 40.82 13.86 -15.26
C ASN H 522 41.03 15.30 -14.81
N VAL H 523 39.99 15.93 -14.25
CA VAL H 523 40.07 17.29 -13.71
C VAL H 523 39.81 17.32 -12.21
N CYS H 524 38.84 16.52 -11.74
CA CYS H 524 38.49 16.51 -10.32
C CYS H 524 39.70 16.36 -9.41
N ILE H 525 39.82 17.25 -8.43
CA ILE H 525 40.93 17.20 -7.49
C ILE H 525 40.53 16.64 -6.13
N GLY H 526 39.28 16.18 -5.98
CA GLY H 526 38.86 15.56 -4.71
C GLY H 526 38.75 16.51 -3.54
N CYS H 527 38.17 17.67 -3.76
CA CYS H 527 37.92 18.61 -2.66
C CYS H 527 36.68 18.25 -1.84
N GLY H 528 35.77 17.44 -2.39
CA GLY H 528 34.58 17.04 -1.67
C GLY H 528 33.46 18.05 -1.59
N LYS H 529 33.65 19.24 -2.18
CA LYS H 529 32.62 20.30 -2.06
C LYS H 529 31.26 19.85 -2.63
N CYS H 530 31.27 19.16 -3.77
CA CYS H 530 30.02 18.70 -4.39
C CYS H 530 29.25 17.73 -3.49
N ILE H 531 29.96 16.87 -2.75
CA ILE H 531 29.28 15.97 -1.82
C ILE H 531 28.57 16.76 -0.73
N LYS H 532 29.23 17.80 -0.22
CA LYS H 532 28.67 18.60 0.84
C LYS H 532 27.54 19.49 0.34
N ALA H 533 27.63 19.94 -0.91
CA ALA H 533 26.62 20.86 -1.43
C ALA H 533 25.36 20.16 -1.88
N CYS H 534 25.43 18.87 -2.21
CA CYS H 534 24.27 18.19 -2.75
C CYS H 534 23.14 18.13 -1.73
N PRO H 535 21.93 18.57 -2.09
CA PRO H 535 20.80 18.47 -1.15
C PRO H 535 20.02 17.18 -1.23
N ASN H 536 20.43 16.23 -2.09
CA ASN H 536 19.64 15.05 -2.41
C ASN H 536 20.39 13.74 -2.23
N GLU H 537 21.50 13.73 -1.46
CA GLU H 537 22.30 12.52 -1.25
C GLU H 537 22.72 11.89 -2.58
N GLY H 538 23.07 12.75 -3.53
CA GLY H 538 23.38 12.30 -4.87
C GLY H 538 24.82 11.97 -5.14
N ARG H 539 25.72 12.33 -4.23
CA ARG H 539 27.14 12.10 -4.41
C ARG H 539 27.64 11.39 -3.16
N ASP H 540 28.27 10.23 -3.35
CA ASP H 540 28.90 9.47 -2.29
C ASP H 540 30.42 9.63 -2.38
N VAL H 541 31.13 9.06 -1.41
CA VAL H 541 32.59 9.09 -1.40
C VAL H 541 33.11 7.90 -2.21
N LYS H 542 33.87 8.20 -3.25
CA LYS H 542 34.55 7.17 -4.04
C LYS H 542 35.81 6.71 -3.33
N GLU H 543 36.59 7.63 -2.82
CA GLU H 543 37.88 7.38 -2.21
C GLU H 543 38.26 8.62 -1.41
N GLU H 544 38.88 8.42 -0.24
CA GLU H 544 39.31 9.56 0.55
C GLU H 544 40.53 9.16 1.39
N GLY H 545 41.33 10.17 1.75
CA GLY H 545 42.50 9.95 2.62
C GLY H 545 43.56 11.03 2.44
N PHE H 546 44.81 10.63 2.71
CA PHE H 546 45.97 11.51 2.69
C PHE H 546 46.75 11.31 1.39
N MET H 547 46.65 12.27 0.47
CA MET H 547 47.45 12.23 -0.75
C MET H 547 48.86 12.72 -0.46
N VAL H 548 49.87 12.02 -1.00
CA VAL H 548 51.26 12.26 -0.65
C VAL H 548 52.06 12.65 -1.89
N TYR H 549 52.97 13.62 -1.71
CA TYR H 549 53.92 14.12 -2.71
C TYR H 549 55.32 14.03 -2.12
N VAL H 550 56.31 13.70 -2.95
CA VAL H 550 57.70 13.57 -2.50
C VAL H 550 58.63 14.32 -3.44
N GLY H 551 59.47 15.19 -2.87
CA GLY H 551 60.59 15.76 -3.60
C GLY H 551 60.38 17.13 -4.20
N GLY H 552 59.58 17.99 -3.56
CA GLY H 552 59.39 19.35 -4.00
C GLY H 552 60.20 20.36 -3.22
N LYS H 553 60.15 21.61 -3.68
CA LYS H 553 60.81 22.70 -2.96
C LYS H 553 60.37 24.02 -3.58
N THR H 554 60.65 25.07 -2.83
CA THR H 554 60.65 26.44 -3.37
C THR H 554 62.03 27.02 -3.07
N GLY H 555 62.16 28.33 -3.08
CA GLY H 555 63.45 28.95 -2.80
C GLY H 555 64.13 29.40 -4.09
N ARG H 556 65.38 28.95 -4.28
CA ARG H 556 66.10 29.33 -5.50
C ARG H 556 65.46 28.74 -6.75
N GLU H 557 64.81 27.59 -6.63
CA GLU H 557 64.10 26.95 -7.73
C GLU H 557 62.74 26.46 -7.21
N VAL H 558 61.78 26.34 -8.12
CA VAL H 558 60.48 25.76 -7.84
C VAL H 558 60.48 24.35 -8.42
N ILE H 559 60.22 23.36 -7.57
CA ILE H 559 60.10 21.98 -8.05
C ILE H 559 58.85 21.36 -7.43
N GLU H 560 57.99 20.82 -8.28
CA GLU H 560 56.82 20.09 -7.82
C GLU H 560 57.21 18.65 -7.49
N GLY H 561 56.82 18.20 -6.30
CA GLY H 561 57.11 16.84 -5.92
C GLY H 561 56.38 15.82 -6.76
N VAL H 562 56.90 14.60 -6.75
CA VAL H 562 56.27 13.48 -7.46
C VAL H 562 55.01 13.06 -6.70
N SER H 563 53.87 13.04 -7.39
CA SER H 563 52.65 12.49 -6.79
C SER H 563 52.85 11.00 -6.52
N MET H 564 52.44 10.55 -5.33
CA MET H 564 52.66 9.16 -4.93
C MET H 564 51.31 8.42 -4.99
N LYS H 565 50.52 8.46 -3.92
CA LYS H 565 49.25 7.74 -3.78
C LYS H 565 48.69 8.13 -2.41
N LEU H 566 47.46 7.68 -2.13
CA LEU H 566 46.94 7.82 -0.79
C LEU H 566 47.66 6.84 0.13
N MET H 567 47.99 7.31 1.33
CA MET H 567 48.73 6.51 2.30
C MET H 567 48.14 6.73 3.69
N SER H 568 48.27 5.70 4.52
CA SER H 568 47.88 5.78 5.92
C SER H 568 48.93 6.56 6.71
N VAL H 569 48.55 6.96 7.93
CA VAL H 569 49.50 7.66 8.78
C VAL H 569 50.71 6.79 9.07
N GLU H 570 50.49 5.50 9.34
CA GLU H 570 51.60 4.59 9.60
C GLU H 570 52.55 4.51 8.40
N GLU H 571 51.98 4.47 7.20
CA GLU H 571 52.78 4.44 5.98
C GLU H 571 53.55 5.75 5.79
N ILE H 572 52.93 6.87 6.14
CA ILE H 572 53.60 8.17 6.01
C ILE H 572 54.81 8.24 6.93
N LEU H 573 54.68 7.76 8.16
CA LEU H 573 55.82 7.78 9.08
C LEU H 573 56.97 6.92 8.55
N ASN H 574 56.65 5.74 8.01
CA ASN H 574 57.64 4.88 7.37
C ASN H 574 58.29 5.60 6.19
N LEU H 575 57.47 6.22 5.35
CA LEU H 575 57.99 6.90 4.15
C LEU H 575 58.98 7.99 4.51
N ILE H 576 58.62 8.87 5.46
CA ILE H 576 59.50 9.98 5.81
C ILE H 576 60.83 9.46 6.35
N ASP H 577 60.76 8.43 7.20
CA ASP H 577 61.97 7.81 7.74
C ASP H 577 62.88 7.31 6.62
N LYS H 578 62.30 6.59 5.65
CA LYS H 578 63.11 6.00 4.60
C LYS H 578 63.57 7.04 3.57
N VAL H 579 62.76 8.06 3.29
CA VAL H 579 63.22 9.14 2.42
C VAL H 579 64.46 9.79 3.02
N LEU H 580 64.44 10.04 4.32
CA LEU H 580 65.59 10.66 4.98
C LEU H 580 66.82 9.77 4.88
N ILE H 581 66.64 8.46 4.99
CA ILE H 581 67.76 7.53 4.89
C ILE H 581 68.34 7.55 3.48
N VAL H 582 67.49 7.46 2.45
CA VAL H 582 67.99 7.41 1.08
C VAL H 582 68.57 8.77 0.66
N TYR H 583 67.99 9.87 1.13
CA TYR H 583 68.56 11.21 0.92
C TYR H 583 69.98 11.27 1.48
N HIS H 584 70.19 10.77 2.71
N HIS H 584 70.17 10.78 2.72
CA HIS H 584 71.54 10.76 3.28
CA HIS H 584 71.51 10.72 3.31
C HIS H 584 72.47 9.84 2.49
C HIS H 584 72.45 9.86 2.49
N LYS H 585 71.96 8.71 2.01
CA LYS H 585 72.82 7.78 1.30
C LYS H 585 73.42 8.43 0.06
N TYR H 586 72.62 9.19 -0.68
CA TYR H 586 73.03 9.70 -1.99
C TYR H 586 73.44 11.18 -2.00
N ALA H 587 73.16 11.95 -0.96
CA ALA H 587 73.55 13.36 -0.99
C ALA H 587 75.05 13.51 -0.98
N LYS H 588 75.61 14.40 -1.80
CA LYS H 588 77.08 14.56 -1.81
C LYS H 588 77.49 15.96 -1.36
N LYS H 589 76.52 16.88 -1.26
CA LYS H 589 76.85 18.27 -0.94
C LYS H 589 75.96 18.75 0.19
N PRO H 590 76.34 18.46 1.43
CA PRO H 590 75.60 19.01 2.57
C PRO H 590 75.47 20.52 2.46
N GLN H 591 74.29 21.01 2.85
CA GLN H 591 73.93 22.43 2.89
C GLN H 591 73.77 23.04 1.49
N ARG H 592 73.78 22.22 0.43
CA ARG H 592 73.61 22.69 -0.94
C ARG H 592 72.62 21.86 -1.75
N GLU H 593 72.57 20.55 -1.52
CA GLU H 593 71.70 19.63 -2.28
C GLU H 593 70.44 19.32 -1.49
N ARG H 594 69.31 19.88 -1.92
CA ARG H 594 68.03 19.49 -1.36
C ARG H 594 67.64 18.10 -1.83
N LEU H 595 66.62 17.51 -1.18
CA LEU H 595 66.11 16.21 -1.61
C LEU H 595 65.82 16.20 -3.11
N ALA H 596 65.15 17.25 -3.60
CA ALA H 596 64.79 17.30 -5.01
C ALA H 596 66.01 17.23 -5.92
N ALA H 597 67.13 17.85 -5.51
CA ALA H 597 68.34 17.80 -6.32
C ALA H 597 68.93 16.39 -6.33
N VAL H 598 68.87 15.70 -5.20
CA VAL H 598 69.38 14.33 -5.15
C VAL H 598 68.54 13.42 -6.03
N MET H 599 67.21 13.56 -5.94
CA MET H 599 66.32 12.77 -6.81
C MET H 599 66.62 13.04 -8.28
N ALA H 600 66.81 14.31 -8.63
CA ALA H 600 67.09 14.64 -10.03
C ALA H 600 68.42 14.04 -10.48
N ARG H 601 69.43 14.04 -9.60
CA ARG H 601 70.75 13.57 -9.99
C ARG H 601 70.78 12.07 -10.26
N ILE H 602 70.15 11.28 -9.38
CA ILE H 602 70.27 9.83 -9.49
C ILE H 602 69.09 9.18 -10.22
N GLY H 603 68.02 9.94 -10.49
CA GLY H 603 66.83 9.40 -11.11
C GLY H 603 65.69 9.30 -10.11
N LYS H 604 64.54 9.92 -10.42
CA LYS H 604 63.42 9.92 -9.48
C LYS H 604 62.93 8.51 -9.20
N GLY H 605 62.81 7.70 -10.26
CA GLY H 605 62.37 6.32 -10.08
C GLY H 605 63.34 5.50 -9.27
N LYS H 606 64.63 5.64 -9.54
CA LYS H 606 65.63 4.93 -8.73
C LYS H 606 65.51 5.30 -7.26
N PHE H 607 65.42 6.61 -6.97
CA PHE H 607 65.30 7.06 -5.60
C PHE H 607 64.05 6.48 -4.94
N LEU H 608 62.90 6.62 -5.59
CA LEU H 608 61.66 6.19 -4.98
C LEU H 608 61.60 4.66 -4.86
N GLU H 609 62.21 3.95 -5.81
CA GLU H 609 62.26 2.49 -5.71
C GLU H 609 63.02 2.04 -4.46
N GLU H 610 64.15 2.69 -4.17
CA GLU H 610 64.93 2.33 -2.98
C GLU H 610 64.16 2.66 -1.71
N VAL H 611 63.48 3.80 -1.70
CA VAL H 611 62.62 4.13 -0.56
C VAL H 611 61.59 3.03 -0.33
N LYS H 612 60.94 2.57 -1.40
CA LYS H 612 59.90 1.54 -1.24
C LYS H 612 60.48 0.24 -0.73
N GLU H 613 61.65 -0.14 -1.24
CA GLU H 613 62.32 -1.38 -0.77
C GLU H 613 62.59 -1.26 0.73
N LEU H 614 63.09 -0.11 1.19
CA LEU H 614 63.35 0.06 2.61
C LEU H 614 62.06 0.04 3.43
N MET H 615 60.99 0.62 2.88
CA MET H 615 59.70 0.63 3.57
C MET H 615 59.18 -0.78 3.78
N GLU H 616 59.43 -1.66 2.80
CA GLU H 616 58.95 -3.03 2.86
C GLU H 616 59.76 -3.85 3.85
N GLN H 617 61.00 -3.43 4.11
CA GLN H 617 61.86 -4.15 5.09
C GLN H 617 61.36 -3.81 6.50
N ASN H 618 60.82 -2.60 6.68
CA ASN H 618 60.33 -2.12 7.96
C ASN H 618 59.31 -3.08 8.57
N MET I 1 -110.07 -9.86 11.61
CA MET I 1 -108.84 -9.66 10.79
C MET I 1 -107.69 -10.49 11.39
N TYR I 2 -107.21 -11.50 10.65
CA TYR I 2 -106.11 -12.37 11.13
C TYR I 2 -104.81 -11.55 11.22
N GLU I 3 -104.02 -11.80 12.26
CA GLU I 3 -102.73 -11.06 12.43
C GLU I 3 -101.77 -11.53 11.32
N TRP I 4 -101.21 -10.59 10.56
CA TRP I 4 -100.32 -10.92 9.45
C TRP I 4 -99.41 -9.73 9.23
N LYS I 5 -98.11 -9.95 9.39
CA LYS I 5 -97.15 -8.84 9.43
C LYS I 5 -97.20 -7.98 8.16
N LEU I 6 -97.39 -8.58 6.99
CA LEU I 6 -97.40 -7.82 5.76
C LEU I 6 -98.62 -6.90 5.64
N ASN I 7 -99.56 -6.96 6.58
CA ASN I 7 -100.62 -5.95 6.59
C ASN I 7 -100.07 -4.53 6.73
N ASP I 8 -98.82 -4.43 7.20
CA ASP I 8 -98.12 -3.12 7.32
C ASP I 8 -97.83 -2.58 5.90
N ILE I 9 -97.71 -3.47 4.90
CA ILE I 9 -97.46 -3.05 3.53
C ILE I 9 -98.78 -2.88 2.81
N VAL I 10 -99.66 -3.88 2.96
CA VAL I 10 -100.90 -3.94 2.19
C VAL I 10 -101.86 -2.85 2.62
N ASP I 11 -101.98 -2.61 3.92
CA ASP I 11 -102.98 -1.68 4.41
C ASP I 11 -102.58 -0.22 4.26
N ASN I 12 -101.34 0.06 3.90
CA ASN I 12 -100.85 1.44 3.79
C ASN I 12 -100.55 1.83 2.35
N GLY I 13 -101.05 1.08 1.38
CA GLY I 13 -100.88 1.47 -0.01
C GLY I 13 -99.46 1.30 -0.56
N ILE I 14 -98.64 0.46 0.07
CA ILE I 14 -97.28 0.20 -0.40
C ILE I 14 -97.19 -1.08 -1.22
N CYS I 15 -98.16 -1.98 -1.06
CA CYS I 15 -98.17 -3.24 -1.77
C CYS I 15 -98.26 -3.04 -3.29
N ALA I 16 -97.36 -3.69 -4.02
CA ALA I 16 -97.35 -3.67 -5.47
C ALA I 16 -98.45 -4.55 -6.08
N LYS I 17 -99.08 -5.40 -5.28
CA LYS I 17 -100.04 -6.39 -5.78
C LYS I 17 -99.40 -7.26 -6.86
N CYS I 18 -98.19 -7.73 -6.57
CA CYS I 18 -97.45 -8.64 -7.44
C CYS I 18 -97.89 -10.09 -7.29
N GLY I 19 -98.24 -10.51 -6.07
CA GLY I 19 -98.63 -11.90 -5.81
C GLY I 19 -97.52 -12.83 -5.38
N THR I 20 -96.29 -12.34 -5.18
CA THR I 20 -95.19 -13.22 -4.82
C THR I 20 -95.42 -13.86 -3.45
N CYS I 21 -95.80 -13.04 -2.46
CA CYS I 21 -95.95 -13.54 -1.09
C CYS I 21 -96.92 -14.72 -1.01
N THR I 22 -97.97 -14.73 -1.84
CA THR I 22 -99.02 -15.72 -1.67
C THR I 22 -98.70 -17.07 -2.30
N VAL I 23 -97.60 -17.18 -3.04
CA VAL I 23 -97.21 -18.46 -3.62
C VAL I 23 -96.19 -19.21 -2.77
N VAL I 24 -95.58 -18.56 -1.77
CA VAL I 24 -94.48 -19.18 -1.03
C VAL I 24 -94.91 -19.84 0.27
N CYS I 25 -96.18 -19.75 0.64
CA CYS I 25 -96.62 -20.23 1.95
C CYS I 25 -96.63 -21.75 1.99
N PRO I 26 -95.86 -22.39 2.87
CA PRO I 26 -95.81 -23.86 2.89
C PRO I 26 -97.05 -24.49 3.50
N ASN I 27 -97.90 -23.71 4.15
CA ASN I 27 -99.16 -24.21 4.67
C ASN I 27 -100.34 -23.90 3.77
N GLY I 28 -100.12 -23.18 2.68
CA GLY I 28 -101.17 -22.88 1.73
C GLY I 28 -102.30 -22.05 2.28
N ILE I 29 -102.03 -21.19 3.27
CA ILE I 29 -103.09 -20.40 3.89
C ILE I 29 -103.13 -18.98 3.36
N LEU I 30 -102.41 -18.69 2.27
CA LEU I 30 -102.48 -17.40 1.58
C LEU I 30 -103.13 -17.59 0.21
N THR I 31 -104.05 -16.69 -0.11
CA THR I 31 -104.65 -16.62 -1.42
C THR I 31 -104.54 -15.16 -1.82
N PHE I 32 -104.49 -14.92 -3.13
CA PHE I 32 -104.45 -13.53 -3.63
C PHE I 32 -105.76 -13.26 -4.36
N GLU I 33 -106.64 -12.46 -3.75
CA GLU I 33 -107.92 -12.08 -4.39
C GLU I 33 -107.71 -10.70 -5.02
N ASP I 34 -108.18 -9.65 -4.34
CA ASP I 34 -107.90 -8.26 -4.81
C ASP I 34 -106.62 -7.77 -4.13
N ARG I 35 -106.20 -8.48 -3.08
CA ARG I 35 -104.98 -8.22 -2.27
C ARG I 35 -104.57 -9.54 -1.62
N PRO I 36 -103.34 -9.66 -1.09
CA PRO I 36 -102.92 -10.90 -0.42
C PRO I 36 -103.81 -11.07 0.82
N LYS I 37 -104.31 -12.27 1.10
CA LYS I 37 -105.20 -12.42 2.29
C LYS I 37 -105.02 -13.78 2.94
N LEU I 38 -105.06 -13.81 4.28
CA LEU I 38 -104.94 -15.08 5.04
C LEU I 38 -106.33 -15.75 5.05
N THR I 39 -106.38 -17.03 4.70
CA THR I 39 -107.66 -17.78 4.78
C THR I 39 -107.86 -18.44 6.14
N GLU I 40 -106.83 -18.47 7.00
CA GLU I 40 -106.96 -18.97 8.35
C GLU I 40 -105.79 -18.43 9.17
N GLU I 41 -105.84 -18.67 10.47
CA GLU I 41 -104.85 -18.10 11.36
C GLU I 41 -103.46 -18.65 11.04
N CYS I 42 -102.49 -17.74 11.00
CA CYS I 42 -101.08 -18.07 10.85
C CYS I 42 -100.42 -18.01 12.23
N LEU I 43 -99.84 -19.14 12.66
CA LEU I 43 -99.22 -19.25 13.98
C LEU I 43 -98.06 -18.29 14.14
N ARG I 44 -97.40 -17.91 13.03
CA ARG I 44 -96.29 -16.95 13.03
C ARG I 44 -96.76 -15.51 12.92
N LYS I 45 -98.08 -15.28 12.76
CA LYS I 45 -98.62 -13.95 12.51
C LYS I 45 -97.89 -13.28 11.34
N GLY I 46 -97.55 -14.09 10.34
CA GLY I 46 -96.91 -13.56 9.14
C GLY I 46 -95.43 -13.28 9.24
N ASN I 47 -94.79 -13.70 10.33
CA ASN I 47 -93.34 -13.60 10.49
C ASN I 47 -92.73 -14.83 9.81
N GLY I 48 -92.55 -14.71 8.50
CA GLY I 48 -92.07 -15.83 7.74
C GLY I 48 -91.83 -15.51 6.28
N MET I 49 -91.92 -16.56 5.46
CA MET I 49 -91.42 -16.48 4.10
C MET I 49 -92.18 -15.49 3.19
N CYS I 50 -93.48 -15.38 3.31
CA CYS I 50 -94.23 -14.31 2.65
C CYS I 50 -93.56 -12.95 2.88
N PHE I 51 -93.43 -12.51 4.15
CA PHE I 51 -92.81 -11.23 4.47
C PHE I 51 -91.42 -11.14 3.85
N GLU I 52 -90.65 -12.23 3.93
CA GLU I 52 -89.24 -12.21 3.52
C GLU I 52 -89.07 -12.17 2.02
N VAL I 53 -90.08 -12.54 1.21
CA VAL I 53 -89.90 -12.40 -0.24
C VAL I 53 -90.49 -11.11 -0.78
N CYS I 54 -91.11 -10.28 0.04
CA CYS I 54 -91.85 -9.13 -0.47
C CYS I 54 -90.89 -8.07 -1.00
N PRO I 55 -90.99 -7.68 -2.27
CA PRO I 55 -90.02 -6.68 -2.80
C PRO I 55 -90.26 -5.28 -2.28
N ARG I 56 -91.36 -5.06 -1.57
CA ARG I 56 -91.67 -3.77 -0.98
C ARG I 56 -91.27 -3.68 0.49
N VAL I 57 -90.78 -4.77 1.08
CA VAL I 57 -90.09 -4.68 2.38
C VAL I 57 -88.63 -4.31 2.18
N SER I 58 -87.93 -5.03 1.30
CA SER I 58 -86.52 -4.81 1.00
C SER I 58 -86.27 -5.36 -0.40
N SER I 59 -85.62 -4.56 -1.25
CA SER I 59 -85.44 -4.95 -2.65
C SER I 59 -84.47 -6.11 -2.81
N GLY I 60 -83.43 -6.17 -1.98
CA GLY I 60 -82.33 -7.11 -2.18
C GLY I 60 -81.52 -6.89 -3.43
N LYS I 61 -81.66 -5.73 -4.09
CA LYS I 61 -81.16 -5.59 -5.46
C LYS I 61 -79.64 -5.59 -5.52
N TYR I 62 -78.97 -4.98 -4.53
CA TYR I 62 -77.51 -4.99 -4.60
C TYR I 62 -76.95 -6.41 -4.55
N GLN I 63 -77.39 -7.21 -3.59
CA GLN I 63 -76.85 -8.57 -3.46
C GLN I 63 -77.25 -9.45 -4.62
N ILE I 64 -78.42 -9.20 -5.22
CA ILE I 64 -78.81 -9.94 -6.42
C ILE I 64 -77.98 -9.52 -7.62
N LYS I 65 -77.86 -8.20 -7.84
CA LYS I 65 -77.22 -7.72 -9.07
C LYS I 65 -75.75 -8.09 -9.14
N ILE I 66 -75.04 -8.12 -8.00
CA ILE I 66 -73.63 -8.47 -8.05
C ILE I 66 -73.41 -9.94 -8.39
N ARG I 67 -74.45 -10.78 -8.26
CA ARG I 67 -74.41 -12.18 -8.65
C ARG I 67 -74.90 -12.39 -10.07
N GLU I 68 -75.99 -11.73 -10.47
CA GLU I 68 -76.49 -11.89 -11.84
C GLU I 68 -75.58 -11.20 -12.85
N LYS I 69 -74.85 -10.17 -12.39
CA LYS I 69 -73.89 -9.40 -13.25
C LYS I 69 -74.59 -9.02 -14.55
N PHE I 70 -75.67 -8.26 -14.45
CA PHE I 70 -76.53 -7.94 -15.61
C PHE I 70 -75.79 -7.15 -16.70
N LYS I 71 -76.15 -7.48 -17.94
CA LYS I 71 -75.70 -6.71 -19.11
C LYS I 71 -76.95 -5.94 -19.61
N GLU I 72 -76.75 -5.00 -20.53
CA GLU I 72 -77.90 -4.17 -20.98
C GLU I 72 -77.88 -4.08 -22.51
N GLU I 73 -78.29 -5.13 -23.22
CA GLU I 73 -78.26 -5.10 -24.71
C GLU I 73 -79.64 -4.75 -25.26
N TYR I 74 -79.72 -3.68 -26.06
CA TYR I 74 -81.02 -3.20 -26.59
C TYR I 74 -81.24 -3.64 -28.04
N TYR I 75 -82.40 -4.28 -28.27
CA TYR I 75 -82.81 -4.68 -29.60
C TYR I 75 -84.31 -4.44 -29.75
N TYR I 76 -84.83 -4.66 -30.95
CA TYR I 76 -86.26 -4.86 -31.14
C TYR I 76 -86.49 -5.93 -32.19
N GLY I 77 -87.69 -6.51 -32.17
CA GLY I 77 -88.03 -7.51 -33.16
C GLY I 77 -89.48 -7.92 -33.06
N LYS I 78 -89.86 -8.84 -33.95
CA LYS I 78 -91.18 -9.46 -33.88
C LYS I 78 -91.06 -10.97 -34.10
N GLY I 79 -92.02 -11.69 -33.52
CA GLY I 79 -92.11 -13.12 -33.67
C GLY I 79 -93.06 -13.51 -34.78
N ASP I 80 -93.56 -14.73 -34.69
CA ASP I 80 -94.46 -15.29 -35.71
C ASP I 80 -95.89 -15.43 -35.21
N VAL I 81 -96.22 -14.85 -34.05
CA VAL I 81 -97.59 -14.87 -33.56
C VAL I 81 -98.05 -13.44 -33.39
N GLU I 82 -99.36 -13.22 -33.50
CA GLU I 82 -99.94 -11.91 -33.23
C GLU I 82 -100.00 -11.70 -31.73
N GLY I 83 -99.25 -10.72 -31.23
CA GLY I 83 -99.27 -10.41 -29.81
C GLY I 83 -99.74 -8.99 -29.54
N GLN I 84 -99.43 -8.49 -28.35
CA GLN I 84 -99.66 -7.08 -28.06
C GLN I 84 -98.90 -6.19 -29.03
N ASP I 85 -97.59 -6.40 -29.15
CA ASP I 85 -96.73 -5.58 -30.00
C ASP I 85 -96.13 -6.49 -31.06
N GLY I 86 -94.93 -7.01 -30.82
CA GLY I 86 -94.31 -7.93 -31.77
C GLY I 86 -94.59 -9.41 -31.57
N GLY I 87 -95.37 -9.80 -30.57
CA GLY I 87 -95.51 -11.22 -30.27
C GLY I 87 -94.21 -11.87 -29.83
N VAL I 88 -93.30 -11.09 -29.26
CA VAL I 88 -91.98 -11.62 -28.89
C VAL I 88 -92.09 -12.54 -27.68
N VAL I 89 -92.83 -12.14 -26.65
CA VAL I 89 -92.87 -12.96 -25.44
C VAL I 89 -93.42 -14.34 -25.76
N THR I 90 -94.58 -14.40 -26.42
CA THR I 90 -95.18 -15.69 -26.73
C THR I 90 -94.30 -16.50 -27.67
N THR I 91 -93.66 -15.87 -28.66
CA THR I 91 -92.81 -16.63 -29.56
C THR I 91 -91.62 -17.22 -28.80
N PHE I 92 -91.07 -16.47 -27.85
CA PHE I 92 -89.95 -16.96 -27.06
C PHE I 92 -90.39 -18.13 -26.19
N LEU I 93 -91.55 -18.02 -25.54
CA LEU I 93 -92.03 -19.11 -24.71
C LEU I 93 -92.30 -20.35 -25.54
N LYS I 94 -92.81 -20.17 -26.76
CA LYS I 94 -92.99 -21.30 -27.67
C LYS I 94 -91.67 -22.01 -27.96
N TYR I 95 -90.60 -21.23 -28.21
CA TYR I 95 -89.29 -21.80 -28.52
C TYR I 95 -88.73 -22.54 -27.31
N LEU I 96 -88.92 -22.00 -26.10
CA LEU I 96 -88.41 -22.68 -24.91
C LEU I 96 -89.14 -23.99 -24.66
N LEU I 97 -90.46 -24.02 -24.88
CA LEU I 97 -91.21 -25.26 -24.72
C LEU I 97 -90.81 -26.29 -25.78
N LYS I 98 -90.67 -25.86 -27.03
CA LYS I 98 -90.34 -26.78 -28.10
C LYS I 98 -88.98 -27.42 -27.89
N ASN I 99 -88.01 -26.64 -27.45
CA ASN I 99 -86.66 -27.12 -27.22
C ASN I 99 -86.48 -27.69 -25.82
N LYS I 100 -87.57 -27.86 -25.08
CA LYS I 100 -87.54 -28.56 -23.79
C LYS I 100 -86.58 -27.88 -22.83
N LYS I 101 -86.53 -26.54 -22.88
CA LYS I 101 -85.81 -25.76 -21.88
C LYS I 101 -86.62 -25.53 -20.62
N ILE I 102 -87.94 -25.67 -20.72
CA ILE I 102 -88.86 -25.52 -19.60
C ILE I 102 -89.95 -26.58 -19.75
N ASP I 103 -90.58 -26.92 -18.63
CA ASP I 103 -91.72 -27.82 -18.60
C ASP I 103 -93.06 -27.09 -18.69
N GLY I 104 -93.06 -25.77 -18.54
CA GLY I 104 -94.27 -24.97 -18.66
C GLY I 104 -93.92 -23.52 -18.46
N ALA I 105 -94.90 -22.67 -18.78
CA ALA I 105 -94.76 -21.23 -18.61
C ALA I 105 -95.88 -20.70 -17.73
N ILE I 106 -95.52 -19.81 -16.82
CA ILE I 106 -96.48 -19.10 -15.99
C ILE I 106 -96.82 -17.80 -16.69
N VAL I 107 -98.06 -17.69 -17.19
CA VAL I 107 -98.48 -16.61 -18.05
C VAL I 107 -99.87 -16.15 -17.63
N VAL I 108 -100.29 -14.99 -18.13
CA VAL I 108 -101.54 -14.37 -17.73
C VAL I 108 -102.52 -14.45 -18.92
N GLY I 109 -103.61 -15.20 -18.73
CA GLY I 109 -104.74 -15.18 -19.63
C GLY I 109 -105.81 -14.23 -19.12
N ASP I 110 -107.01 -14.39 -19.65
CA ASP I 110 -108.11 -13.56 -19.17
C ASP I 110 -109.46 -14.20 -19.43
N GLU I 111 -110.41 -13.89 -18.56
CA GLU I 111 -111.83 -14.17 -18.74
C GLU I 111 -112.52 -12.82 -18.87
N CYS I 112 -112.82 -12.43 -20.12
CA CYS I 112 -113.39 -11.12 -20.42
C CYS I 112 -112.64 -10.02 -19.69
N TRP I 113 -111.32 -10.02 -19.86
CA TRP I 113 -110.37 -9.03 -19.34
C TRP I 113 -110.11 -9.16 -17.85
N LYS I 114 -110.74 -10.11 -17.15
CA LYS I 114 -110.35 -10.45 -15.78
C LYS I 114 -109.12 -11.35 -15.86
N PRO I 115 -107.94 -10.90 -15.44
CA PRO I 115 -106.74 -11.72 -15.61
C PRO I 115 -106.82 -13.04 -14.85
N VAL I 116 -106.20 -14.05 -15.44
CA VAL I 116 -106.08 -15.37 -14.84
C VAL I 116 -104.63 -15.83 -14.96
N SER I 117 -104.05 -16.21 -13.82
CA SER I 117 -102.72 -16.81 -13.83
C SER I 117 -102.86 -18.27 -14.27
N LEU I 118 -102.02 -18.68 -15.22
CA LEU I 118 -102.13 -19.96 -15.88
C LEU I 118 -100.76 -20.62 -15.94
N ILE I 119 -100.73 -21.94 -15.79
CA ILE I 119 -99.56 -22.76 -16.12
C ILE I 119 -99.89 -23.50 -17.42
N VAL I 120 -99.13 -23.20 -18.47
CA VAL I 120 -99.37 -23.77 -19.79
C VAL I 120 -98.19 -24.66 -20.15
N GLN I 121 -98.48 -25.79 -20.78
CA GLN I 121 -97.47 -26.78 -21.12
C GLN I 121 -97.39 -27.07 -22.61
N ASN I 122 -98.25 -26.47 -23.43
CA ASN I 122 -98.21 -26.65 -24.88
C ASN I 122 -98.51 -25.33 -25.56
N GLU I 123 -98.13 -25.24 -26.84
CA GLU I 123 -98.30 -24.01 -27.66
C GLU I 123 -99.78 -23.61 -27.75
N GLU I 124 -100.68 -24.58 -27.81
CA GLU I 124 -102.10 -24.27 -27.95
C GLU I 124 -102.62 -23.48 -26.75
N ASP I 125 -102.43 -24.02 -25.54
CA ASP I 125 -102.83 -23.29 -24.35
C ASP I 125 -102.11 -21.96 -24.23
N LEU I 126 -100.89 -21.88 -24.79
CA LEU I 126 -100.11 -20.65 -24.69
C LEU I 126 -100.70 -19.53 -25.51
N MET I 127 -101.39 -19.83 -26.61
CA MET I 127 -101.89 -18.78 -27.48
C MET I 127 -103.09 -18.03 -26.90
N ASN I 128 -103.71 -18.54 -25.84
CA ASN I 128 -104.78 -17.81 -25.17
C ASN I 128 -104.25 -16.71 -24.25
N THR I 129 -102.93 -16.52 -24.19
CA THR I 129 -102.32 -15.60 -23.25
C THR I 129 -101.61 -14.43 -23.90
N THR I 130 -101.76 -14.24 -25.22
CA THR I 130 -101.18 -13.05 -25.84
C THR I 130 -101.90 -11.81 -25.34
N LYS I 131 -101.27 -10.65 -25.58
CA LYS I 131 -101.77 -9.31 -25.31
C LYS I 131 -101.65 -8.89 -23.84
N SER I 132 -101.57 -7.59 -23.63
CA SER I 132 -101.44 -7.03 -22.29
C SER I 132 -102.82 -6.96 -21.63
N LYS I 133 -102.87 -7.37 -20.37
CA LYS I 133 -103.99 -7.15 -19.47
C LYS I 133 -103.53 -6.11 -18.46
N TYR I 134 -104.05 -4.88 -18.56
CA TYR I 134 -103.51 -3.75 -17.81
C TYR I 134 -104.10 -3.63 -16.40
N THR I 135 -104.45 -4.74 -15.76
CA THR I 135 -105.04 -4.70 -14.42
C THR I 135 -104.36 -5.75 -13.56
N VAL I 136 -104.70 -5.75 -12.27
CA VAL I 136 -103.98 -6.54 -11.29
C VAL I 136 -103.95 -8.00 -11.72
N SER I 137 -102.74 -8.57 -11.76
CA SER I 137 -102.50 -9.96 -12.07
C SER I 137 -101.89 -10.63 -10.86
N THR I 138 -101.96 -11.95 -10.80
CA THR I 138 -101.33 -12.70 -9.72
C THR I 138 -100.27 -13.64 -10.30
N LEU I 139 -99.63 -14.40 -9.42
CA LEU I 139 -98.70 -15.46 -9.82
C LEU I 139 -99.20 -16.83 -9.39
N GLU I 140 -100.51 -16.98 -9.17
CA GLU I 140 -101.00 -18.14 -8.44
C GLU I 140 -100.70 -19.44 -9.15
N ALA I 141 -100.55 -19.43 -10.48
CA ALA I 141 -100.32 -20.69 -11.19
C ALA I 141 -98.97 -21.32 -10.82
N LEU I 142 -98.05 -20.56 -10.25
CA LEU I 142 -96.83 -21.15 -9.71
C LEU I 142 -97.17 -22.24 -8.70
N LYS I 143 -98.16 -22.01 -7.84
CA LYS I 143 -98.55 -23.03 -6.86
C LYS I 143 -99.04 -24.28 -7.57
N THR I 144 -99.86 -24.11 -8.62
CA THR I 144 -100.36 -25.25 -9.38
C THR I 144 -99.21 -26.02 -10.01
N ALA I 145 -98.24 -25.29 -10.60
CA ALA I 145 -97.07 -25.94 -11.17
C ALA I 145 -96.31 -26.73 -10.12
N GLY I 146 -96.17 -26.17 -8.92
CA GLY I 146 -95.55 -26.93 -7.83
C GLY I 146 -96.31 -28.20 -7.51
N GLU I 147 -97.64 -28.11 -7.45
CA GLU I 147 -98.47 -29.28 -7.13
C GLU I 147 -98.38 -30.34 -8.21
N MET I 148 -98.23 -29.91 -9.47
CA MET I 148 -98.04 -30.86 -10.56
C MET I 148 -96.64 -31.44 -10.63
N GLY I 149 -95.69 -30.89 -9.85
CA GLY I 149 -94.33 -31.42 -9.85
C GLY I 149 -93.48 -30.99 -11.03
N LEU I 150 -93.84 -29.91 -11.72
CA LEU I 150 -93.04 -29.47 -12.86
C LEU I 150 -91.67 -28.99 -12.39
N GLU I 151 -90.63 -29.44 -13.10
CA GLU I 151 -89.23 -29.15 -12.67
C GLU I 151 -88.81 -27.70 -12.97
N LYS I 152 -89.11 -27.21 -14.17
CA LYS I 152 -88.64 -25.90 -14.61
C LYS I 152 -89.76 -25.14 -15.29
N VAL I 153 -89.83 -23.83 -15.02
CA VAL I 153 -90.79 -22.97 -15.69
C VAL I 153 -90.15 -21.63 -16.05
N ALA I 154 -90.69 -21.02 -17.10
CA ALA I 154 -90.49 -19.61 -17.40
C ALA I 154 -91.65 -18.85 -16.79
N VAL I 155 -91.37 -17.66 -16.25
CA VAL I 155 -92.40 -16.80 -15.69
C VAL I 155 -92.33 -15.46 -16.41
N VAL I 156 -93.47 -14.99 -16.91
CA VAL I 156 -93.60 -13.62 -17.39
C VAL I 156 -94.16 -12.77 -16.28
N GLY I 157 -93.53 -11.63 -16.01
CA GLY I 157 -93.96 -10.77 -14.91
C GLY I 157 -93.76 -9.29 -15.17
N LEU I 158 -94.60 -8.49 -14.52
CA LEU I 158 -94.37 -7.08 -14.38
C LEU I 158 -93.13 -6.84 -13.52
N PRO I 159 -92.53 -5.65 -13.59
CA PRO I 159 -91.31 -5.41 -12.80
C PRO I 159 -91.43 -5.81 -11.34
N CYS I 160 -92.53 -5.52 -10.66
CA CYS I 160 -92.63 -5.88 -9.25
C CYS I 160 -92.68 -7.40 -9.09
N GLN I 161 -93.27 -8.13 -10.05
CA GLN I 161 -93.29 -9.58 -9.96
C GLN I 161 -91.91 -10.18 -10.18
N ILE I 162 -91.16 -9.67 -11.19
CA ILE I 162 -89.77 -10.08 -11.35
C ILE I 162 -88.98 -9.83 -10.07
N ASN I 163 -89.21 -8.69 -9.42
CA ASN I 163 -88.43 -8.35 -8.23
C ASN I 163 -88.71 -9.31 -7.09
N GLY I 164 -90.00 -9.65 -6.86
CA GLY I 164 -90.33 -10.66 -5.87
C GLY I 164 -89.77 -12.03 -6.20
N LEU I 165 -89.83 -12.42 -7.47
CA LEU I 165 -89.36 -13.75 -7.83
C LEU I 165 -87.84 -13.84 -7.77
N ARG I 166 -87.13 -12.72 -8.00
CA ARG I 166 -85.68 -12.71 -7.77
C ARG I 166 -85.36 -12.94 -6.30
N LYS I 167 -86.12 -12.33 -5.39
CA LYS I 167 -85.91 -12.57 -3.97
C LYS I 167 -86.16 -14.03 -3.62
N LEU I 168 -87.15 -14.65 -4.27
CA LEU I 168 -87.39 -16.09 -4.07
C LEU I 168 -86.19 -16.91 -4.54
N GLN I 169 -85.66 -16.61 -5.72
CA GLN I 169 -84.49 -17.32 -6.23
C GLN I 169 -83.31 -17.19 -5.28
N TYR I 170 -83.12 -16.01 -4.70
CA TYR I 170 -81.98 -15.69 -3.87
C TYR I 170 -82.32 -15.71 -2.39
N PHE I 171 -83.36 -16.47 -2.04
CA PHE I 171 -83.92 -16.42 -0.69
C PHE I 171 -82.88 -16.66 0.40
N GLN I 172 -82.05 -17.68 0.24
CA GLN I 172 -81.09 -17.99 1.31
C GLN I 172 -80.12 -16.84 1.55
N TYR I 173 -79.82 -16.06 0.51
CA TYR I 173 -78.89 -14.95 0.66
C TYR I 173 -79.54 -13.76 1.33
N LEU I 174 -80.83 -13.54 1.11
CA LEU I 174 -81.53 -12.37 1.64
C LEU I 174 -82.17 -12.65 3.00
N ALA I 175 -82.83 -13.80 3.13
CA ALA I 175 -83.46 -14.17 4.40
C ALA I 175 -82.48 -14.83 5.38
N LYS I 176 -81.37 -15.39 4.87
CA LYS I 176 -80.28 -15.93 5.66
C LYS I 176 -80.64 -17.26 6.32
N HIS I 177 -81.63 -17.97 5.78
CA HIS I 177 -82.02 -19.29 6.26
C HIS I 177 -82.77 -19.96 5.11
N ASP I 178 -83.06 -21.24 5.28
CA ASP I 178 -83.75 -22.01 4.26
C ASP I 178 -85.24 -21.61 4.20
N GLY I 179 -85.86 -21.98 3.08
CA GLY I 179 -87.30 -21.81 2.92
C GLY I 179 -88.10 -22.34 4.09
N GLU I 180 -89.09 -21.55 4.50
CA GLU I 180 -89.94 -21.89 5.67
C GLU I 180 -90.55 -23.30 5.54
N LEU I 181 -90.50 -24.06 6.63
CA LEU I 181 -91.14 -25.35 6.72
C LEU I 181 -92.58 -25.20 7.19
N GLY I 182 -93.49 -25.92 6.53
CA GLY I 182 -94.87 -25.94 6.95
C GLY I 182 -95.09 -26.90 8.10
N LYS I 183 -96.36 -27.06 8.45
CA LYS I 183 -96.69 -27.91 9.60
C LYS I 183 -96.26 -29.35 9.39
N ASN I 184 -96.22 -29.82 8.14
CA ASN I 184 -95.75 -31.16 7.84
C ASN I 184 -94.22 -31.25 7.79
N GLY I 185 -93.53 -30.18 8.13
CA GLY I 185 -92.08 -30.20 8.19
C GLY I 185 -91.37 -29.99 6.87
N LYS I 186 -92.11 -29.69 5.80
CA LYS I 186 -91.51 -29.55 4.48
C LYS I 186 -91.75 -28.16 3.90
N PRO I 187 -90.85 -27.67 3.08
CA PRO I 187 -91.03 -26.35 2.47
C PRO I 187 -92.08 -26.40 1.36
N VAL I 188 -92.43 -25.20 0.90
CA VAL I 188 -93.43 -25.09 -0.16
C VAL I 188 -92.94 -25.80 -1.43
N LYS I 189 -93.88 -26.38 -2.17
CA LYS I 189 -93.59 -27.05 -3.43
C LYS I 189 -93.73 -26.04 -4.57
N LEU I 190 -92.62 -25.70 -5.20
CA LEU I 190 -92.60 -24.76 -6.32
C LEU I 190 -91.62 -25.26 -7.37
N PRO I 191 -91.89 -24.98 -8.65
CA PRO I 191 -90.92 -25.31 -9.69
C PRO I 191 -89.72 -24.36 -9.64
N LYS I 192 -88.61 -24.82 -10.19
CA LYS I 192 -87.47 -23.94 -10.40
C LYS I 192 -87.85 -22.88 -11.43
N ILE I 193 -87.61 -21.61 -11.11
CA ILE I 193 -87.86 -20.53 -12.05
C ILE I 193 -86.60 -20.39 -12.90
N GLU I 194 -86.67 -20.92 -14.12
CA GLU I 194 -85.54 -21.00 -15.03
C GLU I 194 -85.36 -19.74 -15.85
N TYR I 195 -86.46 -19.08 -16.21
CA TYR I 195 -86.41 -17.82 -16.97
C TYR I 195 -87.37 -16.83 -16.33
N LEU I 196 -86.93 -15.57 -16.24
CA LEU I 196 -87.75 -14.46 -15.80
C LEU I 196 -87.82 -13.46 -16.95
N ILE I 197 -88.98 -13.42 -17.58
CA ILE I 197 -89.25 -12.54 -18.72
C ILE I 197 -90.04 -11.37 -18.16
N GLY I 198 -89.42 -10.19 -18.13
CA GLY I 198 -90.06 -9.02 -17.57
C GLY I 198 -90.71 -8.16 -18.65
N LEU I 199 -91.79 -7.48 -18.24
CA LEU I 199 -92.46 -6.49 -19.07
C LEU I 199 -92.12 -5.08 -18.58
N LEU I 200 -91.91 -4.17 -19.53
CA LEU I 200 -91.91 -2.76 -19.19
C LEU I 200 -93.27 -2.36 -18.64
N CYS I 201 -93.29 -1.38 -17.75
CA CYS I 201 -94.56 -1.06 -17.10
C CYS I 201 -94.52 0.32 -16.44
N THR I 202 -95.49 1.16 -16.78
CA THR I 202 -95.63 2.43 -16.08
C THR I 202 -96.67 2.39 -14.98
N GLU I 203 -97.64 1.46 -15.05
CA GLU I 203 -98.75 1.38 -14.11
C GLU I 203 -99.69 0.25 -14.54
N LYS I 204 -100.45 -0.25 -13.58
CA LYS I 204 -101.61 -1.10 -13.80
C LYS I 204 -102.77 -0.48 -13.02
N PHE I 205 -103.99 -0.94 -13.32
CA PHE I 205 -105.20 -0.42 -12.72
C PHE I 205 -105.95 -1.52 -11.97
N GLU I 206 -106.79 -1.12 -11.02
CA GLU I 206 -107.79 -2.02 -10.49
C GLU I 206 -108.82 -2.30 -11.59
N TYR I 207 -109.23 -3.58 -11.71
CA TYR I 207 -110.17 -3.95 -12.76
C TYR I 207 -111.45 -3.11 -12.66
N ASP I 208 -111.98 -2.94 -11.44
CA ASP I 208 -113.21 -2.16 -11.29
C ASP I 208 -113.01 -0.71 -11.72
N GLU I 209 -111.85 -0.13 -11.40
CA GLU I 209 -111.59 1.25 -11.76
C GLU I 209 -111.50 1.42 -13.27
N LEU I 210 -110.81 0.50 -13.96
CA LEU I 210 -110.75 0.57 -15.41
C LEU I 210 -112.14 0.40 -16.02
N LYS I 211 -112.92 -0.55 -15.52
CA LYS I 211 -114.27 -0.75 -16.06
C LYS I 211 -115.10 0.51 -15.88
N GLU I 212 -115.05 1.11 -14.69
CA GLU I 212 -115.80 2.35 -14.45
C GLU I 212 -115.32 3.47 -15.37
N THR I 213 -114.00 3.63 -15.51
CA THR I 213 -113.49 4.70 -16.37
C THR I 213 -114.00 4.53 -17.78
N LEU I 214 -114.00 3.30 -18.29
CA LEU I 214 -114.49 3.09 -19.64
C LEU I 214 -115.98 3.39 -19.74
N ALA I 215 -116.73 3.14 -18.67
CA ALA I 215 -118.15 3.50 -18.68
C ALA I 215 -118.35 5.00 -18.86
N LYS I 216 -117.48 5.81 -18.24
CA LYS I 216 -117.57 7.26 -18.40
C LYS I 216 -117.44 7.67 -19.85
N TYR I 217 -116.53 7.04 -20.58
CA TYR I 217 -116.31 7.33 -22.00
C TYR I 217 -117.23 6.50 -22.90
N ASN I 218 -118.31 5.93 -22.34
CA ASN I 218 -119.34 5.21 -23.08
C ASN I 218 -118.80 3.97 -23.77
N ILE I 219 -117.85 3.31 -23.11
CA ILE I 219 -117.24 2.09 -23.63
C ILE I 219 -117.60 0.97 -22.68
N ASN I 220 -118.07 -0.16 -23.26
CA ASN I 220 -118.34 -1.37 -22.48
C ASN I 220 -117.10 -2.26 -22.51
N MET I 221 -116.38 -2.33 -21.39
CA MET I 221 -115.14 -3.10 -21.33
C MET I 221 -115.33 -4.51 -21.86
N ASP I 222 -116.52 -5.08 -21.73
CA ASP I 222 -116.74 -6.46 -22.16
C ASP I 222 -116.59 -6.61 -23.66
N ASP I 223 -116.81 -5.53 -24.43
CA ASP I 223 -116.69 -5.57 -25.88
C ASP I 223 -115.32 -5.14 -26.39
N VAL I 224 -114.37 -4.86 -25.51
CA VAL I 224 -113.07 -4.38 -25.96
C VAL I 224 -112.27 -5.53 -26.56
N GLU I 225 -111.68 -5.28 -27.73
CA GLU I 225 -110.85 -6.28 -28.40
C GLU I 225 -109.39 -6.23 -27.97
N LYS I 226 -108.88 -5.05 -27.62
CA LYS I 226 -107.48 -4.91 -27.28
C LYS I 226 -107.30 -3.59 -26.56
N PHE I 227 -106.42 -3.60 -25.56
CA PHE I 227 -105.95 -2.41 -24.87
C PHE I 227 -104.50 -2.13 -25.25
N ASP I 228 -104.11 -0.86 -25.10
CA ASP I 228 -102.71 -0.48 -25.29
C ASP I 228 -102.46 0.80 -24.50
N ILE I 229 -101.24 0.93 -23.97
CA ILE I 229 -100.77 2.16 -23.35
C ILE I 229 -99.60 2.68 -24.19
N LYS I 230 -99.80 3.83 -24.83
CA LYS I 230 -98.83 4.42 -25.73
C LYS I 230 -98.87 5.93 -25.60
N LYS I 231 -97.70 6.56 -25.43
CA LYS I 231 -97.51 8.01 -25.46
C LYS I 231 -98.58 8.75 -24.65
N GLY I 232 -98.67 8.37 -23.38
CA GLY I 232 -99.50 9.06 -22.43
C GLY I 232 -100.98 8.76 -22.53
N LYS I 233 -101.38 7.80 -23.35
CA LYS I 233 -102.80 7.52 -23.57
C LYS I 233 -103.09 6.03 -23.36
N LEU I 234 -104.29 5.76 -22.86
CA LEU I 234 -104.88 4.43 -22.94
C LEU I 234 -105.61 4.32 -24.28
N LEU I 235 -105.23 3.34 -25.08
CA LEU I 235 -105.89 3.07 -26.36
C LEU I 235 -106.84 1.88 -26.17
N VAL I 236 -108.08 2.04 -26.62
CA VAL I 236 -109.12 1.04 -26.45
C VAL I 236 -109.69 0.74 -27.82
N TYR I 237 -109.62 -0.53 -28.21
CA TYR I 237 -110.09 -0.93 -29.54
C TYR I 237 -111.39 -1.70 -29.39
N VAL I 238 -112.46 -1.10 -29.89
CA VAL I 238 -113.81 -1.66 -29.90
C VAL I 238 -114.31 -1.65 -31.33
N ASN I 239 -114.82 -2.78 -31.81
CA ASN I 239 -115.37 -2.93 -33.19
C ASN I 239 -114.36 -2.43 -34.22
N GLY I 240 -113.08 -2.67 -33.97
CA GLY I 240 -112.04 -2.25 -34.89
C GLY I 240 -111.76 -0.76 -34.92
N GLU I 241 -112.39 0.01 -34.05
CA GLU I 241 -112.18 1.45 -33.95
C GLU I 241 -111.43 1.80 -32.66
N GLU I 242 -110.63 2.85 -32.74
CA GLU I 242 -109.68 3.19 -31.68
C GLU I 242 -110.20 4.38 -30.87
N HIS I 243 -110.24 4.20 -29.55
CA HIS I 243 -110.60 5.24 -28.60
C HIS I 243 -109.39 5.58 -27.74
N LYS I 244 -109.22 6.87 -27.45
CA LYS I 244 -108.08 7.35 -26.68
C LYS I 244 -108.56 8.00 -25.40
N ILE I 245 -107.96 7.60 -24.27
CA ILE I 245 -108.26 8.18 -22.97
C ILE I 245 -106.95 8.68 -22.37
N PRO I 246 -106.85 9.94 -21.97
CA PRO I 246 -105.60 10.39 -21.31
C PRO I 246 -105.34 9.62 -20.03
N LEU I 247 -104.11 9.11 -19.89
CA LEU I 247 -103.78 8.34 -18.69
C LEU I 247 -103.96 9.15 -17.42
N LYS I 248 -103.86 10.48 -17.50
CA LYS I 248 -104.04 11.30 -16.32
C LYS I 248 -105.44 11.15 -15.73
N GLU I 249 -106.41 10.76 -16.55
CA GLU I 249 -107.79 10.64 -16.11
C GLU I 249 -108.13 9.29 -15.48
N ILE I 250 -107.17 8.37 -15.40
CA ILE I 250 -107.40 7.02 -14.89
C ILE I 250 -106.58 6.84 -13.63
N GLU I 251 -107.25 6.40 -12.56
CA GLU I 251 -106.56 6.17 -11.26
C GLU I 251 -105.80 4.84 -11.34
N LEU I 252 -104.49 4.87 -11.14
CA LEU I 252 -103.72 3.60 -11.20
C LEU I 252 -103.80 2.91 -9.83
N SER I 253 -103.45 1.63 -9.77
CA SER I 253 -103.42 0.86 -8.49
C SER I 253 -102.48 1.60 -7.54
N ALA I 254 -102.86 1.69 -6.27
CA ALA I 254 -102.15 2.58 -5.33
C ALA I 254 -100.67 2.25 -5.26
N GLY I 255 -100.33 0.97 -5.23
CA GLY I 255 -98.94 0.57 -5.07
C GLY I 255 -98.05 1.03 -6.19
N CYS I 256 -98.64 1.33 -7.35
CA CYS I 256 -97.84 1.81 -8.50
C CYS I 256 -97.20 3.17 -8.16
N LYS I 257 -97.77 3.91 -7.21
CA LYS I 257 -97.19 5.21 -6.86
C LYS I 257 -95.88 5.05 -6.11
N MET I 258 -95.69 3.91 -5.47
CA MET I 258 -94.47 3.65 -4.66
C MET I 258 -93.47 2.81 -5.47
N CYS I 259 -93.64 2.76 -6.79
CA CYS I 259 -92.79 1.94 -7.63
C CYS I 259 -91.67 2.75 -8.28
N ARG I 260 -90.52 2.07 -8.48
CA ARG I 260 -89.32 2.69 -9.02
C ARG I 260 -88.85 2.08 -10.33
N ASP I 261 -89.33 0.90 -10.71
CA ASP I 261 -88.71 0.04 -11.69
C ASP I 261 -89.58 0.02 -12.93
N PHE I 262 -89.16 0.76 -13.96
CA PHE I 262 -89.94 0.83 -15.20
C PHE I 262 -89.67 -0.34 -16.13
N ASP I 263 -88.41 -0.75 -16.29
CA ASP I 263 -88.03 -1.66 -17.37
C ASP I 263 -87.77 -3.08 -16.89
N ALA I 264 -88.23 -3.43 -15.69
CA ALA I 264 -88.02 -4.77 -15.16
C ALA I 264 -86.52 -5.07 -15.17
N GLU I 265 -85.79 -4.21 -14.46
CA GLU I 265 -84.34 -4.17 -14.58
C GLU I 265 -83.65 -5.46 -14.12
N MET I 266 -84.38 -6.33 -13.41
CA MET I 266 -83.74 -7.58 -12.88
C MET I 266 -84.11 -8.81 -13.71
N ALA I 267 -84.87 -8.63 -14.79
CA ALA I 267 -85.29 -9.76 -15.59
C ALA I 267 -84.12 -10.30 -16.42
N ASP I 268 -84.23 -11.58 -16.80
CA ASP I 268 -83.29 -12.14 -17.76
C ASP I 268 -83.41 -11.40 -19.11
N VAL I 269 -84.63 -11.11 -19.54
CA VAL I 269 -84.90 -10.30 -20.71
C VAL I 269 -86.18 -9.52 -20.43
N SER I 270 -86.20 -8.25 -20.82
CA SER I 270 -87.34 -7.37 -20.62
C SER I 270 -87.91 -6.98 -21.99
N VAL I 271 -89.24 -6.90 -22.08
CA VAL I 271 -89.92 -6.68 -23.35
C VAL I 271 -90.99 -5.61 -23.16
N GLY I 272 -91.05 -4.67 -24.10
CA GLY I 272 -92.06 -3.65 -24.06
C GLY I 272 -92.25 -3.07 -25.44
N CYS I 273 -92.95 -1.93 -25.50
CA CYS I 273 -93.18 -1.29 -26.78
C CYS I 273 -92.43 0.03 -26.95
N VAL I 274 -92.11 0.69 -25.83
CA VAL I 274 -91.44 2.02 -25.90
C VAL I 274 -90.06 1.91 -26.56
N GLY I 275 -89.79 2.76 -27.55
CA GLY I 275 -88.48 2.84 -28.17
C GLY I 275 -88.30 2.01 -29.42
N SER I 276 -89.33 1.32 -29.87
CA SER I 276 -89.30 0.47 -31.05
C SER I 276 -90.50 0.79 -31.93
N PRO I 277 -90.44 0.45 -33.21
CA PRO I 277 -91.55 0.78 -34.12
C PRO I 277 -92.78 -0.07 -33.85
N ASP I 278 -93.93 0.46 -34.28
CA ASP I 278 -95.20 -0.24 -34.16
C ASP I 278 -95.11 -1.63 -34.76
N GLY I 279 -95.69 -2.60 -34.05
CA GLY I 279 -95.69 -3.97 -34.51
C GLY I 279 -94.45 -4.73 -34.13
N TYR I 280 -93.50 -4.09 -33.47
CA TYR I 280 -92.33 -4.74 -32.92
C TYR I 280 -92.33 -4.57 -31.41
N SER I 281 -91.61 -5.46 -30.73
CA SER I 281 -91.34 -5.30 -29.31
C SER I 281 -89.89 -4.89 -29.05
N THR I 282 -89.72 -3.97 -28.10
CA THR I 282 -88.41 -3.68 -27.54
C THR I 282 -87.95 -4.87 -26.71
N VAL I 283 -86.68 -5.23 -26.86
CA VAL I 283 -86.09 -6.37 -26.17
C VAL I 283 -84.80 -5.92 -25.52
N ILE I 284 -84.73 -6.01 -24.19
CA ILE I 284 -83.53 -5.67 -23.45
C ILE I 284 -83.00 -6.95 -22.82
N ILE I 285 -81.88 -7.45 -23.35
CA ILE I 285 -81.27 -8.68 -22.87
C ILE I 285 -80.29 -8.34 -21.76
N ARG I 286 -80.39 -9.05 -20.64
CA ARG I 286 -79.60 -8.75 -19.45
C ARG I 286 -78.80 -9.92 -18.90
N THR I 287 -79.15 -11.16 -19.23
CA THR I 287 -78.38 -12.31 -18.77
C THR I 287 -78.22 -13.32 -19.90
N GLU I 288 -77.38 -14.34 -19.65
CA GLU I 288 -77.21 -15.40 -20.64
C GLU I 288 -78.51 -16.18 -20.86
N LYS I 289 -79.33 -16.32 -19.82
CA LYS I 289 -80.67 -16.88 -20.03
C LYS I 289 -81.46 -16.01 -21.01
N GLY I 290 -81.42 -14.69 -20.81
CA GLY I 290 -82.06 -13.80 -21.76
C GLY I 290 -81.47 -13.88 -23.15
N GLU I 291 -80.16 -14.13 -23.23
CA GLU I 291 -79.46 -14.21 -24.54
C GLU I 291 -80.11 -15.26 -25.44
N GLU I 292 -80.74 -16.28 -24.84
CA GLU I 292 -81.35 -17.34 -25.64
C GLU I 292 -82.45 -16.81 -26.55
N ILE I 293 -83.01 -15.64 -26.26
CA ILE I 293 -84.06 -15.10 -27.12
C ILE I 293 -83.53 -14.83 -28.53
N LYS I 294 -82.22 -14.62 -28.67
CA LYS I 294 -81.67 -14.40 -30.00
C LYS I 294 -81.89 -15.59 -30.93
N ASN I 295 -82.03 -16.79 -30.36
CA ASN I 295 -82.33 -17.97 -31.17
C ASN I 295 -83.79 -18.05 -31.59
N ALA I 296 -84.68 -17.35 -30.88
CA ALA I 296 -86.11 -17.43 -31.18
C ALA I 296 -86.62 -16.24 -31.98
N ILE I 297 -85.90 -15.12 -31.98
CA ILE I 297 -86.35 -13.90 -32.63
C ILE I 297 -85.23 -13.36 -33.51
N GLU I 298 -85.58 -12.87 -34.69
CA GLU I 298 -84.64 -12.15 -35.54
C GLU I 298 -84.58 -10.71 -35.05
N LEU I 299 -83.56 -10.38 -34.26
CA LEU I 299 -83.51 -9.08 -33.59
C LEU I 299 -82.82 -8.03 -34.45
N LYS I 300 -83.23 -6.78 -34.25
CA LYS I 300 -82.66 -5.63 -34.95
C LYS I 300 -82.16 -4.61 -33.94
N GLU I 301 -81.24 -3.73 -34.37
CA GLU I 301 -80.70 -2.67 -33.48
C GLU I 301 -81.33 -1.32 -33.87
N GLY I 302 -81.12 -0.27 -33.06
CA GLY I 302 -81.72 1.04 -33.35
C GLY I 302 -82.82 1.46 -32.38
N VAL I 303 -82.87 0.87 -31.19
CA VAL I 303 -83.90 1.23 -30.18
C VAL I 303 -83.70 2.69 -29.72
N ASN I 304 -84.79 3.45 -29.59
CA ASN I 304 -84.75 4.81 -29.06
C ASN I 304 -84.55 4.69 -27.55
N LEU I 305 -83.29 4.74 -27.12
CA LEU I 305 -82.99 4.57 -25.70
C LEU I 305 -83.53 5.71 -24.85
N GLU I 306 -83.61 6.93 -25.43
CA GLU I 306 -84.11 8.07 -24.66
C GLU I 306 -85.59 7.94 -24.35
N ALA I 307 -86.37 7.28 -25.22
CA ALA I 307 -87.78 7.08 -24.91
C ALA I 307 -87.95 6.21 -23.67
N ILE I 308 -87.06 5.23 -23.52
CA ILE I 308 -87.09 4.38 -22.34
C ILE I 308 -86.62 5.16 -21.11
N GLU I 309 -85.50 5.86 -21.23
CA GLU I 309 -84.95 6.58 -20.09
C GLU I 309 -85.94 7.62 -19.58
N LYS I 310 -86.65 8.29 -20.49
CA LYS I 310 -87.61 9.34 -20.03
C LYS I 310 -88.71 8.72 -19.16
N LEU I 311 -89.10 7.47 -19.43
CA LEU I 311 -90.12 6.84 -18.60
C LEU I 311 -89.53 6.33 -17.30
N ARG I 312 -88.28 5.88 -17.31
CA ARG I 312 -87.58 5.63 -16.05
C ARG I 312 -87.64 6.88 -15.17
N ASP I 313 -87.38 8.04 -15.76
CA ASP I 313 -87.31 9.28 -14.98
C ASP I 313 -88.70 9.72 -14.52
N LEU I 314 -89.72 9.57 -15.38
CA LEU I 314 -91.07 9.96 -14.96
C LEU I 314 -91.56 9.09 -13.81
N LYS I 315 -91.30 7.78 -13.87
CA LYS I 315 -91.70 6.90 -12.77
C LYS I 315 -90.94 7.24 -11.50
N LEU I 316 -89.64 7.52 -11.61
CA LEU I 316 -88.88 7.86 -10.42
C LEU I 316 -89.38 9.16 -9.80
N ASN I 317 -89.75 10.14 -10.63
CA ASN I 317 -90.27 11.38 -10.05
C ASN I 317 -91.65 11.14 -9.42
N ARG I 318 -92.46 10.25 -9.99
CA ARG I 318 -93.74 9.92 -9.36
C ARG I 318 -93.52 9.29 -7.99
N PHE I 319 -92.51 8.41 -7.90
CA PHE I 319 -92.14 7.78 -6.64
C PHE I 319 -91.69 8.81 -5.62
N LYS I 320 -90.82 9.74 -6.01
CA LYS I 320 -90.30 10.73 -5.06
C LYS I 320 -91.40 11.65 -4.54
N LYS I 321 -92.33 12.01 -5.44
CA LYS I 321 -93.47 12.89 -5.06
C LYS I 321 -94.33 12.16 -4.02
N GLU I 322 -94.57 10.86 -4.23
CA GLU I 322 -95.40 10.10 -3.31
C GLU I 322 -94.70 9.90 -1.97
N VAL I 323 -93.39 9.66 -1.99
CA VAL I 323 -92.65 9.49 -0.75
C VAL I 323 -92.62 10.79 0.03
N GLU I 324 -92.43 11.92 -0.67
CA GLU I 324 -92.41 13.21 0.02
C GLU I 324 -93.79 13.57 0.58
N ARG I 325 -94.87 13.20 -0.13
CA ARG I 325 -96.21 13.39 0.43
C ARG I 325 -96.38 12.59 1.70
N ARG I 326 -96.07 11.29 1.66
CA ARG I 326 -96.17 10.45 2.84
C ARG I 326 -95.33 11.01 3.99
N LYS I 327 -94.15 11.54 3.67
CA LYS I 327 -93.33 12.20 4.68
C LYS I 327 -94.07 13.40 5.28
N ALA I 328 -94.65 14.23 4.42
CA ALA I 328 -95.35 15.42 4.91
C ALA I 328 -96.58 15.03 5.73
N GLU I 329 -97.29 14.00 5.32
CA GLU I 329 -98.49 13.54 6.01
C GLU I 329 -98.20 12.53 7.11
N ASP I 330 -96.93 12.28 7.40
CA ASP I 330 -96.51 11.25 8.36
C ASP I 330 -97.26 9.95 8.14
N GLU I 331 -97.36 9.53 6.89
CA GLU I 331 -97.88 8.22 6.53
C GLU I 331 -96.73 7.20 6.50
N LYS I 332 -97.12 5.94 6.42
CA LYS I 332 -96.14 4.86 6.47
C LYS I 332 -95.30 4.83 5.18
N VAL I 333 -93.99 4.71 5.34
CA VAL I 333 -93.07 4.49 4.22
C VAL I 333 -92.19 3.30 4.55
N SER I 334 -92.14 2.32 3.65
CA SER I 334 -91.19 1.23 3.73
C SER I 334 -90.00 1.59 2.85
N PHE I 335 -88.82 1.75 3.46
CA PHE I 335 -87.61 2.18 2.74
C PHE I 335 -86.94 1.01 2.03
N TYR I 336 -87.69 0.35 1.14
CA TYR I 336 -87.26 -0.92 0.55
C TYR I 336 -86.06 -0.77 -0.37
N TRP I 337 -85.86 0.42 -0.95
CA TRP I 337 -84.79 0.67 -1.89
C TRP I 337 -83.44 0.92 -1.22
N THR I 338 -83.38 0.97 0.12
CA THR I 338 -82.06 1.06 0.74
C THR I 338 -81.20 -0.13 0.33
N ALA I 339 -81.83 -1.29 0.11
CA ALA I 339 -81.09 -2.49 -0.30
C ALA I 339 -80.60 -2.44 -1.74
N ASP I 340 -80.91 -1.37 -2.49
CA ASP I 340 -80.29 -1.16 -3.80
C ASP I 340 -78.79 -0.85 -3.69
N TYR I 341 -78.31 -0.47 -2.51
CA TYR I 341 -76.97 0.08 -2.35
C TYR I 341 -76.14 -0.73 -1.37
N GLY I 342 -74.86 -0.91 -1.73
CA GLY I 342 -73.93 -1.52 -0.80
C GLY I 342 -73.59 -0.60 0.35
N GLY I 343 -73.24 -1.21 1.48
CA GLY I 343 -72.76 -0.48 2.63
C GLY I 343 -73.83 0.15 3.50
N VAL I 344 -75.09 -0.12 3.23
CA VAL I 344 -76.18 0.46 3.99
C VAL I 344 -76.71 -0.59 4.96
N GLY I 345 -76.76 -0.23 6.23
CA GLY I 345 -77.33 -1.11 7.24
C GLY I 345 -78.34 -0.35 8.08
N LYS I 346 -79.29 -1.10 8.62
CA LYS I 346 -80.36 -0.51 9.46
C LYS I 346 -79.95 -0.58 10.94
N ARG I 347 -79.98 0.59 11.60
CA ARG I 347 -79.67 0.68 13.01
C ARG I 347 -80.85 0.20 13.87
N ALA I 348 -80.58 0.07 15.16
CA ALA I 348 -81.60 -0.42 16.09
C ALA I 348 -82.79 0.52 16.19
N ASP I 349 -82.59 1.81 15.93
CA ASP I 349 -83.62 2.81 16.13
C ASP I 349 -84.35 3.19 14.85
N GLY I 350 -84.18 2.41 13.78
CA GLY I 350 -84.92 2.65 12.56
C GLY I 350 -84.25 3.61 11.60
N THR I 351 -83.16 4.27 11.98
CA THR I 351 -82.34 5.02 11.03
C THR I 351 -81.29 4.06 10.47
N TYR I 352 -80.41 4.59 9.62
CA TYR I 352 -79.44 3.77 8.92
C TYR I 352 -78.01 4.26 9.17
N PHE I 353 -77.06 3.36 8.93
CA PHE I 353 -75.66 3.69 8.82
C PHE I 353 -75.19 3.38 7.40
N ILE I 354 -74.23 4.18 6.94
CA ILE I 354 -73.64 4.04 5.63
C ILE I 354 -72.15 3.82 5.84
N ARG I 355 -71.65 2.66 5.40
CA ARG I 355 -70.25 2.28 5.55
C ARG I 355 -69.51 2.61 4.26
N ILE I 356 -68.48 3.44 4.35
CA ILE I 356 -67.60 3.74 3.22
C ILE I 356 -66.49 2.70 3.26
N ARG I 357 -66.46 1.81 2.25
CA ARG I 357 -65.50 0.72 2.22
C ARG I 357 -64.09 1.25 2.48
N ALA I 358 -63.41 0.63 3.46
CA ALA I 358 -62.11 1.15 3.90
C ALA I 358 -61.11 1.21 2.74
N LYS I 359 -60.36 2.32 2.67
CA LYS I 359 -59.33 2.47 1.66
C LYS I 359 -58.07 1.69 2.06
N PRO I 360 -57.25 1.27 1.08
CA PRO I 360 -56.10 0.42 1.38
C PRO I 360 -55.19 0.97 2.47
N ALA I 361 -54.90 0.12 3.46
CA ALA I 361 -54.02 0.38 4.62
C ALA I 361 -54.52 1.54 5.48
N GLY I 362 -55.79 1.92 5.31
CA GLY I 362 -56.35 2.98 6.13
C GLY I 362 -55.84 4.37 5.84
N TRP I 363 -55.19 4.59 4.69
CA TRP I 363 -54.71 5.92 4.34
C TRP I 363 -55.86 6.73 3.72
N TYR I 364 -56.05 7.96 4.21
CA TYR I 364 -57.02 8.89 3.64
C TYR I 364 -56.36 10.24 3.45
N SER I 365 -56.55 10.83 2.28
CA SER I 365 -56.08 12.21 2.08
C SER I 365 -56.90 13.13 2.96
N ILE I 366 -56.28 14.26 3.33
CA ILE I 366 -57.01 15.22 4.15
C ILE I 366 -58.25 15.71 3.40
N ASP I 367 -58.12 15.90 2.08
CA ASP I 367 -59.27 16.34 1.29
C ASP I 367 -60.38 15.29 1.29
N GLU I 368 -60.02 14.01 1.15
CA GLU I 368 -61.02 12.94 1.18
C GLU I 368 -61.76 12.93 2.51
N ALA I 369 -61.03 12.99 3.61
CA ALA I 369 -61.68 12.97 4.93
C ALA I 369 -62.59 14.17 5.08
N ARG I 370 -62.16 15.34 4.62
CA ARG I 370 -63.01 16.53 4.70
C ARG I 370 -64.28 16.36 3.87
N GLU I 371 -64.18 15.70 2.72
CA GLU I 371 -65.37 15.46 1.90
C GLU I 371 -66.37 14.58 2.62
N ILE I 372 -65.90 13.52 3.29
CA ILE I 372 -66.78 12.62 4.02
C ILE I 372 -67.49 13.35 5.14
N LEU I 373 -66.73 14.14 5.90
CA LEU I 373 -67.30 14.85 7.06
C LEU I 373 -68.33 15.92 6.66
N GLU I 374 -68.09 16.54 5.51
CA GLU I 374 -69.00 17.59 4.97
C GLU I 374 -70.33 16.93 4.58
N ILE I 375 -70.26 15.73 4.00
CA ILE I 375 -71.51 15.03 3.63
C ILE I 375 -72.21 14.53 4.86
N ALA I 376 -71.47 14.00 5.83
CA ALA I 376 -72.07 13.57 7.10
C ALA I 376 -72.80 14.74 7.77
N GLU I 377 -72.14 15.89 7.84
CA GLU I 377 -72.78 17.06 8.45
C GLU I 377 -74.07 17.42 7.71
N LYS I 378 -74.07 17.32 6.38
CA LYS I 378 -75.25 17.74 5.62
C LYS I 378 -76.47 16.91 5.99
N TYR I 379 -76.29 15.62 6.26
CA TYR I 379 -77.40 14.72 6.56
C TYR I 379 -77.50 14.37 8.04
N ASP I 380 -76.84 15.14 8.91
CA ASP I 380 -76.90 14.97 10.36
C ASP I 380 -76.37 13.61 10.79
N GLY I 381 -75.35 13.11 10.12
CA GLY I 381 -74.75 11.84 10.47
C GLY I 381 -73.65 11.95 11.53
N LYS I 382 -73.41 10.85 12.21
CA LYS I 382 -72.40 10.75 13.24
C LYS I 382 -71.30 9.77 12.83
N ILE I 383 -70.05 10.15 13.07
CA ILE I 383 -68.90 9.42 12.57
C ILE I 383 -68.49 8.32 13.53
N LYS I 384 -68.34 7.11 12.99
CA LYS I 384 -67.80 5.96 13.69
C LYS I 384 -66.68 5.36 12.87
N MET I 385 -65.51 5.15 13.47
CA MET I 385 -64.42 4.49 12.80
C MET I 385 -64.46 3.00 13.11
N THR I 386 -64.46 2.17 12.08
CA THR I 386 -64.55 0.73 12.27
C THR I 386 -63.18 0.12 12.52
N ASN I 387 -63.18 -1.12 13.01
CA ASN I 387 -61.93 -1.82 13.26
C ASN I 387 -61.32 -2.43 11.99
N ARG I 388 -61.82 -2.06 10.80
CA ARG I 388 -61.10 -2.28 9.55
C ARG I 388 -60.69 -0.97 8.89
N GLY I 389 -60.76 0.14 9.64
CA GLY I 389 -60.28 1.42 9.15
C GLY I 389 -61.24 2.17 8.25
N ALA I 390 -62.54 1.92 8.37
CA ALA I 390 -63.53 2.57 7.52
C ALA I 390 -64.27 3.67 8.29
N PHE I 391 -64.63 4.72 7.55
CA PHE I 391 -65.60 5.71 8.01
C PHE I 391 -67.00 5.11 7.88
N GLU I 392 -67.75 5.13 8.97
CA GLU I 392 -69.14 4.65 8.97
C GLU I 392 -70.01 5.76 9.55
N ILE I 393 -71.04 6.17 8.79
CA ILE I 393 -71.85 7.33 9.16
C ILE I 393 -73.22 6.86 9.65
N HIS I 394 -73.54 7.23 10.89
CA HIS I 394 -74.74 6.74 11.58
C HIS I 394 -75.84 7.79 11.72
N GLY I 395 -77.08 7.31 11.78
CA GLY I 395 -78.22 8.15 12.08
C GLY I 395 -78.92 8.72 10.87
N ILE I 396 -78.73 8.12 9.71
CA ILE I 396 -79.27 8.67 8.46
C ILE I 396 -80.71 8.23 8.32
N SER I 397 -81.58 9.20 8.07
CA SER I 397 -82.99 8.91 7.88
C SER I 397 -83.17 8.09 6.62
N GLY I 398 -84.13 7.17 6.64
CA GLY I 398 -84.46 6.42 5.43
C GLY I 398 -84.79 7.33 4.27
N PHE I 399 -85.36 8.50 4.55
CA PHE I 399 -85.68 9.46 3.49
C PHE I 399 -84.42 10.03 2.83
N ASP I 400 -83.28 9.97 3.52
CA ASP I 400 -82.03 10.60 3.05
C ASP I 400 -81.01 9.62 2.51
N VAL I 401 -81.18 8.31 2.74
CA VAL I 401 -80.11 7.36 2.46
C VAL I 401 -79.68 7.43 1.01
N GLU I 402 -80.64 7.37 0.08
CA GLU I 402 -80.27 7.29 -1.34
C GLU I 402 -79.55 8.55 -1.78
N ALA I 403 -80.09 9.72 -1.39
CA ALA I 403 -79.45 10.96 -1.77
C ALA I 403 -78.03 11.03 -1.24
N MET I 404 -77.81 10.59 0.01
CA MET I 404 -76.48 10.65 0.61
C MET I 404 -75.51 9.70 -0.09
N VAL I 405 -75.97 8.48 -0.33
CA VAL I 405 -75.12 7.50 -0.99
C VAL I 405 -74.74 7.98 -2.37
N LEU I 406 -75.71 8.53 -3.11
CA LEU I 406 -75.39 9.04 -4.44
C LEU I 406 -74.37 10.17 -4.36
N GLU I 407 -74.48 11.01 -3.33
CA GLU I 407 -73.50 12.09 -3.13
C GLU I 407 -72.12 11.52 -2.84
N LEU I 408 -72.02 10.46 -2.03
CA LEU I 408 -70.73 9.83 -1.79
C LEU I 408 -70.17 9.20 -3.06
N MET I 409 -71.03 8.54 -3.83
CA MET I 409 -70.57 7.90 -5.10
C MET I 409 -70.08 8.99 -6.07
N GLU I 410 -70.71 10.16 -6.04
CA GLU I 410 -70.32 11.28 -6.95
C GLU I 410 -68.90 11.77 -6.61
N LYS I 411 -68.54 11.74 -5.32
CA LYS I 411 -67.20 12.19 -4.85
C LYS I 411 -66.15 11.09 -5.05
N GLY I 412 -66.57 9.94 -5.57
CA GLY I 412 -65.72 8.84 -5.90
C GLY I 412 -65.61 7.85 -4.77
N PHE I 413 -66.46 7.98 -3.76
CA PHE I 413 -66.41 7.07 -2.64
C PHE I 413 -67.23 5.82 -2.97
N ILE I 414 -66.75 4.68 -2.45
CA ILE I 414 -67.46 3.39 -2.65
C ILE I 414 -68.08 2.98 -1.32
N THR I 415 -69.41 2.97 -1.24
CA THR I 415 -70.09 2.47 -0.04
C THR I 415 -70.17 0.94 -0.13
N GLY I 416 -69.83 0.25 0.95
CA GLY I 416 -69.80 -1.20 0.86
C GLY I 416 -69.16 -1.85 2.06
N SER I 417 -68.49 -2.98 1.80
CA SER I 417 -67.91 -3.79 2.87
C SER I 417 -68.98 -4.31 3.81
N GLU I 418 -70.15 -4.65 3.24
CA GLU I 418 -71.28 -5.18 3.98
C GLU I 418 -71.96 -6.29 3.17
N GLY I 419 -72.47 -7.29 3.88
CA GLY I 419 -73.17 -8.38 3.24
C GLY I 419 -72.27 -9.51 2.78
N PRO I 420 -72.86 -10.53 2.14
CA PRO I 420 -72.07 -11.73 1.76
C PRO I 420 -71.20 -11.47 0.54
N LEU I 421 -70.01 -10.91 0.78
CA LEU I 421 -69.09 -10.57 -0.31
C LEU I 421 -67.70 -10.33 0.27
N VAL I 422 -66.73 -10.08 -0.63
CA VAL I 422 -65.36 -9.79 -0.20
C VAL I 422 -65.35 -8.40 0.43
N ARG I 423 -65.09 -8.33 1.73
CA ARG I 423 -65.06 -7.09 2.49
C ARG I 423 -63.77 -6.32 2.22
N ALA I 424 -63.69 -5.12 2.76
CA ALA I 424 -62.50 -4.29 2.61
C ALA I 424 -61.28 -5.05 3.12
N THR I 425 -60.26 -5.15 2.26
CA THR I 425 -59.00 -5.77 2.64
C THR I 425 -58.32 -4.91 3.70
N LEU I 426 -57.85 -5.54 4.77
CA LEU I 426 -57.25 -4.84 5.90
C LEU I 426 -55.74 -4.99 5.86
N ALA I 427 -55.04 -3.87 5.75
CA ALA I 427 -53.58 -3.83 5.64
C ALA I 427 -53.02 -2.87 6.66
N CYS I 428 -51.81 -3.16 7.11
CA CYS I 428 -51.08 -2.26 8.00
C CYS I 428 -50.24 -1.29 7.18
N PRO I 429 -49.52 -0.35 7.82
CA PRO I 429 -48.71 0.61 7.03
C PRO I 429 -47.56 -0.02 6.26
N GLY I 430 -46.95 -1.08 6.78
CA GLY I 430 -45.93 -1.84 6.08
C GLY I 430 -44.61 -1.10 5.83
N GLU I 431 -43.88 -1.65 4.86
CA GLU I 431 -42.51 -1.23 4.54
C GLU I 431 -42.44 0.24 4.15
N GLY I 432 -41.38 0.90 4.62
CA GLY I 432 -41.17 2.30 4.37
C GLY I 432 -42.02 3.21 5.22
N ASN I 433 -42.98 2.66 5.97
CA ASN I 433 -43.76 3.41 6.94
C ASN I 433 -43.45 2.90 8.34
N CYS I 434 -43.86 1.68 8.65
CA CYS I 434 -43.50 1.03 9.90
C CYS I 434 -42.06 0.55 9.82
N GLY I 435 -41.28 0.80 10.87
CA GLY I 435 -39.91 0.35 10.93
C GLY I 435 -39.73 -1.14 10.83
N SER I 436 -40.77 -1.92 11.15
CA SER I 436 -40.69 -3.37 11.04
C SER I 436 -41.17 -3.90 9.70
N GLY I 437 -41.69 -3.04 8.83
CA GLY I 437 -42.33 -3.52 7.61
C GLY I 437 -41.33 -4.15 6.65
N LEU I 438 -41.73 -5.29 6.09
CA LEU I 438 -40.92 -6.04 5.15
C LEU I 438 -41.48 -6.01 3.73
N ILE I 439 -42.77 -5.72 3.55
CA ILE I 439 -43.41 -5.74 2.23
C ILE I 439 -44.27 -4.51 2.06
N ASN I 440 -44.56 -4.19 0.81
CA ASN I 440 -45.39 -3.03 0.44
C ASN I 440 -46.85 -3.45 0.60
N THR I 441 -47.35 -3.33 1.82
CA THR I 441 -48.71 -3.75 2.13
C THR I 441 -49.76 -2.88 1.42
N THR I 442 -49.50 -1.58 1.33
CA THR I 442 -50.48 -0.68 0.70
C THR I 442 -50.73 -1.07 -0.75
N GLU I 443 -49.65 -1.34 -1.49
CA GLU I 443 -49.78 -1.67 -2.90
C GLU I 443 -50.43 -3.02 -3.10
N LEU I 444 -50.05 -4.02 -2.31
CA LEU I 444 -50.69 -5.32 -2.40
C LEU I 444 -52.17 -5.23 -2.05
N CYS I 445 -52.49 -4.42 -1.04
CA CYS I 445 -53.89 -4.21 -0.67
C CYS I 445 -54.67 -3.58 -1.83
N LYS I 446 -54.08 -2.56 -2.48
CA LYS I 446 -54.74 -1.94 -3.62
C LYS I 446 -54.95 -2.96 -4.74
N ILE I 447 -53.95 -3.80 -5.00
CA ILE I 447 -54.09 -4.82 -6.03
C ILE I 447 -55.23 -5.79 -5.69
N LEU I 448 -55.28 -6.26 -4.44
CA LEU I 448 -56.36 -7.19 -4.09
C LEU I 448 -57.72 -6.52 -4.18
N GLU I 449 -57.81 -5.26 -3.74
CA GLU I 449 -59.06 -4.53 -3.87
C GLU I 449 -59.47 -4.37 -5.33
N ASP I 450 -58.51 -4.01 -6.19
CA ASP I 450 -58.80 -3.81 -7.59
C ASP I 450 -59.35 -5.09 -8.21
N ASN I 451 -58.87 -6.25 -7.77
CA ASN I 451 -59.28 -7.52 -8.37
C ASN I 451 -60.55 -8.11 -7.76
N PHE I 452 -60.81 -7.90 -6.46
CA PHE I 452 -61.88 -8.63 -5.78
C PHE I 452 -62.87 -7.78 -4.98
N LYS I 453 -62.74 -6.46 -4.99
N LYS I 453 -62.75 -6.45 -4.98
CA LYS I 453 -63.64 -5.63 -4.15
CA LYS I 453 -63.67 -5.64 -4.13
C LYS I 453 -65.12 -5.91 -4.47
C LYS I 453 -65.14 -5.90 -4.47
N GLU I 454 -65.91 -6.19 -3.43
CA GLU I 454 -67.34 -6.42 -3.49
C GLU I 454 -67.75 -7.64 -4.30
N HIS I 455 -66.82 -8.56 -4.61
CA HIS I 455 -67.21 -9.79 -5.31
C HIS I 455 -68.07 -10.65 -4.39
N PRO I 456 -69.13 -11.28 -4.91
CA PRO I 456 -70.02 -12.07 -4.05
C PRO I 456 -69.35 -13.35 -3.58
N ALA I 457 -69.77 -13.81 -2.40
CA ALA I 457 -69.37 -15.08 -1.79
C ALA I 457 -70.54 -15.63 -1.01
N PRO I 458 -70.53 -16.92 -0.66
CA PRO I 458 -71.66 -17.49 0.12
C PRO I 458 -71.91 -16.76 1.43
N TYR I 459 -70.86 -16.20 2.00
CA TYR I 459 -70.95 -15.44 3.27
C TYR I 459 -69.83 -14.39 3.22
N LYS I 460 -69.69 -13.59 4.27
CA LYS I 460 -68.63 -12.59 4.32
C LYS I 460 -67.26 -13.24 4.19
N PHE I 461 -66.35 -12.54 3.51
CA PHE I 461 -65.03 -13.05 3.13
C PHE I 461 -64.05 -11.91 3.36
N LYS I 462 -63.10 -12.11 4.27
CA LYS I 462 -62.21 -11.06 4.75
C LYS I 462 -60.75 -11.45 4.54
N ILE I 463 -60.00 -10.54 3.93
CA ILE I 463 -58.59 -10.70 3.63
C ILE I 463 -57.80 -9.69 4.45
N ALA I 464 -56.65 -10.11 4.97
CA ALA I 464 -55.75 -9.23 5.70
C ALA I 464 -54.31 -9.43 5.27
N ILE I 465 -53.56 -8.32 5.27
CA ILE I 465 -52.16 -8.27 4.83
C ILE I 465 -51.33 -7.58 5.92
N SER I 466 -50.46 -8.33 6.57
CA SER I 466 -49.51 -7.72 7.49
C SER I 466 -48.14 -7.56 6.85
N GLY I 467 -47.46 -6.46 7.20
CA GLY I 467 -46.14 -6.14 6.62
C GLY I 467 -45.03 -7.01 7.19
N CYS I 468 -45.28 -7.64 8.33
CA CYS I 468 -44.26 -8.53 8.98
C CYS I 468 -44.97 -9.54 9.89
N PRO I 469 -44.23 -10.46 10.56
CA PRO I 469 -44.83 -11.48 11.42
C PRO I 469 -45.57 -10.99 12.68
N ASN I 470 -45.39 -9.72 13.08
CA ASN I 470 -46.15 -9.17 14.23
C ASN I 470 -47.66 -9.38 13.97
N LYS I 471 -48.08 -9.30 12.70
CA LYS I 471 -49.43 -9.67 12.27
C LYS I 471 -50.48 -8.82 13.00
N CYS I 472 -50.22 -7.49 13.00
CA CYS I 472 -51.09 -6.58 13.71
C CYS I 472 -52.53 -6.62 13.19
N VAL I 473 -52.72 -6.95 11.91
CA VAL I 473 -54.05 -6.98 11.32
C VAL I 473 -54.59 -8.41 11.28
N ARG I 474 -53.87 -9.37 11.87
CA ARG I 474 -54.32 -10.74 12.15
C ARG I 474 -54.57 -11.58 10.89
N PRO I 475 -53.62 -11.65 9.96
CA PRO I 475 -53.82 -12.50 8.77
C PRO I 475 -53.97 -13.98 9.09
N GLN I 476 -53.47 -14.46 10.23
CA GLN I 476 -53.56 -15.87 10.53
C GLN I 476 -54.95 -16.32 10.98
N ILE I 477 -55.91 -15.39 11.13
CA ILE I 477 -57.30 -15.77 11.39
C ILE I 477 -58.24 -15.01 10.45
N HIS I 478 -57.87 -14.92 9.19
CA HIS I 478 -58.70 -14.34 8.15
C HIS I 478 -58.98 -15.40 7.08
N ASP I 479 -60.02 -15.15 6.28
CA ASP I 479 -60.34 -16.09 5.20
C ASP I 479 -59.14 -16.32 4.30
N ILE I 480 -58.45 -15.24 3.92
CA ILE I 480 -57.13 -15.28 3.30
C ILE I 480 -56.24 -14.34 4.08
N GLY I 481 -55.06 -14.79 4.44
CA GLY I 481 -54.09 -13.95 5.15
C GLY I 481 -52.75 -13.95 4.46
N ILE I 482 -52.10 -12.80 4.46
CA ILE I 482 -50.75 -12.63 3.94
C ILE I 482 -49.90 -11.95 4.99
N ALA I 483 -48.68 -12.45 5.18
CA ALA I 483 -47.73 -11.82 6.10
C ALA I 483 -46.36 -11.76 5.44
N GLY I 484 -45.75 -10.57 5.47
CA GLY I 484 -44.38 -10.44 5.00
C GLY I 484 -43.44 -11.17 5.95
N VAL I 485 -42.48 -11.87 5.36
CA VAL I 485 -41.46 -12.58 6.12
C VAL I 485 -40.09 -12.39 5.47
N LYS I 486 -39.05 -12.50 6.29
CA LYS I 486 -37.67 -12.40 5.85
C LYS I 486 -36.84 -13.21 6.86
N PHE I 487 -36.44 -14.42 6.48
CA PHE I 487 -35.72 -15.31 7.38
C PHE I 487 -34.21 -15.11 7.23
N PRO I 488 -33.48 -15.22 8.34
CA PRO I 488 -32.04 -15.01 8.31
C PRO I 488 -31.25 -16.31 8.12
N VAL I 489 -30.01 -16.15 7.66
CA VAL I 489 -29.03 -17.23 7.72
C VAL I 489 -27.69 -16.61 8.11
N VAL I 490 -27.05 -17.18 9.13
CA VAL I 490 -25.80 -16.64 9.65
C VAL I 490 -24.71 -16.77 8.60
N ASN I 491 -23.96 -15.67 8.38
CA ASN I 491 -22.79 -15.67 7.52
C ASN I 491 -21.62 -16.00 8.44
N GLU I 492 -21.21 -17.27 8.37
CA GLU I 492 -20.13 -17.86 9.23
C GLU I 492 -18.82 -17.06 9.10
N GLU I 493 -18.54 -16.48 7.94
CA GLU I 493 -17.26 -15.76 7.75
C GLU I 493 -17.24 -14.41 8.49
N ASN I 494 -18.42 -13.83 8.75
CA ASN I 494 -18.52 -12.49 9.34
C ASN I 494 -18.99 -12.47 10.79
N CYS I 495 -19.89 -13.39 11.18
CA CYS I 495 -20.39 -13.37 12.55
C CYS I 495 -19.24 -13.59 13.52
N ASN I 496 -19.19 -12.80 14.58
CA ASN I 496 -18.13 -12.92 15.57
C ASN I 496 -18.67 -13.17 16.98
N GLY I 497 -19.94 -13.52 17.10
CA GLY I 497 -20.57 -13.80 18.36
C GLY I 497 -20.69 -12.60 19.29
N CYS I 498 -20.74 -11.40 18.70
CA CYS I 498 -20.85 -10.15 19.52
C CYS I 498 -22.09 -10.19 20.42
N GLY I 499 -23.19 -10.81 19.95
CA GLY I 499 -24.38 -11.02 20.78
C GLY I 499 -25.53 -10.06 20.57
N ARG I 500 -25.36 -9.04 19.72
CA ARG I 500 -26.38 -8.00 19.59
C ARG I 500 -27.69 -8.55 19.03
N CYS I 501 -27.62 -9.40 18.00
CA CYS I 501 -28.83 -9.91 17.35
C CYS I 501 -29.79 -10.58 18.35
N ALA I 502 -29.24 -11.37 19.28
CA ALA I 502 -30.10 -12.08 20.23
C ALA I 502 -30.96 -11.13 21.05
N GLU I 503 -30.45 -9.92 21.28
CA GLU I 503 -31.14 -8.93 22.11
C GLU I 503 -32.41 -8.42 21.45
N VAL I 504 -32.48 -8.43 20.12
CA VAL I 504 -33.66 -7.89 19.44
C VAL I 504 -34.68 -8.96 19.11
N CYS I 505 -34.37 -10.24 19.38
CA CYS I 505 -35.27 -11.35 19.07
C CYS I 505 -36.12 -11.65 20.30
N LYS I 506 -37.33 -11.12 20.32
CA LYS I 506 -38.17 -11.26 21.52
C LYS I 506 -38.57 -12.70 21.78
N ILE I 507 -38.65 -13.53 20.73
CA ILE I 507 -39.02 -14.92 20.93
C ILE I 507 -37.81 -15.80 21.21
N GLU I 508 -36.61 -15.23 21.28
CA GLU I 508 -35.42 -15.92 21.77
C GLU I 508 -35.08 -17.13 20.89
N ALA I 509 -35.05 -16.88 19.58
CA ALA I 509 -34.73 -17.90 18.58
C ALA I 509 -33.23 -18.00 18.28
N ILE I 510 -32.40 -17.14 18.88
CA ILE I 510 -30.98 -17.05 18.51
C ILE I 510 -30.12 -17.61 19.63
N ASP I 511 -29.16 -18.45 19.24
CA ASP I 511 -28.13 -18.99 20.16
C ASP I 511 -26.78 -18.33 19.86
N ILE I 512 -26.27 -17.50 20.77
CA ILE I 512 -24.93 -16.95 20.68
C ILE I 512 -23.99 -17.98 21.29
N ARG I 513 -23.00 -18.43 20.52
CA ARG I 513 -22.07 -19.44 21.02
C ARG I 513 -20.64 -19.08 20.62
N GLY I 514 -19.79 -18.83 21.62
CA GLY I 514 -18.38 -18.50 21.36
C GLY I 514 -18.24 -17.35 20.37
N GLU I 515 -17.61 -17.61 19.21
CA GLU I 515 -17.41 -16.54 18.21
C GLU I 515 -18.42 -16.66 17.06
N THR I 516 -19.60 -17.21 17.32
CA THR I 516 -20.58 -17.34 16.25
C THR I 516 -22.00 -17.34 16.84
N SER I 517 -22.99 -17.51 15.97
CA SER I 517 -24.38 -17.54 16.39
C SER I 517 -25.15 -18.51 15.51
N TYR I 518 -26.33 -18.89 16.01
CA TYR I 518 -27.20 -19.81 15.30
C TYR I 518 -28.64 -19.33 15.40
N THR I 519 -29.48 -19.85 14.51
CA THR I 519 -30.92 -19.58 14.50
C THR I 519 -31.69 -20.90 14.65
N ASN I 520 -32.64 -20.92 15.58
CA ASN I 520 -33.56 -22.06 15.72
C ASN I 520 -34.74 -21.84 14.79
N TYR I 521 -34.73 -22.50 13.63
CA TYR I 521 -35.79 -22.29 12.63
C TYR I 521 -37.12 -22.94 13.01
N ASN I 522 -37.18 -23.70 14.10
CA ASN I 522 -38.47 -24.14 14.61
C ASN I 522 -39.18 -23.07 15.42
N VAL I 523 -38.47 -21.98 15.73
CA VAL I 523 -39.02 -20.85 16.47
C VAL I 523 -39.02 -19.57 15.64
N CYS I 524 -37.94 -19.31 14.91
CA CYS I 524 -37.83 -18.08 14.12
C CYS I 524 -39.06 -17.89 13.22
N ILE I 525 -39.65 -16.69 13.31
CA ILE I 525 -40.83 -16.34 12.54
C ILE I 525 -40.49 -15.45 11.35
N GLY I 526 -39.20 -15.19 11.11
CA GLY I 526 -38.80 -14.42 9.93
C GLY I 526 -39.18 -12.96 9.95
N CYS I 527 -38.97 -12.27 11.08
CA CYS I 527 -39.22 -10.85 11.16
C CYS I 527 -38.09 -10.03 10.58
N GLY I 528 -36.90 -10.62 10.42
CA GLY I 528 -35.78 -9.92 9.85
C GLY I 528 -35.06 -8.95 10.78
N LYS I 529 -35.50 -8.84 12.04
CA LYS I 529 -34.91 -7.80 12.94
C LYS I 529 -33.40 -8.03 13.19
N CYS I 530 -33.00 -9.28 13.41
CA CYS I 530 -31.60 -9.62 13.64
C CYS I 530 -30.73 -9.20 12.45
N ILE I 531 -31.26 -9.30 11.23
CA ILE I 531 -30.46 -8.93 10.02
C ILE I 531 -30.13 -7.44 10.09
N LYS I 532 -31.15 -6.62 10.35
CA LYS I 532 -31.01 -5.13 10.44
C LYS I 532 -30.12 -4.73 11.62
N ALA I 533 -30.23 -5.43 12.75
CA ALA I 533 -29.50 -5.07 13.98
C ALA I 533 -28.01 -5.48 13.94
N CYS I 534 -27.62 -6.45 13.12
CA CYS I 534 -26.25 -6.92 13.14
C CYS I 534 -25.34 -5.82 12.60
N PRO I 535 -24.30 -5.40 13.34
CA PRO I 535 -23.38 -4.38 12.84
C PRO I 535 -22.19 -4.92 12.07
N ASN I 536 -22.14 -6.24 11.85
CA ASN I 536 -20.96 -6.91 11.33
C ASN I 536 -21.24 -7.74 10.08
N GLU I 537 -22.38 -7.48 9.40
CA GLU I 537 -22.75 -8.25 8.20
C GLU I 537 -22.76 -9.75 8.49
N GLY I 538 -23.24 -10.11 9.68
CA GLY I 538 -23.22 -11.48 10.13
C GLY I 538 -24.43 -12.30 9.76
N ARG I 539 -25.49 -11.67 9.24
CA ARG I 539 -26.72 -12.36 8.88
C ARG I 539 -27.16 -11.96 7.48
N ASP I 540 -27.36 -12.96 6.62
CA ASP I 540 -27.85 -12.78 5.27
C ASP I 540 -29.31 -13.23 5.19
N VAL I 541 -29.94 -13.02 4.04
CA VAL I 541 -31.32 -13.43 3.82
C VAL I 541 -31.35 -14.88 3.34
N LYS I 542 -32.05 -15.74 4.08
CA LYS I 542 -32.26 -17.12 3.68
C LYS I 542 -33.43 -17.23 2.69
N GLU I 543 -34.55 -16.56 2.99
CA GLU I 543 -35.78 -16.68 2.24
C GLU I 543 -36.63 -15.46 2.60
N GLU I 544 -37.36 -14.92 1.63
CA GLU I 544 -38.24 -13.79 1.92
C GLU I 544 -39.40 -13.78 0.94
N GLY I 545 -40.51 -13.20 1.37
CA GLY I 545 -41.66 -13.06 0.47
C GLY I 545 -42.97 -12.93 1.23
N PHE I 546 -44.06 -13.34 0.56
CA PHE I 546 -45.41 -13.23 1.08
C PHE I 546 -45.84 -14.59 1.63
N MET I 547 -45.91 -14.72 2.95
CA MET I 547 -46.43 -15.95 3.54
C MET I 547 -47.95 -15.91 3.52
N VAL I 548 -48.58 -17.04 3.15
CA VAL I 548 -50.03 -17.12 2.90
C VAL I 548 -50.69 -18.13 3.84
N TYR I 549 -51.87 -17.75 4.33
CA TYR I 549 -52.74 -18.57 5.17
C TYR I 549 -54.12 -18.62 4.52
N VAL I 550 -54.81 -19.77 4.62
CA VAL I 550 -56.13 -19.91 4.01
C VAL I 550 -57.09 -20.54 5.01
N GLY I 551 -58.24 -19.90 5.23
CA GLY I 551 -59.35 -20.51 5.94
C GLY I 551 -59.47 -20.20 7.41
N GLY I 552 -59.06 -19.02 7.84
CA GLY I 552 -59.26 -18.59 9.20
C GLY I 552 -60.48 -17.66 9.32
N LYS I 553 -60.82 -17.35 10.57
CA LYS I 553 -61.89 -16.40 10.88
C LYS I 553 -61.80 -16.02 12.35
N THR I 554 -62.52 -14.95 12.67
CA THR I 554 -62.84 -14.64 14.08
C THR I 554 -64.37 -14.54 14.14
N GLY I 555 -64.88 -13.88 15.16
CA GLY I 555 -66.31 -13.72 15.33
C GLY I 555 -66.87 -14.71 16.34
N ARG I 556 -67.90 -15.45 15.94
CA ARG I 556 -68.50 -16.44 16.83
C ARG I 556 -67.53 -17.54 17.23
N GLU I 557 -66.55 -17.86 16.36
CA GLU I 557 -65.50 -18.84 16.62
C GLU I 557 -64.18 -18.25 16.16
N VAL I 558 -63.09 -18.71 16.77
CA VAL I 558 -61.73 -18.39 16.33
C VAL I 558 -61.18 -19.60 15.60
N ILE I 559 -60.77 -19.42 14.34
CA ILE I 559 -60.15 -20.50 13.58
C ILE I 559 -58.89 -19.98 12.91
N GLU I 560 -57.77 -20.65 13.14
CA GLU I 560 -56.54 -20.28 12.47
C GLU I 560 -56.50 -20.92 11.09
N GLY I 561 -56.22 -20.11 10.08
CA GLY I 561 -56.13 -20.62 8.73
C GLY I 561 -54.97 -21.57 8.54
N VAL I 562 -55.06 -22.38 7.48
CA VAL I 562 -54.01 -23.33 7.13
C VAL I 562 -52.82 -22.57 6.54
N SER I 563 -51.64 -22.76 7.14
CA SER I 563 -50.42 -22.21 6.56
C SER I 563 -50.16 -22.88 5.21
N MET I 564 -49.85 -22.06 4.20
CA MET I 564 -49.63 -22.61 2.87
C MET I 564 -48.13 -22.63 2.56
N LYS I 565 -47.62 -21.50 2.06
CA LYS I 565 -46.24 -21.35 1.60
C LYS I 565 -46.02 -19.90 1.15
N LEU I 566 -44.79 -19.54 0.79
CA LEU I 566 -44.55 -18.24 0.18
C LEU I 566 -45.08 -18.24 -1.25
N MET I 567 -45.73 -17.14 -1.64
CA MET I 567 -46.38 -17.02 -2.94
C MET I 567 -46.07 -15.66 -3.56
N SER I 568 -46.02 -15.64 -4.88
CA SER I 568 -45.91 -14.39 -5.61
C SER I 568 -47.26 -13.69 -5.63
N VAL I 569 -47.23 -12.41 -6.02
CA VAL I 569 -48.49 -11.71 -6.17
C VAL I 569 -49.36 -12.41 -7.22
N GLU I 570 -48.76 -12.80 -8.32
CA GLU I 570 -49.53 -13.49 -9.39
C GLU I 570 -50.24 -14.73 -8.82
N GLU I 571 -49.52 -15.51 -8.01
CA GLU I 571 -50.07 -16.73 -7.42
C GLU I 571 -51.16 -16.42 -6.40
N ILE I 572 -50.98 -15.34 -5.64
CA ILE I 572 -52.01 -14.97 -4.67
C ILE I 572 -53.31 -14.61 -5.39
N LEU I 573 -53.21 -13.87 -6.49
CA LEU I 573 -54.43 -13.48 -7.22
C LEU I 573 -55.16 -14.71 -7.74
N ASN I 574 -54.42 -15.65 -8.31
CA ASN I 574 -54.96 -16.93 -8.78
C ASN I 574 -55.59 -17.69 -7.61
N LEU I 575 -54.89 -17.75 -6.48
CA LEU I 575 -55.37 -18.47 -5.32
C LEU I 575 -56.72 -17.95 -4.83
N ILE I 576 -56.82 -16.63 -4.65
CA ILE I 576 -58.04 -16.05 -4.12
C ILE I 576 -59.21 -16.32 -5.05
N ASP I 577 -58.98 -16.19 -6.36
CA ASP I 577 -60.03 -16.45 -7.34
C ASP I 577 -60.52 -17.89 -7.25
N LYS I 578 -59.59 -18.84 -7.14
CA LYS I 578 -59.98 -20.24 -7.09
C LYS I 578 -60.56 -20.62 -5.73
N VAL I 579 -60.07 -20.03 -4.64
CA VAL I 579 -60.69 -20.27 -3.33
C VAL I 579 -62.16 -19.85 -3.37
N LEU I 580 -62.44 -18.68 -3.95
CA LEU I 580 -63.83 -18.23 -4.00
C LEU I 580 -64.67 -19.19 -4.84
N ILE I 581 -64.08 -19.75 -5.91
CA ILE I 581 -64.83 -20.70 -6.74
C ILE I 581 -65.16 -21.97 -5.96
N VAL I 582 -64.17 -22.54 -5.29
CA VAL I 582 -64.40 -23.80 -4.59
C VAL I 582 -65.32 -23.59 -3.39
N TYR I 583 -65.17 -22.45 -2.72
CA TYR I 583 -66.09 -22.07 -1.64
C TYR I 583 -67.52 -22.04 -2.17
N HIS I 584 -67.71 -21.41 -3.33
N HIS I 584 -67.76 -21.35 -3.29
CA HIS I 584 -69.06 -21.30 -3.96
CA HIS I 584 -69.10 -21.34 -3.86
C HIS I 584 -69.57 -22.70 -4.33
C HIS I 584 -69.56 -22.74 -4.23
N LYS I 585 -68.65 -23.57 -4.73
CA LYS I 585 -69.04 -24.91 -5.16
C LYS I 585 -69.59 -25.73 -4.00
N TYR I 586 -68.95 -25.67 -2.83
CA TYR I 586 -69.33 -26.57 -1.72
C TYR I 586 -70.21 -25.93 -0.63
N ALA I 587 -70.35 -24.61 -0.63
CA ALA I 587 -71.17 -23.98 0.39
C ALA I 587 -72.64 -24.38 0.20
N LYS I 588 -73.29 -24.76 1.30
CA LYS I 588 -74.69 -25.13 1.26
C LYS I 588 -75.60 -24.15 2.00
N LYS I 589 -75.05 -23.28 2.85
CA LYS I 589 -75.85 -22.40 3.69
C LYS I 589 -75.36 -20.97 3.53
N PRO I 590 -75.82 -20.27 2.50
CA PRO I 590 -75.48 -18.85 2.36
C PRO I 590 -75.78 -18.09 3.65
N GLN I 591 -74.89 -17.16 3.97
CA GLN I 591 -75.02 -16.27 5.13
C GLN I 591 -74.82 -16.99 6.45
N ARG I 592 -74.37 -18.25 6.44
CA ARG I 592 -74.16 -18.99 7.68
C ARG I 592 -72.83 -19.74 7.66
N GLU I 593 -72.43 -20.24 6.50
CA GLU I 593 -71.21 -21.03 6.36
C GLU I 593 -70.07 -20.16 5.87
N ARG I 594 -69.12 -19.83 6.75
CA ARG I 594 -67.88 -19.18 6.31
C ARG I 594 -66.99 -20.17 5.56
N LEU I 595 -65.98 -19.62 4.88
CA LEU I 595 -65.02 -20.49 4.20
C LEU I 595 -64.48 -21.57 5.15
N ALA I 596 -64.11 -21.18 6.38
CA ALA I 596 -63.57 -22.16 7.31
C ALA I 596 -64.54 -23.31 7.58
N ALA I 597 -65.85 -23.01 7.64
CA ALA I 597 -66.84 -24.04 7.90
C ALA I 597 -66.95 -25.00 6.73
N VAL I 598 -66.84 -24.50 5.50
CA VAL I 598 -66.90 -25.37 4.32
C VAL I 598 -65.67 -26.28 4.28
N MET I 599 -64.48 -25.73 4.55
CA MET I 599 -63.27 -26.53 4.58
C MET I 599 -63.35 -27.60 5.65
N ALA I 600 -63.87 -27.24 6.82
CA ALA I 600 -64.00 -28.22 7.90
C ALA I 600 -64.98 -29.32 7.51
N ARG I 601 -66.07 -28.95 6.82
CA ARG I 601 -67.11 -29.92 6.49
C ARG I 601 -66.63 -30.94 5.47
N ILE I 602 -65.93 -30.49 4.42
CA ILE I 602 -65.54 -31.42 3.35
C ILE I 602 -64.13 -31.95 3.53
N GLY I 603 -63.33 -31.37 4.42
CA GLY I 603 -61.94 -31.76 4.57
C GLY I 603 -61.00 -30.69 4.06
N LYS I 604 -60.08 -30.24 4.92
CA LYS I 604 -59.18 -29.16 4.55
C LYS I 604 -58.33 -29.54 3.35
N GLY I 605 -57.80 -30.77 3.37
CA GLY I 605 -56.98 -31.24 2.26
C GLY I 605 -57.76 -31.35 0.98
N LYS I 606 -58.98 -31.89 1.05
CA LYS I 606 -59.81 -31.98 -0.14
C LYS I 606 -60.06 -30.59 -0.73
N PHE I 607 -60.42 -29.64 0.13
CA PHE I 607 -60.69 -28.29 -0.36
C PHE I 607 -59.46 -27.70 -1.04
N LEU I 608 -58.33 -27.71 -0.33
CA LEU I 608 -57.09 -27.09 -0.87
C LEU I 608 -56.62 -27.82 -2.13
N GLU I 609 -56.82 -29.14 -2.21
CA GLU I 609 -56.40 -29.91 -3.41
C GLU I 609 -57.18 -29.41 -4.63
N GLU I 610 -58.50 -29.18 -4.45
CA GLU I 610 -59.36 -28.70 -5.57
C GLU I 610 -58.92 -27.30 -6.00
N VAL I 611 -58.54 -26.46 -5.03
CA VAL I 611 -58.08 -25.07 -5.32
C VAL I 611 -56.78 -25.12 -6.13
N LYS I 612 -55.88 -26.02 -5.76
N LYS I 612 -55.87 -26.02 -5.75
CA LYS I 612 -54.58 -26.16 -6.48
CA LYS I 612 -54.58 -26.16 -6.48
C LYS I 612 -54.84 -26.63 -7.92
C LYS I 612 -54.83 -26.63 -7.92
N GLU I 613 -55.76 -27.59 -8.10
CA GLU I 613 -56.07 -28.11 -9.46
C GLU I 613 -56.62 -26.98 -10.33
N LEU I 614 -57.51 -26.16 -9.79
CA LEU I 614 -58.07 -25.02 -10.56
C LEU I 614 -56.94 -24.02 -10.87
N MET I 615 -56.04 -23.80 -9.91
CA MET I 615 -54.92 -22.84 -10.08
C MET I 615 -54.00 -23.32 -11.21
N GLU I 616 -53.82 -24.64 -11.33
CA GLU I 616 -52.96 -25.23 -12.39
C GLU I 616 -53.59 -25.07 -13.78
N GLN I 617 -54.92 -25.15 -13.87
CA GLN I 617 -55.63 -24.99 -15.18
C GLN I 617 -55.55 -23.52 -15.62
N ASN I 618 -55.37 -22.59 -14.68
CA ASN I 618 -55.27 -21.17 -15.01
C ASN I 618 -54.19 -20.89 -16.06
N MET J 1 -9.95 6.00 15.11
CA MET J 1 -10.59 5.68 16.42
C MET J 1 -11.45 4.42 16.27
N TYR J 2 -11.77 3.77 17.38
CA TYR J 2 -12.60 2.57 17.37
C TYR J 2 -14.03 2.93 16.97
N GLU J 3 -14.68 2.05 16.21
CA GLU J 3 -16.08 2.26 15.83
C GLU J 3 -16.96 2.12 17.07
N TRP J 4 -17.77 3.14 17.33
CA TRP J 4 -18.59 3.18 18.54
C TRP J 4 -19.81 4.05 18.23
N LYS J 5 -20.98 3.41 18.21
N LYS J 5 -20.99 3.41 18.20
CA LYS J 5 -22.29 4.04 17.85
CA LYS J 5 -22.26 4.09 17.81
C LYS J 5 -22.50 5.42 18.49
C LYS J 5 -22.47 5.45 18.48
N LEU J 6 -22.22 5.57 19.78
CA LEU J 6 -22.51 6.82 20.49
C LEU J 6 -21.62 7.97 20.05
N ASN J 7 -20.61 7.71 19.22
CA ASN J 7 -19.85 8.82 18.63
C ASN J 7 -20.77 9.72 17.81
N ASP J 8 -21.88 9.19 17.29
CA ASP J 8 -22.88 10.03 16.65
C ASP J 8 -23.37 11.12 17.60
N ILE J 9 -23.47 10.79 18.89
CA ILE J 9 -23.85 11.77 19.90
C ILE J 9 -22.65 12.62 20.33
N VAL J 10 -21.54 11.96 20.66
CA VAL J 10 -20.41 12.65 21.29
C VAL J 10 -19.74 13.59 20.30
N ASP J 11 -19.58 13.17 19.05
CA ASP J 11 -18.81 13.96 18.08
C ASP J 11 -19.58 15.15 17.53
N ASN J 12 -20.90 15.24 17.78
CA ASN J 12 -21.72 16.33 17.26
C ASN J 12 -22.21 17.29 18.35
N GLY J 13 -21.57 17.27 19.52
CA GLY J 13 -21.90 18.23 20.55
C GLY J 13 -23.25 18.03 21.22
N ILE J 14 -23.82 16.84 21.12
CA ILE J 14 -25.10 16.56 21.77
C ILE J 14 -24.88 15.85 23.10
N CYS J 15 -23.72 15.23 23.31
CA CYS J 15 -23.44 14.50 24.53
C CYS J 15 -23.47 15.43 25.74
N ALA J 16 -24.22 15.04 26.76
CA ALA J 16 -24.30 15.79 28.02
C ALA J 16 -23.06 15.62 28.92
N LYS J 17 -22.17 14.70 28.59
CA LYS J 17 -21.06 14.34 29.45
C LYS J 17 -21.57 13.98 30.85
N CYS J 18 -22.62 13.19 30.89
CA CYS J 18 -23.17 12.68 32.15
C CYS J 18 -22.36 11.49 32.67
N GLY J 19 -21.85 10.63 31.78
CA GLY J 19 -21.09 9.45 32.19
C GLY J 19 -21.88 8.16 32.39
N THR J 20 -23.17 8.15 32.10
CA THR J 20 -23.96 6.93 32.32
C THR J 20 -23.45 5.79 31.45
N CYS J 21 -23.19 6.07 30.17
CA CYS J 21 -22.80 5.01 29.23
C CYS J 21 -21.55 4.29 29.70
N THR J 22 -20.60 4.99 30.34
CA THR J 22 -19.32 4.33 30.61
C THR J 22 -19.36 3.42 31.83
N VAL J 23 -20.46 3.41 32.59
CA VAL J 23 -20.53 2.50 33.74
C VAL J 23 -21.27 1.20 33.43
N VAL J 24 -21.94 1.08 32.28
CA VAL J 24 -22.79 -0.09 32.02
C VAL J 24 -22.10 -1.19 31.21
N CYS J 25 -20.88 -0.97 30.78
CA CYS J 25 -20.26 -1.92 29.86
C CYS J 25 -19.85 -3.20 30.58
N PRO J 26 -20.37 -4.37 30.18
CA PRO J 26 -20.02 -5.61 30.90
C PRO J 26 -18.62 -6.10 30.60
N ASN J 27 -17.95 -5.57 29.58
CA ASN J 27 -16.57 -5.92 29.29
C ASN J 27 -15.58 -4.92 29.86
N GLY J 28 -16.08 -3.85 30.48
CA GLY J 28 -15.24 -2.85 31.10
C GLY J 28 -14.31 -2.12 30.17
N ILE J 29 -14.69 -1.97 28.90
CA ILE J 29 -13.81 -1.35 27.92
C ILE J 29 -14.19 0.11 27.63
N LEU J 30 -15.04 0.70 28.47
CA LEU J 30 -15.36 2.12 28.38
C LEU J 30 -14.81 2.84 29.60
N THR J 31 -14.22 4.00 29.36
CA THR J 31 -13.68 4.87 30.44
C THR J 31 -14.14 6.30 30.14
N PHE J 32 -14.33 7.12 31.17
CA PHE J 32 -14.70 8.53 30.92
C PHE J 32 -13.52 9.43 31.32
N GLU J 33 -12.96 10.16 30.36
CA GLU J 33 -11.82 11.09 30.63
C GLU J 33 -12.36 12.51 30.45
N ASP J 34 -12.26 13.04 29.22
CA ASP J 34 -12.89 14.36 28.92
C ASP J 34 -14.21 14.08 28.20
N ARG J 35 -14.37 12.85 27.68
CA ARG J 35 -15.55 12.35 26.96
C ARG J 35 -15.58 10.82 27.10
N PRO J 36 -16.70 10.14 26.81
CA PRO J 36 -16.75 8.68 26.88
C PRO J 36 -15.79 8.13 25.82
N LYS J 37 -15.01 7.10 26.16
CA LYS J 37 -14.09 6.56 25.12
C LYS J 37 -13.78 5.08 25.37
N LEU J 38 -13.62 4.36 24.27
CA LEU J 38 -13.24 2.94 24.21
C LEU J 38 -11.75 2.78 24.47
N THR J 39 -11.40 1.81 25.32
CA THR J 39 -10.01 1.46 25.56
C THR J 39 -9.54 0.30 24.68
N GLU J 40 -10.46 -0.36 24.00
CA GLU J 40 -10.12 -1.40 23.04
C GLU J 40 -11.33 -1.60 22.13
N GLU J 41 -11.15 -2.44 21.12
CA GLU J 41 -12.18 -2.62 20.11
C GLU J 41 -13.45 -3.20 20.72
N CYS J 42 -14.58 -2.65 20.33
CA CYS J 42 -15.88 -3.20 20.71
C CYS J 42 -16.41 -4.04 19.56
N LEU J 43 -16.63 -5.34 19.80
CA LEU J 43 -17.09 -6.24 18.76
C LEU J 43 -18.49 -5.89 18.25
N ARG J 44 -19.28 -5.20 19.07
CA ARG J 44 -20.60 -4.74 18.66
C ARG J 44 -20.56 -3.36 18.00
N LYS J 45 -19.39 -2.74 17.94
CA LYS J 45 -19.22 -1.36 17.45
C LYS J 45 -20.18 -0.40 18.17
N GLY J 46 -20.34 -0.64 19.46
CA GLY J 46 -21.17 0.21 20.29
C GLY J 46 -22.66 -0.01 20.17
N ASN J 47 -23.10 -1.07 19.48
CA ASN J 47 -24.51 -1.43 19.41
C ASN J 47 -24.83 -2.28 20.64
N GLY J 48 -25.14 -1.60 21.73
CA GLY J 48 -25.38 -2.28 22.98
C GLY J 48 -25.81 -1.36 24.10
N MET J 49 -25.49 -1.77 25.33
CA MET J 49 -26.08 -1.17 26.51
C MET J 49 -25.69 0.29 26.73
N CYS J 50 -24.44 0.66 26.44
CA CYS J 50 -24.00 2.05 26.46
C CYS J 50 -24.98 2.92 25.66
N PHE J 51 -25.16 2.60 24.38
CA PHE J 51 -26.10 3.35 23.55
C PHE J 51 -27.51 3.31 24.16
N GLU J 52 -27.93 2.17 24.70
CA GLU J 52 -29.31 2.03 25.14
C GLU J 52 -29.64 2.80 26.41
N VAL J 53 -28.64 3.18 27.21
CA VAL J 53 -28.90 3.96 28.41
C VAL J 53 -28.69 5.46 28.19
N CYS J 54 -28.27 5.87 27.00
CA CYS J 54 -27.90 7.28 26.80
C CYS J 54 -29.16 8.16 26.81
N PRO J 55 -29.26 9.14 27.71
CA PRO J 55 -30.47 9.99 27.73
C PRO J 55 -30.54 10.97 26.56
N ARG J 56 -29.48 11.10 25.76
CA ARG J 56 -29.45 11.97 24.60
C ARG J 56 -29.77 11.25 23.30
N VAL J 57 -29.92 9.93 23.35
CA VAL J 57 -30.51 9.18 22.23
C VAL J 57 -32.03 9.21 22.34
N SER J 58 -32.56 8.84 23.51
CA SER J 58 -33.99 8.83 23.77
C SER J 58 -34.19 8.99 25.28
N SER J 59 -35.11 9.88 25.66
CA SER J 59 -35.28 10.20 27.08
C SER J 59 -35.91 9.04 27.87
N GLY J 60 -36.83 8.29 27.25
CA GLY J 60 -37.63 7.30 27.95
C GLY J 60 -38.56 7.88 29.00
N LYS J 61 -38.74 9.21 28.98
CA LYS J 61 -39.34 9.88 30.13
C LYS J 61 -40.82 9.52 30.29
N TYR J 62 -41.57 9.38 29.20
CA TYR J 62 -42.99 9.07 29.36
C TYR J 62 -43.19 7.73 30.09
N GLN J 63 -42.51 6.68 29.62
CA GLN J 63 -42.69 5.37 30.23
C GLN J 63 -42.13 5.34 31.65
N ILE J 64 -41.07 6.11 31.92
CA ILE J 64 -40.56 6.19 33.28
C ILE J 64 -41.56 6.93 34.17
N LYS J 65 -42.04 8.09 33.72
CA LYS J 65 -42.87 8.92 34.58
C LYS J 65 -44.21 8.26 34.90
N ILE J 66 -44.78 7.48 33.97
CA ILE J 66 -46.06 6.86 34.28
C ILE J 66 -45.93 5.78 35.34
N ARG J 67 -44.71 5.28 35.58
CA ARG J 67 -44.44 4.30 36.63
C ARG J 67 -44.01 4.97 37.93
N GLU J 68 -43.15 5.99 37.87
CA GLU J 68 -42.72 6.67 39.08
C GLU J 68 -43.86 7.50 39.68
N LYS J 69 -44.80 7.96 38.85
CA LYS J 69 -45.96 8.72 39.31
C LYS J 69 -45.54 9.87 40.24
N PHE J 70 -44.72 10.75 39.67
CA PHE J 70 -44.07 11.79 40.44
C PHE J 70 -45.08 12.75 41.06
N LYS J 71 -44.79 13.15 42.31
CA LYS J 71 -45.43 14.30 42.92
C LYS J 71 -44.46 15.48 42.84
N GLU J 72 -44.78 16.58 43.50
CA GLU J 72 -43.97 17.79 43.37
C GLU J 72 -44.18 18.72 44.55
N GLU J 73 -43.59 18.38 45.70
CA GLU J 73 -43.75 19.15 46.92
C GLU J 73 -42.52 20.01 47.14
N TYR J 74 -42.73 21.30 47.38
CA TYR J 74 -41.66 22.28 47.45
C TYR J 74 -41.40 22.66 48.90
N TYR J 75 -40.14 22.52 49.33
CA TYR J 75 -39.71 22.96 50.66
C TYR J 75 -38.35 23.66 50.53
N TYR J 76 -37.85 24.17 51.66
CA TYR J 76 -36.44 24.53 51.79
C TYR J 76 -35.99 24.16 53.21
N GLY J 77 -34.70 23.99 53.37
CA GLY J 77 -34.20 23.52 54.65
C GLY J 77 -32.70 23.69 54.81
N LYS J 78 -32.25 23.47 56.03
CA LYS J 78 -30.82 23.53 56.39
C LYS J 78 -30.47 22.26 57.14
N GLY J 79 -29.37 21.63 56.75
CA GLY J 79 -28.85 20.45 57.42
C GLY J 79 -27.91 20.81 58.56
N ASP J 80 -27.29 19.78 59.12
CA ASP J 80 -26.34 19.95 60.22
C ASP J 80 -24.90 19.99 59.75
N VAL J 81 -24.66 20.08 58.44
CA VAL J 81 -23.31 20.16 57.91
C VAL J 81 -23.22 21.39 57.01
N GLU J 82 -22.00 21.92 56.89
CA GLU J 82 -21.72 23.07 56.03
C GLU J 82 -21.60 22.58 54.59
N GLY J 83 -22.52 23.00 53.74
CA GLY J 83 -22.49 22.60 52.35
C GLY J 83 -22.43 23.76 51.37
N GLN J 84 -22.74 23.47 50.10
CA GLN J 84 -22.77 24.53 49.07
C GLN J 84 -23.80 25.57 49.49
N ASP J 85 -25.02 25.12 49.79
CA ASP J 85 -26.10 26.04 50.23
C ASP J 85 -26.50 25.69 51.66
N GLY J 86 -27.50 24.82 51.83
CA GLY J 86 -27.96 24.46 53.18
C GLY J 86 -27.40 23.14 53.67
N GLY J 87 -26.51 22.52 52.89
CA GLY J 87 -25.99 21.21 53.28
C GLY J 87 -27.04 20.14 53.34
N VAL J 88 -28.09 20.25 52.52
CA VAL J 88 -29.20 19.30 52.61
C VAL J 88 -28.80 17.95 52.03
N VAL J 89 -28.11 17.95 50.89
CA VAL J 89 -27.77 16.69 50.24
C VAL J 89 -26.92 15.82 51.16
N THR J 90 -25.81 16.37 51.67
CA THR J 90 -24.91 15.57 52.50
C THR J 90 -25.59 15.14 53.79
N THR J 91 -26.42 16.00 54.39
CA THR J 91 -27.14 15.60 55.59
C THR J 91 -28.13 14.47 55.28
N PHE J 92 -28.81 14.53 54.13
CA PHE J 92 -29.69 13.43 53.75
C PHE J 92 -28.89 12.15 53.58
N LEU J 93 -27.77 12.22 52.87
CA LEU J 93 -26.95 11.04 52.65
C LEU J 93 -26.40 10.49 53.96
N LYS J 94 -26.02 11.35 54.89
CA LYS J 94 -25.53 10.87 56.17
C LYS J 94 -26.63 10.15 56.94
N TYR J 95 -27.87 10.63 56.83
CA TYR J 95 -29.00 9.97 57.45
C TYR J 95 -29.28 8.61 56.81
N LEU J 96 -29.21 8.53 55.48
CA LEU J 96 -29.45 7.25 54.82
C LEU J 96 -28.39 6.24 55.18
N LEU J 97 -27.14 6.69 55.27
CA LEU J 97 -26.08 5.78 55.69
C LEU J 97 -26.32 5.28 57.12
N LYS J 98 -26.57 6.21 58.05
CA LYS J 98 -26.71 5.86 59.49
C LYS J 98 -27.81 4.81 59.71
N ASN J 99 -28.97 5.06 59.12
CA ASN J 99 -30.14 4.21 59.18
C ASN J 99 -30.06 3.02 58.24
N LYS J 100 -28.89 2.79 57.63
CA LYS J 100 -28.64 1.58 56.85
C LYS J 100 -29.64 1.42 55.70
N LYS J 101 -30.12 2.52 55.14
CA LYS J 101 -30.95 2.44 53.95
C LYS J 101 -30.12 2.24 52.69
N ILE J 102 -28.83 2.56 52.75
CA ILE J 102 -27.91 2.34 51.64
C ILE J 102 -26.62 1.78 52.21
N ASP J 103 -25.85 1.12 51.35
CA ASP J 103 -24.50 0.67 51.71
C ASP J 103 -23.43 1.68 51.32
N GLY J 104 -23.76 2.63 50.47
CA GLY J 104 -22.81 3.66 50.09
C GLY J 104 -23.49 4.72 49.24
N ALA J 105 -22.78 5.81 49.04
CA ALA J 105 -23.26 6.93 48.23
C ALA J 105 -22.26 7.22 47.14
N ILE J 106 -22.77 7.43 45.92
CA ILE J 106 -21.97 7.85 44.78
C ILE J 106 -22.01 9.38 44.72
N VAL J 107 -20.89 10.01 45.05
CA VAL J 107 -20.80 11.45 45.24
C VAL J 107 -19.56 11.97 44.53
N VAL J 108 -19.51 13.28 44.34
CA VAL J 108 -18.42 13.93 43.61
C VAL J 108 -17.54 14.70 44.59
N GLY J 109 -16.28 14.27 44.71
CA GLY J 109 -15.25 15.00 45.41
C GLY J 109 -14.43 15.85 44.45
N ASP J 110 -13.21 16.20 44.89
CA ASP J 110 -12.33 16.93 43.99
C ASP J 110 -10.89 16.91 44.48
N GLU J 111 -9.97 17.04 43.51
CA GLU J 111 -8.55 17.24 43.76
C GLU J 111 -8.18 18.58 43.12
N CYS J 112 -8.12 19.63 43.93
CA CYS J 112 -7.86 20.98 43.43
C CYS J 112 -8.86 21.35 42.34
N TRP J 113 -10.15 21.14 42.66
CA TRP J 113 -11.29 21.47 41.82
C TRP J 113 -11.41 20.58 40.58
N LYS J 114 -10.59 19.55 40.45
CA LYS J 114 -10.80 18.53 39.42
C LYS J 114 -11.74 17.48 40.00
N PRO J 115 -12.96 17.34 39.50
CA PRO J 115 -13.90 16.40 40.14
C PRO J 115 -13.43 14.96 40.07
N VAL J 116 -13.82 14.19 41.08
CA VAL J 116 -13.53 12.75 41.15
C VAL J 116 -14.78 12.06 41.67
N SER J 117 -15.24 11.03 40.94
CA SER J 117 -16.39 10.27 41.39
C SER J 117 -15.97 9.33 42.51
N LEU J 118 -16.73 9.32 43.61
CA LEU J 118 -16.34 8.55 44.78
C LEU J 118 -17.47 7.67 45.28
N ILE J 119 -17.10 6.48 45.77
CA ILE J 119 -18.00 5.61 46.52
C ILE J 119 -17.62 5.73 47.99
N VAL J 120 -18.51 6.32 48.80
CA VAL J 120 -18.25 6.51 50.22
C VAL J 120 -19.20 5.62 51.01
N GLN J 121 -18.69 5.07 52.12
CA GLN J 121 -19.47 4.19 52.97
C GLN J 121 -19.52 4.65 54.42
N ASN J 122 -18.91 5.79 54.74
CA ASN J 122 -18.92 6.30 56.11
C ASN J 122 -19.05 7.82 56.08
N GLU J 123 -19.33 8.39 57.25
CA GLU J 123 -19.54 9.86 57.39
C GLU J 123 -18.26 10.66 57.05
N GLU J 124 -17.11 10.23 57.56
CA GLU J 124 -15.84 10.97 57.33
C GLU J 124 -15.55 11.11 55.82
N ASP J 125 -15.67 10.01 55.07
CA ASP J 125 -15.38 10.02 53.60
C ASP J 125 -16.39 10.92 52.88
N LEU J 126 -17.64 10.90 53.34
CA LEU J 126 -18.75 11.68 52.72
C LEU J 126 -18.56 13.19 52.89
N MET J 127 -17.94 13.65 53.98
CA MET J 127 -17.86 15.08 54.20
C MET J 127 -16.87 15.77 53.28
N ASN J 128 -15.99 15.04 52.62
CA ASN J 128 -15.09 15.65 51.64
C ASN J 128 -15.76 15.89 50.31
N THR J 129 -17.05 15.60 50.17
CA THR J 129 -17.76 15.76 48.90
C THR J 129 -18.80 16.87 48.93
N THR J 130 -18.85 17.68 49.99
CA THR J 130 -19.74 18.82 50.00
C THR J 130 -19.29 19.84 48.95
N LYS J 131 -20.19 20.81 48.69
CA LYS J 131 -19.96 21.91 47.78
C LYS J 131 -20.11 21.50 46.32
N SER J 132 -20.46 22.46 45.47
CA SER J 132 -20.64 22.20 44.04
C SER J 132 -19.32 22.33 43.28
N LYS J 133 -19.09 21.41 42.36
CA LYS J 133 -17.99 21.46 41.41
C LYS J 133 -18.64 21.74 40.07
N TYR J 134 -18.43 22.94 39.52
CA TYR J 134 -19.16 23.36 38.35
C TYR J 134 -18.48 22.93 37.04
N THR J 135 -17.79 21.80 37.04
CA THR J 135 -17.16 21.28 35.83
C THR J 135 -17.57 19.83 35.63
N VAL J 136 -17.16 19.28 34.48
CA VAL J 136 -17.59 17.94 34.08
C VAL J 136 -17.29 16.94 35.20
N SER J 137 -18.30 16.16 35.55
CA SER J 137 -18.25 15.10 36.54
C SER J 137 -18.52 13.77 35.85
N THR J 138 -18.17 12.67 36.52
CA THR J 138 -18.53 11.35 36.02
C THR J 138 -19.31 10.59 37.08
N LEU J 139 -19.68 9.35 36.72
CA LEU J 139 -20.33 8.41 37.64
C LEU J 139 -19.48 7.16 37.83
N GLU J 140 -18.16 7.26 37.58
CA GLU J 140 -17.33 6.07 37.47
C GLU J 140 -17.33 5.24 38.75
N ALA J 141 -17.55 5.86 39.91
CA ALA J 141 -17.53 5.11 41.16
C ALA J 141 -18.66 4.09 41.24
N LEU J 142 -19.66 4.15 40.36
CA LEU J 142 -20.66 3.08 40.34
C LEU J 142 -20.01 1.76 39.99
N LYS J 143 -19.07 1.77 39.03
CA LYS J 143 -18.36 0.55 38.68
C LYS J 143 -17.61 0.00 39.88
N THR J 144 -16.87 0.87 40.59
CA THR J 144 -16.17 0.45 41.80
C THR J 144 -17.14 -0.21 42.79
N ALA J 145 -18.28 0.46 43.03
CA ALA J 145 -19.27 -0.07 43.98
C ALA J 145 -19.74 -1.45 43.55
N GLY J 146 -19.94 -1.65 42.26
CA GLY J 146 -20.34 -2.95 41.76
C GLY J 146 -19.23 -3.98 41.94
N GLU J 147 -17.98 -3.59 41.68
CA GLU J 147 -16.85 -4.49 41.92
C GLU J 147 -16.77 -4.88 43.38
N MET J 148 -17.10 -3.94 44.28
CA MET J 148 -17.07 -4.22 45.71
C MET J 148 -18.25 -5.07 46.17
N GLY J 149 -19.29 -5.23 45.35
CA GLY J 149 -20.45 -5.99 45.75
C GLY J 149 -21.44 -5.27 46.63
N LEU J 150 -21.38 -3.94 46.69
CA LEU J 150 -22.35 -3.19 47.49
C LEU J 150 -23.74 -3.39 46.93
N GLU J 151 -24.71 -3.67 47.81
CA GLU J 151 -26.03 -4.05 47.34
C GLU J 151 -26.85 -2.83 46.90
N LYS J 152 -26.85 -1.77 47.69
CA LYS J 152 -27.67 -0.61 47.42
C LYS J 152 -26.86 0.67 47.57
N VAL J 153 -27.09 1.66 46.70
CA VAL J 153 -26.46 2.96 46.85
C VAL J 153 -27.44 4.07 46.55
N ALA J 154 -27.12 5.26 47.09
CA ALA J 154 -27.69 6.53 46.67
C ALA J 154 -26.73 7.20 45.70
N VAL J 155 -27.26 7.86 44.68
CA VAL J 155 -26.44 8.58 43.72
C VAL J 155 -26.92 10.02 43.65
N VAL J 156 -25.98 10.96 43.78
CA VAL J 156 -26.22 12.37 43.52
C VAL J 156 -25.81 12.65 42.09
N GLY J 157 -26.63 13.38 41.36
CA GLY J 157 -26.31 13.68 39.98
C GLY J 157 -26.97 14.94 39.49
N LEU J 158 -26.37 15.51 38.44
CA LEU J 158 -27.03 16.55 37.67
C LEU J 158 -28.20 15.95 36.90
N PRO J 159 -29.12 16.80 36.41
CA PRO J 159 -30.29 16.27 35.70
C PRO J 159 -29.94 15.29 34.58
N CYS J 160 -28.88 15.54 33.80
CA CYS J 160 -28.55 14.58 32.75
C CYS J 160 -28.11 13.28 33.37
N GLN J 161 -27.43 13.30 34.53
CA GLN J 161 -27.03 12.04 35.16
C GLN J 161 -28.24 11.31 35.76
N ILE J 162 -29.19 12.06 36.34
CA ILE J 162 -30.43 11.45 36.81
C ILE J 162 -31.17 10.76 35.67
N ASN J 163 -31.19 11.40 34.50
CA ASN J 163 -31.92 10.89 33.35
C ASN J 163 -31.28 9.61 32.81
N GLY J 164 -29.95 9.59 32.71
CA GLY J 164 -29.26 8.37 32.31
C GLY J 164 -29.49 7.24 33.29
N LEU J 165 -29.42 7.54 34.60
CA LEU J 165 -29.55 6.49 35.60
C LEU J 165 -30.99 5.99 35.72
N ARG J 166 -31.99 6.83 35.45
CA ARG J 166 -33.36 6.33 35.38
C ARG J 166 -33.53 5.37 34.21
N LYS J 167 -32.89 5.64 33.07
CA LYS J 167 -32.92 4.68 31.96
C LYS J 167 -32.27 3.36 32.37
N LEU J 168 -31.18 3.42 33.14
CA LEU J 168 -30.57 2.20 33.65
C LEU J 168 -31.53 1.43 34.56
N GLN J 169 -32.22 2.14 35.45
CA GLN J 169 -33.16 1.47 36.35
C GLN J 169 -34.30 0.80 35.57
N TYR J 170 -34.79 1.46 34.51
CA TYR J 170 -35.89 0.97 33.71
C TYR J 170 -35.43 0.32 32.40
N PHE J 171 -34.17 -0.12 32.38
CA PHE J 171 -33.53 -0.68 31.15
C PHE J 171 -34.42 -1.71 30.43
N GLN J 172 -34.98 -2.67 31.15
CA GLN J 172 -35.77 -3.73 30.49
C GLN J 172 -36.98 -3.11 29.75
N TYR J 173 -37.63 -2.12 30.35
CA TYR J 173 -38.78 -1.46 29.67
C TYR J 173 -38.36 -0.67 28.43
N LEU J 174 -37.25 0.07 28.52
CA LEU J 174 -36.82 0.91 27.37
C LEU J 174 -36.07 0.11 26.29
N ALA J 175 -35.10 -0.70 26.71
CA ALA J 175 -34.28 -1.53 25.79
C ALA J 175 -35.05 -2.72 25.21
N LYS J 176 -36.02 -3.26 25.97
CA LYS J 176 -36.89 -4.43 25.63
C LYS J 176 -36.10 -5.75 25.73
N HIS J 177 -35.02 -5.76 26.51
CA HIS J 177 -34.20 -6.99 26.74
C HIS J 177 -33.41 -6.84 28.04
N ASP J 178 -32.81 -7.94 28.53
CA ASP J 178 -32.01 -7.94 29.78
C ASP J 178 -30.66 -7.25 29.56
N GLY J 179 -30.00 -6.80 30.63
CA GLY J 179 -28.67 -6.15 30.53
C GLY J 179 -27.69 -6.94 29.65
N GLU J 180 -26.94 -6.24 28.81
CA GLU J 180 -26.00 -6.87 27.86
C GLU J 180 -25.03 -7.83 28.57
N LEU J 181 -24.84 -9.02 27.99
CA LEU J 181 -23.89 -10.00 28.48
C LEU J 181 -22.50 -9.68 27.93
N GLY J 182 -21.51 -9.67 28.82
CA GLY J 182 -20.12 -9.53 28.41
C GLY J 182 -19.57 -10.85 27.88
N LYS J 183 -18.27 -10.83 27.55
CA LYS J 183 -17.58 -12.01 26.97
C LYS J 183 -17.73 -13.23 27.89
N ASN J 184 -17.69 -13.02 29.21
CA ASN J 184 -17.85 -14.15 30.12
C ASN J 184 -19.30 -14.61 30.27
N GLY J 185 -20.23 -14.05 29.51
CA GLY J 185 -21.62 -14.48 29.55
C GLY J 185 -22.44 -13.85 30.66
N LYS J 186 -21.89 -12.88 31.39
CA LYS J 186 -22.56 -12.27 32.53
C LYS J 186 -22.68 -10.76 32.35
N PRO J 187 -23.74 -10.16 32.90
CA PRO J 187 -23.94 -8.73 32.75
C PRO J 187 -23.03 -7.94 33.69
N VAL J 188 -23.04 -6.62 33.49
CA VAL J 188 -22.20 -5.74 34.31
C VAL J 188 -22.60 -5.84 35.79
N LYS J 189 -21.62 -5.69 36.67
CA LYS J 189 -21.88 -5.69 38.11
C LYS J 189 -22.04 -4.26 38.59
N LEU J 190 -23.25 -3.94 39.05
CA LEU J 190 -23.60 -2.62 39.48
C LEU J 190 -24.48 -2.74 40.72
N PRO J 191 -24.33 -1.83 41.68
CA PRO J 191 -25.25 -1.81 42.82
C PRO J 191 -26.65 -1.43 42.38
N LYS J 192 -27.62 -1.77 43.23
CA LYS J 192 -28.97 -1.24 43.05
C LYS J 192 -28.98 0.24 43.41
N ILE J 193 -29.52 1.07 42.51
CA ILE J 193 -29.60 2.50 42.73
C ILE J 193 -30.91 2.73 43.47
N GLU J 194 -30.81 2.91 44.79
CA GLU J 194 -31.99 2.99 45.65
C GLU J 194 -32.54 4.41 45.77
N TYR J 195 -31.66 5.42 45.73
CA TYR J 195 -32.06 6.82 45.78
C TYR J 195 -31.36 7.57 44.65
N LEU J 196 -32.12 8.44 43.97
CA LEU J 196 -31.58 9.37 42.98
C LEU J 196 -31.84 10.78 43.51
N ILE J 197 -30.77 11.47 43.88
CA ILE J 197 -30.83 12.82 44.42
C ILE J 197 -30.33 13.74 43.32
N GLY J 198 -31.22 14.60 42.83
CA GLY J 198 -30.91 15.47 41.72
C GLY J 198 -30.50 16.85 42.19
N LEU J 199 -29.61 17.46 41.42
CA LEU J 199 -29.22 18.85 41.62
C LEU J 199 -29.87 19.70 40.54
N LEU J 200 -30.39 20.85 40.92
CA LEU J 200 -30.77 21.84 39.91
C LEU J 200 -29.52 22.29 39.17
N CYS J 201 -29.68 22.61 37.89
CA CYS J 201 -28.52 22.86 37.04
C CYS J 201 -28.88 23.71 35.84
N THR J 202 -28.18 24.84 35.69
CA THR J 202 -28.26 25.64 34.48
C THR J 202 -27.16 25.32 33.48
N GLU J 203 -25.98 24.95 33.97
CA GLU J 203 -24.86 24.61 33.09
C GLU J 203 -23.69 24.12 33.93
N LYS J 204 -22.75 23.47 33.25
CA LYS J 204 -21.44 23.13 33.81
C LYS J 204 -20.39 23.54 32.78
N PHE J 205 -19.14 23.62 33.22
CA PHE J 205 -18.07 24.09 32.37
C PHE J 205 -17.01 23.00 32.17
N GLU J 206 -16.27 23.12 31.07
CA GLU J 206 -15.01 22.40 30.94
C GLU J 206 -14.01 22.96 31.95
N TYR J 207 -13.31 22.07 32.67
CA TYR J 207 -12.36 22.53 33.67
C TYR J 207 -11.35 23.51 33.07
N ASP J 208 -10.80 23.19 31.90
CA ASP J 208 -9.81 24.07 31.27
C ASP J 208 -10.39 25.45 30.98
N GLU J 209 -11.61 25.49 30.44
CA GLU J 209 -12.25 26.75 30.12
C GLU J 209 -12.42 27.63 31.36
N LEU J 210 -12.84 27.03 32.47
CA LEU J 210 -13.00 27.79 33.71
C LEU J 210 -11.65 28.27 34.24
N LYS J 211 -10.63 27.41 34.18
CA LYS J 211 -9.31 27.80 34.66
C LYS J 211 -8.74 28.93 33.82
N GLU J 212 -8.85 28.82 32.49
CA GLU J 212 -8.41 29.92 31.63
C GLU J 212 -9.15 31.19 31.98
N THR J 213 -10.50 31.16 31.94
CA THR J 213 -11.26 32.40 32.17
C THR J 213 -10.99 32.97 33.57
N LEU J 214 -10.83 32.11 34.58
CA LEU J 214 -10.44 32.63 35.89
C LEU J 214 -9.09 33.33 35.84
N ALA J 215 -8.16 32.84 35.01
CA ALA J 215 -6.86 33.49 34.87
C ALA J 215 -7.03 34.90 34.28
N LYS J 216 -7.96 35.06 33.33
CA LYS J 216 -8.17 36.35 32.71
C LYS J 216 -8.57 37.38 33.75
N TYR J 217 -9.36 36.97 34.74
CA TYR J 217 -9.67 37.78 35.90
C TYR J 217 -8.56 37.68 36.98
N ASN J 218 -7.38 37.22 36.60
CA ASN J 218 -6.22 37.11 37.49
C ASN J 218 -6.57 36.40 38.81
N ILE J 219 -7.34 35.31 38.71
CA ILE J 219 -7.57 34.42 39.84
C ILE J 219 -6.94 33.08 39.52
N ASN J 220 -6.19 32.54 40.47
CA ASN J 220 -5.62 31.20 40.35
C ASN J 220 -6.63 30.18 40.85
N MET J 221 -7.08 29.29 39.96
CA MET J 221 -8.13 28.34 40.35
C MET J 221 -7.68 27.44 41.48
N ASP J 222 -6.39 27.09 41.53
CA ASP J 222 -5.88 26.20 42.56
C ASP J 222 -6.12 26.71 43.97
N ASP J 223 -6.31 28.02 44.14
CA ASP J 223 -6.49 28.63 45.45
C ASP J 223 -7.93 29.06 45.70
N VAL J 224 -8.84 28.81 44.76
CA VAL J 224 -10.23 29.15 44.97
C VAL J 224 -10.79 28.28 46.09
N GLU J 225 -11.47 28.92 47.05
CA GLU J 225 -12.02 28.19 48.19
C GLU J 225 -13.45 27.71 47.93
N LYS J 226 -14.24 28.48 47.18
CA LYS J 226 -15.62 28.10 46.90
C LYS J 226 -16.08 28.76 45.61
N PHE J 227 -16.91 28.04 44.88
CA PHE J 227 -17.60 28.52 43.70
C PHE J 227 -19.08 28.62 43.99
N ASP J 228 -19.78 29.46 43.22
CA ASP J 228 -21.22 29.54 43.31
C ASP J 228 -21.76 30.20 42.03
N ILE J 229 -22.96 29.78 41.65
CA ILE J 229 -23.71 30.42 40.56
C ILE J 229 -24.98 30.98 41.19
N LYS J 230 -25.09 32.31 41.21
CA LYS J 230 -26.24 33.00 41.79
C LYS J 230 -26.68 34.14 40.89
N LYS J 231 -27.98 34.16 40.57
CA LYS J 231 -28.60 35.25 39.81
C LYS J 231 -27.81 35.59 38.55
N GLY J 232 -27.47 34.54 37.79
CA GLY J 232 -26.83 34.73 36.50
C GLY J 232 -25.38 35.14 36.57
N LYS J 233 -24.70 34.89 37.69
CA LYS J 233 -23.31 35.27 37.86
C LYS J 233 -22.55 34.12 38.49
N LEU J 234 -21.26 34.03 38.19
CA LEU J 234 -20.37 33.06 38.81
C LEU J 234 -19.64 33.76 39.95
N LEU J 235 -19.75 33.20 41.16
CA LEU J 235 -19.10 33.76 42.33
C LEU J 235 -17.86 32.94 42.67
N VAL J 236 -16.73 33.62 42.88
CA VAL J 236 -15.45 32.98 43.15
C VAL J 236 -14.91 33.51 44.46
N TYR J 237 -14.79 32.63 45.45
CA TYR J 237 -14.29 32.99 46.77
C TYR J 237 -12.83 32.54 46.87
N VAL J 238 -11.92 33.50 46.92
CA VAL J 238 -10.50 33.19 47.01
C VAL J 238 -9.81 34.33 47.75
N ASN J 239 -8.86 33.97 48.61
CA ASN J 239 -8.13 34.94 49.41
C ASN J 239 -9.09 35.81 50.23
N GLY J 240 -10.17 35.21 50.71
CA GLY J 240 -11.10 35.90 51.58
C GLY J 240 -12.01 36.90 50.89
N GLU J 241 -12.01 36.95 49.56
CA GLU J 241 -12.77 37.93 48.81
C GLU J 241 -13.70 37.21 47.86
N GLU J 242 -14.86 37.83 47.60
CA GLU J 242 -15.82 37.30 46.64
C GLU J 242 -15.64 38.08 45.34
N HIS J 243 -15.29 37.37 44.28
CA HIS J 243 -15.18 37.96 42.94
C HIS J 243 -16.33 37.46 42.07
N LYS J 244 -16.94 38.39 41.33
CA LYS J 244 -18.12 38.12 40.54
C LYS J 244 -17.74 38.09 39.07
N ILE J 245 -18.09 37.01 38.38
CA ILE J 245 -17.83 36.86 36.95
C ILE J 245 -19.16 36.63 36.26
N PRO J 246 -19.57 37.48 35.32
CA PRO J 246 -20.83 37.23 34.60
C PRO J 246 -20.77 35.90 33.86
N LEU J 247 -21.90 35.17 33.87
CA LEU J 247 -21.90 33.84 33.27
C LEU J 247 -21.77 33.90 31.75
N LYS J 248 -22.27 34.97 31.12
CA LYS J 248 -22.02 35.19 29.70
C LYS J 248 -20.53 35.16 29.40
N GLU J 249 -19.72 35.59 30.36
CA GLU J 249 -18.26 35.58 30.22
C GLU J 249 -17.74 34.18 29.91
N ILE J 250 -18.28 33.16 30.57
CA ILE J 250 -17.74 31.81 30.58
C ILE J 250 -18.50 30.97 29.56
N GLU J 251 -17.78 30.17 28.78
CA GLU J 251 -18.44 29.34 27.77
C GLU J 251 -18.72 27.97 28.36
N LEU J 252 -20.00 27.61 28.33
CA LEU J 252 -20.43 26.34 28.95
C LEU J 252 -20.03 25.16 28.07
N SER J 253 -19.99 23.98 28.68
CA SER J 253 -19.79 22.73 27.97
C SER J 253 -20.85 22.58 26.89
N ALA J 254 -20.43 22.06 25.72
CA ALA J 254 -21.28 22.17 24.53
C ALA J 254 -22.61 21.45 24.71
N GLY J 255 -22.60 20.31 25.40
CA GLY J 255 -23.81 19.51 25.52
C GLY J 255 -24.91 20.20 26.29
N CYS J 256 -24.56 21.17 27.13
CA CYS J 256 -25.57 21.87 27.91
C CYS J 256 -26.49 22.70 27.02
N LYS J 257 -26.02 23.13 25.85
CA LYS J 257 -26.88 23.85 24.93
C LYS J 257 -28.03 22.98 24.41
N MET J 258 -27.88 21.66 24.46
CA MET J 258 -28.94 20.74 24.00
C MET J 258 -29.72 20.16 25.17
N CYS J 259 -29.67 20.82 26.34
CA CYS J 259 -30.32 20.33 27.55
C CYS J 259 -31.66 21.02 27.78
N ARG J 260 -32.62 20.24 28.27
CA ARG J 260 -33.96 20.74 28.54
C ARG J 260 -34.33 20.74 30.01
N ASP J 261 -33.59 20.06 30.87
CA ASP J 261 -34.04 19.67 32.21
C ASP J 261 -33.30 20.51 33.23
N PHE J 262 -34.00 21.50 33.81
CA PHE J 262 -33.32 22.36 34.77
C PHE J 262 -33.33 21.79 36.18
N ASP J 263 -34.43 21.18 36.61
CA ASP J 263 -34.64 20.90 38.02
C ASP J 263 -34.53 19.41 38.35
N ALA J 264 -33.86 18.64 37.52
CA ALA J 264 -33.72 17.20 37.70
C ALA J 264 -35.11 16.58 37.94
N GLU J 265 -35.97 16.78 36.95
CA GLU J 265 -37.40 16.51 37.12
C GLU J 265 -37.70 15.04 37.38
N MET J 266 -36.75 14.13 37.16
CA MET J 266 -36.97 12.71 37.36
C MET J 266 -36.35 12.19 38.64
N ALA J 267 -35.77 13.06 39.46
CA ALA J 267 -35.11 12.61 40.68
C ALA J 267 -36.14 12.26 41.75
N ASP J 268 -35.72 11.40 42.69
CA ASP J 268 -36.54 11.17 43.88
C ASP J 268 -36.73 12.46 44.68
N VAL J 269 -35.64 13.22 44.84
CA VAL J 269 -35.69 14.55 45.44
C VAL J 269 -34.65 15.40 44.71
N SER J 270 -35.00 16.66 44.43
CA SER J 270 -34.13 17.61 43.75
C SER J 270 -33.80 18.77 44.69
N VAL J 271 -32.56 19.21 44.63
CA VAL J 271 -32.02 20.21 45.56
C VAL J 271 -31.27 21.26 44.76
N GLY J 272 -31.53 22.54 45.07
CA GLY J 272 -30.85 23.65 44.43
C GLY J 272 -30.82 24.87 45.32
N CYS J 273 -30.42 26.02 44.76
CA CYS J 273 -30.41 27.27 45.51
C CYS J 273 -31.54 28.22 45.14
N VAL J 274 -31.97 28.22 43.89
CA VAL J 274 -33.05 29.14 43.43
C VAL J 274 -34.34 28.88 44.20
N GLY J 275 -35.05 29.96 44.56
CA GLY J 275 -36.32 29.85 45.25
C GLY J 275 -36.25 29.84 46.77
N SER J 276 -35.05 29.93 47.33
CA SER J 276 -34.82 29.72 48.75
C SER J 276 -33.87 30.78 49.27
N PRO J 277 -33.97 31.13 50.55
CA PRO J 277 -33.02 32.10 51.14
C PRO J 277 -31.63 31.54 51.24
N ASP J 278 -30.65 32.45 51.25
CA ASP J 278 -29.25 32.02 51.36
C ASP J 278 -29.03 31.25 52.65
N GLY J 279 -28.14 30.27 52.59
CA GLY J 279 -27.93 29.35 53.68
C GLY J 279 -28.88 28.19 53.70
N TYR J 280 -29.92 28.21 52.88
CA TYR J 280 -30.87 27.12 52.74
C TYR J 280 -30.75 26.53 51.35
N SER J 281 -31.19 25.28 51.22
CA SER J 281 -31.34 24.64 49.92
C SER J 281 -32.83 24.48 49.60
N THR J 282 -33.18 24.75 48.35
CA THR J 282 -34.50 24.39 47.83
C THR J 282 -34.61 22.88 47.73
N VAL J 283 -35.78 22.34 48.05
CA VAL J 283 -36.02 20.89 48.06
C VAL J 283 -37.34 20.62 47.34
N ILE J 284 -37.27 19.84 46.27
CA ILE J 284 -38.46 19.42 45.53
C ILE J 284 -38.56 17.90 45.70
N ILE J 285 -39.54 17.46 46.48
CA ILE J 285 -39.76 16.03 46.72
C ILE J 285 -40.73 15.51 45.68
N ARG J 286 -40.37 14.38 45.04
CA ARG J 286 -41.14 13.86 43.92
C ARG J 286 -41.58 12.41 44.07
N THR J 287 -40.94 11.62 44.93
CA THR J 287 -41.33 10.23 45.13
C THR J 287 -41.33 9.91 46.63
N GLU J 288 -41.83 8.71 46.95
CA GLU J 288 -41.80 8.24 48.33
C GLU J 288 -40.38 8.05 48.83
N LYS J 289 -39.46 7.60 47.96
CA LYS J 289 -38.05 7.57 48.35
C LYS J 289 -37.58 8.96 48.75
N GLY J 290 -37.93 9.98 47.96
CA GLY J 290 -37.54 11.34 48.29
C GLY J 290 -38.16 11.81 49.58
N GLU J 291 -39.37 11.33 49.87
CA GLU J 291 -40.07 11.74 51.08
C GLU J 291 -39.27 11.50 52.34
N GLU J 292 -38.39 10.49 52.33
CA GLU J 292 -37.61 10.17 53.52
C GLU J 292 -36.71 11.32 53.95
N ILE J 293 -36.46 12.29 53.08
CA ILE J 293 -35.66 13.44 53.46
C ILE J 293 -36.31 14.21 54.60
N LYS J 294 -37.64 14.10 54.74
CA LYS J 294 -38.33 14.81 55.82
C LYS J 294 -37.86 14.33 57.19
N ASN J 295 -37.37 13.09 57.27
CA ASN J 295 -36.82 12.59 58.53
C ASN J 295 -35.40 13.08 58.78
N ALA J 296 -34.73 13.62 57.76
CA ALA J 296 -33.35 14.07 57.90
C ALA J 296 -33.20 15.58 57.95
N ILE J 297 -34.18 16.33 57.46
CA ILE J 297 -34.12 17.77 57.38
C ILE J 297 -35.36 18.36 58.01
N GLU J 298 -35.19 19.46 58.77
CA GLU J 298 -36.33 20.24 59.31
C GLU J 298 -36.73 21.19 58.17
N LEU J 299 -37.74 20.80 57.39
CA LEU J 299 -38.10 21.54 56.18
C LEU J 299 -39.18 22.58 56.48
N LYS J 300 -39.14 23.65 55.71
CA LYS J 300 -40.09 24.75 55.85
C LYS J 300 -40.72 25.05 54.48
N GLU J 301 -41.93 25.57 54.52
CA GLU J 301 -42.66 25.96 53.31
C GLU J 301 -42.34 27.40 52.95
N GLY J 302 -42.64 27.76 51.70
CA GLY J 302 -42.49 29.13 51.27
C GLY J 302 -41.46 29.35 50.18
N VAL J 303 -41.33 28.39 49.27
CA VAL J 303 -40.36 28.49 48.14
C VAL J 303 -40.93 29.44 47.08
N ASN J 304 -40.07 30.20 46.39
CA ASN J 304 -40.53 31.11 45.31
C ASN J 304 -40.62 30.27 44.03
N LEU J 305 -41.82 29.79 43.73
CA LEU J 305 -42.08 28.91 42.54
C LEU J 305 -41.79 29.65 41.23
N GLU J 306 -42.14 30.94 41.12
CA GLU J 306 -41.92 31.63 39.83
C GLU J 306 -40.42 31.77 39.53
N ALA J 307 -39.59 31.95 40.56
CA ALA J 307 -38.13 32.08 40.33
C ALA J 307 -37.60 30.78 39.69
N ILE J 308 -38.06 29.63 40.19
CA ILE J 308 -37.65 28.31 39.61
C ILE J 308 -38.19 28.19 38.18
N GLU J 309 -39.44 28.62 37.98
CA GLU J 309 -40.09 28.55 36.65
C GLU J 309 -39.32 29.41 35.64
N LYS J 310 -38.77 30.54 36.08
CA LYS J 310 -38.00 31.46 35.20
C LYS J 310 -36.78 30.70 34.66
N LEU J 311 -36.12 29.93 35.52
CA LEU J 311 -34.92 29.12 35.13
C LEU J 311 -35.34 28.00 34.17
N ARG J 312 -36.50 27.37 34.40
CA ARG J 312 -36.95 26.29 33.48
C ARG J 312 -37.17 26.89 32.08
N ASP J 313 -37.82 28.04 32.00
CA ASP J 313 -38.13 28.68 30.69
C ASP J 313 -36.82 29.12 30.01
N LEU J 314 -35.88 29.64 30.78
CA LEU J 314 -34.59 30.10 30.20
C LEU J 314 -33.86 28.91 29.58
N LYS J 315 -33.85 27.77 30.27
CA LYS J 315 -33.17 26.59 29.73
C LYS J 315 -33.87 26.09 28.46
N LEU J 316 -35.20 26.05 28.48
CA LEU J 316 -35.93 25.56 27.31
C LEU J 316 -35.76 26.48 26.12
N ASN J 317 -35.67 27.80 26.35
CA ASN J 317 -35.46 28.71 25.24
C ASN J 317 -34.04 28.59 24.70
N ARG J 318 -33.05 28.43 25.57
CA ARG J 318 -31.70 28.13 25.12
C ARG J 318 -31.71 26.87 24.24
N PHE J 319 -32.41 25.83 24.68
CA PHE J 319 -32.51 24.59 23.93
C PHE J 319 -33.17 24.82 22.58
N LYS J 320 -34.30 25.53 22.55
CA LYS J 320 -35.01 25.74 21.29
C LYS J 320 -34.14 26.50 20.29
N LYS J 321 -33.39 27.49 20.78
CA LYS J 321 -32.56 28.28 19.89
C LYS J 321 -31.42 27.45 19.30
N GLU J 322 -30.89 26.52 20.09
CA GLU J 322 -29.80 25.69 19.57
C GLU J 322 -30.34 24.65 18.59
N VAL J 323 -31.55 24.13 18.84
CA VAL J 323 -32.14 23.21 17.88
C VAL J 323 -32.45 23.93 16.58
N GLU J 324 -33.00 25.14 16.68
CA GLU J 324 -33.32 25.91 15.47
C GLU J 324 -32.05 26.25 14.70
N ARG J 325 -30.95 26.52 15.41
CA ARG J 325 -29.68 26.80 14.75
C ARG J 325 -29.17 25.57 14.01
N ARG J 326 -29.24 24.40 14.64
CA ARG J 326 -28.82 23.17 13.96
C ARG J 326 -29.69 22.91 12.73
N LYS J 327 -30.99 23.21 12.83
CA LYS J 327 -31.86 23.05 11.68
C LYS J 327 -31.45 23.97 10.55
N ALA J 328 -31.16 25.24 10.86
CA ALA J 328 -30.78 26.18 9.82
C ALA J 328 -29.43 25.83 9.21
N GLU J 329 -28.51 25.30 10.01
CA GLU J 329 -27.17 24.97 9.53
C GLU J 329 -27.06 23.52 9.06
N ASP J 330 -28.19 22.79 8.98
CA ASP J 330 -28.20 21.39 8.58
C ASP J 330 -27.18 20.58 9.39
N GLU J 331 -27.19 20.78 10.70
CA GLU J 331 -26.36 20.02 11.63
C GLU J 331 -27.15 18.88 12.25
N LYS J 332 -26.41 17.89 12.75
CA LYS J 332 -27.04 16.69 13.35
C LYS J 332 -27.85 17.06 14.60
N VAL J 333 -29.06 16.49 14.68
CA VAL J 333 -29.90 16.62 15.87
C VAL J 333 -30.42 15.23 16.25
N SER J 334 -30.30 14.89 17.54
CA SER J 334 -30.93 13.70 18.10
C SER J 334 -32.21 14.13 18.80
N PHE J 335 -33.36 13.65 18.31
CA PHE J 335 -34.68 14.10 18.79
C PHE J 335 -35.07 13.30 20.03
N TYR J 336 -34.21 13.36 21.05
CA TYR J 336 -34.35 12.46 22.19
C TYR J 336 -35.61 12.74 23.00
N TRP J 337 -36.16 13.94 22.90
CA TRP J 337 -37.31 14.34 23.69
C TRP J 337 -38.62 13.85 23.10
N THR J 338 -38.62 13.22 21.93
CA THR J 338 -39.87 12.67 21.43
C THR J 338 -40.44 11.66 22.42
N ALA J 339 -39.57 10.93 23.12
CA ALA J 339 -39.95 9.93 24.12
C ALA J 339 -40.53 10.54 25.38
N ASP J 340 -40.56 11.86 25.47
CA ASP J 340 -41.26 12.53 26.55
C ASP J 340 -42.77 12.35 26.45
N TYR J 341 -43.28 11.98 25.28
CA TYR J 341 -44.70 12.00 24.99
C TYR J 341 -45.21 10.62 24.57
N GLY J 342 -46.39 10.28 25.07
CA GLY J 342 -47.04 9.06 24.61
C GLY J 342 -47.57 9.20 23.20
N GLY J 343 -47.69 8.06 22.52
CA GLY J 343 -48.26 8.02 21.19
C GLY J 343 -47.32 8.37 20.06
N VAL J 344 -46.03 8.54 20.34
CA VAL J 344 -45.05 8.93 19.33
C VAL J 344 -44.20 7.72 18.95
N GLY J 345 -44.17 7.42 17.66
CA GLY J 345 -43.30 6.38 17.13
C GLY J 345 -42.54 6.89 15.92
N LYS J 346 -41.40 6.25 15.71
CA LYS J 346 -40.53 6.62 14.56
C LYS J 346 -40.84 5.68 13.39
N ARG J 347 -41.06 6.28 12.22
CA ARG J 347 -41.25 5.61 10.96
C ARG J 347 -39.92 5.08 10.44
N ALA J 348 -40.03 4.25 9.41
CA ALA J 348 -38.86 3.67 8.79
C ALA J 348 -37.95 4.72 8.19
N ASP J 349 -38.50 5.88 7.81
CA ASP J 349 -37.74 6.88 7.07
C ASP J 349 -37.23 8.02 7.96
N GLY J 350 -37.26 7.88 9.27
CA GLY J 350 -36.70 8.89 10.15
C GLY J 350 -37.64 10.00 10.55
N THR J 351 -38.85 10.05 9.96
CA THR J 351 -39.89 10.93 10.45
C THR J 351 -40.70 10.15 11.49
N TYR J 352 -41.76 10.76 12.01
CA TYR J 352 -42.51 10.19 13.12
C TYR J 352 -44.00 10.07 12.78
N PHE J 353 -44.68 9.17 13.50
CA PHE J 353 -46.14 9.11 13.50
C PHE J 353 -46.62 9.47 14.90
N ILE J 354 -47.79 10.11 14.97
CA ILE J 354 -48.41 10.50 16.24
C ILE J 354 -49.78 9.83 16.28
N ARG J 355 -49.98 8.97 17.29
CA ARG J 355 -51.20 8.20 17.45
C ARG J 355 -52.11 8.91 18.46
N ILE J 356 -53.32 9.23 18.03
CA ILE J 356 -54.31 9.80 18.93
C ILE J 356 -55.10 8.65 19.51
N ARG J 357 -54.96 8.43 20.82
CA ARG J 357 -55.59 7.30 21.48
C ARG J 357 -57.07 7.23 21.10
N ALA J 358 -57.48 6.07 20.59
CA ALA J 358 -58.85 5.84 20.09
C ALA J 358 -59.91 6.26 21.12
N LYS J 359 -60.90 7.03 20.67
CA LYS J 359 -62.04 7.46 21.52
C LYS J 359 -62.95 6.25 21.72
N PRO J 360 -63.73 6.15 22.82
CA PRO J 360 -64.57 4.98 23.05
C PRO J 360 -65.52 4.67 21.88
N ALA J 361 -65.56 3.39 21.49
CA ALA J 361 -66.40 2.85 20.40
C ALA J 361 -66.08 3.52 19.06
N GLY J 362 -64.97 4.25 18.95
CA GLY J 362 -64.64 4.86 17.67
C GLY J 362 -65.53 6.00 17.25
N TRP J 363 -66.29 6.58 18.18
CA TRP J 363 -67.12 7.73 17.86
C TRP J 363 -66.29 9.01 17.91
N TYR J 364 -66.39 9.82 16.86
CA TYR J 364 -65.73 11.12 16.81
C TYR J 364 -66.74 12.15 16.36
N SER J 365 -66.78 13.29 17.05
CA SER J 365 -67.60 14.39 16.58
C SER J 365 -66.99 14.94 15.29
N ILE J 366 -67.86 15.53 14.46
CA ILE J 366 -67.36 16.15 13.24
C ILE J 366 -66.35 17.23 13.57
N ASP J 367 -66.62 18.02 14.62
CA ASP J 367 -65.67 19.06 15.02
C ASP J 367 -64.32 18.45 15.40
N GLU J 368 -64.34 17.36 16.17
CA GLU J 368 -63.12 16.69 16.57
C GLU J 368 -62.32 16.23 15.36
N ALA J 369 -62.99 15.57 14.41
CA ALA J 369 -62.29 15.07 13.24
C ALA J 369 -61.68 16.21 12.42
N ARG J 370 -62.43 17.29 12.28
CA ARG J 370 -61.92 18.45 11.49
C ARG J 370 -60.68 19.04 12.18
N GLU J 371 -60.68 19.11 13.51
CA GLU J 371 -59.51 19.66 14.26
C GLU J 371 -58.27 18.80 14.00
N ILE J 372 -58.43 17.47 14.01
CA ILE J 372 -57.27 16.56 13.78
C ILE J 372 -56.71 16.78 12.37
N LEU J 373 -57.59 16.92 11.38
CA LEU J 373 -57.18 17.12 9.97
C LEU J 373 -56.43 18.45 9.84
N GLU J 374 -56.91 19.49 10.52
CA GLU J 374 -56.27 20.83 10.44
C GLU J 374 -54.85 20.76 11.01
N ILE J 375 -54.69 20.10 12.17
CA ILE J 375 -53.35 19.97 12.80
C ILE J 375 -52.44 19.13 11.88
N ALA J 376 -52.98 18.05 11.31
CA ALA J 376 -52.18 17.21 10.41
C ALA J 376 -51.76 18.03 9.19
N GLU J 377 -52.68 18.83 8.66
CA GLU J 377 -52.41 19.66 7.46
C GLU J 377 -51.30 20.68 7.80
N LYS J 378 -51.35 21.27 9.00
CA LYS J 378 -50.38 22.31 9.42
C LYS J 378 -48.95 21.75 9.46
N TYR J 379 -48.80 20.48 9.84
CA TYR J 379 -47.47 19.88 9.97
C TYR J 379 -47.16 18.91 8.84
N ASP J 380 -47.90 18.99 7.74
CA ASP J 380 -47.70 18.16 6.56
C ASP J 380 -47.80 16.69 6.90
N GLY J 381 -48.66 16.35 7.84
CA GLY J 381 -48.85 14.96 8.23
C GLY J 381 -49.91 14.26 7.37
N LYS J 382 -49.80 12.93 7.32
CA LYS J 382 -50.70 12.03 6.55
C LYS J 382 -51.58 11.24 7.53
N ILE J 383 -52.85 11.06 7.18
CA ILE J 383 -53.84 10.38 8.00
C ILE J 383 -53.81 8.88 7.75
N LYS J 384 -53.72 8.10 8.82
CA LYS J 384 -53.88 6.65 8.80
C LYS J 384 -54.87 6.26 9.88
N MET J 385 -55.90 5.48 9.52
CA MET J 385 -56.85 4.97 10.52
C MET J 385 -56.40 3.59 10.98
N THR J 386 -56.25 3.41 12.29
CA THR J 386 -55.79 2.12 12.80
C THR J 386 -56.95 1.14 12.99
N ASN J 387 -56.60 -0.13 13.17
CA ASN J 387 -57.62 -1.15 13.39
C ASN J 387 -58.12 -1.20 14.84
N ARG J 388 -57.77 -0.20 15.67
CA ARG J 388 -58.45 0.05 16.92
C ARG J 388 -59.24 1.36 16.87
N GLY J 389 -59.44 1.91 15.68
CA GLY J 389 -60.29 3.08 15.53
C GLY J 389 -59.65 4.40 15.85
N ALA J 390 -58.33 4.50 15.75
CA ALA J 390 -57.59 5.71 16.09
C ALA J 390 -57.11 6.44 14.84
N PHE J 391 -57.05 7.77 14.94
CA PHE J 391 -56.33 8.59 13.98
C PHE J 391 -54.85 8.51 14.29
N GLU J 392 -54.05 8.17 13.28
CA GLU J 392 -52.59 8.14 13.39
C GLU J 392 -52.03 9.01 12.28
N ILE J 393 -51.20 9.99 12.63
CA ILE J 393 -50.71 10.98 11.68
C ILE J 393 -49.24 10.73 11.39
N HIS J 394 -48.93 10.50 10.12
CA HIS J 394 -47.61 10.09 9.69
C HIS J 394 -46.83 11.21 8.99
N GLY J 395 -45.51 11.12 9.07
CA GLY J 395 -44.63 12.00 8.31
C GLY J 395 -44.18 13.25 9.04
N ILE J 396 -44.27 13.27 10.36
CA ILE J 396 -43.96 14.46 11.14
C ILE J 396 -42.47 14.55 11.39
N SER J 397 -41.89 15.70 11.08
CA SER J 397 -40.48 15.91 11.35
C SER J 397 -40.21 15.88 12.84
N GLY J 398 -39.05 15.34 13.21
CA GLY J 398 -38.62 15.40 14.60
C GLY J 398 -38.61 16.82 15.15
N PHE J 399 -38.36 17.81 14.29
CA PHE J 399 -38.40 19.19 14.72
C PHE J 399 -39.81 19.66 15.11
N ASP J 400 -40.84 19.02 14.59
CA ASP J 400 -42.21 19.46 14.82
C ASP J 400 -42.98 18.62 15.82
N VAL J 401 -42.43 17.47 16.22
CA VAL J 401 -43.21 16.50 17.01
C VAL J 401 -43.75 17.15 18.26
N GLU J 402 -42.89 17.82 19.02
CA GLU J 402 -43.32 18.38 20.29
C GLU J 402 -44.40 19.43 20.10
N ALA J 403 -44.19 20.37 19.17
CA ALA J 403 -45.19 21.41 18.93
C ALA J 403 -46.52 20.79 18.54
N MET J 404 -46.50 19.79 17.66
CA MET J 404 -47.74 19.19 17.20
C MET J 404 -48.46 18.45 18.33
N VAL J 405 -47.71 17.67 19.13
CA VAL J 405 -48.33 16.97 20.26
C VAL J 405 -48.93 17.97 21.25
N LEU J 406 -48.20 19.04 21.54
CA LEU J 406 -48.71 20.03 22.51
C LEU J 406 -49.99 20.67 21.95
N GLU J 407 -50.04 20.89 20.63
CA GLU J 407 -51.25 21.47 19.97
C GLU J 407 -52.42 20.49 20.11
N LEU J 408 -52.17 19.19 19.92
CA LEU J 408 -53.25 18.17 20.03
C LEU J 408 -53.77 18.16 21.48
N MET J 409 -52.85 18.23 22.45
CA MET J 409 -53.19 18.21 23.89
C MET J 409 -54.02 19.45 24.26
N GLU J 410 -53.68 20.59 23.66
CA GLU J 410 -54.40 21.87 23.91
C GLU J 410 -55.86 21.71 23.45
N LYS J 411 -56.07 21.02 22.31
CA LYS J 411 -57.42 20.71 21.75
C LYS J 411 -58.18 19.78 22.71
N GLY J 412 -57.47 18.91 23.44
CA GLY J 412 -58.10 17.99 24.40
C GLY J 412 -57.84 16.57 24.00
N PHE J 413 -57.01 16.38 22.97
CA PHE J 413 -56.74 15.04 22.48
C PHE J 413 -55.63 14.43 23.32
N ILE J 414 -55.73 13.13 23.56
CA ILE J 414 -54.69 12.38 24.26
C ILE J 414 -53.92 11.61 23.21
N THR J 415 -52.61 11.85 23.11
CA THR J 415 -51.75 11.04 22.26
C THR J 415 -51.29 9.85 23.09
N GLY J 416 -51.37 8.66 22.52
CA GLY J 416 -51.03 7.48 23.30
C GLY J 416 -51.38 6.18 22.60
N SER J 417 -51.77 5.20 23.41
CA SER J 417 -52.05 3.83 22.96
C SER J 417 -50.80 3.19 22.35
N GLU J 418 -49.63 3.50 22.90
CA GLU J 418 -48.36 2.97 22.42
C GLU J 418 -47.46 2.67 23.62
N GLY J 419 -46.63 1.65 23.48
CA GLY J 419 -45.74 1.29 24.55
C GLY J 419 -46.35 0.33 25.56
N PRO J 420 -45.58 -0.03 26.59
CA PRO J 420 -46.04 -1.05 27.57
C PRO J 420 -47.05 -0.51 28.59
N LEU J 421 -48.31 -0.48 28.17
CA LEU J 421 -49.38 0.09 28.99
C LEU J 421 -50.72 -0.36 28.44
N VAL J 422 -51.79 0.05 29.13
CA VAL J 422 -53.14 -0.28 28.70
C VAL J 422 -53.48 0.56 27.49
N ARG J 423 -53.64 -0.11 26.35
CA ARG J 423 -53.91 0.53 25.08
C ARG J 423 -55.37 0.98 25.03
N ALA J 424 -55.71 1.69 23.95
CA ALA J 424 -57.08 2.15 23.78
C ALA J 424 -58.04 0.97 23.83
N THR J 425 -59.05 1.07 24.69
CA THR J 425 -60.09 0.04 24.76
C THR J 425 -60.91 0.04 23.47
N LEU J 426 -61.13 -1.15 22.90
CA LEU J 426 -61.82 -1.28 21.64
C LEU J 426 -63.24 -1.79 21.86
N ALA J 427 -64.22 -0.98 21.45
CA ALA J 427 -65.63 -1.31 21.61
C ALA J 427 -66.35 -1.09 20.28
N CYS J 428 -67.40 -1.88 20.07
CA CYS J 428 -68.28 -1.72 18.91
C CYS J 428 -69.41 -0.75 19.24
N PRO J 429 -70.31 -0.48 18.29
CA PRO J 429 -71.40 0.48 18.56
C PRO J 429 -72.39 0.01 19.61
N GLY J 430 -72.63 -1.28 19.74
CA GLY J 430 -73.48 -1.80 20.80
C GLY J 430 -74.95 -1.43 20.72
N GLU J 431 -75.62 -1.66 21.85
CA GLU J 431 -77.10 -1.48 21.96
C GLU J 431 -77.54 -0.07 21.53
N GLY J 432 -78.68 -0.01 20.86
CA GLY J 432 -79.25 1.25 20.42
C GLY J 432 -78.61 1.80 19.17
N ASN J 433 -77.51 1.20 18.72
CA ASN J 433 -76.89 1.54 17.45
C ASN J 433 -76.94 0.33 16.53
N CYS J 434 -76.21 -0.72 16.85
CA CYS J 434 -76.33 -1.97 16.14
C CYS J 434 -77.60 -2.71 16.55
N GLY J 435 -78.34 -3.21 15.56
CA GLY J 435 -79.54 -3.97 15.84
C GLY J 435 -79.31 -5.21 16.68
N SER J 436 -78.09 -5.74 16.69
CA SER J 436 -77.76 -6.92 17.48
C SER J 436 -77.27 -6.58 18.87
N GLY J 437 -77.09 -5.29 19.18
CA GLY J 437 -76.42 -4.92 20.42
C GLY J 437 -77.26 -5.22 21.64
N LEU J 438 -76.59 -5.78 22.65
CA LEU J 438 -77.22 -6.15 23.91
C LEU J 438 -76.82 -5.29 25.09
N ILE J 439 -75.68 -4.60 25.02
CA ILE J 439 -75.17 -3.79 26.13
C ILE J 439 -74.68 -2.45 25.61
N ASN J 440 -74.56 -1.49 26.52
CA ASN J 440 -74.08 -0.14 26.23
C ASN J 440 -72.56 -0.18 26.23
N THR J 441 -72.00 -0.54 25.08
CA THR J 441 -70.56 -0.69 24.91
C THR J 441 -69.84 0.64 25.02
N THR J 442 -70.44 1.70 24.49
CA THR J 442 -69.78 3.00 24.53
C THR J 442 -69.55 3.43 25.98
N GLU J 443 -70.58 3.31 26.82
CA GLU J 443 -70.44 3.76 28.20
C GLU J 443 -69.48 2.88 28.98
N LEU J 444 -69.54 1.56 28.80
CA LEU J 444 -68.58 0.69 29.48
C LEU J 444 -67.16 1.01 29.02
N CYS J 445 -66.97 1.24 27.73
CA CYS J 445 -65.66 1.62 27.22
C CYS J 445 -65.19 2.92 27.86
N LYS J 446 -66.08 3.91 27.97
CA LYS J 446 -65.69 5.16 28.61
C LYS J 446 -65.26 4.91 30.05
N ILE J 447 -66.02 4.06 30.76
CA ILE J 447 -65.71 3.76 32.18
C ILE J 447 -64.32 3.09 32.27
N LEU J 448 -64.05 2.11 31.41
CA LEU J 448 -62.73 1.43 31.45
C LEU J 448 -61.62 2.44 31.13
N GLU J 449 -61.85 3.29 30.13
CA GLU J 449 -60.82 4.30 29.77
C GLU J 449 -60.62 5.26 30.94
N ASP J 450 -61.69 5.68 31.59
CA ASP J 450 -61.55 6.65 32.70
C ASP J 450 -60.71 6.02 33.83
N ASN J 451 -60.94 4.75 34.13
CA ASN J 451 -60.23 4.00 35.19
C ASN J 451 -58.78 3.60 34.83
N PHE J 452 -58.52 3.15 33.60
CA PHE J 452 -57.18 2.58 33.31
C PHE J 452 -56.45 3.13 32.08
N LYS J 453 -56.91 4.21 31.44
CA LYS J 453 -56.19 4.66 30.22
C LYS J 453 -54.71 4.96 30.52
N GLU J 454 -53.82 4.43 29.70
CA GLU J 454 -52.34 4.65 29.77
C GLU J 454 -51.73 4.09 31.08
N HIS J 455 -52.39 3.14 31.75
CA HIS J 455 -51.81 2.59 32.99
C HIS J 455 -50.65 1.68 32.59
N PRO J 456 -49.48 1.75 33.27
CA PRO J 456 -48.36 0.92 32.88
C PRO J 456 -48.64 -0.57 33.14
N ALA J 457 -48.05 -1.41 32.28
CA ALA J 457 -48.07 -2.85 32.43
C ALA J 457 -46.73 -3.37 31.94
N PRO J 458 -46.36 -4.60 32.30
CA PRO J 458 -45.08 -5.15 31.82
C PRO J 458 -44.95 -5.14 30.30
N TYR J 459 -46.07 -5.22 29.58
CA TYR J 459 -46.10 -5.21 28.12
C TYR J 459 -47.47 -4.68 27.72
N LYS J 460 -47.69 -4.49 26.41
CA LYS J 460 -48.97 -3.96 25.94
C LYS J 460 -50.13 -4.80 26.45
N PHE J 461 -51.24 -4.13 26.78
CA PHE J 461 -52.39 -4.72 27.45
C PHE J 461 -53.64 -4.15 26.77
N LYS J 462 -54.44 -5.01 26.17
CA LYS J 462 -55.54 -4.60 25.30
C LYS J 462 -56.86 -5.18 25.78
N ILE J 463 -57.87 -4.30 25.89
CA ILE J 463 -59.21 -4.67 26.31
C ILE J 463 -60.17 -4.46 25.14
N ALA J 464 -61.11 -5.38 24.95
CA ALA J 464 -62.16 -5.25 23.95
C ALA J 464 -63.52 -5.59 24.56
N ILE J 465 -64.55 -4.88 24.10
CA ILE J 465 -65.92 -4.98 24.56
C ILE J 465 -66.81 -5.11 23.33
N SER J 466 -67.42 -6.28 23.15
CA SER J 466 -68.41 -6.47 22.09
C SER J 466 -69.81 -6.36 22.66
N GLY J 467 -70.73 -5.81 21.85
CA GLY J 467 -72.12 -5.61 22.30
C GLY J 467 -72.94 -6.89 22.32
N CYS J 468 -72.46 -7.93 21.64
CA CYS J 468 -73.19 -9.22 21.57
C CYS J 468 -72.21 -10.34 21.22
N PRO J 469 -72.63 -11.63 21.25
CA PRO J 469 -71.74 -12.76 20.97
C PRO J 469 -71.07 -12.79 19.58
N ASN J 470 -71.50 -11.95 18.62
CA ASN J 470 -70.78 -11.95 17.35
C ASN J 470 -69.33 -11.50 17.53
N LYS J 471 -69.04 -10.73 18.58
CA LYS J 471 -67.65 -10.47 19.01
C LYS J 471 -66.83 -9.83 17.89
N CYS J 472 -67.43 -8.78 17.28
CA CYS J 472 -66.78 -8.11 16.15
C CYS J 472 -65.41 -7.57 16.51
N VAL J 473 -65.21 -7.16 17.77
CA VAL J 473 -63.95 -6.55 18.19
C VAL J 473 -63.03 -7.57 18.86
N ARG J 474 -63.42 -8.83 18.89
CA ARG J 474 -62.62 -10.00 19.27
C ARG J 474 -62.22 -10.04 20.74
N PRO J 475 -63.18 -9.87 21.65
CA PRO J 475 -62.86 -9.94 23.08
C PRO J 475 -62.32 -11.29 23.55
N GLN J 476 -62.57 -12.38 22.81
CA GLN J 476 -62.13 -13.70 23.25
C GLN J 476 -60.66 -13.96 22.97
N ILE J 477 -59.95 -13.03 22.34
CA ILE J 477 -58.50 -13.10 22.17
C ILE J 477 -57.90 -11.75 22.53
N HIS J 478 -58.37 -11.16 23.64
CA HIS J 478 -57.85 -9.93 24.20
C HIS J 478 -57.36 -10.21 25.62
N ASP J 479 -56.49 -9.36 26.14
CA ASP J 479 -56.01 -9.53 27.51
C ASP J 479 -57.17 -9.57 28.50
N ILE J 480 -58.11 -8.65 28.36
CA ILE J 480 -59.41 -8.71 29.01
C ILE J 480 -60.46 -8.53 27.91
N GLY J 481 -61.46 -9.39 27.89
CA GLY J 481 -62.55 -9.28 26.94
C GLY J 481 -63.89 -9.29 27.62
N ILE J 482 -64.81 -8.49 27.09
CA ILE J 482 -66.20 -8.44 27.55
C ILE J 482 -67.12 -8.62 26.34
N ALA J 483 -68.15 -9.44 26.50
CA ALA J 483 -69.16 -9.60 25.46
C ALA J 483 -70.53 -9.59 26.12
N GLY J 484 -71.44 -8.77 25.58
CA GLY J 484 -72.81 -8.81 26.04
C GLY J 484 -73.50 -10.12 25.65
N VAL J 485 -74.26 -10.68 26.58
CA VAL J 485 -75.00 -11.91 26.32
C VAL J 485 -76.41 -11.79 26.88
N LYS J 486 -77.33 -12.55 26.26
CA LYS J 486 -78.73 -12.58 26.66
C LYS J 486 -79.26 -13.96 26.27
N PHE J 487 -79.35 -14.86 27.24
CA PHE J 487 -79.75 -16.24 26.97
C PHE J 487 -81.26 -16.39 27.13
N PRO J 488 -81.88 -17.21 26.26
CA PRO J 488 -83.33 -17.37 26.28
C PRO J 488 -83.77 -18.55 27.14
N VAL J 489 -85.05 -18.51 27.53
CA VAL J 489 -85.74 -19.67 28.07
C VAL J 489 -87.15 -19.69 27.49
N VAL J 490 -87.55 -20.82 26.94
CA VAL J 490 -88.86 -20.93 26.32
C VAL J 490 -89.95 -20.86 27.40
N ASN J 491 -91.00 -20.09 27.12
CA ASN J 491 -92.21 -20.08 27.96
C ASN J 491 -93.16 -21.11 27.34
N GLU J 492 -93.24 -22.30 27.96
CA GLU J 492 -93.99 -23.41 27.37
C GLU J 492 -95.48 -23.11 27.30
N GLU J 493 -95.94 -22.15 28.10
CA GLU J 493 -97.39 -21.80 28.10
C GLU J 493 -97.73 -21.04 26.81
N ASN J 494 -96.78 -20.28 26.28
CA ASN J 494 -97.01 -19.43 25.10
C ASN J 494 -96.45 -20.00 23.80
N CYS J 495 -95.31 -20.69 23.84
CA CYS J 495 -94.72 -21.17 22.60
C CYS J 495 -95.71 -22.13 21.91
N ASN J 496 -95.88 -21.97 20.60
CA ASN J 496 -96.81 -22.82 19.86
C ASN J 496 -96.14 -23.59 18.72
N GLY J 497 -94.81 -23.63 18.69
CA GLY J 497 -94.07 -24.35 17.68
C GLY J 497 -94.14 -23.77 16.29
N CYS J 498 -94.51 -22.48 16.17
CA CYS J 498 -94.60 -21.79 14.88
C CYS J 498 -93.34 -21.94 14.05
N GLY J 499 -92.16 -21.97 14.68
CA GLY J 499 -90.92 -22.21 13.99
C GLY J 499 -90.06 -20.99 13.66
N ARG J 500 -90.56 -19.77 13.90
CA ARG J 500 -89.84 -18.58 13.44
C ARG J 500 -88.46 -18.45 14.10
N CYS J 501 -88.38 -18.66 15.42
CA CYS J 501 -87.12 -18.45 16.13
C CYS J 501 -85.98 -19.26 15.55
N ALA J 502 -86.24 -20.52 15.16
CA ALA J 502 -85.18 -21.35 14.63
C ALA J 502 -84.55 -20.76 13.37
N GLU J 503 -85.32 -19.96 12.62
CA GLU J 503 -84.83 -19.39 11.36
C GLU J 503 -83.77 -18.31 11.59
N VAL J 504 -83.82 -17.63 12.74
CA VAL J 504 -82.87 -16.55 12.99
C VAL J 504 -81.64 -17.03 13.74
N CYS J 505 -81.57 -18.31 14.11
CA CYS J 505 -80.45 -18.83 14.88
C CYS J 505 -79.47 -19.45 13.91
N LYS J 506 -78.43 -18.69 13.56
CA LYS J 506 -77.51 -19.18 12.53
C LYS J 506 -76.72 -20.41 13.00
N ILE J 507 -76.52 -20.58 14.31
CA ILE J 507 -75.80 -21.76 14.78
C ILE J 507 -76.71 -22.95 15.03
N GLU J 508 -78.01 -22.81 14.77
CA GLU J 508 -78.96 -23.93 14.80
C GLU J 508 -79.04 -24.56 16.19
N ALA J 509 -79.21 -23.70 17.20
CA ALA J 509 -79.34 -24.16 18.58
C ALA J 509 -80.77 -24.48 18.98
N ILE J 510 -81.74 -24.27 18.10
CA ILE J 510 -83.16 -24.37 18.46
C ILE J 510 -83.78 -25.60 17.80
N ASP J 511 -84.53 -26.36 18.60
CA ASP J 511 -85.28 -27.52 18.13
C ASP J 511 -86.77 -27.18 18.19
N ILE J 512 -87.39 -27.17 17.01
CA ILE J 512 -88.86 -26.95 16.91
C ILE J 512 -89.50 -28.34 16.93
N ARG J 513 -90.34 -28.64 17.92
CA ARG J 513 -90.94 -29.99 18.02
C ARG J 513 -92.43 -29.87 18.31
N GLY J 514 -93.27 -30.36 17.39
CA GLY J 514 -94.70 -30.31 17.62
C GLY J 514 -95.20 -28.91 17.89
N GLU J 515 -95.79 -28.70 19.07
CA GLU J 515 -96.35 -27.37 19.42
C GLU J 515 -95.45 -26.63 20.42
N THR J 516 -94.14 -26.90 20.38
CA THR J 516 -93.26 -26.24 21.32
C THR J 516 -91.87 -26.13 20.71
N SER J 517 -90.94 -25.59 21.49
CA SER J 517 -89.57 -25.45 21.04
C SER J 517 -88.62 -25.62 22.22
N TYR J 518 -87.37 -25.88 21.88
CA TYR J 518 -86.32 -26.08 22.88
C TYR J 518 -85.07 -25.33 22.46
N THR J 519 -84.18 -25.12 23.42
CA THR J 519 -82.87 -24.51 23.18
C THR J 519 -81.79 -25.49 23.60
N ASN J 520 -80.79 -25.71 22.73
CA ASN J 520 -79.61 -26.49 23.11
C ASN J 520 -78.56 -25.54 23.70
N TYR J 521 -78.47 -25.52 25.02
CA TYR J 521 -77.58 -24.60 25.73
C TYR J 521 -76.11 -25.00 25.67
N ASN J 522 -75.79 -26.16 25.10
CA ASN J 522 -74.40 -26.46 24.80
C ASN J 522 -73.95 -25.81 23.51
N VAL J 523 -74.87 -25.21 22.76
CA VAL J 523 -74.58 -24.50 21.52
C VAL J 523 -74.96 -23.02 21.61
N CYS J 524 -76.10 -22.71 22.21
CA CYS J 524 -76.57 -21.33 22.35
C CYS J 524 -75.50 -20.41 22.89
N ILE J 525 -75.28 -19.28 22.21
CA ILE J 525 -74.27 -18.31 22.64
C ILE J 525 -74.88 -17.07 23.26
N GLY J 526 -76.20 -17.04 23.44
CA GLY J 526 -76.84 -15.93 24.12
C GLY J 526 -76.83 -14.63 23.34
N CYS J 527 -77.16 -14.70 22.05
CA CYS J 527 -77.30 -13.51 21.22
C CYS J 527 -78.65 -12.81 21.39
N GLY J 528 -79.64 -13.52 21.94
CA GLY J 528 -80.94 -12.94 22.19
C GLY J 528 -81.85 -12.79 20.98
N LYS J 529 -81.44 -13.20 19.78
CA LYS J 529 -82.23 -12.91 18.58
C LYS J 529 -83.56 -13.65 18.58
N CYS J 530 -83.58 -14.91 19.03
CA CYS J 530 -84.83 -15.66 19.10
C CYS J 530 -85.85 -14.97 20.00
N ILE J 531 -85.39 -14.31 21.07
CA ILE J 531 -86.33 -13.62 21.94
C ILE J 531 -87.03 -12.50 21.18
N LYS J 532 -86.24 -11.76 20.42
CA LYS J 532 -86.72 -10.57 19.66
C LYS J 532 -87.58 -11.01 18.47
N ALA J 533 -87.27 -12.17 17.87
CA ALA J 533 -87.98 -12.62 16.68
C ALA J 533 -89.30 -13.28 17.01
N CYS J 534 -89.49 -13.79 18.22
CA CYS J 534 -90.71 -14.53 18.51
C CYS J 534 -91.91 -13.58 18.47
N PRO J 535 -92.96 -13.90 17.70
CA PRO J 535 -94.16 -13.07 17.69
C PRO J 535 -95.22 -13.44 18.71
N ASN J 536 -94.95 -14.44 19.57
CA ASN J 536 -95.95 -15.05 20.42
C ASN J 536 -95.59 -15.01 21.91
N GLU J 537 -94.66 -14.15 22.32
CA GLU J 537 -94.20 -14.07 23.71
C GLU J 537 -93.73 -15.46 24.20
N GLY J 538 -93.06 -16.19 23.31
CA GLY J 538 -92.69 -17.55 23.61
C GLY J 538 -91.33 -17.74 24.23
N ARG J 539 -90.48 -16.69 24.26
CA ARG J 539 -89.15 -16.78 24.83
C ARG J 539 -88.90 -15.61 25.78
N ASP J 540 -88.48 -15.93 26.99
CA ASP J 540 -88.08 -14.94 27.99
C ASP J 540 -86.57 -14.96 28.18
N VAL J 541 -86.06 -14.04 29.00
CA VAL J 541 -84.65 -13.98 29.32
C VAL J 541 -84.33 -14.93 30.47
N LYS J 542 -83.42 -15.87 30.22
CA LYS J 542 -82.92 -16.77 31.25
C LYS J 542 -81.84 -16.11 32.11
N GLU J 543 -80.89 -15.43 31.46
CA GLU J 543 -79.73 -14.83 32.10
C GLU J 543 -79.15 -13.83 31.11
N GLU J 544 -78.66 -12.70 31.62
CA GLU J 544 -78.05 -11.70 30.74
C GLU J 544 -77.01 -10.88 31.51
N GLY J 545 -76.07 -10.32 30.76
CA GLY J 545 -75.08 -9.43 31.37
C GLY J 545 -73.80 -9.37 30.56
N PHE J 546 -72.70 -9.08 31.28
CA PHE J 546 -71.37 -8.90 30.67
C PHE J 546 -70.57 -10.18 30.88
N MET J 547 -70.36 -10.94 29.81
CA MET J 547 -69.50 -12.11 29.86
C MET J 547 -68.03 -11.70 29.77
N VAL J 548 -67.17 -12.32 30.58
CA VAL J 548 -65.79 -11.88 30.73
C VAL J 548 -64.82 -12.98 30.34
N TYR J 549 -63.75 -12.59 29.64
CA TYR J 549 -62.65 -13.47 29.26
C TYR J 549 -61.35 -12.85 29.74
N VAL J 550 -60.40 -13.67 30.19
CA VAL J 550 -59.12 -13.18 30.68
C VAL J 550 -57.95 -13.96 30.07
N GLY J 551 -56.99 -13.23 29.51
CA GLY J 551 -55.71 -13.80 29.14
C GLY J 551 -55.55 -14.20 27.69
N GLY J 552 -56.22 -13.53 26.76
CA GLY J 552 -56.04 -13.79 25.35
C GLY J 552 -55.12 -12.77 24.69
N LYS J 553 -54.80 -13.04 23.42
CA LYS J 553 -54.02 -12.12 22.60
C LYS J 553 -54.11 -12.56 21.15
N THR J 554 -53.68 -11.64 20.30
CA THR J 554 -53.34 -11.99 18.90
C THR J 554 -51.88 -11.54 18.70
N GLY J 555 -51.47 -11.37 17.47
CA GLY J 555 -50.12 -10.94 17.15
C GLY J 555 -49.27 -12.13 16.71
N ARG J 556 -48.11 -12.31 17.35
CA ARG J 556 -47.22 -13.41 16.99
C ARG J 556 -47.85 -14.76 17.29
N GLU J 557 -48.73 -14.82 18.28
CA GLU J 557 -49.50 -16.02 18.60
C GLU J 557 -50.96 -15.62 18.84
N VAL J 558 -51.86 -16.56 18.58
CA VAL J 558 -53.29 -16.43 18.88
C VAL J 558 -53.56 -17.25 20.13
N ILE J 559 -54.11 -16.62 21.16
CA ILE J 559 -54.46 -17.30 22.40
C ILE J 559 -55.85 -16.87 22.82
N GLU J 560 -56.74 -17.84 23.05
CA GLU J 560 -58.08 -17.53 23.52
C GLU J 560 -58.07 -17.38 25.04
N GLY J 561 -58.64 -16.30 25.53
CA GLY J 561 -58.69 -16.08 26.96
C GLY J 561 -59.54 -17.11 27.67
N VAL J 562 -59.29 -17.25 28.97
CA VAL J 562 -60.07 -18.15 29.82
C VAL J 562 -61.45 -17.54 30.02
N SER J 563 -62.51 -18.28 29.67
CA SER J 563 -63.86 -17.82 29.97
C SER J 563 -64.07 -17.78 31.48
N MET J 564 -64.64 -16.69 31.97
CA MET J 564 -64.81 -16.51 33.41
C MET J 564 -66.27 -16.75 33.81
N LYS J 565 -67.09 -15.71 33.71
CA LYS J 565 -68.48 -15.74 34.15
C LYS J 565 -69.08 -14.38 33.85
N LEU J 566 -70.39 -14.21 34.09
CA LEU J 566 -70.98 -12.88 34.03
C LEU J 566 -70.56 -12.06 35.24
N MET J 567 -70.25 -10.80 34.98
CA MET J 567 -69.76 -9.91 36.06
C MET J 567 -70.40 -8.53 35.93
N SER J 568 -70.57 -7.85 37.07
CA SER J 568 -71.05 -6.48 37.09
C SER J 568 -69.93 -5.51 36.68
N VAL J 569 -70.32 -4.28 36.37
CA VAL J 569 -69.29 -3.30 36.01
C VAL J 569 -68.32 -3.10 37.17
N GLU J 570 -68.84 -3.05 38.41
CA GLU J 570 -67.95 -2.89 39.56
C GLU J 570 -66.98 -4.07 39.70
N GLU J 571 -67.46 -5.29 39.46
CA GLU J 571 -66.60 -6.47 39.52
C GLU J 571 -65.54 -6.44 38.42
N ILE J 572 -65.92 -5.96 37.23
CA ILE J 572 -64.98 -5.86 36.13
C ILE J 572 -63.86 -4.87 36.45
N LEU J 573 -64.23 -3.72 37.03
CA LEU J 573 -63.20 -2.75 37.42
C LEU J 573 -62.25 -3.34 38.46
N ASN J 574 -62.81 -4.08 39.44
CA ASN J 574 -61.98 -4.77 40.41
C ASN J 574 -61.05 -5.77 39.72
N LEU J 575 -61.62 -6.56 38.81
CA LEU J 575 -60.87 -7.60 38.12
C LEU J 575 -59.68 -7.03 37.34
N ILE J 576 -59.92 -5.97 36.56
CA ILE J 576 -58.84 -5.45 35.73
C ILE J 576 -57.71 -4.94 36.61
N ASP J 577 -58.06 -4.26 37.70
CA ASP J 577 -57.07 -3.73 38.63
C ASP J 577 -56.21 -4.86 39.19
N LYS J 578 -56.86 -5.95 39.62
CA LYS J 578 -56.13 -7.04 40.24
C LYS J 578 -55.37 -7.88 39.22
N VAL J 579 -55.93 -8.04 38.02
CA VAL J 579 -55.18 -8.74 36.97
C VAL J 579 -53.87 -8.02 36.68
N LEU J 580 -53.90 -6.68 36.60
CA LEU J 580 -52.69 -5.90 36.32
C LEU J 580 -51.68 -6.04 37.46
N ILE J 581 -52.17 -6.12 38.69
CA ILE J 581 -51.27 -6.30 39.84
C ILE J 581 -50.58 -7.66 39.78
N VAL J 582 -51.34 -8.73 39.55
CA VAL J 582 -50.74 -10.06 39.51
C VAL J 582 -49.83 -10.20 38.29
N TYR J 583 -50.21 -9.58 37.16
CA TYR J 583 -49.35 -9.58 35.97
C TYR J 583 -48.00 -8.97 36.30
N HIS J 584 -48.02 -7.79 36.93
N HIS J 584 -48.05 -7.84 37.01
CA HIS J 584 -46.76 -7.17 37.35
CA HIS J 584 -46.84 -7.08 37.43
C HIS J 584 -46.01 -8.01 38.36
C HIS J 584 -46.03 -7.93 38.42
N LYS J 585 -46.72 -8.71 39.25
CA LYS J 585 -46.03 -9.52 40.26
C LYS J 585 -45.21 -10.62 39.61
N TYR J 586 -45.74 -11.29 38.59
CA TYR J 586 -45.12 -12.48 38.05
C TYR J 586 -44.39 -12.26 36.72
N ALA J 587 -44.58 -11.14 36.05
CA ALA J 587 -43.87 -10.91 34.79
C ALA J 587 -42.38 -10.77 35.04
N LYS J 588 -41.57 -11.46 34.23
CA LYS J 588 -40.12 -11.40 34.35
C LYS J 588 -39.45 -10.71 33.18
N LYS J 589 -40.14 -10.54 32.05
CA LYS J 589 -39.55 -10.02 30.82
C LYS J 589 -40.41 -8.88 30.31
N PRO J 590 -40.21 -7.68 30.85
CA PRO J 590 -40.87 -6.50 30.31
C PRO J 590 -40.67 -6.40 28.80
N GLN J 591 -41.74 -6.01 28.10
CA GLN J 591 -41.78 -5.79 26.65
C GLN J 591 -41.69 -7.09 25.85
N ARG J 592 -41.80 -8.25 26.50
CA ARG J 592 -41.75 -9.54 25.81
C ARG J 592 -42.84 -10.50 26.29
N GLU J 593 -43.18 -10.44 27.58
CA GLU J 593 -44.16 -11.36 28.17
C GLU J 593 -45.52 -10.66 28.25
N ARG J 594 -46.45 -11.09 27.39
CA ARG J 594 -47.85 -10.67 27.51
C ARG J 594 -48.49 -11.35 28.72
N LEU J 595 -49.64 -10.83 29.13
CA LEU J 595 -50.39 -11.45 30.23
C LEU J 595 -50.57 -12.96 29.98
N ALA J 596 -50.95 -13.32 28.76
CA ALA J 596 -51.18 -14.73 28.45
C ALA J 596 -49.91 -15.56 28.68
N ALA J 597 -48.75 -15.00 28.38
CA ALA J 597 -47.50 -15.72 28.59
C ALA J 597 -47.22 -15.95 30.07
N VAL J 598 -47.53 -14.95 30.91
CA VAL J 598 -47.34 -15.10 32.34
C VAL J 598 -48.27 -16.17 32.89
N MET J 599 -49.54 -16.12 32.44
CA MET J 599 -50.54 -17.10 32.90
C MET J 599 -50.09 -18.50 32.48
N ALA J 600 -49.58 -18.65 31.26
CA ALA J 600 -49.14 -19.98 30.79
C ALA J 600 -47.92 -20.46 31.60
N ARG J 601 -47.05 -19.53 32.00
CA ARG J 601 -45.79 -19.88 32.72
C ARG J 601 -46.07 -20.35 34.17
N ILE J 602 -46.97 -19.68 34.89
CA ILE J 602 -47.19 -20.03 36.32
C ILE J 602 -48.43 -20.92 36.53
N GLY J 603 -49.27 -21.08 35.51
CA GLY J 603 -50.50 -21.88 35.68
C GLY J 603 -51.72 -20.97 35.64
N LYS J 604 -52.63 -21.20 34.70
CA LYS J 604 -53.77 -20.32 34.55
C LYS J 604 -54.58 -20.25 35.85
N GLY J 605 -54.80 -21.43 36.45
CA GLY J 605 -55.54 -21.47 37.71
C GLY J 605 -54.81 -20.76 38.84
N LYS J 606 -53.49 -20.95 38.93
CA LYS J 606 -52.74 -20.23 39.97
C LYS J 606 -52.91 -18.72 39.79
N PHE J 607 -52.76 -18.24 38.56
CA PHE J 607 -52.86 -16.81 38.30
C PHE J 607 -54.25 -16.28 38.66
N LEU J 608 -55.29 -16.96 38.16
CA LEU J 608 -56.66 -16.49 38.38
C LEU J 608 -57.08 -16.61 39.83
N GLU J 609 -56.53 -17.59 40.55
CA GLU J 609 -56.86 -17.77 41.99
C GLU J 609 -56.32 -16.57 42.78
N GLU J 610 -55.10 -16.13 42.46
CA GLU J 610 -54.52 -14.97 43.13
C GLU J 610 -55.29 -13.70 42.82
N VAL J 611 -55.73 -13.55 41.57
CA VAL J 611 -56.55 -12.40 41.21
C VAL J 611 -57.82 -12.38 42.06
N LYS J 612 -58.49 -13.54 42.17
CA LYS J 612 -59.72 -13.59 42.94
C LYS J 612 -59.48 -13.25 44.40
N GLU J 613 -58.38 -13.75 44.98
CA GLU J 613 -58.04 -13.43 46.36
C GLU J 613 -57.87 -11.92 46.55
N LEU J 614 -57.18 -11.25 45.62
CA LEU J 614 -57.02 -9.81 45.74
C LEU J 614 -58.35 -9.09 45.58
N MET J 615 -59.22 -9.59 44.68
CA MET J 615 -60.52 -8.95 44.47
C MET J 615 -61.37 -9.02 45.74
N GLU J 616 -61.25 -10.11 46.49
CA GLU J 616 -62.03 -10.32 47.70
C GLU J 616 -61.55 -9.44 48.84
N GLN J 617 -60.26 -9.10 48.85
CA GLN J 617 -59.73 -8.15 49.84
C GLN J 617 -60.17 -6.72 49.52
N ASN J 618 -60.46 -6.44 48.25
CA ASN J 618 -60.86 -5.08 47.76
C ASN J 618 -61.90 -4.43 48.67
N TYR K 2 -100.11 -54.72 15.89
CA TYR K 2 -99.23 -53.59 15.60
C TYR K 2 -97.79 -53.97 15.85
N GLU K 3 -96.90 -53.45 15.02
CA GLU K 3 -95.46 -53.66 15.24
C GLU K 3 -95.02 -52.94 16.50
N TRP K 4 -94.43 -53.64 17.46
CA TRP K 4 -94.04 -53.05 18.74
C TRP K 4 -92.86 -53.83 19.30
N LYS K 5 -91.73 -53.16 19.47
CA LYS K 5 -90.47 -53.86 19.75
C LYS K 5 -90.56 -54.73 21.00
N LEU K 6 -91.28 -54.29 22.03
CA LEU K 6 -91.37 -55.07 23.26
C LEU K 6 -92.17 -56.36 23.11
N ASN K 7 -92.79 -56.58 21.94
CA ASN K 7 -93.44 -57.87 21.72
C ASN K 7 -92.45 -59.01 21.86
N ASP K 8 -91.17 -58.74 21.59
CA ASP K 8 -90.11 -59.73 21.82
C ASP K 8 -90.09 -60.21 23.27
N ILE K 9 -90.38 -59.31 24.21
CA ILE K 9 -90.45 -59.68 25.63
C ILE K 9 -91.81 -60.27 25.96
N VAL K 10 -92.87 -59.57 25.59
CA VAL K 10 -94.20 -59.93 26.05
C VAL K 10 -94.63 -61.27 25.46
N ASP K 11 -94.34 -61.49 24.18
CA ASP K 11 -94.84 -62.70 23.52
C ASP K 11 -94.03 -63.96 23.86
N ASN K 12 -92.90 -63.83 24.54
CA ASN K 12 -92.05 -64.97 24.85
C ASN K 12 -92.00 -65.32 26.33
N GLY K 13 -92.96 -64.82 27.12
CA GLY K 13 -93.04 -65.18 28.54
C GLY K 13 -91.96 -64.57 29.42
N ILE K 14 -91.33 -63.48 28.98
CA ILE K 14 -90.30 -62.81 29.77
C ILE K 14 -90.84 -61.58 30.50
N CYS K 15 -91.95 -61.02 30.03
CA CYS K 15 -92.54 -59.85 30.63
C CYS K 15 -92.97 -60.13 32.07
N ALA K 16 -92.58 -59.26 32.97
CA ALA K 16 -92.97 -59.37 34.39
C ALA K 16 -94.41 -58.95 34.65
N LYS K 17 -95.09 -58.35 33.68
CA LYS K 17 -96.41 -57.76 33.85
C LYS K 17 -96.39 -56.74 35.00
N CYS K 18 -95.33 -55.90 34.99
CA CYS K 18 -95.17 -54.81 35.95
C CYS K 18 -96.00 -53.58 35.59
N GLY K 19 -96.15 -53.28 34.31
CA GLY K 19 -96.88 -52.10 33.87
C GLY K 19 -96.06 -50.83 33.67
N THR K 20 -94.74 -50.87 33.83
CA THR K 20 -93.95 -49.66 33.70
C THR K 20 -94.04 -49.08 32.27
N CYS K 21 -93.88 -49.94 31.27
CA CYS K 21 -93.85 -49.46 29.89
C CYS K 21 -95.10 -48.68 29.51
N THR K 22 -96.28 -49.09 30.00
CA THR K 22 -97.52 -48.48 29.53
C THR K 22 -97.84 -47.15 30.19
N VAL K 23 -97.05 -46.71 31.17
CA VAL K 23 -97.27 -45.39 31.74
C VAL K 23 -96.39 -44.31 31.14
N VAL K 24 -95.35 -44.66 30.37
CA VAL K 24 -94.37 -43.68 29.92
C VAL K 24 -94.64 -43.15 28.52
N CYS K 25 -95.66 -43.65 27.82
CA CYS K 25 -95.85 -43.29 26.43
C CYS K 25 -96.35 -41.85 26.31
N PRO K 26 -95.62 -40.95 25.65
CA PRO K 26 -96.07 -39.55 25.58
C PRO K 26 -97.24 -39.35 24.64
N ASN K 27 -97.60 -40.35 23.85
CA ASN K 27 -98.76 -40.28 22.98
C ASN K 27 -99.99 -40.99 23.55
N GLY K 28 -99.86 -41.63 24.70
CA GLY K 28 -100.97 -42.31 25.34
C GLY K 28 -101.55 -43.46 24.55
N ILE K 29 -100.74 -44.14 23.73
CA ILE K 29 -101.26 -45.21 22.89
C ILE K 29 -100.94 -46.59 23.45
N LEU K 30 -100.50 -46.63 24.71
CA LEU K 30 -100.22 -47.93 25.40
C LEU K 30 -101.22 -48.07 26.55
N THR K 31 -101.82 -49.25 26.69
CA THR K 31 -102.76 -49.53 27.80
C THR K 31 -102.39 -50.90 28.36
N PHE K 32 -102.61 -51.12 29.66
CA PHE K 32 -102.32 -52.47 30.22
C PHE K 32 -103.64 -53.15 30.59
N GLU K 33 -103.93 -54.29 29.96
CA GLU K 33 -105.14 -55.07 30.32
C GLU K 33 -104.64 -56.35 30.98
N ASP K 34 -104.42 -57.42 30.20
CA ASP K 34 -103.80 -58.63 30.77
C ASP K 34 -102.30 -58.62 30.44
N ARG K 35 -101.90 -57.72 29.53
CA ARG K 35 -100.51 -57.54 29.07
C ARG K 35 -100.39 -56.12 28.49
N PRO K 36 -99.16 -55.59 28.28
CA PRO K 36 -99.00 -54.27 27.69
C PRO K 36 -99.50 -54.40 26.24
N LYS K 37 -100.27 -53.42 25.76
CA LYS K 37 -100.75 -53.54 24.35
C LYS K 37 -100.91 -52.15 23.72
N LEU K 38 -100.68 -52.09 22.42
CA LEU K 38 -100.83 -50.82 21.66
C LEU K 38 -102.30 -50.65 21.26
N THR K 39 -102.84 -49.46 21.46
CA THR K 39 -104.20 -49.14 21.01
C THR K 39 -104.28 -48.55 19.59
N GLU K 40 -103.15 -48.18 18.99
CA GLU K 40 -103.11 -47.71 17.61
C GLU K 40 -101.66 -47.84 17.15
N GLU K 41 -101.43 -47.57 15.87
CA GLU K 41 -100.10 -47.75 15.31
C GLU K 41 -99.09 -46.82 15.98
N CYS K 42 -97.92 -47.36 16.29
CA CYS K 42 -96.80 -46.58 16.77
C CYS K 42 -95.83 -46.35 15.62
N LEU K 43 -95.60 -45.07 15.28
CA LEU K 43 -94.72 -44.76 14.14
C LEU K 43 -93.28 -45.22 14.38
N ARG K 44 -92.87 -45.38 15.63
CA ARG K 44 -91.54 -45.87 15.96
C ARG K 44 -91.47 -47.39 16.04
N LYS K 45 -92.60 -48.07 15.87
CA LYS K 45 -92.68 -49.53 16.05
C LYS K 45 -92.11 -49.96 17.41
N GLY K 46 -92.35 -49.14 18.43
CA GLY K 46 -91.90 -49.46 19.77
C GLY K 46 -90.44 -49.20 20.07
N ASN K 47 -89.73 -48.54 19.15
CA ASN K 47 -88.35 -48.11 19.41
C ASN K 47 -88.42 -46.78 20.15
N GLY K 48 -88.60 -46.87 21.47
CA GLY K 48 -88.76 -45.68 22.26
C GLY K 48 -88.79 -45.99 23.75
N MET K 49 -89.42 -45.07 24.49
CA MET K 49 -89.27 -45.04 25.94
C MET K 49 -89.87 -46.26 26.63
N CYS K 50 -91.00 -46.78 26.13
CA CYS K 50 -91.53 -48.05 26.62
C CYS K 50 -90.44 -49.10 26.70
N PHE K 51 -89.78 -49.37 25.57
CA PHE K 51 -88.71 -50.36 25.52
C PHE K 51 -87.57 -49.99 26.47
N GLU K 52 -87.23 -48.70 26.54
CA GLU K 52 -86.05 -48.28 27.28
C GLU K 52 -86.23 -48.30 28.80
N VAL K 53 -87.47 -48.32 29.30
CA VAL K 53 -87.67 -48.43 30.75
C VAL K 53 -87.92 -49.86 31.20
N CYS K 54 -87.99 -50.81 30.27
CA CYS K 54 -88.39 -52.16 30.64
C CYS K 54 -87.29 -52.85 31.43
N PRO K 55 -87.56 -53.30 32.66
CA PRO K 55 -86.50 -53.96 33.43
C PRO K 55 -86.13 -55.36 32.93
N ARG K 56 -86.88 -55.93 31.98
CA ARG K 56 -86.58 -57.24 31.41
C ARG K 56 -85.80 -57.15 30.11
N VAL K 57 -85.58 -55.93 29.60
CA VAL K 57 -84.60 -55.71 28.54
C VAL K 57 -83.21 -55.56 29.14
N SER K 58 -83.08 -54.69 30.13
CA SER K 58 -81.82 -54.40 30.78
C SER K 58 -82.14 -53.86 32.17
N SER K 59 -81.56 -54.47 33.20
CA SER K 59 -81.88 -54.08 34.58
C SER K 59 -81.41 -52.66 34.90
N GLY K 60 -80.20 -52.32 34.47
CA GLY K 60 -79.55 -51.03 34.78
C GLY K 60 -79.19 -50.94 36.26
N LYS K 61 -79.05 -52.08 36.94
CA LYS K 61 -78.87 -52.12 38.41
C LYS K 61 -77.49 -51.61 38.79
N TYR K 62 -76.46 -51.94 38.02
CA TYR K 62 -75.13 -51.43 38.47
C TYR K 62 -75.08 -49.91 38.48
N GLN K 63 -75.54 -49.26 37.40
CA GLN K 63 -75.47 -47.78 37.34
C GLN K 63 -76.38 -47.15 38.40
N ILE K 64 -77.55 -47.76 38.66
CA ILE K 64 -78.50 -47.21 39.67
C ILE K 64 -77.94 -47.42 41.08
N LYS K 65 -77.45 -48.63 41.39
CA LYS K 65 -76.96 -48.94 42.77
C LYS K 65 -75.77 -48.04 43.16
N ILE K 66 -74.84 -47.76 42.23
CA ILE K 66 -73.68 -46.90 42.60
C ILE K 66 -74.11 -45.48 43.00
N ARG K 67 -75.22 -44.99 42.43
CA ARG K 67 -75.78 -43.65 42.77
C ARG K 67 -76.67 -43.71 44.03
N GLU K 68 -77.49 -44.75 44.19
CA GLU K 68 -78.40 -44.81 45.37
C GLU K 68 -77.59 -45.17 46.62
N LYS K 69 -76.50 -45.92 46.44
CA LYS K 69 -75.63 -46.32 47.54
C LYS K 69 -76.45 -46.93 48.68
N PHE K 70 -77.13 -48.01 48.33
CA PHE K 70 -78.10 -48.62 49.22
C PHE K 70 -77.43 -49.09 50.52
N LYS K 71 -78.12 -48.89 51.62
CA LYS K 71 -77.79 -49.56 52.86
C LYS K 71 -78.74 -50.74 52.98
N GLU K 72 -78.69 -51.44 54.11
CA GLU K 72 -79.56 -52.60 54.27
C GLU K 72 -79.81 -52.87 55.75
N GLU K 73 -80.75 -52.13 56.34
CA GLU K 73 -81.04 -52.20 57.77
C GLU K 73 -82.36 -52.94 57.96
N TYR K 74 -82.34 -54.01 58.78
CA TYR K 74 -83.47 -54.90 58.94
C TYR K 74 -84.22 -54.62 60.23
N TYR K 75 -85.53 -54.42 60.12
CA TYR K 75 -86.39 -54.26 61.29
C TYR K 75 -87.69 -55.02 61.08
N TYR K 76 -88.52 -55.05 62.13
CA TYR K 76 -89.93 -55.37 61.97
C TYR K 76 -90.76 -54.43 62.85
N GLY K 77 -92.06 -54.36 62.54
CA GLY K 77 -92.94 -53.47 63.28
C GLY K 77 -94.36 -53.59 62.79
N LYS K 78 -95.24 -52.83 63.43
CA LYS K 78 -96.64 -52.76 63.02
C LYS K 78 -97.12 -51.33 63.12
N GLY K 79 -98.09 -51.00 62.27
CA GLY K 79 -98.69 -49.68 62.25
C GLY K 79 -99.92 -49.64 63.12
N ASP K 80 -100.80 -48.69 62.82
CA ASP K 80 -102.04 -48.51 63.56
C ASP K 80 -103.28 -48.80 62.70
N VAL K 81 -103.10 -49.47 61.56
CA VAL K 81 -104.22 -49.93 60.76
C VAL K 81 -104.08 -51.43 60.54
N GLU K 82 -105.21 -52.07 60.25
CA GLU K 82 -105.28 -53.49 59.97
C GLU K 82 -104.85 -53.73 58.53
N GLY K 83 -103.63 -54.25 58.34
CA GLY K 83 -103.15 -54.53 56.99
C GLY K 83 -102.99 -56.01 56.73
N GLN K 84 -102.27 -56.34 55.65
CA GLN K 84 -101.96 -57.74 55.35
C GLN K 84 -101.24 -58.40 56.51
N ASP K 85 -100.19 -57.74 57.01
CA ASP K 85 -99.34 -58.22 58.08
C ASP K 85 -99.38 -57.21 59.20
N GLY K 86 -98.43 -56.29 59.25
CA GLY K 86 -98.44 -55.28 60.28
C GLY K 86 -99.13 -53.98 59.95
N GLY K 87 -99.65 -53.84 58.73
CA GLY K 87 -100.18 -52.56 58.31
C GLY K 87 -99.13 -51.48 58.15
N VAL K 88 -97.87 -51.88 57.95
CA VAL K 88 -96.78 -50.91 57.94
C VAL K 88 -96.85 -50.03 56.70
N VAL K 89 -97.12 -50.62 55.53
CA VAL K 89 -97.10 -49.82 54.31
C VAL K 89 -98.16 -48.73 54.40
N THR K 90 -99.41 -49.10 54.72
CA THR K 90 -100.48 -48.11 54.74
C THR K 90 -100.24 -47.07 55.83
N THR K 91 -99.73 -47.48 56.99
CA THR K 91 -99.45 -46.48 58.02
C THR K 91 -98.37 -45.51 57.56
N PHE K 92 -97.30 -46.02 56.94
CA PHE K 92 -96.25 -45.15 56.39
C PHE K 92 -96.83 -44.16 55.38
N LEU K 93 -97.73 -44.62 54.50
CA LEU K 93 -98.30 -43.73 53.49
C LEU K 93 -99.16 -42.65 54.13
N LYS K 94 -99.91 -43.00 55.18
CA LYS K 94 -100.69 -42.00 55.91
C LYS K 94 -99.78 -40.91 56.47
N TYR K 95 -98.63 -41.32 56.99
CA TYR K 95 -97.67 -40.38 57.57
C TYR K 95 -97.10 -39.45 56.51
N LEU K 96 -96.75 -39.98 55.34
CA LEU K 96 -96.21 -39.12 54.28
C LEU K 96 -97.26 -38.13 53.78
N LEU K 97 -98.52 -38.55 53.68
CA LEU K 97 -99.58 -37.65 53.25
C LEU K 97 -99.84 -36.59 54.30
N LYS K 98 -99.94 -37.00 55.57
CA LYS K 98 -100.25 -36.06 56.65
C LYS K 98 -99.14 -35.02 56.81
N ASN K 99 -97.89 -35.41 56.62
CA ASN K 99 -96.76 -34.50 56.77
C ASN K 99 -96.37 -33.82 55.46
N LYS K 100 -97.19 -33.99 54.42
CA LYS K 100 -97.03 -33.26 53.15
C LYS K 100 -95.71 -33.58 52.47
N LYS K 101 -95.20 -34.80 52.65
CA LYS K 101 -94.04 -35.25 51.89
C LYS K 101 -94.42 -35.73 50.49
N ILE K 102 -95.70 -36.05 50.27
CA ILE K 102 -96.20 -36.44 48.94
C ILE K 102 -97.58 -35.83 48.75
N ASP K 103 -97.97 -35.70 47.48
CA ASP K 103 -99.32 -35.27 47.13
C ASP K 103 -100.30 -36.42 46.96
N GLY K 104 -99.82 -37.63 46.71
CA GLY K 104 -100.67 -38.79 46.57
C GLY K 104 -99.83 -40.04 46.62
N ALA K 105 -100.52 -41.17 46.75
CA ALA K 105 -99.87 -42.48 46.72
C ALA K 105 -100.47 -43.33 45.60
N ILE K 106 -99.60 -44.03 44.89
CA ILE K 106 -100.00 -44.98 43.86
C ILE K 106 -100.05 -46.36 44.53
N VAL K 107 -101.28 -46.89 44.67
CA VAL K 107 -101.54 -48.09 45.47
C VAL K 107 -102.56 -48.95 44.72
N VAL K 108 -102.71 -50.19 45.18
CA VAL K 108 -103.56 -51.17 44.52
C VAL K 108 -104.78 -51.45 45.40
N GLY K 109 -105.95 -51.12 44.88
CA GLY K 109 -107.21 -51.56 45.45
C GLY K 109 -107.74 -52.78 44.72
N ASP K 110 -109.00 -53.09 44.97
CA ASP K 110 -109.60 -54.22 44.27
C ASP K 110 -111.11 -54.06 44.21
N GLU K 111 -111.67 -54.59 43.13
CA GLU K 111 -113.10 -54.80 42.96
C GLU K 111 -113.28 -56.31 42.98
N CYS K 112 -113.70 -56.83 44.14
CA CYS K 112 -113.90 -58.25 44.36
C CYS K 112 -112.67 -59.04 43.86
N TRP K 113 -111.51 -58.63 44.35
CA TRP K 113 -110.19 -59.24 44.13
C TRP K 113 -109.60 -59.00 42.75
N LYS K 114 -110.29 -58.30 41.85
CA LYS K 114 -109.64 -57.82 40.62
C LYS K 114 -108.91 -56.53 40.94
N PRO K 115 -107.58 -56.50 40.86
CA PRO K 115 -106.84 -55.31 41.30
C PRO K 115 -107.15 -54.11 40.43
N VAL K 116 -107.03 -52.93 41.04
CA VAL K 116 -107.16 -51.66 40.34
C VAL K 116 -106.07 -50.72 40.85
N SER K 117 -105.33 -50.11 39.93
CA SER K 117 -104.33 -49.11 40.28
C SER K 117 -105.04 -47.81 40.62
N LEU K 118 -104.68 -47.23 41.77
CA LEU K 118 -105.36 -46.05 42.26
C LEU K 118 -104.36 -44.98 42.64
N ILE K 119 -104.76 -43.72 42.44
CA ILE K 119 -104.06 -42.56 42.97
C ILE K 119 -104.94 -42.02 44.11
N VAL K 120 -104.42 -42.11 45.34
CA VAL K 120 -105.14 -41.68 46.53
C VAL K 120 -104.46 -40.44 47.10
N GLN K 121 -105.29 -39.48 47.56
CA GLN K 121 -104.79 -38.23 48.12
C GLN K 121 -105.23 -37.97 49.56
N ASN K 122 -105.91 -38.90 50.20
CA ASN K 122 -106.34 -38.73 51.59
C ASN K 122 -106.38 -40.08 52.27
N GLU K 123 -106.44 -40.05 53.61
CA GLU K 123 -106.43 -41.28 54.44
C GLU K 123 -107.64 -42.18 54.13
N GLU K 124 -108.80 -41.58 53.86
CA GLU K 124 -110.01 -42.38 53.65
C GLU K 124 -109.88 -43.27 52.42
N ASP K 125 -109.45 -42.70 51.30
CA ASP K 125 -109.32 -43.47 50.07
C ASP K 125 -108.20 -44.51 50.20
N LEU K 126 -107.18 -44.22 51.00
CA LEU K 126 -106.07 -45.14 51.22
C LEU K 126 -106.51 -46.39 51.96
N MET K 127 -107.50 -46.28 52.84
CA MET K 127 -107.91 -47.41 53.66
C MET K 127 -108.54 -48.53 52.83
N ASN K 128 -108.95 -48.25 51.60
CA ASN K 128 -109.50 -49.28 50.72
C ASN K 128 -108.43 -50.11 50.03
N THR K 129 -107.15 -49.84 50.30
CA THR K 129 -106.06 -50.46 49.56
C THR K 129 -105.17 -51.33 50.44
N THR K 130 -105.54 -51.56 51.69
CA THR K 130 -104.80 -52.51 52.51
C THR K 130 -104.93 -53.91 51.92
N LYS K 131 -104.09 -54.82 52.45
CA LYS K 131 -104.00 -56.26 52.11
C LYS K 131 -103.34 -56.53 50.75
N SER K 132 -102.81 -57.73 50.64
CA SER K 132 -102.17 -58.14 49.40
C SER K 132 -103.20 -58.66 48.39
N LYS K 133 -103.04 -58.26 47.14
CA LYS K 133 -103.77 -58.82 46.00
C LYS K 133 -102.75 -59.62 45.19
N TYR K 134 -102.90 -60.95 45.15
CA TYR K 134 -101.84 -61.79 44.60
C TYR K 134 -102.00 -62.07 43.10
N THR K 135 -102.61 -61.15 42.35
CA THR K 135 -102.75 -61.29 40.92
C THR K 135 -102.20 -60.05 40.24
N VAL K 136 -102.09 -60.12 38.91
CA VAL K 136 -101.47 -59.07 38.11
C VAL K 136 -102.08 -57.72 38.44
N SER K 137 -101.22 -56.75 38.73
CA SER K 137 -101.53 -55.37 39.06
C SER K 137 -100.84 -54.45 38.05
N THR K 138 -101.36 -53.25 37.86
CA THR K 138 -100.73 -52.29 36.97
C THR K 138 -100.24 -51.07 37.74
N LEU K 139 -99.65 -50.12 37.00
CA LEU K 139 -99.26 -48.81 37.52
C LEU K 139 -100.04 -47.68 36.87
N GLU K 140 -101.22 -47.97 36.31
CA GLU K 140 -101.87 -47.03 35.41
C GLU K 140 -102.25 -45.74 36.12
N ALA K 141 -102.44 -45.77 37.45
CA ALA K 141 -102.81 -44.55 38.14
C ALA K 141 -101.69 -43.50 38.07
N LEU K 142 -100.45 -43.91 37.78
CA LEU K 142 -99.40 -42.93 37.55
C LEU K 142 -99.77 -41.97 36.43
N LYS K 143 -100.40 -42.49 35.37
CA LYS K 143 -100.82 -41.60 34.27
C LYS K 143 -101.88 -40.62 34.74
N THR K 144 -102.83 -41.09 35.55
CA THR K 144 -103.86 -40.22 36.09
C THR K 144 -103.26 -39.13 36.96
N ALA K 145 -102.33 -39.51 37.85
CA ALA K 145 -101.64 -38.53 38.68
C ALA K 145 -100.96 -37.47 37.83
N GLY K 146 -100.36 -37.86 36.70
CA GLY K 146 -99.74 -36.89 35.82
C GLY K 146 -100.76 -35.96 35.18
N GLU K 147 -101.89 -36.50 34.74
CA GLU K 147 -102.94 -35.67 34.18
C GLU K 147 -103.48 -34.68 35.21
N MET K 148 -103.57 -35.12 36.47
CA MET K 148 -103.99 -34.22 37.54
C MET K 148 -102.92 -33.19 37.89
N GLY K 149 -101.70 -33.37 37.41
CA GLY K 149 -100.63 -32.45 37.74
C GLY K 149 -100.07 -32.58 39.15
N LEU K 150 -100.24 -33.74 39.79
CA LEU K 150 -99.67 -33.91 41.12
C LEU K 150 -98.15 -33.87 41.04
N GLU K 151 -97.52 -33.17 42.00
CA GLU K 151 -96.09 -32.91 41.91
C GLU K 151 -95.27 -34.12 42.33
N LYS K 152 -95.61 -34.73 43.46
CA LYS K 152 -94.83 -35.79 44.05
C LYS K 152 -95.76 -36.91 44.52
N VAL K 153 -95.35 -38.15 44.31
CA VAL K 153 -96.10 -39.30 44.81
C VAL K 153 -95.16 -40.33 45.43
N ALA K 154 -95.75 -41.18 46.28
CA ALA K 154 -95.17 -42.44 46.68
C ALA K 154 -95.81 -43.55 45.85
N VAL K 155 -95.03 -44.55 45.49
CA VAL K 155 -95.54 -45.71 44.76
C VAL K 155 -95.17 -46.96 45.54
N VAL K 156 -96.15 -47.83 45.74
CA VAL K 156 -95.95 -49.18 46.26
C VAL K 156 -95.87 -50.12 45.07
N GLY K 157 -94.85 -50.97 45.06
CA GLY K 157 -94.62 -51.85 43.92
C GLY K 157 -94.03 -53.18 44.31
N LEU K 158 -94.36 -54.20 43.52
CA LEU K 158 -93.62 -55.45 43.56
C LEU K 158 -92.20 -55.20 43.05
N PRO K 159 -91.27 -56.13 43.30
CA PRO K 159 -89.88 -55.92 42.84
C PRO K 159 -89.76 -55.51 41.37
N CYS K 160 -90.50 -56.18 40.48
CA CYS K 160 -90.42 -55.84 39.06
C CYS K 160 -90.90 -54.42 38.78
N GLN K 161 -91.90 -53.94 39.53
CA GLN K 161 -92.37 -52.57 39.37
C GLN K 161 -91.37 -51.56 39.93
N ILE K 162 -90.78 -51.85 41.09
CA ILE K 162 -89.71 -51.02 41.61
C ILE K 162 -88.59 -50.91 40.59
N ASN K 163 -88.22 -52.03 39.95
CA ASN K 163 -87.10 -52.02 39.02
C ASN K 163 -87.41 -51.18 37.78
N GLY K 164 -88.63 -51.29 37.26
CA GLY K 164 -89.02 -50.45 36.14
C GLY K 164 -89.03 -48.98 36.49
N LEU K 165 -89.56 -48.64 37.68
CA LEU K 165 -89.66 -47.23 38.04
C LEU K 165 -88.30 -46.65 38.42
N ARG K 166 -87.36 -47.47 38.89
CA ARG K 166 -85.99 -46.98 39.05
C ARG K 166 -85.35 -46.64 37.71
N LYS K 167 -85.63 -47.45 36.67
CA LYS K 167 -85.14 -47.11 35.33
C LYS K 167 -85.76 -45.79 34.85
N LEU K 168 -87.05 -45.58 35.14
CA LEU K 168 -87.69 -44.30 34.81
C LEU K 168 -87.00 -43.15 35.54
N GLN K 169 -86.74 -43.31 36.84
CA GLN K 169 -86.07 -42.23 37.58
C GLN K 169 -84.70 -41.91 36.97
N TYR K 170 -83.97 -42.94 36.55
CA TYR K 170 -82.60 -42.80 36.07
C TYR K 170 -82.52 -42.84 34.56
N PHE K 171 -83.61 -42.48 33.91
CA PHE K 171 -83.74 -42.65 32.46
C PHE K 171 -82.59 -42.02 31.69
N GLN K 172 -82.23 -40.78 32.02
CA GLN K 172 -81.20 -40.12 31.22
C GLN K 172 -79.88 -40.87 31.28
N TYR K 173 -79.60 -41.53 32.41
CA TYR K 173 -78.36 -42.29 32.56
C TYR K 173 -78.40 -43.59 31.77
N LEU K 174 -79.56 -44.24 31.72
CA LEU K 174 -79.63 -45.55 31.08
C LEU K 174 -79.94 -45.45 29.59
N ALA K 175 -80.87 -44.57 29.22
CA ALA K 175 -81.25 -44.40 27.82
C ALA K 175 -80.33 -43.43 27.08
N LYS K 176 -79.61 -42.57 27.80
CA LYS K 176 -78.63 -41.62 27.28
C LYS K 176 -79.26 -40.49 26.50
N HIS K 177 -80.53 -40.20 26.78
CA HIS K 177 -81.23 -39.07 26.18
C HIS K 177 -82.42 -38.73 27.07
N ASP K 178 -83.06 -37.60 26.76
CA ASP K 178 -84.23 -37.14 27.48
C ASP K 178 -85.45 -38.01 27.14
N GLY K 179 -86.45 -37.98 28.04
CA GLY K 179 -87.69 -38.68 27.79
C GLY K 179 -88.28 -38.40 26.43
N GLU K 180 -88.86 -39.44 25.85
CA GLU K 180 -89.40 -39.37 24.47
C GLU K 180 -90.46 -38.27 24.34
N LEU K 181 -90.33 -37.47 23.27
CA LEU K 181 -91.31 -36.46 22.95
C LEU K 181 -92.45 -37.06 22.15
N GLY K 182 -93.68 -36.70 22.52
CA GLY K 182 -94.85 -37.09 21.78
C GLY K 182 -95.04 -36.26 20.52
N LYS K 183 -96.12 -36.57 19.82
CA LYS K 183 -96.43 -35.86 18.59
C LYS K 183 -96.56 -34.36 18.83
N ASN K 184 -97.01 -33.95 20.01
CA ASN K 184 -97.13 -32.54 20.35
C ASN K 184 -95.81 -31.92 20.79
N GLY K 185 -94.70 -32.64 20.70
CA GLY K 185 -93.41 -32.10 21.06
C GLY K 185 -93.07 -32.14 22.54
N LYS K 186 -93.94 -32.72 23.37
CA LYS K 186 -93.72 -32.71 24.80
C LYS K 186 -93.65 -34.12 25.36
N PRO K 187 -92.88 -34.32 26.45
CA PRO K 187 -92.78 -35.66 27.05
C PRO K 187 -94.02 -35.98 27.86
N VAL K 188 -94.08 -37.25 28.31
CA VAL K 188 -95.20 -37.71 29.10
C VAL K 188 -95.32 -36.91 30.38
N LYS K 189 -96.56 -36.70 30.82
CA LYS K 189 -96.87 -36.02 32.07
C LYS K 189 -96.92 -37.06 33.18
N LEU K 190 -95.96 -37.00 34.09
CA LEU K 190 -95.91 -37.92 35.21
C LEU K 190 -95.45 -37.19 36.46
N PRO K 191 -95.97 -37.56 37.63
CA PRO K 191 -95.48 -36.98 38.88
C PRO K 191 -94.05 -37.41 39.17
N LYS K 192 -93.39 -36.63 40.02
CA LYS K 192 -92.11 -37.07 40.57
C LYS K 192 -92.36 -38.24 41.51
N ILE K 193 -91.63 -39.34 41.29
CA ILE K 193 -91.72 -40.50 42.18
C ILE K 193 -90.72 -40.26 43.30
N GLU K 194 -91.24 -39.84 44.45
CA GLU K 194 -90.46 -39.39 45.60
C GLU K 194 -90.10 -40.53 46.55
N TYR K 195 -90.95 -41.56 46.64
CA TYR K 195 -90.67 -42.72 47.47
C TYR K 195 -91.04 -43.98 46.68
N LEU K 196 -90.17 -44.99 46.73
CA LEU K 196 -90.47 -46.31 46.18
C LEU K 196 -90.52 -47.29 47.34
N ILE K 197 -91.72 -47.80 47.61
CA ILE K 197 -91.97 -48.75 48.69
C ILE K 197 -92.16 -50.12 48.03
N GLY K 198 -91.19 -51.00 48.23
CA GLY K 198 -91.19 -52.29 47.60
C GLY K 198 -91.81 -53.36 48.48
N LEU K 199 -92.45 -54.32 47.85
CA LEU K 199 -92.96 -55.50 48.54
C LEU K 199 -92.07 -56.70 48.26
N LEU K 200 -91.81 -57.52 49.28
CA LEU K 200 -91.25 -58.84 49.04
C LEU K 200 -92.23 -59.64 48.19
N CYS K 201 -91.68 -60.50 47.32
CA CYS K 201 -92.54 -61.20 46.37
C CYS K 201 -91.88 -62.48 45.88
N THR K 202 -92.60 -63.60 45.99
CA THR K 202 -92.13 -64.83 45.37
C THR K 202 -92.83 -65.14 44.06
N GLU K 203 -94.03 -64.60 43.84
CA GLU K 203 -94.78 -64.85 42.61
C GLU K 203 -96.13 -64.15 42.72
N LYS K 204 -96.75 -63.93 41.54
CA LYS K 204 -98.13 -63.52 41.44
C LYS K 204 -98.82 -64.45 40.45
N PHE K 205 -100.16 -64.42 40.45
CA PHE K 205 -100.97 -65.28 39.62
C PHE K 205 -101.79 -64.49 38.61
N GLU K 206 -102.19 -65.16 37.54
CA GLU K 206 -103.26 -64.65 36.70
C GLU K 206 -104.56 -64.78 37.46
N TYR K 207 -105.42 -63.75 37.39
CA TYR K 207 -106.68 -63.79 38.13
C TYR K 207 -107.54 -65.00 37.75
N ASP K 208 -107.71 -65.25 36.44
CA ASP K 208 -108.53 -66.38 36.03
C ASP K 208 -107.96 -67.69 36.55
N GLU K 209 -106.64 -67.82 36.57
CA GLU K 209 -106.00 -69.03 37.06
C GLU K 209 -106.22 -69.23 38.54
N LEU K 210 -106.09 -68.16 39.32
CA LEU K 210 -106.35 -68.27 40.75
C LEU K 210 -107.80 -68.61 41.02
N LYS K 211 -108.72 -67.98 40.29
CA LYS K 211 -110.14 -68.28 40.49
C LYS K 211 -110.43 -69.75 40.21
N GLU K 212 -109.82 -70.30 39.15
CA GLU K 212 -110.09 -71.70 38.80
C GLU K 212 -109.47 -72.65 39.81
N THR K 213 -108.27 -72.33 40.29
CA THR K 213 -107.62 -73.12 41.34
C THR K 213 -108.49 -73.21 42.57
N LEU K 214 -109.09 -72.09 42.98
CA LEU K 214 -109.94 -72.09 44.16
C LEU K 214 -111.22 -72.88 43.90
N ALA K 215 -111.75 -72.80 42.68
CA ALA K 215 -112.97 -73.55 42.34
C ALA K 215 -112.77 -75.05 42.45
N LYS K 216 -111.55 -75.54 42.16
CA LYS K 216 -111.27 -76.97 42.33
C LYS K 216 -111.44 -77.41 43.78
N TYR K 217 -111.27 -76.49 44.74
CA TYR K 217 -111.47 -76.77 46.15
C TYR K 217 -112.84 -76.28 46.62
N ASN K 218 -113.73 -75.98 45.68
CA ASN K 218 -115.08 -75.51 45.97
C ASN K 218 -115.05 -74.24 46.80
N ILE K 219 -114.12 -73.35 46.46
CA ILE K 219 -114.03 -72.02 47.05
C ILE K 219 -114.40 -71.01 45.97
N ASN K 220 -115.40 -70.20 46.26
CA ASN K 220 -115.79 -69.09 45.40
C ASN K 220 -114.90 -67.89 45.72
N MET K 221 -114.02 -67.54 44.78
CA MET K 221 -113.09 -66.43 45.00
C MET K 221 -113.83 -65.17 45.41
N ASP K 222 -115.02 -64.95 44.85
CA ASP K 222 -115.78 -63.75 45.18
C ASP K 222 -116.02 -63.61 46.68
N ASP K 223 -116.05 -64.72 47.42
CA ASP K 223 -116.36 -64.70 48.85
C ASP K 223 -115.13 -64.72 49.75
N VAL K 224 -113.92 -64.71 49.20
CA VAL K 224 -112.73 -64.79 50.03
C VAL K 224 -112.54 -63.49 50.81
N GLU K 225 -112.20 -63.61 52.08
CA GLU K 225 -111.96 -62.45 52.92
C GLU K 225 -110.51 -61.97 52.87
N LYS K 226 -109.56 -62.90 52.71
CA LYS K 226 -108.15 -62.57 52.77
C LYS K 226 -107.36 -63.70 52.14
N PHE K 227 -106.31 -63.34 51.43
CA PHE K 227 -105.31 -64.27 50.92
C PHE K 227 -104.00 -64.05 51.65
N ASP K 228 -103.14 -65.07 51.64
CA ASP K 228 -101.81 -64.92 52.22
C ASP K 228 -100.91 -65.98 51.60
N ILE K 229 -99.63 -65.64 51.46
CA ILE K 229 -98.60 -66.61 51.07
C ILE K 229 -97.62 -66.72 52.24
N LYS K 230 -97.54 -67.91 52.82
CA LYS K 230 -96.72 -68.18 54.00
C LYS K 230 -96.17 -69.60 53.93
N LYS K 231 -94.86 -69.73 54.16
CA LYS K 231 -94.16 -71.03 54.28
C LYS K 231 -94.59 -72.05 53.21
N GLY K 232 -94.65 -71.61 51.96
CA GLY K 232 -94.84 -72.52 50.84
C GLY K 232 -96.28 -72.83 50.53
N LYS K 233 -97.22 -72.12 51.12
CA LYS K 233 -98.64 -72.37 50.94
C LYS K 233 -99.35 -71.08 50.58
N LEU K 234 -100.40 -71.21 49.76
CA LEU K 234 -101.39 -70.16 49.62
C LEU K 234 -102.44 -70.38 50.69
N LEU K 235 -102.66 -69.37 51.53
CA LEU K 235 -103.68 -69.42 52.58
C LEU K 235 -104.90 -68.64 52.13
N VAL K 236 -106.07 -69.25 52.24
CA VAL K 236 -107.33 -68.66 51.76
C VAL K 236 -108.30 -68.61 52.92
N TYR K 237 -108.75 -67.41 53.27
CA TYR K 237 -109.66 -67.21 54.39
C TYR K 237 -111.04 -66.90 53.82
N VAL K 238 -111.99 -67.78 54.10
CA VAL K 238 -113.33 -67.67 53.54
C VAL K 238 -114.31 -68.36 54.49
N ASN K 239 -115.46 -67.73 54.69
CA ASN K 239 -116.48 -68.25 55.59
C ASN K 239 -115.90 -68.57 56.96
N GLY K 240 -114.98 -67.73 57.43
CA GLY K 240 -114.36 -67.95 58.72
C GLY K 240 -113.52 -69.21 58.84
N GLU K 241 -112.98 -69.70 57.73
CA GLU K 241 -112.16 -70.89 57.69
C GLU K 241 -110.85 -70.54 57.02
N GLU K 242 -109.79 -71.27 57.36
CA GLU K 242 -108.49 -71.12 56.71
C GLU K 242 -108.23 -72.36 55.87
N HIS K 243 -108.04 -72.17 54.57
CA HIS K 243 -107.69 -73.25 53.66
C HIS K 243 -106.26 -73.05 53.20
N LYS K 244 -105.51 -74.16 53.08
CA LYS K 244 -104.13 -74.14 52.65
C LYS K 244 -104.02 -74.91 51.34
N ILE K 245 -103.31 -74.31 50.36
CA ILE K 245 -103.07 -74.92 49.07
C ILE K 245 -101.57 -74.86 48.79
N PRO K 246 -100.89 -76.00 48.62
CA PRO K 246 -99.44 -75.92 48.34
C PRO K 246 -99.17 -75.10 47.09
N LEU K 247 -98.15 -74.24 47.17
CA LEU K 247 -97.89 -73.35 46.04
C LEU K 247 -97.45 -74.11 44.80
N LYS K 248 -96.94 -75.32 45.01
CA LYS K 248 -96.46 -76.18 43.89
C LYS K 248 -97.65 -76.56 43.01
N GLU K 249 -98.87 -76.48 43.51
CA GLU K 249 -100.02 -76.92 42.69
C GLU K 249 -100.68 -75.74 41.95
N ILE K 250 -100.11 -74.55 42.06
CA ILE K 250 -100.73 -73.38 41.41
C ILE K 250 -99.79 -72.84 40.34
N GLU K 251 -100.36 -72.58 39.16
CA GLU K 251 -99.59 -72.00 38.03
C GLU K 251 -99.42 -70.49 38.29
N LEU K 252 -98.18 -70.01 38.32
CA LEU K 252 -97.91 -68.57 38.56
C LEU K 252 -97.78 -67.84 37.23
N SER K 253 -97.83 -66.50 37.25
CA SER K 253 -97.66 -65.69 36.03
C SER K 253 -96.32 -66.09 35.38
N ALA K 254 -96.33 -66.32 34.06
CA ALA K 254 -95.15 -66.91 33.41
C ALA K 254 -93.88 -66.08 33.63
N GLY K 255 -93.98 -64.75 33.53
CA GLY K 255 -92.80 -63.91 33.73
C GLY K 255 -92.15 -64.04 35.10
N CYS K 256 -92.88 -64.52 36.11
CA CYS K 256 -92.27 -64.71 37.42
C CYS K 256 -91.16 -65.76 37.37
N LYS K 257 -91.23 -66.69 36.42
CA LYS K 257 -90.19 -67.69 36.32
C LYS K 257 -88.85 -67.09 35.88
N MET K 258 -88.89 -65.92 35.24
CA MET K 258 -87.71 -65.23 34.76
C MET K 258 -87.23 -64.14 35.73
N CYS K 259 -87.71 -64.16 36.97
CA CYS K 259 -87.45 -63.10 37.94
C CYS K 259 -86.35 -63.49 38.91
N ARG K 260 -85.55 -62.50 39.31
CA ARG K 260 -84.43 -62.73 40.18
C ARG K 260 -84.55 -62.06 41.54
N ASP K 261 -85.46 -61.10 41.69
CA ASP K 261 -85.46 -60.12 42.78
C ASP K 261 -86.60 -60.45 43.75
N PHE K 262 -86.24 -61.01 44.90
CA PHE K 262 -87.25 -61.40 45.88
C PHE K 262 -87.63 -60.24 46.79
N ASP K 263 -86.66 -59.47 47.28
CA ASP K 263 -86.90 -58.52 48.36
C ASP K 263 -86.98 -57.07 47.88
N ALA K 264 -87.24 -56.85 46.59
CA ALA K 264 -87.35 -55.52 46.01
C ALA K 264 -86.12 -54.70 46.38
N GLU K 265 -84.96 -55.20 45.94
CA GLU K 265 -83.67 -54.75 46.45
C GLU K 265 -83.33 -53.31 46.08
N MET K 266 -84.12 -52.70 45.19
CA MET K 266 -83.83 -51.30 44.77
C MET K 266 -84.83 -50.33 45.39
N ALA K 267 -85.72 -50.80 46.25
CA ALA K 267 -86.67 -49.88 46.85
C ALA K 267 -86.00 -49.00 47.91
N ASP K 268 -86.66 -47.87 48.21
CA ASP K 268 -86.23 -47.07 49.35
C ASP K 268 -86.42 -47.82 50.65
N VAL K 269 -87.52 -48.55 50.77
CA VAL K 269 -87.79 -49.44 51.89
C VAL K 269 -88.59 -50.61 51.32
N SER K 270 -88.26 -51.82 51.76
CA SER K 270 -88.97 -53.02 51.33
C SER K 270 -89.71 -53.61 52.52
N VAL K 271 -90.93 -54.09 52.27
CA VAL K 271 -91.81 -54.58 53.32
C VAL K 271 -92.37 -55.94 52.93
N GLY K 272 -92.37 -56.86 53.88
CA GLY K 272 -92.92 -58.18 53.67
C GLY K 272 -93.30 -58.83 54.99
N CYS K 273 -93.55 -60.13 54.91
CA CYS K 273 -93.85 -60.90 56.13
C CYS K 273 -92.75 -61.86 56.53
N VAL K 274 -91.89 -62.27 55.59
CA VAL K 274 -90.87 -63.28 55.92
C VAL K 274 -89.91 -62.70 56.94
N GLY K 275 -89.61 -63.49 57.96
CA GLY K 275 -88.59 -63.15 58.93
C GLY K 275 -89.06 -62.36 60.13
N SER K 276 -90.36 -62.12 60.26
CA SER K 276 -90.90 -61.32 61.35
C SER K 276 -92.08 -62.07 61.96
N PRO K 277 -92.39 -61.82 63.23
CA PRO K 277 -93.53 -62.52 63.85
C PRO K 277 -94.85 -62.18 63.18
N ASP K 278 -95.80 -63.12 63.26
CA ASP K 278 -97.13 -62.90 62.72
C ASP K 278 -97.71 -61.59 63.26
N GLY K 279 -98.38 -60.85 62.40
CA GLY K 279 -98.97 -59.59 62.79
C GLY K 279 -98.04 -58.40 62.72
N TYR K 280 -96.78 -58.62 62.38
CA TYR K 280 -95.83 -57.56 62.10
C TYR K 280 -95.39 -57.69 60.65
N SER K 281 -94.86 -56.58 60.11
CA SER K 281 -94.21 -56.60 58.81
C SER K 281 -92.70 -56.46 58.98
N THR K 282 -91.97 -57.24 58.19
CA THR K 282 -90.55 -57.04 57.99
C THR K 282 -90.34 -55.74 57.22
N VAL K 283 -89.33 -54.97 57.63
CA VAL K 283 -89.03 -53.68 57.04
C VAL K 283 -87.52 -53.64 56.74
N ILE K 284 -87.17 -53.50 55.47
CA ILE K 284 -85.78 -53.40 55.06
C ILE K 284 -85.54 -51.98 54.56
N ILE K 285 -84.81 -51.19 55.33
CA ILE K 285 -84.53 -49.79 54.97
C ILE K 285 -83.24 -49.74 54.17
N ARG K 286 -83.28 -49.11 52.99
CA ARG K 286 -82.12 -49.08 52.10
C ARG K 286 -81.64 -47.68 51.72
N THR K 287 -82.46 -46.65 51.85
CA THR K 287 -82.05 -45.29 51.51
C THR K 287 -82.55 -44.32 52.57
N GLU K 288 -82.13 -43.07 52.44
CA GLU K 288 -82.56 -42.03 53.37
C GLU K 288 -84.04 -41.72 53.21
N LYS K 289 -84.57 -41.81 51.98
CA LYS K 289 -86.03 -41.73 51.81
C LYS K 289 -86.73 -42.81 52.62
N GLY K 290 -86.20 -44.03 52.57
CA GLY K 290 -86.77 -45.11 53.36
C GLY K 290 -86.59 -44.93 54.85
N GLU K 291 -85.52 -44.23 55.26
CA GLU K 291 -85.28 -43.98 56.67
C GLU K 291 -86.44 -43.24 57.32
N GLU K 292 -87.23 -42.52 56.53
CA GLU K 292 -88.32 -41.73 57.09
C GLU K 292 -89.38 -42.62 57.72
N ILE K 293 -89.40 -43.91 57.40
CA ILE K 293 -90.38 -44.81 58.00
C ILE K 293 -90.15 -44.94 59.51
N LYS K 294 -88.93 -44.68 59.98
CA LYS K 294 -88.68 -44.75 61.41
C LYS K 294 -89.55 -43.77 62.18
N ASN K 295 -89.92 -42.66 61.54
CA ASN K 295 -90.80 -41.70 62.19
C ASN K 295 -92.27 -42.13 62.19
N ALA K 296 -92.63 -43.11 61.36
CA ALA K 296 -94.02 -43.53 61.25
C ALA K 296 -94.31 -44.82 61.99
N ILE K 297 -93.29 -45.64 62.25
CA ILE K 297 -93.44 -46.96 62.82
C ILE K 297 -92.46 -47.11 63.97
N GLU K 298 -92.93 -47.69 65.08
CA GLU K 298 -92.06 -48.07 66.19
C GLU K 298 -91.38 -49.38 65.83
N LEU K 299 -90.16 -49.31 65.31
CA LEU K 299 -89.49 -50.49 64.76
C LEU K 299 -88.72 -51.26 65.82
N LYS K 300 -88.66 -52.57 65.62
CA LYS K 300 -87.93 -53.49 66.48
C LYS K 300 -86.84 -54.19 65.67
N GLU K 301 -85.78 -54.60 66.35
CA GLU K 301 -84.74 -55.43 65.76
C GLU K 301 -85.01 -56.89 66.11
N GLY K 302 -84.43 -57.78 65.31
CA GLY K 302 -84.59 -59.21 65.55
C GLY K 302 -85.15 -59.99 64.38
N VAL K 303 -84.93 -59.50 63.16
CA VAL K 303 -85.41 -60.18 61.98
C VAL K 303 -84.64 -61.46 61.74
N ASN K 304 -85.35 -62.49 61.29
CA ASN K 304 -84.72 -63.75 60.84
C ASN K 304 -84.20 -63.52 59.43
N LEU K 305 -82.92 -63.11 59.34
CA LEU K 305 -82.34 -62.80 58.04
C LEU K 305 -82.20 -64.04 57.18
N GLU K 306 -82.00 -65.20 57.80
CA GLU K 306 -81.83 -66.42 57.02
C GLU K 306 -83.11 -66.80 56.29
N ALA K 307 -84.27 -66.53 56.91
CA ALA K 307 -85.55 -66.82 56.26
C ALA K 307 -85.70 -66.03 54.96
N ILE K 308 -85.21 -64.79 54.95
CA ILE K 308 -85.26 -63.96 53.75
C ILE K 308 -84.26 -64.48 52.72
N GLU K 309 -83.04 -64.78 53.16
CA GLU K 309 -82.00 -65.27 52.26
C GLU K 309 -82.39 -66.59 51.62
N LYS K 310 -83.13 -67.42 52.35
CA LYS K 310 -83.57 -68.72 51.79
C LYS K 310 -84.42 -68.46 50.54
N LEU K 311 -85.29 -67.45 50.61
CA LEU K 311 -86.17 -67.17 49.49
C LEU K 311 -85.43 -66.47 48.35
N ARG K 312 -84.45 -65.62 48.65
CA ARG K 312 -83.59 -65.10 47.58
C ARG K 312 -82.97 -66.25 46.79
N ASP K 313 -82.50 -67.28 47.49
CA ASP K 313 -81.82 -68.38 46.83
C ASP K 313 -82.81 -69.27 46.07
N LEU K 314 -83.99 -69.54 46.66
CA LEU K 314 -85.00 -70.31 45.95
C LEU K 314 -85.42 -69.63 44.65
N LYS K 315 -85.64 -68.32 44.69
CA LYS K 315 -86.04 -67.58 43.49
C LYS K 315 -84.95 -67.59 42.44
N LEU K 316 -83.70 -67.42 42.88
CA LEU K 316 -82.58 -67.44 41.93
C LEU K 316 -82.45 -68.81 41.29
N ASN K 317 -82.74 -69.86 42.07
CA ASN K 317 -82.64 -71.24 41.53
C ASN K 317 -83.76 -71.46 40.50
N ARG K 318 -84.96 -70.92 40.77
CA ARG K 318 -86.07 -71.04 39.84
C ARG K 318 -85.75 -70.33 38.52
N PHE K 319 -85.14 -69.15 38.62
CA PHE K 319 -84.72 -68.40 37.45
C PHE K 319 -83.66 -69.14 36.65
N LYS K 320 -82.67 -69.73 37.32
CA LYS K 320 -81.61 -70.44 36.60
C LYS K 320 -82.17 -71.67 35.89
N LYS K 321 -83.12 -72.36 36.52
CA LYS K 321 -83.75 -73.52 35.89
C LYS K 321 -84.53 -73.11 34.66
N GLU K 322 -85.24 -71.98 34.72
CA GLU K 322 -86.00 -71.51 33.57
C GLU K 322 -85.07 -71.06 32.45
N VAL K 323 -83.96 -70.38 32.77
CA VAL K 323 -83.02 -69.95 31.73
C VAL K 323 -82.38 -71.17 31.07
N GLU K 324 -82.02 -72.16 31.90
CA GLU K 324 -81.38 -73.40 31.36
C GLU K 324 -82.39 -74.12 30.45
N ARG K 325 -83.68 -74.09 30.81
CA ARG K 325 -84.70 -74.73 29.98
C ARG K 325 -84.83 -74.04 28.64
N ARG K 326 -84.93 -72.70 28.66
CA ARG K 326 -84.99 -71.93 27.43
C ARG K 326 -83.77 -72.20 26.54
N LYS K 327 -82.58 -72.25 27.14
CA LYS K 327 -81.38 -72.58 26.37
C LYS K 327 -81.52 -73.93 25.69
N ALA K 328 -82.02 -74.92 26.42
CA ALA K 328 -82.12 -76.26 25.86
C ALA K 328 -83.20 -76.36 24.78
N GLU K 329 -84.23 -75.52 24.86
CA GLU K 329 -85.34 -75.59 23.90
C GLU K 329 -85.27 -74.51 22.82
N ASP K 330 -84.18 -73.77 22.75
CA ASP K 330 -84.00 -72.71 21.75
C ASP K 330 -85.09 -71.65 21.85
N GLU K 331 -85.47 -71.31 23.07
CA GLU K 331 -86.43 -70.25 23.28
C GLU K 331 -85.70 -68.93 23.55
N LYS K 332 -86.43 -67.84 23.42
CA LYS K 332 -85.87 -66.51 23.60
C LYS K 332 -85.42 -66.30 25.05
N VAL K 333 -84.23 -65.76 25.23
CA VAL K 333 -83.77 -65.27 26.52
C VAL K 333 -83.30 -63.83 26.35
N SER K 334 -83.79 -62.94 27.21
CA SER K 334 -83.29 -61.58 27.30
C SER K 334 -82.33 -61.55 28.48
N PHE K 335 -81.05 -61.26 28.22
CA PHE K 335 -80.01 -61.30 29.26
C PHE K 335 -79.98 -59.98 30.04
N TYR K 336 -81.10 -59.68 30.68
CA TYR K 336 -81.25 -58.35 31.25
C TYR K 336 -80.35 -58.13 32.46
N TRP K 337 -79.91 -59.19 33.12
CA TRP K 337 -79.10 -59.09 34.34
C TRP K 337 -77.62 -58.83 34.05
N THR K 338 -77.19 -58.79 32.78
CA THR K 338 -75.80 -58.41 32.51
C THR K 338 -75.52 -57.01 33.06
N ALA K 339 -76.51 -56.12 33.03
CA ALA K 339 -76.35 -54.76 33.54
C ALA K 339 -76.30 -54.69 35.05
N ASP K 340 -76.43 -55.84 35.74
CA ASP K 340 -76.16 -55.86 37.17
C ASP K 340 -74.68 -55.64 37.47
N TYR K 341 -73.80 -55.81 36.48
CA TYR K 341 -72.36 -55.89 36.72
C TYR K 341 -71.59 -54.82 35.94
N GLY K 342 -70.59 -54.24 36.59
CA GLY K 342 -69.71 -53.32 35.91
C GLY K 342 -68.81 -54.02 34.91
N GLY K 343 -68.40 -53.28 33.90
CA GLY K 343 -67.43 -53.79 32.95
C GLY K 343 -67.99 -54.67 31.87
N VAL K 344 -69.31 -54.80 31.76
CA VAL K 344 -69.92 -55.67 30.76
C VAL K 344 -70.48 -54.84 29.63
N GLY K 345 -70.09 -55.17 28.42
CA GLY K 345 -70.60 -54.50 27.23
C GLY K 345 -71.05 -55.51 26.20
N LYS K 346 -72.01 -55.10 25.40
CA LYS K 346 -72.55 -55.96 24.36
C LYS K 346 -71.83 -55.69 23.04
N ARG K 347 -71.31 -56.76 22.43
CA ARG K 347 -70.64 -56.71 21.14
C ARG K 347 -71.67 -56.60 20.01
N ALA K 348 -71.14 -56.34 18.81
CA ALA K 348 -72.00 -56.20 17.62
C ALA K 348 -72.74 -57.49 17.30
N ASP K 349 -72.20 -58.64 17.70
CA ASP K 349 -72.78 -59.92 17.32
C ASP K 349 -73.64 -60.54 18.42
N GLY K 350 -73.98 -59.79 19.47
CA GLY K 350 -74.86 -60.32 20.47
C GLY K 350 -74.19 -61.10 21.59
N THR K 351 -72.89 -61.35 21.49
CA THR K 351 -72.14 -61.84 22.63
C THR K 351 -71.64 -60.61 23.39
N TYR K 352 -70.89 -60.84 24.45
CA TYR K 352 -70.48 -59.76 25.34
C TYR K 352 -68.97 -59.74 25.49
N PHE K 353 -68.47 -58.57 25.89
CA PHE K 353 -67.10 -58.39 26.34
C PHE K 353 -67.14 -58.01 27.81
N ILE K 354 -66.11 -58.42 28.53
CA ILE K 354 -65.94 -58.15 29.95
C ILE K 354 -64.61 -57.45 30.14
N ARG K 355 -64.65 -56.22 30.64
CA ARG K 355 -63.45 -55.41 30.84
C ARG K 355 -63.00 -55.52 32.29
N ILE K 356 -61.76 -55.96 32.48
CA ILE K 356 -61.14 -55.99 33.79
C ILE K 356 -60.47 -54.62 33.99
N ARG K 357 -60.99 -53.84 34.94
CA ARG K 357 -60.52 -52.48 35.17
C ARG K 357 -59.00 -52.45 35.27
N ALA K 358 -58.37 -51.57 34.47
CA ALA K 358 -56.92 -51.57 34.38
C ALA K 358 -56.29 -51.37 35.75
N LYS K 359 -55.25 -52.16 36.04
CA LYS K 359 -54.48 -52.05 37.27
C LYS K 359 -53.48 -50.92 37.17
N PRO K 360 -53.11 -50.31 38.29
CA PRO K 360 -52.28 -49.09 38.25
C PRO K 360 -51.00 -49.24 37.44
N ALA K 361 -50.80 -48.31 36.51
CA ALA K 361 -49.64 -48.22 35.62
C ALA K 361 -49.48 -49.43 34.73
N GLY K 362 -50.54 -50.24 34.59
CA GLY K 362 -50.48 -51.38 33.71
C GLY K 362 -49.61 -52.52 34.20
N TRP K 363 -49.25 -52.55 35.49
CA TRP K 363 -48.46 -53.66 36.02
C TRP K 363 -49.36 -54.83 36.37
N TYR K 364 -48.99 -56.02 35.91
CA TYR K 364 -49.69 -57.25 36.26
C TYR K 364 -48.68 -58.30 36.68
N SER K 365 -48.96 -59.01 37.77
CA SER K 365 -48.13 -60.17 38.10
C SER K 365 -48.35 -61.26 37.06
N ILE K 366 -47.32 -62.10 36.88
CA ILE K 366 -47.46 -63.23 35.95
C ILE K 366 -48.60 -64.13 36.41
N ASP K 367 -48.72 -64.33 37.74
CA ASP K 367 -49.81 -65.16 38.24
C ASP K 367 -51.16 -64.55 37.88
N GLU K 368 -51.30 -63.22 38.05
CA GLU K 368 -52.55 -62.55 37.74
C GLU K 368 -52.91 -62.73 36.27
N ALA K 369 -51.93 -62.49 35.38
CA ALA K 369 -52.19 -62.63 33.96
C ALA K 369 -52.57 -64.06 33.60
N ARG K 370 -51.89 -65.04 34.19
CA ARG K 370 -52.23 -66.43 33.90
C ARG K 370 -53.66 -66.75 34.36
N GLU K 371 -54.08 -66.18 35.50
CA GLU K 371 -55.44 -66.43 35.99
C GLU K 371 -56.48 -65.84 35.04
N ILE K 372 -56.24 -64.62 34.55
CA ILE K 372 -57.15 -63.99 33.61
C ILE K 372 -57.24 -64.84 32.37
N LEU K 373 -56.09 -65.25 31.86
CA LEU K 373 -56.12 -66.12 30.69
C LEU K 373 -56.84 -67.41 31.00
N GLU K 374 -56.66 -67.97 32.19
CA GLU K 374 -57.33 -69.27 32.52
C GLU K 374 -58.86 -69.14 32.42
N ILE K 375 -59.41 -68.01 32.88
CA ILE K 375 -60.88 -67.84 32.88
C ILE K 375 -61.36 -67.57 31.49
N ALA K 376 -60.62 -66.75 30.74
CA ALA K 376 -61.02 -66.50 29.36
C ALA K 376 -61.12 -67.80 28.58
N GLU K 377 -60.14 -68.68 28.74
CA GLU K 377 -60.14 -69.96 28.05
C GLU K 377 -61.36 -70.79 28.45
N LYS K 378 -61.71 -70.78 29.74
CA LYS K 378 -62.85 -71.58 30.21
C LYS K 378 -64.14 -71.18 29.52
N TYR K 379 -64.33 -69.88 29.27
CA TYR K 379 -65.58 -69.37 28.70
C TYR K 379 -65.43 -69.00 27.23
N ASP K 380 -64.38 -69.50 26.57
CA ASP K 380 -64.15 -69.32 25.14
C ASP K 380 -64.00 -67.84 24.78
N GLY K 381 -63.41 -67.07 25.67
CA GLY K 381 -63.19 -65.66 25.39
C GLY K 381 -61.89 -65.39 24.67
N LYS K 382 -61.84 -64.24 24.01
CA LYS K 382 -60.68 -63.78 23.24
C LYS K 382 -60.10 -62.54 23.88
N ILE K 383 -58.77 -62.46 23.91
CA ILE K 383 -58.09 -61.41 24.65
C ILE K 383 -57.89 -60.18 23.78
N LYS K 384 -58.29 -59.02 24.31
CA LYS K 384 -58.00 -57.72 23.72
C LYS K 384 -57.42 -56.81 24.80
N MET K 385 -56.28 -56.18 24.47
CA MET K 385 -55.60 -55.23 25.40
C MET K 385 -56.05 -53.81 25.01
N THR K 386 -56.62 -53.07 25.96
CA THR K 386 -57.11 -51.73 25.68
C THR K 386 -55.99 -50.70 25.76
N ASN K 387 -56.27 -49.52 25.22
CA ASN K 387 -55.31 -48.44 25.24
C ASN K 387 -55.29 -47.69 26.58
N ARG K 388 -55.94 -48.22 27.63
CA ARG K 388 -55.70 -47.83 29.01
C ARG K 388 -55.07 -48.97 29.82
N GLY K 389 -54.55 -49.99 29.14
CA GLY K 389 -53.83 -51.05 29.81
C GLY K 389 -54.67 -52.14 30.44
N ALA K 390 -55.90 -52.35 29.98
CA ALA K 390 -56.79 -53.35 30.55
C ALA K 390 -56.88 -54.59 29.68
N PHE K 391 -57.03 -55.74 30.35
CA PHE K 391 -57.49 -56.96 29.69
C PHE K 391 -59.00 -56.85 29.46
N GLU K 392 -59.43 -57.09 28.23
CA GLU K 392 -60.84 -57.09 27.86
C GLU K 392 -61.11 -58.41 27.16
N ILE K 393 -62.08 -59.16 27.66
CA ILE K 393 -62.33 -60.52 27.17
C ILE K 393 -63.59 -60.52 26.32
N HIS K 394 -63.45 -60.93 25.06
CA HIS K 394 -64.51 -60.85 24.07
C HIS K 394 -65.11 -62.20 23.74
N GLY K 395 -66.39 -62.18 23.37
CA GLY K 395 -67.07 -63.36 22.85
C GLY K 395 -67.83 -64.17 23.87
N ILE K 396 -68.19 -63.57 25.00
CA ILE K 396 -68.84 -64.30 26.08
C ILE K 396 -70.34 -64.39 25.81
N SER K 397 -70.87 -65.60 25.91
CA SER K 397 -72.29 -65.81 25.75
C SER K 397 -73.05 -65.13 26.88
N GLY K 398 -74.22 -64.58 26.56
CA GLY K 398 -75.08 -64.04 27.60
C GLY K 398 -75.37 -65.04 28.69
N PHE K 399 -75.38 -66.33 28.34
CA PHE K 399 -75.59 -67.38 29.35
C PHE K 399 -74.42 -67.49 30.32
N ASP K 400 -73.23 -67.04 29.93
CA ASP K 400 -72.03 -67.21 30.74
C ASP K 400 -71.57 -65.94 31.45
N VAL K 401 -72.14 -64.77 31.13
CA VAL K 401 -71.57 -63.53 31.63
C VAL K 401 -71.53 -63.53 33.15
N GLU K 402 -72.66 -63.86 33.79
CA GLU K 402 -72.74 -63.75 35.24
C GLU K 402 -71.74 -64.68 35.92
N ALA K 403 -71.71 -65.95 35.49
CA ALA K 403 -70.78 -66.90 36.08
C ALA K 403 -69.34 -66.45 35.91
N MET K 404 -69.00 -65.94 34.73
CA MET K 404 -67.62 -65.53 34.50
C MET K 404 -67.26 -64.30 35.33
N VAL K 405 -68.16 -63.31 35.37
CA VAL K 405 -67.87 -62.13 36.18
C VAL K 405 -67.72 -62.52 37.64
N LEU K 406 -68.60 -63.39 38.14
CA LEU K 406 -68.46 -63.84 39.52
C LEU K 406 -67.16 -64.57 39.73
N GLU K 407 -66.72 -65.34 38.72
CA GLU K 407 -65.44 -66.09 38.83
C GLU K 407 -64.27 -65.09 38.93
N LEU K 408 -64.30 -64.03 38.12
CA LEU K 408 -63.22 -63.00 38.14
C LEU K 408 -63.21 -62.30 39.50
N MET K 409 -64.40 -61.98 40.03
CA MET K 409 -64.53 -61.29 41.35
C MET K 409 -64.01 -62.21 42.45
N GLU K 410 -64.27 -63.52 42.33
CA GLU K 410 -63.82 -64.53 43.31
C GLU K 410 -62.29 -64.54 43.35
N LYS K 411 -61.64 -64.40 42.19
CA LYS K 411 -60.16 -64.38 42.11
C LYS K 411 -59.62 -62.99 42.50
N GLY K 412 -60.49 -62.04 42.89
CA GLY K 412 -59.99 -60.77 43.28
C GLY K 412 -59.89 -59.72 42.17
N PHE K 413 -60.40 -60.01 40.98
CA PHE K 413 -60.41 -59.03 39.90
C PHE K 413 -61.68 -58.18 39.98
N ILE K 414 -61.54 -56.91 39.62
CA ILE K 414 -62.64 -55.97 39.53
C ILE K 414 -62.96 -55.76 38.05
N THR K 415 -64.19 -56.07 37.63
CA THR K 415 -64.66 -55.75 36.29
C THR K 415 -65.29 -54.37 36.29
N GLY K 416 -64.95 -53.55 35.31
CA GLY K 416 -65.42 -52.17 35.31
C GLY K 416 -64.75 -51.32 34.26
N SER K 417 -64.58 -50.05 34.61
CA SER K 417 -64.06 -49.03 33.72
C SER K 417 -64.98 -48.83 32.50
N GLU K 418 -66.29 -48.95 32.71
CA GLU K 418 -67.27 -48.73 31.63
C GLU K 418 -68.50 -48.01 32.19
N GLY K 419 -69.13 -47.20 31.34
CA GLY K 419 -70.30 -46.47 31.75
C GLY K 419 -69.95 -45.15 32.39
N PRO K 420 -70.98 -44.39 32.87
CA PRO K 420 -70.78 -43.02 33.40
C PRO K 420 -70.23 -43.00 34.82
N LEU K 421 -68.90 -43.11 34.92
CA LEU K 421 -68.24 -43.17 36.22
C LEU K 421 -66.75 -42.91 36.01
N VAL K 422 -66.00 -42.88 37.12
CA VAL K 422 -64.55 -42.68 37.05
C VAL K 422 -63.92 -43.95 36.50
N ARG K 423 -63.33 -43.85 35.31
CA ARG K 423 -62.71 -44.97 34.62
C ARG K 423 -61.35 -45.29 35.22
N ALA K 424 -60.76 -46.39 34.78
CA ALA K 424 -59.43 -46.77 35.27
C ALA K 424 -58.46 -45.63 35.07
N THR K 425 -57.77 -45.25 36.16
CA THR K 425 -56.75 -44.21 36.09
C THR K 425 -55.55 -44.70 35.30
N LEU K 426 -55.08 -43.89 34.36
CA LEU K 426 -54.02 -44.29 33.43
C LEU K 426 -52.70 -43.64 33.86
N ALA K 427 -51.72 -44.48 34.18
CA ALA K 427 -50.41 -44.01 34.62
C ALA K 427 -49.30 -44.73 33.85
N CYS K 428 -48.18 -44.02 33.69
CA CYS K 428 -47.00 -44.61 33.08
C CYS K 428 -46.09 -45.24 34.14
N PRO K 429 -44.97 -45.85 33.75
CA PRO K 429 -44.11 -46.52 34.75
C PRO K 429 -43.45 -45.58 35.74
N GLY K 430 -43.18 -44.34 35.37
CA GLY K 430 -42.68 -43.35 36.30
C GLY K 430 -41.29 -43.60 36.87
N GLU K 431 -41.02 -42.86 37.94
CA GLU K 431 -39.71 -42.83 38.64
C GLU K 431 -39.22 -44.25 39.00
N GLY K 432 -37.92 -44.47 38.82
CA GLY K 432 -37.31 -45.72 39.18
C GLY K 432 -37.54 -46.82 38.17
N ASN K 433 -38.43 -46.60 37.21
CA ASN K 433 -38.64 -47.55 36.11
C ASN K 433 -38.20 -46.90 34.81
N CYS K 434 -38.91 -45.87 34.36
CA CYS K 434 -38.45 -45.07 33.23
C CYS K 434 -37.35 -44.11 33.68
N GLY K 435 -36.28 -44.03 32.88
CA GLY K 435 -35.18 -43.13 33.16
C GLY K 435 -35.55 -41.66 33.22
N SER K 436 -36.66 -41.27 32.61
CA SER K 436 -37.12 -39.88 32.64
C SER K 436 -38.08 -39.60 33.79
N GLY K 437 -38.48 -40.61 34.55
CA GLY K 437 -39.55 -40.43 35.53
C GLY K 437 -39.12 -39.56 36.70
N LEU K 438 -40.00 -38.65 37.10
CA LEU K 438 -39.76 -37.74 38.21
C LEU K 438 -40.61 -38.03 39.44
N ILE K 439 -41.73 -38.74 39.29
CA ILE K 439 -42.64 -38.99 40.39
C ILE K 439 -43.05 -40.46 40.40
N ASN K 440 -43.53 -40.90 41.56
CA ASN K 440 -44.01 -42.27 41.73
C ASN K 440 -45.42 -42.36 41.20
N THR K 441 -45.53 -42.61 39.89
CA THR K 441 -46.81 -42.68 39.21
C THR K 441 -47.63 -43.90 39.67
N THR K 442 -46.99 -45.05 39.90
CA THR K 442 -47.74 -46.23 40.31
C THR K 442 -48.45 -45.99 41.64
N GLU K 443 -47.73 -45.43 42.63
CA GLU K 443 -48.33 -45.21 43.94
C GLU K 443 -49.42 -44.15 43.88
N LEU K 444 -49.21 -43.05 43.15
CA LEU K 444 -50.28 -42.06 43.03
C LEU K 444 -51.50 -42.65 42.33
N CYS K 445 -51.27 -43.43 41.28
CA CYS K 445 -52.38 -44.09 40.61
C CYS K 445 -53.14 -45.01 41.55
N LYS K 446 -52.43 -45.80 42.36
CA LYS K 446 -53.10 -46.65 43.33
C LYS K 446 -53.92 -45.81 44.30
N ILE K 447 -53.38 -44.68 44.74
CA ILE K 447 -54.10 -43.82 45.69
C ILE K 447 -55.38 -43.28 45.08
N LEU K 448 -55.30 -42.77 43.84
CA LEU K 448 -56.50 -42.22 43.21
C LEU K 448 -57.54 -43.32 42.96
N GLU K 449 -57.08 -44.51 42.55
CA GLU K 449 -58.00 -45.62 42.37
C GLU K 449 -58.67 -46.01 43.68
N ASP K 450 -57.89 -46.10 44.76
CA ASP K 450 -58.46 -46.47 46.05
C ASP K 450 -59.54 -45.48 46.49
N ASN K 451 -59.38 -44.21 46.11
CA ASN K 451 -60.32 -43.17 46.54
C ASN K 451 -61.53 -43.00 45.62
N PHE K 452 -61.39 -43.24 44.31
CA PHE K 452 -62.41 -42.86 43.34
C PHE K 452 -62.83 -43.93 42.34
N LYS K 453 -62.31 -45.15 42.42
CA LYS K 453 -62.61 -46.14 41.39
C LYS K 453 -64.12 -46.41 41.36
N GLU K 454 -64.68 -46.37 40.16
CA GLU K 454 -66.09 -46.59 39.81
C GLU K 454 -67.06 -45.59 40.45
N HIS K 455 -66.58 -44.47 40.96
CA HIS K 455 -67.48 -43.46 41.49
C HIS K 455 -68.34 -42.89 40.37
N PRO K 456 -69.65 -42.74 40.57
CA PRO K 456 -70.50 -42.24 39.48
C PRO K 456 -70.19 -40.80 39.12
N ALA K 457 -70.43 -40.48 37.84
CA ALA K 457 -70.31 -39.15 37.28
C ALA K 457 -71.37 -38.97 36.21
N PRO K 458 -71.70 -37.73 35.84
CA PRO K 458 -72.71 -37.54 34.78
C PRO K 458 -72.35 -38.23 33.48
N TYR K 459 -71.06 -38.40 33.19
CA TYR K 459 -70.57 -39.03 31.96
C TYR K 459 -69.20 -39.63 32.31
N LYS K 460 -68.61 -40.36 31.38
CA LYS K 460 -67.31 -40.97 31.67
C LYS K 460 -66.29 -39.92 32.12
N PHE K 461 -65.44 -40.31 33.07
CA PHE K 461 -64.52 -39.39 33.74
C PHE K 461 -63.17 -40.10 33.86
N LYS K 462 -62.16 -39.53 33.21
CA LYS K 462 -60.87 -40.20 33.02
C LYS K 462 -59.72 -39.38 33.58
N ILE K 463 -58.89 -40.02 34.39
CA ILE K 463 -57.72 -39.41 35.01
C ILE K 463 -56.47 -40.07 34.44
N ALA K 464 -55.42 -39.25 34.20
CA ALA K 464 -54.13 -39.74 33.73
C ALA K 464 -53.01 -39.09 34.54
N ILE K 465 -51.94 -39.87 34.76
CA ILE K 465 -50.78 -39.45 35.55
C ILE K 465 -49.53 -39.76 34.73
N SER K 466 -48.82 -38.73 34.28
CA SER K 466 -47.51 -38.95 33.66
C SER K 466 -46.38 -38.64 34.62
N GLY K 467 -45.28 -39.41 34.48
CA GLY K 467 -44.14 -39.26 35.38
C GLY K 467 -43.26 -38.07 35.09
N CYS K 468 -43.42 -37.46 33.91
CA CYS K 468 -42.60 -36.34 33.47
C CYS K 468 -43.38 -35.58 32.40
N PRO K 469 -42.85 -34.46 31.92
CA PRO K 469 -43.57 -33.66 30.93
C PRO K 469 -43.67 -34.26 29.53
N ASN K 470 -43.05 -35.41 29.23
CA ASN K 470 -43.31 -36.05 27.95
C ASN K 470 -44.77 -36.49 27.85
N LYS K 471 -45.44 -36.71 28.99
CA LYS K 471 -46.89 -36.86 29.02
C LYS K 471 -47.35 -38.01 28.11
N CYS K 472 -46.67 -39.15 28.24
CA CYS K 472 -46.98 -40.29 27.39
C CYS K 472 -48.44 -40.71 27.51
N VAL K 473 -49.03 -40.57 28.69
CA VAL K 473 -50.41 -40.99 28.89
C VAL K 473 -51.41 -39.84 28.71
N ARG K 474 -50.94 -38.67 28.29
CA ARG K 474 -51.73 -37.52 27.84
C ARG K 474 -52.57 -36.87 28.94
N PRO K 475 -51.97 -36.53 30.08
CA PRO K 475 -52.74 -35.83 31.13
C PRO K 475 -53.28 -34.47 30.71
N GLN K 476 -52.70 -33.81 29.71
CA GLN K 476 -53.18 -32.48 29.36
C GLN K 476 -54.47 -32.51 28.54
N ILE K 477 -54.98 -33.70 28.18
CA ILE K 477 -56.29 -33.80 27.55
C ILE K 477 -57.12 -34.87 28.26
N HIS K 478 -57.08 -34.87 29.60
CA HIS K 478 -57.90 -35.74 30.44
C HIS K 478 -58.79 -34.90 31.35
N ASP K 479 -59.85 -35.51 31.86
CA ASP K 479 -60.73 -34.78 32.77
C ASP K 479 -59.95 -34.21 33.95
N ILE K 480 -59.05 -35.02 34.51
CA ILE K 480 -58.02 -34.57 35.45
C ILE K 480 -56.70 -35.15 34.98
N GLY K 481 -55.68 -34.31 34.90
CA GLY K 481 -54.36 -34.76 34.52
C GLY K 481 -53.32 -34.33 35.53
N ILE K 482 -52.34 -35.20 35.75
CA ILE K 482 -51.20 -34.93 36.60
C ILE K 482 -49.93 -35.27 35.82
N ALA K 483 -48.93 -34.39 35.91
CA ALA K 483 -47.62 -34.63 35.32
C ALA K 483 -46.52 -34.24 36.30
N GLY K 484 -45.56 -35.12 36.50
CA GLY K 484 -44.40 -34.78 37.31
C GLY K 484 -43.54 -33.73 36.61
N VAL K 485 -43.06 -32.77 37.39
CA VAL K 485 -42.19 -31.73 36.89
C VAL K 485 -41.06 -31.45 37.88
N LYS K 486 -39.94 -30.97 37.33
CA LYS K 486 -38.75 -30.62 38.09
C LYS K 486 -38.02 -29.53 37.30
N PHE K 487 -38.18 -28.27 37.73
CA PHE K 487 -37.63 -27.14 37.01
C PHE K 487 -36.23 -26.83 37.52
N PRO K 488 -35.30 -26.45 36.64
CA PRO K 488 -33.92 -26.18 37.06
C PRO K 488 -33.70 -24.70 37.39
N VAL K 489 -32.64 -24.45 38.16
CA VAL K 489 -32.07 -23.12 38.33
C VAL K 489 -30.54 -23.28 38.32
N VAL K 490 -29.87 -22.48 37.50
CA VAL K 490 -28.42 -22.57 37.36
C VAL K 490 -27.76 -22.13 38.67
N ASN K 491 -26.76 -22.91 39.10
CA ASN K 491 -25.92 -22.57 40.26
C ASN K 491 -24.75 -21.77 39.70
N GLU K 492 -24.84 -20.44 39.82
CA GLU K 492 -23.88 -19.48 39.20
C GLU K 492 -22.41 -19.78 39.56
N GLU K 493 -22.16 -20.35 40.75
CA GLU K 493 -20.79 -20.60 41.20
C GLU K 493 -20.18 -21.82 40.53
N ASN K 494 -21.02 -22.83 40.18
CA ASN K 494 -20.52 -24.10 39.66
C ASN K 494 -20.61 -24.19 38.14
N CYS K 495 -21.63 -23.58 37.50
CA CYS K 495 -21.74 -23.68 36.05
C CYS K 495 -20.52 -23.04 35.42
N ASN K 496 -19.94 -23.71 34.42
CA ASN K 496 -18.76 -23.18 33.73
C ASN K 496 -18.97 -23.05 32.23
N GLY K 497 -20.22 -23.18 31.77
CA GLY K 497 -20.54 -23.05 30.36
C GLY K 497 -20.02 -24.16 29.47
N CYS K 498 -19.80 -25.35 30.05
CA CYS K 498 -19.28 -26.50 29.27
C CYS K 498 -20.21 -26.81 28.07
N GLY K 499 -21.51 -26.61 28.22
CA GLY K 499 -22.48 -26.77 27.12
C GLY K 499 -23.26 -28.08 27.10
N ARG K 500 -22.97 -29.00 28.02
CA ARG K 500 -23.59 -30.32 27.94
C ARG K 500 -25.11 -30.26 28.09
N CYS K 501 -25.61 -29.48 29.06
CA CYS K 501 -27.04 -29.45 29.34
C CYS K 501 -27.86 -29.07 28.09
N ALA K 502 -27.36 -28.12 27.30
CA ALA K 502 -28.13 -27.69 26.14
C ALA K 502 -28.39 -28.86 25.17
N GLU K 503 -27.49 -29.85 25.16
CA GLU K 503 -27.59 -30.98 24.24
C GLU K 503 -28.75 -31.90 24.56
N VAL K 504 -29.15 -32.00 25.83
CA VAL K 504 -30.22 -32.90 26.23
C VAL K 504 -31.58 -32.23 26.23
N CYS K 505 -31.65 -30.92 26.00
CA CYS K 505 -32.91 -30.19 26.01
C CYS K 505 -33.45 -30.13 24.58
N LYS K 506 -34.38 -31.03 24.27
CA LYS K 506 -34.87 -31.13 22.90
C LYS K 506 -35.67 -29.89 22.49
N ILE K 507 -36.28 -29.21 23.44
CA ILE K 507 -37.03 -28.00 23.09
C ILE K 507 -36.15 -26.75 23.10
N GLU K 508 -34.85 -26.88 23.36
CA GLU K 508 -33.87 -25.81 23.19
C GLU K 508 -34.17 -24.60 24.07
N ALA K 509 -34.38 -24.86 25.35
CA ALA K 509 -34.66 -23.81 26.33
C ALA K 509 -33.40 -23.25 26.98
N ILE K 510 -32.22 -23.79 26.67
CA ILE K 510 -30.99 -23.45 27.40
C ILE K 510 -30.12 -22.58 26.50
N ASP K 511 -29.60 -21.50 27.09
N ASP K 511 -29.59 -21.59 27.12
CA ASP K 511 -28.65 -20.60 26.44
CA ASP K 511 -28.64 -20.69 26.48
C ASP K 511 -27.31 -20.76 27.13
C ASP K 511 -27.30 -20.85 27.16
N ILE K 512 -26.32 -21.22 26.36
CA ILE K 512 -24.93 -21.29 26.82
C ILE K 512 -24.24 -19.99 26.42
N ARG K 513 -23.70 -19.27 27.40
CA ARG K 513 -23.07 -17.97 27.14
C ARG K 513 -21.79 -17.87 27.95
N GLY K 514 -20.67 -17.76 27.25
CA GLY K 514 -19.40 -17.57 27.93
C GLY K 514 -19.15 -18.69 28.92
N GLU K 515 -18.97 -18.35 30.19
CA GLU K 515 -18.70 -19.33 31.23
C GLU K 515 -19.92 -19.64 32.09
N THR K 516 -21.12 -19.50 31.55
CA THR K 516 -22.31 -19.78 32.32
C THR K 516 -23.43 -20.23 31.39
N SER K 517 -24.60 -20.48 31.98
CA SER K 517 -25.76 -20.90 31.21
C SER K 517 -26.99 -20.29 31.82
N TYR K 518 -28.05 -20.29 31.01
CA TYR K 518 -29.34 -19.73 31.41
C TYR K 518 -30.45 -20.65 30.95
N THR K 519 -31.62 -20.48 31.56
CA THR K 519 -32.83 -21.21 31.18
C THR K 519 -33.90 -20.21 30.77
N ASN K 520 -34.54 -20.46 29.62
CA ASN K 520 -35.69 -19.67 29.17
C ASN K 520 -36.93 -20.30 29.79
N TYR K 521 -37.42 -19.73 30.89
CA TYR K 521 -38.56 -20.34 31.58
C TYR K 521 -39.89 -20.16 30.86
N ASN K 522 -39.93 -19.40 29.76
CA ASN K 522 -41.13 -19.41 28.94
C ASN K 522 -41.22 -20.63 28.02
N VAL K 523 -40.15 -21.44 27.95
CA VAL K 523 -40.12 -22.65 27.13
C VAL K 523 -39.92 -23.90 27.96
N CYS K 524 -39.04 -23.84 28.96
CA CYS K 524 -38.74 -24.99 29.81
C CYS K 524 -40.02 -25.61 30.35
N ILE K 525 -40.11 -26.93 30.20
CA ILE K 525 -41.26 -27.69 30.67
C ILE K 525 -40.96 -28.47 31.95
N GLY K 526 -39.78 -28.27 32.53
CA GLY K 526 -39.46 -28.92 33.79
C GLY K 526 -39.29 -30.42 33.72
N CYS K 527 -38.58 -30.91 32.72
CA CYS K 527 -38.30 -32.33 32.64
C CYS K 527 -37.15 -32.76 33.54
N GLY K 528 -36.30 -31.81 33.97
CA GLY K 528 -35.19 -32.13 34.84
C GLY K 528 -33.99 -32.77 34.16
N LYS K 529 -34.04 -32.99 32.85
CA LYS K 529 -32.93 -33.71 32.16
C LYS K 529 -31.59 -32.96 32.31
N CYS K 530 -31.62 -31.64 32.18
CA CYS K 530 -30.41 -30.82 32.32
C CYS K 530 -29.77 -30.96 33.70
N ILE K 531 -30.61 -31.09 34.73
CA ILE K 531 -30.08 -31.26 36.09
C ILE K 531 -29.30 -32.56 36.18
N LYS K 532 -29.84 -33.60 35.56
CA LYS K 532 -29.24 -34.95 35.60
C LYS K 532 -28.01 -35.04 34.69
N ALA K 533 -28.00 -34.29 33.58
CA ALA K 533 -26.89 -34.41 32.62
C ALA K 533 -25.68 -33.58 33.02
N CYS K 534 -25.84 -32.59 33.87
CA CYS K 534 -24.73 -31.69 34.18
C CYS K 534 -23.66 -32.48 34.94
N PRO K 535 -22.39 -32.45 34.52
CA PRO K 535 -21.34 -33.13 35.28
C PRO K 535 -20.69 -32.28 36.35
N ASN K 536 -21.16 -31.04 36.54
CA ASN K 536 -20.46 -30.06 37.39
C ASN K 536 -21.34 -29.48 38.50
N GLU K 537 -22.46 -30.11 38.83
CA GLU K 537 -23.36 -29.60 39.86
C GLU K 537 -23.76 -28.16 39.56
N GLY K 538 -24.02 -27.89 38.28
CA GLY K 538 -24.32 -26.56 37.81
C GLY K 538 -25.77 -26.19 37.80
N ARG K 539 -26.67 -27.16 38.01
CA ARG K 539 -28.10 -26.91 38.00
C ARG K 539 -28.71 -27.54 39.25
N ASP K 540 -29.44 -26.73 40.01
CA ASP K 540 -30.19 -27.18 41.17
C ASP K 540 -31.68 -27.21 40.83
N VAL K 541 -32.49 -27.66 41.78
CA VAL K 541 -33.94 -27.72 41.60
C VAL K 541 -34.55 -26.37 41.97
N LYS K 542 -35.26 -25.76 41.03
CA LYS K 542 -36.00 -24.54 41.32
C LYS K 542 -37.34 -24.82 41.98
N GLU K 543 -38.07 -25.79 41.43
CA GLU K 543 -39.43 -26.13 41.83
C GLU K 543 -39.69 -27.52 41.30
N GLU K 544 -40.41 -28.33 42.07
CA GLU K 544 -40.74 -29.67 41.61
C GLU K 544 -42.01 -30.15 42.28
N GLY K 545 -42.72 -31.05 41.62
CA GLY K 545 -43.92 -31.64 42.20
C GLY K 545 -44.86 -32.13 41.11
N PHE K 546 -46.16 -32.16 41.48
CA PHE K 546 -47.25 -32.68 40.65
C PHE K 546 -47.98 -31.50 39.99
N MET K 547 -47.76 -31.30 38.68
CA MET K 547 -48.52 -30.30 37.94
C MET K 547 -49.89 -30.86 37.57
N VAL K 548 -50.92 -30.04 37.72
CA VAL K 548 -52.31 -30.51 37.59
C VAL K 548 -53.02 -29.75 36.47
N TYR K 549 -53.82 -30.48 35.70
CA TYR K 549 -54.67 -29.97 34.64
C TYR K 549 -56.11 -30.41 34.87
N VAL K 550 -57.08 -29.54 34.58
CA VAL K 550 -58.49 -29.88 34.81
C VAL K 550 -59.32 -29.53 33.57
N GLY K 551 -60.11 -30.49 33.11
CA GLY K 551 -61.14 -30.24 32.13
C GLY K 551 -60.80 -30.53 30.69
N GLY K 552 -59.94 -31.50 30.42
CA GLY K 552 -59.63 -31.90 29.06
C GLY K 552 -60.35 -33.17 28.66
N LYS K 553 -60.23 -33.52 27.38
CA LYS K 553 -60.79 -34.76 26.87
C LYS K 553 -60.20 -35.05 25.50
N THR K 554 -60.44 -36.27 25.06
CA THR K 554 -60.27 -36.63 23.63
C THR K 554 -61.62 -37.22 23.19
N GLY K 555 -61.61 -38.00 22.13
CA GLY K 555 -62.82 -38.61 21.63
C GLY K 555 -63.40 -37.84 20.44
N ARG K 556 -64.68 -37.47 20.56
CA ARG K 556 -65.32 -36.73 19.46
C ARG K 556 -64.69 -35.35 19.27
N GLU K 557 -64.15 -34.78 20.34
CA GLU K 557 -63.43 -33.50 20.29
C GLU K 557 -62.17 -33.60 21.12
N VAL K 558 -61.17 -32.79 20.80
CA VAL K 558 -59.96 -32.63 21.59
C VAL K 558 -60.05 -31.34 22.38
N ILE K 559 -59.93 -31.43 23.72
CA ILE K 559 -59.89 -30.25 24.57
C ILE K 559 -58.75 -30.38 25.56
N GLU K 560 -57.89 -29.37 25.61
CA GLU K 560 -56.81 -29.33 26.59
C GLU K 560 -57.35 -28.78 27.90
N GLY K 561 -57.09 -29.47 28.99
CA GLY K 561 -57.53 -28.97 30.29
C GLY K 561 -56.84 -27.66 30.67
N VAL K 562 -57.46 -26.97 31.62
CA VAL K 562 -56.89 -25.75 32.20
C VAL K 562 -55.71 -26.11 33.10
N SER K 563 -54.55 -25.53 32.81
CA SER K 563 -53.40 -25.67 33.71
C SER K 563 -53.71 -25.01 35.05
N MET K 564 -53.42 -25.71 36.14
CA MET K 564 -53.75 -25.24 37.47
C MET K 564 -52.50 -24.71 38.17
N LYS K 565 -51.76 -25.61 38.84
CA LYS K 565 -50.58 -25.30 39.65
C LYS K 565 -50.03 -26.62 40.19
N LEU K 566 -48.88 -26.53 40.85
CA LEU K 566 -48.36 -27.69 41.58
C LEU K 566 -49.23 -27.94 42.81
N MET K 567 -49.54 -29.20 43.04
CA MET K 567 -50.41 -29.55 44.19
C MET K 567 -49.87 -30.80 44.90
N SER K 568 -50.15 -30.88 46.19
CA SER K 568 -49.84 -32.07 46.98
C SER K 568 -50.84 -33.18 46.70
N VAL K 569 -50.51 -34.40 47.12
CA VAL K 569 -51.44 -35.50 46.91
C VAL K 569 -52.74 -35.25 47.66
N GLU K 570 -52.65 -34.72 48.89
CA GLU K 570 -53.85 -34.43 49.67
C GLU K 570 -54.72 -33.40 48.96
N GLU K 571 -54.10 -32.38 48.36
CA GLU K 571 -54.84 -31.37 47.61
C GLU K 571 -55.48 -31.96 46.37
N ILE K 572 -54.78 -32.87 45.69
CA ILE K 572 -55.35 -33.50 44.50
C ILE K 572 -56.58 -34.32 44.86
N LEU K 573 -56.51 -35.06 45.98
CA LEU K 573 -57.67 -35.84 46.42
C LEU K 573 -58.85 -34.94 46.71
N ASN K 574 -58.61 -33.82 47.39
CA ASN K 574 -59.64 -32.81 47.62
C ASN K 574 -60.20 -32.29 46.30
N LEU K 575 -59.30 -31.96 45.36
CA LEU K 575 -59.70 -31.39 44.08
C LEU K 575 -60.61 -32.34 43.31
N ILE K 576 -60.22 -33.61 43.17
CA ILE K 576 -61.01 -34.51 42.35
C ILE K 576 -62.41 -34.67 42.93
N ASP K 577 -62.50 -34.79 44.25
CA ASP K 577 -63.78 -34.92 44.94
C ASP K 577 -64.69 -33.74 44.64
N LYS K 578 -64.14 -32.53 44.75
CA LYS K 578 -64.94 -31.33 44.54
C LYS K 578 -65.22 -31.09 43.06
N VAL K 579 -64.29 -31.43 42.17
CA VAL K 579 -64.61 -31.35 40.74
C VAL K 579 -65.82 -32.22 40.41
N LEU K 580 -65.88 -33.44 40.97
CA LEU K 580 -67.02 -34.32 40.69
C LEU K 580 -68.32 -33.73 41.24
N ILE K 581 -68.26 -33.09 42.40
CA ILE K 581 -69.45 -32.49 42.99
C ILE K 581 -69.96 -31.35 42.11
N VAL K 582 -69.05 -30.46 41.68
CA VAL K 582 -69.50 -29.34 40.87
C VAL K 582 -69.95 -29.81 39.48
N TYR K 583 -69.28 -30.83 38.93
CA TYR K 583 -69.71 -31.45 37.69
C TYR K 583 -71.14 -31.97 37.82
N HIS K 584 -71.42 -32.71 38.89
N HIS K 584 -71.43 -32.68 38.90
CA HIS K 584 -72.78 -33.18 39.14
CA HIS K 584 -72.78 -33.19 39.13
C HIS K 584 -73.75 -32.00 39.27
C HIS K 584 -73.77 -32.04 39.33
N LYS K 585 -73.33 -30.96 39.99
CA LYS K 585 -74.23 -29.83 40.23
C LYS K 585 -74.72 -29.21 38.94
N TYR K 586 -73.84 -29.06 37.94
CA TYR K 586 -74.18 -28.29 36.74
C TYR K 586 -74.47 -29.15 35.50
N ALA K 587 -74.18 -30.45 35.51
CA ALA K 587 -74.46 -31.25 34.33
C ALA K 587 -75.96 -31.37 34.13
N LYS K 588 -76.41 -31.18 32.89
CA LYS K 588 -77.82 -31.32 32.56
C LYS K 588 -78.09 -32.51 31.65
N LYS K 589 -77.08 -33.08 30.99
CA LYS K 589 -77.27 -34.14 30.00
C LYS K 589 -76.39 -35.32 30.36
N PRO K 590 -76.85 -36.16 31.28
CA PRO K 590 -76.13 -37.40 31.57
C PRO K 590 -75.83 -38.18 30.31
N GLN K 591 -74.64 -38.76 30.25
CA GLN K 591 -74.18 -39.59 29.15
C GLN K 591 -73.91 -38.78 27.86
N ARG K 592 -73.89 -37.46 27.92
CA ARG K 592 -73.60 -36.61 26.78
C ARG K 592 -72.64 -35.47 27.09
N GLU K 593 -72.71 -34.90 28.29
CA GLU K 593 -71.92 -33.75 28.69
C GLU K 593 -70.71 -34.22 29.48
N ARG K 594 -69.53 -34.14 28.89
CA ARG K 594 -68.32 -34.36 29.65
C ARG K 594 -68.05 -33.18 30.57
N LEU K 595 -67.14 -33.38 31.53
CA LEU K 595 -66.73 -32.27 32.39
C LEU K 595 -66.34 -31.04 31.56
N ALA K 596 -65.56 -31.23 30.51
CA ALA K 596 -65.14 -30.08 29.68
C ALA K 596 -66.36 -29.33 29.11
N ALA K 597 -67.41 -30.04 28.76
CA ALA K 597 -68.59 -29.39 28.19
C ALA K 597 -69.33 -28.55 29.23
N VAL K 598 -69.41 -29.04 30.47
CA VAL K 598 -70.03 -28.26 31.53
C VAL K 598 -69.21 -27.00 31.83
N MET K 599 -67.89 -27.14 31.92
CA MET K 599 -67.03 -25.98 32.15
C MET K 599 -67.19 -24.97 31.03
N ALA K 600 -67.25 -25.43 29.77
CA ALA K 600 -67.43 -24.51 28.66
C ALA K 600 -68.78 -23.81 28.75
N ARG K 601 -69.82 -24.54 29.17
CA ARG K 601 -71.18 -23.97 29.20
C ARG K 601 -71.31 -22.90 30.27
N ILE K 602 -70.79 -23.15 31.48
CA ILE K 602 -71.02 -22.21 32.56
C ILE K 602 -69.89 -21.20 32.74
N GLY K 603 -68.74 -21.40 32.11
CA GLY K 603 -67.58 -20.56 32.28
C GLY K 603 -66.52 -21.30 33.07
N LYS K 604 -65.32 -21.40 32.50
CA LYS K 604 -64.25 -22.15 33.15
C LYS K 604 -63.91 -21.56 34.51
N GLY K 605 -63.80 -20.23 34.57
CA GLY K 605 -63.50 -19.57 35.84
C GLY K 605 -64.58 -19.78 36.88
N LYS K 606 -65.85 -19.71 36.47
CA LYS K 606 -66.95 -19.94 37.39
C LYS K 606 -66.86 -21.34 37.98
N PHE K 607 -66.64 -22.33 37.13
CA PHE K 607 -66.55 -23.71 37.58
C PHE K 607 -65.39 -23.88 38.56
N LEU K 608 -64.21 -23.42 38.17
CA LEU K 608 -63.02 -23.63 38.99
C LEU K 608 -63.09 -22.85 40.29
N GLU K 609 -63.71 -21.66 40.27
CA GLU K 609 -63.90 -20.90 41.49
C GLU K 609 -64.76 -21.66 42.49
N GLU K 610 -65.83 -22.31 42.00
CA GLU K 610 -66.73 -23.06 42.87
C GLU K 610 -66.02 -24.28 43.44
N VAL K 611 -65.22 -24.96 42.61
CA VAL K 611 -64.41 -26.07 43.11
C VAL K 611 -63.48 -25.57 44.21
N LYS K 612 -62.79 -24.45 43.96
CA LYS K 612 -61.84 -23.91 44.97
C LYS K 612 -62.58 -23.65 46.30
N GLU K 613 -63.77 -23.05 46.22
CA GLU K 613 -64.54 -22.74 47.44
C GLU K 613 -64.86 -24.01 48.22
N LEU K 614 -65.29 -25.07 47.53
CA LEU K 614 -65.60 -26.32 48.23
C LEU K 614 -64.34 -26.92 48.83
N MET K 615 -63.21 -26.82 48.12
CA MET K 615 -61.96 -27.36 48.63
C MET K 615 -61.56 -26.67 49.91
N GLU K 616 -61.81 -25.36 49.98
CA GLU K 616 -61.44 -24.57 51.16
C GLU K 616 -62.36 -24.86 52.33
N GLN K 617 -63.57 -25.36 52.05
CA GLN K 617 -64.54 -25.70 53.12
C GLN K 617 -64.16 -27.06 53.72
N ASN K 618 -63.58 -27.93 52.90
CA ASN K 618 -63.20 -29.27 53.36
C ASN K 618 -62.23 -29.20 54.54
N TYR L 2 -7.02 -36.68 34.52
CA TYR L 2 -8.13 -35.78 34.11
C TYR L 2 -9.44 -36.56 34.08
N GLU L 3 -10.52 -35.99 34.62
CA GLU L 3 -11.83 -36.65 34.58
C GLU L 3 -12.32 -36.76 33.14
N TRP L 4 -12.63 -38.00 32.73
CA TRP L 4 -13.08 -38.27 31.34
C TRP L 4 -14.02 -39.47 31.42
N LYS L 5 -15.29 -39.31 31.03
CA LYS L 5 -16.30 -40.39 31.14
C LYS L 5 -15.85 -41.69 30.45
N LEU L 6 -15.21 -41.59 29.29
CA LEU L 6 -14.78 -42.80 28.50
C LEU L 6 -13.72 -43.64 29.22
N ASN L 7 -13.17 -43.12 30.32
CA ASN L 7 -12.16 -43.89 31.11
C ASN L 7 -12.83 -45.14 31.67
N ASP L 8 -14.17 -45.11 31.79
CA ASP L 8 -14.96 -46.28 32.28
C ASP L 8 -14.78 -47.44 31.29
N ILE L 9 -14.74 -47.13 30.00
CA ILE L 9 -14.54 -48.14 28.92
C ILE L 9 -13.03 -48.41 28.78
N VAL L 10 -12.22 -47.35 28.77
CA VAL L 10 -10.75 -47.45 28.52
C VAL L 10 -9.99 -48.16 29.66
N ASP L 11 -10.32 -47.87 30.91
CA ASP L 11 -9.56 -48.45 32.06
C ASP L 11 -10.07 -49.85 32.42
N ASN L 12 -11.16 -50.31 31.79
CA ASN L 12 -11.73 -51.64 32.13
C ASN L 12 -11.48 -52.67 31.01
N GLY L 13 -10.61 -52.34 30.05
CA GLY L 13 -10.27 -53.26 28.94
C GLY L 13 -11.42 -53.51 27.97
N ILE L 14 -12.35 -52.55 27.86
CA ILE L 14 -13.50 -52.72 26.92
C ILE L 14 -13.21 -51.94 25.63
N CYS L 15 -12.27 -50.99 25.68
CA CYS L 15 -11.94 -50.15 24.54
C CYS L 15 -11.39 -50.98 23.38
N ALA L 16 -11.96 -50.77 22.19
CA ALA L 16 -11.46 -51.44 20.98
C ALA L 16 -10.16 -50.83 20.46
N LYS L 17 -9.76 -49.65 20.96
CA LYS L 17 -8.62 -48.90 20.42
C LYS L 17 -8.83 -48.65 18.93
N CYS L 18 -10.06 -48.21 18.60
CA CYS L 18 -10.44 -47.86 17.24
C CYS L 18 -10.00 -46.44 16.87
N GLY L 19 -10.04 -45.52 17.84
CA GLY L 19 -9.66 -44.14 17.59
C GLY L 19 -10.78 -43.20 17.20
N THR L 20 -12.04 -43.66 17.17
CA THR L 20 -13.12 -42.79 16.74
C THR L 20 -13.29 -41.60 17.68
N CYS L 21 -13.26 -41.85 18.98
CA CYS L 21 -13.52 -40.78 19.98
C CYS L 21 -12.52 -39.63 19.86
N THR L 22 -11.28 -39.88 19.44
CA THR L 22 -10.28 -38.82 19.48
C THR L 22 -10.29 -37.93 18.24
N VAL L 23 -11.09 -38.24 17.21
CA VAL L 23 -11.16 -37.36 16.05
C VAL L 23 -12.34 -36.40 16.10
N VAL L 24 -13.29 -36.57 17.02
CA VAL L 24 -14.52 -35.79 17.01
C VAL L 24 -14.48 -34.61 17.98
N CYS L 25 -13.40 -34.46 18.74
CA CYS L 25 -13.39 -33.45 19.79
C CYS L 25 -13.29 -32.07 19.17
N PRO L 26 -14.26 -31.18 19.38
CA PRO L 26 -14.19 -29.86 18.74
C PRO L 26 -13.18 -28.91 19.36
N ASN L 27 -12.61 -29.24 20.51
CA ASN L 27 -11.54 -28.45 21.12
C ASN L 27 -10.16 -29.02 20.86
N GLY L 28 -10.09 -30.17 20.20
CA GLY L 28 -8.81 -30.78 19.87
C GLY L 28 -7.97 -31.18 21.06
N ILE L 29 -8.59 -31.51 22.20
CA ILE L 29 -7.86 -31.86 23.40
C ILE L 29 -7.79 -33.38 23.61
N LEU L 30 -8.16 -34.16 22.61
CA LEU L 30 -7.98 -35.61 22.64
C LEU L 30 -6.92 -36.01 21.61
N THR L 31 -6.04 -36.90 22.04
CA THR L 31 -4.99 -37.47 21.14
C THR L 31 -4.97 -38.99 21.37
N PHE L 32 -4.55 -39.75 20.36
CA PHE L 32 -4.48 -41.22 20.52
C PHE L 32 -3.02 -41.68 20.48
N GLU L 33 -2.50 -42.04 21.65
CA GLU L 33 -1.10 -42.56 21.78
C GLU L 33 -1.19 -44.08 21.79
N ASP L 34 -1.24 -44.68 22.99
CA ASP L 34 -1.44 -46.15 23.12
C ASP L 34 -2.94 -46.39 23.42
N ARG L 35 -3.61 -45.32 23.80
CA ARG L 35 -5.05 -45.30 24.15
C ARG L 35 -5.57 -43.86 24.04
N PRO L 36 -6.89 -43.63 24.03
CA PRO L 36 -7.43 -42.27 23.96
C PRO L 36 -6.96 -41.54 25.22
N LYS L 37 -6.44 -40.32 25.04
CA LYS L 37 -5.92 -39.55 26.20
C LYS L 37 -6.29 -38.06 26.09
N LEU L 38 -6.59 -37.44 27.24
CA LEU L 38 -6.89 -35.99 27.29
C LEU L 38 -5.55 -35.26 27.46
N THR L 39 -5.31 -34.23 26.65
CA THR L 39 -4.10 -33.42 26.79
C THR L 39 -4.27 -32.23 27.73
N GLU L 40 -5.50 -31.94 28.15
CA GLU L 40 -5.77 -30.90 29.12
C GLU L 40 -7.18 -31.16 29.67
N GLU L 41 -7.55 -30.37 30.67
CA GLU L 41 -8.83 -30.60 31.33
C GLU L 41 -9.99 -30.43 30.37
N CYS L 42 -10.96 -31.35 30.47
CA CYS L 42 -12.21 -31.24 29.73
C CYS L 42 -13.30 -30.70 30.68
N LEU L 43 -13.85 -29.54 30.33
CA LEU L 43 -14.86 -28.93 31.19
C LEU L 43 -16.13 -29.77 31.31
N ARG L 44 -16.40 -30.63 30.34
CA ARG L 44 -17.53 -31.56 30.38
C ARG L 44 -17.19 -32.86 31.07
N LYS L 45 -15.92 -33.04 31.47
CA LYS L 45 -15.45 -34.31 32.04
C LYS L 45 -15.81 -35.48 31.11
N GLY L 46 -15.69 -35.25 29.80
CA GLY L 46 -15.95 -36.29 28.83
C GLY L 46 -17.41 -36.57 28.56
N ASN L 47 -18.32 -35.74 29.08
CA ASN L 47 -19.74 -35.88 28.78
C ASN L 47 -20.00 -35.14 27.47
N GLY L 48 -19.75 -35.85 26.37
CA GLY L 48 -19.88 -35.25 25.06
C GLY L 48 -19.68 -36.18 23.89
N MET L 49 -19.25 -35.60 22.77
CA MET L 49 -19.29 -36.32 21.50
C MET L 49 -18.35 -37.53 21.48
N CYS L 50 -17.18 -37.43 22.10
CA CYS L 50 -16.29 -38.59 22.27
C CYS L 50 -17.05 -39.81 22.80
N PHE L 51 -17.70 -39.64 23.96
CA PHE L 51 -18.48 -40.71 24.56
C PHE L 51 -19.62 -41.13 23.63
N GLU L 52 -20.26 -40.17 22.95
CA GLU L 52 -21.45 -40.48 22.19
C GLU L 52 -21.16 -41.22 20.90
N VAL L 53 -19.92 -41.19 20.40
CA VAL L 53 -19.61 -41.92 19.13
C VAL L 53 -18.95 -43.27 19.45
N CYS L 54 -18.72 -43.56 20.73
CA CYS L 54 -17.99 -44.81 21.08
C CYS L 54 -18.84 -46.05 20.79
N PRO L 55 -18.36 -47.00 19.95
CA PRO L 55 -19.14 -48.20 19.63
C PRO L 55 -19.20 -49.20 20.78
N ARG L 56 -18.38 -48.99 21.81
CA ARG L 56 -18.36 -49.87 22.96
C ARG L 56 -19.22 -49.36 24.10
N VAL L 57 -19.78 -48.16 23.97
CA VAL L 57 -20.83 -47.71 24.86
C VAL L 57 -22.19 -48.23 24.39
N SER L 58 -22.49 -48.04 23.11
CA SER L 58 -23.73 -48.48 22.51
C SER L 58 -23.49 -48.65 21.01
N SER L 59 -23.88 -49.80 20.45
CA SER L 59 -23.56 -50.05 19.05
C SER L 59 -24.31 -49.14 18.09
N GLY L 60 -25.55 -48.79 18.43
CA GLY L 60 -26.45 -48.11 17.51
C GLY L 60 -26.83 -48.99 16.32
N LYS L 61 -26.48 -50.28 16.39
CA LYS L 61 -26.62 -51.20 15.22
C LYS L 61 -28.02 -51.23 14.60
N TYR L 62 -29.08 -51.36 15.40
CA TYR L 62 -30.41 -51.50 14.82
C TYR L 62 -30.83 -50.27 14.02
N GLN L 63 -30.67 -49.08 14.61
CA GLN L 63 -31.12 -47.86 13.93
C GLN L 63 -30.27 -47.57 12.71
N ILE L 64 -28.99 -47.95 12.74
CA ILE L 64 -28.16 -47.81 11.54
C ILE L 64 -28.59 -48.79 10.46
N LYS L 65 -28.77 -50.06 10.82
CA LYS L 65 -29.02 -51.07 9.79
C LYS L 65 -30.37 -50.89 9.11
N ILE L 66 -31.39 -50.42 9.83
CA ILE L 66 -32.69 -50.26 9.16
C ILE L 66 -32.65 -49.13 8.14
N ARG L 67 -31.67 -48.23 8.22
CA ARG L 67 -31.49 -47.16 7.25
C ARG L 67 -30.55 -47.56 6.12
N GLU L 68 -29.45 -48.25 6.45
CA GLU L 68 -28.51 -48.68 5.40
C GLU L 68 -29.07 -49.82 4.56
N LYS L 69 -29.94 -50.64 5.13
CA LYS L 69 -30.60 -51.75 4.42
C LYS L 69 -29.58 -52.61 3.69
N PHE L 70 -28.66 -53.15 4.48
CA PHE L 70 -27.51 -53.86 3.94
C PHE L 70 -27.92 -55.10 3.12
N LYS L 71 -27.21 -55.30 2.02
CA LYS L 71 -27.20 -56.56 1.29
C LYS L 71 -25.95 -57.32 1.71
N GLU L 72 -25.72 -58.48 1.06
CA GLU L 72 -24.62 -59.35 1.44
C GLU L 72 -24.26 -60.22 0.23
N GLU L 73 -23.43 -59.66 -0.65
CA GLU L 73 -23.04 -60.30 -1.90
C GLU L 73 -21.56 -60.67 -1.84
N TYR L 74 -21.26 -61.96 -2.03
CA TYR L 74 -19.93 -62.51 -1.82
C TYR L 74 -19.22 -62.73 -3.16
N TYR L 75 -18.01 -62.17 -3.28
CA TYR L 75 -17.17 -62.36 -4.45
C TYR L 75 -15.73 -62.49 -3.95
N TYR L 76 -14.81 -62.78 -4.86
CA TYR L 76 -13.39 -62.58 -4.59
C TYR L 76 -12.72 -62.10 -5.87
N GLY L 77 -11.55 -61.49 -5.72
CA GLY L 77 -10.87 -60.99 -6.89
C GLY L 77 -9.49 -60.45 -6.56
N LYS L 78 -8.80 -60.04 -7.62
CA LYS L 78 -7.45 -59.50 -7.55
C LYS L 78 -7.45 -58.11 -8.15
N GLY L 79 -6.68 -57.19 -7.53
CA GLY L 79 -6.45 -55.87 -8.06
C GLY L 79 -5.23 -55.85 -8.98
N ASP L 80 -4.72 -54.64 -9.22
CA ASP L 80 -3.60 -54.43 -10.14
C ASP L 80 -2.34 -53.98 -9.42
N VAL L 81 -2.29 -54.12 -8.09
CA VAL L 81 -1.12 -53.79 -7.29
C VAL L 81 -0.83 -54.97 -6.39
N GLU L 82 0.42 -55.06 -5.94
CA GLU L 82 0.80 -56.09 -4.97
C GLU L 82 0.37 -55.64 -3.58
N GLY L 83 -0.62 -56.33 -3.02
CA GLY L 83 -1.13 -55.96 -1.71
C GLY L 83 -0.96 -57.08 -0.69
N GLN L 84 -1.68 -56.97 0.42
CA GLN L 84 -1.65 -58.04 1.42
C GLN L 84 -2.11 -59.36 0.80
N ASP L 85 -3.27 -59.35 0.15
CA ASP L 85 -3.85 -60.54 -0.48
C ASP L 85 -4.00 -60.27 -1.96
N GLY L 86 -5.16 -59.80 -2.38
CA GLY L 86 -5.38 -59.47 -3.78
C GLY L 86 -5.06 -58.05 -4.19
N GLY L 87 -4.71 -57.18 -3.25
CA GLY L 87 -4.53 -55.79 -3.58
C GLY L 87 -5.82 -55.10 -3.94
N VAL L 88 -6.95 -55.62 -3.42
CA VAL L 88 -8.25 -55.09 -3.81
C VAL L 88 -8.50 -53.74 -3.14
N VAL L 89 -8.22 -53.63 -1.84
CA VAL L 89 -8.51 -52.37 -1.16
C VAL L 89 -7.78 -51.22 -1.85
N THR L 90 -6.48 -51.39 -2.13
CA THR L 90 -5.73 -50.27 -2.69
C THR L 90 -6.18 -49.96 -4.11
N THR L 91 -6.49 -50.99 -4.91
CA THR L 91 -6.95 -50.75 -6.27
C THR L 91 -8.29 -50.04 -6.29
N PHE L 92 -9.19 -50.42 -5.38
CA PHE L 92 -10.46 -49.71 -5.27
C PHE L 92 -10.26 -48.24 -4.93
N LEU L 93 -9.37 -47.95 -3.98
CA LEU L 93 -9.12 -46.55 -3.61
C LEU L 93 -8.52 -45.79 -4.77
N LYS L 94 -7.58 -46.42 -5.50
CA LYS L 94 -7.04 -45.81 -6.71
C LYS L 94 -8.15 -45.42 -7.67
N TYR L 95 -9.13 -46.32 -7.88
CA TYR L 95 -10.22 -46.03 -8.81
C TYR L 95 -11.10 -44.89 -8.29
N LEU L 96 -11.37 -44.86 -6.99
CA LEU L 96 -12.19 -43.79 -6.44
C LEU L 96 -11.48 -42.44 -6.55
N LEU L 97 -10.17 -42.43 -6.34
CA LEU L 97 -9.41 -41.19 -6.51
C LEU L 97 -9.39 -40.76 -7.97
N LYS L 98 -9.11 -41.70 -8.88
CA LYS L 98 -8.99 -41.35 -10.30
C LYS L 98 -10.31 -40.81 -10.85
N ASN L 99 -11.42 -41.40 -10.43
CA ASN L 99 -12.73 -41.00 -10.93
C ASN L 99 -13.36 -39.91 -10.08
N LYS L 100 -12.60 -39.34 -9.13
CA LYS L 100 -13.02 -38.14 -8.39
C LYS L 100 -14.26 -38.41 -7.55
N LYS L 101 -14.43 -39.64 -7.08
CA LYS L 101 -15.49 -39.92 -6.12
C LYS L 101 -15.12 -39.48 -4.72
N ILE L 102 -13.83 -39.32 -4.44
CA ILE L 102 -13.34 -38.85 -3.14
C ILE L 102 -12.22 -37.85 -3.39
N ASP L 103 -12.00 -36.98 -2.40
CA ASP L 103 -10.88 -36.04 -2.42
C ASP L 103 -9.64 -36.60 -1.77
N GLY L 104 -9.79 -37.63 -0.95
CA GLY L 104 -8.66 -38.27 -0.32
C GLY L 104 -9.12 -39.58 0.30
N ALA L 105 -8.13 -40.35 0.74
CA ALA L 105 -8.35 -41.63 1.39
C ALA L 105 -7.66 -41.64 2.75
N ILE L 106 -8.37 -42.13 3.76
CA ILE L 106 -7.82 -42.31 5.10
C ILE L 106 -7.36 -43.76 5.20
N VAL L 107 -6.04 -43.94 5.28
CA VAL L 107 -5.41 -45.24 5.17
C VAL L 107 -4.26 -45.33 6.16
N VAL L 108 -3.82 -46.55 6.41
CA VAL L 108 -2.80 -46.85 7.40
C VAL L 108 -1.50 -47.20 6.68
N GLY L 109 -0.49 -46.34 6.84
CA GLY L 109 0.87 -46.66 6.47
C GLY L 109 1.65 -47.16 7.67
N ASP L 110 2.98 -47.11 7.54
CA ASP L 110 3.80 -47.55 8.67
C ASP L 110 5.19 -46.93 8.56
N GLU L 111 5.78 -46.68 9.74
CA GLU L 111 7.19 -46.35 9.89
C GLU L 111 7.83 -47.56 10.57
N CYS L 112 8.47 -48.40 9.76
CA CYS L 112 9.07 -49.65 10.24
C CYS L 112 8.10 -50.37 11.18
N TRP L 113 6.91 -50.62 10.65
CA TRP L 113 5.81 -51.37 11.26
C TRP L 113 5.10 -50.65 12.41
N LYS L 114 5.50 -49.41 12.74
CA LYS L 114 4.70 -48.55 13.60
C LYS L 114 3.61 -47.94 12.72
N PRO L 115 2.33 -48.28 12.91
CA PRO L 115 1.30 -47.76 12.00
C PRO L 115 1.17 -46.24 12.12
N VAL L 116 0.80 -45.62 11.00
CA VAL L 116 0.54 -44.19 10.96
C VAL L 116 -0.72 -43.95 10.12
N SER L 117 -1.65 -43.18 10.67
CA SER L 117 -2.85 -42.77 9.94
C SER L 117 -2.49 -41.68 8.95
N LEU L 118 -2.86 -41.87 7.69
CA LEU L 118 -2.49 -40.93 6.64
C LEU L 118 -3.72 -40.51 5.85
N ILE L 119 -3.71 -39.26 5.40
CA ILE L 119 -4.62 -38.75 4.39
C ILE L 119 -3.82 -38.68 3.08
N VAL L 120 -4.21 -39.48 2.09
CA VAL L 120 -3.53 -39.55 0.82
C VAL L 120 -4.46 -39.03 -0.26
N GLN L 121 -3.90 -38.26 -1.20
CA GLN L 121 -4.70 -37.63 -2.24
C GLN L 121 -4.26 -38.01 -3.64
N ASN L 122 -3.26 -38.86 -3.79
CA ASN L 122 -2.76 -39.25 -5.11
C ASN L 122 -2.34 -40.70 -5.06
N GLU L 123 -2.10 -41.28 -6.24
CA GLU L 123 -1.75 -42.72 -6.33
C GLU L 123 -0.37 -43.00 -5.73
N GLU L 124 0.58 -42.07 -5.88
CA GLU L 124 1.92 -42.34 -5.37
C GLU L 124 1.91 -42.51 -3.85
N ASP L 125 1.21 -41.61 -3.15
CA ASP L 125 1.18 -41.70 -1.69
C ASP L 125 0.36 -42.88 -1.22
N LEU L 126 -0.60 -43.33 -2.01
CA LEU L 126 -1.42 -44.48 -1.65
C LEU L 126 -0.62 -45.78 -1.69
N MET L 127 0.40 -45.85 -2.56
CA MET L 127 1.15 -47.09 -2.71
C MET L 127 2.01 -47.40 -1.49
N ASN L 128 2.20 -46.44 -0.58
CA ASN L 128 2.93 -46.71 0.65
C ASN L 128 2.07 -47.38 1.72
N THR L 129 0.79 -47.63 1.46
CA THR L 129 -0.13 -48.07 2.50
C THR L 129 -0.68 -49.48 2.25
N THR L 130 -0.13 -50.21 1.28
CA THR L 130 -0.54 -51.58 1.11
C THR L 130 -0.07 -52.42 2.30
N LYS L 131 -0.64 -53.63 2.40
CA LYS L 131 -0.29 -54.63 3.40
C LYS L 131 -0.96 -54.36 4.74
N SER L 132 -1.21 -55.44 5.48
CA SER L 132 -1.80 -55.34 6.79
C SER L 132 -0.72 -55.00 7.81
N LYS L 133 -1.08 -54.11 8.73
CA LYS L 133 -0.28 -53.77 9.91
C LYS L 133 -1.11 -54.29 11.08
N TYR L 134 -0.63 -55.35 11.75
CA TYR L 134 -1.47 -56.09 12.68
C TYR L 134 -1.41 -55.54 14.11
N THR L 135 -1.11 -54.26 14.29
CA THR L 135 -1.06 -53.64 15.61
C THR L 135 -1.96 -52.41 15.63
N VAL L 136 -2.09 -51.82 16.81
CA VAL L 136 -3.10 -50.80 17.03
C VAL L 136 -2.94 -49.68 16.01
N SER L 137 -4.03 -49.33 15.34
CA SER L 137 -4.11 -48.25 14.37
C SER L 137 -5.01 -47.15 14.91
N THR L 138 -4.85 -45.94 14.38
CA THR L 138 -5.74 -44.85 14.74
C THR L 138 -6.44 -44.34 13.47
N LEU L 139 -7.33 -43.35 13.66
CA LEU L 139 -7.98 -42.65 12.55
C LEU L 139 -7.58 -41.19 12.51
N GLU L 140 -6.41 -40.84 13.06
CA GLU L 140 -6.11 -39.43 13.33
C GLU L 140 -6.07 -38.60 12.07
N ALA L 141 -5.74 -39.21 10.91
CA ALA L 141 -5.68 -38.44 9.68
C ALA L 141 -7.03 -37.83 9.29
N LEU L 142 -8.13 -38.31 9.87
CA LEU L 142 -9.41 -37.66 9.61
C LEU L 142 -9.39 -36.22 10.11
N LYS L 143 -8.73 -35.97 11.22
CA LYS L 143 -8.60 -34.59 11.72
C LYS L 143 -7.81 -33.74 10.74
N THR L 144 -6.72 -34.29 10.21
CA THR L 144 -5.91 -33.56 9.22
C THR L 144 -6.73 -33.26 7.99
N ALA L 145 -7.48 -34.25 7.48
CA ALA L 145 -8.30 -34.03 6.31
C ALA L 145 -9.32 -32.93 6.56
N GLY L 146 -9.83 -32.84 7.79
CA GLY L 146 -10.78 -31.79 8.12
C GLY L 146 -10.13 -30.42 8.15
N GLU L 147 -8.93 -30.33 8.71
CA GLU L 147 -8.18 -29.08 8.68
C GLU L 147 -7.86 -28.65 7.25
N MET L 148 -7.63 -29.63 6.37
CA MET L 148 -7.34 -29.31 4.98
C MET L 148 -8.59 -28.89 4.20
N GLY L 149 -9.79 -29.14 4.74
CA GLY L 149 -11.00 -28.80 4.06
C GLY L 149 -11.46 -29.80 3.02
N LEU L 150 -10.87 -30.98 2.99
CA LEU L 150 -11.31 -32.00 2.04
C LEU L 150 -12.79 -32.29 2.24
N GLU L 151 -13.54 -32.34 1.13
CA GLU L 151 -14.99 -32.49 1.20
C GLU L 151 -15.40 -33.93 1.44
N LYS L 152 -14.77 -34.89 0.75
CA LYS L 152 -15.16 -36.28 0.86
C LYS L 152 -13.93 -37.17 0.96
N VAL L 153 -14.02 -38.17 1.82
CA VAL L 153 -12.96 -39.18 1.94
C VAL L 153 -13.57 -40.57 1.94
N ALA L 154 -12.78 -41.53 1.45
CA ALA L 154 -12.95 -42.94 1.79
C ALA L 154 -12.09 -43.24 3.02
N VAL L 155 -12.57 -44.16 3.85
CA VAL L 155 -11.86 -44.61 5.04
C VAL L 155 -11.80 -46.13 5.03
N VAL L 156 -10.60 -46.68 5.25
CA VAL L 156 -10.39 -48.10 5.48
C VAL L 156 -10.33 -48.32 6.98
N GLY L 157 -11.07 -49.31 7.47
CA GLY L 157 -11.12 -49.54 8.90
C GLY L 157 -11.34 -50.98 9.29
N LEU L 158 -10.77 -51.35 10.44
CA LEU L 158 -11.16 -52.56 11.11
C LEU L 158 -12.62 -52.46 11.54
N PRO L 159 -13.27 -53.60 11.82
CA PRO L 159 -14.68 -53.55 12.19
C PRO L 159 -15.01 -52.57 13.31
N CYS L 160 -14.16 -52.46 14.33
CA CYS L 160 -14.48 -51.51 15.43
C CYS L 160 -14.44 -50.08 14.87
N GLN L 161 -13.51 -49.80 13.95
CA GLN L 161 -13.41 -48.47 13.34
C GLN L 161 -14.61 -48.17 12.43
N ILE L 162 -15.06 -49.16 11.64
CA ILE L 162 -16.28 -48.98 10.85
C ILE L 162 -17.46 -48.67 11.75
N ASN L 163 -17.55 -49.37 12.88
CA ASN L 163 -18.69 -49.21 13.79
C ASN L 163 -18.71 -47.81 14.40
N GLY L 164 -17.55 -47.32 14.84
CA GLY L 164 -17.51 -45.97 15.39
C GLY L 164 -17.80 -44.91 14.34
N LEU L 165 -17.32 -45.12 13.12
CA LEU L 165 -17.57 -44.13 12.07
C LEU L 165 -19.02 -44.15 11.61
N ARG L 166 -19.68 -45.31 11.64
CA ARG L 166 -21.12 -45.33 11.36
C ARG L 166 -21.89 -44.54 12.41
N LYS L 167 -21.48 -44.63 13.68
CA LYS L 167 -22.09 -43.81 14.71
C LYS L 167 -21.88 -42.32 14.42
N LEU L 168 -20.67 -41.95 13.97
CA LEU L 168 -20.41 -40.56 13.56
C LEU L 168 -21.35 -40.14 12.43
N GLN L 169 -21.48 -40.99 11.41
CA GLN L 169 -22.35 -40.67 10.28
C GLN L 169 -23.79 -40.46 10.73
N TYR L 170 -24.26 -41.26 11.69
CA TYR L 170 -25.64 -41.23 12.15
C TYR L 170 -25.79 -40.56 13.50
N PHE L 171 -24.86 -39.67 13.83
CA PHE L 171 -24.77 -39.09 15.17
C PHE L 171 -26.09 -38.49 15.62
N GLN L 172 -26.73 -37.69 14.77
CA GLN L 172 -27.95 -37.01 15.23
C GLN L 172 -29.04 -38.01 15.62
N TYR L 173 -29.08 -39.16 14.94
CA TYR L 173 -30.06 -40.19 15.26
C TYR L 173 -29.73 -40.91 16.57
N LEU L 174 -28.45 -41.06 16.88
CA LEU L 174 -28.05 -41.83 18.06
C LEU L 174 -27.91 -40.94 19.29
N ALA L 175 -27.27 -39.78 19.14
CA ALA L 175 -27.06 -38.87 20.25
C ALA L 175 -28.25 -37.93 20.46
N LYS L 176 -29.11 -37.75 19.46
CA LYS L 176 -30.32 -36.94 19.53
C LYS L 176 -30.04 -35.43 19.56
N HIS L 177 -28.88 -34.99 19.09
CA HIS L 177 -28.57 -33.57 19.00
C HIS L 177 -27.47 -33.40 17.96
N ASP L 178 -27.09 -32.14 17.70
CA ASP L 178 -26.06 -31.85 16.73
C ASP L 178 -24.67 -32.09 17.32
N GLY L 179 -23.69 -32.22 16.43
CA GLY L 179 -22.30 -32.30 16.85
C GLY L 179 -21.92 -31.28 17.91
N GLU L 180 -21.12 -31.72 18.87
CA GLU L 180 -20.70 -30.86 20.01
C GLU L 180 -19.99 -29.59 19.55
N LEU L 181 -20.40 -28.45 20.11
CA LEU L 181 -19.77 -27.16 19.87
C LEU L 181 -18.53 -27.02 20.75
N GLY L 182 -17.43 -26.59 20.15
CA GLY L 182 -16.24 -26.26 20.91
C GLY L 182 -16.38 -24.93 21.63
N LYS L 183 -15.30 -24.57 22.32
CA LYS L 183 -15.24 -23.28 23.07
C LYS L 183 -15.50 -22.12 22.08
N ASN L 184 -15.03 -22.25 20.85
CA ASN L 184 -15.25 -21.18 19.87
C ASN L 184 -16.66 -21.21 19.27
N GLY L 185 -17.51 -22.13 19.71
CA GLY L 185 -18.89 -22.17 19.29
C GLY L 185 -19.16 -22.96 18.03
N LYS L 186 -18.16 -23.65 17.48
CA LYS L 186 -18.28 -24.37 16.23
C LYS L 186 -17.94 -25.84 16.43
N PRO L 187 -18.57 -26.72 15.65
CA PRO L 187 -18.28 -28.16 15.75
C PRO L 187 -16.94 -28.50 15.09
N VAL L 188 -16.53 -29.76 15.30
CA VAL L 188 -15.27 -30.22 14.75
C VAL L 188 -15.32 -30.15 13.22
N LYS L 189 -14.17 -29.81 12.61
CA LYS L 189 -14.03 -29.82 11.13
C LYS L 189 -13.60 -31.23 10.70
N LEU L 190 -14.48 -31.94 9.99
CA LEU L 190 -14.22 -33.28 9.47
C LEU L 190 -14.77 -33.41 8.06
N PRO L 191 -14.14 -34.23 7.22
CA PRO L 191 -14.72 -34.49 5.90
C PRO L 191 -15.96 -35.37 5.99
N LYS L 192 -16.76 -35.33 4.92
CA LYS L 192 -17.81 -36.32 4.75
C LYS L 192 -17.17 -37.67 4.46
N ILE L 193 -17.53 -38.69 5.25
CA ILE L 193 -17.08 -40.06 4.99
C ILE L 193 -18.02 -40.64 3.95
N GLU L 194 -17.51 -40.74 2.72
CA GLU L 194 -18.30 -41.16 1.57
C GLU L 194 -18.29 -42.66 1.35
N TYR L 195 -17.19 -43.34 1.70
CA TYR L 195 -17.06 -44.78 1.61
C TYR L 195 -16.43 -45.33 2.90
N LEU L 196 -16.98 -46.44 3.39
CA LEU L 196 -16.41 -47.15 4.53
C LEU L 196 -16.03 -48.54 4.04
N ILE L 197 -14.73 -48.79 3.92
CA ILE L 197 -14.19 -50.08 3.48
C ILE L 197 -13.71 -50.82 4.70
N GLY L 198 -14.39 -51.90 5.05
CA GLY L 198 -14.04 -52.67 6.21
C GLY L 198 -13.10 -53.82 5.90
N LEU L 199 -12.20 -54.09 6.84
CA LEU L 199 -11.35 -55.28 6.80
C LEU L 199 -11.93 -56.34 7.73
N LEU L 200 -11.87 -57.59 7.29
CA LEU L 200 -12.12 -58.69 8.21
C LEU L 200 -11.03 -58.70 9.28
N CYS L 201 -11.40 -59.13 10.49
CA CYS L 201 -10.46 -59.04 11.61
C CYS L 201 -10.78 -60.05 12.71
N THR L 202 -9.78 -60.86 13.06
CA THR L 202 -9.90 -61.72 14.22
C THR L 202 -9.30 -61.06 15.47
N GLU L 203 -8.27 -60.23 15.30
CA GLU L 203 -7.65 -59.56 16.43
C GLU L 203 -6.53 -58.66 15.92
N LYS L 204 -6.06 -57.78 16.80
CA LYS L 204 -4.85 -57.01 16.58
C LYS L 204 -4.04 -57.06 17.87
N PHE L 205 -2.79 -56.60 17.79
CA PHE L 205 -1.84 -56.69 18.89
C PHE L 205 -1.32 -55.30 19.28
N GLU L 206 -0.84 -55.20 20.52
CA GLU L 206 -0.01 -54.09 20.92
C GLU L 206 1.36 -54.23 20.25
N TYR L 207 1.88 -53.13 19.73
CA TYR L 207 3.15 -53.18 19.00
C TYR L 207 4.26 -53.72 19.89
N ASP L 208 4.39 -53.21 21.12
CA ASP L 208 5.47 -53.69 21.99
C ASP L 208 5.34 -55.18 22.28
N GLU L 209 4.09 -55.63 22.49
CA GLU L 209 3.83 -57.07 22.78
C GLU L 209 4.26 -57.94 21.58
N LEU L 210 3.88 -57.54 20.37
CA LEU L 210 4.24 -58.31 19.19
C LEU L 210 5.75 -58.30 18.98
N LYS L 211 6.37 -57.12 19.07
CA LYS L 211 7.81 -57.04 18.87
C LYS L 211 8.57 -57.92 19.85
N GLU L 212 8.19 -57.90 21.13
CA GLU L 212 8.85 -58.75 22.12
C GLU L 212 8.60 -60.23 21.83
N THR L 213 7.37 -60.59 21.45
CA THR L 213 7.10 -61.99 21.09
C THR L 213 7.95 -62.43 19.91
N LEU L 214 8.04 -61.61 18.88
CA LEU L 214 8.95 -61.92 17.78
C LEU L 214 10.38 -62.10 18.28
N ALA L 215 10.81 -61.26 19.22
CA ALA L 215 12.17 -61.41 19.76
C ALA L 215 12.35 -62.75 20.44
N LYS L 216 11.31 -63.25 21.13
CA LYS L 216 11.39 -64.58 21.73
C LYS L 216 11.65 -65.65 20.67
N TYR L 217 11.23 -65.35 19.45
CA TYR L 217 11.41 -66.27 18.30
C TYR L 217 12.66 -65.87 17.52
N ASN L 218 13.53 -65.04 18.14
CA ASN L 218 14.80 -64.63 17.55
C ASN L 218 14.61 -63.85 16.26
N ILE L 219 13.49 -63.13 16.17
CA ILE L 219 13.17 -62.30 15.02
C ILE L 219 13.20 -60.84 15.45
N ASN L 220 13.85 -60.01 14.63
CA ASN L 220 13.84 -58.56 14.78
C ASN L 220 12.70 -58.01 13.93
N MET L 221 11.68 -57.48 14.59
CA MET L 221 10.52 -56.98 13.86
C MET L 221 10.89 -55.97 12.79
N ASP L 222 11.94 -55.17 13.04
CA ASP L 222 12.33 -54.14 12.08
C ASP L 222 12.78 -54.73 10.75
N ASP L 223 13.18 -56.00 10.72
CA ASP L 223 13.61 -56.65 9.48
C ASP L 223 12.48 -57.35 8.74
N VAL L 224 11.26 -57.34 9.28
CA VAL L 224 10.19 -58.14 8.71
C VAL L 224 9.72 -57.50 7.42
N GLU L 225 9.54 -58.32 6.39
CA GLU L 225 9.08 -57.84 5.08
C GLU L 225 7.56 -57.85 4.98
N LYS L 226 6.90 -58.84 5.58
CA LYS L 226 5.45 -58.97 5.50
C LYS L 226 4.97 -59.79 6.69
N PHE L 227 3.80 -59.42 7.21
CA PHE L 227 3.05 -60.21 8.18
C PHE L 227 1.79 -60.76 7.51
N ASP L 228 1.24 -61.82 8.09
CA ASP L 228 -0.05 -62.36 7.65
C ASP L 228 -0.66 -63.18 8.78
N ILE L 229 -1.97 -63.34 8.72
CA ILE L 229 -2.69 -64.23 9.64
C ILE L 229 -3.51 -65.19 8.78
N LYS L 230 -3.09 -66.45 8.74
CA LYS L 230 -3.78 -67.50 8.00
C LYS L 230 -3.85 -68.75 8.87
N LYS L 231 -5.06 -69.31 9.01
CA LYS L 231 -5.29 -70.56 9.72
C LYS L 231 -4.72 -70.53 11.13
N GLY L 232 -5.12 -69.53 11.90
CA GLY L 232 -4.76 -69.51 13.31
C GLY L 232 -3.31 -69.26 13.62
N LYS L 233 -2.51 -68.88 12.62
CA LYS L 233 -1.10 -68.61 12.82
C LYS L 233 -0.75 -67.21 12.34
N LEU L 234 0.17 -66.58 13.05
CA LEU L 234 0.84 -65.37 12.56
C LEU L 234 2.00 -65.80 11.67
N LEU L 235 1.96 -65.41 10.41
CA LEU L 235 3.05 -65.69 9.47
C LEU L 235 3.97 -64.48 9.40
N VAL L 236 5.28 -64.73 9.53
CA VAL L 236 6.29 -63.68 9.55
C VAL L 236 7.30 -63.97 8.45
N TYR L 237 7.39 -63.06 7.49
CA TYR L 237 8.30 -63.21 6.36
C TYR L 237 9.48 -62.27 6.60
N VAL L 238 10.65 -62.85 6.82
CA VAL L 238 11.85 -62.08 7.16
C VAL L 238 13.06 -62.80 6.60
N ASN L 239 13.93 -62.06 5.92
CA ASN L 239 15.16 -62.58 5.31
C ASN L 239 14.88 -63.77 4.40
N GLY L 240 13.78 -63.67 3.64
CA GLY L 240 13.47 -64.71 2.68
C GLY L 240 13.07 -66.02 3.31
N GLU L 241 12.53 -65.97 4.53
CA GLU L 241 12.11 -67.17 5.23
C GLU L 241 10.71 -66.92 5.79
N GLU L 242 9.95 -67.99 5.94
CA GLU L 242 8.61 -67.92 6.51
C GLU L 242 8.61 -68.59 7.87
N HIS L 243 8.19 -67.85 8.89
CA HIS L 243 8.09 -68.36 10.24
C HIS L 243 6.61 -68.34 10.64
N LYS L 244 6.19 -69.40 11.32
CA LYS L 244 4.80 -69.54 11.74
C LYS L 244 4.77 -69.50 13.26
N ILE L 245 3.94 -68.62 13.80
CA ILE L 245 3.79 -68.47 15.25
C ILE L 245 2.31 -68.69 15.58
N PRO L 246 1.97 -69.68 16.41
CA PRO L 246 0.56 -69.86 16.75
C PRO L 246 -0.02 -68.63 17.43
N LEU L 247 -1.22 -68.25 17.02
CA LEU L 247 -1.87 -67.10 17.63
C LEU L 247 -1.99 -67.28 19.13
N LYS L 248 -2.06 -68.52 19.60
CA LYS L 248 -2.18 -68.80 21.03
C LYS L 248 -1.05 -68.15 21.82
N GLU L 249 0.12 -68.02 21.20
CA GLU L 249 1.32 -67.59 21.92
C GLU L 249 1.39 -66.07 22.06
N ILE L 250 0.59 -65.34 21.31
CA ILE L 250 0.67 -63.88 21.21
C ILE L 250 -0.52 -63.28 21.93
N GLU L 251 -0.25 -62.39 22.88
CA GLU L 251 -1.31 -61.71 23.62
C GLU L 251 -1.97 -60.69 22.69
N LEU L 252 -3.29 -60.81 22.54
CA LEU L 252 -3.99 -59.83 21.66
C LEU L 252 -4.34 -58.60 22.51
N SER L 253 -4.58 -57.47 21.85
CA SER L 253 -5.02 -56.25 22.52
C SER L 253 -6.30 -56.55 23.30
N ALA L 254 -6.37 -56.08 24.53
CA ALA L 254 -7.39 -56.56 25.46
C ALA L 254 -8.81 -56.32 24.93
N GLY L 255 -9.05 -55.16 24.31
CA GLY L 255 -10.39 -54.85 23.83
C GLY L 255 -10.91 -55.85 22.82
N CYS L 256 -10.02 -56.54 22.12
CA CYS L 256 -10.47 -57.52 21.13
C CYS L 256 -11.25 -58.66 21.76
N LYS L 257 -11.02 -58.94 23.04
CA LYS L 257 -11.78 -60.01 23.69
C LYS L 257 -13.25 -59.63 23.88
N MET L 258 -13.58 -58.33 23.83
CA MET L 258 -14.96 -57.87 23.98
C MET L 258 -15.63 -57.61 22.65
N CYS L 259 -15.06 -58.13 21.56
CA CYS L 259 -15.51 -57.79 20.21
C CYS L 259 -16.40 -58.87 19.63
N ARG L 260 -17.40 -58.43 18.86
CA ARG L 260 -18.39 -59.33 18.27
C ARG L 260 -18.35 -59.39 16.75
N ASP L 261 -17.66 -58.47 16.10
CA ASP L 261 -17.85 -58.18 14.69
C ASP L 261 -16.60 -58.65 13.95
N PHE L 262 -16.73 -59.78 13.24
CA PHE L 262 -15.56 -60.30 12.53
C PHE L 262 -15.43 -59.74 11.12
N ASP L 263 -16.54 -59.59 10.39
CA ASP L 263 -16.47 -59.29 8.96
C ASP L 263 -16.81 -57.84 8.65
N ALA L 264 -16.72 -56.95 9.64
CA ALA L 264 -17.05 -55.54 9.46
C ALA L 264 -18.43 -55.41 8.81
N GLU L 265 -19.43 -55.93 9.52
CA GLU L 265 -20.75 -56.17 8.97
C GLU L 265 -21.47 -54.89 8.58
N MET L 266 -20.97 -53.73 9.02
CA MET L 266 -21.64 -52.43 8.72
C MET L 266 -20.89 -51.65 7.63
N ALA L 267 -19.85 -52.24 7.04
CA ALA L 267 -19.12 -51.52 6.00
C ALA L 267 -19.90 -51.50 4.70
N ASP L 268 -19.57 -50.52 3.85
CA ASP L 268 -20.11 -50.51 2.50
C ASP L 268 -19.63 -51.74 1.73
N VAL L 269 -18.36 -52.07 1.87
CA VAL L 269 -17.79 -53.32 1.34
C VAL L 269 -16.73 -53.79 2.34
N SER L 270 -16.69 -55.10 2.58
CA SER L 270 -15.71 -55.71 3.46
C SER L 270 -14.77 -56.62 2.68
N VAL L 271 -13.51 -56.62 3.08
CA VAL L 271 -12.45 -57.27 2.34
C VAL L 271 -11.59 -58.06 3.31
N GLY L 272 -11.28 -59.29 2.94
CA GLY L 272 -10.44 -60.14 3.76
C GLY L 272 -9.80 -61.21 2.91
N CYS L 273 -9.20 -62.18 3.59
CA CYS L 273 -8.57 -63.31 2.91
C CYS L 273 -9.32 -64.62 3.12
N VAL L 274 -10.03 -64.77 4.24
CA VAL L 274 -10.74 -66.02 4.49
C VAL L 274 -11.81 -66.23 3.43
N GLY L 275 -11.93 -67.47 2.96
CA GLY L 275 -12.96 -67.86 2.01
C GLY L 275 -12.55 -67.76 0.55
N SER L 276 -11.37 -67.24 0.27
CA SER L 276 -10.91 -66.98 -1.08
C SER L 276 -9.51 -67.54 -1.26
N PRO L 277 -9.16 -67.98 -2.47
CA PRO L 277 -7.83 -68.57 -2.69
C PRO L 277 -6.73 -67.56 -2.46
N ASP L 278 -5.55 -68.09 -2.13
CA ASP L 278 -4.34 -67.26 -1.86
C ASP L 278 -4.07 -66.35 -3.06
N GLY L 279 -3.75 -65.09 -2.79
CA GLY L 279 -3.49 -64.12 -3.84
C GLY L 279 -4.71 -63.37 -4.29
N TYR L 280 -5.89 -63.73 -3.78
CA TYR L 280 -7.13 -63.00 -3.99
C TYR L 280 -7.62 -62.50 -2.64
N SER L 281 -8.44 -61.46 -2.69
CA SER L 281 -9.16 -60.98 -1.52
C SER L 281 -10.63 -61.34 -1.61
N THR L 282 -11.19 -61.78 -0.49
CA THR L 282 -12.63 -61.91 -0.32
C THR L 282 -13.26 -60.52 -0.29
N VAL L 283 -14.40 -60.36 -0.97
CA VAL L 283 -15.09 -59.09 -1.10
C VAL L 283 -16.57 -59.33 -0.77
N ILE L 284 -17.06 -58.69 0.28
CA ILE L 284 -18.45 -58.77 0.68
C ILE L 284 -19.07 -57.38 0.48
N ILE L 285 -19.95 -57.26 -0.51
CA ILE L 285 -20.56 -56.00 -0.88
C ILE L 285 -21.89 -55.88 -0.15
N ARG L 286 -22.11 -54.74 0.49
CA ARG L 286 -23.25 -54.57 1.39
C ARG L 286 -24.11 -53.34 1.10
N THR L 287 -23.62 -52.36 0.35
CA THR L 287 -24.41 -51.19 0.02
C THR L 287 -24.15 -50.81 -1.44
N GLU L 288 -24.91 -49.81 -1.92
CA GLU L 288 -24.69 -49.31 -3.27
C GLU L 288 -23.36 -48.57 -3.38
N LYS L 289 -22.88 -47.95 -2.30
CA LYS L 289 -21.52 -47.40 -2.30
C LYS L 289 -20.50 -48.51 -2.51
N GLY L 290 -20.67 -49.61 -1.79
CA GLY L 290 -19.77 -50.74 -1.98
C GLY L 290 -19.89 -51.38 -3.35
N GLU L 291 -21.06 -51.28 -3.98
CA GLU L 291 -21.26 -51.88 -5.30
C GLU L 291 -20.32 -51.27 -6.33
N GLU L 292 -19.85 -50.04 -6.10
CA GLU L 292 -18.95 -49.39 -7.05
C GLU L 292 -17.65 -50.16 -7.24
N ILE L 293 -17.27 -50.97 -6.26
CA ILE L 293 -16.06 -51.78 -6.41
C ILE L 293 -16.13 -52.68 -7.63
N LYS L 294 -17.34 -52.99 -8.13
CA LYS L 294 -17.47 -53.86 -9.30
C LYS L 294 -16.88 -53.20 -10.54
N ASN L 295 -16.81 -51.86 -10.57
CA ASN L 295 -16.15 -51.16 -11.66
C ASN L 295 -14.64 -51.16 -11.52
N ALA L 296 -14.12 -51.43 -10.33
CA ALA L 296 -12.69 -51.34 -10.09
C ALA L 296 -12.00 -52.70 -10.13
N ILE L 297 -12.72 -53.78 -9.88
CA ILE L 297 -12.13 -55.11 -9.74
C ILE L 297 -12.95 -56.09 -10.58
N GLU L 298 -12.26 -57.02 -11.23
CA GLU L 298 -12.90 -58.12 -11.95
C GLU L 298 -13.24 -59.19 -10.93
N LEU L 299 -14.49 -59.22 -10.47
CA LEU L 299 -14.87 -60.09 -9.37
C LEU L 299 -15.38 -61.43 -9.88
N LYS L 300 -15.22 -62.45 -9.04
CA LYS L 300 -15.63 -63.81 -9.34
C LYS L 300 -16.44 -64.36 -8.18
N GLU L 301 -17.36 -65.26 -8.49
CA GLU L 301 -18.12 -65.96 -7.47
C GLU L 301 -17.39 -67.23 -7.05
N GLY L 302 -17.73 -67.74 -5.86
CA GLY L 302 -17.19 -69.00 -5.42
C GLY L 302 -16.51 -68.91 -4.06
N VAL L 303 -16.93 -67.94 -3.26
CA VAL L 303 -16.36 -67.79 -1.92
C VAL L 303 -16.78 -68.98 -1.06
N ASN L 304 -15.88 -69.42 -0.18
CA ASN L 304 -16.21 -70.49 0.77
C ASN L 304 -16.95 -69.87 1.94
N LEU L 305 -18.27 -69.93 1.90
CA LEU L 305 -19.08 -69.23 2.89
C LEU L 305 -18.89 -69.82 4.27
N GLU L 306 -18.81 -71.15 4.36
CA GLU L 306 -18.65 -71.81 5.66
C GLU L 306 -17.37 -71.38 6.36
N ALA L 307 -16.29 -71.14 5.60
CA ALA L 307 -15.04 -70.73 6.22
C ALA L 307 -15.19 -69.39 6.94
N ILE L 308 -15.92 -68.46 6.33
CA ILE L 308 -16.14 -67.16 6.95
C ILE L 308 -17.04 -67.32 8.17
N GLU L 309 -18.12 -68.11 8.04
CA GLU L 309 -19.00 -68.32 9.18
C GLU L 309 -18.23 -68.90 10.37
N LYS L 310 -17.24 -69.77 10.10
CA LYS L 310 -16.46 -70.36 11.19
C LYS L 310 -15.77 -69.30 12.04
N LEU L 311 -15.21 -68.26 11.39
CA LEU L 311 -14.53 -67.22 12.13
C LEU L 311 -15.51 -66.28 12.82
N ARG L 312 -16.72 -66.11 12.28
CA ARG L 312 -17.75 -65.38 12.99
C ARG L 312 -18.07 -66.05 14.31
N ASP L 313 -18.23 -67.38 14.30
CA ASP L 313 -18.56 -68.12 15.52
C ASP L 313 -17.38 -68.16 16.48
N LEU L 314 -16.16 -68.33 15.97
CA LEU L 314 -14.99 -68.25 16.84
C LEU L 314 -15.00 -66.95 17.63
N LYS L 315 -15.23 -65.83 16.93
CA LYS L 315 -15.18 -64.52 17.60
C LYS L 315 -16.33 -64.38 18.60
N LEU L 316 -17.54 -64.77 18.21
CA LEU L 316 -18.66 -64.66 19.14
C LEU L 316 -18.45 -65.51 20.38
N ASN L 317 -17.87 -66.71 20.23
CA ASN L 317 -17.61 -67.53 21.40
C ASN L 317 -16.52 -66.95 22.27
N ARG L 318 -15.51 -66.31 21.67
CA ARG L 318 -14.51 -65.60 22.46
C ARG L 318 -15.17 -64.48 23.28
N PHE L 319 -16.09 -63.74 22.66
CA PHE L 319 -16.80 -62.67 23.34
C PHE L 319 -17.66 -63.20 24.48
N LYS L 320 -18.42 -64.27 24.22
CA LYS L 320 -19.31 -64.81 25.24
C LYS L 320 -18.51 -65.31 26.44
N LYS L 321 -17.34 -65.91 26.18
CA LYS L 321 -16.51 -66.39 27.28
C LYS L 321 -15.99 -65.22 28.13
N GLU L 322 -15.60 -64.12 27.48
CA GLU L 322 -15.09 -62.97 28.22
C GLU L 322 -16.20 -62.30 29.03
N VAL L 323 -17.39 -62.18 28.45
CA VAL L 323 -18.51 -61.59 29.19
C VAL L 323 -18.87 -62.47 30.38
N GLU L 324 -18.94 -63.79 30.19
CA GLU L 324 -19.24 -64.67 31.31
C GLU L 324 -18.16 -64.60 32.37
N ARG L 325 -16.89 -64.51 31.96
CA ARG L 325 -15.81 -64.35 32.93
C ARG L 325 -16.00 -63.07 33.75
N ARG L 326 -16.31 -61.97 33.07
CA ARG L 326 -16.53 -60.70 33.76
C ARG L 326 -17.71 -60.79 34.73
N LYS L 327 -18.76 -61.51 34.32
CA LYS L 327 -19.91 -61.71 35.19
C LYS L 327 -19.50 -62.45 36.46
N ALA L 328 -18.65 -63.46 36.31
CA ALA L 328 -18.26 -64.28 37.46
C ALA L 328 -17.29 -63.54 38.38
N GLU L 329 -16.44 -62.67 37.83
CA GLU L 329 -15.47 -61.91 38.61
C GLU L 329 -16.00 -60.53 38.99
N ASP L 330 -17.26 -60.24 38.70
CA ASP L 330 -17.85 -58.92 38.97
C ASP L 330 -17.01 -57.78 38.41
N GLU L 331 -16.53 -57.95 37.18
CA GLU L 331 -15.82 -56.89 36.48
C GLU L 331 -16.81 -56.05 35.66
N LYS L 332 -16.35 -54.87 35.25
CA LYS L 332 -17.19 -53.93 34.50
C LYS L 332 -17.55 -54.51 33.12
N VAL L 333 -18.84 -54.44 32.77
CA VAL L 333 -19.32 -54.83 31.45
C VAL L 333 -20.16 -53.69 30.89
N SER L 334 -19.84 -53.26 29.66
CA SER L 334 -20.67 -52.33 28.92
C SER L 334 -21.52 -53.13 27.94
N PHE L 335 -22.84 -53.09 28.12
CA PHE L 335 -23.75 -53.91 27.32
C PHE L 335 -24.06 -53.25 25.98
N TYR L 336 -22.99 -52.96 25.24
CA TYR L 336 -23.14 -52.09 24.08
C TYR L 336 -24.00 -52.71 22.99
N TRP L 337 -24.15 -54.03 22.98
CA TRP L 337 -24.85 -54.73 21.90
C TRP L 337 -26.37 -54.79 22.11
N THR L 338 -26.90 -54.27 23.23
CA THR L 338 -28.35 -54.23 23.36
C THR L 338 -28.98 -53.41 22.24
N ALA L 339 -28.27 -52.40 21.77
CA ALA L 339 -28.71 -51.54 20.67
C ALA L 339 -28.65 -52.26 19.33
N ASP L 340 -28.20 -53.52 19.32
CA ASP L 340 -28.33 -54.35 18.13
C ASP L 340 -29.79 -54.68 17.84
N TYR L 341 -30.67 -54.56 18.83
CA TYR L 341 -32.03 -55.10 18.74
C TYR L 341 -33.09 -54.02 18.92
N GLY L 342 -34.15 -54.08 18.12
CA GLY L 342 -35.29 -53.21 18.34
C GLY L 342 -36.07 -53.58 19.58
N GLY L 343 -36.71 -52.57 20.17
CA GLY L 343 -37.59 -52.79 21.30
C GLY L 343 -36.91 -52.87 22.66
N VAL L 344 -35.62 -52.58 22.75
CA VAL L 344 -34.89 -52.65 24.00
C VAL L 344 -34.68 -51.23 24.52
N GLY L 345 -35.05 -51.01 25.77
CA GLY L 345 -34.80 -49.72 26.42
C GLY L 345 -34.15 -49.94 27.77
N LYS L 346 -33.38 -48.94 28.20
CA LYS L 346 -32.72 -49.02 29.49
C LYS L 346 -33.55 -48.35 30.58
N ARG L 347 -33.81 -49.09 31.65
CA ARG L 347 -34.56 -48.55 32.79
C ARG L 347 -33.67 -47.65 33.64
N ALA L 348 -34.30 -46.94 34.58
CA ALA L 348 -33.56 -46.02 35.44
C ALA L 348 -32.55 -46.75 36.33
N ASP L 349 -32.78 -48.04 36.63
CA ASP L 349 -31.95 -48.76 37.58
C ASP L 349 -30.88 -49.63 36.91
N GLY L 350 -30.65 -49.45 35.62
CA GLY L 350 -29.59 -50.17 34.96
C GLY L 350 -29.97 -51.51 34.39
N THR L 351 -31.18 -52.01 34.67
CA THR L 351 -31.69 -53.16 33.95
C THR L 351 -32.44 -52.64 32.72
N TYR L 352 -33.03 -53.56 31.96
CA TYR L 352 -33.64 -53.21 30.69
C TYR L 352 -35.12 -53.62 30.66
N PHE L 353 -35.86 -52.98 29.76
CA PHE L 353 -37.20 -53.43 29.39
C PHE L 353 -37.19 -53.82 27.92
N ILE L 354 -38.01 -54.81 27.58
CA ILE L 354 -38.14 -55.32 26.23
C ILE L 354 -39.60 -55.17 25.82
N ARG L 355 -39.83 -54.38 24.77
CA ARG L 355 -41.17 -54.09 24.27
C ARG L 355 -41.45 -54.99 23.07
N ILE L 356 -42.52 -55.78 23.18
CA ILE L 356 -43.02 -56.60 22.08
C ILE L 356 -43.99 -55.72 21.31
N ARG L 357 -43.64 -55.41 20.07
CA ARG L 357 -44.43 -54.51 19.25
C ARG L 357 -45.90 -54.92 19.26
N ALA L 358 -46.76 -53.97 19.64
CA ALA L 358 -48.22 -54.23 19.78
C ALA L 358 -48.80 -54.93 18.55
N LYS L 359 -49.57 -55.99 18.77
CA LYS L 359 -50.25 -56.76 17.69
C LYS L 359 -51.48 -55.97 17.24
N PRO L 360 -51.90 -56.07 15.95
CA PRO L 360 -53.06 -55.33 15.45
C PRO L 360 -54.32 -55.38 16.34
N ALA L 361 -54.83 -54.19 16.65
CA ALA L 361 -56.04 -53.97 17.44
C ALA L 361 -55.94 -54.58 18.84
N GLY L 362 -54.72 -54.92 19.27
CA GLY L 362 -54.53 -55.45 20.60
C GLY L 362 -55.04 -56.84 20.84
N TRP L 363 -55.32 -57.63 19.78
CA TRP L 363 -55.76 -59.01 19.94
C TRP L 363 -54.55 -59.92 20.14
N TYR L 364 -54.61 -60.77 21.15
CA TYR L 364 -53.58 -61.78 21.40
C TYR L 364 -54.27 -63.12 21.64
N SER L 365 -53.79 -64.17 21.00
CA SER L 365 -54.26 -65.49 21.34
C SER L 365 -53.84 -65.82 22.76
N ILE L 366 -54.62 -66.69 23.40
CA ILE L 366 -54.28 -67.11 24.76
C ILE L 366 -52.93 -67.80 24.76
N ASP L 367 -52.64 -68.62 23.74
CA ASP L 367 -51.34 -69.28 23.68
C ASP L 367 -50.20 -68.27 23.54
N GLU L 368 -50.38 -67.25 22.70
CA GLU L 368 -49.36 -66.22 22.54
C GLU L 368 -49.07 -65.53 23.87
N ALA L 369 -50.11 -65.11 24.57
CA ALA L 369 -49.95 -64.45 25.86
C ALA L 369 -49.25 -65.36 26.85
N ARG L 370 -49.62 -66.63 26.88
CA ARG L 370 -48.96 -67.57 27.78
C ARG L 370 -47.49 -67.71 27.44
N GLU L 371 -47.16 -67.69 26.14
CA GLU L 371 -45.74 -67.80 25.71
C GLU L 371 -44.96 -66.58 26.22
N ILE L 372 -45.53 -65.38 26.08
CA ILE L 372 -44.85 -64.19 26.56
C ILE L 372 -44.59 -64.29 28.06
N LEU L 373 -45.59 -64.75 28.81
CA LEU L 373 -45.44 -64.85 30.26
C LEU L 373 -44.38 -65.86 30.63
N GLU L 374 -44.30 -66.97 29.89
CA GLU L 374 -43.28 -67.97 30.15
C GLU L 374 -41.89 -67.40 29.97
N ILE L 375 -41.69 -66.61 28.92
CA ILE L 375 -40.35 -66.05 28.69
C ILE L 375 -40.03 -65.01 29.76
N ALA L 376 -40.99 -64.15 30.11
CA ALA L 376 -40.78 -63.19 31.17
C ALA L 376 -40.39 -63.89 32.47
N GLU L 377 -41.11 -64.96 32.81
CA GLU L 377 -40.81 -65.70 34.03
C GLU L 377 -39.40 -66.26 33.99
N LYS L 378 -38.99 -66.78 32.82
CA LYS L 378 -37.67 -67.39 32.72
C LYS L 378 -36.57 -66.40 33.03
N TYR L 379 -36.74 -65.13 32.64
CA TYR L 379 -35.71 -64.12 32.81
C TYR L 379 -36.00 -63.16 33.96
N ASP L 380 -36.94 -63.52 34.84
CA ASP L 380 -37.30 -62.71 36.01
C ASP L 380 -37.85 -61.34 35.61
N GLY L 381 -38.58 -61.28 34.50
CA GLY L 381 -39.18 -60.06 34.04
C GLY L 381 -40.55 -59.79 34.64
N LYS L 382 -40.92 -58.51 34.62
CA LYS L 382 -42.21 -58.05 35.14
C LYS L 382 -43.02 -57.45 33.99
N ILE L 383 -44.32 -57.75 33.98
CA ILE L 383 -45.19 -57.40 32.88
C ILE L 383 -45.77 -56.00 33.07
N LYS L 384 -45.67 -55.18 32.03
CA LYS L 384 -46.33 -53.88 31.95
C LYS L 384 -47.05 -53.79 30.62
N MET L 385 -48.32 -53.41 30.66
CA MET L 385 -49.15 -53.25 29.43
C MET L 385 -49.13 -51.77 29.05
N THR L 386 -48.67 -51.45 27.83
CA THR L 386 -48.56 -50.06 27.41
C THR L 386 -49.90 -49.53 26.87
N ASN L 387 -49.99 -48.20 26.72
CA ASN L 387 -51.20 -47.58 26.21
C ASN L 387 -51.31 -47.67 24.67
N ARG L 388 -50.46 -48.46 24.01
CA ARG L 388 -50.68 -48.89 22.63
C ARG L 388 -50.94 -50.39 22.52
N GLY L 389 -51.23 -51.06 23.63
CA GLY L 389 -51.60 -52.46 23.63
C GLY L 389 -50.47 -53.46 23.56
N ALA L 390 -49.27 -53.09 24.00
CA ALA L 390 -48.11 -53.95 23.94
C ALA L 390 -47.75 -54.54 25.30
N PHE L 391 -47.24 -55.77 25.27
CA PHE L 391 -46.53 -56.33 26.40
C PHE L 391 -45.12 -55.74 26.45
N GLU L 392 -44.75 -55.21 27.60
CA GLU L 392 -43.40 -54.69 27.85
C GLU L 392 -42.88 -55.38 29.10
N ILE L 393 -41.72 -56.02 28.98
CA ILE L 393 -41.17 -56.85 30.05
C ILE L 393 -40.01 -56.10 30.68
N HIS L 394 -40.11 -55.86 31.99
CA HIS L 394 -39.18 -55.01 32.71
C HIS L 394 -38.27 -55.79 33.64
N GLY L 395 -37.07 -55.23 33.86
CA GLY L 395 -36.15 -55.75 34.84
C GLY L 395 -35.14 -56.75 34.32
N ILE L 396 -34.89 -56.76 33.01
CA ILE L 396 -34.02 -57.76 32.41
C ILE L 396 -32.56 -57.33 32.54
N SER L 397 -31.72 -58.23 33.00
CA SER L 397 -30.30 -57.94 33.12
C SER L 397 -29.67 -57.75 31.74
N GLY L 398 -28.71 -56.83 31.65
CA GLY L 398 -27.96 -56.68 30.42
C GLY L 398 -27.36 -57.99 29.95
N PHE L 399 -27.02 -58.88 30.88
CA PHE L 399 -26.48 -60.18 30.49
C PHE L 399 -27.50 -61.07 29.79
N ASP L 400 -28.79 -60.83 30.03
CA ASP L 400 -29.84 -61.68 29.51
C ASP L 400 -30.55 -61.09 28.31
N VAL L 401 -30.30 -59.81 27.98
CA VAL L 401 -31.12 -59.13 26.97
C VAL L 401 -31.07 -59.89 25.65
N GLU L 402 -29.87 -60.22 25.18
CA GLU L 402 -29.75 -60.83 23.86
C GLU L 402 -30.43 -62.19 23.82
N ALA L 403 -30.16 -63.03 24.83
CA ALA L 403 -30.75 -64.35 24.86
C ALA L 403 -32.28 -64.26 24.85
N MET L 404 -32.83 -63.34 25.63
CA MET L 404 -34.28 -63.21 25.72
C MET L 404 -34.87 -62.73 24.40
N VAL L 405 -34.25 -61.72 23.79
CA VAL L 405 -34.77 -61.22 22.53
C VAL L 405 -34.73 -62.32 21.47
N LEU L 406 -33.63 -63.07 21.41
CA LEU L 406 -33.55 -64.14 20.43
C LEU L 406 -34.62 -65.19 20.71
N GLU L 407 -34.90 -65.46 21.98
CA GLU L 407 -35.94 -66.42 22.33
C GLU L 407 -37.31 -65.96 21.86
N LEU L 408 -37.62 -64.68 22.07
CA LEU L 408 -38.89 -64.14 21.60
C LEU L 408 -38.99 -64.20 20.08
N MET L 409 -37.93 -63.81 19.38
CA MET L 409 -37.98 -63.81 17.91
C MET L 409 -38.19 -65.21 17.40
N GLU L 410 -37.53 -66.19 18.02
CA GLU L 410 -37.64 -67.61 17.59
C GLU L 410 -39.11 -68.06 17.64
N LYS L 411 -39.82 -67.62 18.67
CA LYS L 411 -41.23 -67.93 18.93
C LYS L 411 -42.17 -67.10 18.09
N GLY L 412 -41.64 -66.21 17.26
CA GLY L 412 -42.41 -65.44 16.31
C GLY L 412 -42.75 -64.04 16.74
N PHE L 413 -42.28 -63.59 17.91
CA PHE L 413 -42.60 -62.24 18.39
C PHE L 413 -41.59 -61.25 17.82
N ILE L 414 -42.06 -60.06 17.51
CA ILE L 414 -41.20 -58.98 17.04
C ILE L 414 -41.03 -58.00 18.21
N THR L 415 -39.79 -57.77 18.61
CA THR L 415 -39.49 -56.74 19.59
C THR L 415 -39.27 -55.43 18.85
N GLY L 416 -39.88 -54.35 19.34
CA GLY L 416 -39.79 -53.09 18.61
C GLY L 416 -40.69 -52.01 19.15
N SER L 417 -41.20 -51.18 18.23
CA SER L 417 -42.02 -50.01 18.56
C SER L 417 -41.25 -49.01 19.43
N GLU L 418 -39.95 -48.90 19.15
CA GLU L 418 -39.07 -48.02 19.95
C GLU L 418 -38.06 -47.33 19.03
N GLY L 419 -37.73 -46.08 19.34
CA GLY L 419 -36.75 -45.35 18.58
C GLY L 419 -37.35 -44.63 17.39
N PRO L 420 -36.50 -43.97 16.58
CA PRO L 420 -37.00 -43.13 15.46
C PRO L 420 -37.44 -43.95 14.25
N LEU L 421 -38.69 -44.43 14.32
CA LEU L 421 -39.27 -45.28 13.29
C LEU L 421 -40.79 -45.33 13.46
N VAL L 422 -41.45 -46.02 12.51
CA VAL L 422 -42.90 -46.21 12.54
C VAL L 422 -43.24 -47.17 13.67
N ARG L 423 -43.90 -46.65 14.70
CA ARG L 423 -44.27 -47.39 15.90
C ARG L 423 -45.48 -48.29 15.61
N ALA L 424 -45.82 -49.12 16.61
CA ALA L 424 -46.96 -50.02 16.46
C ALA L 424 -48.22 -49.23 16.13
N THR L 425 -48.88 -49.63 15.04
CA THR L 425 -50.14 -49.00 14.66
C THR L 425 -51.21 -49.34 15.68
N LEU L 426 -51.95 -48.33 16.13
CA LEU L 426 -52.94 -48.51 17.19
C LEU L 426 -54.36 -48.53 16.62
N ALA L 427 -55.07 -49.63 16.82
CA ALA L 427 -56.42 -49.78 16.31
C ALA L 427 -57.35 -50.27 17.41
N CYS L 428 -58.62 -49.89 17.28
CA CYS L 428 -59.66 -50.36 18.18
C CYS L 428 -60.26 -51.65 17.62
N PRO L 429 -61.22 -52.27 18.33
CA PRO L 429 -61.81 -53.53 17.82
C PRO L 429 -62.61 -53.37 16.54
N GLY L 430 -63.22 -52.22 16.31
CA GLY L 430 -63.90 -51.97 15.04
C GLY L 430 -65.14 -52.84 14.78
N GLU L 431 -65.50 -52.86 13.49
CA GLU L 431 -66.75 -53.45 13.04
C GLU L 431 -66.84 -54.93 13.36
N GLY L 432 -68.05 -55.37 13.71
CA GLY L 432 -68.31 -56.75 14.06
C GLY L 432 -67.87 -57.12 15.45
N ASN L 433 -67.11 -56.26 16.11
CA ASN L 433 -66.72 -56.45 17.51
C ASN L 433 -67.41 -55.37 18.34
N CYS L 434 -67.02 -54.11 18.17
CA CYS L 434 -67.73 -53.00 18.78
C CYS L 434 -69.02 -52.73 18.00
N GLY L 435 -70.12 -52.56 18.74
CA GLY L 435 -71.39 -52.23 18.14
C GLY L 435 -71.39 -50.93 17.36
N SER L 436 -70.42 -50.04 17.64
CA SER L 436 -70.34 -48.78 16.91
C SER L 436 -69.42 -48.87 15.70
N GLY L 437 -68.72 -49.98 15.52
CA GLY L 437 -67.70 -50.05 14.50
C GLY L 437 -68.28 -50.04 13.09
N LEU L 438 -67.63 -49.25 12.23
CA LEU L 438 -68.03 -49.06 10.85
C LEU L 438 -67.07 -49.66 9.84
N ILE L 439 -65.81 -49.92 10.23
CA ILE L 439 -64.79 -50.45 9.33
C ILE L 439 -64.02 -51.58 10.01
N ASN L 440 -63.36 -52.41 9.19
CA ASN L 440 -62.53 -53.51 9.67
C ASN L 440 -61.17 -52.93 10.07
N THR L 441 -61.09 -52.45 11.30
CA THR L 441 -59.88 -51.82 11.82
C THR L 441 -58.75 -52.84 11.98
N THR L 442 -59.08 -54.06 12.39
CA THR L 442 -58.03 -55.05 12.62
C THR L 442 -57.29 -55.35 11.33
N GLU L 443 -58.03 -55.56 10.23
CA GLU L 443 -57.42 -55.90 8.95
C GLU L 443 -56.67 -54.72 8.37
N LEU L 444 -57.24 -53.52 8.43
CA LEU L 444 -56.50 -52.35 7.96
C LEU L 444 -55.24 -52.16 8.79
N CYS L 445 -55.30 -52.38 10.09
CA CYS L 445 -54.11 -52.29 10.94
C CYS L 445 -53.05 -53.29 10.51
N LYS L 446 -53.46 -54.53 10.21
CA LYS L 446 -52.50 -55.54 9.76
C LYS L 446 -51.86 -55.10 8.45
N ILE L 447 -52.65 -54.54 7.54
CA ILE L 447 -52.11 -54.10 6.26
C ILE L 447 -51.06 -53.00 6.47
N LEU L 448 -51.36 -52.01 7.31
CA LEU L 448 -50.38 -50.95 7.53
C LEU L 448 -49.13 -51.47 8.21
N GLU L 449 -49.29 -52.37 9.20
CA GLU L 449 -48.13 -52.98 9.82
C GLU L 449 -47.29 -53.75 8.81
N ASP L 450 -47.95 -54.54 7.95
CA ASP L 450 -47.22 -55.34 6.97
C ASP L 450 -46.39 -54.47 6.04
N ASN L 451 -46.87 -53.27 5.73
CA ASN L 451 -46.23 -52.35 4.81
C ASN L 451 -45.18 -51.45 5.46
N PHE L 452 -45.36 -51.05 6.72
CA PHE L 452 -44.52 -50.00 7.30
C PHE L 452 -43.90 -50.32 8.66
N LYS L 453 -44.15 -51.50 9.23
CA LYS L 453 -43.65 -51.73 10.58
C LYS L 453 -42.13 -51.51 10.63
N GLU L 454 -41.68 -50.82 11.69
CA GLU L 454 -40.24 -50.54 12.00
C GLU L 454 -39.55 -49.73 10.90
N HIS L 455 -40.33 -49.16 9.96
N HIS L 455 -40.33 -49.16 9.97
CA HIS L 455 -39.71 -48.35 8.89
CA HIS L 455 -39.75 -48.33 8.88
C HIS L 455 -39.04 -47.12 9.53
C HIS L 455 -39.05 -47.13 9.52
N PRO L 456 -37.91 -46.73 9.07
CA PRO L 456 -37.21 -45.63 9.74
C PRO L 456 -37.81 -44.26 9.39
N ALA L 457 -37.77 -43.34 10.34
CA ALA L 457 -38.26 -41.95 10.17
C ALA L 457 -37.36 -41.01 10.98
N PRO L 458 -37.32 -39.69 10.68
CA PRO L 458 -36.48 -38.75 11.44
C PRO L 458 -36.74 -38.77 12.95
N TYR L 459 -37.98 -39.09 13.35
CA TYR L 459 -38.38 -39.15 14.75
C TYR L 459 -39.53 -40.17 14.80
N LYS L 460 -39.99 -40.49 15.99
CA LYS L 460 -41.07 -41.45 16.12
C LYS L 460 -42.29 -41.03 15.29
N PHE L 461 -42.97 -42.03 14.73
CA PHE L 461 -44.05 -41.85 13.78
C PHE L 461 -45.15 -42.84 14.15
N LYS L 462 -46.33 -42.33 14.49
CA LYS L 462 -47.39 -43.14 15.07
C LYS L 462 -48.67 -43.00 14.25
N ILE L 463 -49.27 -44.14 13.91
CA ILE L 463 -50.52 -44.23 13.17
C ILE L 463 -51.58 -44.83 14.08
N ALA L 464 -52.80 -44.30 13.99
CA ALA L 464 -53.94 -44.84 14.72
C ALA L 464 -55.13 -44.96 13.80
N ILE L 465 -55.95 -45.99 14.02
CA ILE L 465 -57.13 -46.32 13.21
C ILE L 465 -58.30 -46.51 14.17
N SER L 466 -59.29 -45.61 14.13
CA SER L 466 -60.52 -45.81 14.87
C SER L 466 -61.61 -46.38 13.95
N GLY L 467 -62.49 -47.20 14.54
CA GLY L 467 -63.55 -47.83 13.76
C GLY L 467 -64.72 -46.91 13.44
N CYS L 468 -64.82 -45.79 14.15
CA CYS L 468 -65.92 -44.84 14.02
C CYS L 468 -65.46 -43.48 14.53
N PRO L 469 -66.31 -42.46 14.44
CA PRO L 469 -65.89 -41.11 14.85
C PRO L 469 -65.74 -40.89 16.35
N ASN L 470 -66.07 -41.86 17.22
CA ASN L 470 -65.74 -41.67 18.63
C ASN L 470 -64.23 -41.60 18.85
N LYS L 471 -63.45 -42.16 17.93
CA LYS L 471 -62.00 -41.94 17.88
C LYS L 471 -61.33 -42.33 19.19
N CYS L 472 -61.66 -43.53 19.68
CA CYS L 472 -61.15 -43.96 20.98
C CYS L 472 -59.62 -44.00 21.00
N VAL L 473 -58.98 -44.31 19.88
CA VAL L 473 -57.53 -44.42 19.81
C VAL L 473 -56.88 -43.14 19.29
N ARG L 474 -57.66 -42.07 19.12
CA ARG L 474 -57.19 -40.70 18.90
C ARG L 474 -56.49 -40.45 17.56
N PRO L 475 -57.10 -40.86 16.45
CA PRO L 475 -56.47 -40.63 15.14
C PRO L 475 -56.32 -39.16 14.79
N GLN L 476 -57.11 -38.27 15.37
CA GLN L 476 -57.02 -36.87 14.99
C GLN L 476 -55.82 -36.17 15.62
N ILE L 477 -55.05 -36.87 16.46
CA ILE L 477 -53.80 -36.32 16.99
C ILE L 477 -52.67 -37.34 16.84
N HIS L 478 -52.62 -38.01 15.69
CA HIS L 478 -51.56 -38.95 15.36
C HIS L 478 -50.85 -38.46 14.10
N ASP L 479 -49.64 -38.96 13.86
CA ASP L 479 -48.92 -38.54 12.66
C ASP L 479 -49.75 -38.83 11.42
N ILE L 480 -50.35 -40.02 11.36
CA ILE L 480 -51.41 -40.37 10.42
C ILE L 480 -52.56 -40.98 11.21
N GLY L 481 -53.76 -40.51 10.95
CA GLY L 481 -54.94 -41.05 11.60
C GLY L 481 -55.98 -41.43 10.57
N ILE L 482 -56.69 -42.51 10.85
CA ILE L 482 -57.80 -42.99 10.04
C ILE L 482 -58.98 -43.19 10.97
N ALA L 483 -60.17 -42.74 10.54
CA ALA L 483 -61.41 -42.94 11.27
C ALA L 483 -62.49 -43.39 10.30
N GLY L 484 -63.18 -44.48 10.64
CA GLY L 484 -64.31 -44.92 9.85
C GLY L 484 -65.47 -43.95 9.98
N VAL L 485 -66.12 -43.65 8.86
CA VAL L 485 -67.26 -42.76 8.90
C VAL L 485 -68.36 -43.30 7.97
N LYS L 486 -69.60 -42.95 8.31
CA LYS L 486 -70.79 -43.35 7.53
C LYS L 486 -71.83 -42.24 7.70
N PHE L 487 -71.95 -41.38 6.68
CA PHE L 487 -72.84 -40.23 6.80
C PHE L 487 -74.23 -40.57 6.29
N PRO L 488 -75.29 -40.05 6.93
CA PRO L 488 -76.66 -40.37 6.52
C PRO L 488 -77.19 -39.36 5.51
N VAL L 489 -78.23 -39.78 4.80
CA VAL L 489 -79.09 -38.86 4.05
C VAL L 489 -80.53 -39.35 4.19
N VAL L 490 -81.43 -38.45 4.60
CA VAL L 490 -82.81 -38.84 4.86
C VAL L 490 -83.49 -39.26 3.56
N ASN L 491 -84.23 -40.40 3.61
CA ASN L 491 -85.08 -40.85 2.51
C ASN L 491 -86.46 -40.27 2.79
N GLU L 492 -86.75 -39.13 2.14
CA GLU L 492 -87.98 -38.33 2.39
C GLU L 492 -89.26 -39.14 2.09
N GLU L 493 -89.16 -40.17 1.25
CA GLU L 493 -90.34 -40.98 0.90
C GLU L 493 -90.71 -41.90 2.08
N ASN L 494 -89.70 -42.29 2.87
CA ASN L 494 -89.93 -43.22 4.00
C ASN L 494 -89.97 -42.55 5.38
N CYS L 495 -89.15 -41.50 5.60
CA CYS L 495 -89.09 -40.90 6.92
C CYS L 495 -90.48 -40.38 7.28
N ASN L 496 -90.89 -40.62 8.54
CA ASN L 496 -92.21 -40.17 8.96
C ASN L 496 -92.19 -39.28 10.20
N GLY L 497 -91.02 -38.78 10.61
CA GLY L 497 -90.90 -37.89 11.76
C GLY L 497 -91.16 -38.54 13.10
N CYS L 498 -91.08 -39.87 13.17
CA CYS L 498 -91.22 -40.62 14.42
C CYS L 498 -90.35 -40.06 15.53
N GLY L 499 -89.13 -39.62 15.21
CA GLY L 499 -88.25 -38.98 16.17
C GLY L 499 -87.17 -39.85 16.78
N ARG L 500 -87.14 -41.15 16.48
CA ARG L 500 -86.21 -42.03 17.18
C ARG L 500 -84.75 -41.66 16.93
N CYS L 501 -84.39 -41.40 15.66
CA CYS L 501 -83.00 -41.12 15.30
C CYS L 501 -82.40 -39.98 16.12
N ALA L 502 -83.19 -38.93 16.37
CA ALA L 502 -82.66 -37.81 17.13
C ALA L 502 -82.18 -38.23 18.51
N GLU L 503 -82.81 -39.28 19.08
CA GLU L 503 -82.46 -39.72 20.42
C GLU L 503 -81.09 -40.37 20.49
N VAL L 504 -80.60 -40.95 19.39
CA VAL L 504 -79.32 -41.63 19.40
C VAL L 504 -78.16 -40.72 18.98
N CYS L 505 -78.45 -39.50 18.57
CA CYS L 505 -77.41 -38.57 18.13
C CYS L 505 -77.01 -37.71 19.32
N LYS L 506 -75.91 -38.10 19.99
CA LYS L 506 -75.52 -37.37 21.18
C LYS L 506 -75.10 -35.94 20.86
N ILE L 507 -74.62 -35.68 19.65
CA ILE L 507 -74.21 -34.31 19.32
C ILE L 507 -75.36 -33.46 18.79
N GLU L 508 -76.57 -34.00 18.71
CA GLU L 508 -77.79 -33.24 18.41
C GLU L 508 -77.74 -32.57 17.03
N ALA L 509 -77.37 -33.37 16.03
CA ALA L 509 -77.29 -32.91 14.65
C ALA L 509 -78.59 -33.08 13.89
N ILE L 510 -79.63 -33.68 14.49
CA ILE L 510 -80.84 -34.05 13.78
C ILE L 510 -82.00 -33.16 14.18
N ASP L 511 -82.73 -32.67 13.17
CA ASP L 511 -83.95 -31.84 13.36
C ASP L 511 -85.18 -32.68 12.96
N ILE L 512 -86.06 -33.00 13.92
CA ILE L 512 -87.34 -33.65 13.65
C ILE L 512 -88.38 -32.57 13.40
N ARG L 513 -88.99 -32.56 12.21
CA ARG L 513 -89.96 -31.53 11.87
C ARG L 513 -91.16 -32.18 11.20
N GLY L 514 -92.33 -32.05 11.83
CA GLY L 514 -93.55 -32.58 11.25
C GLY L 514 -93.41 -34.06 10.95
N GLU L 515 -93.59 -34.42 9.68
CA GLU L 515 -93.49 -35.81 9.24
C GLU L 515 -92.16 -36.13 8.57
N THR L 516 -91.09 -35.43 8.93
CA THR L 516 -89.80 -35.70 8.30
C THR L 516 -88.69 -35.35 9.29
N SER L 517 -87.45 -35.52 8.84
CA SER L 517 -86.28 -35.23 9.64
C SER L 517 -85.22 -34.64 8.71
N TYR L 518 -84.24 -33.99 9.32
CA TYR L 518 -83.14 -33.35 8.61
C TYR L 518 -81.85 -33.64 9.34
N THR L 519 -80.73 -33.48 8.63
CA THR L 519 -79.40 -33.62 9.25
C THR L 519 -78.62 -32.33 9.09
N ASN L 520 -78.03 -31.85 10.17
CA ASN L 520 -77.13 -30.69 10.12
C ASN L 520 -75.71 -31.18 9.82
N TYR L 521 -75.30 -31.06 8.56
CA TYR L 521 -74.00 -31.59 8.16
C TYR L 521 -72.82 -30.74 8.62
N ASN L 522 -73.07 -29.58 9.20
CA ASN L 522 -71.98 -28.85 9.85
C ASN L 522 -71.68 -29.37 11.24
N VAL L 523 -72.52 -30.27 11.75
CA VAL L 523 -72.32 -30.91 13.05
C VAL L 523 -72.14 -32.41 12.91
N CYS L 524 -72.92 -33.08 12.04
CA CYS L 524 -72.85 -34.52 11.88
C CYS L 524 -71.43 -35.01 11.68
N ILE L 525 -71.04 -36.04 12.43
CA ILE L 525 -69.69 -36.60 12.33
C ILE L 525 -69.66 -37.94 11.61
N GLY L 526 -70.80 -38.40 11.08
CA GLY L 526 -70.83 -39.65 10.31
C GLY L 526 -70.62 -40.91 11.14
N CYS L 527 -71.28 -41.00 12.31
CA CYS L 527 -71.20 -42.21 13.12
C CYS L 527 -72.14 -43.31 12.63
N GLY L 528 -73.15 -42.99 11.83
CA GLY L 528 -74.09 -43.97 11.26
C GLY L 528 -75.18 -44.47 12.22
N LYS L 529 -75.14 -44.04 13.48
CA LYS L 529 -76.07 -44.52 14.53
C LYS L 529 -77.54 -44.26 14.14
N CYS L 530 -77.82 -43.09 13.57
CA CYS L 530 -79.19 -42.77 13.18
C CYS L 530 -79.68 -43.73 12.11
N ILE L 531 -78.78 -44.19 11.24
CA ILE L 531 -79.18 -45.12 10.19
C ILE L 531 -79.60 -46.46 10.78
N LYS L 532 -78.82 -46.91 11.77
CA LYS L 532 -79.02 -48.22 12.45
C LYS L 532 -80.26 -48.19 13.34
N ALA L 533 -80.55 -47.04 13.98
CA ALA L 533 -81.65 -46.92 14.88
C ALA L 533 -82.99 -46.69 14.19
N CYS L 534 -83.01 -46.23 12.96
CA CYS L 534 -84.27 -45.94 12.30
C CYS L 534 -85.04 -47.22 12.00
N PRO L 535 -86.29 -47.32 12.47
CA PRO L 535 -87.10 -48.53 12.19
C PRO L 535 -87.87 -48.49 10.89
N ASN L 536 -87.74 -47.43 10.08
CA ASN L 536 -88.60 -47.20 8.93
C ASN L 536 -87.83 -47.03 7.62
N GLU L 537 -86.57 -47.44 7.56
CA GLU L 537 -85.75 -47.25 6.37
C GLU L 537 -85.75 -45.77 5.96
N GLY L 538 -85.67 -44.89 6.95
CA GLY L 538 -85.77 -43.47 6.69
C GLY L 538 -84.46 -42.76 6.42
N ARG L 539 -83.33 -43.42 6.66
CA ARG L 539 -82.00 -42.86 6.45
C ARG L 539 -81.18 -43.83 5.61
N ASP L 540 -80.62 -43.34 4.50
CA ASP L 540 -79.70 -44.07 3.65
C ASP L 540 -78.29 -43.57 3.90
N VAL L 541 -77.32 -44.24 3.26
CA VAL L 541 -75.91 -43.86 3.37
C VAL L 541 -75.61 -42.79 2.33
N LYS L 542 -75.15 -41.63 2.78
CA LYS L 542 -74.73 -40.59 1.85
C LYS L 542 -73.33 -40.85 1.32
N GLU L 543 -72.42 -41.22 2.22
CA GLU L 543 -71.01 -41.37 1.93
C GLU L 543 -70.41 -42.19 3.06
N GLU L 544 -69.45 -43.05 2.74
CA GLU L 544 -68.84 -43.86 3.78
C GLU L 544 -67.42 -44.24 3.37
N GLY L 545 -66.57 -44.45 4.36
CA GLY L 545 -65.21 -44.92 4.08
C GLY L 545 -64.24 -44.54 5.20
N PHE L 546 -62.97 -44.41 4.80
CA PHE L 546 -61.85 -44.14 5.70
C PHE L 546 -61.53 -42.65 5.63
N MET L 547 -61.89 -41.90 6.68
CA MET L 547 -61.51 -40.50 6.81
C MET L 547 -60.06 -40.43 7.30
N VAL L 548 -59.28 -39.53 6.70
CA VAL L 548 -57.83 -39.48 6.95
C VAL L 548 -57.40 -38.13 7.48
N TYR L 549 -56.48 -38.15 8.44
CA TYR L 549 -55.86 -36.97 9.02
C TYR L 549 -54.34 -37.11 8.93
N VAL L 550 -53.65 -35.98 8.70
CA VAL L 550 -52.20 -35.99 8.56
C VAL L 550 -51.58 -34.89 9.42
N GLY L 551 -50.60 -35.25 10.24
CA GLY L 551 -49.77 -34.30 10.93
C GLY L 551 -50.14 -33.95 12.36
N GLY L 552 -50.73 -34.88 13.10
CA GLY L 552 -51.03 -34.66 14.51
C GLY L 552 -50.00 -35.29 15.44
N LYS L 553 -50.13 -34.98 16.74
CA LYS L 553 -49.30 -35.61 17.75
C LYS L 553 -49.87 -35.30 19.12
N THR L 554 -49.38 -36.06 20.10
CA THR L 554 -49.54 -35.68 21.51
C THR L 554 -48.11 -35.62 22.09
N GLY L 555 -48.00 -35.73 23.40
CA GLY L 555 -46.69 -35.68 24.04
C GLY L 555 -46.42 -34.32 24.65
N ARG L 556 -45.27 -33.73 24.30
CA ARG L 556 -44.91 -32.41 24.83
C ARG L 556 -45.87 -31.32 24.34
N GLU L 557 -46.47 -31.52 23.17
CA GLU L 557 -47.48 -30.62 22.62
C GLU L 557 -48.64 -31.45 22.06
N VAL L 558 -49.83 -30.85 22.02
CA VAL L 558 -51.00 -31.43 21.35
C VAL L 558 -51.20 -30.71 20.02
N ILE L 559 -51.19 -31.47 18.93
CA ILE L 559 -51.44 -30.91 17.61
C ILE L 559 -52.46 -31.79 16.88
N GLU L 560 -53.53 -31.17 16.39
CA GLU L 560 -54.52 -31.90 15.60
C GLU L 560 -54.07 -31.96 14.15
N GLY L 561 -54.11 -33.16 13.57
CA GLY L 561 -53.75 -33.31 12.18
C GLY L 561 -54.71 -32.58 11.25
N VAL L 562 -54.22 -32.32 10.04
CA VAL L 562 -55.00 -31.69 9.00
C VAL L 562 -55.99 -32.72 8.46
N SER L 563 -57.27 -32.38 8.49
CA SER L 563 -58.28 -33.22 7.87
C SER L 563 -58.01 -33.28 6.38
N MET L 564 -58.00 -34.49 5.83
CA MET L 564 -57.70 -34.68 4.42
C MET L 564 -58.99 -34.93 3.63
N LYS L 565 -59.41 -36.19 3.57
CA LYS L 565 -60.58 -36.62 2.82
C LYS L 565 -60.75 -38.12 3.02
N LEU L 566 -61.83 -38.69 2.50
CA LEU L 566 -61.97 -40.14 2.45
C LEU L 566 -61.02 -40.72 1.41
N MET L 567 -60.38 -41.82 1.79
CA MET L 567 -59.39 -42.45 0.88
C MET L 567 -59.56 -43.98 0.92
N SER L 568 -59.16 -44.64 -0.16
CA SER L 568 -59.10 -46.10 -0.24
C SER L 568 -57.83 -46.57 0.47
N VAL L 569 -57.78 -47.89 0.73
CA VAL L 569 -56.60 -48.49 1.38
C VAL L 569 -55.34 -48.32 0.49
N GLU L 570 -55.55 -48.45 -0.82
CA GLU L 570 -54.44 -48.26 -1.79
C GLU L 570 -53.99 -46.80 -1.72
N GLU L 571 -54.93 -45.86 -1.65
CA GLU L 571 -54.54 -44.46 -1.53
C GLU L 571 -53.81 -44.22 -0.22
N ILE L 572 -54.28 -44.81 0.88
CA ILE L 572 -53.66 -44.62 2.20
C ILE L 572 -52.22 -45.15 2.20
N LEU L 573 -52.00 -46.32 1.59
CA LEU L 573 -50.64 -46.87 1.52
C LEU L 573 -49.72 -45.94 0.74
N ASN L 574 -50.20 -45.43 -0.39
CA ASN L 574 -49.44 -44.43 -1.16
C ASN L 574 -49.16 -43.22 -0.30
N LEU L 575 -50.18 -42.73 0.40
CA LEU L 575 -50.04 -41.52 1.19
C LEU L 575 -48.97 -41.70 2.27
N ILE L 576 -49.03 -42.79 3.02
CA ILE L 576 -48.09 -42.97 4.12
C ILE L 576 -46.67 -43.05 3.58
N ASP L 577 -46.49 -43.76 2.46
CA ASP L 577 -45.16 -43.86 1.86
C ASP L 577 -44.62 -42.48 1.50
N LYS L 578 -45.46 -41.64 0.88
CA LYS L 578 -45.00 -40.33 0.43
C LYS L 578 -44.85 -39.33 1.57
N VAL L 579 -45.70 -39.42 2.60
CA VAL L 579 -45.52 -38.57 3.77
C VAL L 579 -44.15 -38.83 4.38
N LEU L 580 -43.76 -40.11 4.51
CA LEU L 580 -42.47 -40.44 5.08
C LEU L 580 -41.33 -39.89 4.23
N ILE L 581 -41.48 -39.93 2.91
CA ILE L 581 -40.43 -39.41 2.04
C ILE L 581 -40.30 -37.90 2.20
N VAL L 582 -41.41 -37.18 2.21
CA VAL L 582 -41.33 -35.73 2.31
C VAL L 582 -40.87 -35.31 3.69
N TYR L 583 -41.28 -36.06 4.72
CA TYR L 583 -40.79 -35.86 6.08
C TYR L 583 -39.27 -36.00 6.13
N HIS L 584 -38.75 -37.09 5.56
N HIS L 584 -38.74 -37.07 5.54
CA HIS L 584 -37.30 -37.27 5.48
CA HIS L 584 -37.28 -37.22 5.51
C HIS L 584 -36.64 -36.11 4.73
C HIS L 584 -36.62 -36.10 4.72
N LYS L 585 -37.27 -35.65 3.66
CA LYS L 585 -36.66 -34.61 2.82
C LYS L 585 -36.43 -33.33 3.61
N TYR L 586 -37.43 -32.93 4.41
CA TYR L 586 -37.39 -31.59 5.07
C TYR L 586 -36.96 -31.62 6.54
N ALA L 587 -36.90 -32.80 7.16
CA ALA L 587 -36.51 -32.85 8.56
C ALA L 587 -35.04 -32.46 8.72
N LYS L 588 -34.76 -31.60 9.69
CA LYS L 588 -33.41 -31.13 9.97
C LYS L 588 -32.87 -31.60 11.32
N LYS L 589 -33.74 -32.05 12.22
CA LYS L 589 -33.36 -32.39 13.58
C LYS L 589 -33.90 -33.78 13.90
N PRO L 590 -33.18 -34.82 13.47
CA PRO L 590 -33.57 -36.17 13.89
C PRO L 590 -33.71 -36.26 15.40
N GLN L 591 -34.71 -37.01 15.84
CA GLN L 591 -35.02 -37.28 17.24
C GLN L 591 -35.57 -36.05 17.97
N ARG L 592 -35.88 -34.97 17.25
CA ARG L 592 -36.44 -33.78 17.87
C ARG L 592 -37.62 -33.23 17.09
N GLU L 593 -37.59 -33.32 15.76
CA GLU L 593 -38.65 -32.78 14.92
C GLU L 593 -39.62 -33.89 14.52
N ARG L 594 -40.82 -33.86 15.10
CA ARG L 594 -41.91 -34.72 14.62
C ARG L 594 -42.42 -34.22 13.28
N LEU L 595 -43.19 -35.06 12.59
CA LEU L 595 -43.81 -34.67 11.32
C LEU L 595 -44.56 -33.35 11.47
N ALA L 596 -45.35 -33.20 12.54
CA ALA L 596 -46.09 -31.96 12.73
C ALA L 596 -45.16 -30.75 12.82
N ALA L 597 -43.98 -30.91 13.42
CA ALA L 597 -43.04 -29.79 13.50
C ALA L 597 -42.48 -29.42 12.12
N VAL L 598 -42.22 -30.43 11.28
CA VAL L 598 -41.73 -30.15 9.92
C VAL L 598 -42.82 -29.47 9.09
N MET L 599 -44.06 -29.96 9.19
CA MET L 599 -45.15 -29.32 8.46
C MET L 599 -45.31 -27.87 8.89
N ALA L 600 -45.24 -27.60 10.21
CA ALA L 600 -45.39 -26.23 10.70
C ALA L 600 -44.25 -25.36 10.21
N ARG L 601 -43.04 -25.90 10.14
CA ARG L 601 -41.87 -25.12 9.74
C ARG L 601 -41.94 -24.70 8.28
N ILE L 602 -42.26 -25.64 7.38
CA ILE L 602 -42.19 -25.30 5.96
C ILE L 602 -43.54 -24.86 5.38
N GLY L 603 -44.63 -25.02 6.12
CA GLY L 603 -45.96 -24.72 5.64
C GLY L 603 -46.79 -25.98 5.40
N LYS L 604 -47.96 -26.06 6.03
CA LYS L 604 -48.77 -27.28 5.93
C LYS L 604 -49.16 -27.54 4.49
N GLY L 605 -49.57 -26.49 3.76
CA GLY L 605 -49.94 -26.64 2.37
C GLY L 605 -48.77 -27.05 1.49
N LYS L 606 -47.60 -26.44 1.70
CA LYS L 606 -46.42 -26.82 0.93
C LYS L 606 -46.12 -28.30 1.10
N PHE L 607 -46.12 -28.76 2.34
CA PHE L 607 -45.80 -30.16 2.63
C PHE L 607 -46.79 -31.10 1.96
N LEU L 608 -48.08 -30.84 2.15
CA LEU L 608 -49.11 -31.73 1.61
C LEU L 608 -49.16 -31.66 0.08
N GLU L 609 -48.86 -30.49 -0.51
CA GLU L 609 -48.79 -30.40 -1.97
C GLU L 609 -47.70 -31.32 -2.53
N GLU L 610 -46.53 -31.31 -1.89
CA GLU L 610 -45.44 -32.16 -2.36
C GLU L 610 -45.79 -33.64 -2.17
N VAL L 611 -46.47 -33.97 -1.08
CA VAL L 611 -46.92 -35.34 -0.86
C VAL L 611 -47.85 -35.77 -1.99
N LYS L 612 -48.81 -34.92 -2.34
CA LYS L 612 -49.77 -35.26 -3.40
C LYS L 612 -49.06 -35.42 -4.75
N GLU L 613 -48.08 -34.55 -5.03
CA GLU L 613 -47.35 -34.70 -6.29
C GLU L 613 -46.65 -36.04 -6.38
N LEU L 614 -46.02 -36.47 -5.28
CA LEU L 614 -45.34 -37.76 -5.28
C LEU L 614 -46.33 -38.91 -5.42
N MET L 615 -47.51 -38.77 -4.80
CA MET L 615 -48.55 -39.78 -4.89
C MET L 615 -49.04 -39.96 -6.33
N GLU L 616 -49.14 -38.86 -7.07
CA GLU L 616 -49.64 -38.91 -8.44
C GLU L 616 -48.61 -39.50 -9.39
N GLN L 617 -47.32 -39.29 -9.11
CA GLN L 617 -46.28 -39.93 -9.91
C GLN L 617 -46.23 -41.43 -9.62
N ASN L 618 -46.62 -41.83 -8.41
CA ASN L 618 -46.66 -43.23 -8.02
C ASN L 618 -47.41 -44.07 -9.05
N TYR M 2 -97.53 -5.87 -85.50
CA TYR M 2 -96.73 -5.16 -84.48
C TYR M 2 -95.25 -5.13 -84.89
N GLU M 3 -94.55 -4.05 -84.54
CA GLU M 3 -93.12 -3.92 -84.82
C GLU M 3 -92.33 -4.86 -83.89
N TRP M 4 -91.50 -5.72 -84.48
CA TRP M 4 -90.77 -6.75 -83.74
C TRP M 4 -89.47 -7.02 -84.50
N LYS M 5 -88.33 -6.70 -83.88
CA LYS M 5 -87.01 -6.78 -84.56
C LYS M 5 -86.78 -8.12 -85.29
N LEU M 6 -87.21 -9.24 -84.69
CA LEU M 6 -86.93 -10.54 -85.27
C LEU M 6 -87.73 -10.83 -86.54
N ASN M 7 -88.66 -9.96 -86.92
CA ASN M 7 -89.33 -10.12 -88.21
C ASN M 7 -88.33 -10.09 -89.36
N ASP M 8 -87.19 -9.42 -89.16
CA ASP M 8 -86.12 -9.44 -90.15
C ASP M 8 -85.66 -10.85 -90.44
N ILE M 9 -85.68 -11.71 -89.43
CA ILE M 9 -85.35 -13.13 -89.61
C ILE M 9 -86.58 -13.89 -90.11
N VAL M 10 -87.67 -13.76 -89.35
CA VAL M 10 -88.91 -14.57 -89.59
C VAL M 10 -89.54 -14.33 -90.97
N ASP M 11 -89.65 -13.06 -91.39
CA ASP M 11 -90.35 -12.73 -92.62
C ASP M 11 -89.48 -12.91 -93.86
N ASN M 12 -88.19 -13.22 -93.72
CA ASN M 12 -87.29 -13.41 -94.84
C ASN M 12 -86.82 -14.87 -94.99
N GLY M 13 -87.53 -15.82 -94.36
CA GLY M 13 -87.22 -17.24 -94.55
C GLY M 13 -85.92 -17.73 -93.92
N ILE M 14 -85.39 -17.00 -92.95
CA ILE M 14 -84.17 -17.39 -92.27
C ILE M 14 -84.45 -18.10 -90.93
N CYS M 15 -85.64 -17.91 -90.37
CA CYS M 15 -86.00 -18.51 -89.09
C CYS M 15 -86.00 -20.03 -89.17
N ALA M 16 -85.33 -20.67 -88.21
CA ALA M 16 -85.30 -22.12 -88.13
C ALA M 16 -86.60 -22.71 -87.60
N LYS M 17 -87.51 -21.89 -87.08
CA LYS M 17 -88.69 -22.36 -86.37
C LYS M 17 -88.29 -23.30 -85.23
N CYS M 18 -87.27 -22.86 -84.48
CA CYS M 18 -86.80 -23.57 -83.30
C CYS M 18 -87.68 -23.31 -82.08
N GLY M 19 -88.19 -22.09 -81.94
CA GLY M 19 -89.02 -21.73 -80.81
C GLY M 19 -88.33 -21.15 -79.60
N THR M 20 -87.01 -20.95 -79.66
CA THR M 20 -86.30 -20.43 -78.50
C THR M 20 -86.79 -19.04 -78.11
N CYS M 21 -86.94 -18.15 -79.10
CA CYS M 21 -87.30 -16.76 -78.81
C CYS M 21 -88.59 -16.64 -78.01
N THR M 22 -89.57 -17.52 -78.26
CA THR M 22 -90.89 -17.32 -77.65
C THR M 22 -90.99 -17.84 -76.21
N VAL M 23 -89.95 -18.48 -75.68
CA VAL M 23 -89.98 -18.92 -74.29
C VAL M 23 -89.28 -17.96 -73.33
N VAL M 24 -88.54 -16.97 -73.83
CA VAL M 24 -87.74 -16.11 -72.95
C VAL M 24 -88.42 -14.78 -72.63
N CYS M 25 -89.59 -14.51 -73.19
CA CYS M 25 -90.16 -13.18 -73.06
C CYS M 25 -90.68 -13.00 -71.64
N PRO M 26 -90.18 -12.02 -70.87
CA PRO M 26 -90.61 -11.88 -69.48
C PRO M 26 -91.99 -11.28 -69.31
N ASN M 27 -92.60 -10.77 -70.38
CA ASN M 27 -93.96 -10.28 -70.38
C ASN M 27 -94.96 -11.27 -70.96
N GLY M 28 -94.50 -12.42 -71.43
CA GLY M 28 -95.38 -13.44 -71.97
C GLY M 28 -96.19 -13.02 -73.18
N ILE M 29 -95.66 -12.09 -73.99
CA ILE M 29 -96.41 -11.60 -75.15
C ILE M 29 -95.95 -12.24 -76.46
N LEU M 30 -95.15 -13.30 -76.40
CA LEU M 30 -94.77 -14.07 -77.57
C LEU M 30 -95.40 -15.46 -77.51
N THR M 31 -95.88 -15.91 -78.67
CA THR M 31 -96.46 -17.28 -78.76
C THR M 31 -95.94 -17.90 -80.05
N PHE M 32 -95.84 -19.23 -80.10
CA PHE M 32 -95.42 -19.88 -81.37
C PHE M 32 -96.58 -20.73 -81.89
N GLU M 33 -97.06 -20.36 -83.08
CA GLU M 33 -98.13 -21.13 -83.77
C GLU M 33 -97.47 -21.75 -85.01
N ASP M 34 -97.53 -21.09 -86.15
CA ASP M 34 -96.77 -21.65 -87.31
C ASP M 34 -95.41 -20.95 -87.38
N ARG M 35 -95.28 -19.84 -86.66
CA ARG M 35 -94.04 -19.03 -86.58
C ARG M 35 -94.07 -18.25 -85.26
N PRO M 36 -92.94 -17.68 -84.78
CA PRO M 36 -92.94 -16.90 -83.55
C PRO M 36 -93.76 -15.63 -83.83
N LYS M 37 -94.58 -15.20 -82.87
CA LYS M 37 -95.39 -13.98 -83.15
C LYS M 37 -95.82 -13.28 -81.86
N LEU M 38 -95.88 -11.95 -81.93
CA LEU M 38 -96.34 -11.11 -80.83
C LEU M 38 -97.86 -11.17 -80.71
N THR M 39 -98.38 -11.31 -79.49
CA THR M 39 -99.81 -11.25 -79.25
C THR M 39 -100.29 -9.86 -78.88
N GLU M 40 -99.37 -8.92 -78.61
CA GLU M 40 -99.71 -7.54 -78.35
C GLU M 40 -98.44 -6.71 -78.55
N GLU M 41 -98.57 -5.39 -78.44
CA GLU M 41 -97.46 -4.49 -78.74
C GLU M 41 -96.30 -4.69 -77.77
N CYS M 42 -95.09 -4.71 -78.31
CA CYS M 42 -93.86 -4.75 -77.53
C CYS M 42 -93.28 -3.33 -77.46
N LEU M 43 -93.15 -2.80 -76.24
CA LEU M 43 -92.65 -1.42 -76.09
C LEU M 43 -91.21 -1.27 -76.58
N ARG M 44 -90.47 -2.37 -76.61
CA ARG M 44 -89.10 -2.40 -77.12
C ARG M 44 -89.05 -2.68 -78.62
N LYS M 45 -90.20 -2.92 -79.25
CA LYS M 45 -90.25 -3.31 -80.67
C LYS M 45 -89.31 -4.48 -80.96
N GLY M 46 -89.26 -5.42 -80.02
CA GLY M 46 -88.44 -6.62 -80.18
C GLY M 46 -86.96 -6.43 -79.93
N ASN M 47 -86.53 -5.27 -79.43
CA ASN M 47 -85.14 -5.04 -79.08
C ASN M 47 -84.93 -5.59 -77.68
N GLY M 48 -84.66 -6.88 -77.59
CA GLY M 48 -84.52 -7.52 -76.31
C GLY M 48 -84.17 -8.99 -76.38
N MET M 49 -84.59 -9.72 -75.35
CA MET M 49 -84.05 -11.06 -75.12
C MET M 49 -84.43 -12.07 -76.21
N CYS M 50 -85.65 -11.99 -76.76
CA CYS M 50 -86.03 -12.80 -77.92
C CYS M 50 -84.96 -12.72 -79.02
N PHE M 51 -84.69 -11.51 -79.51
CA PHE M 51 -83.69 -11.28 -80.55
C PHE M 51 -82.32 -11.79 -80.11
N GLU M 52 -81.97 -11.59 -78.83
CA GLU M 52 -80.62 -11.89 -78.34
C GLU M 52 -80.36 -13.39 -78.16
N VAL M 53 -81.40 -14.23 -78.10
CA VAL M 53 -81.18 -15.67 -78.02
C VAL M 53 -81.28 -16.36 -79.37
N CYS M 54 -81.63 -15.64 -80.42
CA CYS M 54 -81.93 -16.30 -81.68
C CYS M 54 -80.66 -16.86 -82.31
N PRO M 55 -80.59 -18.16 -82.59
CA PRO M 55 -79.36 -18.71 -83.17
C PRO M 55 -79.15 -18.32 -84.62
N ARG M 56 -80.13 -17.69 -85.26
CA ARG M 56 -80.00 -17.24 -86.64
C ARG M 56 -79.62 -15.76 -86.75
N VAL M 57 -79.56 -15.04 -85.62
CA VAL M 57 -78.93 -13.73 -85.63
C VAL M 57 -77.41 -13.87 -85.48
N SER M 58 -76.97 -14.64 -84.48
CA SER M 58 -75.56 -14.86 -84.21
C SER M 58 -75.44 -16.19 -83.46
N SER M 59 -74.54 -17.06 -83.91
CA SER M 59 -74.45 -18.40 -83.33
C SER M 59 -73.93 -18.39 -81.90
N GLY M 60 -72.99 -17.50 -81.60
CA GLY M 60 -72.27 -17.56 -80.33
C GLY M 60 -71.40 -18.78 -80.17
N LYS M 61 -71.15 -19.52 -81.25
CA LYS M 61 -70.56 -20.86 -81.10
C LYS M 61 -69.12 -20.81 -80.61
N TYR M 62 -68.32 -19.84 -81.05
CA TYR M 62 -66.93 -19.83 -80.59
C TYR M 62 -66.86 -19.67 -79.07
N GLN M 63 -67.56 -18.69 -78.54
CA GLN M 63 -67.49 -18.42 -77.11
C GLN M 63 -68.15 -19.52 -76.29
N ILE M 64 -69.16 -20.19 -76.84
CA ILE M 64 -69.73 -21.33 -76.15
C ILE M 64 -68.75 -22.49 -76.15
N LYS M 65 -68.20 -22.82 -77.33
CA LYS M 65 -67.37 -24.00 -77.44
C LYS M 65 -66.08 -23.89 -76.63
N ILE M 66 -65.50 -22.69 -76.49
CA ILE M 66 -64.26 -22.62 -75.73
C ILE M 66 -64.55 -22.85 -74.24
N ARG M 67 -65.81 -22.72 -73.84
CA ARG M 67 -66.22 -22.99 -72.46
C ARG M 67 -66.69 -24.43 -72.26
N GLU M 68 -67.49 -24.96 -73.19
CA GLU M 68 -67.96 -26.34 -73.06
C GLU M 68 -66.84 -27.34 -73.31
N LYS M 69 -65.86 -26.99 -74.13
CA LYS M 69 -64.70 -27.83 -74.41
C LYS M 69 -65.14 -29.23 -74.82
N PHE M 70 -65.90 -29.27 -75.91
CA PHE M 70 -66.55 -30.50 -76.34
C PHE M 70 -65.52 -31.57 -76.70
N LYS M 71 -65.84 -32.82 -76.34
CA LYS M 71 -65.18 -34.00 -76.90
C LYS M 71 -66.11 -34.56 -77.99
N GLU M 72 -65.74 -35.72 -78.55
CA GLU M 72 -66.52 -36.27 -79.65
C GLU M 72 -66.32 -37.79 -79.69
N GLU M 73 -67.09 -38.51 -78.88
CA GLU M 73 -66.98 -39.97 -78.77
C GLU M 73 -68.20 -40.63 -79.40
N TYR M 74 -67.95 -41.55 -80.32
CA TYR M 74 -68.99 -42.17 -81.14
C TYR M 74 -69.32 -43.56 -80.64
N TYR M 75 -70.60 -43.85 -80.44
CA TYR M 75 -71.08 -45.17 -80.05
C TYR M 75 -72.43 -45.41 -80.73
N TYR M 76 -72.94 -46.63 -80.60
CA TYR M 76 -74.33 -46.92 -80.93
C TYR M 76 -74.87 -47.87 -79.87
N GLY M 77 -76.20 -47.86 -79.70
CA GLY M 77 -76.80 -48.76 -78.73
C GLY M 77 -78.31 -48.72 -78.80
N LYS M 78 -78.93 -49.45 -77.88
CA LYS M 78 -80.37 -49.51 -77.81
C LYS M 78 -80.80 -49.48 -76.35
N GLY M 79 -81.95 -48.86 -76.10
CA GLY M 79 -82.55 -48.84 -74.78
C GLY M 79 -83.51 -50.00 -74.58
N ASP M 80 -84.40 -49.83 -73.60
CA ASP M 80 -85.37 -50.85 -73.23
C ASP M 80 -86.79 -50.47 -73.61
N VAL M 81 -86.95 -49.49 -74.49
CA VAL M 81 -88.26 -49.05 -74.96
C VAL M 81 -88.23 -49.03 -76.48
N GLU M 82 -89.41 -49.14 -77.07
CA GLU M 82 -89.56 -49.06 -78.53
C GLU M 82 -89.58 -47.59 -78.94
N GLY M 83 -88.49 -47.14 -79.56
CA GLY M 83 -88.38 -45.79 -80.05
C GLY M 83 -88.28 -45.72 -81.57
N GLN M 84 -87.97 -44.52 -82.05
CA GLN M 84 -87.76 -44.32 -83.47
C GLN M 84 -86.70 -45.27 -84.02
N ASP M 85 -85.53 -45.30 -83.38
CA ASP M 85 -84.44 -46.16 -83.80
C ASP M 85 -84.12 -47.14 -82.67
N GLY M 86 -83.18 -46.77 -81.81
CA GLY M 86 -82.84 -47.62 -80.67
C GLY M 86 -83.65 -47.39 -79.41
N GLY M 87 -84.44 -46.33 -79.34
CA GLY M 87 -85.08 -45.97 -78.09
C GLY M 87 -84.13 -45.38 -77.08
N VAL M 88 -82.97 -44.88 -77.52
CA VAL M 88 -81.94 -44.42 -76.62
C VAL M 88 -82.35 -43.13 -75.91
N VAL M 89 -82.93 -42.18 -76.64
CA VAL M 89 -83.29 -40.91 -76.00
C VAL M 89 -84.27 -41.16 -74.87
N THR M 90 -85.38 -41.85 -75.15
CA THR M 90 -86.37 -42.06 -74.10
C THR M 90 -85.79 -42.84 -72.92
N THR M 91 -84.96 -43.85 -73.20
CA THR M 91 -84.38 -44.63 -72.11
C THR M 91 -83.47 -43.77 -71.24
N PHE M 92 -82.67 -42.90 -71.87
CA PHE M 92 -81.82 -41.97 -71.11
C PHE M 92 -82.66 -41.04 -70.25
N LEU M 93 -83.77 -40.54 -70.80
CA LEU M 93 -84.63 -39.66 -70.02
C LEU M 93 -85.29 -40.39 -68.86
N LYS M 94 -85.64 -41.67 -69.06
CA LYS M 94 -86.16 -42.46 -67.94
C LYS M 94 -85.13 -42.59 -66.83
N TYR M 95 -83.88 -42.85 -67.21
CA TYR M 95 -82.78 -42.95 -66.24
C TYR M 95 -82.62 -41.65 -65.44
N LEU M 96 -82.65 -40.50 -66.12
CA LEU M 96 -82.39 -39.23 -65.44
C LEU M 96 -83.52 -38.88 -64.48
N LEU M 97 -84.76 -39.18 -64.85
CA LEU M 97 -85.89 -38.96 -63.94
C LEU M 97 -85.80 -39.89 -62.73
N LYS M 98 -85.54 -41.18 -62.99
CA LYS M 98 -85.47 -42.16 -61.92
C LYS M 98 -84.40 -41.77 -60.89
N ASN M 99 -83.24 -41.32 -61.35
CA ASN M 99 -82.13 -40.99 -60.47
C ASN M 99 -82.17 -39.53 -60.02
N LYS M 100 -83.28 -38.84 -60.27
CA LYS M 100 -83.51 -37.50 -59.74
C LYS M 100 -82.44 -36.51 -60.22
N LYS M 101 -81.99 -36.70 -61.46
CA LYS M 101 -81.00 -35.75 -62.03
C LYS M 101 -81.77 -34.55 -62.57
N ILE M 102 -83.06 -34.73 -62.91
CA ILE M 102 -83.89 -33.68 -63.47
C ILE M 102 -85.26 -33.77 -62.81
N ASP M 103 -85.99 -32.67 -62.81
CA ASP M 103 -87.37 -32.68 -62.35
C ASP M 103 -88.37 -32.94 -63.47
N GLY M 104 -87.94 -32.81 -64.73
CA GLY M 104 -88.80 -33.11 -65.84
C GLY M 104 -88.00 -33.08 -67.11
N ALA M 105 -88.64 -33.53 -68.19
CA ALA M 105 -88.06 -33.50 -69.52
C ALA M 105 -88.99 -32.74 -70.46
N ILE M 106 -88.38 -31.87 -71.26
CA ILE M 106 -89.07 -31.15 -72.33
C ILE M 106 -88.96 -32.00 -73.59
N VAL M 107 -90.08 -32.55 -74.04
CA VAL M 107 -90.10 -33.51 -75.13
C VAL M 107 -91.29 -33.22 -76.04
N VAL M 108 -91.34 -33.91 -77.17
CA VAL M 108 -92.34 -33.67 -78.20
C VAL M 108 -93.23 -34.89 -78.31
N GLY M 109 -94.52 -34.71 -78.04
CA GLY M 109 -95.53 -35.68 -78.37
C GLY M 109 -96.26 -35.29 -79.63
N ASP M 110 -97.43 -35.89 -79.83
CA ASP M 110 -98.18 -35.59 -81.05
C ASP M 110 -99.66 -35.92 -80.84
N GLU M 111 -100.51 -35.15 -81.52
CA GLU M 111 -101.98 -35.37 -81.60
C GLU M 111 -102.25 -35.65 -83.08
N CYS M 112 -102.34 -36.93 -83.45
CA CYS M 112 -102.45 -37.35 -84.83
C CYS M 112 -101.42 -36.67 -85.73
N TRP M 113 -100.16 -36.74 -85.29
CA TRP M 113 -98.95 -36.26 -85.97
C TRP M 113 -98.81 -34.73 -85.91
N LYS M 114 -99.73 -34.02 -85.28
CA LYS M 114 -99.51 -32.62 -84.95
C LYS M 114 -98.65 -32.57 -83.69
N PRO M 115 -97.42 -32.06 -83.75
CA PRO M 115 -96.54 -32.11 -82.57
C PRO M 115 -97.02 -31.23 -81.44
N VAL M 116 -96.74 -31.67 -80.22
CA VAL M 116 -97.06 -30.92 -79.03
C VAL M 116 -95.83 -30.89 -78.13
N SER M 117 -95.49 -29.71 -77.64
CA SER M 117 -94.39 -29.57 -76.70
C SER M 117 -94.88 -29.91 -75.30
N LEU M 118 -94.22 -30.87 -74.66
CA LEU M 118 -94.67 -31.36 -73.37
C LEU M 118 -93.57 -31.27 -72.32
N ILE M 119 -93.99 -31.08 -71.07
CA ILE M 119 -93.13 -31.20 -69.90
C ILE M 119 -93.63 -32.42 -69.13
N VAL M 120 -92.83 -33.47 -69.13
CA VAL M 120 -93.19 -34.75 -68.51
C VAL M 120 -92.34 -34.93 -67.27
N GLN M 121 -92.95 -35.49 -66.22
CA GLN M 121 -92.30 -35.67 -64.93
C GLN M 121 -92.25 -37.12 -64.47
N ASN M 122 -92.88 -38.02 -65.25
CA ASN M 122 -92.88 -39.46 -64.88
C ASN M 122 -92.66 -40.31 -66.15
N GLU M 123 -92.30 -41.59 -65.96
CA GLU M 123 -92.03 -42.50 -67.11
C GLU M 123 -93.31 -42.68 -67.94
N GLU M 124 -94.46 -42.78 -67.26
CA GLU M 124 -95.76 -42.97 -67.96
C GLU M 124 -95.92 -41.91 -69.06
N ASP M 125 -95.89 -40.63 -68.70
CA ASP M 125 -96.10 -39.55 -69.66
C ASP M 125 -94.99 -39.50 -70.69
N LEU M 126 -93.80 -40.01 -70.35
CA LEU M 126 -92.68 -39.98 -71.29
C LEU M 126 -92.91 -40.92 -72.47
N MET M 127 -93.61 -42.04 -72.25
CA MET M 127 -93.72 -43.05 -73.30
C MET M 127 -94.65 -42.63 -74.43
N ASN M 128 -95.42 -41.56 -74.26
CA ASN M 128 -96.18 -41.01 -75.38
C ASN M 128 -95.35 -40.16 -76.31
N THR M 129 -94.08 -39.93 -75.95
CA THR M 129 -93.19 -39.00 -76.70
C THR M 129 -92.15 -39.71 -77.56
N THR M 130 -92.23 -41.03 -77.70
CA THR M 130 -91.24 -41.75 -78.55
C THR M 130 -91.57 -41.53 -80.04
N LYS M 131 -90.54 -41.73 -80.88
CA LYS M 131 -90.50 -41.63 -82.37
C LYS M 131 -90.29 -40.19 -82.83
N SER M 132 -89.81 -40.04 -84.07
CA SER M 132 -89.55 -38.71 -84.64
C SER M 132 -90.83 -38.12 -85.25
N LYS M 133 -91.08 -36.84 -84.97
CA LYS M 133 -92.18 -36.08 -85.61
C LYS M 133 -91.42 -35.19 -86.60
N TYR M 134 -91.68 -35.33 -87.89
CA TYR M 134 -90.85 -34.64 -88.91
C TYR M 134 -91.44 -33.28 -89.34
N THR M 135 -92.28 -32.68 -88.51
CA THR M 135 -92.84 -31.37 -88.81
C THR M 135 -92.50 -30.40 -87.68
N VAL M 136 -92.84 -29.13 -87.89
CA VAL M 136 -92.38 -28.06 -87.01
C VAL M 136 -92.82 -28.32 -85.57
N SER M 137 -91.87 -28.19 -84.64
CA SER M 137 -92.08 -28.39 -83.21
C SER M 137 -91.68 -27.12 -82.46
N THR M 138 -92.17 -26.98 -81.24
CA THR M 138 -91.85 -25.81 -80.41
C THR M 138 -91.15 -26.25 -79.12
N LEU M 139 -90.81 -25.25 -78.31
CA LEU M 139 -90.25 -25.47 -76.98
C LEU M 139 -91.14 -24.86 -75.91
N GLU M 140 -92.44 -24.72 -76.20
CA GLU M 140 -93.31 -23.92 -75.34
C GLU M 140 -93.46 -24.54 -73.97
N ALA M 141 -93.30 -25.86 -73.83
CA ALA M 141 -93.41 -26.48 -72.52
C ALA M 141 -92.34 -25.99 -71.55
N LEU M 142 -91.28 -25.32 -72.03
CA LEU M 142 -90.32 -24.71 -71.10
C LEU M 142 -90.99 -23.62 -70.27
N LYS M 143 -91.87 -22.83 -70.90
CA LYS M 143 -92.60 -21.80 -70.16
C LYS M 143 -93.44 -22.42 -69.08
N THR M 144 -94.13 -23.52 -69.40
CA THR M 144 -94.93 -24.24 -68.42
C THR M 144 -94.06 -24.74 -67.27
N ALA M 145 -92.92 -25.36 -67.59
CA ALA M 145 -92.00 -25.82 -66.55
C ALA M 145 -91.60 -24.67 -65.64
N GLY M 146 -91.35 -23.49 -66.22
CA GLY M 146 -91.03 -22.33 -65.41
C GLY M 146 -92.19 -21.92 -64.52
N GLU M 147 -93.41 -21.89 -65.09
CA GLU M 147 -94.59 -21.56 -64.28
C GLU M 147 -94.79 -22.57 -63.15
N MET M 148 -94.45 -23.83 -63.40
CA MET M 148 -94.54 -24.84 -62.34
C MET M 148 -93.44 -24.75 -61.31
N GLY M 149 -92.36 -24.01 -61.59
CA GLY M 149 -91.27 -23.89 -60.66
C GLY M 149 -90.29 -25.04 -60.65
N LEU M 150 -90.33 -25.91 -61.65
CA LEU M 150 -89.38 -27.02 -61.75
C LEU M 150 -87.95 -26.45 -61.80
N GLU M 151 -87.05 -27.01 -61.00
CA GLU M 151 -85.67 -26.45 -60.87
C GLU M 151 -84.73 -26.91 -61.99
N LYS M 152 -84.88 -28.13 -62.49
CA LYS M 152 -83.98 -28.67 -63.49
C LYS M 152 -84.74 -29.53 -64.50
N VAL M 153 -84.47 -29.34 -65.79
CA VAL M 153 -85.05 -30.17 -66.83
C VAL M 153 -83.97 -30.60 -67.82
N ALA M 154 -84.24 -31.73 -68.49
CA ALA M 154 -83.55 -32.08 -69.73
C ALA M 154 -84.42 -31.64 -70.91
N VAL M 155 -83.78 -31.21 -72.00
CA VAL M 155 -84.49 -30.86 -73.21
C VAL M 155 -83.94 -31.67 -74.38
N VAL M 156 -84.83 -32.28 -75.16
CA VAL M 156 -84.50 -32.87 -76.45
C VAL M 156 -84.79 -31.83 -77.53
N GLY M 157 -83.85 -31.63 -78.43
CA GLY M 157 -84.01 -30.61 -79.44
C GLY M 157 -83.34 -30.95 -80.74
N LEU M 158 -83.88 -30.42 -81.83
CA LEU M 158 -83.17 -30.39 -83.10
C LEU M 158 -81.97 -29.46 -82.97
N PRO M 159 -81.01 -29.57 -83.89
CA PRO M 159 -79.80 -28.72 -83.76
C PRO M 159 -80.11 -27.25 -83.60
N CYS M 160 -81.07 -26.70 -84.35
CA CYS M 160 -81.40 -25.29 -84.21
C CYS M 160 -81.92 -24.99 -82.80
N GLN M 161 -82.64 -25.93 -82.18
CA GLN M 161 -83.14 -25.73 -80.82
C GLN M 161 -82.01 -25.84 -79.81
N ILE M 162 -81.12 -26.81 -80.00
CA ILE M 162 -79.92 -26.89 -79.16
C ILE M 162 -79.15 -25.58 -79.22
N ASN M 163 -79.00 -25.01 -80.41
CA ASN M 163 -78.20 -23.79 -80.59
C ASN M 163 -78.86 -22.61 -79.89
N GLY M 164 -80.17 -22.46 -80.04
CA GLY M 164 -80.87 -21.42 -79.30
C GLY M 164 -80.73 -21.59 -77.79
N LEU M 165 -80.88 -22.81 -77.30
CA LEU M 165 -80.89 -23.03 -75.86
C LEU M 165 -79.50 -22.88 -75.27
N ARG M 166 -78.45 -23.17 -76.05
CA ARG M 166 -77.09 -22.87 -75.60
C ARG M 166 -76.87 -21.36 -75.46
N LYS M 167 -77.41 -20.57 -76.38
CA LYS M 167 -77.33 -19.12 -76.23
C LYS M 167 -78.02 -18.68 -74.95
N LEU M 168 -79.16 -19.30 -74.61
CA LEU M 168 -79.85 -18.99 -73.36
C LEU M 168 -78.98 -19.30 -72.16
N GLN M 169 -78.36 -20.48 -72.15
CA GLN M 169 -77.47 -20.85 -71.05
C GLN M 169 -76.34 -19.83 -70.88
N TYR M 170 -75.78 -19.36 -72.00
CA TYR M 170 -74.64 -18.46 -72.01
C TYR M 170 -75.05 -17.02 -72.27
N PHE M 171 -76.28 -16.68 -71.89
CA PHE M 171 -76.83 -15.37 -72.27
C PHE M 171 -75.94 -14.21 -71.85
N GLN M 172 -75.48 -14.20 -70.61
CA GLN M 172 -74.71 -13.04 -70.12
C GLN M 172 -73.42 -12.83 -70.91
N TYR M 173 -72.84 -13.92 -71.43
CA TYR M 173 -71.62 -13.82 -72.20
C TYR M 173 -71.88 -13.28 -73.60
N LEU M 174 -73.02 -13.64 -74.18
CA LEU M 174 -73.33 -13.26 -75.55
C LEU M 174 -74.07 -11.94 -75.63
N ALA M 175 -75.05 -11.71 -74.77
CA ALA M 175 -75.79 -10.45 -74.78
C ALA M 175 -75.10 -9.36 -73.97
N LYS M 176 -74.21 -9.73 -73.05
CA LYS M 176 -73.42 -8.80 -72.23
C LYS M 176 -74.23 -8.10 -71.13
N HIS M 177 -75.34 -8.69 -70.71
CA HIS M 177 -76.13 -8.13 -69.62
C HIS M 177 -77.03 -9.25 -69.10
N ASP M 178 -77.75 -8.95 -68.02
CA ASP M 178 -78.64 -9.93 -67.42
C ASP M 178 -79.91 -10.12 -68.25
N GLY M 179 -80.60 -11.22 -68.01
CA GLY M 179 -81.88 -11.49 -68.65
C GLY M 179 -82.83 -10.31 -68.51
N GLU M 180 -83.58 -10.06 -69.59
CA GLU M 180 -84.50 -8.90 -69.67
C GLU M 180 -85.54 -8.90 -68.54
N LEU M 181 -85.76 -7.72 -67.95
CA LEU M 181 -86.76 -7.54 -66.92
C LEU M 181 -88.10 -7.24 -67.59
N GLY M 182 -89.14 -7.91 -67.14
CA GLY M 182 -90.48 -7.61 -67.58
C GLY M 182 -90.99 -6.34 -66.94
N LYS M 183 -92.26 -6.02 -67.23
CA LYS M 183 -92.85 -4.81 -66.67
C LYS M 183 -92.96 -4.86 -65.15
N ASN M 184 -93.01 -6.05 -64.55
CA ASN M 184 -93.02 -6.14 -63.10
C ASN M 184 -91.62 -6.05 -62.49
N GLY M 185 -90.59 -5.83 -63.29
CA GLY M 185 -89.23 -5.70 -62.79
C GLY M 185 -88.45 -7.00 -62.68
N LYS M 186 -89.04 -8.13 -63.08
CA LYS M 186 -88.46 -9.46 -62.89
C LYS M 186 -88.22 -10.17 -64.22
N PRO M 187 -87.20 -11.02 -64.29
CA PRO M 187 -86.93 -11.75 -65.53
C PRO M 187 -87.89 -12.94 -65.70
N VAL M 188 -87.81 -13.53 -66.89
CA VAL M 188 -88.68 -14.66 -67.21
C VAL M 188 -88.43 -15.83 -66.25
N LYS M 189 -89.48 -16.58 -65.97
CA LYS M 189 -89.40 -17.77 -65.14
C LYS M 189 -89.13 -18.97 -66.04
N LEU M 190 -87.98 -19.62 -65.86
CA LEU M 190 -87.60 -20.80 -66.64
C LEU M 190 -86.81 -21.73 -65.75
N PRO M 191 -86.92 -23.05 -65.98
CA PRO M 191 -86.08 -23.99 -65.24
C PRO M 191 -84.64 -23.93 -65.73
N LYS M 192 -83.74 -24.49 -64.91
CA LYS M 192 -82.32 -24.61 -65.34
C LYS M 192 -82.26 -25.77 -66.33
N ILE M 193 -81.67 -25.54 -67.51
CA ILE M 193 -81.55 -26.57 -68.53
C ILE M 193 -80.29 -27.36 -68.21
N GLU M 194 -80.48 -28.53 -67.59
CA GLU M 194 -79.38 -29.32 -67.05
C GLU M 194 -78.79 -30.27 -68.08
N TYR M 195 -79.59 -30.71 -69.05
CA TYR M 195 -79.13 -31.61 -70.11
C TYR M 195 -79.70 -31.14 -71.44
N LEU M 196 -78.86 -31.14 -72.48
CA LEU M 196 -79.29 -30.83 -73.83
C LEU M 196 -78.99 -32.05 -74.68
N ILE M 197 -80.05 -32.74 -75.10
CA ILE M 197 -79.99 -33.95 -75.90
C ILE M 197 -80.38 -33.55 -77.31
N GLY M 198 -79.43 -33.62 -78.23
CA GLY M 198 -79.64 -33.18 -79.59
C GLY M 198 -79.99 -34.35 -80.49
N LEU M 199 -80.83 -34.07 -81.49
CA LEU M 199 -81.12 -35.01 -82.56
C LEU M 199 -80.34 -34.63 -83.81
N LEU M 200 -79.80 -35.62 -84.49
CA LEU M 200 -79.34 -35.41 -85.85
C LEU M 200 -80.53 -35.04 -86.72
N CYS M 201 -80.27 -34.20 -87.74
CA CYS M 201 -81.40 -33.65 -88.47
C CYS M 201 -81.01 -33.18 -89.86
N THR M 202 -81.64 -33.75 -90.88
CA THR M 202 -81.49 -33.30 -92.25
C THR M 202 -82.46 -32.16 -92.58
N GLU M 203 -83.67 -32.20 -92.02
CA GLU M 203 -84.68 -31.21 -92.31
C GLU M 203 -85.97 -31.58 -91.57
N LYS M 204 -86.90 -30.62 -91.54
CA LYS M 204 -88.27 -30.84 -91.13
C LYS M 204 -89.20 -30.22 -92.16
N PHE M 205 -90.49 -30.56 -92.07
CA PHE M 205 -91.49 -30.11 -93.03
C PHE M 205 -92.57 -29.32 -92.30
N GLU M 206 -93.25 -28.46 -93.06
CA GLU M 206 -94.51 -27.91 -92.60
C GLU M 206 -95.58 -29.02 -92.60
N TYR M 207 -96.37 -29.07 -91.53
CA TYR M 207 -97.37 -30.14 -91.42
C TYR M 207 -98.31 -30.16 -92.61
N ASP M 208 -98.84 -28.99 -93.00
CA ASP M 208 -99.79 -28.94 -94.12
C ASP M 208 -99.14 -29.39 -95.42
N GLU M 209 -97.89 -28.97 -95.65
CA GLU M 209 -97.17 -29.39 -96.84
C GLU M 209 -97.00 -30.91 -96.88
N LEU M 210 -96.52 -31.48 -95.77
CA LEU M 210 -96.31 -32.92 -95.74
C LEU M 210 -97.61 -33.68 -95.96
N LYS M 211 -98.70 -33.22 -95.34
CA LYS M 211 -99.98 -33.90 -95.50
C LYS M 211 -100.42 -33.89 -96.96
N GLU M 212 -100.24 -32.76 -97.65
CA GLU M 212 -100.63 -32.66 -99.05
C GLU M 212 -99.74 -33.53 -99.93
N THR M 213 -98.43 -33.54 -99.67
CA THR M 213 -97.53 -34.38 -100.44
C THR M 213 -97.87 -35.86 -100.26
N LEU M 214 -98.17 -36.28 -99.03
CA LEU M 214 -98.55 -37.67 -98.80
C LEU M 214 -99.82 -38.02 -99.59
N ALA M 215 -100.74 -37.07 -99.72
CA ALA M 215 -101.96 -37.33 -100.48
C ALA M 215 -101.67 -37.56 -101.95
N LYS M 216 -100.64 -36.92 -102.49
CA LYS M 216 -100.24 -37.17 -103.88
C LYS M 216 -99.76 -38.60 -104.07
N TYR M 217 -99.30 -39.24 -103.00
CA TYR M 217 -98.84 -40.62 -103.02
C TYR M 217 -99.89 -41.57 -102.46
N ASN M 218 -101.15 -41.12 -102.39
CA ASN M 218 -102.25 -41.96 -101.94
C ASN M 218 -102.03 -42.46 -100.52
N ILE M 219 -101.46 -41.60 -99.67
CA ILE M 219 -101.26 -41.88 -98.26
C ILE M 219 -102.07 -40.87 -97.46
N ASN M 220 -102.89 -41.37 -96.52
CA ASN M 220 -103.61 -40.52 -95.57
C ASN M 220 -102.74 -40.33 -94.33
N MET M 221 -102.24 -39.08 -94.13
CA MET M 221 -101.33 -38.81 -93.02
C MET M 221 -101.89 -39.30 -91.69
N ASP M 222 -103.20 -39.13 -91.52
CA ASP M 222 -103.87 -39.48 -90.23
C ASP M 222 -103.66 -40.96 -89.88
N ASP M 223 -103.48 -41.82 -90.87
CA ASP M 223 -103.35 -43.29 -90.61
C ASP M 223 -101.89 -43.74 -90.54
N VAL M 224 -100.92 -42.83 -90.74
CA VAL M 224 -99.49 -43.25 -90.72
C VAL M 224 -99.13 -43.76 -89.32
N GLU M 225 -98.47 -44.93 -89.25
CA GLU M 225 -98.03 -45.49 -87.95
C GLU M 225 -96.65 -44.95 -87.59
N LYS M 226 -95.79 -44.74 -88.58
CA LYS M 226 -94.42 -44.24 -88.30
C LYS M 226 -93.84 -43.53 -89.53
N PHE M 227 -92.95 -42.58 -89.30
CA PHE M 227 -92.23 -41.86 -90.37
C PHE M 227 -90.73 -42.11 -90.16
N ASP M 228 -89.95 -42.08 -91.23
CA ASP M 228 -88.49 -42.26 -91.07
C ASP M 228 -87.76 -41.57 -92.23
N ILE M 229 -86.56 -41.04 -91.98
CA ILE M 229 -85.76 -40.47 -93.09
C ILE M 229 -84.48 -41.30 -93.15
N LYS M 230 -84.33 -42.11 -94.20
CA LYS M 230 -83.12 -42.96 -94.34
C LYS M 230 -82.63 -42.91 -95.79
N LYS M 231 -81.32 -42.74 -95.96
CA LYS M 231 -80.70 -42.77 -97.32
C LYS M 231 -81.37 -41.77 -98.27
N GLY M 232 -81.67 -40.56 -97.81
CA GLY M 232 -82.25 -39.51 -98.68
C GLY M 232 -83.69 -39.76 -99.08
N LYS M 233 -84.41 -40.62 -98.36
CA LYS M 233 -85.83 -40.88 -98.70
C LYS M 233 -86.67 -40.79 -97.43
N LEU M 234 -87.95 -40.42 -97.57
CA LEU M 234 -88.86 -40.41 -96.40
C LEU M 234 -89.63 -41.73 -96.43
N LEU M 235 -89.50 -42.54 -95.38
CA LEU M 235 -90.21 -43.85 -95.31
C LEU M 235 -91.51 -43.63 -94.56
N VAL M 236 -92.63 -44.10 -95.12
CA VAL M 236 -93.95 -43.96 -94.45
C VAL M 236 -94.50 -45.36 -94.18
N TYR M 237 -94.81 -45.65 -92.92
CA TYR M 237 -95.38 -46.96 -92.54
C TYR M 237 -96.87 -46.74 -92.25
N VAL M 238 -97.71 -47.26 -93.15
CA VAL M 238 -99.19 -47.10 -93.01
C VAL M 238 -99.84 -48.42 -93.45
N ASN M 239 -100.78 -48.92 -92.66
CA ASN M 239 -101.52 -50.16 -93.02
C ASN M 239 -100.57 -51.34 -93.29
N GLY M 240 -99.51 -51.48 -92.48
CA GLY M 240 -98.53 -52.58 -92.61
C GLY M 240 -97.75 -52.54 -93.92
N GLU M 241 -97.57 -51.36 -94.50
CA GLU M 241 -96.81 -51.25 -95.78
C GLU M 241 -95.76 -50.14 -95.63
N GLU M 242 -94.63 -50.29 -96.32
CA GLU M 242 -93.57 -49.26 -96.28
C GLU M 242 -93.55 -48.52 -97.62
N HIS M 243 -93.86 -47.23 -97.60
CA HIS M 243 -93.84 -46.38 -98.82
C HIS M 243 -92.59 -45.52 -98.77
N LYS M 244 -91.86 -45.43 -99.88
CA LYS M 244 -90.63 -44.65 -99.95
C LYS M 244 -90.88 -43.45 -100.85
N ILE M 245 -90.66 -42.25 -100.32
CA ILE M 245 -90.81 -41.02 -101.09
C ILE M 245 -89.45 -40.32 -101.13
N PRO M 246 -88.90 -40.03 -102.31
CA PRO M 246 -87.61 -39.32 -102.36
C PRO M 246 -87.73 -37.94 -101.71
N LEU M 247 -86.73 -37.60 -100.88
CA LEU M 247 -86.80 -36.34 -100.15
C LEU M 247 -86.91 -35.16 -101.09
N LYS M 248 -86.36 -35.28 -102.29
CA LYS M 248 -86.36 -34.15 -103.27
C LYS M 248 -87.80 -33.77 -103.67
N GLU M 249 -88.78 -34.65 -103.46
CA GLU M 249 -90.17 -34.37 -103.90
C GLU M 249 -90.99 -33.66 -102.81
N ILE M 250 -90.42 -33.49 -101.61
CA ILE M 250 -91.13 -32.82 -100.52
C ILE M 250 -90.45 -31.50 -100.23
N GLU M 251 -91.25 -30.43 -100.15
CA GLU M 251 -90.73 -29.11 -99.80
C GLU M 251 -90.39 -29.07 -98.32
N LEU M 252 -89.14 -28.75 -98.01
CA LEU M 252 -88.74 -28.66 -96.58
C LEU M 252 -89.09 -27.26 -96.06
N SER M 253 -89.15 -27.16 -94.74
CA SER M 253 -89.38 -25.88 -94.07
C SER M 253 -88.29 -24.89 -94.48
N ALA M 254 -88.71 -23.67 -94.85
CA ALA M 254 -87.80 -22.77 -95.56
C ALA M 254 -86.51 -22.52 -94.78
N GLY M 255 -86.60 -22.40 -93.45
CA GLY M 255 -85.43 -22.12 -92.64
C GLY M 255 -84.38 -23.20 -92.69
N CYS M 256 -84.76 -24.44 -93.04
CA CYS M 256 -83.80 -25.52 -93.07
C CYS M 256 -82.75 -25.30 -94.15
N LYS M 257 -83.10 -24.57 -95.21
CA LYS M 257 -82.11 -24.32 -96.26
C LYS M 257 -81.01 -23.38 -95.80
N MET M 258 -81.22 -22.68 -94.68
CA MET M 258 -80.17 -21.76 -94.16
C MET M 258 -79.50 -22.39 -92.93
N CYS M 259 -79.58 -23.72 -92.83
CA CYS M 259 -79.04 -24.43 -91.67
C CYS M 259 -77.71 -25.09 -91.99
N ARG M 260 -76.82 -25.11 -91.01
CA ARG M 260 -75.48 -25.67 -91.18
C ARG M 260 -75.20 -26.88 -90.29
N ASP M 261 -76.03 -27.13 -89.30
CA ASP M 261 -75.71 -28.02 -88.18
C ASP M 261 -76.46 -29.32 -88.37
N PHE M 262 -75.77 -30.36 -88.83
CA PHE M 262 -76.45 -31.63 -89.05
C PHE M 262 -76.58 -32.45 -87.78
N ASP M 263 -75.52 -32.52 -86.96
CA ASP M 263 -75.43 -33.50 -85.88
C ASP M 263 -75.58 -32.87 -84.49
N ALA M 264 -76.19 -31.69 -84.40
CA ALA M 264 -76.43 -31.01 -83.13
C ALA M 264 -75.12 -30.88 -82.36
N GLU M 265 -74.16 -30.21 -83.01
CA GLU M 265 -72.77 -30.25 -82.56
C GLU M 265 -72.56 -29.65 -81.18
N MET M 266 -73.55 -28.92 -80.65
CA MET M 266 -73.38 -28.24 -79.33
C MET M 266 -74.13 -28.97 -78.22
N ALA M 267 -74.73 -30.11 -78.50
CA ALA M 267 -75.48 -30.81 -77.47
C ALA M 267 -74.53 -31.53 -76.51
N ASP M 268 -75.03 -31.84 -75.32
CA ASP M 268 -74.27 -32.69 -74.41
C ASP M 268 -74.10 -34.08 -74.99
N VAL M 269 -75.14 -34.58 -75.68
CA VAL M 269 -75.10 -35.85 -76.40
C VAL M 269 -76.05 -35.73 -77.59
N SER M 270 -75.61 -36.21 -78.74
CA SER M 270 -76.41 -36.16 -79.97
C SER M 270 -76.76 -37.58 -80.39
N VAL M 271 -77.99 -37.76 -80.87
CA VAL M 271 -78.55 -39.08 -81.13
C VAL M 271 -79.21 -39.06 -82.51
N GLY M 272 -78.90 -40.07 -83.32
CA GLY M 272 -79.51 -40.23 -84.61
C GLY M 272 -79.47 -41.67 -85.08
N CYS M 273 -79.76 -41.86 -86.37
CA CYS M 273 -79.72 -43.20 -86.96
C CYS M 273 -78.55 -43.39 -87.91
N VAL M 274 -78.13 -42.34 -88.63
CA VAL M 274 -77.04 -42.50 -89.58
C VAL M 274 -75.80 -43.02 -88.87
N GLY M 275 -75.11 -43.95 -89.52
CA GLY M 275 -73.86 -44.48 -89.01
C GLY M 275 -73.97 -45.72 -88.13
N SER M 276 -75.18 -46.17 -87.82
CA SER M 276 -75.38 -47.29 -86.93
C SER M 276 -76.37 -48.29 -87.54
N PRO M 277 -76.28 -49.55 -87.15
CA PRO M 277 -77.17 -50.56 -87.73
C PRO M 277 -78.63 -50.30 -87.36
N ASP M 278 -79.53 -50.80 -88.21
CA ASP M 278 -81.00 -50.65 -88.01
C ASP M 278 -81.40 -51.17 -86.64
N GLY M 279 -82.27 -50.43 -85.95
CA GLY M 279 -82.69 -50.79 -84.62
C GLY M 279 -81.81 -50.24 -83.51
N TYR M 280 -80.70 -49.60 -83.85
CA TYR M 280 -79.82 -48.96 -82.89
C TYR M 280 -79.84 -47.45 -83.15
N SER M 281 -79.42 -46.68 -82.15
CA SER M 281 -79.23 -45.25 -82.31
C SER M 281 -77.74 -44.93 -82.29
N THR M 282 -77.31 -44.07 -83.20
CA THR M 282 -75.98 -43.48 -83.09
C THR M 282 -75.97 -42.50 -81.92
N VAL M 283 -74.90 -42.55 -81.13
CA VAL M 283 -74.75 -41.73 -79.94
C VAL M 283 -73.41 -41.01 -80.02
N ILE M 284 -73.44 -39.68 -80.05
CA ILE M 284 -72.22 -38.87 -80.07
C ILE M 284 -72.15 -38.12 -78.75
N ILE M 285 -71.26 -38.55 -77.85
CA ILE M 285 -71.12 -37.95 -76.54
C ILE M 285 -70.11 -36.82 -76.63
N ARG M 286 -70.48 -35.64 -76.12
CA ARG M 286 -69.67 -34.45 -76.27
C ARG M 286 -69.32 -33.75 -74.96
N THR M 287 -69.99 -34.04 -73.85
CA THR M 287 -69.70 -33.38 -72.58
C THR M 287 -69.88 -34.37 -71.44
N GLU M 288 -69.49 -33.94 -70.24
CA GLU M 288 -69.62 -34.80 -69.06
C GLU M 288 -71.08 -35.05 -68.71
N LYS M 289 -71.97 -34.09 -68.99
CA LYS M 289 -73.39 -34.33 -68.85
C LYS M 289 -73.85 -35.44 -69.80
N GLY M 290 -73.40 -35.39 -71.05
CA GLY M 290 -73.72 -36.46 -71.98
C GLY M 290 -73.10 -37.79 -71.60
N GLU M 291 -71.96 -37.75 -70.91
CA GLU M 291 -71.29 -38.99 -70.49
C GLU M 291 -72.18 -39.86 -69.63
N GLU M 292 -73.17 -39.26 -68.95
CA GLU M 292 -74.05 -40.03 -68.08
C GLU M 292 -74.90 -41.02 -68.85
N ILE M 293 -75.00 -40.86 -70.17
CA ILE M 293 -75.75 -41.83 -70.95
C ILE M 293 -75.10 -43.20 -70.90
N LYS M 294 -73.81 -43.28 -70.57
CA LYS M 294 -73.15 -44.58 -70.47
C LYS M 294 -73.72 -45.40 -69.32
N ASN M 295 -74.30 -44.74 -68.32
CA ASN M 295 -74.94 -45.42 -67.20
C ASN M 295 -76.33 -45.94 -67.56
N ALA M 296 -76.93 -45.43 -68.63
CA ALA M 296 -78.30 -45.81 -68.99
C ALA M 296 -78.38 -46.73 -70.20
N ILE M 297 -77.34 -46.81 -71.02
CA ILE M 297 -77.36 -47.59 -72.25
C ILE M 297 -76.09 -48.44 -72.30
N GLU M 298 -76.23 -49.69 -72.75
CA GLU M 298 -75.06 -50.50 -73.05
C GLU M 298 -74.59 -50.11 -74.44
N LEU M 299 -73.51 -49.33 -74.51
CA LEU M 299 -73.05 -48.74 -75.77
C LEU M 299 -72.03 -49.66 -76.44
N LYS M 300 -71.98 -49.59 -77.77
CA LYS M 300 -71.03 -50.34 -78.56
C LYS M 300 -70.27 -49.39 -79.47
N GLU M 301 -69.02 -49.75 -79.77
CA GLU M 301 -68.24 -49.01 -80.74
C GLU M 301 -68.45 -49.60 -82.14
N GLY M 302 -68.10 -48.81 -83.15
CA GLY M 302 -68.18 -49.29 -84.52
C GLY M 302 -69.04 -48.44 -85.44
N VAL M 303 -69.23 -47.17 -85.09
CA VAL M 303 -70.03 -46.28 -85.91
C VAL M 303 -69.33 -46.03 -87.23
N ASN M 304 -70.11 -45.93 -88.32
CA ASN M 304 -69.60 -45.55 -89.63
C ASN M 304 -69.47 -44.03 -89.67
N LEU M 305 -68.27 -43.52 -89.38
CA LEU M 305 -68.07 -42.08 -89.31
C LEU M 305 -68.20 -41.41 -90.67
N GLU M 306 -67.83 -42.14 -91.73
CA GLU M 306 -67.89 -41.59 -93.11
C GLU M 306 -69.34 -41.30 -93.50
N ALA M 307 -70.28 -42.17 -93.09
CA ALA M 307 -71.70 -41.95 -93.39
C ALA M 307 -72.20 -40.66 -92.75
N ILE M 308 -71.73 -40.35 -91.54
CA ILE M 308 -72.18 -39.14 -90.85
C ILE M 308 -71.59 -37.90 -91.53
N GLU M 309 -70.29 -37.93 -91.85
CA GLU M 309 -69.68 -36.77 -92.47
C GLU M 309 -70.31 -36.50 -93.83
N LYS M 310 -70.79 -37.55 -94.48
CA LYS M 310 -71.45 -37.36 -95.80
C LYS M 310 -72.63 -36.40 -95.63
N LEU M 311 -73.43 -36.59 -94.59
CA LEU M 311 -74.61 -35.75 -94.39
C LEU M 311 -74.23 -34.36 -93.89
N ARG M 312 -73.18 -34.24 -93.09
CA ARG M 312 -72.67 -32.92 -92.72
C ARG M 312 -72.36 -32.10 -93.97
N ASP M 313 -71.70 -32.75 -94.94
CA ASP M 313 -71.31 -32.06 -96.21
C ASP M 313 -72.56 -31.74 -97.04
N LEU M 314 -73.51 -32.68 -97.07
CA LEU M 314 -74.76 -32.44 -97.85
C LEU M 314 -75.44 -31.18 -97.31
N LYS M 315 -75.58 -31.08 -95.98
CA LYS M 315 -76.25 -29.93 -95.40
C LYS M 315 -75.47 -28.64 -95.62
N LEU M 316 -74.15 -28.70 -95.45
CA LEU M 316 -73.34 -27.51 -95.68
C LEU M 316 -73.46 -27.04 -97.12
N ASN M 317 -73.54 -27.98 -98.07
CA ASN M 317 -73.64 -27.60 -99.48
C ASN M 317 -75.00 -27.00 -99.81
N ARG M 318 -76.07 -27.55 -99.22
CA ARG M 318 -77.39 -26.92 -99.34
C ARG M 318 -77.34 -25.48 -98.81
N PHE M 319 -76.70 -25.26 -97.66
CA PHE M 319 -76.60 -23.93 -97.08
C PHE M 319 -75.84 -22.99 -98.00
N LYS M 320 -74.72 -23.44 -98.57
CA LYS M 320 -73.95 -22.58 -99.46
C LYS M 320 -74.75 -22.23 -100.71
N LYS M 321 -75.46 -23.22 -101.29
CA LYS M 321 -76.29 -22.95 -102.45
C LYS M 321 -77.33 -21.88 -102.15
N GLU M 322 -78.01 -21.98 -100.99
CA GLU M 322 -79.05 -21.00 -100.68
C GLU M 322 -78.46 -19.63 -100.39
N VAL M 323 -77.30 -19.58 -99.75
CA VAL M 323 -76.66 -18.30 -99.48
C VAL M 323 -76.27 -17.63 -100.79
N GLU M 324 -75.74 -18.41 -101.74
CA GLU M 324 -75.35 -17.84 -103.04
C GLU M 324 -76.58 -17.40 -103.82
N ARG M 325 -77.68 -18.15 -103.70
CA ARG M 325 -78.93 -17.74 -104.34
C ARG M 325 -79.37 -16.39 -103.78
N ARG M 326 -79.36 -16.24 -102.46
CA ARG M 326 -79.77 -14.98 -101.85
C ARG M 326 -78.84 -13.84 -102.26
N LYS M 327 -77.54 -14.11 -102.31
CA LYS M 327 -76.58 -13.08 -102.68
C LYS M 327 -76.88 -12.59 -104.09
N ALA M 328 -77.14 -13.52 -105.01
CA ALA M 328 -77.46 -13.15 -106.40
C ALA M 328 -78.75 -12.32 -106.49
N GLU M 329 -79.73 -12.57 -105.61
CA GLU M 329 -81.04 -11.87 -105.69
C GLU M 329 -81.13 -10.68 -104.72
N ASP M 330 -80.06 -10.38 -103.97
CA ASP M 330 -80.03 -9.29 -102.94
C ASP M 330 -81.06 -9.56 -101.84
N GLU M 331 -81.29 -10.83 -101.51
CA GLU M 331 -82.27 -11.21 -100.46
C GLU M 331 -81.56 -11.14 -99.10
N LYS M 332 -82.34 -11.12 -98.03
CA LYS M 332 -81.76 -11.04 -96.70
C LYS M 332 -80.85 -12.23 -96.44
N VAL M 333 -79.68 -11.95 -95.88
CA VAL M 333 -78.78 -12.97 -95.36
C VAL M 333 -78.32 -12.48 -93.99
N SER M 334 -78.54 -13.28 -92.96
CA SER M 334 -78.00 -13.01 -91.63
C SER M 334 -76.74 -13.84 -91.47
N PHE M 335 -75.60 -13.17 -91.28
CA PHE M 335 -74.31 -13.87 -91.24
C PHE M 335 -74.05 -14.44 -89.83
N TYR M 336 -75.01 -15.26 -89.38
CA TYR M 336 -74.98 -15.72 -87.99
C TYR M 336 -73.77 -16.60 -87.69
N TRP M 337 -73.17 -17.19 -88.71
CA TRP M 337 -72.04 -18.08 -88.50
C TRP M 337 -70.70 -17.37 -88.36
N THR M 338 -70.64 -16.04 -88.51
CA THR M 338 -69.36 -15.38 -88.26
C THR M 338 -68.90 -15.63 -86.82
N ALA M 339 -69.85 -15.75 -85.88
CA ALA M 339 -69.55 -15.98 -84.47
C ALA M 339 -69.07 -17.39 -84.19
N ASP M 340 -69.00 -18.25 -85.22
CA ASP M 340 -68.34 -19.54 -85.10
C ASP M 340 -66.83 -19.41 -84.92
N TYR M 341 -66.25 -18.26 -85.28
CA TYR M 341 -64.80 -18.08 -85.36
C TYR M 341 -64.32 -16.95 -84.45
N GLY M 342 -63.16 -17.17 -83.84
CA GLY M 342 -62.54 -16.12 -83.05
C GLY M 342 -61.96 -15.01 -83.92
N GLY M 343 -61.89 -13.81 -83.33
CA GLY M 343 -61.23 -12.69 -84.01
C GLY M 343 -62.07 -11.98 -85.04
N VAL M 344 -63.36 -12.27 -85.14
CA VAL M 344 -64.25 -11.64 -86.12
C VAL M 344 -65.13 -10.62 -85.42
N GLY M 345 -65.04 -9.37 -85.88
CA GLY M 345 -65.83 -8.29 -85.28
C GLY M 345 -66.56 -7.54 -86.37
N LYS M 346 -67.72 -6.99 -86.05
CA LYS M 346 -68.44 -6.24 -87.09
C LYS M 346 -68.02 -4.76 -87.03
N ARG M 347 -67.73 -4.18 -88.20
CA ARG M 347 -67.52 -2.77 -88.36
C ARG M 347 -68.87 -2.04 -88.31
N ALA M 348 -68.78 -0.71 -88.22
CA ALA M 348 -69.98 0.14 -88.16
C ALA M 348 -70.73 0.18 -89.49
N ASP M 349 -70.07 -0.11 -90.61
CA ASP M 349 -70.60 0.13 -91.94
C ASP M 349 -71.09 -1.12 -92.68
N GLY M 350 -71.33 -2.23 -91.96
CA GLY M 350 -71.89 -3.42 -92.55
C GLY M 350 -70.91 -4.46 -93.06
N THR M 351 -69.60 -4.19 -93.01
CA THR M 351 -68.57 -5.20 -93.22
C THR M 351 -68.01 -5.67 -91.87
N TYR M 352 -66.99 -6.53 -91.94
CA TYR M 352 -66.39 -7.17 -90.79
C TYR M 352 -64.90 -6.85 -90.78
N PHE M 353 -64.29 -6.98 -89.61
CA PHE M 353 -62.84 -7.00 -89.48
C PHE M 353 -62.44 -8.34 -88.90
N ILE M 354 -61.25 -8.81 -89.30
CA ILE M 354 -60.68 -10.05 -88.81
C ILE M 354 -59.33 -9.73 -88.18
N ARG M 355 -59.21 -10.05 -86.87
CA ARG M 355 -57.99 -9.80 -86.10
C ARG M 355 -57.15 -11.07 -86.05
N ILE M 356 -55.92 -10.98 -86.52
CA ILE M 356 -54.94 -12.06 -86.41
C ILE M 356 -54.22 -11.87 -85.08
N ARG M 357 -54.45 -12.78 -84.14
CA ARG M 357 -53.92 -12.67 -82.79
C ARG M 357 -52.42 -12.33 -82.84
N ALA M 358 -52.03 -11.29 -82.12
CA ALA M 358 -50.65 -10.82 -82.21
C ALA M 358 -49.68 -11.94 -81.86
N LYS M 359 -48.60 -12.01 -82.65
CA LYS M 359 -47.51 -12.96 -82.42
C LYS M 359 -46.58 -12.42 -81.32
N PRO M 360 -45.90 -13.31 -80.61
CA PRO M 360 -45.09 -12.87 -79.46
C PRO M 360 -44.12 -11.75 -79.79
N ALA M 361 -44.20 -10.68 -78.98
CA ALA M 361 -43.35 -9.49 -79.05
C ALA M 361 -43.48 -8.76 -80.38
N GLY M 362 -44.53 -9.05 -81.14
CA GLY M 362 -44.74 -8.36 -82.39
C GLY M 362 -43.77 -8.70 -83.49
N TRP M 363 -43.01 -9.79 -83.37
CA TRP M 363 -42.11 -10.22 -84.43
C TRP M 363 -42.91 -10.96 -85.51
N TYR M 364 -42.71 -10.59 -86.77
CA TYR M 364 -43.30 -11.29 -87.90
C TYR M 364 -42.24 -11.54 -88.95
N SER M 365 -42.18 -12.76 -89.48
CA SER M 365 -41.29 -13.01 -90.59
C SER M 365 -41.79 -12.26 -91.81
N ILE M 366 -40.86 -11.91 -92.70
CA ILE M 366 -41.26 -11.25 -93.93
C ILE M 366 -42.24 -12.12 -94.71
N ASP M 367 -41.99 -13.43 -94.73
CA ASP M 367 -42.91 -14.35 -95.42
C ASP M 367 -44.29 -14.28 -94.81
N GLU M 368 -44.38 -14.27 -93.47
CA GLU M 368 -45.67 -14.20 -92.78
C GLU M 368 -46.43 -12.94 -93.14
N ALA M 369 -45.76 -11.79 -93.06
CA ALA M 369 -46.41 -10.52 -93.37
C ALA M 369 -46.91 -10.51 -94.81
N ARG M 370 -46.11 -11.03 -95.74
CA ARG M 370 -46.53 -11.08 -97.13
C ARG M 370 -47.74 -11.99 -97.32
N GLU M 371 -47.78 -13.08 -96.54
CA GLU M 371 -48.92 -14.04 -96.62
C GLU M 371 -50.20 -13.31 -96.19
N ILE M 372 -50.11 -12.52 -95.11
CA ILE M 372 -51.30 -11.77 -94.60
C ILE M 372 -51.74 -10.76 -95.67
N LEU M 373 -50.79 -10.05 -96.27
CA LEU M 373 -51.11 -9.01 -97.30
C LEU M 373 -51.79 -9.68 -98.51
N GLU M 374 -51.30 -10.85 -98.92
CA GLU M 374 -51.89 -11.54 -100.11
C GLU M 374 -53.34 -11.91 -99.82
N ILE M 375 -53.62 -12.43 -98.62
CA ILE M 375 -55.01 -12.83 -98.24
C ILE M 375 -55.89 -11.58 -98.17
N ALA M 376 -55.36 -10.49 -97.60
CA ALA M 376 -56.15 -9.24 -97.50
C ALA M 376 -56.45 -8.71 -98.90
N GLU M 377 -55.46 -8.78 -99.80
CA GLU M 377 -55.65 -8.27 -101.18
C GLU M 377 -56.72 -9.08 -101.90
N LYS M 378 -56.73 -10.40 -101.70
CA LYS M 378 -57.69 -11.31 -102.37
C LYS M 378 -59.13 -10.96 -101.99
N TYR M 379 -59.34 -10.59 -100.72
CA TYR M 379 -60.72 -10.29 -100.23
C TYR M 379 -60.97 -8.78 -100.17
N ASP M 380 -60.08 -7.97 -100.75
CA ASP M 380 -60.20 -6.49 -100.76
C ASP M 380 -60.23 -5.93 -99.33
N GLY M 381 -59.42 -6.52 -98.45
CA GLY M 381 -59.31 -6.10 -97.04
C GLY M 381 -58.35 -4.93 -96.90
N LYS M 382 -58.54 -4.13 -95.84
CA LYS M 382 -57.66 -2.98 -95.55
C LYS M 382 -56.85 -3.32 -94.29
N ILE M 383 -55.56 -3.01 -94.30
CA ILE M 383 -54.65 -3.37 -93.17
C ILE M 383 -54.67 -2.30 -92.08
N LYS M 384 -54.89 -2.72 -90.85
CA LYS M 384 -54.83 -1.83 -89.66
C LYS M 384 -53.90 -2.48 -88.64
N MET M 385 -52.93 -1.74 -88.10
CA MET M 385 -52.01 -2.30 -87.07
C MET M 385 -52.54 -1.88 -85.70
N THR M 386 -52.87 -2.86 -84.83
CA THR M 386 -53.43 -2.56 -83.49
C THR M 386 -52.31 -2.12 -82.54
N ASN M 387 -52.71 -1.66 -81.34
CA ASN M 387 -51.75 -1.20 -80.30
C ASN M 387 -51.22 -2.38 -79.46
N ARG M 388 -51.61 -3.62 -79.80
CA ARG M 388 -51.04 -4.86 -79.23
C ARG M 388 -50.16 -5.55 -80.30
N GLY M 389 -49.85 -4.84 -81.39
CA GLY M 389 -48.98 -5.39 -82.45
C GLY M 389 -49.63 -6.42 -83.36
N ALA M 390 -50.96 -6.39 -83.51
CA ALA M 390 -51.65 -7.39 -84.35
C ALA M 390 -52.05 -6.81 -85.71
N PHE M 391 -52.09 -7.67 -86.73
CA PHE M 391 -52.60 -7.26 -88.07
C PHE M 391 -54.12 -7.42 -88.02
N GLU M 392 -54.86 -6.36 -88.34
CA GLU M 392 -56.34 -6.43 -88.35
C GLU M 392 -56.79 -6.13 -89.79
N ILE M 393 -57.60 -7.00 -90.38
CA ILE M 393 -58.04 -6.78 -91.79
C ILE M 393 -59.50 -6.31 -91.80
N HIS M 394 -59.74 -5.13 -92.37
CA HIS M 394 -61.07 -4.47 -92.36
C HIS M 394 -61.76 -4.49 -93.73
N GLY M 395 -63.08 -4.34 -93.72
CA GLY M 395 -63.90 -4.26 -94.94
C GLY M 395 -64.29 -5.60 -95.53
N ILE M 396 -64.16 -6.68 -94.77
CA ILE M 396 -64.53 -8.02 -95.31
C ILE M 396 -66.05 -8.20 -95.33
N SER M 397 -66.58 -8.67 -96.47
CA SER M 397 -68.03 -8.91 -96.61
C SER M 397 -68.41 -10.13 -95.76
N GLY M 398 -69.66 -10.19 -95.30
CA GLY M 398 -70.16 -11.35 -94.51
C GLY M 398 -70.08 -12.64 -95.32
N PHE M 399 -70.33 -12.56 -96.63
CA PHE M 399 -70.24 -13.71 -97.56
C PHE M 399 -68.81 -14.27 -97.60
N ASP M 400 -67.78 -13.42 -97.46
CA ASP M 400 -66.36 -13.86 -97.54
C ASP M 400 -65.70 -14.10 -96.17
N VAL M 401 -66.37 -13.83 -95.05
CA VAL M 401 -65.67 -13.95 -93.73
C VAL M 401 -65.17 -15.38 -93.48
N GLU M 402 -66.04 -16.38 -93.69
CA GLU M 402 -65.65 -17.78 -93.40
C GLU M 402 -64.53 -18.27 -94.31
N ALA M 403 -64.62 -17.96 -95.61
CA ALA M 403 -63.58 -18.44 -96.55
C ALA M 403 -62.23 -17.81 -96.19
N MET M 404 -62.23 -16.51 -95.88
CA MET M 404 -60.96 -15.81 -95.54
C MET M 404 -60.37 -16.36 -94.23
N VAL M 405 -61.22 -16.59 -93.23
CA VAL M 405 -60.71 -17.10 -91.92
C VAL M 405 -60.14 -18.50 -92.13
N LEU M 406 -60.82 -19.34 -92.91
CA LEU M 406 -60.33 -20.72 -93.18
C LEU M 406 -58.98 -20.65 -93.91
N GLU M 407 -58.85 -19.71 -94.85
CA GLU M 407 -57.56 -19.56 -95.59
C GLU M 407 -56.45 -19.15 -94.61
N LEU M 408 -56.75 -18.23 -93.69
CA LEU M 408 -55.73 -17.79 -92.70
C LEU M 408 -55.35 -18.98 -91.82
N MET M 409 -56.33 -19.78 -91.42
CA MET M 409 -56.11 -20.98 -90.56
C MET M 409 -55.25 -22.00 -91.32
N GLU M 410 -55.48 -22.13 -92.63
CA GLU M 410 -54.74 -23.06 -93.53
C GLU M 410 -53.25 -22.68 -93.57
N LYS M 411 -52.92 -21.39 -93.47
CA LYS M 411 -51.53 -20.87 -93.48
C LYS M 411 -50.95 -20.83 -92.05
N GLY M 412 -51.68 -21.37 -91.07
CA GLY M 412 -51.21 -21.46 -89.67
C GLY M 412 -51.49 -20.23 -88.83
N PHE M 413 -52.19 -19.24 -89.39
CA PHE M 413 -52.51 -18.00 -88.61
C PHE M 413 -53.68 -18.25 -87.67
N ILE M 414 -53.63 -17.66 -86.48
CA ILE M 414 -54.76 -17.82 -85.51
C ILE M 414 -55.53 -16.50 -85.47
N THR M 415 -56.82 -16.52 -85.82
CA THR M 415 -57.65 -15.34 -85.68
C THR M 415 -58.22 -15.31 -84.26
N GLY M 416 -58.18 -14.16 -83.60
CA GLY M 416 -58.60 -14.09 -82.20
C GLY M 416 -58.25 -12.77 -81.56
N SER M 417 -57.93 -12.84 -80.25
CA SER M 417 -57.64 -11.68 -79.37
C SER M 417 -58.89 -10.79 -79.31
N GLU M 418 -60.06 -11.42 -79.31
CA GLU M 418 -61.38 -10.72 -79.31
C GLU M 418 -62.38 -11.48 -78.41
N GLY M 419 -63.25 -10.76 -77.70
CA GLY M 419 -64.25 -11.40 -76.83
C GLY M 419 -63.77 -11.63 -75.41
N PRO M 420 -64.59 -12.26 -74.54
CA PRO M 420 -64.21 -12.47 -73.15
C PRO M 420 -63.28 -13.69 -73.00
N LEU M 421 -61.99 -13.44 -73.22
CA LEU M 421 -60.96 -14.51 -73.10
C LEU M 421 -59.59 -13.85 -72.95
N VAL M 422 -58.55 -14.69 -72.80
CA VAL M 422 -57.18 -14.21 -72.66
C VAL M 422 -56.72 -13.67 -74.02
N ARG M 423 -56.51 -12.36 -74.10
CA ARG M 423 -56.13 -11.69 -75.34
C ARG M 423 -54.65 -11.92 -75.64
N ALA M 424 -54.22 -11.46 -76.82
CA ALA M 424 -52.81 -11.60 -77.19
C ALA M 424 -51.89 -11.00 -76.13
N THR M 425 -50.93 -11.79 -75.66
CA THR M 425 -49.95 -11.30 -74.70
C THR M 425 -49.05 -10.27 -75.36
N LEU M 426 -48.85 -9.13 -74.69
CA LEU M 426 -48.08 -8.03 -75.24
C LEU M 426 -46.69 -7.95 -74.61
N ALA M 427 -45.68 -8.09 -75.46
CA ALA M 427 -44.29 -8.08 -75.03
C ALA M 427 -43.46 -7.12 -75.89
N CYS M 428 -42.44 -6.54 -75.26
CA CYS M 428 -41.49 -5.69 -75.98
C CYS M 428 -40.35 -6.55 -76.52
N PRO M 429 -39.39 -5.97 -77.24
CA PRO M 429 -38.29 -6.79 -77.81
C PRO M 429 -37.36 -7.39 -76.75
N GLY M 430 -37.18 -6.76 -75.59
CA GLY M 430 -36.43 -7.36 -74.51
C GLY M 430 -34.93 -7.54 -74.75
N GLU M 431 -34.31 -8.33 -73.87
CA GLU M 431 -32.84 -8.57 -73.82
C GLU M 431 -32.30 -9.02 -75.18
N GLY M 432 -31.11 -8.51 -75.52
CA GLY M 432 -30.45 -8.85 -76.76
C GLY M 432 -31.01 -8.14 -77.96
N ASN M 433 -32.15 -7.47 -77.83
CA ASN M 433 -32.71 -6.65 -78.88
C ASN M 433 -32.65 -5.19 -78.45
N CYS M 434 -33.42 -4.82 -77.43
CA CYS M 434 -33.32 -3.51 -76.82
C CYS M 434 -32.11 -3.48 -75.89
N GLY M 435 -31.32 -2.40 -75.98
CA GLY M 435 -30.16 -2.24 -75.12
C GLY M 435 -30.47 -2.22 -73.64
N SER M 436 -31.70 -1.89 -73.27
CA SER M 436 -32.13 -1.85 -71.87
C SER M 436 -32.73 -3.18 -71.39
N GLY M 437 -32.89 -4.15 -72.30
CA GLY M 437 -33.62 -5.35 -71.95
C GLY M 437 -32.88 -6.20 -70.93
N LEU M 438 -33.63 -6.70 -69.95
CA LEU M 438 -33.09 -7.53 -68.88
C LEU M 438 -33.53 -8.97 -68.95
N ILE M 439 -34.63 -9.28 -69.64
CA ILE M 439 -35.17 -10.63 -69.68
C ILE M 439 -35.56 -10.99 -71.11
N ASN M 440 -35.70 -12.29 -71.36
CA ASN M 440 -36.11 -12.80 -72.68
C ASN M 440 -37.63 -12.70 -72.77
N THR M 441 -38.10 -11.51 -73.16
CA THR M 441 -39.52 -11.22 -73.25
C THR M 441 -40.20 -12.07 -74.33
N THR M 442 -39.52 -12.28 -75.46
CA THR M 442 -40.14 -13.05 -76.55
C THR M 442 -40.43 -14.48 -76.12
N GLU M 443 -39.46 -15.13 -75.48
CA GLU M 443 -39.66 -16.53 -75.08
C GLU M 443 -40.70 -16.64 -73.97
N LEU M 444 -40.66 -15.74 -72.98
CA LEU M 444 -41.69 -15.80 -71.95
C LEU M 444 -43.08 -15.56 -72.56
N CYS M 445 -43.18 -14.63 -73.51
CA CYS M 445 -44.47 -14.38 -74.16
C CYS M 445 -44.96 -15.63 -74.90
N LYS M 446 -44.07 -16.30 -75.62
CA LYS M 446 -44.48 -17.53 -76.31
C LYS M 446 -44.97 -18.56 -75.30
N ILE M 447 -44.29 -18.69 -74.16
CA ILE M 447 -44.70 -19.66 -73.16
C ILE M 447 -46.09 -19.32 -72.63
N LEU M 448 -46.34 -18.05 -72.32
CA LEU M 448 -47.67 -17.68 -71.83
C LEU M 448 -48.73 -17.90 -72.90
N GLU M 449 -48.43 -17.59 -74.16
CA GLU M 449 -49.37 -17.86 -75.25
C GLU M 449 -49.64 -19.36 -75.37
N ASP M 450 -48.58 -20.18 -75.31
CA ASP M 450 -48.75 -21.62 -75.45
C ASP M 450 -49.66 -22.18 -74.36
N ASN M 451 -49.59 -21.60 -73.17
CA ASN M 451 -50.38 -22.09 -72.04
C ASN M 451 -51.78 -21.49 -71.95
N PHE M 452 -52.00 -20.25 -72.38
CA PHE M 452 -53.25 -19.56 -72.09
C PHE M 452 -53.96 -18.89 -73.26
N LYS M 453 -53.44 -18.99 -74.48
CA LYS M 453 -54.07 -18.26 -75.58
C LYS M 453 -55.53 -18.66 -75.75
N GLU M 454 -56.41 -17.66 -75.85
CA GLU M 454 -57.84 -17.83 -76.09
C GLU M 454 -58.57 -18.59 -74.96
N HIS M 455 -57.98 -18.72 -73.78
CA HIS M 455 -58.69 -19.36 -72.69
C HIS M 455 -59.82 -18.44 -72.23
N PRO M 456 -61.01 -18.98 -71.98
CA PRO M 456 -62.15 -18.13 -71.61
C PRO M 456 -61.96 -17.48 -70.24
N ALA M 457 -62.55 -16.30 -70.10
CA ALA M 457 -62.58 -15.58 -68.83
C ALA M 457 -63.89 -14.82 -68.77
N PRO M 458 -64.32 -14.42 -67.58
CA PRO M 458 -65.60 -13.69 -67.48
C PRO M 458 -65.63 -12.44 -68.35
N TYR M 459 -64.48 -11.82 -68.62
CA TYR M 459 -64.35 -10.64 -69.47
C TYR M 459 -62.93 -10.66 -70.05
N LYS M 460 -62.63 -9.71 -70.93
CA LYS M 460 -61.30 -9.68 -71.54
C LYS M 460 -60.21 -9.62 -70.47
N PHE M 461 -59.10 -10.32 -70.74
CA PHE M 461 -58.03 -10.55 -69.79
C PHE M 461 -56.72 -10.36 -70.54
N LYS M 462 -55.91 -9.39 -70.12
CA LYS M 462 -54.73 -8.97 -70.87
C LYS M 462 -53.45 -9.06 -70.05
N ILE M 463 -52.43 -9.69 -70.62
CA ILE M 463 -51.12 -9.86 -70.00
C ILE M 463 -50.10 -9.06 -70.79
N ALA M 464 -49.18 -8.40 -70.08
CA ALA M 464 -48.08 -7.68 -70.72
C ALA M 464 -46.76 -8.00 -70.03
N ILE M 465 -45.70 -8.07 -70.81
CA ILE M 465 -44.36 -8.41 -70.35
C ILE M 465 -43.39 -7.36 -70.87
N SER M 466 -42.84 -6.55 -69.96
CA SER M 466 -41.79 -5.62 -70.34
C SER M 466 -40.42 -6.19 -69.96
N GLY M 467 -39.42 -5.85 -70.78
CA GLY M 467 -38.07 -6.34 -70.58
C GLY M 467 -37.30 -5.63 -69.49
N CYS M 468 -37.77 -4.47 -69.03
CA CYS M 468 -37.11 -3.72 -67.99
C CYS M 468 -38.15 -2.81 -67.34
N PRO M 469 -37.78 -2.06 -66.28
CA PRO M 469 -38.75 -1.22 -65.58
C PRO M 469 -39.23 0.00 -66.34
N ASN M 470 -38.70 0.28 -67.54
CA ASN M 470 -39.29 1.35 -68.35
C ASN M 470 -40.74 1.02 -68.72
N LYS M 471 -41.07 -0.27 -68.76
CA LYS M 471 -42.46 -0.74 -68.83
C LYS M 471 -43.19 -0.17 -70.05
N CYS M 472 -42.52 -0.26 -71.21
CA CYS M 472 -43.07 0.31 -72.44
C CYS M 472 -44.43 -0.25 -72.78
N VAL M 473 -44.69 -1.53 -72.47
CA VAL M 473 -45.96 -2.18 -72.79
C VAL M 473 -46.93 -2.15 -71.61
N ARG M 474 -46.58 -1.45 -70.53
CA ARG M 474 -47.48 -1.10 -69.44
C ARG M 474 -47.98 -2.29 -68.61
N PRO M 475 -47.06 -3.13 -68.15
CA PRO M 475 -47.48 -4.26 -67.29
C PRO M 475 -48.08 -3.82 -65.96
N GLN M 476 -47.80 -2.60 -65.49
CA GLN M 476 -48.33 -2.20 -64.18
C GLN M 476 -49.81 -1.83 -64.23
N ILE M 477 -50.41 -1.79 -65.42
CA ILE M 477 -51.86 -1.58 -65.56
C ILE M 477 -52.45 -2.64 -66.49
N HIS M 478 -52.04 -3.90 -66.30
CA HIS M 478 -52.60 -5.06 -66.99
C HIS M 478 -53.19 -6.03 -65.99
N ASP M 479 -54.07 -6.92 -66.46
CA ASP M 479 -54.65 -7.95 -65.60
C ASP M 479 -53.54 -8.75 -64.95
N ILE M 480 -52.53 -9.15 -65.72
CA ILE M 480 -51.27 -9.66 -65.19
C ILE M 480 -50.14 -8.91 -65.88
N GLY M 481 -49.19 -8.45 -65.10
CA GLY M 481 -48.04 -7.75 -65.63
C GLY M 481 -46.75 -8.37 -65.13
N ILE M 482 -45.76 -8.42 -66.01
CA ILE M 482 -44.42 -8.87 -65.70
C ILE M 482 -43.44 -7.82 -66.19
N ALA M 483 -42.45 -7.49 -65.35
CA ALA M 483 -41.38 -6.58 -65.74
C ALA M 483 -40.04 -7.16 -65.30
N GLY M 484 -39.08 -7.20 -66.21
CA GLY M 484 -37.75 -7.61 -65.84
C GLY M 484 -37.10 -6.58 -64.95
N VAL M 485 -36.42 -7.04 -63.90
CA VAL M 485 -35.70 -6.16 -63.00
C VAL M 485 -34.33 -6.73 -62.67
N LYS M 486 -33.41 -5.83 -62.32
CA LYS M 486 -32.04 -6.19 -61.95
C LYS M 486 -31.57 -5.10 -60.99
N PHE M 487 -31.58 -5.41 -59.68
CA PHE M 487 -31.23 -4.38 -58.70
C PHE M 487 -29.75 -4.45 -58.38
N PRO M 488 -29.11 -3.29 -58.16
CA PRO M 488 -27.67 -3.25 -57.88
C PRO M 488 -27.34 -3.30 -56.40
N VAL M 489 -26.09 -3.71 -56.13
CA VAL M 489 -25.47 -3.53 -54.83
C VAL M 489 -24.02 -3.11 -55.05
N VAL M 490 -23.63 -2.01 -54.40
CA VAL M 490 -22.29 -1.47 -54.59
C VAL M 490 -21.25 -2.42 -54.00
N ASN M 491 -20.16 -2.65 -54.76
CA ASN M 491 -18.98 -3.35 -54.28
C ASN M 491 -18.01 -2.28 -53.79
N GLU M 492 -18.02 -2.12 -52.47
CA GLU M 492 -17.21 -1.11 -51.74
C GLU M 492 -15.72 -1.38 -51.97
N GLU M 493 -15.33 -2.61 -52.23
CA GLU M 493 -13.87 -2.80 -52.45
C GLU M 493 -13.50 -2.24 -53.84
N ASN M 494 -14.48 -1.99 -54.72
CA ASN M 494 -14.14 -1.62 -56.09
C ASN M 494 -14.56 -0.21 -56.44
N CYS M 495 -15.69 0.23 -55.89
CA CYS M 495 -16.18 1.56 -56.19
C CYS M 495 -15.21 2.60 -55.66
N ASN M 496 -14.91 3.60 -56.49
CA ASN M 496 -13.99 4.67 -56.13
C ASN M 496 -14.67 6.04 -56.21
N GLY M 497 -16.00 6.08 -56.31
CA GLY M 497 -16.73 7.31 -56.37
C GLY M 497 -16.52 8.12 -57.63
N CYS M 498 -16.08 7.45 -58.72
CA CYS M 498 -15.88 8.08 -60.04
C CYS M 498 -17.09 8.94 -60.43
N GLY M 499 -18.31 8.48 -60.14
CA GLY M 499 -19.52 9.27 -60.38
C GLY M 499 -20.31 8.94 -61.63
N ARG M 500 -19.80 8.03 -62.48
CA ARG M 500 -20.45 7.76 -63.75
C ARG M 500 -21.86 7.19 -63.57
N CYS M 501 -22.01 6.22 -62.66
CA CYS M 501 -23.28 5.54 -62.51
C CYS M 501 -24.42 6.52 -62.23
N ALA M 502 -24.17 7.54 -61.40
CA ALA M 502 -25.23 8.48 -61.06
C ALA M 502 -25.76 9.17 -62.31
N GLU M 503 -24.92 9.31 -63.33
CA GLU M 503 -25.29 10.03 -64.55
C GLU M 503 -26.31 9.28 -65.38
N VAL M 504 -26.32 7.94 -65.32
CA VAL M 504 -27.25 7.18 -66.15
C VAL M 504 -28.55 6.87 -65.43
N CYS M 505 -28.67 7.24 -64.15
CA CYS M 505 -29.87 6.95 -63.37
C CYS M 505 -30.78 8.16 -63.46
N LYS M 506 -31.77 8.08 -64.35
CA LYS M 506 -32.63 9.23 -64.61
C LYS M 506 -33.51 9.57 -63.40
N ILE M 507 -33.81 8.58 -62.55
CA ILE M 507 -34.63 8.86 -61.37
C ILE M 507 -33.78 9.30 -60.18
N GLU M 508 -32.47 9.44 -60.35
CA GLU M 508 -31.57 10.04 -59.36
C GLU M 508 -31.59 9.28 -58.05
N ALA M 509 -31.41 7.95 -58.15
CA ALA M 509 -31.40 7.08 -56.98
C ALA M 509 -30.01 6.91 -56.38
N ILE M 510 -28.97 7.44 -57.01
CA ILE M 510 -27.59 7.16 -56.61
C ILE M 510 -26.99 8.39 -55.96
N ASP M 511 -26.35 8.18 -54.82
CA ASP M 511 -25.61 9.20 -54.09
C ASP M 511 -24.12 8.90 -54.21
N ILE M 512 -23.40 9.81 -54.86
CA ILE M 512 -21.93 9.76 -54.93
C ILE M 512 -21.37 10.52 -53.74
N ARG M 513 -20.59 9.84 -52.92
CA ARG M 513 -20.03 10.43 -51.70
C ARG M 513 -18.57 10.01 -51.55
N GLY M 514 -17.67 10.98 -51.61
CA GLY M 514 -16.26 10.70 -51.40
C GLY M 514 -15.72 9.66 -52.37
N GLU M 515 -15.21 8.55 -51.81
CA GLU M 515 -14.61 7.49 -52.60
C GLU M 515 -15.56 6.31 -52.78
N THR M 516 -16.87 6.55 -52.71
CA THR M 516 -17.81 5.44 -52.83
C THR M 516 -19.15 5.96 -53.34
N SER M 517 -20.11 5.06 -53.46
CA SER M 517 -21.44 5.41 -53.91
C SER M 517 -22.45 4.59 -53.13
N TYR M 518 -23.71 5.04 -53.17
CA TYR M 518 -24.81 4.39 -52.49
C TYR M 518 -26.01 4.36 -53.42
N THR M 519 -26.95 3.47 -53.12
CA THR M 519 -28.21 3.38 -53.85
C THR M 519 -29.36 3.60 -52.86
N ASN M 520 -30.29 4.50 -53.21
CA ASN M 520 -31.51 4.70 -52.42
C ASN M 520 -32.55 3.69 -52.93
N TYR M 521 -32.72 2.59 -52.19
CA TYR M 521 -33.63 1.52 -52.60
C TYR M 521 -35.10 1.86 -52.40
N ASN M 522 -35.43 3.00 -51.82
CA ASN M 522 -36.81 3.45 -51.85
C ASN M 522 -37.16 4.14 -53.16
N VAL M 523 -36.16 4.38 -54.02
CA VAL M 523 -36.36 4.99 -55.33
C VAL M 523 -35.94 4.05 -56.46
N CYS M 524 -34.80 3.36 -56.30
CA CYS M 524 -34.29 2.47 -57.33
C CYS M 524 -35.37 1.50 -57.83
N ILE M 525 -35.51 1.44 -59.16
CA ILE M 525 -36.50 0.56 -59.79
C ILE M 525 -35.86 -0.67 -60.42
N GLY M 526 -34.56 -0.88 -60.24
CA GLY M 526 -33.91 -2.08 -60.75
C GLY M 526 -33.80 -2.17 -62.26
N CYS M 527 -33.44 -1.08 -62.92
CA CYS M 527 -33.23 -1.11 -64.37
C CYS M 527 -31.86 -1.68 -64.75
N GLY M 528 -30.92 -1.75 -63.79
CA GLY M 528 -29.62 -2.29 -64.03
C GLY M 528 -28.65 -1.40 -64.81
N LYS M 529 -29.07 -0.20 -65.22
CA LYS M 529 -28.21 0.66 -66.09
C LYS M 529 -26.86 0.97 -65.42
N CYS M 530 -26.88 1.21 -64.11
CA CYS M 530 -25.69 1.57 -63.34
C CYS M 530 -24.68 0.44 -63.33
N ILE M 531 -25.16 -0.80 -63.27
CA ILE M 531 -24.26 -1.96 -63.28
C ILE M 531 -23.51 -2.00 -64.59
N LYS M 532 -24.22 -1.74 -65.70
CA LYS M 532 -23.60 -1.78 -67.02
C LYS M 532 -22.72 -0.57 -67.29
N ALA M 533 -23.05 0.58 -66.72
CA ALA M 533 -22.28 1.78 -67.01
C ALA M 533 -21.00 1.88 -66.18
N CYS M 534 -20.93 1.17 -65.05
CA CYS M 534 -19.76 1.31 -64.20
C CYS M 534 -18.53 0.74 -64.90
N PRO M 535 -17.43 1.51 -65.00
CA PRO M 535 -16.21 0.98 -65.61
C PRO M 535 -15.26 0.27 -64.66
N ASN M 536 -15.62 0.15 -63.38
CA ASN M 536 -14.68 -0.29 -62.34
C ASN M 536 -15.16 -1.50 -61.56
N GLU M 537 -16.11 -2.27 -62.11
CA GLU M 537 -16.65 -3.44 -61.42
C GLU M 537 -17.17 -3.05 -60.03
N GLY M 538 -17.79 -1.88 -59.96
CA GLY M 538 -18.23 -1.32 -58.70
C GLY M 538 -19.64 -1.66 -58.28
N ARG M 539 -20.45 -2.23 -59.18
CA ARG M 539 -21.83 -2.59 -58.88
C ARG M 539 -22.06 -4.03 -59.32
N ASP M 540 -22.54 -4.85 -58.39
CA ASP M 540 -22.94 -6.23 -58.63
C ASP M 540 -24.46 -6.33 -58.61
N VAL M 541 -24.98 -7.52 -58.91
CA VAL M 541 -26.42 -7.77 -58.87
C VAL M 541 -26.84 -8.16 -57.46
N LYS M 542 -27.77 -7.39 -56.89
CA LYS M 542 -28.37 -7.72 -55.61
C LYS M 542 -29.49 -8.77 -55.78
N GLU M 543 -30.34 -8.58 -56.77
CA GLU M 543 -31.51 -9.42 -57.01
C GLU M 543 -31.95 -9.15 -58.43
N GLU M 544 -32.42 -10.19 -59.12
CA GLU M 544 -32.91 -10.03 -60.49
C GLU M 544 -33.96 -11.09 -60.80
N GLY M 545 -34.83 -10.78 -61.75
CA GLY M 545 -35.82 -11.74 -62.22
C GLY M 545 -37.06 -11.04 -62.78
N PHE M 546 -38.20 -11.76 -62.70
CA PHE M 546 -39.48 -11.32 -63.24
C PHE M 546 -40.32 -10.72 -62.12
N MET M 547 -40.48 -9.40 -62.11
CA MET M 547 -41.39 -8.75 -61.16
C MET M 547 -42.83 -8.87 -61.67
N VAL M 548 -43.77 -9.17 -60.77
CA VAL M 548 -45.15 -9.52 -61.15
C VAL M 548 -46.14 -8.54 -60.53
N TYR M 549 -47.16 -8.16 -61.32
CA TYR M 549 -48.27 -7.31 -60.92
C TYR M 549 -49.59 -8.02 -61.24
N VAL M 550 -50.60 -7.85 -60.39
CA VAL M 550 -51.88 -8.52 -60.59
C VAL M 550 -53.02 -7.53 -60.37
N GLY M 551 -53.91 -7.45 -61.35
CA GLY M 551 -55.18 -6.76 -61.18
C GLY M 551 -55.24 -5.34 -61.68
N GLY M 552 -54.50 -5.03 -62.74
CA GLY M 552 -54.53 -3.68 -63.30
C GLY M 552 -55.32 -3.67 -64.60
N LYS M 553 -55.58 -2.47 -65.13
CA LYS M 553 -56.33 -2.33 -66.42
C LYS M 553 -56.29 -0.88 -66.87
N THR M 554 -56.61 -0.67 -68.15
CA THR M 554 -56.84 0.69 -68.71
C THR M 554 -58.24 0.69 -69.35
N GLY M 555 -58.54 1.66 -70.22
CA GLY M 555 -59.88 1.68 -70.82
C GLY M 555 -60.78 2.68 -70.11
N ARG M 556 -62.00 2.26 -69.74
CA ARG M 556 -62.94 3.17 -69.04
C ARG M 556 -62.32 3.71 -67.74
N GLU M 557 -61.47 2.91 -67.07
CA GLU M 557 -60.80 3.33 -65.84
C GLU M 557 -59.35 2.90 -65.88
N VAL M 558 -58.50 3.62 -65.16
CA VAL M 558 -57.10 3.25 -64.97
C VAL M 558 -56.93 2.63 -63.58
N ILE M 559 -56.42 1.41 -63.51
CA ILE M 559 -56.15 0.75 -62.24
C ILE M 559 -54.77 0.11 -62.28
N GLU M 560 -53.94 0.44 -61.29
CA GLU M 560 -52.62 -0.16 -61.17
C GLU M 560 -52.74 -1.49 -60.44
N GLY M 561 -52.12 -2.52 -60.99
CA GLY M 561 -52.13 -3.81 -60.33
C GLY M 561 -51.38 -3.78 -59.01
N VAL M 562 -51.70 -4.77 -58.18
CA VAL M 562 -51.02 -4.98 -56.93
C VAL M 562 -49.64 -5.57 -57.21
N SER M 563 -48.59 -4.91 -56.71
CA SER M 563 -47.24 -5.46 -56.80
C SER M 563 -47.16 -6.74 -55.98
N MET M 564 -46.56 -7.78 -56.56
CA MET M 564 -46.51 -9.09 -55.90
C MET M 564 -45.10 -9.32 -55.40
N LYS M 565 -44.20 -9.86 -56.22
CA LYS M 565 -42.85 -10.23 -55.81
C LYS M 565 -42.19 -10.75 -57.07
N LEU M 566 -40.89 -11.06 -57.01
CA LEU M 566 -40.25 -11.76 -58.10
C LEU M 566 -40.71 -13.21 -58.10
N MET M 567 -41.01 -13.73 -59.29
CA MET M 567 -41.49 -15.12 -59.42
C MET M 567 -40.78 -15.81 -60.59
N SER M 568 -40.63 -17.13 -60.50
CA SER M 568 -40.11 -17.96 -61.58
C SER M 568 -41.18 -18.15 -62.66
N VAL M 569 -40.75 -18.66 -63.82
CA VAL M 569 -41.72 -18.94 -64.90
C VAL M 569 -42.74 -20.00 -64.47
N GLU M 570 -42.28 -20.97 -63.69
CA GLU M 570 -43.18 -22.03 -63.16
C GLU M 570 -44.22 -21.40 -62.22
N GLU M 571 -43.81 -20.44 -61.37
CA GLU M 571 -44.72 -19.78 -60.47
C GLU M 571 -45.71 -18.90 -61.23
N ILE M 572 -45.23 -18.23 -62.29
CA ILE M 572 -46.12 -17.35 -63.06
C ILE M 572 -47.20 -18.16 -63.75
N LEU M 573 -46.83 -19.29 -64.35
CA LEU M 573 -47.83 -20.14 -65.00
C LEU M 573 -48.87 -20.61 -63.99
N ASN M 574 -48.42 -21.00 -62.81
CA ASN M 574 -49.33 -21.41 -61.73
C ASN M 574 -50.24 -20.25 -61.34
N LEU M 575 -49.66 -19.07 -61.17
CA LEU M 575 -50.40 -17.87 -60.77
C LEU M 575 -51.52 -17.54 -61.76
N ILE M 576 -51.18 -17.47 -63.05
CA ILE M 576 -52.17 -17.08 -64.06
C ILE M 576 -53.32 -18.07 -64.05
N ASP M 577 -52.99 -19.36 -63.96
CA ASP M 577 -54.03 -20.39 -63.91
C ASP M 577 -54.97 -20.17 -62.73
N LYS M 578 -54.42 -19.91 -61.55
CA LYS M 578 -55.22 -19.77 -60.35
C LYS M 578 -55.95 -18.44 -60.30
N VAL M 579 -55.34 -17.38 -60.83
CA VAL M 579 -56.04 -16.12 -60.93
C VAL M 579 -57.32 -16.29 -61.76
N LEU M 580 -57.21 -16.97 -62.91
CA LEU M 580 -58.37 -17.16 -63.77
C LEU M 580 -59.47 -17.96 -63.06
N ILE M 581 -59.07 -18.95 -62.26
CA ILE M 581 -60.04 -19.75 -61.53
C ILE M 581 -60.78 -18.89 -60.49
N VAL M 582 -60.02 -18.13 -59.69
CA VAL M 582 -60.67 -17.33 -58.65
C VAL M 582 -61.49 -16.20 -59.28
N TYR M 583 -61.01 -15.64 -60.40
CA TYR M 583 -61.79 -14.67 -61.15
C TYR M 583 -63.13 -15.28 -61.58
N HIS M 584 -63.09 -16.47 -62.20
N HIS M 584 -63.10 -16.48 -62.16
CA HIS M 584 -64.32 -17.17 -62.54
CA HIS M 584 -64.35 -17.13 -62.54
C HIS M 584 -65.22 -17.38 -61.32
C HIS M 584 -65.22 -17.40 -61.31
N LYS M 585 -64.62 -17.77 -60.20
CA LYS M 585 -65.39 -18.08 -58.99
C LYS M 585 -66.22 -16.90 -58.53
N TYR M 586 -65.64 -15.70 -58.55
CA TYR M 586 -66.29 -14.54 -57.94
C TYR M 586 -66.92 -13.57 -58.94
N ALA M 587 -66.63 -13.68 -60.23
CA ALA M 587 -67.24 -12.75 -61.18
C ALA M 587 -68.75 -12.99 -61.25
N LYS M 588 -69.52 -11.89 -61.21
CA LYS M 588 -70.97 -11.99 -61.29
C LYS M 588 -71.54 -11.42 -62.58
N LYS M 589 -70.76 -10.62 -63.33
CA LYS M 589 -71.25 -9.90 -64.50
C LYS M 589 -70.32 -10.15 -65.68
N PRO M 590 -70.52 -11.26 -66.37
CA PRO M 590 -69.74 -11.51 -67.59
C PRO M 590 -69.83 -10.33 -68.54
N GLN M 591 -68.71 -10.03 -69.18
CA GLN M 591 -68.57 -8.97 -70.17
C GLN M 591 -68.66 -7.57 -69.57
N ARG M 592 -68.67 -7.45 -68.26
CA ARG M 592 -68.71 -6.14 -67.62
C ARG M 592 -67.70 -6.01 -66.49
N GLU M 593 -67.43 -7.08 -65.74
CA GLU M 593 -66.53 -7.05 -64.60
C GLU M 593 -65.15 -7.56 -64.99
N ARG M 594 -64.19 -6.65 -65.09
CA ARG M 594 -62.79 -7.05 -65.26
C ARG M 594 -62.26 -7.65 -63.95
N LEU M 595 -61.12 -8.33 -64.04
CA LEU M 595 -60.49 -8.88 -62.84
C LEU M 595 -60.34 -7.82 -61.75
N ALA M 596 -59.88 -6.62 -62.13
CA ALA M 596 -59.69 -5.57 -61.14
C ALA M 596 -60.98 -5.26 -60.38
N ALA M 597 -62.12 -5.31 -61.08
CA ALA M 597 -63.40 -5.00 -60.43
C ALA M 597 -63.80 -6.08 -59.44
N VAL M 598 -63.54 -7.35 -59.77
CA VAL M 598 -63.82 -8.43 -58.84
C VAL M 598 -62.92 -8.30 -57.62
N MET M 599 -61.63 -8.04 -57.82
CA MET M 599 -60.72 -7.85 -56.68
C MET M 599 -61.19 -6.70 -55.81
N ALA M 600 -61.63 -5.61 -56.42
CA ALA M 600 -62.12 -4.46 -55.66
C ALA M 600 -63.37 -4.82 -54.88
N ARG M 601 -64.26 -5.62 -55.48
CA ARG M 601 -65.54 -5.94 -54.85
C ARG M 601 -65.35 -6.84 -53.64
N ILE M 602 -64.50 -7.87 -53.73
CA ILE M 602 -64.40 -8.82 -52.62
C ILE M 602 -63.26 -8.52 -51.67
N GLY M 603 -62.35 -7.61 -52.03
CA GLY M 603 -61.16 -7.36 -51.25
C GLY M 603 -59.92 -7.88 -51.94
N LYS M 604 -58.92 -7.02 -52.15
CA LYS M 604 -57.72 -7.45 -52.88
C LYS M 604 -57.00 -8.57 -52.13
N GLY M 605 -56.88 -8.42 -50.81
CA GLY M 605 -56.25 -9.44 -49.99
C GLY M 605 -57.02 -10.74 -50.01
N LYS M 606 -58.34 -10.65 -49.94
CA LYS M 606 -59.15 -11.90 -49.96
C LYS M 606 -58.88 -12.62 -51.28
N PHE M 607 -58.93 -11.90 -52.41
CA PHE M 607 -58.72 -12.51 -53.71
C PHE M 607 -57.33 -13.15 -53.81
N LEU M 608 -56.29 -12.38 -53.46
CA LEU M 608 -54.92 -12.86 -53.63
C LEU M 608 -54.62 -14.00 -52.68
N GLU M 609 -55.30 -14.02 -51.52
CA GLU M 609 -55.11 -15.10 -50.52
C GLU M 609 -55.63 -16.42 -51.10
N GLU M 610 -56.81 -16.38 -51.72
CA GLU M 610 -57.40 -17.60 -52.33
C GLU M 610 -56.50 -18.07 -53.47
N VAL M 611 -55.98 -17.13 -54.26
CA VAL M 611 -55.09 -17.52 -55.40
C VAL M 611 -53.86 -18.24 -54.82
N LYS M 612 -53.27 -17.70 -53.75
CA LYS M 612 -52.07 -18.34 -53.16
C LYS M 612 -52.42 -19.74 -52.62
N GLU M 613 -53.59 -19.88 -51.98
CA GLU M 613 -53.97 -21.20 -51.43
C GLU M 613 -54.10 -22.21 -52.58
N LEU M 614 -54.69 -21.79 -53.71
CA LEU M 614 -54.85 -22.71 -54.86
C LEU M 614 -53.48 -23.03 -55.45
N MET M 615 -52.57 -22.04 -55.48
CA MET M 615 -51.24 -22.26 -56.02
C MET M 615 -50.47 -23.31 -55.21
N GLU M 616 -50.62 -23.26 -53.89
CA GLU M 616 -49.94 -24.19 -52.99
C GLU M 616 -50.56 -25.58 -53.06
N GLN M 617 -51.84 -25.67 -53.38
CA GLN M 617 -52.46 -26.97 -53.59
C GLN M 617 -51.90 -27.63 -54.84
N ASN M 618 -51.61 -26.84 -55.87
CA ASN M 618 -51.09 -27.30 -57.16
C ASN M 618 -49.87 -28.21 -57.00
N TYR N 2 -2.58 6.10 -69.47
CA TYR N 2 -3.75 5.87 -68.57
C TYR N 2 -4.96 5.47 -69.41
N GLU N 3 -5.79 4.56 -68.88
CA GLU N 3 -7.00 4.08 -69.61
C GLU N 3 -7.95 5.25 -69.88
N TRP N 4 -8.38 5.38 -71.14
CA TRP N 4 -9.26 6.49 -71.61
C TRP N 4 -10.14 5.93 -72.73
N LYS N 5 -11.47 5.98 -72.56
CA LYS N 5 -12.37 5.35 -73.52
C LYS N 5 -12.22 5.93 -74.92
N LEU N 6 -11.98 7.24 -75.04
CA LEU N 6 -11.89 7.87 -76.36
C LEU N 6 -10.67 7.42 -77.15
N ASN N 7 -9.76 6.66 -76.55
CA ASN N 7 -8.67 6.09 -77.32
C ASN N 7 -9.20 5.16 -78.43
N ASP N 8 -10.48 4.76 -78.34
CA ASP N 8 -11.09 3.94 -79.41
C ASP N 8 -11.21 4.76 -80.70
N ILE N 9 -11.37 6.07 -80.55
CA ILE N 9 -11.51 7.00 -81.70
C ILE N 9 -10.13 7.54 -82.08
N VAL N 10 -9.31 7.89 -81.07
CA VAL N 10 -8.03 8.54 -81.37
C VAL N 10 -7.03 7.54 -81.93
N ASP N 11 -6.97 6.32 -81.38
CA ASP N 11 -5.96 5.37 -81.80
C ASP N 11 -6.28 4.70 -83.13
N ASN N 12 -7.50 4.87 -83.65
CA ASN N 12 -7.93 4.19 -84.87
C ASN N 12 -8.10 5.14 -86.05
N GLY N 13 -7.53 6.35 -85.96
CA GLY N 13 -7.57 7.28 -87.08
C GLY N 13 -8.93 7.89 -87.34
N ILE N 14 -9.84 7.85 -86.35
CA ILE N 14 -11.17 8.44 -86.52
C ILE N 14 -11.26 9.83 -85.91
N CYS N 15 -10.36 10.17 -85.00
CA CYS N 15 -10.38 11.46 -84.33
C CYS N 15 -10.19 12.60 -85.33
N ALA N 16 -11.10 13.57 -85.29
CA ALA N 16 -11.01 14.74 -86.14
C ALA N 16 -9.94 15.72 -85.67
N LYS N 17 -9.40 15.55 -84.47
CA LYS N 17 -8.47 16.49 -83.86
C LYS N 17 -9.08 17.90 -83.79
N CYS N 18 -10.36 17.95 -83.39
CA CYS N 18 -11.07 19.21 -83.14
C CYS N 18 -10.71 19.80 -81.77
N GLY N 19 -10.49 18.96 -80.76
CA GLY N 19 -10.15 19.45 -79.44
C GLY N 19 -11.29 19.66 -78.48
N THR N 20 -12.53 19.30 -78.85
CA THR N 20 -13.66 19.54 -77.97
C THR N 20 -13.54 18.76 -76.66
N CYS N 21 -13.19 17.47 -76.75
CA CYS N 21 -13.13 16.64 -75.55
C CYS N 21 -12.24 17.24 -74.48
N THR N 22 -11.13 17.89 -74.87
CA THR N 22 -10.15 18.29 -73.88
C THR N 22 -10.52 19.58 -73.17
N VAL N 23 -11.57 20.29 -73.60
CA VAL N 23 -11.95 21.50 -72.87
C VAL N 23 -13.04 21.27 -71.84
N VAL N 24 -13.70 20.09 -71.84
CA VAL N 24 -14.87 19.89 -70.99
C VAL N 24 -14.55 19.14 -69.71
N CYS N 25 -13.32 18.72 -69.51
CA CYS N 25 -13.03 17.86 -68.36
C CYS N 25 -13.10 18.69 -67.09
N PRO N 26 -13.96 18.36 -66.13
CA PRO N 26 -14.07 19.20 -64.92
C PRO N 26 -12.89 19.03 -63.97
N ASN N 27 -12.02 18.06 -64.19
CA ASN N 27 -10.81 17.88 -63.40
C ASN N 27 -9.56 18.43 -64.07
N GLY N 28 -9.69 18.95 -65.29
CA GLY N 28 -8.55 19.52 -65.98
C GLY N 28 -7.44 18.54 -66.26
N ILE N 29 -7.76 17.25 -66.44
CA ILE N 29 -6.71 16.24 -66.64
C ILE N 29 -6.55 15.86 -68.10
N LEU N 30 -7.19 16.64 -68.98
CA LEU N 30 -7.11 16.43 -70.45
C LEU N 30 -6.44 17.66 -71.06
N THR N 31 -5.34 17.45 -71.79
CA THR N 31 -4.63 18.54 -72.49
C THR N 31 -4.48 18.10 -73.95
N PHE N 32 -4.51 19.05 -74.88
CA PHE N 32 -4.38 18.70 -76.32
C PHE N 32 -3.03 19.19 -76.86
N GLU N 33 -2.25 18.27 -77.41
CA GLU N 33 -0.94 18.58 -78.04
C GLU N 33 -1.11 18.36 -79.55
N ASP N 34 -0.83 17.14 -80.01
CA ASP N 34 -1.04 16.78 -81.44
C ASP N 34 -2.28 15.88 -81.49
N ARG N 35 -2.74 15.46 -80.31
CA ARG N 35 -3.94 14.61 -80.14
C ARG N 35 -4.44 14.77 -78.70
N PRO N 36 -5.70 14.40 -78.37
CA PRO N 36 -6.20 14.50 -77.01
C PRO N 36 -5.33 13.60 -76.12
N LYS N 37 -4.95 14.08 -74.93
CA LYS N 37 -4.07 13.26 -74.05
C LYS N 37 -4.47 13.42 -72.57
N LEU N 38 -4.41 12.33 -71.81
CA LEU N 38 -4.71 12.31 -70.35
C LEU N 38 -3.42 12.65 -69.59
N THR N 39 -3.47 13.62 -68.67
CA THR N 39 -2.30 13.98 -67.88
C THR N 39 -2.16 13.17 -66.60
N GLU N 40 -3.20 12.51 -66.16
CA GLU N 40 -3.11 11.68 -64.97
C GLU N 40 -4.32 10.78 -65.01
N GLU N 41 -4.38 9.88 -64.02
CA GLU N 41 -5.44 8.84 -63.98
C GLU N 41 -6.87 9.39 -63.83
N CYS N 42 -7.74 8.96 -64.75
CA CYS N 42 -9.19 9.29 -64.76
C CYS N 42 -9.91 8.08 -64.15
N LEU N 43 -10.47 8.25 -62.95
CA LEU N 43 -11.14 7.17 -62.25
C LEU N 43 -12.32 6.65 -63.04
N ARG N 44 -12.85 7.44 -63.97
CA ARG N 44 -13.92 6.97 -64.84
C ARG N 44 -13.38 6.26 -66.09
N LYS N 45 -12.06 6.25 -66.29
CA LYS N 45 -11.45 5.67 -67.49
C LYS N 45 -12.08 6.23 -68.76
N GLY N 46 -12.38 7.52 -68.74
CA GLY N 46 -12.91 8.21 -69.89
C GLY N 46 -14.39 8.00 -70.14
N ASN N 47 -15.11 7.38 -69.21
CA ASN N 47 -16.57 7.26 -69.32
C ASN N 47 -17.18 8.53 -68.74
N GLY N 48 -17.25 9.56 -69.57
CA GLY N 48 -17.72 10.84 -69.10
C GLY N 48 -17.86 11.88 -70.18
N MET N 49 -17.77 13.14 -69.76
CA MET N 49 -18.17 14.22 -70.66
C MET N 49 -17.28 14.34 -71.90
N CYS N 50 -15.99 14.11 -71.79
CA CYS N 50 -15.12 14.04 -72.97
C CYS N 50 -15.74 13.14 -74.03
N PHE N 51 -15.99 11.86 -73.70
CA PHE N 51 -16.55 10.90 -74.66
C PHE N 51 -17.90 11.41 -75.19
N GLU N 52 -18.73 11.98 -74.31
CA GLU N 52 -20.10 12.35 -74.66
C GLU N 52 -20.19 13.58 -75.56
N VAL N 53 -19.16 14.42 -75.62
CA VAL N 53 -19.20 15.55 -76.55
C VAL N 53 -18.51 15.24 -77.87
N CYS N 54 -17.94 14.05 -78.04
CA CYS N 54 -17.14 13.79 -79.23
C CYS N 54 -18.00 13.66 -80.47
N PRO N 55 -17.82 14.49 -81.51
CA PRO N 55 -18.68 14.37 -82.70
C PRO N 55 -18.40 13.15 -83.56
N ARG N 56 -17.32 12.42 -83.29
CA ARG N 56 -17.00 11.21 -84.03
C ARG N 56 -17.48 9.95 -83.31
N VAL N 57 -18.05 10.08 -82.10
CA VAL N 57 -18.80 8.99 -81.49
C VAL N 57 -20.23 8.99 -81.99
N SER N 58 -20.89 10.15 -81.95
CA SER N 58 -22.26 10.33 -82.38
C SER N 58 -22.43 11.79 -82.76
N SER N 59 -23.00 12.04 -83.95
CA SER N 59 -23.10 13.41 -84.46
C SER N 59 -24.08 14.25 -83.66
N GLY N 60 -25.18 13.64 -83.23
CA GLY N 60 -26.35 14.36 -82.76
C GLY N 60 -27.02 15.31 -83.75
N LYS N 61 -26.75 15.20 -85.05
CA LYS N 61 -27.24 16.16 -86.08
C LYS N 61 -28.77 16.33 -86.11
N TYR N 62 -29.54 15.25 -85.91
CA TYR N 62 -30.97 15.27 -86.03
C TYR N 62 -31.60 16.06 -84.91
N GLN N 63 -31.27 15.72 -83.65
CA GLN N 63 -31.86 16.41 -82.52
C GLN N 63 -31.38 17.86 -82.43
N ILE N 64 -30.13 18.14 -82.85
CA ILE N 64 -29.68 19.53 -82.89
C ILE N 64 -30.42 20.31 -83.98
N LYS N 65 -30.51 19.71 -85.18
CA LYS N 65 -31.04 20.45 -86.33
C LYS N 65 -32.53 20.76 -86.18
N ILE N 66 -33.30 19.87 -85.56
CA ILE N 66 -34.73 20.15 -85.41
C ILE N 66 -34.96 21.30 -84.44
N ARG N 67 -33.96 21.61 -83.60
CA ARG N 67 -34.05 22.74 -82.67
C ARG N 67 -33.51 24.01 -83.32
N GLU N 68 -32.37 23.87 -84.03
CA GLU N 68 -31.71 25.02 -84.69
C GLU N 68 -32.57 25.52 -85.85
N LYS N 69 -33.25 24.61 -86.54
CA LYS N 69 -34.09 24.96 -87.72
C LYS N 69 -33.25 25.82 -88.66
N PHE N 70 -32.15 25.25 -89.18
CA PHE N 70 -31.24 25.96 -90.11
C PHE N 70 -31.99 26.32 -91.40
N LYS N 71 -31.61 27.45 -92.02
CA LYS N 71 -32.25 27.93 -93.27
C LYS N 71 -31.16 28.17 -94.33
N GLU N 73 -28.77 30.48 -96.92
N GLU N 73 -29.73 30.41 -97.55
CA GLU N 73 -28.64 31.79 -97.62
CA GLU N 73 -29.74 31.74 -98.23
C GLU N 73 -27.15 32.13 -97.73
C GLU N 73 -28.34 32.00 -98.77
N TYR N 74 -26.65 32.26 -98.95
N TYR N 74 -28.05 31.47 -99.97
CA TYR N 74 -25.19 32.48 -99.21
CA TYR N 74 -26.70 31.59 -100.59
C TYR N 74 -24.89 33.96 -99.51
C TYR N 74 -26.44 33.04 -100.99
N TYR N 75 -23.84 34.49 -98.86
N TYR N 75 -25.32 33.59 -100.48
CA TYR N 75 -23.36 35.88 -99.05
CA TYR N 75 -24.92 34.99 -100.81
C TYR N 75 -21.84 35.87 -99.21
C TYR N 75 -23.40 35.03 -100.99
N TYR N 76 -21.28 37.02 -99.61
N TYR N 76 -22.88 36.23 -101.26
CA TYR N 76 -19.81 37.19 -99.77
CA TYR N 76 -21.43 36.48 -101.41
C TYR N 76 -19.50 38.69 -99.85
C TYR N 76 -21.19 38.00 -101.30
N GLY N 77 -18.64 39.18 -98.96
N GLY N 77 -20.57 38.43 -100.20
CA GLY N 77 -18.28 40.61 -98.94
CA GLY N 77 -20.33 39.87 -99.97
C GLY N 77 -16.86 40.82 -98.44
C GLY N 77 -18.86 40.18 -99.72
N LYS N 78 -16.49 42.03 -98.03
N LYS N 78 -18.47 41.46 -99.82
CA LYS N 78 -15.10 42.23 -97.53
CA LYS N 78 -17.05 41.85 -99.60
C LYS N 78 -15.10 43.02 -96.22
C LYS N 78 -16.93 42.59 -98.26
N GLY N 79 -14.07 42.79 -95.40
N GLY N 79 -15.95 42.19 -97.43
CA GLY N 79 -13.90 43.48 -94.10
CA GLY N 79 -15.72 42.83 -96.12
C GLY N 79 -12.98 44.68 -94.15
C GLY N 79 -14.86 44.08 -96.25
N ASP N 80 -12.52 45.16 -92.99
N ASP N 80 -14.63 44.79 -95.14
CA ASP N 80 -11.61 46.35 -92.94
CA ASP N 80 -13.79 46.02 -95.14
C ASP N 80 -10.26 45.95 -92.34
C ASP N 80 -12.42 45.74 -94.52
N VAL N 81 -9.92 44.66 -92.40
N VAL N 81 -12.00 44.47 -94.50
CA VAL N 81 -8.61 44.16 -91.86
CA VAL N 81 -10.67 44.09 -93.93
C VAL N 81 -7.97 43.21 -92.88
C VAL N 81 -9.97 43.07 -94.83
N GLU N 82 -6.64 43.13 -92.89
N GLU N 82 -8.66 43.24 -95.05
CA GLU N 82 -5.92 42.21 -93.82
CA GLU N 82 -7.88 42.31 -95.91
C GLU N 82 -6.09 40.79 -93.28
C GLU N 82 -7.90 40.92 -95.26
N GLY N 83 -6.89 39.96 -93.95
N GLY N 83 -8.75 40.03 -95.79
CA GLY N 83 -7.15 38.62 -93.48
CA GLY N 83 -8.86 38.66 -95.24
C GLY N 83 -6.69 37.54 -94.44
C GLY N 83 -8.41 37.61 -96.24
N GLN N 84 -7.04 36.29 -94.14
N GLN N 84 -8.71 36.33 -95.97
CA GLN N 84 -6.72 35.18 -95.04
CA GLN N 84 -8.32 35.25 -96.85
C GLN N 84 -7.29 35.44 -96.43
C GLN N 84 -8.92 35.43 -98.24
N ASP N 85 -8.57 35.82 -96.49
N ASP N 85 -10.22 35.71 -98.30
CA ASP N 85 -9.23 36.16 -97.75
CA ASP N 85 -10.90 35.94 -99.58
C ASP N 85 -9.84 37.55 -97.63
C ASP N 85 -11.59 37.30 -99.54
N GLY N 86 -11.08 37.64 -97.16
N GLY N 86 -12.81 37.36 -99.03
CA GLY N 86 -11.72 38.92 -96.98
CA GLY N 86 -13.52 38.61 -98.89
C GLY N 86 -11.53 39.56 -95.63
C GLY N 86 -13.38 39.28 -97.54
N GLY N 87 -10.97 38.81 -94.67
N GLY N 87 -12.73 38.61 -96.59
CA GLY N 87 -10.85 39.32 -93.31
CA GLY N 87 -12.62 39.14 -95.25
C GLY N 87 -12.17 39.43 -92.59
C GLY N 87 -13.94 39.23 -94.50
N VAL N 88 -13.17 38.63 -92.98
N VAL N 88 -14.91 38.39 -94.86
CA VAL N 88 -14.51 38.79 -92.42
CA VAL N 88 -16.24 38.53 -94.30
C VAL N 88 -14.56 38.33 -90.98
C VAL N 88 -16.25 38.13 -92.83
N VAL N 89 -13.95 37.18 -90.67
N VAL N 89 -15.55 37.04 -92.47
CA VAL N 89 -14.06 36.66 -89.32
CA VAL N 89 -15.65 36.56 -91.10
C VAL N 89 -13.47 37.63 -88.31
C VAL N 89 -15.09 37.58 -90.12
N THR N 90 -12.27 38.16 -88.59
N THR N 90 -13.92 38.14 -90.43
CA THR N 90 -11.65 39.10 -87.66
CA THR N 90 -13.33 39.15 -89.56
C THR N 90 -12.47 40.37 -87.53
C THR N 90 -14.24 40.38 -89.46
N THR N 91 -13.08 40.83 -88.63
N THR N 91 -14.83 40.79 -90.58
CA THR N 91 -13.93 42.01 -88.58
CA THR N 91 -15.75 41.92 -90.57
C THR N 91 -15.16 41.75 -87.73
C THR N 91 -16.96 41.64 -89.70
N PHE N 92 -15.83 40.62 -87.97
N PHE N 92 -17.59 40.47 -89.91
CA PHE N 92 -17.01 40.25 -87.17
CA PHE N 92 -18.73 40.08 -89.07
C PHE N 92 -16.64 40.18 -85.69
C PHE N 92 -18.34 40.09 -87.60
N LEU N 93 -15.53 39.51 -85.37
N LEU N 93 -17.20 39.48 -87.27
CA LEU N 93 -15.07 39.47 -83.98
CA LEU N 93 -16.74 39.52 -85.89
C LEU N 93 -14.89 40.90 -83.47
C LEU N 93 -16.52 40.96 -85.43
N LYS N 94 -14.15 41.71 -84.24
N LYS N 94 -16.02 41.79 -86.35
CA LYS N 94 -14.00 43.12 -83.93
CA LYS N 94 -15.77 43.23 -86.06
C LYS N 94 -15.31 43.81 -83.55
C LYS N 94 -17.11 43.91 -85.72
N TYR N 95 -16.34 43.64 -84.40
N TYR N 95 -18.17 43.58 -86.46
CA TYR N 95 -17.63 44.26 -84.15
CA TYR N 95 -19.49 44.17 -86.22
C TYR N 95 -18.24 43.73 -82.86
C TYR N 95 -20.09 43.66 -84.92
N LEU N 96 -18.24 42.41 -82.68
N LEU N 96 -19.98 42.36 -84.66
CA LEU N 96 -18.87 41.84 -81.49
CA LEU N 96 -20.59 41.79 -83.45
C LEU N 96 -18.14 42.30 -80.23
C LEU N 96 -19.90 42.31 -82.20
N LEU N 97 -16.83 42.49 -80.35
N LEU N 97 -18.58 42.48 -82.24
CA LEU N 97 -15.98 42.99 -79.22
CA LEU N 97 -17.89 43.16 -81.15
C LEU N 97 -16.29 44.47 -78.99
C LEU N 97 -18.43 44.58 -80.98
N LYS N 98 -16.79 45.17 -80.01
N LYS N 98 -18.69 45.24 -82.11
CA LYS N 98 -17.12 46.62 -79.86
CA LYS N 98 -19.15 46.67 -82.12
C LYS N 98 -18.50 46.81 -79.22
C LYS N 98 -20.49 46.86 -81.40
N ASN N 99 -19.49 46.00 -79.60
N ASN N 99 -21.46 45.97 -81.67
CA ASN N 99 -20.84 46.16 -79.08
CA ASN N 99 -22.80 46.09 -81.09
C ASN N 99 -21.07 45.36 -77.80
C ASN N 99 -22.91 45.32 -79.78
N LYS N 100 -20.00 44.80 -77.22
N LYS N 100 -21.77 44.95 -79.19
CA LYS N 100 -20.10 44.07 -75.96
CA LYS N 100 -21.71 44.12 -78.00
C LYS N 100 -21.07 42.91 -76.05
C LYS N 100 -22.74 42.99 -78.04
N LYS N 101 -21.12 42.27 -77.22
N LYS N 101 -22.79 42.29 -79.18
CA LYS N 101 -21.89 41.05 -77.42
CA LYS N 101 -23.52 41.04 -79.30
C LYS N 101 -21.14 39.80 -76.96
C LYS N 101 -22.72 39.85 -78.80
N ILE N 102 -19.82 39.90 -76.79
N ILE N 102 -21.40 40.00 -78.66
CA ILE N 102 -18.99 38.87 -76.18
CA ILE N 102 -20.53 39.02 -78.02
C ILE N 102 -18.01 39.56 -75.25
C ILE N 102 -19.56 39.79 -77.15
N ASP N 103 -17.53 38.82 -74.26
N ASP N 103 -19.06 39.14 -76.10
CA ASP N 103 -16.46 39.32 -73.40
CA ASP N 103 -18.00 39.72 -75.28
C ASP N 103 -15.08 38.97 -73.94
C ASP N 103 -16.62 39.40 -75.82
N GLY N 104 -15.01 38.02 -74.86
N GLY N 104 -16.52 38.41 -76.70
CA GLY N 104 -13.76 37.66 -75.51
CA GLY N 104 -15.26 38.08 -77.33
C GLY N 104 -14.04 36.74 -76.68
C GLY N 104 -15.49 37.09 -78.46
N ALA N 105 -12.99 36.50 -77.46
N ALA N 105 -14.44 36.91 -79.26
CA ALA N 105 -13.06 35.63 -78.62
CA ALA N 105 -14.50 36.00 -80.41
C ALA N 105 -12.02 34.53 -78.50
C ALA N 105 -13.38 34.97 -80.26
N ILE N 106 -12.43 33.30 -78.82
N ILE N 106 -13.74 33.70 -80.47
CA ILE N 106 -11.53 32.15 -78.83
CA ILE N 106 -12.77 32.61 -80.46
C ILE N 106 -11.07 31.98 -80.27
C ILE N 106 -12.30 32.41 -81.89
N VAL N 107 -9.79 32.27 -80.51
N VAL N 107 -11.05 32.76 -82.17
CA VAL N 107 -9.22 32.37 -81.85
CA VAL N 107 -10.51 32.82 -83.52
C VAL N 107 -7.94 31.55 -81.90
C VAL N 107 -9.18 32.07 -83.54
N VAL N 108 -7.43 31.33 -83.10
N VAL N 108 -8.68 31.81 -84.75
CA VAL N 108 -6.21 30.57 -83.31
CA VAL N 108 -7.43 31.09 -84.95
C VAL N 108 -5.09 31.52 -83.67
C VAL N 108 -6.35 32.09 -85.35
N GLY N 109 -4.10 31.62 -82.79
N GLY N 109 -5.36 32.24 -84.48
CA GLY N 109 -2.90 32.40 -83.03
CA GLY N 109 -4.21 33.07 -84.76
C GLY N 109 -1.82 31.56 -83.70
C GLY N 109 -3.08 32.31 -85.43
N ASP N 110 -0.61 32.14 -83.75
N ASP N 110 -1.93 32.98 -85.54
CA ASP N 110 0.45 31.66 -84.61
CA ASP N 110 -0.85 32.52 -86.41
C ASP N 110 1.81 31.98 -83.98
C ASP N 110 0.49 32.93 -85.82
N GLU N 111 2.67 30.96 -83.86
N GLU N 111 1.39 31.96 -85.68
CA GLU N 111 3.92 31.02 -83.11
CA GLU N 111 2.65 32.11 -84.94
C GLU N 111 5.01 30.40 -84.00
C GLU N 111 3.75 31.51 -85.82
N CYS N 112 5.51 31.18 -84.95
N CYS N 112 4.20 32.28 -86.81
CA CYS N 112 6.32 30.65 -86.05
CA CYS N 112 5.04 31.74 -87.89
C CYS N 112 5.55 29.52 -86.74
C CYS N 112 4.33 30.55 -88.54
N TRP N 113 4.30 29.84 -87.08
N TRP N 113 3.05 30.77 -88.84
CA TRP N 113 3.28 28.98 -87.77
CA TRP N 113 2.09 29.82 -89.48
C TRP N 113 2.77 27.84 -86.88
C TRP N 113 1.73 28.65 -88.55
N LYS N 114 3.23 27.75 -85.63
N LYS N 114 2.13 28.74 -87.28
CA LYS N 114 2.70 26.69 -84.73
CA LYS N 114 1.76 27.70 -86.27
C LYS N 114 1.41 27.24 -84.11
C LYS N 114 0.43 28.14 -85.64
N PRO N 115 0.23 26.66 -84.41
N PRO N 115 -0.71 27.50 -85.95
CA PRO N 115 -1.05 27.17 -83.90
CA PRO N 115 -2.04 27.90 -85.44
C PRO N 115 -1.15 27.32 -82.38
C PRO N 115 -2.16 28.19 -83.94
N VAL N 116 -1.89 28.34 -81.94
N VAL N 116 -2.98 29.18 -83.57
CA VAL N 116 -2.12 28.63 -80.52
CA VAL N 116 -3.20 29.51 -82.17
C VAL N 116 -3.59 29.02 -80.38
C VAL N 116 -4.69 29.82 -82.02
N SER N 117 -4.29 28.39 -79.46
N SER N 117 -5.35 29.20 -81.05
CA SER N 117 -5.64 28.83 -79.13
CA SER N 117 -6.72 29.56 -80.73
C SER N 117 -5.53 30.03 -78.19
C SER N 117 -6.70 30.79 -79.84
N LEU N 118 -6.21 31.12 -78.54
N LEU N 118 -7.39 31.85 -80.26
CA LEU N 118 -6.10 32.37 -77.80
CA LEU N 118 -7.36 33.12 -79.55
C LEU N 118 -7.47 32.82 -77.34
C LEU N 118 -8.76 33.51 -79.10
N ILE N 119 -7.52 33.42 -76.15
N ILE N 119 -8.83 34.15 -77.94
CA ILE N 119 -8.68 34.17 -75.69
CA ILE N 119 -10.02 34.85 -77.48
C ILE N 119 -8.29 35.64 -75.73
C ILE N 119 -9.71 36.34 -77.58
N VAL N 120 -8.92 36.40 -76.61
N VAL N 120 -10.38 37.04 -78.48
CA VAL N 120 -8.61 37.81 -76.80
CA VAL N 120 -10.13 38.46 -78.72
C VAL N 120 -9.81 38.63 -76.34
C VAL N 120 -11.36 39.24 -78.28
N GLN N 121 -9.53 39.67 -75.55
N GLN N 121 -11.13 40.32 -77.53
CA GLN N 121 -10.55 40.58 -75.06
CA GLN N 121 -12.19 41.21 -77.07
C GLN N 121 -10.41 41.98 -75.66
C GLN N 121 -12.12 42.58 -77.71
N ASN N 122 -9.38 42.19 -76.49
N ASN N 122 -11.14 42.82 -78.57
CA ASN N 122 -9.13 43.48 -77.13
CA ASN N 122 -10.94 44.08 -79.26
C ASN N 122 -8.84 43.24 -78.61
C ASN N 122 -10.66 43.80 -80.73
N GLU N 123 -9.01 44.29 -79.40
N GLU N 123 -10.90 44.80 -81.57
CA GLU N 123 -8.77 44.17 -80.84
CA GLU N 123 -10.67 44.61 -83.01
C GLU N 123 -7.30 44.19 -81.20
C GLU N 123 -9.19 44.72 -83.39
N GLU N 124 -6.45 44.76 -80.34
N GLU N 124 -8.38 45.40 -82.58
CA GLU N 124 -5.01 44.71 -80.59
CA GLU N 124 -6.94 45.41 -82.83
C GLU N 124 -4.50 43.28 -80.58
C GLU N 124 -6.38 43.99 -82.79
N ASP N 125 -4.94 42.47 -79.60
N ASP N 125 -6.75 43.21 -81.76
CA ASP N 125 -4.53 41.07 -79.54
CA ASP N 125 -6.25 41.85 -81.64
C ASP N 125 -5.25 40.21 -80.56
C ASP N 125 -6.95 40.91 -82.62
N LEU N 126 -6.44 40.65 -81.00
N LEU N 126 -8.18 41.25 -83.04
CA LEU N 126 -7.20 39.89 -82.02
CA LEU N 126 -8.84 40.43 -84.06
C LEU N 126 -6.50 40.02 -83.38
C LEU N 126 -8.11 40.49 -85.38
N MET N 127 -5.63 41.02 -83.55
N MET N 127 -7.40 41.60 -85.64
CA MET N 127 -4.94 41.20 -84.82
CA MET N 127 -6.68 41.83 -86.92
C MET N 127 -3.85 40.16 -85.04
C MET N 127 -5.54 40.82 -87.13
N ASN N 128 -3.37 39.49 -84.00
N ASN N 128 -5.10 40.15 -86.06
CA ASN N 128 -2.33 38.48 -84.12
CA ASN N 128 -3.98 39.19 -86.16
C ASN N 128 -2.87 37.13 -84.57
C ASN N 128 -4.43 37.79 -86.56
N THR N 129 -4.18 37.00 -84.76
N THR N 129 -5.74 37.56 -86.66
CA THR N 129 -4.81 35.72 -85.08
CA THR N 129 -6.27 36.23 -86.91
C THR N 129 -5.35 35.66 -86.50
C THR N 129 -6.86 36.08 -88.31
N THR N 130 -5.01 36.63 -87.34
N THR N 130 -6.43 36.93 -89.24
CA THR N 130 -5.45 36.59 -88.73
CA THR N 130 -6.94 36.85 -90.64
C THR N 130 -4.76 35.42 -89.46
C THR N 130 -6.26 35.72 -91.41
N LYS N 131 -5.33 35.08 -90.61
N LYS N 131 -6.84 35.37 -92.57
CA LYS N 131 -4.76 34.09 -91.53
CA LYS N 131 -6.41 34.32 -93.55
C LYS N 131 -5.04 32.66 -91.08
C LYS N 131 -6.77 32.90 -93.05
N SER N 132 -5.03 31.74 -92.04
N SER N 132 -6.40 31.89 -93.84
CA SER N 132 -5.32 30.33 -91.77
CA SER N 132 -6.68 30.46 -93.51
C SER N 132 -4.05 29.59 -91.37
C SER N 132 -5.39 29.73 -93.12
N LYS N 133 -4.15 28.77 -90.32
N LYS N 133 -5.38 29.12 -91.94
CA LYS N 133 -3.10 27.85 -89.90
CA LYS N 133 -4.28 28.28 -91.50
C LYS N 133 -3.59 26.46 -90.29
C LYS N 133 -4.69 26.85 -91.81
N TYR N 134 -3.05 25.91 -91.38
N TYR N 134 -4.13 26.29 -92.89
CA TYR N 134 -3.57 24.69 -91.98
CA TYR N 134 -4.60 25.02 -93.42
C TYR N 134 -3.07 23.42 -91.26
C TYR N 134 -4.04 23.81 -92.67
N THR N 135 -2.62 23.53 -90.02
N THR N 135 -3.57 24.00 -91.44
CA THR N 135 -2.25 22.39 -89.19
CA THR N 135 -3.13 22.91 -90.58
C THR N 135 -3.21 22.28 -88.02
C THR N 135 -4.08 22.80 -89.39
N VAL N 136 -3.03 21.23 -87.21
N VAL N 136 -3.87 21.76 -88.59
CA VAL N 136 -4.00 20.94 -86.17
CA VAL N 136 -4.81 21.50 -87.49
C VAL N 136 -4.04 22.08 -85.16
C VAL N 136 -4.88 22.72 -86.57
N SER N 137 -5.26 22.49 -84.80
N SER N 137 -6.10 23.03 -86.15
CA SER N 137 -5.51 23.53 -83.81
CA SER N 137 -6.39 24.10 -85.21
C SER N 137 -6.27 22.92 -82.63
C SER N 137 -7.10 23.52 -84.00
N THR N 138 -6.32 23.67 -81.53
N THR N 138 -7.19 24.32 -82.93
CA THR N 138 -7.05 23.25 -80.35
CA THR N 138 -7.86 23.92 -81.71
C THR N 138 -8.07 24.32 -79.95
C THR N 138 -8.93 24.94 -81.34
N LEU N 139 -8.85 24.01 -78.91
N LEU N 139 -9.69 24.60 -80.30
CA LEU N 139 -9.78 24.95 -78.31
CA LEU N 139 -10.66 25.52 -79.71
C LEU N 139 -9.38 25.26 -76.87
C LEU N 139 -10.29 25.88 -78.28
N GLU N 140 -8.11 25.07 -76.52
N GLU N 140 -8.99 25.81 -77.96
CA GLU N 140 -7.69 25.13 -75.13
CA GLU N 140 -8.55 25.96 -76.58
C GLU N 140 -7.96 26.49 -74.49
C GLU N 140 -8.88 27.31 -75.98
N ALA N 141 -8.07 27.56 -75.29
N ALA N 141 -9.09 28.34 -76.81
CA ALA N 141 -8.35 28.88 -74.71
CA ALA N 141 -9.42 29.65 -76.27
C ALA N 141 -9.69 28.93 -73.98
C ALA N 141 -10.74 29.66 -75.52
N LEU N 142 -10.60 27.98 -74.26
N LEU N 142 -11.62 28.69 -75.79
CA LEU N 142 -11.87 27.95 -73.55
CA LEU N 142 -12.87 28.61 -75.06
C LEU N 142 -11.67 27.64 -72.08
C LEU N 142 -12.63 28.36 -73.57
N LYS N 143 -10.73 26.73 -71.75
N LYS N 143 -11.60 27.57 -73.29
CA LYS N 143 -10.38 26.49 -70.36
CA LYS N 143 -11.20 27.28 -71.88
C LYS N 143 -9.88 27.77 -69.70
C LYS N 143 -10.77 28.58 -71.21
N THR N 144 -8.99 28.50 -70.38
N THR N 144 -9.98 29.40 -71.91
CA THR N 144 -8.48 29.74 -69.81
CA THR N 144 -9.53 30.68 -71.38
C THR N 144 -9.59 30.77 -69.64
C THR N 144 -10.68 31.66 -71.25
N ALA N 145 -10.43 30.93 -70.67
N ALA N 145 -11.53 31.75 -72.28
CA ALA N 145 -11.54 31.88 -70.58
CA ALA N 145 -12.68 32.65 -72.22
C ALA N 145 -12.42 31.56 -69.38
C ALA N 145 -13.55 32.33 -71.02
N GLY N 146 -12.71 30.28 -69.15
N GLY N 146 -13.73 31.05 -70.72
CA GLY N 146 -13.52 29.92 -68.00
CA GLY N 146 -14.49 30.68 -69.53
C GLY N 146 -12.81 30.22 -66.70
C GLY N 146 -13.77 31.04 -68.25
N GLU N 147 -11.49 30.02 -66.66
N GLU N 147 -12.43 30.94 -68.25
CA GLU N 147 -10.71 30.35 -65.47
CA GLU N 147 -11.67 31.38 -67.10
C GLU N 147 -10.86 31.82 -65.13
C GLU N 147 -11.89 32.86 -66.81
N MET N 148 -10.93 32.66 -66.17
N MET N 148 -11.97 33.68 -67.86
CA MET N 148 -11.05 34.14 -66.00
CA MET N 148 -12.22 35.10 -67.71
C MET N 148 -12.49 34.52 -65.64
C MET N 148 -13.68 35.42 -67.38
N GLY N 149 -13.45 33.60 -65.85
N GLY N 149 -14.59 34.47 -67.58
CA GLY N 149 -14.84 33.91 -65.54
CA GLY N 149 -15.98 34.71 -67.27
C GLY N 149 -15.56 34.70 -66.60
C GLY N 149 -16.76 35.42 -68.35
N LEU N 150 -15.04 34.73 -67.82
N LEU N 150 -16.24 35.48 -69.57
CA LEU N 150 -15.72 35.43 -68.91
CA LEU N 150 -16.98 36.11 -70.66
C LEU N 150 -17.10 34.84 -69.16
C LEU N 150 -18.34 35.43 -70.84
N GLU N 151 -18.09 35.72 -69.30
N GLU N 151 -19.36 36.26 -71.06
CA GLU N 151 -19.49 35.30 -69.34
CA GLU N 151 -20.74 35.76 -71.04
C GLU N 151 -19.86 34.70 -70.70
C GLU N 151 -21.11 35.07 -72.35
N LYS N 152 -19.51 35.39 -71.78
N LYS N 152 -20.83 35.73 -73.47
CA LYS N 152 -19.82 34.94 -73.13
CA LYS N 152 -21.14 35.19 -74.80
C LYS N 152 -18.57 35.06 -74.00
C LYS N 152 -19.90 35.31 -75.67
N VAL N 153 -18.39 34.10 -74.91
N VAL N 153 -19.71 34.33 -76.56
CA VAL N 153 -17.35 34.18 -75.91
CA VAL N 153 -18.65 34.41 -77.56
C VAL N 153 -17.92 33.79 -77.26
C VAL N 153 -19.21 33.92 -78.89
N ALA N 154 -17.30 34.33 -78.32
N ALA N 154 -18.64 34.46 -79.97
CA ALA N 154 -17.48 33.84 -79.68
CA ALA N 154 -18.79 33.93 -81.32
C ALA N 154 -16.34 32.87 -79.97
C ALA N 154 -17.62 33.00 -81.60
N VAL N 155 -16.62 31.83 -80.74
N VAL N 155 -17.87 31.90 -82.29
CA VAL N 155 -15.64 30.79 -81.05
CA VAL N 155 -16.84 30.92 -82.59
C VAL N 155 -15.57 30.60 -82.56
C VAL N 155 -16.79 30.68 -84.09
N VAL N 156 -14.35 30.62 -83.10
N VAL N 156 -15.58 30.75 -84.66
CA VAL N 156 -14.07 30.27 -84.48
CA VAL N 156 -15.32 30.36 -86.04
C VAL N 156 -13.58 28.83 -84.51
C VAL N 156 -14.77 28.94 -86.02
N GLY N 157 -14.13 28.03 -85.43
N GLY N 157 -15.23 28.09 -86.93
CA GLY N 157 -13.73 26.63 -85.51
CA GLY N 157 -14.79 26.71 -86.93
C GLY N 157 -13.94 26.02 -86.87
C GLY N 157 -14.97 26.03 -88.26
N LEU N 158 -13.22 24.93 -87.11
N LEU N 158 -14.20 24.96 -88.45
CA LEU N 158 -13.43 24.11 -88.29
CA LEU N 158 -14.38 24.08 -89.59
C LEU N 158 -14.73 23.32 -88.11
C LEU N 158 -15.63 23.24 -89.38
N PRO N 159 -15.25 22.72 -89.19
N PRO N 159 -16.12 22.56 -90.43
CA PRO N 159 -16.54 22.00 -89.07
CA PRO N 159 -17.37 21.80 -90.28
C PRO N 159 -16.55 21.01 -87.93
C PRO N 159 -17.35 20.83 -89.10
N CYS N 160 -15.52 20.16 -87.82
N CYS N 160 -16.25 20.10 -88.93
CA CYS N 160 -15.44 19.21 -86.72
CA CYS N 160 -16.12 19.15 -87.83
C CYS N 160 -15.56 19.91 -85.39
C CYS N 160 -16.33 19.84 -86.49
N GLN N 161 -14.99 21.10 -85.28
CA GLN N 161 -15.05 21.87 -84.03
C GLN N 161 -16.44 22.45 -83.83
N ILE N 162 -17.08 22.92 -84.90
CA ILE N 162 -18.46 23.38 -84.80
C ILE N 162 -19.34 22.24 -84.30
N ASN N 163 -19.13 21.02 -84.82
CA ASN N 163 -19.99 19.90 -84.45
C ASN N 163 -19.82 19.53 -82.99
N GLY N 164 -18.56 19.45 -82.52
CA GLY N 164 -18.32 19.15 -81.12
C GLY N 164 -18.90 20.21 -80.19
N LEU N 165 -18.75 21.49 -80.57
CA LEU N 165 -19.28 22.57 -79.75
C LEU N 165 -20.81 22.60 -79.77
N ARG N 166 -21.43 22.22 -80.89
CA ARG N 166 -22.88 22.10 -80.89
C ARG N 166 -23.35 21.01 -79.94
N LYS N 167 -22.61 19.90 -79.85
CA LYS N 167 -22.93 18.88 -78.87
C LYS N 167 -22.77 19.43 -77.45
N LEU N 168 -21.73 20.23 -77.22
CA LEU N 168 -21.55 20.86 -75.91
C LEU N 168 -22.75 21.73 -75.55
N GLN N 169 -23.22 22.55 -76.49
CA GLN N 169 -24.37 23.40 -76.23
C GLN N 169 -25.61 22.56 -75.90
N TYR N 170 -25.82 21.48 -76.65
CA TYR N 170 -27.00 20.63 -76.51
C TYR N 170 -26.71 19.40 -75.66
N PHE N 171 -25.68 19.50 -74.81
CA PHE N 171 -25.19 18.36 -73.98
C PHE N 171 -26.34 17.65 -73.26
N GLN N 172 -27.21 18.40 -72.60
CA GLN N 172 -28.28 17.75 -71.81
C GLN N 172 -29.19 16.90 -72.71
N TYR N 173 -29.51 17.37 -73.91
CA TYR N 173 -30.38 16.59 -74.83
C TYR N 173 -29.69 15.30 -75.32
N LEU N 174 -28.39 15.38 -75.64
CA LEU N 174 -27.67 14.20 -76.19
C LEU N 174 -27.17 13.24 -75.10
N ALA N 175 -26.53 13.79 -74.05
CA ALA N 175 -25.99 13.00 -72.93
C ALA N 175 -27.09 12.46 -72.01
N LYS N 176 -28.21 13.20 -71.89
CA LYS N 176 -29.39 12.89 -71.03
C LYS N 176 -29.07 13.12 -69.54
N HIS N 177 -28.07 13.96 -69.27
CA HIS N 177 -27.68 14.31 -67.87
C HIS N 177 -26.96 15.67 -67.88
N ASP N 178 -26.72 16.24 -66.69
CA ASP N 178 -26.05 17.56 -66.52
C ASP N 178 -24.54 17.43 -66.79
N GLY N 179 -23.84 18.55 -66.91
CA GLY N 179 -22.39 18.50 -67.14
C GLY N 179 -21.67 17.72 -66.06
N GLU N 180 -20.69 16.89 -66.45
CA GLU N 180 -19.95 16.04 -65.49
C GLU N 180 -19.38 16.87 -64.32
N LEU N 181 -19.54 16.36 -63.10
CA LEU N 181 -19.00 17.01 -61.89
C LEU N 181 -17.58 16.51 -61.65
N GLY N 182 -16.69 17.41 -61.23
CA GLY N 182 -15.29 17.07 -60.91
C GLY N 182 -15.14 16.56 -59.49
N LYS N 183 -13.91 16.37 -59.03
CA LYS N 183 -13.65 15.88 -57.65
C LYS N 183 -14.24 16.88 -56.63
N ASN N 184 -14.12 18.18 -56.90
CA ASN N 184 -14.66 19.25 -56.02
C ASN N 184 -16.20 19.31 -56.09
N GLY N 185 -16.85 18.48 -56.92
CA GLY N 185 -18.29 18.48 -56.97
C GLY N 185 -18.89 19.45 -57.96
N LYS N 186 -18.06 20.15 -58.72
CA LYS N 186 -18.53 21.21 -59.60
C LYS N 186 -18.22 20.89 -61.05
N PRO N 187 -19.04 21.36 -61.98
CA PRO N 187 -18.77 21.13 -63.40
C PRO N 187 -17.68 22.07 -63.92
N VAL N 188 -17.19 21.76 -65.11
CA VAL N 188 -16.09 22.52 -65.68
C VAL N 188 -16.49 23.97 -65.83
N LYS N 189 -15.56 24.87 -65.53
CA LYS N 189 -15.79 26.30 -65.65
C LYS N 189 -15.53 26.71 -67.09
N LEU N 190 -16.60 27.01 -67.82
CA LEU N 190 -16.52 27.38 -69.23
C LEU N 190 -17.40 28.59 -69.49
N PRO N 191 -16.98 29.47 -70.40
N PRO N 191 -17.96 29.92 -71.88
CA PRO N 191 -17.88 30.54 -70.83
CA PRO N 191 -18.93 30.92 -72.34
C PRO N 191 -19.05 29.97 -71.63
C PRO N 191 -20.08 30.32 -73.14
N LYS N 192 -20.11 30.76 -71.74
N LYS N 192 -21.20 31.04 -73.24
CA LYS N 192 -21.20 30.44 -72.65
CA LYS N 192 -22.27 30.63 -74.14
C LYS N 192 -20.75 30.76 -74.07
C LYS N 192 -21.85 30.91 -75.57
N ILE N 193 -20.98 29.82 -75.00
N ILE N 193 -22.06 29.93 -76.45
CA ILE N 193 -20.62 30.00 -76.40
CA ILE N 193 -21.72 30.08 -77.87
C ILE N 193 -21.82 30.61 -77.09
C ILE N 193 -22.97 30.62 -78.56
N GLU N 194 -21.77 31.93 -77.31
N GLU N 194 -22.97 31.93 -78.82
CA GLU N 194 -22.89 32.67 -77.87
CA GLU N 194 -24.15 32.58 -79.40
C GLU N 194 -22.87 32.72 -79.39
C GLU N 194 -24.14 32.52 -80.92
N TYR N 195 -21.69 32.64 -80.01
N TYR N 195 -22.95 32.51 -81.52
CA TYR N 195 -21.56 32.61 -81.46
CA TYR N 195 -22.82 32.49 -83.00
C TYR N 195 -20.63 31.46 -81.87
C TYR N 195 -21.80 31.43 -83.45
N LEU N 196 -21.02 30.74 -82.91
N LEU N 196 -22.21 30.57 -84.39
CA LEU N 196 -20.18 29.71 -83.51
CA LEU N 196 -21.34 29.54 -84.95
C LEU N 196 -19.95 30.09 -84.96
C LEU N 196 -21.14 29.85 -86.42
N ILE N 197 -18.73 30.50 -85.27
N ILE N 197 -19.96 30.35 -86.77
CA ILE N 197 -18.34 30.90 -86.63
CA ILE N 197 -19.60 30.69 -88.14
C ILE N 197 -17.49 29.78 -87.19
C ILE N 197 -18.72 29.57 -88.65
N GLY N 198 -18.01 29.11 -88.22
N GLY N 198 -19.19 28.84 -89.65
CA GLY N 198 -17.31 27.99 -88.84
CA GLY N 198 -18.46 27.72 -90.20
C GLY N 198 -16.57 28.38 -90.10
C GLY N 198 -17.77 28.08 -91.51
N LEU N 199 -15.44 27.71 -90.33
N LEU N 199 -16.64 27.44 -91.76
CA LEU N 199 -14.70 27.83 -91.57
CA LEU N 199 -15.91 27.58 -93.01
C LEU N 199 -15.02 26.63 -92.46
C LEU N 199 -16.15 26.35 -93.88
N LEU N 200 -15.21 26.89 -93.75
N LEU N 200 -16.38 26.56 -95.18
CA LEU N 200 -15.26 25.81 -94.73
CA LEU N 200 -16.38 25.45 -96.10
C LEU N 200 -13.92 25.09 -94.74
C LEU N 200 -15.01 24.78 -96.11
N CYS N 201 -13.92 23.81 -95.16
N CYS N 201 -14.97 23.50 -96.44
CA CYS N 201 -12.71 23.01 -94.98
CA CYS N 201 -13.70 22.78 -96.27
C CYS N 201 -12.75 21.67 -95.71
C CYS N 201 -13.70 21.43 -96.97
N THR N 202 -11.70 21.49 -96.51
N THR N 202 -12.61 21.22 -97.69
CA THR N 202 -11.51 20.22 -97.24
CA THR N 202 -12.39 19.92 -98.37
C THR N 202 -10.65 19.30 -96.38
C THR N 202 -11.48 19.09 -97.45
N GLU N 203 -9.67 19.85 -95.62
N GLU N 203 -10.51 19.74 -96.80
CA GLU N 203 -8.72 19.06 -94.85
CA GLU N 203 -9.49 19.02 -96.03
C GLU N 203 -7.76 19.97 -94.09
C GLU N 203 -8.57 20.00 -95.32
N LYS N 204 -7.07 19.38 -93.12
N LYS N 204 -7.83 19.49 -94.32
CA LYS N 204 -5.93 20.00 -92.44
CA LYS N 204 -6.74 20.20 -93.67
C LYS N 204 -4.80 18.99 -92.34
C LYS N 204 -5.54 19.26 -93.54
N PHE N 205 -3.59 19.50 -92.04
N PHE N 205 -4.36 19.84 -93.35
CA PHE N 205 -2.38 18.68 -92.03
CA PHE N 205 -3.11 19.08 -93.31
C PHE N 205 -1.77 18.65 -90.64
C PHE N 205 -2.49 19.13 -91.91
N GLU N 206 -0.86 17.70 -90.42
N GLU N 206 -1.49 18.29 -91.69
CA GLU N 206 -0.05 17.69 -89.22
CA GLU N 206 -0.68 18.37 -90.47
C GLU N 206 1.14 18.62 -89.41
C GLU N 206 0.46 19.35 -90.69
N TYR N 207 1.51 19.35 -88.35
N TYR N 207 0.73 20.17 -89.67
CA TYR N 207 2.55 20.37 -88.47
CA TYR N 207 1.78 21.23 -89.74
C TYR N 207 3.90 19.76 -88.84
C TYR N 207 3.10 20.65 -90.21
N ASP N 208 4.29 18.68 -88.17
N ASP N 208 3.61 19.63 -89.50
CA ASP N 208 5.55 18.03 -88.51
CA ASP N 208 4.90 19.02 -89.84
C ASP N 208 5.55 17.57 -89.95
C ASP N 208 4.90 18.49 -91.26
N GLU N 209 4.44 16.97 -90.40
N GLU N 209 3.82 17.82 -91.67
CA GLU N 209 4.36 16.47 -91.77
CA GLU N 209 3.75 17.26 -93.01
C GLU N 209 4.45 17.61 -92.78
C GLU N 209 3.77 18.36 -94.08
N LEU N 210 3.69 18.68 -92.56
N LEU N 210 2.99 19.42 -93.87
CA LEU N 210 3.70 19.78 -93.51
CA LEU N 210 2.92 20.48 -94.88
C LEU N 210 5.09 20.42 -93.60
C LEU N 210 4.25 21.20 -95.03
N LYS N 211 5.75 20.62 -92.46
N LYS N 211 4.95 21.45 -93.92
CA LYS N 211 7.04 21.29 -92.51
CA LYS N 211 6.21 22.19 -94.03
C LYS N 211 8.06 20.48 -93.29
C LYS N 211 7.25 21.41 -94.81
N GLU N 212 8.07 19.15 -93.11
N GLU N 212 7.34 20.10 -94.56
CA GLU N 212 9.00 18.33 -93.89
CA GLU N 212 8.29 19.29 -95.31
C GLU N 212 8.58 18.26 -95.35
C GLU N 212 7.85 19.13 -96.77
N THR N 213 7.28 18.21 -95.63
N THR N 213 6.54 18.98 -97.00
CA THR N 213 6.83 18.27 -97.02
CA THR N 213 6.05 18.96 -98.38
C THR N 213 7.32 19.55 -97.68
C THR N 213 6.47 20.24 -99.10
N LEU N 214 7.25 20.66 -96.94
N LEU N 214 6.36 21.39 -98.44
CA LEU N 214 7.71 21.98 -97.45
CA LEU N 214 6.79 22.65 -99.06
C LEU N 214 9.22 21.96 -97.61
C LEU N 214 8.30 22.70 -99.19
N ALA N 215 9.94 21.28 -96.69
N ALA N 215 9.03 22.19 -98.19
CA ALA N 215 11.39 21.20 -96.76
CA ALA N 215 10.49 22.16 -98.28
C ALA N 215 11.84 20.44 -98.00
C ALA N 215 10.94 21.37 -99.49
N LYS N 216 11.11 19.36 -98.35
CA LYS N 216 11.46 18.54 -99.54
C LYS N 216 11.10 19.32 -100.82
N TYR N 217 10.34 20.42 -100.67
CA TYR N 217 9.99 21.28 -101.82
C TYR N 217 10.94 22.48 -101.84
N ASN N 218 11.94 22.45 -101.08
CA ASN N 218 12.94 23.56 -100.95
C ASN N 218 12.27 24.79 -100.35
N ILE N 219 11.50 24.59 -99.27
N ILE N 219 10.66 25.41 -100.60
CA ILE N 219 10.77 25.71 -98.60
CA ILE N 219 9.81 26.53 -100.08
C ILE N 219 10.94 25.56 -97.08
C ILE N 219 9.97 26.58 -98.55
N ASN N 220 11.29 26.65 -96.40
N ASN N 220 10.34 27.75 -98.01
CA ASN N 220 11.46 26.63 -94.92
CA ASN N 220 10.50 27.93 -96.54
C ASN N 220 10.20 27.20 -94.26
C ASN N 220 9.15 28.35 -95.96
N MET N 221 9.36 26.30 -93.71
N MET N 221 8.43 27.41 -95.34
CA MET N 221 8.07 26.68 -93.06
CA MET N 221 7.09 27.69 -94.74
C MET N 221 8.24 27.89 -92.13
C MET N 221 7.16 28.94 -93.86
N ASP N 222 9.38 28.00 -91.45
N ASP N 222 8.36 29.28 -93.36
CA ASP N 222 9.62 29.13 -90.51
CA ASP N 222 8.53 30.47 -92.47
C ASP N 222 9.54 30.48 -91.24
C ASP N 222 8.26 31.79 -93.21
N ASP N 223 10.06 30.55 -92.48
N ASP N 223 8.70 31.93 -94.46
CA ASP N 223 10.10 31.81 -93.26
CA ASP N 223 8.54 33.22 -95.19
C ASP N 223 8.84 31.98 -94.13
C ASP N 223 7.25 33.24 -96.03
N VAL N 224 7.88 31.04 -94.08
N VAL N 224 6.42 32.21 -95.94
CA VAL N 224 6.69 31.18 -94.96
CA VAL N 224 5.17 32.13 -96.75
C VAL N 224 5.89 32.41 -94.55
C VAL N 224 4.18 33.24 -96.37
N GLU N 225 5.63 33.32 -95.51
N GLU N 225 3.86 34.13 -97.32
CA GLU N 225 4.83 34.55 -95.26
CA GLU N 225 2.86 35.17 -97.12
C GLU N 225 3.36 34.18 -95.02
C GLU N 225 1.48 34.56 -96.95
N LYS N 226 2.80 33.29 -95.85
N LYS N 226 1.05 33.78 -97.94
CA LYS N 226 1.36 32.93 -95.76
CA LYS N 226 -0.34 33.27 -97.86
C LYS N 226 1.09 31.58 -96.46
C LYS N 226 -0.47 31.91 -98.54
N PHE N 227 0.07 30.86 -96.00
N PHE N 227 -1.35 31.10 -97.96
CA PHE N 227 -0.32 29.54 -96.58
CA PHE N 227 -1.70 29.74 -98.44
C PHE N 227 -1.77 29.65 -97.07
C PHE N 227 -3.15 29.76 -98.94
N ASP N 228 -2.04 29.22 -98.31
N ASP N 228 -3.35 29.63 -100.25
CA ASP N 228 -3.43 29.27 -98.85
CA ASP N 228 -4.71 29.64 -100.84
C ASP N 228 -3.75 27.97 -99.57
C ASP N 228 -5.02 28.28 -101.47
N ILE N 229 -5.01 27.52 -99.49
N ILE N 229 -6.14 27.66 -101.07
CA ILE N 229 -5.46 26.26 -100.16
CA ILE N 229 -6.51 26.32 -101.64
C ILE N 229 -6.54 26.62 -101.19
C ILE N 229 -7.69 26.52 -102.61
N LYS N 230 -6.18 26.58 -102.48
N LYS N 230 -7.43 26.39 -103.92
CA LYS N 230 -7.14 26.92 -103.56
CA LYS N 230 -8.48 26.58 -104.95
C LYS N 230 -6.97 25.93 -104.72
C LYS N 230 -8.26 25.56 -106.08
N LYS N 231 -8.08 25.53 -105.34
N LYS N 231 -9.36 25.14 -106.73
CA LYS N 231 -8.08 24.58 -106.49
CA LYS N 231 -9.29 24.16 -107.85
C LYS N 231 -7.29 23.32 -106.11
C LYS N 231 -8.47 22.94 -107.41
N GLY N 232 -7.57 22.74 -104.93
N GLY N 232 -8.81 22.37 -106.25
CA GLY N 232 -6.91 21.51 -104.46
CA GLY N 232 -8.09 21.18 -105.72
C GLY N 232 -5.40 21.57 -104.53
C GLY N 232 -6.59 21.31 -105.79
N LYS N 233 -4.81 22.70 -104.11
N LYS N 233 -6.05 22.44 -105.31
CA LYS N 233 -3.33 22.87 -104.13
CA LYS N 233 -4.58 22.70 -105.32
C LYS N 233 -2.91 23.77 -102.95
C LYS N 233 -4.22 23.64 -104.17
N LEU N 234 -1.80 23.43 -102.29
N LEU N 234 -3.00 23.53 -103.64
CA LEU N 234 -1.30 24.25 -101.16
CA LEU N 234 -2.53 24.39 -102.52
C LEU N 234 -0.40 25.36 -101.71
C LEU N 234 -1.63 25.51 -103.08
N LEU N 235 -0.84 26.61 -101.61
N LEU N 235 -2.18 26.72 -103.21
CA LEU N 235 -0.05 27.77 -102.09
CA LEU N 235 -1.43 27.87 -103.71
C LEU N 235 0.86 28.26 -100.97
C LEU N 235 -0.56 28.43 -102.59
N VAL N 236 2.18 28.27 -101.21
N VAL N 236 0.74 28.57 -102.85
CA VAL N 236 3.16 28.72 -100.18
CA VAL N 236 1.68 29.09 -101.81
C VAL N 236 3.78 30.05 -100.64
C VAL N 236 2.35 30.37 -102.34
N TYR N 237 3.45 31.14 -99.94
N TYR N 237 2.20 31.47 -101.59
CA TYR N 237 4.05 32.46 -100.27
CA TYR N 237 2.80 32.78 -101.96
C TYR N 237 5.29 32.63 -99.38
C TYR N 237 3.96 33.08 -101.01
N VAL N 238 6.48 32.40 -99.95
CA VAL N 238 7.74 32.51 -99.16
C VAL N 238 8.82 33.23 -99.99
N ASN N 239 9.58 34.13 -99.34
CA ASN N 239 10.70 34.88 -99.99
C ASN N 239 10.17 35.62 -101.23
N GLY N 240 9.00 36.27 -101.13
CA GLY N 240 8.39 37.00 -102.25
C GLY N 240 8.21 36.11 -103.47
N GLU N 241 7.84 34.86 -103.24
CA GLU N 241 7.62 33.89 -104.34
C GLU N 241 6.38 33.04 -104.02
N GLU N 242 5.65 32.62 -105.05
CA GLU N 242 4.44 31.77 -104.91
C GLU N 242 4.77 30.36 -105.40
N HIS N 243 4.62 29.36 -104.52
N HIS N 243 3.47 29.40 -105.87
CA HIS N 243 4.93 27.95 -104.88
CA HIS N 243 3.76 27.98 -106.26
C HIS N 243 3.62 27.13 -104.88
C HIS N 243 2.45 27.16 -106.29
N LYS N 244 3.35 26.41 -105.97
N LYS N 244 2.18 26.50 -107.41
CA LYS N 244 2.12 25.56 -106.04
CA LYS N 244 0.96 25.65 -107.56
C LYS N 244 2.46 24.11 -105.66
C LYS N 244 1.32 24.21 -107.17
N ILE N 245 1.65 23.52 -104.77
N ILE N 245 0.56 23.63 -106.24
CA ILE N 245 1.85 22.14 -104.34
CA ILE N 245 0.82 22.28 -105.76
C ILE N 245 0.56 21.31 -104.30
C ILE N 245 -0.49 21.50 -105.80
N PRO N 246 0.30 20.48 -105.32
N PRO N 246 -0.59 20.42 -106.58
CA PRO N 246 -0.92 19.67 -105.29
CA PRO N 246 -1.84 19.64 -106.59
C PRO N 246 -1.24 18.99 -103.97
C PRO N 246 -2.11 19.02 -105.23
N LEU N 247 -2.51 19.04 -103.58
N LEU N 247 -3.40 18.98 -104.87
CA LEU N 247 -2.94 18.44 -102.33
CA LEU N 247 -3.76 18.41 -103.57
C LEU N 247 -2.63 16.94 -102.28
C LEU N 247 -3.38 16.95 -103.46
N LYS N 248 -2.77 16.25 -103.42
N LYS N 248 -3.46 16.20 -104.58
CA LYS N 248 -2.51 14.81 -103.45
CA LYS N 248 -3.15 14.78 -104.54
C LYS N 248 -1.08 14.47 -103.04
C LYS N 248 -1.70 14.52 -104.13
N GLU N 249 -0.17 15.44 -103.06
N GLU N 249 -0.84 15.52 -104.22
CA GLU N 249 1.22 15.18 -102.69
CA GLU N 249 0.56 15.37 -103.86
C GLU N 249 1.50 15.41 -101.20
C GLU N 249 0.84 15.66 -102.39
N ILE N 250 0.50 15.82 -100.42
N ILE N 250 -0.16 16.09 -101.63
CA ILE N 250 0.68 16.14 -99.01
CA ILE N 250 0.00 16.46 -100.23
C ILE N 250 -0.18 15.21 -98.17
C ILE N 250 -0.78 15.49 -99.35
N GLU N 251 0.40 14.70 -97.09
N GLU N 251 -0.17 15.10 -98.23
CA GLU N 251 -0.34 13.86 -96.16
CA GLU N 251 -0.85 14.26 -97.26
C GLU N 251 -1.29 14.71 -95.33
C GLU N 251 -1.86 15.11 -96.47
N LEU N 252 -2.58 14.36 -95.39
N LEU N 252 -3.11 14.64 -96.45
CA LEU N 252 -3.60 15.09 -94.58
CA LEU N 252 -4.20 15.33 -95.71
C LEU N 252 -3.79 14.37 -93.25
C LEU N 252 -4.38 14.65 -94.35
N SER N 253 -4.25 15.10 -92.23
N SER N 253 -4.81 15.42 -93.34
CA SER N 253 -4.51 14.51 -90.92
CA SER N 253 -5.02 14.88 -92.00
C SER N 253 -5.51 13.37 -91.04
C SER N 253 -5.93 13.66 -92.06
N ALA N 254 -5.20 12.24 -90.38
N ALA N 254 -5.53 12.59 -91.37
CA ALA N 254 -5.87 10.98 -90.68
CA ALA N 254 -6.17 11.28 -91.59
C ALA N 254 -7.38 11.07 -90.46
C ALA N 254 -7.68 11.34 -91.35
N GLY N 255 -7.81 11.78 -89.41
N GLY N 255 -8.12 12.05 -90.31
CA GLY N 255 -9.23 11.89 -89.13
CA GLY N 255 -9.53 12.10 -89.99
C GLY N 255 -10.04 12.61 -90.19
C GLY N 255 -10.39 12.74 -91.07
N CYS N 256 -9.37 13.37 -91.06
N CYS N 256 -9.78 13.47 -92.00
CA CYS N 256 -10.08 14.06 -92.12
CA CYS N 256 -10.52 14.08 -93.08
C CYS N 256 -10.66 13.07 -93.13
C CYS N 256 -11.05 13.03 -94.05
N LYS N 257 -10.06 11.89 -93.26
N LYS N 257 -10.40 11.87 -94.14
CA LYS N 257 -10.59 10.87 -94.15
CA LYS N 257 -10.90 10.80 -94.99
C LYS N 257 -11.95 10.35 -93.68
C LYS N 257 -12.21 10.23 -94.48
N MET N 258 -12.26 10.53 -92.40
N MET N 258 -12.53 10.45 -93.21
CA MET N 258 -13.53 10.10 -91.82
CA MET N 258 -13.77 9.98 -92.61
C MET N 258 -14.52 11.25 -91.67
C MET N 258 -14.81 11.09 -92.47
N CYS N 259 -14.29 12.35 -92.38
N CYS N 259 -14.63 12.19 -93.20
CA CYS N 259 -15.10 13.56 -92.22
CA CYS N 259 -15.53 13.33 -93.08
C CYS N 259 -16.11 13.69 -93.35
C CYS N 259 -16.59 13.31 -94.19
N ARG N 260 -17.31 14.21 -93.03
N ARG N 260 -17.79 13.81 -93.85
CA ARG N 260 -18.39 14.35 -94.05
CA ARG N 260 -18.91 13.84 -94.82
C ARG N 260 -18.88 15.80 -94.13
C ARG N 260 -19.60 15.21 -94.80
N ASP N 261 -18.32 16.72 -93.34
N ASP N 261 -18.93 16.26 -94.31
CA ASP N 261 -18.90 18.06 -93.23
CA ASP N 261 -19.58 17.57 -94.25
C ASP N 261 -17.94 19.07 -93.88
C ASP N 261 -18.70 18.62 -94.92
N PHE N 262 -18.29 19.56 -95.07
N PHE N 262 -19.04 19.01 -96.14
CA PHE N 262 -17.38 20.49 -95.76
CA PHE N 262 -18.17 19.99 -96.86
C PHE N 262 -17.69 21.95 -95.44
C PHE N 262 -18.59 21.44 -96.62
N ASP N 263 -18.97 22.31 -95.35
N ASP N 263 -19.90 21.69 -96.49
CA ASP N 263 -19.33 23.72 -95.23
CA ASP N 263 -20.35 23.08 -96.43
C ASP N 263 -19.72 24.11 -93.81
C ASP N 263 -20.77 23.52 -95.03
N ALA N 264 -19.32 23.34 -92.81
N ALA N 264 -20.32 22.82 -94.00
CA ALA N 264 -19.66 23.60 -91.40
CA ALA N 264 -20.64 23.18 -92.61
C ALA N 264 -21.16 23.88 -91.26
C ALA N 264 -22.14 23.42 -92.46
N GLU N 265 -21.96 22.85 -91.60
N GLU N 265 -22.90 22.37 -92.79
CA GLU N 265 -23.39 23.02 -91.79
CA GLU N 265 -24.35 22.47 -92.94
C GLU N 265 -24.13 23.38 -90.50
C GLU N 265 -25.07 22.78 -91.63
N MET N 266 -23.50 23.24 -89.33
N MET N 266 -24.37 22.75 -90.50
CA MET N 266 -24.16 23.49 -88.06
CA MET N 266 -24.96 23.00 -89.20
C MET N 266 -23.79 24.84 -87.47
C MET N 266 -24.56 24.36 -88.63
N ALA N 267 -22.94 25.62 -88.14
N ALA N 267 -23.79 25.14 -89.37
CA ALA N 267 -22.50 26.89 -87.58
CA ALA N 267 -23.43 26.46 -88.89
C ALA N 267 -23.61 27.93 -87.67
C ALA N 267 -24.67 27.38 -88.92
N ASP N 268 -23.50 28.96 -86.84
N ASP N 268 -24.56 28.50 -88.21
CA ASP N 268 -24.37 30.13 -86.99
CA ASP N 268 -25.54 29.57 -88.39
C ASP N 268 -24.10 30.82 -88.32
C ASP N 268 -25.34 30.24 -89.74
N VAL N 269 -22.80 30.96 -88.60
N VAL N 269 -24.07 30.43 -90.08
CA VAL N 269 -22.29 31.59 -89.86
CA VAL N 269 -23.59 31.06 -91.35
C VAL N 269 -21.00 30.85 -90.26
C VAL N 269 -22.23 30.45 -91.71
N SER N 270 -20.93 30.39 -91.51
N SER N 270 -22.11 29.89 -92.92
CA SER N 270 -19.74 29.66 -92.02
CA SER N 270 -20.84 29.26 -93.37
C SER N 270 -19.01 30.54 -93.04
C SER N 270 -20.19 30.14 -94.45
N VAL N 271 -17.69 30.71 -92.86
N VAL N 271 -18.90 30.41 -94.31
CA VAL N 271 -16.88 31.57 -93.77
CA VAL N 271 -18.17 31.28 -95.29
C VAL N 271 -15.82 30.73 -94.49
C VAL N 271 -17.10 30.45 -96.02
N GLY N 272 -15.73 30.87 -95.82
N GLY N 272 -17.12 30.47 -97.35
CA GLY N 272 -14.73 30.13 -96.63
CA GLY N 272 -16.14 29.73 -98.18
C GLY N 272 -14.33 30.92 -97.87
C GLY N 272 -15.77 30.48 -99.45
N CYS N 273 -13.15 30.63 -98.41
N CYS N 273 -14.58 30.20 -100.00
CA CYS N 273 -12.66 31.29 -99.67
CA CYS N 273 -14.09 30.87 -101.23
C CYS N 273 -13.45 30.83 -100.90
C CYS N 273 -14.81 30.30 -102.47
N VAL N 274 -13.82 29.54 -100.94
N VAL N 274 -15.01 28.97 -102.49
CA VAL N 274 -14.51 28.92 -102.12
CA VAL N 274 -15.68 28.31 -103.65
C VAL N 274 -15.88 29.58 -102.38
C VAL N 274 -17.12 28.82 -103.72
N GLY N 275 -16.20 29.79 -103.67
N GLY N 275 -17.62 29.05 -104.95
CA GLY N 275 -17.47 30.37 -104.12
CA GLY N 275 -19.00 29.53 -105.15
C GLY N 275 -17.46 31.89 -104.11
C GLY N 275 -19.07 31.06 -105.18
N SER N 276 -16.34 32.51 -103.74
N SER N 276 -17.93 31.73 -105.38
CA SER N 276 -16.25 33.99 -103.68
CA SER N 276 -17.90 33.21 -105.42
C SER N 276 -14.97 34.47 -104.38
C SER N 276 -16.66 33.70 -106.19
N PRO N 277 -14.93 35.74 -104.88
N PRO N 277 -16.68 34.94 -106.73
CA PRO N 277 -13.76 36.29 -105.56
CA PRO N 277 -15.53 35.50 -107.45
C PRO N 277 -12.57 36.49 -104.59
C PRO N 277 -14.36 35.81 -106.51
N ASP N 278 -11.36 36.50 -105.14
N ASP N 278 -13.14 35.86 -107.04
CA ASP N 278 -10.12 36.66 -104.32
CA ASP N 278 -11.92 36.13 -106.22
C ASP N 278 -10.17 37.99 -103.57
C ASP N 278 -12.06 37.52 -105.55
N GLY N 279 -9.70 37.99 -102.31
N GLY N 279 -11.63 37.62 -104.29
CA GLY N 279 -9.72 39.19 -101.45
CA GLY N 279 -11.74 38.86 -103.50
C GLY N 279 -11.03 39.33 -100.71
C GLY N 279 -13.10 38.96 -102.81
N TYR N 280 -11.92 38.33 -100.86
N TYR N 280 -13.90 37.89 -102.90
CA TYR N 280 -13.25 38.32 -100.20
CA TYR N 280 -15.24 37.82 -102.28
C TYR N 280 -13.46 36.96 -99.54
C TYR N 280 -15.37 36.50 -101.51
N SER N 281 -14.29 36.93 -98.48
N SER N 281 -16.20 36.48 -100.46
CA SER N 281 -14.61 35.65 -97.78
CA SER N 281 -16.43 35.26 -99.65
C SER N 281 -16.09 35.32 -98.03
C SER N 281 -17.89 34.81 -99.82
N THR N 282 -16.38 34.10 -98.50
N THR N 282 -18.10 33.52 -100.11
CA THR N 282 -17.80 33.70 -98.74
CA THR N 282 -19.47 32.95 -100.27
C THR N 282 -18.49 33.55 -97.37
C THR N 282 -20.13 32.92 -98.89
N VAL N 283 -19.72 34.06 -97.22
N VAL N 283 -21.40 33.30 -98.78
CA VAL N 283 -20.40 33.97 -95.90
CA VAL N 283 -22.07 33.25 -97.45
C VAL N 283 -21.70 33.17 -96.06
C VAL N 283 -23.29 32.32 -97.54
N ILE N 284 -21.88 32.13 -95.25
N ILE N 284 -23.40 31.39 -96.58
CA ILE N 284 -23.14 31.33 -95.26
CA ILE N 284 -24.55 30.44 -96.45
C ILE N 284 -23.79 31.52 -93.88
C ILE N 284 -25.23 30.77 -95.12
N ILE N 285 -24.98 32.14 -93.84
N ILE N 285 -26.02 31.85 -95.11
CA ILE N 285 -25.67 32.40 -92.55
CA ILE N 285 -26.68 32.39 -93.87
C ILE N 285 -26.76 31.35 -92.37
C ILE N 285 -27.55 31.31 -93.22
N ARG N 286 -26.79 30.66 -91.22
CA ARG N 286 -27.83 29.61 -91.01
C ARG N 286 -28.75 29.94 -89.82
N THR N 287 -28.32 30.79 -88.89
CA THR N 287 -29.15 31.10 -87.69
C THR N 287 -29.23 32.62 -87.46
N GLU N 288 -30.18 33.06 -86.62
N GLU N 288 -31.27 32.45 -87.00
CA GLU N 288 -30.29 34.49 -86.35
CA GLU N 288 -31.60 33.90 -86.89
C GLU N 288 -29.06 35.03 -85.62
C GLU N 288 -30.31 34.68 -86.60
N LYS N 289 -28.32 34.16 -84.92
N LYS N 289 -29.38 34.09 -85.85
CA LYS N 289 -27.03 34.58 -84.38
CA LYS N 289 -28.10 34.76 -85.50
C LYS N 289 -26.08 34.97 -85.51
C LYS N 289 -27.31 35.02 -86.79
N GLY N 290 -26.08 34.20 -86.60
N GLY N 290 -27.31 34.06 -87.72
CA GLY N 290 -25.24 34.54 -87.74
CA GLY N 290 -26.59 34.19 -89.00
C GLY N 290 -25.66 35.84 -88.40
C GLY N 290 -27.12 35.36 -89.83
N GLU N 291 -26.93 36.22 -88.24
N GLU N 291 -28.44 35.54 -89.85
CA GLU N 291 -27.49 37.45 -88.89
CA GLU N 291 -29.08 36.64 -90.62
C GLU N 291 -26.78 38.72 -88.41
C GLU N 291 -28.48 37.98 -90.20
N GLU N 292 -26.13 38.68 -87.24
N GLU N 292 -27.82 38.03 -89.04
CA GLU N 292 -25.47 39.85 -86.69
CA GLU N 292 -27.20 39.28 -88.53
C GLU N 292 -24.21 40.23 -87.47
C GLU N 292 -26.08 39.72 -89.48
N ILE N 293 -23.67 39.30 -88.26
N ILE N 293 -25.33 38.74 -90.02
CA ILE N 293 -22.51 39.63 -89.08
CA ILE N 293 -24.20 39.01 -90.96
C ILE N 293 -22.88 40.69 -90.13
C ILE N 293 -24.65 39.98 -92.07
N LYS N 294 -24.17 40.76 -90.51
N LYS N 294 -25.96 40.09 -92.31
CA LYS N 294 -24.58 41.74 -91.51
CA LYS N 294 -26.44 41.00 -93.36
C LYS N 294 -24.38 43.17 -91.02
C LYS N 294 -26.30 42.45 -92.94
N ASN N 295 -24.49 43.39 -89.71
N ASN N 295 -26.44 42.74 -91.63
CA ASN N 295 -24.21 44.73 -89.18
CA ASN N 295 -26.21 44.09 -91.16
C ASN N 295 -22.73 45.08 -89.33
C ASN N 295 -24.75 44.51 -91.34
N ALA N 296 -21.87 44.06 -89.33
N ALA N 296 -23.83 43.54 -91.29
CA ALA N 296 -20.41 44.30 -89.35
CA ALA N 296 -22.40 43.84 -91.32
C ALA N 296 -19.81 44.25 -90.75
C ALA N 296 -21.80 43.81 -92.72
N ILE N 297 -20.42 43.48 -91.67
N ILE N 297 -22.39 43.03 -93.63
CA ILE N 297 -19.85 43.37 -93.05
CA ILE N 297 -21.81 42.91 -95.00
C ILE N 297 -20.90 43.76 -94.10
C ILE N 297 -22.88 43.17 -96.06
N GLU N 298 -20.45 44.44 -95.16
N GLU N 298 -22.49 43.84 -97.15
CA GLU N 298 -21.33 44.84 -96.29
CA GLU N 298 -23.42 44.11 -98.30
C GLU N 298 -21.48 43.62 -97.20
C GLU N 298 -23.36 42.87 -99.21
N LEU N 299 -22.45 42.76 -96.91
N LEU N 299 -24.23 41.89 -98.95
CA LEU N 299 -22.66 41.50 -97.69
CA LEU N 299 -24.24 40.62 -99.73
C LEU N 299 -23.21 41.81 -99.09
C LEU N 299 -24.81 40.83 -101.14
N LYS N 300 -22.81 40.99 -100.06
N LYS N 300 -24.51 39.91 -102.05
CA LYS N 300 -23.27 41.13 -101.48
CA LYS N 300 -25.01 39.97 -103.44
C LYS N 300 -23.66 39.74 -101.98
C LYS N 300 -25.38 38.54 -103.89
N GLU N 301 -24.65 39.66 -102.89
N GLU N 301 -26.45 38.42 -104.67
CA GLU N 301 -25.12 38.36 -103.44
CA GLU N 301 -26.91 37.13 -105.19
C GLU N 301 -24.30 37.99 -104.67
C GLU N 301 -26.07 36.72 -106.40
N GLY N 302 -24.38 36.72 -105.08
N GLY N 302 -26.16 35.44 -106.74
CA GLY N 302 -23.71 36.22 -106.27
CA GLY N 302 -25.48 34.92 -107.92
C GLY N 302 -22.74 35.09 -105.98
C GLY N 302 -24.47 33.85 -107.61
N VAL N 303 -22.96 34.38 -104.88
N VAL N 303 -24.62 33.18 -106.46
CA VAL N 303 -22.10 33.25 -104.54
CA VAL N 303 -23.69 32.12 -106.10
C VAL N 303 -22.27 32.17 -105.61
C VAL N 303 -23.83 30.96 -107.09
N ASN N 304 -21.15 31.54 -105.99
N ASN N 304 -22.71 30.35 -107.43
CA ASN N 304 -21.18 30.40 -106.95
CA ASN N 304 -22.68 29.21 -108.35
C ASN N 304 -21.53 29.15 -106.15
C ASN N 304 -22.90 27.94 -107.53
N LEU N 305 -22.83 28.89 -105.94
N LEU N 305 -24.17 27.58 -107.36
CA LEU N 305 -23.29 27.74 -105.13
CA LEU N 305 -24.57 26.40 -106.53
C LEU N 305 -23.36 26.45 -105.97
C LEU N 305 -23.90 25.12 -107.04
N GLU N 306 -23.20 26.57 -107.30
N GLU N 306 -23.63 25.04 -108.34
CA GLU N 306 -23.26 25.38 -108.18
CA GLU N 306 -22.98 23.82 -108.93
C GLU N 306 -21.96 24.58 -108.05
C GLU N 306 -21.61 23.59 -108.26
N ALA N 307 -20.87 25.22 -107.61
N ALA N 307 -20.84 24.65 -108.04
CA ALA N 307 -19.56 24.55 -107.44
CA ALA N 307 -19.50 24.55 -107.42
C ALA N 307 -19.48 23.94 -106.04
C ALA N 307 -19.59 23.99 -106.00
N ILE N 308 -20.23 24.51 -105.08
N ILE N 308 -20.41 24.61 -105.14
CA ILE N 308 -20.22 24.02 -103.66
CA ILE N 308 -20.56 24.16 -103.72
C ILE N 308 -20.71 22.56 -103.63
C ILE N 308 -20.92 22.67 -103.68
N GLU N 309 -21.74 22.24 -104.42
N GLU N 309 -21.93 22.27 -104.46
CA GLU N 309 -22.31 20.87 -104.46
CA GLU N 309 -22.40 20.85 -104.49
C GLU N 309 -21.24 19.87 -104.94
C GLU N 309 -21.28 19.92 -104.95
N LYS N 310 -20.39 20.27 -105.89
N LYS N 310 -20.46 20.36 -105.92
CA LYS N 310 -19.32 19.39 -106.41
CA LYS N 310 -19.35 19.53 -106.44
C LYS N 310 -18.32 19.08 -105.28
C LYS N 310 -18.38 19.18 -105.29
N LEU N 311 -18.03 20.06 -104.41
CA LEU N 311 -17.06 19.86 -103.29
C LEU N 311 -17.72 19.06 -102.17
N ARG N 312 -19.05 19.16 -102.01
N ARG N 312 -19.06 19.15 -102.08
CA ARG N 312 -19.75 18.37 -100.98
CA ARG N 312 -19.84 18.38 -101.06
C ARG N 312 -19.69 16.89 -101.41
C ARG N 312 -19.75 16.90 -101.43
N ASP N 313 -19.83 16.66 -102.72
N ASP N 313 -19.94 16.58 -102.72
CA ASP N 313 -19.78 15.31 -103.32
CA ASP N 313 -19.84 15.17 -103.17
C ASP N 313 -18.38 14.73 -103.13
C ASP N 313 -18.39 14.69 -103.02
N LEU N 314 -17.36 15.56 -103.30
N LEU N 314 -17.42 15.56 -103.33
CA LEU N 314 -15.93 15.14 -103.18
CA LEU N 314 -15.98 15.18 -103.24
C LEU N 314 -15.66 14.65 -101.75
C LEU N 314 -15.69 14.65 -101.83
N LYS N 315 -15.91 15.50 -100.76
N LYS N 315 -15.98 15.47 -100.80
CA LYS N 315 -15.66 15.14 -99.33
CA LYS N 315 -15.73 15.08 -99.38
C LYS N 315 -16.46 13.88 -98.97
C LYS N 315 -16.53 13.82 -99.05
N LEU N 316 -17.73 13.82 -99.35
N LEU N 316 -17.79 13.75 -99.49
CA LEU N 316 -18.55 12.64 -99.02
CA LEU N 316 -18.67 12.58 -99.21
C LEU N 316 -18.03 11.40 -99.74
C LEU N 316 -18.11 11.33 -99.89
N ASN N 317 -17.61 11.55 -100.99
N ASN N 317 -17.66 11.48 -101.16
CA ASN N 317 -17.04 10.41 -101.71
CA ASN N 317 -17.10 10.34 -101.93
C ASN N 317 -15.77 9.92 -101.03
C ASN N 317 -15.82 9.83 -101.25
N ARG N 318 -14.94 10.85 -100.55
N ARG N 318 -15.02 10.74 -100.70
CA ARG N 318 -13.72 10.45 -99.82
CA ARG N 318 -13.75 10.37 -100.01
C ARG N 318 -14.06 9.74 -98.52
C ARG N 318 -14.09 9.59 -98.73
N PHE N 319 -15.09 10.22 -97.82
N PHE N 319 -15.19 9.98 -98.07
CA PHE N 319 -15.55 9.56 -96.60
CA PHE N 319 -15.64 9.31 -96.82
C PHE N 319 -16.07 8.16 -96.91
C PHE N 319 -16.16 7.91 -97.14
N LYS N 320 -16.90 8.03 -97.95
N LYS N 320 -16.84 7.75 -98.28
CA LYS N 320 -17.44 6.72 -98.31
CA LYS N 320 -17.41 6.45 -98.71
C LYS N 320 -16.33 5.75 -98.65
C LYS N 320 -16.27 5.44 -98.97
N LYS N 321 -15.34 6.19 -99.45
N LYS N 321 -15.47 5.67 -100.03
CA LYS N 321 -14.25 5.28 -99.80
CA LYS N 321 -14.34 4.81 -100.36
C LYS N 321 -13.47 4.85 -98.57
C LYS N 321 -13.50 4.48 -99.13
N GLU N 322 -13.27 5.76 -97.61
N GLU N 322 -13.34 5.43 -98.21
CA GLU N 322 -12.54 5.39 -96.40
CA GLU N 322 -12.57 5.15 -97.00
C GLU N 322 -13.35 4.43 -95.54
C GLU N 322 -13.32 4.16 -96.10
N VAL N 323 -14.67 4.64 -95.46
N VAL N 323 -14.64 4.30 -95.98
CA VAL N 323 -15.50 3.69 -94.72
CA VAL N 323 -15.42 3.35 -95.20
C VAL N 323 -15.51 2.34 -95.39
C VAL N 323 -15.34 1.96 -95.84
N GLU N 324 -15.63 2.31 -96.73
N GLU N 324 -15.52 1.88 -97.15
CA GLU N 324 -15.62 1.04 -97.44
CA GLU N 324 -15.44 0.58 -97.82
C GLU N 324 -14.27 0.33 -97.27
C GLU N 324 -14.05 -0.04 -97.63
N ARG N 325 -13.17 1.07 -97.30
N ARG N 325 -13.00 0.77 -97.70
CA ARG N 325 -11.86 0.46 -97.09
CA ARG N 325 -11.66 0.23 -97.50
C ARG N 325 -11.75 -0.14 -95.70
C ARG N 325 -11.49 -0.30 -96.08
N ARG N 326 -12.21 0.61 -94.68
N ARG N 326 -11.96 0.47 -95.09
CA ARG N 326 -12.15 0.09 -93.32
CA ARG N 326 -11.86 0.02 -93.70
C ARG N 326 -13.03 -1.14 -93.15
C ARG N 326 -12.63 -1.28 -93.50
N LYS N 327 -14.14 -1.22 -93.89
N LYS N 327 -13.77 -1.43 -94.18
CA LYS N 327 -14.98 -2.40 -93.84
CA LYS N 327 -14.54 -2.66 -94.07
C LYS N 327 -14.26 -3.61 -94.43
C LYS N 327 -13.76 -3.85 -94.63
N ALA N 328 -13.58 -3.43 -95.56
N ALA N 328 -13.14 -3.67 -95.80
CA ALA N 328 -12.88 -4.53 -96.21
CA ALA N 328 -12.38 -4.75 -96.41
C ALA N 328 -11.66 -4.95 -95.40
C ALA N 328 -11.11 -5.07 -95.62
N GLU N 329 -10.96 -3.98 -94.81
N GLU N 329 -10.49 -4.05 -95.02
CA GLU N 329 -9.79 -4.26 -93.98
CA GLU N 329 -9.30 -4.25 -94.21
C GLU N 329 -10.18 -4.63 -92.54
C GLU N 329 -9.63 -4.57 -92.75
N ASP N 330 -11.48 -4.75 -92.25
N ASP N 330 -10.91 -4.77 -92.44
CA ASP N 330 -11.97 -5.09 -90.92
CA ASP N 330 -11.35 -5.07 -91.07
C ASP N 330 -11.41 -4.15 -89.85
C ASP N 330 -10.80 -4.06 -90.07
N GLU N 331 -11.21 -2.89 -90.22
N GLU N 331 -10.75 -2.79 -90.49
CA GLU N 331 -10.75 -1.86 -89.30
CA GLU N 331 -10.34 -1.69 -89.63
C GLU N 331 -11.95 -1.27 -88.55
C GLU N 331 -11.54 -1.12 -88.90
N LYS N 332 -11.64 -0.55 -87.47
N LYS N 332 -11.25 -0.39 -87.82
CA LYS N 332 -12.69 0.04 -86.66
CA LYS N 332 -12.32 0.18 -87.02
C LYS N 332 -13.44 1.12 -87.42
C LYS N 332 -13.12 1.19 -87.84
N VAL N 333 -14.76 1.14 -87.23
N VAL N 333 -14.45 1.16 -87.67
CA VAL N 333 -15.60 2.22 -87.74
CA VAL N 333 -15.34 2.17 -88.21
C VAL N 333 -16.53 2.67 -86.61
C VAL N 333 -16.28 2.61 -87.10
N SER N 334 -16.58 3.99 -86.37
N SER N 334 -16.41 3.93 -86.92
CA SER N 334 -17.55 4.57 -85.45
CA SER N 334 -17.40 4.50 -86.00
C SER N 334 -18.67 5.17 -86.30
C SER N 334 -18.57 5.02 -86.83
N PHE N 335 -19.87 4.61 -86.17
N PHE N 335 -19.74 4.41 -86.64
CA PHE N 335 -21.01 5.00 -87.01
CA PHE N 335 -20.93 4.77 -87.42
C PHE N 335 -21.67 6.28 -86.47
C PHE N 335 -21.60 6.03 -86.82
N TYR N 336 -20.89 7.36 -86.46
N TYR N 336 -20.82 7.10 -86.66
CA TYR N 336 -21.39 8.58 -85.83
CA TYR N 336 -21.30 8.33 -85.96
C TYR N 336 -22.47 9.26 -86.65
C TYR N 336 -22.51 9.01 -86.62
N TRP N 337 -22.59 8.96 -87.95
CA TRP N 337 -23.63 9.64 -88.72
C TRP N 337 -25.00 8.99 -88.60
N THR N 338 -25.13 7.85 -87.93
CA THR N 338 -26.48 7.30 -87.74
C THR N 338 -27.39 8.31 -87.05
N ALA N 339 -26.82 9.14 -86.15
CA ALA N 339 -27.57 10.16 -85.44
C ALA N 339 -27.92 11.35 -86.32
N ASP N 340 -27.51 11.31 -87.58
CA ASP N 340 -27.98 12.29 -88.55
C ASP N 340 -29.46 12.13 -88.85
N TYR N 341 -30.03 10.97 -88.53
CA TYR N 341 -31.37 10.58 -88.98
C TYR N 341 -32.28 10.24 -87.81
N GLY N 342 -33.54 10.65 -87.93
CA GLY N 342 -34.54 10.25 -86.97
C GLY N 342 -34.93 8.79 -87.11
N GLY N 343 -35.40 8.23 -86.01
CA GLY N 343 -35.93 6.88 -86.03
C GLY N 343 -34.89 5.79 -85.95
N VAL N 344 -33.62 6.11 -85.71
CA VAL N 344 -32.54 5.14 -85.67
C VAL N 344 -32.14 4.90 -84.21
N GLY N 345 -32.12 3.64 -83.82
CA GLY N 345 -31.66 3.25 -82.50
C GLY N 345 -30.66 2.12 -82.57
N LYS N 346 -29.78 2.08 -81.58
CA LYS N 346 -28.76 1.04 -81.49
C LYS N 346 -29.28 -0.13 -80.64
N ARG N 347 -29.21 -1.32 -81.22
CA ARG N 347 -29.61 -2.55 -80.54
C ARG N 347 -28.52 -3.00 -79.57
N ALA N 348 -28.88 -3.99 -78.75
CA ALA N 348 -27.95 -4.50 -77.75
C ALA N 348 -26.71 -5.11 -78.39
N ASP N 349 -26.83 -5.60 -79.62
CA ASP N 349 -25.75 -6.33 -80.26
C ASP N 349 -24.93 -5.47 -81.22
N GLY N 350 -25.11 -4.15 -81.20
CA GLY N 350 -24.31 -3.29 -82.04
C GLY N 350 -24.83 -3.07 -83.45
N THR N 351 -25.90 -3.76 -83.84
CA THR N 351 -26.61 -3.43 -85.06
C THR N 351 -27.68 -2.41 -84.68
N TYR N 352 -28.49 -2.01 -85.65
CA TYR N 352 -29.45 -0.93 -85.44
C TYR N 352 -30.88 -1.37 -85.79
N PHE N 353 -31.83 -0.63 -85.23
CA PHE N 353 -33.22 -0.72 -85.66
C PHE N 353 -33.62 0.62 -86.25
N ILE N 354 -34.52 0.58 -87.23
CA ILE N 354 -35.03 1.77 -87.89
C ILE N 354 -36.54 1.78 -87.71
N ARG N 355 -37.05 2.83 -87.06
CA ARG N 355 -38.47 2.94 -86.75
C ARG N 355 -39.13 3.83 -87.80
N ILE N 356 -40.13 3.29 -88.48
CA ILE N 356 -40.93 4.06 -89.43
C ILE N 356 -42.09 4.66 -88.64
N ARG N 357 -42.12 5.99 -88.53
CA ARG N 357 -43.14 6.69 -87.73
C ARG N 357 -44.53 6.19 -88.09
N ALA N 358 -45.26 5.72 -87.07
CA ALA N 358 -46.61 5.13 -87.26
C ALA N 358 -47.50 6.07 -88.07
N LYS N 359 -48.18 5.51 -89.08
CA LYS N 359 -49.16 6.26 -89.92
C LYS N 359 -50.42 6.47 -89.10
N PRO N 360 -51.24 7.52 -89.35
CA PRO N 360 -52.42 7.76 -88.53
C PRO N 360 -53.40 6.57 -88.47
N ALA N 361 -53.76 6.20 -87.22
CA ALA N 361 -54.72 5.12 -86.86
C ALA N 361 -54.23 3.71 -87.28
N GLY N 362 -52.92 3.54 -87.50
CA GLY N 362 -52.33 2.24 -87.90
C GLY N 362 -52.80 1.76 -89.27
N TRP N 363 -53.22 2.68 -90.16
CA TRP N 363 -53.71 2.27 -91.50
C TRP N 363 -52.52 2.26 -92.48
N TYR N 364 -52.29 1.12 -93.13
CA TYR N 364 -51.24 1.04 -94.14
C TYR N 364 -51.85 0.47 -95.41
N SER N 365 -51.57 1.10 -96.56
CA SER N 365 -51.96 0.49 -97.82
C SER N 365 -51.16 -0.79 -98.01
N ILE N 366 -51.74 -1.72 -98.76
CA ILE N 366 -51.01 -2.95 -99.04
C ILE N 366 -49.72 -2.63 -99.79
N ASP N 367 -49.76 -1.66 -100.71
CA ASP N 367 -48.53 -1.29 -101.42
C ASP N 367 -47.47 -0.76 -100.45
N GLU N 368 -47.88 0.09 -99.50
CA GLU N 368 -46.96 0.64 -98.51
C GLU N 368 -46.27 -0.46 -97.73
N ALA N 369 -47.06 -1.40 -97.20
CA ALA N 369 -46.52 -2.49 -96.41
C ALA N 369 -45.56 -3.34 -97.24
N ARG N 370 -45.93 -3.64 -98.49
CA ARG N 370 -45.04 -4.44 -99.32
C ARG N 370 -43.73 -3.72 -99.59
N GLU N 371 -43.76 -2.40 -99.77
CA GLU N 371 -42.52 -1.65 -99.97
C GLU N 371 -41.63 -1.71 -98.74
N ILE N 372 -42.23 -1.56 -97.55
CA ILE N 372 -41.46 -1.66 -96.33
C ILE N 372 -40.82 -3.04 -96.23
N LEU N 373 -41.59 -4.09 -96.56
CA LEU N 373 -41.04 -5.44 -96.49
C LEU N 373 -39.91 -5.62 -97.49
N GLU N 374 -40.03 -5.00 -98.66
CA GLU N 374 -38.99 -5.10 -99.72
C GLU N 374 -37.69 -4.45 -99.22
N ILE N 375 -37.77 -3.28 -98.59
CA ILE N 375 -36.55 -2.62 -98.11
C ILE N 375 -35.94 -3.44 -96.97
N ALA N 376 -36.76 -3.95 -96.06
CA ALA N 376 -36.24 -4.77 -94.97
C ALA N 376 -35.52 -6.00 -95.50
N GLU N 377 -36.12 -6.69 -96.48
CA GLU N 377 -35.51 -7.89 -97.04
C GLU N 377 -34.16 -7.58 -97.68
N LYS N 378 -34.06 -6.45 -98.37
CA LYS N 378 -32.82 -6.11 -99.06
C LYS N 378 -31.66 -5.97 -98.07
N TYR N 379 -31.94 -5.45 -96.88
CA TYR N 379 -30.91 -5.18 -95.88
C TYR N 379 -30.88 -6.20 -94.74
N ASP N 380 -31.51 -7.36 -94.93
CA ASP N 380 -31.51 -8.44 -93.94
C ASP N 380 -32.15 -8.03 -92.62
N GLY N 381 -33.16 -7.16 -92.68
CA GLY N 381 -33.86 -6.72 -91.48
C GLY N 381 -35.02 -7.60 -91.07
N LYS N 382 -35.36 -7.52 -89.79
CA LYS N 382 -36.45 -8.29 -89.20
C LYS N 382 -37.55 -7.35 -88.74
N ILE N 383 -38.81 -7.74 -88.96
CA ILE N 383 -39.95 -6.87 -88.72
C ILE N 383 -40.43 -7.01 -87.28
N LYS N 384 -40.60 -5.86 -86.62
CA LYS N 384 -41.22 -5.77 -85.31
C LYS N 384 -42.32 -4.71 -85.38
N MET N 385 -43.51 -5.07 -84.89
CA MET N 385 -44.66 -4.13 -84.87
C MET N 385 -44.75 -3.54 -83.46
N THR N 386 -44.65 -2.21 -83.34
CA THR N 386 -44.65 -1.56 -82.04
C THR N 386 -46.08 -1.37 -81.53
N ASN N 387 -46.19 -1.09 -80.23
CA ASN N 387 -47.50 -0.87 -79.62
C ASN N 387 -48.03 0.55 -79.87
N ARG N 388 -47.40 1.31 -80.78
CA ARG N 388 -48.00 2.50 -81.37
C ARG N 388 -48.30 2.31 -82.85
N GLY N 389 -48.28 1.07 -83.34
CA GLY N 389 -48.68 0.78 -84.71
C GLY N 389 -47.64 1.04 -85.77
N ALA N 390 -46.36 1.02 -85.43
CA ALA N 390 -45.29 1.29 -86.37
C ALA N 390 -44.54 0.02 -86.78
N PHE N 391 -44.07 0.01 -88.01
CA PHE N 391 -43.08 -0.95 -88.46
C PHE N 391 -41.70 -0.51 -87.94
N GLU N 392 -41.00 -1.42 -87.28
CA GLU N 392 -39.64 -1.18 -86.82
C GLU N 392 -38.78 -2.32 -87.35
N ILE N 393 -37.70 -1.98 -88.06
CA ILE N 393 -36.89 -2.97 -88.77
C ILE N 393 -35.59 -3.14 -88.01
N HIS N 394 -35.32 -4.37 -87.57
CA HIS N 394 -34.20 -4.67 -86.70
C HIS N 394 -33.07 -5.39 -87.41
N GLY N 395 -31.86 -5.18 -86.89
CA GLY N 395 -30.71 -5.94 -87.33
C GLY N 395 -29.89 -5.29 -88.42
N ILE N 396 -30.01 -3.98 -88.61
CA ILE N 396 -29.35 -3.28 -89.70
C ILE N 396 -27.92 -2.96 -89.32
N SER N 397 -26.97 -3.31 -90.18
CA SER N 397 -25.58 -2.98 -89.94
C SER N 397 -25.37 -1.47 -90.00
N GLY N 398 -24.47 -0.98 -89.16
CA GLY N 398 -24.11 0.42 -89.22
C GLY N 398 -23.68 0.86 -90.60
N PHE N 399 -23.07 -0.06 -91.37
CA PHE N 399 -22.67 0.27 -92.73
C PHE N 399 -23.86 0.50 -93.64
N ASP N 400 -25.05 -0.04 -93.32
CA ASP N 400 -26.22 0.05 -94.19
C ASP N 400 -27.24 1.08 -93.73
N VAL N 401 -27.12 1.61 -92.51
CA VAL N 401 -28.21 2.42 -91.96
C VAL N 401 -28.53 3.58 -92.89
N GLU N 402 -27.50 4.31 -93.30
CA GLU N 402 -27.76 5.52 -94.09
C GLU N 402 -28.43 5.17 -95.41
N ALA N 403 -27.87 4.19 -96.13
CA ALA N 403 -28.45 3.83 -97.42
C ALA N 403 -29.90 3.39 -97.26
N MET N 404 -30.20 2.61 -96.23
CA MET N 404 -31.56 2.13 -96.04
C MET N 404 -32.51 3.26 -95.69
N VAL N 405 -32.11 4.17 -94.80
CA VAL N 405 -32.98 5.28 -94.44
C VAL N 405 -33.28 6.14 -95.65
N LEU N 406 -32.26 6.43 -96.45
CA LEU N 406 -32.48 7.23 -97.66
C LEU N 406 -33.42 6.52 -98.62
N GLU N 407 -33.32 5.19 -98.72
CA GLU N 407 -34.23 4.42 -99.56
C GLU N 407 -35.67 4.53 -99.06
N LEU N 408 -35.87 4.46 -97.74
CA LEU N 408 -37.20 4.66 -97.17
C LEU N 408 -37.69 6.08 -97.43
N MET N 409 -36.81 7.08 -97.28
CA MET N 409 -37.21 8.49 -97.49
C MET N 409 -37.58 8.70 -98.97
N GLU N 410 -36.91 7.96 -99.87
CA GLU N 410 -37.15 8.01 -101.34
C GLU N 410 -38.58 7.52 -101.65
N LYS N 411 -39.05 6.53 -100.89
CA LYS N 411 -40.38 5.90 -101.08
C LYS N 411 -41.48 6.68 -100.35
N GLY N 412 -41.15 7.81 -99.71
CA GLY N 412 -42.14 8.66 -99.03
C GLY N 412 -42.34 8.30 -97.57
N PHE N 413 -41.50 7.40 -97.03
CA PHE N 413 -41.63 7.00 -95.60
C PHE N 413 -40.81 7.95 -94.72
N ILE N 414 -41.34 8.24 -93.53
CA ILE N 414 -40.67 9.07 -92.53
C ILE N 414 -40.15 8.15 -91.43
N THR N 415 -38.83 8.17 -91.22
CA THR N 415 -38.23 7.45 -90.10
C THR N 415 -38.21 8.39 -88.91
N GLY N 416 -38.63 7.89 -87.75
CA GLY N 416 -38.74 8.78 -86.60
C GLY N 416 -39.46 8.14 -85.43
N SER N 417 -40.20 8.99 -84.70
CA SER N 417 -40.89 8.60 -83.46
C SER N 417 -39.90 8.12 -82.40
N GLU N 418 -38.72 8.75 -82.37
CA GLU N 418 -37.65 8.42 -81.43
C GLU N 418 -36.97 9.71 -80.97
N GLY N 419 -36.51 9.70 -79.72
CA GLY N 419 -35.82 10.85 -79.16
C GLY N 419 -36.77 11.87 -78.55
N PRO N 420 -36.21 12.98 -78.04
CA PRO N 420 -37.02 14.00 -77.33
C PRO N 420 -37.80 14.90 -78.29
N LEU N 421 -38.97 14.43 -78.70
CA LEU N 421 -39.80 15.15 -79.65
C LEU N 421 -41.20 14.55 -79.59
N VAL N 422 -42.11 15.14 -80.36
CA VAL N 422 -43.48 14.67 -80.47
C VAL N 422 -43.48 13.36 -81.26
N ARG N 423 -43.82 12.26 -80.60
CA ARG N 423 -43.83 10.92 -81.18
C ARG N 423 -45.06 10.74 -82.06
N ALA N 424 -45.12 9.59 -82.74
CA ALA N 424 -46.26 9.29 -83.59
C ALA N 424 -47.55 9.35 -82.79
N THR N 425 -48.51 10.12 -83.27
CA THR N 425 -49.82 10.20 -82.61
C THR N 425 -50.56 8.87 -82.75
N LEU N 426 -51.10 8.38 -81.64
CA LEU N 426 -51.75 7.06 -81.61
C LEU N 426 -53.26 7.24 -81.62
N ALA N 427 -53.90 6.71 -82.65
CA ALA N 427 -55.34 6.81 -82.79
C ALA N 427 -55.92 5.44 -83.10
N CYS N 428 -57.15 5.22 -82.68
CA CYS N 428 -57.90 4.01 -82.99
C CYS N 428 -58.64 4.21 -84.30
N PRO N 429 -59.35 3.20 -84.80
CA PRO N 429 -60.06 3.35 -86.09
C PRO N 429 -61.22 4.35 -86.06
N GLY N 430 -61.88 4.52 -84.92
CA GLY N 430 -62.90 5.53 -84.80
C GLY N 430 -64.19 5.32 -85.60
N GLU N 431 -64.94 6.43 -85.71
CA GLU N 431 -66.29 6.43 -86.32
C GLU N 431 -66.29 5.89 -87.75
N GLY N 432 -67.35 5.16 -88.08
CA GLY N 432 -67.51 4.57 -89.39
C GLY N 432 -66.66 3.34 -89.62
N ASN N 433 -65.72 3.06 -88.73
CA ASN N 433 -64.93 1.84 -88.77
C ASN N 433 -65.31 0.99 -87.57
N CYS N 434 -65.01 1.47 -86.36
CA CYS N 434 -65.48 0.82 -85.15
C CYS N 434 -66.94 1.20 -84.89
N GLY N 435 -67.75 0.20 -84.55
CA GLY N 435 -69.15 0.46 -84.23
C GLY N 435 -69.36 1.40 -83.06
N SER N 436 -68.38 1.53 -82.17
CA SER N 436 -68.52 2.43 -81.05
C SER N 436 -67.99 3.84 -81.32
N GLY N 437 -67.38 4.06 -82.49
CA GLY N 437 -66.68 5.32 -82.73
C GLY N 437 -67.61 6.51 -82.87
N LEU N 438 -67.22 7.62 -82.26
CA LEU N 438 -67.99 8.85 -82.26
C LEU N 438 -67.36 9.99 -83.05
N ILE N 439 -66.05 9.94 -83.31
CA ILE N 439 -65.35 11.01 -84.00
C ILE N 439 -64.43 10.40 -85.05
N ASN N 440 -64.03 11.22 -86.01
CA ASN N 440 -63.14 10.82 -87.08
C ASN N 440 -61.72 10.91 -86.55
N THR N 441 -61.28 9.82 -85.91
CA THR N 441 -59.96 9.76 -85.29
C THR N 441 -58.85 9.79 -86.34
N THR N 442 -59.06 9.13 -87.47
CA THR N 442 -58.01 9.09 -88.48
C THR N 442 -57.69 10.49 -88.99
N GLU N 443 -58.72 11.28 -89.27
CA GLU N 443 -58.51 12.63 -89.80
C GLU N 443 -57.92 13.55 -88.73
N LEU N 444 -58.40 13.47 -87.49
CA LEU N 444 -57.81 14.29 -86.44
C LEU N 444 -56.34 13.94 -86.25
N CYS N 445 -56.03 12.65 -86.30
CA CYS N 445 -54.66 12.20 -86.16
C CYS N 445 -53.78 12.75 -87.29
N LYS N 446 -54.30 12.72 -88.52
CA LYS N 446 -53.55 13.28 -89.65
C LYS N 446 -53.27 14.76 -89.43
N ILE N 447 -54.28 15.51 -88.95
CA ILE N 447 -54.11 16.94 -88.72
C ILE N 447 -53.04 17.19 -87.66
N LEU N 448 -53.07 16.43 -86.56
CA LEU N 448 -52.08 16.64 -85.51
C LEU N 448 -50.68 16.27 -86.01
N GLU N 449 -50.56 15.19 -86.77
CA GLU N 449 -49.29 14.83 -87.35
C GLU N 449 -48.78 15.92 -88.28
N ASP N 450 -49.66 16.44 -89.13
CA ASP N 450 -49.25 17.48 -90.07
C ASP N 450 -48.73 18.71 -89.34
N ASN N 451 -49.29 19.02 -88.17
CA ASN N 451 -48.91 20.23 -87.44
C ASN N 451 -47.71 20.05 -86.52
N PHE N 452 -47.50 18.86 -85.95
CA PHE N 452 -46.51 18.71 -84.90
C PHE N 452 -45.53 17.54 -85.06
N LYS N 453 -45.59 16.76 -86.14
CA LYS N 453 -44.76 15.58 -86.20
C LYS N 453 -43.29 15.95 -86.04
N GLU N 454 -42.60 15.23 -85.16
CA GLU N 454 -41.17 15.37 -84.90
C GLU N 454 -40.79 16.74 -84.33
N HIS N 455 -41.74 17.52 -83.84
CA HIS N 455 -41.38 18.78 -83.20
C HIS N 455 -40.60 18.51 -81.92
N PRO N 456 -39.53 19.27 -81.67
CA PRO N 456 -38.70 18.98 -80.49
C PRO N 456 -39.42 19.33 -79.20
N ALA N 457 -39.08 18.60 -78.14
CA ALA N 457 -39.59 18.85 -76.80
C ALA N 457 -38.51 18.48 -75.79
N PRO N 458 -38.61 18.97 -74.56
CA PRO N 458 -37.58 18.63 -73.55
C PRO N 458 -37.39 17.12 -73.35
N TYR N 459 -38.42 16.32 -73.58
CA TYR N 459 -38.41 14.86 -73.44
C TYR N 459 -39.49 14.34 -74.38
N LYS N 460 -39.60 13.02 -74.52
CA LYS N 460 -40.60 12.46 -75.42
C LYS N 460 -42.01 12.96 -75.07
N PHE N 461 -42.81 13.20 -76.11
CA PHE N 461 -44.12 13.84 -76.01
C PHE N 461 -45.09 13.02 -76.86
N LYS N 462 -46.12 12.46 -76.23
CA LYS N 462 -46.98 11.48 -76.88
C LYS N 462 -48.44 11.90 -76.81
N ILE N 463 -49.11 11.88 -77.95
CA ILE N 463 -50.53 12.23 -78.07
C ILE N 463 -51.33 10.98 -78.46
N ALA N 464 -52.52 10.84 -77.89
CA ALA N 464 -53.43 9.76 -78.26
C ALA N 464 -54.85 10.27 -78.47
N ILE N 465 -55.55 9.66 -79.44
CA ILE N 465 -56.90 10.03 -79.84
C ILE N 465 -57.74 8.76 -79.86
N SER N 466 -58.69 8.64 -78.92
CA SER N 466 -59.66 7.55 -78.94
C SER N 466 -60.99 8.03 -79.51
N GLY N 467 -61.67 7.09 -80.21
CA GLY N 467 -62.92 7.42 -80.87
C GLY N 467 -64.11 7.52 -79.95
N CYS N 468 -63.99 6.99 -78.75
CA CYS N 468 -65.07 6.96 -77.77
C CYS N 468 -64.46 6.82 -76.38
N PRO N 469 -65.27 6.84 -75.31
CA PRO N 469 -64.72 6.75 -73.95
C PRO N 469 -64.18 5.38 -73.56
N ASN N 470 -64.26 4.36 -74.42
CA ASN N 470 -63.55 3.12 -74.09
C ASN N 470 -62.03 3.34 -74.05
N LYS N 471 -61.54 4.35 -74.78
CA LYS N 471 -60.16 4.85 -74.63
C LYS N 471 -59.13 3.73 -74.85
N CYS N 472 -59.34 3.00 -75.95
CA CYS N 472 -58.47 1.85 -76.24
C CYS N 472 -57.01 2.26 -76.37
N VAL N 473 -56.74 3.48 -76.86
CA VAL N 473 -55.37 3.94 -77.07
C VAL N 473 -54.86 4.75 -75.90
N ARG N 474 -55.63 4.84 -74.82
CA ARG N 474 -55.26 5.38 -73.51
C ARG N 474 -54.98 6.88 -73.47
N PRO N 475 -55.87 7.70 -74.01
CA PRO N 475 -55.64 9.16 -73.99
C PRO N 475 -55.61 9.77 -72.59
N GLN N 476 -56.17 9.11 -71.58
CA GLN N 476 -56.19 9.70 -70.25
C GLN N 476 -54.85 9.54 -69.51
N ILE N 477 -53.85 8.88 -70.11
CA ILE N 477 -52.51 8.81 -69.54
C ILE N 477 -51.47 9.11 -70.62
N HIS N 478 -51.76 10.13 -71.44
CA HIS N 478 -50.87 10.64 -72.47
C HIS N 478 -50.56 12.10 -72.19
N ASP N 479 -49.46 12.60 -72.76
CA ASP N 479 -49.10 14.01 -72.58
C ASP N 479 -50.24 14.92 -73.01
N ILE N 480 -50.83 14.63 -74.17
CA ILE N 480 -52.10 15.21 -74.58
C ILE N 480 -52.99 14.04 -75.00
N GLY N 481 -54.22 14.03 -74.49
CA GLY N 481 -55.17 13.00 -74.85
C GLY N 481 -56.48 13.60 -75.34
N ILE N 482 -57.07 12.94 -76.33
CA ILE N 482 -58.37 13.32 -76.87
C ILE N 482 -59.26 12.09 -76.89
N ALA N 483 -60.51 12.25 -76.45
CA ALA N 483 -61.49 11.17 -76.52
C ALA N 483 -62.81 11.72 -77.04
N GLY N 484 -63.37 11.06 -78.05
CA GLY N 484 -64.70 11.42 -78.52
C GLY N 484 -65.76 11.08 -77.47
N VAL N 485 -66.71 11.99 -77.29
CA VAL N 485 -67.81 11.77 -76.35
C VAL N 485 -69.12 12.21 -76.96
N LYS N 486 -70.20 11.63 -76.46
CA LYS N 486 -71.54 12.02 -76.87
C LYS N 486 -72.46 11.70 -75.71
N PHE N 487 -72.89 12.72 -74.98
CA PHE N 487 -73.72 12.53 -73.79
C PHE N 487 -75.21 12.58 -74.18
N PRO N 488 -76.01 11.75 -73.52
CA PRO N 488 -77.44 11.69 -73.84
C PRO N 488 -78.25 12.64 -72.98
N VAL N 489 -79.45 12.96 -73.46
CA VAL N 489 -80.50 13.57 -72.66
C VAL N 489 -81.82 12.91 -73.04
N VAL N 490 -82.55 12.42 -72.05
CA VAL N 490 -83.81 11.69 -72.35
C VAL N 490 -84.86 12.64 -72.94
N ASN N 491 -85.53 12.21 -74.00
CA ASN N 491 -86.65 12.97 -74.61
C ASN N 491 -87.90 12.47 -73.88
N GLU N 492 -88.46 13.31 -73.01
CA GLU N 492 -89.59 12.91 -72.13
C GLU N 492 -90.83 12.46 -72.92
N GLU N 493 -91.08 13.07 -74.07
CA GLU N 493 -92.30 12.75 -74.88
C GLU N 493 -92.18 11.34 -75.48
N ASN N 494 -90.99 10.98 -75.94
CA ASN N 494 -90.74 9.69 -76.63
C ASN N 494 -90.43 8.50 -75.69
N CYS N 495 -89.63 8.72 -74.64
CA CYS N 495 -89.24 7.59 -73.76
C CYS N 495 -90.48 6.93 -73.14
N ASN N 496 -90.55 5.60 -73.14
CA ASN N 496 -91.68 4.90 -72.54
C ASN N 496 -91.26 3.89 -71.48
N GLY N 497 -90.02 3.94 -71.00
CA GLY N 497 -89.55 3.02 -69.98
C GLY N 497 -89.37 1.59 -70.42
N CYS N 498 -89.24 1.37 -71.73
CA CYS N 498 -89.09 0.00 -72.30
C CYS N 498 -87.93 -0.75 -71.63
N GLY N 499 -86.85 -0.05 -71.26
CA GLY N 499 -85.75 -0.66 -70.55
C GLY N 499 -84.54 -1.04 -71.39
N ARG N 500 -84.59 -0.90 -72.71
CA ARG N 500 -83.51 -1.40 -73.54
C ARG N 500 -82.19 -0.67 -73.29
N CYS N 501 -82.23 0.66 -73.19
CA CYS N 501 -80.98 1.46 -73.03
C CYS N 501 -80.15 0.99 -71.83
N ALA N 502 -80.81 0.66 -70.72
CA ALA N 502 -80.07 0.27 -69.53
C ALA N 502 -79.23 -0.99 -69.79
N GLU N 503 -79.67 -1.84 -70.72
CA GLU N 503 -78.99 -3.11 -71.01
C GLU N 503 -77.64 -2.88 -71.67
N VAL N 504 -77.48 -1.79 -72.42
CA VAL N 504 -76.23 -1.56 -73.13
C VAL N 504 -75.26 -0.68 -72.36
N CYS N 505 -75.67 -0.17 -71.19
CA CYS N 505 -74.80 0.71 -70.41
C CYS N 505 -74.04 -0.16 -69.41
N LYS N 506 -72.81 -0.55 -69.75
CA LYS N 506 -72.09 -1.48 -68.89
C LYS N 506 -71.75 -0.86 -67.53
N ILE N 507 -71.62 0.47 -67.45
CA ILE N 507 -71.33 1.09 -66.16
C ILE N 507 -72.59 1.40 -65.36
N GLU N 508 -73.76 1.05 -65.89
CA GLU N 508 -75.03 1.11 -65.15
C GLU N 508 -75.36 2.54 -64.71
N ALA N 509 -75.31 3.46 -65.68
CA ALA N 509 -75.63 4.85 -65.41
C ALA N 509 -77.10 5.17 -65.59
N ILE N 510 -77.92 4.22 -66.05
CA ILE N 510 -79.30 4.50 -66.42
C ILE N 510 -80.25 3.92 -65.38
N ASP N 511 -81.24 4.73 -65.00
CA ASP N 511 -82.34 4.33 -64.12
C ASP N 511 -83.60 4.25 -64.95
N ILE N 512 -84.16 3.06 -65.08
CA ILE N 512 -85.46 2.87 -65.73
C ILE N 512 -86.51 2.98 -64.64
N ARG N 513 -87.46 3.92 -64.79
CA ARG N 513 -88.47 4.15 -63.76
C ARG N 513 -89.84 4.34 -64.41
N GLY N 514 -90.76 3.42 -64.12
CA GLY N 514 -92.11 3.54 -64.64
C GLY N 514 -92.12 3.67 -66.15
N GLU N 515 -92.66 4.78 -66.65
N GLU N 515 -92.66 4.80 -66.64
CA GLU N 515 -92.76 5.01 -68.11
CA GLU N 515 -92.75 5.03 -68.11
C GLU N 515 -91.68 5.98 -68.62
C GLU N 515 -91.70 6.03 -68.58
N THR N 516 -90.53 6.06 -67.94
CA THR N 516 -89.48 6.96 -68.39
C THR N 516 -88.12 6.43 -67.92
N SER N 517 -87.07 7.19 -68.24
CA SER N 517 -85.73 6.79 -67.86
C SER N 517 -84.94 8.04 -67.52
N TYR N 518 -83.85 7.83 -66.78
CA TYR N 518 -82.97 8.90 -66.33
C TYR N 518 -81.52 8.49 -66.53
N THR N 519 -80.64 9.48 -66.55
CA THR N 519 -79.19 9.25 -66.65
C THR N 519 -78.51 9.87 -65.44
N ASN N 520 -77.61 9.11 -64.79
CA ASN N 520 -76.77 9.62 -63.70
C ASN N 520 -75.51 10.19 -64.33
N TYR N 521 -75.47 11.53 -64.46
CA TYR N 521 -74.35 12.19 -65.13
C TYR N 521 -73.10 12.23 -64.28
N ASN N 522 -73.16 11.79 -63.02
CA ASN N 522 -71.92 11.60 -62.26
C ASN N 522 -71.21 10.30 -62.60
N VAL N 523 -71.86 9.41 -63.36
CA VAL N 523 -71.24 8.16 -63.81
C VAL N 523 -71.13 8.11 -65.33
N CYS N 524 -72.15 8.56 -66.05
CA CYS N 524 -72.16 8.52 -67.51
C CYS N 524 -70.87 9.09 -68.10
N ILE N 525 -70.28 8.32 -69.02
CA ILE N 525 -69.03 8.71 -69.66
C ILE N 525 -69.26 9.19 -71.09
N GLY N 526 -70.51 9.26 -71.53
CA GLY N 526 -70.82 9.79 -72.84
C GLY N 526 -70.35 8.94 -74.00
N CYS N 527 -70.56 7.63 -73.91
CA CYS N 527 -70.27 6.73 -75.02
C CYS N 527 -71.33 6.79 -76.11
N GLY N 528 -72.54 7.26 -75.78
CA GLY N 528 -73.61 7.36 -76.76
C GLY N 528 -74.34 6.07 -77.11
N LYS N 529 -73.96 4.94 -76.49
CA LYS N 529 -74.56 3.64 -76.88
C LYS N 529 -76.09 3.63 -76.65
N CYS N 530 -76.54 4.26 -75.57
CA CYS N 530 -77.97 4.31 -75.27
C CYS N 530 -78.75 5.05 -76.34
N ILE N 531 -78.15 6.06 -76.95
CA ILE N 531 -78.79 6.78 -78.04
C ILE N 531 -78.98 5.88 -79.26
N LYS N 532 -77.96 5.09 -79.52
CA LYS N 532 -77.96 4.13 -80.66
C LYS N 532 -78.89 2.94 -80.36
N ALA N 533 -79.02 2.52 -79.09
CA ALA N 533 -79.82 1.30 -78.79
C ALA N 533 -81.31 1.60 -78.68
N CYS N 534 -81.70 2.86 -78.47
CA CYS N 534 -83.10 3.14 -78.22
C CYS N 534 -83.93 2.95 -79.48
N PRO N 535 -85.00 2.16 -79.44
CA PRO N 535 -85.86 1.99 -80.64
C PRO N 535 -86.99 2.99 -80.74
N ASN N 536 -87.09 3.95 -79.82
CA ASN N 536 -88.24 4.83 -79.70
C ASN N 536 -87.86 6.31 -79.76
N GLU N 537 -86.66 6.64 -80.24
CA GLU N 537 -86.20 8.03 -80.31
C GLU N 537 -86.31 8.70 -78.94
N GLY N 538 -85.97 7.96 -77.90
CA GLY N 538 -86.14 8.43 -76.54
C GLY N 538 -84.96 9.16 -75.96
N ARG N 539 -83.82 9.16 -76.66
CA ARG N 539 -82.60 9.80 -76.18
C ARG N 539 -82.02 10.67 -77.28
N ASP N 540 -81.81 11.95 -76.97
CA ASP N 540 -81.17 12.90 -77.87
C ASP N 540 -79.75 13.17 -77.40
N VAL N 541 -79.00 13.96 -78.16
CA VAL N 541 -77.64 14.33 -77.80
C VAL N 541 -77.69 15.57 -76.89
N LYS N 542 -77.07 15.47 -75.72
CA LYS N 542 -77.03 16.62 -74.78
C LYS N 542 -75.79 17.47 -75.10
N GLU N 543 -74.68 16.82 -75.44
CA GLU N 543 -73.41 17.48 -75.69
C GLU N 543 -72.51 16.45 -76.36
N GLU N 544 -71.70 16.89 -77.32
CA GLU N 544 -70.79 15.96 -77.97
C GLU N 544 -69.59 16.72 -78.50
N GLY N 545 -68.46 16.03 -78.63
CA GLY N 545 -67.24 16.61 -79.19
C GLY N 545 -65.99 15.86 -78.75
N PHE N 546 -64.88 16.61 -78.73
CA PHE N 546 -63.54 16.10 -78.41
C PHE N 546 -63.22 16.46 -76.95
N MET N 547 -63.22 15.46 -76.06
CA MET N 547 -62.79 15.68 -74.69
C MET N 547 -61.27 15.63 -74.59
N VAL N 548 -60.68 16.55 -73.84
CA VAL N 548 -59.23 16.74 -73.84
C VAL N 548 -58.67 16.55 -72.43
N TYR N 549 -57.52 15.88 -72.36
CA TYR N 549 -56.77 15.64 -71.14
C TYR N 549 -55.35 16.15 -71.35
N VAL N 550 -54.73 16.72 -70.31
CA VAL N 550 -53.37 17.25 -70.43
C VAL N 550 -52.52 16.76 -69.26
N GLY N 551 -51.36 16.20 -69.58
CA GLY N 551 -50.34 15.93 -68.59
C GLY N 551 -50.26 14.54 -68.00
N GLY N 552 -50.62 13.51 -68.75
CA GLY N 552 -50.48 12.14 -68.31
C GLY N 552 -49.27 11.46 -68.93
N LYS N 553 -49.01 10.24 -68.46
CA LYS N 553 -47.94 9.42 -69.00
C LYS N 553 -48.11 8.00 -68.48
N THR N 554 -47.40 7.10 -69.13
CA THR N 554 -47.15 5.76 -68.56
C THR N 554 -45.62 5.62 -68.51
N GLY N 555 -45.14 4.39 -68.47
CA GLY N 555 -43.71 4.16 -68.41
C GLY N 555 -43.28 3.88 -66.98
N ARG N 556 -42.27 4.62 -66.51
CA ARG N 556 -41.77 4.40 -65.15
C ARG N 556 -42.81 4.75 -64.09
N GLU N 557 -43.72 5.69 -64.39
CA GLU N 557 -44.82 6.07 -63.51
C GLU N 557 -46.10 6.17 -64.34
N VAL N 558 -47.24 5.95 -63.70
CA VAL N 558 -48.56 6.15 -64.32
C VAL N 558 -49.13 7.46 -63.77
N ILE N 559 -49.45 8.39 -64.66
CA ILE N 559 -50.07 9.66 -64.29
C ILE N 559 -51.25 9.93 -65.21
N GLU N 560 -52.42 10.14 -64.62
CA GLU N 560 -53.59 10.51 -65.40
C GLU N 560 -53.56 12.02 -65.66
N GLY N 561 -53.74 12.41 -66.92
CA GLY N 561 -53.76 13.82 -67.24
C GLY N 561 -54.93 14.54 -66.59
N VAL N 562 -54.78 15.86 -66.50
CA VAL N 562 -55.83 16.73 -66.00
C VAL N 562 -56.94 16.82 -67.05
N SER N 563 -58.17 16.49 -66.64
CA SER N 563 -59.31 16.69 -67.52
C SER N 563 -59.51 18.18 -67.78
N MET N 564 -59.72 18.53 -69.04
CA MET N 564 -59.86 19.92 -69.42
C MET N 564 -61.33 20.20 -69.71
N LYS N 565 -61.80 19.97 -70.93
CA LYS N 565 -63.15 20.32 -71.38
C LYS N 565 -63.25 19.87 -72.83
N LEU N 566 -64.45 19.99 -73.42
CA LEU N 566 -64.58 19.76 -74.86
C LEU N 566 -63.95 20.92 -75.61
N MET N 567 -63.24 20.59 -76.70
CA MET N 567 -62.50 21.57 -77.49
C MET N 567 -62.67 21.29 -78.98
N SER N 568 -62.64 22.35 -79.77
CA SER N 568 -62.63 22.24 -81.22
C SER N 568 -61.24 21.86 -81.72
N VAL N 569 -61.16 21.47 -83.00
CA VAL N 569 -59.86 21.15 -83.60
C VAL N 569 -58.94 22.36 -83.57
N GLU N 570 -59.51 23.53 -83.82
CA GLU N 570 -58.74 24.80 -83.76
C GLU N 570 -58.19 25.00 -82.33
N GLU N 571 -59.02 24.78 -81.30
CA GLU N 571 -58.59 24.96 -79.94
C GLU N 571 -57.52 23.95 -79.58
N ILE N 572 -57.66 22.73 -80.08
CA ILE N 572 -56.69 21.68 -79.78
C ILE N 572 -55.32 22.01 -80.37
N LEU N 573 -55.30 22.49 -81.63
CA LEU N 573 -54.03 22.86 -82.24
C LEU N 573 -53.36 24.00 -81.47
N ASN N 574 -54.15 25.00 -81.07
CA ASN N 574 -53.64 26.09 -80.25
C ASN N 574 -53.07 25.56 -78.94
N LEU N 575 -53.83 24.66 -78.29
CA LEU N 575 -53.43 24.11 -77.00
C LEU N 575 -52.10 23.37 -77.07
N ILE N 576 -51.96 22.48 -78.05
CA ILE N 576 -50.74 21.68 -78.12
C ILE N 576 -49.52 22.57 -78.32
N ASP N 577 -49.65 23.57 -79.20
CA ASP N 577 -48.57 24.51 -79.45
C ASP N 577 -48.17 25.23 -78.16
N LYS N 578 -49.15 25.70 -77.39
CA LYS N 578 -48.84 26.45 -76.17
C LYS N 578 -48.34 25.55 -75.05
N VAL N 579 -48.86 24.32 -74.95
CA VAL N 579 -48.32 23.39 -73.96
C VAL N 579 -46.84 23.14 -74.23
N LEU N 580 -46.47 22.97 -75.50
CA LEU N 580 -45.07 22.72 -75.82
C LEU N 580 -44.20 23.92 -75.43
N ILE N 581 -44.71 25.14 -75.62
CA ILE N 581 -43.95 26.35 -75.27
C ILE N 581 -43.74 26.44 -73.76
N VAL N 582 -44.80 26.26 -72.98
CA VAL N 582 -44.69 26.36 -71.52
C VAL N 582 -43.85 25.20 -70.97
N TYR N 583 -43.98 24.01 -71.57
CA TYR N 583 -43.12 22.88 -71.19
C TYR N 583 -41.66 23.24 -71.38
N HIS N 584 -41.32 23.80 -72.55
N HIS N 584 -41.35 23.86 -72.53
CA HIS N 584 -39.95 24.22 -72.80
CA HIS N 584 -39.97 24.27 -72.86
C HIS N 584 -39.50 25.29 -71.81
C HIS N 584 -39.48 25.36 -71.88
N LYS N 585 -40.40 26.24 -71.48
CA LYS N 585 -40.04 27.32 -70.57
C LYS N 585 -39.61 26.79 -69.20
N TYR N 586 -40.35 25.82 -68.67
CA TYR N 586 -40.14 25.39 -67.26
C TYR N 586 -39.30 24.11 -67.10
N ALA N 587 -39.07 23.33 -68.16
CA ALA N 587 -38.30 22.12 -67.97
C ALA N 587 -36.86 22.47 -67.63
N LYS N 588 -36.28 21.75 -66.68
CA LYS N 588 -34.86 22.03 -66.30
C LYS N 588 -33.99 20.80 -66.57
N LYS N 589 -34.60 19.67 -66.93
CA LYS N 589 -33.84 18.43 -67.12
C LYS N 589 -34.26 17.74 -68.42
N PRO N 590 -33.72 18.17 -69.56
CA PRO N 590 -33.99 17.47 -70.83
C PRO N 590 -33.72 15.98 -70.72
N GLN N 591 -34.57 15.20 -71.38
CA GLN N 591 -34.48 13.74 -71.46
C GLN N 591 -34.78 13.05 -70.13
N ARG N 592 -35.27 13.80 -69.15
CA ARG N 592 -35.66 13.21 -67.86
C ARG N 592 -36.98 13.72 -67.33
N GLU N 593 -37.33 14.99 -67.56
CA GLU N 593 -38.57 15.58 -67.05
C GLU N 593 -39.62 15.53 -68.16
N ARG N 594 -40.61 14.66 -67.99
CA ARG N 594 -41.78 14.66 -68.86
C ARG N 594 -42.67 15.86 -68.55
N LEU N 595 -43.61 16.15 -69.45
CA LEU N 595 -44.56 17.22 -69.20
C LEU N 595 -45.21 17.09 -67.83
N ALA N 596 -45.64 15.88 -67.48
CA ALA N 596 -46.31 15.66 -66.19
C ALA N 596 -45.39 16.04 -65.02
N ALA N 597 -44.09 15.79 -65.15
CA ALA N 597 -43.15 16.13 -64.09
C ALA N 597 -42.98 17.64 -63.96
N VAL N 598 -42.98 18.37 -65.07
CA VAL N 598 -42.87 19.83 -65.01
C VAL N 598 -44.13 20.41 -64.39
N MET N 599 -45.31 19.92 -64.81
CA MET N 599 -46.56 20.39 -64.22
C MET N 599 -46.59 20.13 -62.73
N ALA N 600 -46.13 18.95 -62.30
CA ALA N 600 -46.13 18.63 -60.89
C ALA N 600 -45.19 19.55 -60.11
N ARG N 601 -44.06 19.88 -60.71
CA ARG N 601 -43.02 20.71 -60.05
C ARG N 601 -43.50 22.15 -59.85
N ILE N 602 -44.03 22.80 -60.90
CA ILE N 602 -44.43 24.24 -60.80
C ILE N 602 -45.88 24.41 -60.35
N GLY N 603 -46.67 23.35 -60.36
CA GLY N 603 -48.10 23.46 -59.99
C GLY N 603 -48.96 23.28 -61.22
N LYS N 604 -49.93 22.37 -61.17
CA LYS N 604 -50.75 22.08 -62.33
C LYS N 604 -51.55 23.30 -62.75
N GLY N 605 -52.14 24.01 -61.78
CA GLY N 605 -52.88 25.21 -62.11
C GLY N 605 -52.02 26.31 -62.71
N LYS N 606 -50.84 26.53 -62.14
CA LYS N 606 -49.93 27.53 -62.69
C LYS N 606 -49.57 27.18 -64.14
N PHE N 607 -49.22 25.92 -64.40
CA PHE N 607 -48.85 25.52 -65.75
C PHE N 607 -50.00 25.79 -66.72
N LEU N 608 -51.19 25.30 -66.37
CA LEU N 608 -52.33 25.42 -67.27
C LEU N 608 -52.79 26.85 -67.41
N GLU N 609 -52.57 27.65 -66.36
CA GLU N 609 -52.94 29.09 -66.40
C GLU N 609 -52.09 29.78 -67.47
N GLU N 610 -50.78 29.48 -67.49
CA GLU N 610 -49.89 30.10 -68.47
C GLU N 610 -50.21 29.63 -69.88
N VAL N 611 -50.57 28.34 -70.02
CA VAL N 611 -50.92 27.81 -71.33
C VAL N 611 -52.12 28.58 -71.94
N LYS N 612 -53.14 28.75 -71.08
CA LYS N 612 -54.40 29.46 -71.42
C LYS N 612 -54.08 30.92 -71.78
N GLU N 613 -53.20 31.57 -71.00
CA GLU N 613 -52.86 32.98 -71.32
C GLU N 613 -52.27 33.08 -72.72
N LEU N 614 -51.37 32.14 -73.05
CA LEU N 614 -50.76 32.12 -74.37
C LEU N 614 -51.77 31.80 -75.46
N MET N 615 -52.71 30.89 -75.20
CA MET N 615 -53.71 30.54 -76.20
C MET N 615 -54.57 31.75 -76.59
N GLU N 616 -54.89 32.58 -75.61
CA GLU N 616 -55.75 33.74 -75.86
C GLU N 616 -54.98 34.84 -76.61
N GLN N 617 -53.66 34.88 -76.45
CA GLN N 617 -52.81 35.87 -77.17
C GLN N 617 -52.63 35.39 -78.61
N ASN N 618 -52.75 34.09 -78.83
CA ASN N 618 -52.66 33.51 -80.17
C ASN N 618 -53.63 34.23 -81.11
N TYR O 2 -104.10 1.53 -43.75
CA TYR O 2 -103.54 2.71 -44.45
C TYR O 2 -102.39 3.30 -43.62
N GLU O 3 -101.31 2.52 -43.47
CA GLU O 3 -100.13 3.00 -42.71
C GLU O 3 -99.57 4.25 -43.42
N TRP O 4 -99.40 5.33 -42.67
CA TRP O 4 -98.87 6.62 -43.19
C TRP O 4 -97.97 7.20 -42.09
N LYS O 5 -96.68 7.38 -42.38
CA LYS O 5 -95.73 7.76 -41.33
C LYS O 5 -96.14 9.06 -40.64
N LEU O 6 -96.68 10.02 -41.38
CA LEU O 6 -97.04 11.31 -40.79
C LEU O 6 -98.21 11.23 -39.80
N ASN O 7 -98.87 10.08 -39.66
CA ASN O 7 -99.85 9.94 -38.59
C ASN O 7 -99.21 10.14 -37.21
N ASP O 8 -97.91 9.90 -37.10
CA ASP O 8 -97.21 10.21 -35.85
C ASP O 8 -97.39 11.68 -35.47
N ILE O 9 -97.43 12.57 -36.48
CA ILE O 9 -97.70 13.99 -36.25
C ILE O 9 -99.20 14.24 -36.15
N VAL O 10 -99.96 13.76 -37.13
CA VAL O 10 -101.37 14.12 -37.21
C VAL O 10 -102.17 13.55 -36.04
N ASP O 11 -101.91 12.30 -35.67
CA ASP O 11 -102.73 11.65 -34.65
C ASP O 11 -102.35 12.07 -33.23
N ASN O 12 -101.28 12.84 -33.06
CA ASN O 12 -100.80 13.25 -31.75
C ASN O 12 -100.98 14.75 -31.51
N GLY O 13 -101.81 15.42 -32.31
CA GLY O 13 -102.13 16.83 -32.09
C GLY O 13 -101.02 17.80 -32.39
N ILE O 14 -100.02 17.40 -33.15
CA ILE O 14 -98.90 18.28 -33.51
C ILE O 14 -99.09 18.90 -34.89
N CYS O 15 -99.95 18.32 -35.74
CA CYS O 15 -100.13 18.79 -37.10
C CYS O 15 -100.65 20.22 -37.10
N ALA O 16 -100.00 21.07 -37.88
CA ALA O 16 -100.41 22.46 -38.04
C ALA O 16 -101.63 22.64 -38.94
N LYS O 17 -101.97 21.58 -39.68
CA LYS O 17 -103.08 21.58 -40.68
C LYS O 17 -102.76 22.61 -41.77
N CYS O 18 -101.47 22.76 -42.10
CA CYS O 18 -100.96 23.66 -43.17
C CYS O 18 -101.35 23.15 -44.57
N GLY O 19 -101.33 21.82 -44.77
CA GLY O 19 -101.69 21.21 -46.06
C GLY O 19 -100.53 21.05 -47.03
N THR O 20 -99.30 21.34 -46.61
CA THR O 20 -98.12 21.23 -47.53
C THR O 20 -97.91 19.78 -47.99
N CYS O 21 -98.06 18.81 -47.10
CA CYS O 21 -97.81 17.37 -47.40
C CYS O 21 -98.72 16.84 -48.51
N THR O 22 -100.00 17.24 -48.51
CA THR O 22 -101.01 16.73 -49.48
C THR O 22 -100.76 17.19 -50.92
N VAL O 23 -100.02 18.28 -51.13
CA VAL O 23 -99.81 18.79 -52.52
C VAL O 23 -98.55 18.19 -53.18
N VAL O 24 -97.70 17.49 -52.42
CA VAL O 24 -96.42 16.99 -53.01
C VAL O 24 -96.50 15.50 -53.41
N CYS O 25 -97.66 14.87 -53.28
CA CYS O 25 -97.70 13.41 -53.59
C CYS O 25 -97.66 13.20 -55.11
N PRO O 26 -96.65 12.48 -55.65
CA PRO O 26 -96.55 12.20 -57.08
C PRO O 26 -97.69 11.29 -57.57
N ASN O 27 -98.17 10.41 -56.69
CA ASN O 27 -99.27 9.46 -57.04
C ASN O 27 -100.65 10.11 -56.83
N GLY O 28 -100.67 11.30 -56.22
CA GLY O 28 -101.93 12.02 -55.95
C GLY O 28 -102.88 11.22 -55.07
N ILE O 29 -102.34 10.48 -54.09
CA ILE O 29 -103.16 9.62 -53.19
C ILE O 29 -103.39 10.34 -51.85
N LEU O 30 -103.01 11.61 -51.77
CA LEU O 30 -103.22 12.39 -50.51
C LEU O 30 -104.24 13.49 -50.78
N THR O 31 -105.21 13.65 -49.87
CA THR O 31 -106.23 14.72 -49.99
C THR O 31 -106.37 15.38 -48.63
N PHE O 32 -106.71 16.67 -48.61
CA PHE O 32 -106.89 17.34 -47.30
C PHE O 32 -108.37 17.68 -47.10
N GLU O 33 -108.98 17.07 -46.07
CA GLU O 33 -110.38 17.34 -45.71
C GLU O 33 -110.31 18.12 -44.39
N ASP O 34 -110.52 17.43 -43.27
CA ASP O 34 -110.34 18.08 -41.95
C ASP O 34 -108.88 17.88 -41.49
N ARG O 35 -108.19 16.93 -42.15
CA ARG O 35 -106.77 16.58 -41.86
C ARG O 35 -106.18 15.89 -43.09
N PRO O 36 -104.85 15.75 -43.22
CA PRO O 36 -104.26 15.05 -44.37
C PRO O 36 -104.74 13.60 -44.33
N LYS O 37 -105.16 13.04 -45.47
CA LYS O 37 -105.65 11.64 -45.47
C LYS O 37 -105.23 10.90 -46.74
N LEU O 38 -105.00 9.60 -46.61
CA LEU O 38 -104.64 8.72 -47.76
C LEU O 38 -105.95 8.24 -48.41
N THR O 39 -106.07 8.38 -49.73
CA THR O 39 -107.25 7.86 -50.42
C THR O 39 -107.07 6.42 -50.89
N GLU O 40 -105.86 5.87 -50.79
CA GLU O 40 -105.60 4.46 -51.05
C GLU O 40 -104.26 4.12 -50.42
N GLU O 41 -103.96 2.82 -50.40
CA GLU O 41 -102.70 2.33 -49.77
C GLU O 41 -101.46 2.97 -50.41
N CYS O 42 -100.54 3.43 -49.57
CA CYS O 42 -99.24 3.95 -49.99
C CYS O 42 -98.19 2.85 -49.84
N LEU O 43 -97.54 2.48 -50.94
CA LEU O 43 -96.55 1.41 -50.89
C LEU O 43 -95.37 1.75 -50.00
N ARG O 44 -95.08 3.04 -49.82
CA ARG O 44 -94.01 3.50 -48.94
C ARG O 44 -94.44 3.67 -47.49
N LYS O 45 -95.73 3.47 -47.21
CA LYS O 45 -96.28 3.72 -45.89
C LYS O 45 -95.94 5.13 -45.39
N GLY O 46 -95.96 6.09 -46.30
CA GLY O 46 -95.70 7.48 -45.98
C GLY O 46 -94.25 7.85 -45.78
N ASN O 47 -93.32 6.95 -46.10
CA ASN O 47 -91.88 7.24 -46.07
C ASN O 47 -91.54 7.89 -47.39
N GLY O 48 -91.73 9.21 -47.44
CA GLY O 48 -91.53 9.92 -48.68
C GLY O 48 -91.69 11.43 -48.56
N MET O 49 -92.07 12.04 -49.67
CA MET O 49 -91.95 13.48 -49.82
C MET O 49 -92.91 14.24 -48.91
N CYS O 50 -94.12 13.70 -48.70
CA CYS O 50 -95.05 14.24 -47.70
C CYS O 50 -94.37 14.46 -46.35
N PHE O 51 -93.83 13.37 -45.77
CA PHE O 51 -93.11 13.45 -44.50
C PHE O 51 -91.94 14.44 -44.59
N GLU O 52 -91.26 14.44 -45.73
CA GLU O 52 -90.04 15.23 -45.87
C GLU O 52 -90.29 16.74 -46.02
N VAL O 53 -91.50 17.18 -46.41
CA VAL O 53 -91.78 18.61 -46.45
C VAL O 53 -92.46 19.11 -45.19
N CYS O 54 -92.76 18.24 -44.24
CA CYS O 54 -93.58 18.65 -43.10
C CYS O 54 -92.80 19.56 -42.17
N PRO O 55 -93.26 20.80 -41.92
CA PRO O 55 -92.51 21.69 -41.02
C PRO O 55 -92.60 21.31 -39.55
N ARG O 56 -93.47 20.36 -39.20
CA ARG O 56 -93.58 19.89 -37.84
C ARG O 56 -92.73 18.65 -37.57
N VAL O 57 -92.10 18.08 -38.61
CA VAL O 57 -91.07 17.08 -38.39
C VAL O 57 -89.71 17.74 -38.13
N SER O 58 -89.33 18.62 -39.05
CA SER O 58 -88.05 19.36 -38.96
C SER O 58 -88.25 20.71 -39.67
N SER O 59 -87.99 21.81 -38.98
CA SER O 59 -88.23 23.15 -39.57
C SER O 59 -87.33 23.37 -40.79
N GLY O 60 -86.05 22.96 -40.68
CA GLY O 60 -85.04 23.19 -41.72
C GLY O 60 -84.67 24.67 -41.78
N LYS O 61 -85.00 25.40 -40.72
CA LYS O 61 -84.82 26.88 -40.68
C LYS O 61 -83.37 27.35 -40.78
N TYR O 62 -82.41 26.69 -40.12
CA TYR O 62 -81.02 27.19 -40.20
C TYR O 62 -80.51 27.16 -41.65
N GLN O 63 -80.65 26.01 -42.31
CA GLN O 63 -80.11 25.90 -43.67
C GLN O 63 -80.89 26.78 -44.65
N ILE O 64 -82.18 26.99 -44.41
CA ILE O 64 -82.93 27.90 -45.26
C ILE O 64 -82.48 29.34 -45.05
N LYS O 65 -82.44 29.76 -43.80
CA LYS O 65 -82.15 31.19 -43.50
C LYS O 65 -80.75 31.60 -43.97
N ILE O 66 -79.75 30.71 -43.86
CA ILE O 66 -78.40 31.14 -44.26
C ILE O 66 -78.31 31.36 -45.77
N ARG O 67 -79.27 30.84 -46.53
CA ARG O 67 -79.35 31.06 -47.98
C ARG O 67 -80.27 32.23 -48.33
N GLU O 68 -81.41 32.37 -47.66
CA GLU O 68 -82.31 33.48 -47.94
C GLU O 68 -81.72 34.80 -47.42
N LYS O 69 -80.93 34.75 -46.36
CA LYS O 69 -80.27 35.93 -45.79
C LYS O 69 -81.29 37.04 -45.54
N PHE O 70 -82.27 36.71 -44.70
CA PHE O 70 -83.42 37.59 -44.49
C PHE O 70 -82.99 38.93 -43.90
N LYS O 71 -83.63 40.00 -44.38
CA LYS O 71 -83.67 41.28 -43.70
C LYS O 71 -85.01 41.40 -42.97
N GLU O 72 -85.25 42.55 -42.35
CA GLU O 72 -86.42 42.72 -41.50
C GLU O 72 -86.80 44.18 -41.44
N GLU O 73 -87.51 44.65 -42.46
CA GLU O 73 -87.86 46.06 -42.58
C GLU O 73 -89.35 46.25 -42.32
N TYR O 74 -89.69 47.16 -41.40
CA TYR O 74 -91.06 47.35 -40.94
C TYR O 74 -91.70 48.58 -41.57
N TYR O 75 -92.90 48.39 -42.12
CA TYR O 75 -93.69 49.48 -42.67
C TYR O 75 -95.16 49.20 -42.41
N TYR O 76 -96.01 50.17 -42.75
CA TYR O 76 -97.44 49.91 -42.88
C TYR O 76 -97.99 50.70 -44.05
N GLY O 77 -99.15 50.27 -44.54
CA GLY O 77 -99.76 50.93 -45.68
C GLY O 77 -101.13 50.37 -45.98
N LYS O 78 -101.76 50.96 -46.98
CA LYS O 78 -103.05 50.50 -47.46
C LYS O 78 -103.02 50.40 -48.98
N GLY O 79 -103.73 49.41 -49.50
CA GLY O 79 -103.87 49.22 -50.93
C GLY O 79 -105.08 49.97 -51.47
N ASP O 80 -105.48 49.60 -52.69
CA ASP O 80 -106.61 50.25 -53.33
C ASP O 80 -107.85 49.36 -53.38
N VAL O 81 -107.87 48.27 -52.62
CA VAL O 81 -109.05 47.43 -52.51
C VAL O 81 -109.41 47.27 -51.04
N GLU O 82 -110.70 47.10 -50.77
CA GLU O 82 -111.17 46.82 -49.41
C GLU O 82 -110.71 45.42 -49.01
N GLY O 83 -109.85 45.33 -48.00
CA GLY O 83 -109.40 44.05 -47.51
C GLY O 83 -109.76 43.83 -46.06
N GLN O 84 -109.17 42.79 -45.47
CA GLN O 84 -109.33 42.55 -44.03
C GLN O 84 -108.92 43.79 -43.23
N ASP O 85 -107.73 44.31 -43.52
CA ASP O 85 -107.20 45.49 -42.86
C ASP O 85 -106.96 46.57 -43.90
N GLY O 86 -105.74 46.66 -44.44
CA GLY O 86 -105.43 47.63 -45.46
C GLY O 86 -105.61 47.19 -46.90
N GLY O 87 -105.97 45.93 -47.14
CA GLY O 87 -106.02 45.43 -48.51
C GLY O 87 -104.67 45.32 -49.16
N VAL O 88 -103.60 45.21 -48.37
CA VAL O 88 -102.25 45.22 -48.93
C VAL O 88 -101.96 43.92 -49.68
N VAL O 89 -102.34 42.78 -49.11
CA VAL O 89 -102.00 41.51 -49.76
C VAL O 89 -102.62 41.44 -51.15
N THR O 90 -103.92 41.70 -51.25
CA THR O 90 -104.59 41.57 -52.54
C THR O 90 -104.08 42.59 -53.54
N THR O 91 -103.79 43.82 -53.09
CA THR O 91 -103.24 44.83 -53.99
C THR O 91 -101.86 44.41 -54.51
N PHE O 92 -101.03 43.82 -53.65
CA PHE O 92 -99.73 43.32 -54.09
C PHE O 92 -99.88 42.22 -55.13
N LEU O 93 -100.81 41.29 -54.92
CA LEU O 93 -101.03 40.22 -55.89
C LEU O 93 -101.53 40.75 -57.22
N LYS O 94 -102.43 41.74 -57.20
CA LYS O 94 -102.85 42.34 -58.46
C LYS O 94 -101.66 42.93 -59.21
N TYR O 95 -100.79 43.64 -58.50
CA TYR O 95 -99.57 44.18 -59.11
C TYR O 95 -98.72 43.07 -59.72
N LEU O 96 -98.49 41.98 -58.97
CA LEU O 96 -97.65 40.91 -59.51
C LEU O 96 -98.29 40.27 -60.74
N LEU O 97 -99.62 40.11 -60.73
CA LEU O 97 -100.30 39.58 -61.91
C LEU O 97 -100.22 40.54 -63.08
N LYS O 98 -100.46 41.83 -62.80
CA LYS O 98 -100.49 42.88 -63.86
C LYS O 98 -99.14 43.01 -64.56
N ASN O 99 -98.04 42.97 -63.79
CA ASN O 99 -96.70 43.13 -64.32
C ASN O 99 -96.07 41.81 -64.73
N LYS O 100 -96.84 40.73 -64.75
CA LYS O 100 -96.41 39.44 -65.30
C LYS O 100 -95.24 38.84 -64.53
N LYS O 101 -95.21 39.07 -63.21
CA LYS O 101 -94.22 38.43 -62.35
C LYS O 101 -94.66 37.03 -61.93
N ILE O 102 -95.96 36.74 -61.95
CA ILE O 102 -96.49 35.41 -61.68
C ILE O 102 -97.54 35.09 -62.73
N ASP O 103 -97.80 33.80 -62.91
CA ASP O 103 -98.91 33.34 -63.75
C ASP O 103 -100.19 33.11 -62.96
N GLY O 104 -100.10 33.07 -61.64
CA GLY O 104 -101.29 32.85 -60.83
C GLY O 104 -100.97 33.11 -59.37
N ALA O 105 -102.03 33.21 -58.58
CA ALA O 105 -101.93 33.38 -57.14
C ALA O 105 -102.70 32.27 -56.44
N ILE O 106 -102.09 31.66 -55.43
CA ILE O 106 -102.73 30.66 -54.60
C ILE O 106 -103.29 31.40 -53.40
N VAL O 107 -104.62 31.49 -53.31
CA VAL O 107 -105.29 32.29 -52.30
C VAL O 107 -106.46 31.50 -51.71
N VAL O 108 -107.09 32.07 -50.69
CA VAL O 108 -108.18 31.39 -49.99
C VAL O 108 -109.45 32.20 -50.19
N GLY O 109 -110.46 31.57 -50.80
CA GLY O 109 -111.80 32.09 -50.83
C GLY O 109 -112.68 31.37 -49.83
N ASP O 110 -113.99 31.50 -49.98
CA ASP O 110 -114.88 30.84 -49.05
C ASP O 110 -116.23 30.58 -49.69
N GLU O 111 -116.90 29.53 -49.19
CA GLU O 111 -118.30 29.25 -49.47
C GLU O 111 -119.02 29.34 -48.12
N CYS O 112 -119.62 30.49 -47.85
CA CYS O 112 -120.29 30.72 -46.57
C CYS O 112 -119.37 30.34 -45.41
N TRP O 113 -118.14 30.87 -45.48
CA TRP O 113 -117.06 30.77 -44.48
C TRP O 113 -116.39 29.40 -44.41
N LYS O 114 -116.76 28.46 -45.27
CA LYS O 114 -115.91 27.28 -45.47
C LYS O 114 -114.80 27.66 -46.45
N PRO O 115 -113.54 27.69 -46.02
CA PRO O 115 -112.46 28.11 -46.93
C PRO O 115 -112.31 27.17 -48.13
N VAL O 116 -111.86 27.74 -49.25
CA VAL O 116 -111.53 26.99 -50.45
C VAL O 116 -110.20 27.53 -50.99
N SER O 117 -109.27 26.63 -51.27
CA SER O 117 -108.01 27.01 -51.90
C SER O 117 -108.24 27.25 -53.39
N LEU O 118 -107.79 28.39 -53.88
CA LEU O 118 -108.06 28.81 -55.25
C LEU O 118 -106.77 29.16 -55.97
N ILE O 119 -106.70 28.83 -57.26
CA ILE O 119 -105.67 29.34 -58.16
C ILE O 119 -106.30 30.43 -59.01
N VAL O 120 -105.84 31.67 -58.85
CA VAL O 120 -106.42 32.82 -59.51
C VAL O 120 -105.43 33.35 -60.52
N GLN O 121 -105.88 33.55 -61.75
CA GLN O 121 -105.01 34.00 -62.83
C GLN O 121 -105.31 35.41 -63.34
N ASN O 122 -106.40 36.04 -62.91
CA ASN O 122 -106.75 37.39 -63.33
C ASN O 122 -107.03 38.26 -62.12
N GLU O 123 -106.73 39.55 -62.27
CA GLU O 123 -106.87 40.56 -61.19
C GLU O 123 -108.31 40.64 -60.69
N GLU O 124 -109.29 40.56 -61.59
CA GLU O 124 -110.73 40.69 -61.21
C GLU O 124 -111.17 39.51 -60.31
N ASP O 125 -110.62 38.32 -60.55
CA ASP O 125 -110.97 37.09 -59.78
C ASP O 125 -110.53 37.15 -58.31
N LEU O 126 -109.58 38.01 -57.95
CA LEU O 126 -109.05 38.10 -56.56
C LEU O 126 -110.00 38.79 -55.58
N MET O 127 -111.06 39.46 -56.06
CA MET O 127 -111.86 40.26 -55.16
C MET O 127 -112.69 39.41 -54.20
N ASN O 128 -113.05 38.18 -54.59
CA ASN O 128 -113.77 37.30 -53.67
C ASN O 128 -112.83 36.49 -52.77
N THR O 129 -111.53 36.81 -52.75
CA THR O 129 -110.57 36.15 -51.88
C THR O 129 -110.05 37.07 -50.78
N THR O 130 -110.51 38.31 -50.72
CA THR O 130 -110.09 39.22 -49.68
C THR O 130 -110.60 38.73 -48.33
N LYS O 131 -110.05 39.32 -47.26
CA LYS O 131 -110.48 39.11 -45.88
C LYS O 131 -109.98 37.80 -45.30
N SER O 132 -109.90 37.77 -43.97
CA SER O 132 -109.39 36.61 -43.27
C SER O 132 -110.48 35.57 -43.08
N LYS O 133 -110.13 34.32 -43.32
CA LYS O 133 -110.93 33.15 -42.97
C LYS O 133 -110.20 32.50 -41.79
N TYR O 134 -110.81 32.51 -40.60
CA TYR O 134 -110.07 32.10 -39.40
C TYR O 134 -110.21 30.61 -39.09
N THR O 135 -110.51 29.79 -40.08
CA THR O 135 -110.62 28.35 -39.91
C THR O 135 -109.65 27.64 -40.86
N VAL O 136 -109.56 26.31 -40.70
CA VAL O 136 -108.51 25.55 -41.37
C VAL O 136 -108.57 25.79 -42.87
N SER O 137 -107.43 26.12 -43.46
CA SER O 137 -107.24 26.33 -44.89
C SER O 137 -106.31 25.26 -45.44
N THR O 138 -106.39 25.02 -46.76
CA THR O 138 -105.47 24.10 -47.41
C THR O 138 -104.67 24.85 -48.47
N LEU O 139 -103.79 24.11 -49.14
CA LEU O 139 -103.02 24.61 -50.27
C LEU O 139 -103.33 23.82 -51.55
N GLU O 140 -104.51 23.20 -51.63
CA GLU O 140 -104.78 22.23 -52.68
C GLU O 140 -104.70 22.84 -54.08
N ALA O 141 -104.99 24.13 -54.21
CA ALA O 141 -104.94 24.75 -55.53
C ALA O 141 -103.53 24.70 -56.13
N LEU O 142 -102.48 24.53 -55.32
CA LEU O 142 -101.16 24.30 -55.88
C LEU O 142 -101.17 23.09 -56.80
N LYS O 143 -101.85 22.01 -56.39
CA LYS O 143 -101.96 20.83 -57.25
C LYS O 143 -102.66 21.19 -58.56
N THR O 144 -103.73 21.97 -58.50
CA THR O 144 -104.43 22.38 -59.72
C THR O 144 -103.51 23.22 -60.60
N ALA O 145 -102.74 24.13 -59.99
CA ALA O 145 -101.81 24.95 -60.75
C ALA O 145 -100.80 24.09 -61.50
N GLY O 146 -100.33 23.03 -60.86
CA GLY O 146 -99.39 22.14 -61.53
C GLY O 146 -100.02 21.39 -62.68
N GLU O 147 -101.26 20.91 -62.48
CA GLU O 147 -101.98 20.24 -63.57
C GLU O 147 -102.18 21.19 -64.75
N MET O 148 -102.45 22.46 -64.46
CA MET O 148 -102.62 23.45 -65.51
C MET O 148 -101.31 23.84 -66.18
N GLY O 149 -100.18 23.44 -65.61
CA GLY O 149 -98.90 23.79 -66.19
C GLY O 149 -98.47 25.22 -65.95
N LEU O 150 -99.06 25.90 -64.97
CA LEU O 150 -98.64 27.26 -64.65
C LEU O 150 -97.18 27.23 -64.20
N GLU O 151 -96.38 28.16 -64.75
CA GLU O 151 -94.91 28.21 -64.51
C GLU O 151 -94.55 28.81 -63.16
N LYS O 152 -95.15 29.96 -62.81
CA LYS O 152 -94.81 30.62 -61.56
C LYS O 152 -96.06 31.11 -60.84
N VAL O 153 -96.06 30.99 -59.50
CA VAL O 153 -97.16 31.46 -58.68
C VAL O 153 -96.64 32.20 -57.45
N ALA O 154 -97.48 33.09 -56.92
CA ALA O 154 -97.33 33.59 -55.57
C ALA O 154 -98.28 32.82 -54.67
N VAL O 155 -97.88 32.60 -53.42
CA VAL O 155 -98.70 31.92 -52.43
C VAL O 155 -98.84 32.80 -51.19
N VAL O 156 -100.08 32.98 -50.74
CA VAL O 156 -100.37 33.57 -49.45
C VAL O 156 -100.57 32.42 -48.47
N GLY O 157 -99.87 32.46 -47.34
CA GLY O 157 -99.99 31.39 -46.37
C GLY O 157 -99.88 31.89 -44.95
N LEU O 158 -100.48 31.13 -44.04
CA LEU O 158 -100.19 31.25 -42.62
C LEU O 158 -98.74 30.82 -42.37
N PRO O 159 -98.15 31.20 -41.22
CA PRO O 159 -96.72 30.89 -41.00
C PRO O 159 -96.38 29.42 -41.18
N CYS O 160 -97.21 28.49 -40.69
CA CYS O 160 -96.98 27.06 -40.91
C CYS O 160 -96.97 26.70 -42.39
N GLN O 161 -97.85 27.33 -43.17
CA GLN O 161 -97.86 27.08 -44.61
C GLN O 161 -96.59 27.65 -45.28
N ILE O 162 -96.14 28.83 -44.83
CA ILE O 162 -94.88 29.38 -45.35
C ILE O 162 -93.72 28.46 -45.01
N ASN O 163 -93.69 27.92 -43.79
CA ASN O 163 -92.57 27.06 -43.38
C ASN O 163 -92.54 25.77 -44.19
N GLY O 164 -93.70 25.16 -44.45
CA GLY O 164 -93.74 23.98 -45.29
C GLY O 164 -93.33 24.25 -46.73
N LEU O 165 -93.78 25.39 -47.28
CA LEU O 165 -93.44 25.71 -48.66
C LEU O 165 -91.97 26.09 -48.81
N ARG O 166 -91.37 26.67 -47.77
CA ARG O 166 -89.92 26.88 -47.81
C ARG O 166 -89.19 25.54 -47.88
N LYS O 167 -89.65 24.54 -47.12
CA LYS O 167 -89.03 23.22 -47.20
C LYS O 167 -89.18 22.64 -48.61
N LEU O 168 -90.32 22.89 -49.26
CA LEU O 168 -90.49 22.41 -50.64
C LEU O 168 -89.52 23.10 -51.59
N GLN O 169 -89.34 24.41 -51.45
CA GLN O 169 -88.38 25.14 -52.27
C GLN O 169 -86.96 24.62 -52.06
N TYR O 170 -86.60 24.27 -50.82
CA TYR O 170 -85.26 23.82 -50.49
C TYR O 170 -85.15 22.30 -50.34
N PHE O 171 -86.05 21.57 -50.99
CA PHE O 171 -86.19 20.14 -50.74
C PHE O 171 -84.86 19.40 -50.87
N GLN O 172 -84.11 19.65 -51.92
CA GLN O 172 -82.90 18.86 -52.17
C GLN O 172 -81.88 19.05 -51.05
N TYR O 173 -81.86 20.25 -50.45
CA TYR O 173 -80.94 20.51 -49.36
C TYR O 173 -81.38 19.81 -48.08
N LEU O 174 -82.69 19.72 -47.84
CA LEU O 174 -83.18 19.17 -46.58
C LEU O 174 -83.39 17.66 -46.66
N ALA O 175 -83.97 17.16 -47.75
CA ALA O 175 -84.23 15.74 -47.90
C ALA O 175 -83.03 14.99 -48.47
N LYS O 176 -82.09 15.69 -49.11
CA LYS O 176 -80.85 15.13 -49.65
C LYS O 176 -81.07 14.26 -50.89
N HIS O 177 -82.17 14.48 -51.61
CA HIS O 177 -82.42 13.75 -52.85
C HIS O 177 -83.48 14.49 -53.62
N ASP O 178 -83.73 14.02 -54.84
CA ASP O 178 -84.68 14.64 -55.73
C ASP O 178 -86.12 14.35 -55.28
N GLY O 179 -87.04 15.17 -55.76
CA GLY O 179 -88.46 14.93 -55.57
C GLY O 179 -88.86 13.49 -55.86
N GLU O 180 -89.71 12.95 -54.98
CA GLU O 180 -90.17 11.54 -55.07
C GLU O 180 -90.81 11.25 -56.43
N LEU O 181 -90.41 10.12 -57.05
CA LEU O 181 -91.00 9.66 -58.29
C LEU O 181 -92.26 8.86 -57.99
N GLY O 182 -93.30 9.13 -58.77
CA GLY O 182 -94.53 8.37 -58.68
C GLY O 182 -94.45 7.04 -59.41
N LYS O 183 -95.59 6.36 -59.47
CA LYS O 183 -95.67 5.06 -60.13
C LYS O 183 -95.24 5.16 -61.59
N ASN O 184 -95.60 6.26 -62.27
CA ASN O 184 -95.25 6.44 -63.67
C ASN O 184 -93.81 6.87 -63.87
N GLY O 185 -93.05 7.02 -62.79
CA GLY O 185 -91.64 7.32 -62.85
C GLY O 185 -91.31 8.79 -62.86
N LYS O 186 -92.30 9.66 -62.63
CA LYS O 186 -92.13 11.10 -62.71
C LYS O 186 -92.50 11.77 -61.40
N PRO O 187 -91.86 12.89 -61.07
CA PRO O 187 -92.20 13.60 -59.84
C PRO O 187 -93.49 14.38 -60.01
N VAL O 188 -93.98 14.91 -58.89
CA VAL O 188 -95.21 15.68 -58.88
C VAL O 188 -95.08 16.93 -59.74
N LYS O 189 -96.18 17.30 -60.41
CA LYS O 189 -96.24 18.54 -61.17
C LYS O 189 -96.70 19.67 -60.26
N LEU O 190 -95.83 20.66 -60.07
CA LEU O 190 -96.12 21.82 -59.22
C LEU O 190 -95.51 23.07 -59.87
N PRO O 191 -96.19 24.21 -59.77
CA PRO O 191 -95.59 25.45 -60.26
C PRO O 191 -94.37 25.81 -59.41
N LYS O 192 -93.52 26.66 -59.97
CA LYS O 192 -92.47 27.29 -59.17
C LYS O 192 -93.10 28.31 -58.25
N ILE O 193 -92.73 28.27 -56.97
CA ILE O 193 -93.27 29.22 -55.99
C ILE O 193 -92.31 30.42 -55.95
N GLU O 194 -92.73 31.49 -56.61
CA GLU O 194 -91.92 32.68 -56.85
C GLU O 194 -92.00 33.70 -55.73
N TYR O 195 -93.16 33.80 -55.05
CA TYR O 195 -93.35 34.70 -53.94
C TYR O 195 -94.09 33.96 -52.84
N LEU O 196 -93.62 34.15 -51.60
CA LEU O 196 -94.30 33.64 -50.41
C LEU O 196 -94.69 34.86 -49.58
N ILE O 197 -95.99 35.11 -49.49
CA ILE O 197 -96.54 36.21 -48.71
C ILE O 197 -97.15 35.58 -47.46
N GLY O 198 -96.58 35.89 -46.31
CA GLY O 198 -97.00 35.32 -45.05
C GLY O 198 -97.96 36.25 -44.30
N LEU O 199 -98.86 35.64 -43.54
CA LEU O 199 -99.77 36.38 -42.68
C LEU O 199 -99.34 36.22 -41.23
N LEU O 200 -99.40 37.30 -40.46
CA LEU O 200 -99.29 37.16 -39.02
C LEU O 200 -100.43 36.26 -38.54
N CYS O 201 -100.17 35.50 -37.47
CA CYS O 201 -101.16 34.52 -37.03
C CYS O 201 -100.96 34.16 -35.57
N THR O 202 -102.05 34.31 -34.82
CA THR O 202 -102.08 33.93 -33.40
C THR O 202 -102.61 32.50 -33.29
N GLU O 203 -103.62 32.16 -34.12
CA GLU O 203 -104.28 30.86 -34.11
C GLU O 203 -105.33 30.80 -35.24
N LYS O 204 -105.83 29.59 -35.50
CA LYS O 204 -107.02 29.34 -36.32
C LYS O 204 -107.90 28.33 -35.59
N PHE O 205 -109.13 28.18 -36.08
CA PHE O 205 -110.13 27.32 -35.46
C PHE O 205 -110.60 26.23 -36.41
N GLU O 206 -111.13 25.16 -35.83
CA GLU O 206 -111.90 24.20 -36.61
C GLU O 206 -113.27 24.81 -36.94
N TYR O 207 -113.70 24.63 -38.20
CA TYR O 207 -114.96 25.22 -38.64
C TYR O 207 -116.13 24.81 -37.74
N ASP O 208 -116.27 23.51 -37.46
CA ASP O 208 -117.42 23.06 -36.68
C ASP O 208 -117.38 23.63 -35.26
N GLU O 209 -116.18 23.69 -34.68
CA GLU O 209 -116.02 24.23 -33.31
C GLU O 209 -116.40 25.72 -33.29
N LEU O 210 -115.91 26.50 -34.26
CA LEU O 210 -116.23 27.92 -34.30
C LEU O 210 -117.73 28.14 -34.46
N LYS O 211 -118.36 27.37 -35.36
CA LYS O 211 -119.80 27.54 -35.61
C LYS O 211 -120.63 27.19 -34.37
N GLU O 212 -120.24 26.14 -33.64
CA GLU O 212 -120.94 25.79 -32.41
C GLU O 212 -120.76 26.88 -31.36
N THR O 213 -119.52 27.36 -31.19
CA THR O 213 -119.27 28.43 -30.24
C THR O 213 -120.13 29.65 -30.55
N LEU O 214 -120.13 30.09 -31.81
CA LEU O 214 -120.96 31.22 -32.20
C LEU O 214 -122.43 30.98 -31.88
N ALA O 215 -122.90 29.74 -32.07
CA ALA O 215 -124.30 29.46 -31.76
C ALA O 215 -124.62 29.74 -30.31
N LYS O 216 -123.63 29.58 -29.41
CA LYS O 216 -123.87 29.83 -27.99
C LYS O 216 -124.11 31.31 -27.70
N TYR O 217 -123.47 32.17 -28.50
CA TYR O 217 -123.65 33.64 -28.38
C TYR O 217 -124.81 34.07 -29.27
N ASN O 218 -125.66 33.10 -29.64
CA ASN O 218 -126.85 33.33 -30.50
C ASN O 218 -126.43 33.99 -31.83
N ILE O 219 -125.33 33.49 -32.42
CA ILE O 219 -124.82 34.04 -33.71
C ILE O 219 -124.82 32.90 -34.73
N ASN O 220 -125.51 33.10 -35.85
CA ASN O 220 -125.49 32.13 -36.94
C ASN O 220 -124.33 32.47 -37.85
N MET O 221 -123.36 31.55 -37.94
CA MET O 221 -122.14 31.84 -38.69
C MET O 221 -122.42 32.13 -40.16
N ASP O 222 -123.45 31.51 -40.74
CA ASP O 222 -123.76 31.70 -42.15
C ASP O 222 -124.09 33.16 -42.47
N ASP O 223 -124.55 33.93 -41.49
CA ASP O 223 -124.92 35.32 -41.72
C ASP O 223 -123.79 36.30 -41.39
N VAL O 224 -122.67 35.82 -40.87
CA VAL O 224 -121.59 36.70 -40.45
C VAL O 224 -120.97 37.37 -41.67
N GLU O 225 -120.81 38.69 -41.61
CA GLU O 225 -120.27 39.46 -42.73
C GLU O 225 -118.76 39.62 -42.68
N LYS O 226 -118.16 39.66 -41.49
CA LYS O 226 -116.71 39.77 -41.37
C LYS O 226 -116.28 39.25 -40.02
N PHE O 227 -115.18 38.49 -40.01
CA PHE O 227 -114.50 38.11 -38.79
C PHE O 227 -113.23 38.95 -38.65
N ASP O 228 -112.74 39.07 -37.40
CA ASP O 228 -111.49 39.75 -37.13
C ASP O 228 -110.97 39.29 -35.77
N ILE O 229 -109.64 39.31 -35.62
CA ILE O 229 -109.01 39.06 -34.33
C ILE O 229 -108.21 40.30 -33.99
N LYS O 230 -108.66 41.04 -32.97
CA LYS O 230 -108.00 42.26 -32.51
C LYS O 230 -107.97 42.25 -30.99
N LYS O 231 -106.82 42.62 -30.43
CA LYS O 231 -106.64 42.78 -28.96
C LYS O 231 -107.13 41.55 -28.19
N GLY O 232 -106.82 40.35 -28.69
CA GLY O 232 -107.14 39.13 -27.98
C GLY O 232 -108.62 38.76 -27.99
N LYS O 233 -109.39 39.32 -28.92
CA LYS O 233 -110.80 38.98 -29.06
C LYS O 233 -111.10 38.61 -30.50
N LEU O 234 -112.05 37.71 -30.66
CA LEU O 234 -112.64 37.46 -31.98
C LEU O 234 -113.78 38.45 -32.18
N LEU O 235 -113.68 39.26 -33.22
CA LEU O 235 -114.72 40.23 -33.56
C LEU O 235 -115.61 39.62 -34.63
N VAL O 236 -116.92 39.67 -34.39
CA VAL O 236 -117.92 39.04 -35.28
C VAL O 236 -118.89 40.13 -35.73
N TYR O 237 -118.80 40.49 -37.01
CA TYR O 237 -119.66 41.53 -37.58
C TYR O 237 -120.83 40.82 -38.26
N VAL O 238 -122.03 40.95 -37.68
CA VAL O 238 -123.23 40.24 -38.20
C VAL O 238 -124.50 41.01 -37.83
N ASN O 239 -125.43 41.12 -38.79
CA ASN O 239 -126.75 41.79 -38.62
C ASN O 239 -126.58 43.25 -38.16
N GLY O 240 -125.56 43.96 -38.68
CA GLY O 240 -125.30 45.36 -38.34
C GLY O 240 -124.75 45.55 -36.93
N GLU O 241 -124.23 44.49 -36.30
CA GLU O 241 -123.70 44.60 -34.92
C GLU O 241 -122.26 44.07 -34.86
N GLU O 242 -121.52 44.51 -33.85
CA GLU O 242 -120.17 44.02 -33.57
C GLU O 242 -120.23 43.19 -32.30
N HIS O 243 -119.88 41.91 -32.40
CA HIS O 243 -119.77 41.04 -31.24
C HIS O 243 -118.29 40.78 -30.96
N LYS O 244 -117.90 40.86 -29.70
CA LYS O 244 -116.53 40.58 -29.28
C LYS O 244 -116.56 39.34 -28.39
N ILE O 245 -115.76 38.35 -28.74
CA ILE O 245 -115.69 37.09 -28.00
C ILE O 245 -114.24 36.86 -27.58
N PRO O 246 -113.91 36.89 -26.29
CA PRO O 246 -112.53 36.61 -25.89
C PRO O 246 -112.04 35.27 -26.45
N LEU O 247 -110.85 35.31 -27.07
CA LEU O 247 -110.30 34.10 -27.67
C LEU O 247 -110.19 32.99 -26.63
N LYS O 248 -109.99 33.36 -25.38
CA LYS O 248 -109.96 32.40 -24.28
C LYS O 248 -111.14 31.44 -24.27
N GLU O 249 -112.26 31.80 -24.88
CA GLU O 249 -113.46 31.00 -24.78
C GLU O 249 -113.71 30.14 -26.01
N ILE O 250 -112.79 30.15 -26.98
CA ILE O 250 -112.92 29.37 -28.21
C ILE O 250 -111.74 28.42 -28.27
N GLU O 251 -112.04 27.15 -28.56
CA GLU O 251 -111.02 26.08 -28.68
C GLU O 251 -110.30 26.27 -30.01
N LEU O 252 -108.98 26.49 -29.97
CA LEU O 252 -108.22 26.70 -31.22
C LEU O 252 -107.86 25.34 -31.82
N SER O 253 -107.46 25.32 -33.10
CA SER O 253 -107.00 24.06 -33.75
C SER O 253 -105.84 23.51 -32.91
N ALA O 254 -105.84 22.20 -32.65
CA ALA O 254 -104.90 21.65 -31.67
C ALA O 254 -103.45 21.97 -32.02
N GLY O 255 -103.10 21.90 -33.31
CA GLY O 255 -101.72 22.13 -33.73
C GLY O 255 -101.22 23.54 -33.45
N CYS O 256 -102.12 24.50 -33.29
CA CYS O 256 -101.68 25.86 -32.99
C CYS O 256 -100.98 25.94 -31.63
N LYS O 257 -101.30 25.02 -30.71
CA LYS O 257 -100.65 25.02 -29.41
C LYS O 257 -99.18 24.63 -29.49
N MET O 258 -98.76 23.96 -30.56
CA MET O 258 -97.37 23.58 -30.78
C MET O 258 -96.66 24.50 -31.76
N CYS O 259 -97.17 25.72 -31.95
CA CYS O 259 -96.63 26.66 -32.94
C CYS O 259 -95.72 27.67 -32.28
N ARG O 260 -94.66 28.07 -33.00
CA ARG O 260 -93.68 29.03 -32.51
C ARG O 260 -93.62 30.33 -33.30
N ASP O 261 -94.20 30.38 -34.49
CA ASP O 261 -93.92 31.40 -35.51
C ASP O 261 -95.13 32.30 -35.62
N PHE O 262 -95.05 33.48 -35.00
CA PHE O 262 -96.19 34.39 -35.04
C PHE O 262 -96.23 35.20 -36.34
N ASP O 263 -95.08 35.70 -36.80
CA ASP O 263 -95.06 36.70 -37.88
C ASP O 263 -94.61 36.15 -39.23
N ALA O 264 -94.73 34.84 -39.45
CA ALA O 264 -94.35 34.23 -40.71
C ALA O 264 -92.92 34.67 -41.08
N GLU O 265 -92.01 34.40 -40.14
CA GLU O 265 -90.60 34.89 -40.19
C GLU O 265 -89.82 34.44 -41.44
N MET O 266 -90.30 33.40 -42.14
CA MET O 266 -89.56 32.91 -43.33
C MET O 266 -90.16 33.44 -44.63
N ALA O 267 -91.20 34.26 -44.55
CA ALA O 267 -91.86 34.73 -45.80
C ALA O 267 -91.02 35.82 -46.48
N ASP O 268 -91.24 36.00 -47.78
CA ASP O 268 -90.61 37.13 -48.49
C ASP O 268 -91.09 38.46 -47.90
N VAL O 269 -92.38 38.54 -47.61
CA VAL O 269 -92.98 39.67 -46.92
C VAL O 269 -94.11 39.12 -46.08
N SER O 270 -94.27 39.63 -44.86
CA SER O 270 -95.32 39.22 -43.95
C SER O 270 -96.25 40.40 -43.69
N VAL O 271 -97.55 40.13 -43.56
CA VAL O 271 -98.56 41.18 -43.46
C VAL O 271 -99.52 40.82 -42.34
N GLY O 272 -99.81 41.81 -41.48
CA GLY O 272 -100.78 41.64 -40.42
C GLY O 272 -101.43 42.94 -40.01
N CYS O 273 -102.15 42.93 -38.88
CA CYS O 273 -102.74 44.15 -38.35
C CYS O 273 -102.02 44.70 -37.13
N VAL O 274 -101.39 43.84 -36.32
CA VAL O 274 -100.78 44.30 -35.09
C VAL O 274 -99.63 45.24 -35.42
N GLY O 275 -99.50 46.32 -34.63
CA GLY O 275 -98.44 47.27 -34.82
C GLY O 275 -98.75 48.43 -35.75
N SER O 276 -99.86 48.40 -36.48
CA SER O 276 -100.21 49.46 -37.40
C SER O 276 -101.63 49.97 -37.12
N PRO O 277 -101.93 51.22 -37.45
CA PRO O 277 -103.25 51.77 -37.11
C PRO O 277 -104.36 51.06 -37.89
N ASP O 278 -105.57 51.12 -37.31
CA ASP O 278 -106.73 50.48 -37.92
C ASP O 278 -106.92 50.97 -39.36
N GLY O 279 -107.23 50.04 -40.25
CA GLY O 279 -107.42 50.34 -41.65
C GLY O 279 -106.17 50.23 -42.48
N TYR O 280 -105.00 50.07 -41.85
CA TYR O 280 -103.74 49.81 -42.52
C TYR O 280 -103.33 48.38 -42.25
N SER O 281 -102.43 47.87 -43.08
CA SER O 281 -101.79 46.58 -42.83
C SER O 281 -100.32 46.78 -42.48
N THR O 282 -99.85 46.04 -41.47
CA THR O 282 -98.43 45.99 -41.15
C THR O 282 -97.70 45.16 -42.20
N VAL O 283 -96.52 45.63 -42.58
CA VAL O 283 -95.72 45.03 -43.67
C VAL O 283 -94.29 44.85 -43.17
N ILE O 284 -93.83 43.61 -43.13
CA ILE O 284 -92.47 43.25 -42.75
C ILE O 284 -91.81 42.64 -43.97
N ILE O 285 -90.90 43.40 -44.58
CA ILE O 285 -90.20 42.97 -45.79
C ILE O 285 -88.93 42.25 -45.37
N ARG O 286 -88.71 41.09 -45.96
CA ARG O 286 -87.61 40.22 -45.53
C ARG O 286 -86.69 39.76 -46.65
N THR O 287 -87.10 39.82 -47.92
CA THR O 287 -86.25 39.41 -49.03
C THR O 287 -86.41 40.42 -50.17
N GLU O 288 -85.54 40.29 -51.19
CA GLU O 288 -85.67 41.14 -52.37
C GLU O 288 -86.98 40.86 -53.12
N LYS O 289 -87.45 39.61 -53.12
CA LYS O 289 -88.79 39.34 -53.65
C LYS O 289 -89.83 40.18 -52.91
N GLY O 290 -89.76 40.19 -51.58
CA GLY O 290 -90.73 40.95 -50.81
C GLY O 290 -90.57 42.45 -51.01
N GLU O 291 -89.35 42.90 -51.28
CA GLU O 291 -89.12 44.33 -51.51
C GLU O 291 -89.95 44.85 -52.67
N GLU O 292 -90.37 43.99 -53.59
CA GLU O 292 -91.16 44.46 -54.73
C GLU O 292 -92.50 45.04 -54.29
N ILE O 293 -92.96 44.74 -53.07
CA ILE O 293 -94.20 45.33 -52.58
C ILE O 293 -94.11 46.84 -52.49
N LYS O 294 -92.89 47.41 -52.44
CA LYS O 294 -92.74 48.86 -52.40
C LYS O 294 -93.23 49.51 -53.69
N ASN O 295 -93.22 48.76 -54.79
CA ASN O 295 -93.77 49.27 -56.05
C ASN O 295 -95.29 49.19 -56.11
N ALA O 296 -95.90 48.39 -55.24
CA ALA O 296 -97.35 48.19 -55.27
C ALA O 296 -98.09 48.98 -54.20
N ILE O 297 -97.40 49.38 -53.13
CA ILE O 297 -98.02 50.00 -51.96
C ILE O 297 -97.21 51.23 -51.56
N GLU O 298 -97.91 52.31 -51.26
CA GLU O 298 -97.32 53.51 -50.66
C GLU O 298 -97.09 53.21 -49.18
N LEU O 299 -95.84 52.94 -48.81
CA LEU O 299 -95.53 52.48 -47.46
C LEU O 299 -95.09 53.64 -46.56
N LYS O 300 -95.51 53.56 -45.30
CA LYS O 300 -95.15 54.51 -44.26
C LYS O 300 -94.34 53.79 -43.19
N GLU O 301 -93.46 54.54 -42.53
CA GLU O 301 -92.73 54.03 -41.37
C GLU O 301 -93.50 54.37 -40.09
N GLY O 302 -93.18 53.68 -39.01
CA GLY O 302 -93.78 53.99 -37.72
C GLY O 302 -94.52 52.84 -37.05
N VAL O 303 -94.18 51.61 -37.42
CA VAL O 303 -94.81 50.45 -36.82
C VAL O 303 -94.47 50.38 -35.34
N ASN O 304 -95.45 50.00 -34.53
CA ASN O 304 -95.23 49.78 -33.10
C ASN O 304 -94.57 48.42 -32.96
N LEU O 305 -93.24 48.40 -32.82
CA LEU O 305 -92.51 47.14 -32.82
C LEU O 305 -92.81 46.30 -31.58
N GLU O 306 -93.02 46.95 -30.43
CA GLU O 306 -93.26 46.18 -29.21
C GLU O 306 -94.62 45.48 -29.23
N ALA O 307 -95.62 46.10 -29.86
CA ALA O 307 -96.90 45.43 -30.02
C ALA O 307 -96.73 44.08 -30.72
N ILE O 308 -95.84 44.04 -31.73
CA ILE O 308 -95.58 42.80 -32.44
C ILE O 308 -94.80 41.85 -31.54
N GLU O 309 -93.79 42.38 -30.84
CA GLU O 309 -92.97 41.52 -29.98
C GLU O 309 -93.82 40.85 -28.92
N LYS O 310 -94.82 41.56 -28.39
CA LYS O 310 -95.66 40.98 -27.34
C LYS O 310 -96.39 39.73 -27.85
N LEU O 311 -96.80 39.73 -29.12
CA LEU O 311 -97.50 38.55 -29.65
C LEU O 311 -96.54 37.43 -30.00
N ARG O 312 -95.30 37.77 -30.41
CA ARG O 312 -94.28 36.74 -30.50
C ARG O 312 -94.12 36.04 -29.15
N ASP O 313 -94.07 36.82 -28.07
CA ASP O 313 -93.85 36.25 -26.74
C ASP O 313 -95.06 35.45 -26.27
N LEU O 314 -96.26 35.95 -26.52
CA LEU O 314 -97.47 35.19 -26.22
C LEU O 314 -97.41 33.80 -26.85
N LYS O 315 -97.09 33.74 -28.14
CA LYS O 315 -97.13 32.46 -28.83
C LYS O 315 -96.05 31.52 -28.32
N LEU O 316 -94.84 32.03 -28.09
CA LEU O 316 -93.77 31.19 -27.56
C LEU O 316 -94.10 30.69 -26.17
N ASN O 317 -94.71 31.53 -25.33
CA ASN O 317 -95.09 31.08 -24.00
C ASN O 317 -96.17 30.01 -24.09
N ARG O 318 -97.10 30.15 -25.03
CA ARG O 318 -98.11 29.11 -25.24
C ARG O 318 -97.46 27.80 -25.65
N PHE O 319 -96.48 27.89 -26.57
CA PHE O 319 -95.72 26.73 -27.03
C PHE O 319 -94.98 26.06 -25.87
N LYS O 320 -94.28 26.84 -25.05
CA LYS O 320 -93.52 26.27 -23.95
C LYS O 320 -94.43 25.56 -22.95
N LYS O 321 -95.60 26.17 -22.69
CA LYS O 321 -96.60 25.60 -21.74
C LYS O 321 -97.07 24.25 -22.28
N GLU O 322 -97.32 24.13 -23.59
CA GLU O 322 -97.78 22.88 -24.18
C GLU O 322 -96.69 21.82 -24.25
N VAL O 323 -95.46 22.22 -24.56
CA VAL O 323 -94.37 21.25 -24.59
C VAL O 323 -94.13 20.69 -23.19
N GLU O 324 -94.13 21.55 -22.17
CA GLU O 324 -93.96 21.07 -20.80
C GLU O 324 -95.10 20.14 -20.39
N ARG O 325 -96.34 20.49 -20.76
CA ARG O 325 -97.46 19.59 -20.49
C ARG O 325 -97.21 18.22 -21.09
N ARG O 326 -96.85 18.18 -22.38
CA ARG O 326 -96.57 16.91 -23.05
C ARG O 326 -95.42 16.17 -22.37
N LYS O 327 -94.38 16.89 -21.99
CA LYS O 327 -93.26 16.27 -21.28
C LYS O 327 -93.75 15.56 -20.03
N ALA O 328 -94.61 16.21 -19.26
CA ALA O 328 -95.09 15.64 -18.01
C ALA O 328 -95.94 14.39 -18.24
N GLU O 329 -96.62 14.30 -19.39
CA GLU O 329 -97.53 13.20 -19.66
C GLU O 329 -96.96 12.14 -20.60
N ASP O 330 -95.69 12.23 -20.96
CA ASP O 330 -95.07 11.33 -21.92
C ASP O 330 -95.79 11.34 -23.26
N GLU O 331 -96.42 12.46 -23.61
CA GLU O 331 -97.05 12.59 -24.91
C GLU O 331 -96.01 12.85 -25.98
N LYS O 332 -96.43 12.66 -27.23
CA LYS O 332 -95.55 12.87 -28.36
C LYS O 332 -95.10 14.32 -28.45
N VAL O 333 -93.80 14.52 -28.68
CA VAL O 333 -93.24 15.81 -29.03
C VAL O 333 -92.29 15.61 -30.20
N SER O 334 -92.53 16.31 -31.30
CA SER O 334 -91.58 16.34 -32.41
C SER O 334 -90.74 17.58 -32.21
N PHE O 335 -89.44 17.39 -31.99
CA PHE O 335 -88.53 18.51 -31.70
C PHE O 335 -88.12 19.23 -33.00
N TYR O 336 -89.12 19.75 -33.70
CA TYR O 336 -88.90 20.23 -35.06
C TYR O 336 -88.04 21.50 -35.10
N TRP O 337 -87.95 22.23 -33.99
CA TRP O 337 -87.19 23.47 -33.92
C TRP O 337 -85.70 23.26 -33.65
N THR O 338 -85.25 22.03 -33.39
CA THR O 338 -83.79 21.84 -33.26
C THR O 338 -83.07 22.26 -34.54
N ALA O 339 -83.70 22.07 -35.70
CA ALA O 339 -83.12 22.47 -36.98
C ALA O 339 -83.10 23.98 -37.16
N ASP O 340 -83.65 24.74 -36.20
CA ASP O 340 -83.46 26.18 -36.20
C ASP O 340 -82.01 26.57 -35.95
N TYR O 341 -81.18 25.66 -35.44
CA TYR O 341 -79.87 25.99 -34.92
C TYR O 341 -78.77 25.23 -35.63
N GLY O 342 -77.69 25.92 -35.94
CA GLY O 342 -76.53 25.25 -36.50
C GLY O 342 -75.85 24.39 -35.47
N GLY O 343 -75.21 23.32 -35.95
CA GLY O 343 -74.40 22.45 -35.11
C GLY O 343 -75.16 21.41 -34.33
N VAL O 344 -76.46 21.24 -34.57
CA VAL O 344 -77.28 20.29 -33.83
C VAL O 344 -77.51 19.06 -34.70
N GLY O 345 -77.21 17.89 -34.15
CA GLY O 345 -77.44 16.63 -34.85
C GLY O 345 -78.17 15.64 -33.97
N LYS O 346 -78.91 14.76 -34.63
CA LYS O 346 -79.66 13.70 -33.92
C LYS O 346 -78.74 12.50 -33.76
N ARG O 347 -78.64 11.98 -32.52
CA ARG O 347 -77.92 10.73 -32.27
C ARG O 347 -78.77 9.53 -32.66
N ALA O 348 -78.14 8.36 -32.66
CA ALA O 348 -78.87 7.15 -32.98
C ALA O 348 -79.91 6.78 -31.93
N ASP O 349 -79.71 7.23 -30.68
CA ASP O 349 -80.48 6.70 -29.56
C ASP O 349 -81.57 7.64 -29.03
N GLY O 350 -81.96 8.65 -29.81
CA GLY O 350 -83.05 9.53 -29.45
C GLY O 350 -82.70 10.82 -28.75
N THR O 351 -81.44 11.04 -28.38
CA THR O 351 -80.93 12.33 -27.94
C THR O 351 -80.21 13.03 -29.10
N TYR O 352 -79.61 14.18 -28.79
CA TYR O 352 -78.97 15.06 -29.75
C TYR O 352 -77.51 15.28 -29.36
N PHE O 353 -76.68 15.67 -30.33
CA PHE O 353 -75.34 16.20 -30.09
C PHE O 353 -75.31 17.64 -30.57
N ILE O 354 -74.49 18.45 -29.88
CA ILE O 354 -74.31 19.89 -30.19
C ILE O 354 -72.82 20.12 -30.49
N ARG O 355 -72.50 20.50 -31.72
CA ARG O 355 -71.12 20.70 -32.15
C ARG O 355 -70.75 22.18 -32.02
N ILE O 356 -69.73 22.46 -31.23
CA ILE O 356 -69.18 23.82 -31.10
C ILE O 356 -68.12 23.95 -32.19
N ARG O 357 -68.38 24.80 -33.17
CA ARG O 357 -67.48 24.93 -34.32
C ARG O 357 -66.05 25.11 -33.87
N ALA O 358 -65.15 24.27 -34.38
CA ALA O 358 -63.77 24.29 -33.91
C ALA O 358 -63.17 25.68 -34.02
N LYS O 359 -62.43 26.09 -32.98
CA LYS O 359 -61.72 27.35 -32.95
C LYS O 359 -60.40 27.22 -33.71
N PRO O 360 -59.89 28.32 -34.28
CA PRO O 360 -58.71 28.24 -35.14
C PRO O 360 -57.51 27.54 -34.53
N ALA O 361 -56.98 26.55 -35.27
CA ALA O 361 -55.81 25.75 -34.92
C ALA O 361 -56.02 24.95 -33.63
N GLY O 362 -57.28 24.86 -33.20
CA GLY O 362 -57.59 24.08 -32.02
C GLY O 362 -57.15 24.66 -30.71
N TRP O 363 -56.82 25.97 -30.66
CA TRP O 363 -56.45 26.62 -29.40
C TRP O 363 -57.73 27.02 -28.64
N TYR O 364 -57.77 26.67 -27.36
CA TYR O 364 -58.86 27.10 -26.47
C TYR O 364 -58.23 27.63 -25.19
N SER O 365 -58.74 28.77 -24.70
CA SER O 365 -58.32 29.23 -23.39
C SER O 365 -58.83 28.26 -22.32
N ILE O 366 -58.11 28.21 -21.19
CA ILE O 366 -58.57 27.36 -20.10
C ILE O 366 -59.96 27.79 -19.67
N ASP O 367 -60.20 29.10 -19.61
CA ASP O 367 -61.53 29.58 -19.21
C ASP O 367 -62.60 29.17 -20.22
N GLU O 368 -62.31 29.28 -21.52
CA GLU O 368 -63.29 28.86 -22.53
C GLU O 368 -63.66 27.39 -22.35
N ALA O 369 -62.66 26.52 -22.19
CA ALA O 369 -62.93 25.10 -22.04
C ALA O 369 -63.76 24.82 -20.79
N ARG O 370 -63.44 25.49 -19.69
CA ARG O 370 -64.20 25.31 -18.45
C ARG O 370 -65.65 25.72 -18.63
N GLU O 371 -65.91 26.79 -19.40
CA GLU O 371 -67.29 27.20 -19.63
C GLU O 371 -68.07 26.16 -20.42
N ILE O 372 -67.40 25.54 -21.41
CA ILE O 372 -68.06 24.48 -22.17
C ILE O 372 -68.42 23.32 -21.25
N LEU O 373 -67.48 22.91 -20.40
CA LEU O 373 -67.72 21.78 -19.52
C LEU O 373 -68.82 22.11 -18.52
N GLU O 374 -68.86 23.37 -18.06
CA GLU O 374 -69.91 23.80 -17.10
C GLU O 374 -71.28 23.64 -17.74
N ILE O 375 -71.42 24.08 -19.00
CA ILE O 375 -72.70 24.00 -19.68
C ILE O 375 -73.06 22.55 -20.00
N ALA O 376 -72.08 21.76 -20.44
CA ALA O 376 -72.33 20.35 -20.68
C ALA O 376 -72.81 19.67 -19.40
N GLU O 377 -72.16 19.96 -18.28
CA GLU O 377 -72.55 19.36 -17.02
C GLU O 377 -73.99 19.71 -16.66
N LYS O 378 -74.38 20.96 -16.88
CA LYS O 378 -75.71 21.41 -16.50
C LYS O 378 -76.78 20.59 -17.20
N TYR O 379 -76.52 20.17 -18.45
CA TYR O 379 -77.50 19.44 -19.23
C TYR O 379 -77.19 17.95 -19.33
N ASP O 380 -76.30 17.49 -18.43
CA ASP O 380 -75.83 16.08 -18.33
C ASP O 380 -75.28 15.59 -19.68
N GLY O 381 -74.58 16.49 -20.39
CA GLY O 381 -73.96 16.16 -21.66
C GLY O 381 -72.62 15.48 -21.49
N LYS O 382 -72.21 14.77 -22.53
CA LYS O 382 -70.96 14.03 -22.55
C LYS O 382 -70.04 14.58 -23.63
N ILE O 383 -68.76 14.73 -23.30
CA ILE O 383 -67.79 15.41 -24.16
C ILE O 383 -67.14 14.44 -25.13
N LYS O 384 -67.15 14.80 -26.40
CA LYS O 384 -66.44 14.10 -27.47
C LYS O 384 -65.62 15.13 -28.26
N MET O 385 -64.33 14.84 -28.45
CA MET O 385 -63.43 15.73 -29.23
C MET O 385 -63.39 15.21 -30.67
N THR O 386 -63.72 16.07 -31.65
CA THR O 386 -63.75 15.64 -33.04
C THR O 386 -62.36 15.71 -33.64
N ASN O 387 -62.21 15.07 -34.82
CA ASN O 387 -60.94 15.09 -35.53
C ASN O 387 -60.72 16.37 -36.35
N ARG O 388 -61.57 17.39 -36.15
CA ARG O 388 -61.26 18.76 -36.57
C ARG O 388 -61.07 19.70 -35.38
N GLY O 389 -60.89 19.14 -34.18
CA GLY O 389 -60.55 19.94 -33.01
C GLY O 389 -61.70 20.61 -32.32
N ALA O 390 -62.92 20.10 -32.47
CA ALA O 390 -64.11 20.70 -31.89
C ALA O 390 -64.57 19.92 -30.67
N PHE O 391 -65.13 20.66 -29.72
CA PHE O 391 -65.95 20.09 -28.66
C PHE O 391 -67.33 19.78 -29.21
N GLU O 392 -67.77 18.55 -29.00
CA GLU O 392 -69.10 18.09 -29.39
C GLU O 392 -69.75 17.50 -28.14
N ILE O 393 -70.94 17.99 -27.77
CA ILE O 393 -71.57 17.60 -26.52
C ILE O 393 -72.72 16.66 -26.85
N HIS O 394 -72.66 15.45 -26.29
CA HIS O 394 -73.59 14.37 -26.63
C HIS O 394 -74.59 14.08 -25.54
N GLY O 395 -75.75 13.57 -25.95
CA GLY O 395 -76.74 13.06 -25.01
C GLY O 395 -77.76 14.07 -24.58
N ILE O 396 -77.96 15.12 -25.34
CA ILE O 396 -78.84 16.20 -24.94
C ILE O 396 -80.27 15.88 -25.34
N SER O 397 -81.20 16.03 -24.39
CA SER O 397 -82.61 15.82 -24.68
C SER O 397 -83.12 16.88 -25.65
N GLY O 398 -84.02 16.46 -26.54
CA GLY O 398 -84.68 17.43 -27.40
C GLY O 398 -85.35 18.55 -26.63
N PHE O 399 -85.81 18.27 -25.41
CA PHE O 399 -86.40 19.33 -24.59
C PHE O 399 -85.37 20.36 -24.16
N ASP O 400 -84.09 20.00 -24.15
CA ASP O 400 -83.03 20.89 -23.65
C ASP O 400 -82.20 21.53 -24.76
N VAL O 401 -82.36 21.08 -26.01
CA VAL O 401 -81.43 21.50 -27.06
C VAL O 401 -81.44 23.03 -27.19
N GLU O 402 -82.62 23.63 -27.30
CA GLU O 402 -82.70 25.05 -27.56
C GLU O 402 -82.11 25.86 -26.41
N ALA O 403 -82.49 25.52 -25.18
CA ALA O 403 -81.97 26.24 -24.02
C ALA O 403 -80.44 26.13 -23.96
N MET O 404 -79.91 24.94 -24.20
CA MET O 404 -78.43 24.73 -24.14
C MET O 404 -77.73 25.57 -25.22
N VAL O 405 -78.23 25.53 -26.46
CA VAL O 405 -77.58 26.27 -27.54
C VAL O 405 -77.62 27.76 -27.23
N LEU O 406 -78.74 28.26 -26.74
CA LEU O 406 -78.83 29.67 -26.40
C LEU O 406 -77.83 30.04 -25.32
N GLU O 407 -77.63 29.14 -24.35
CA GLU O 407 -76.64 29.38 -23.29
C GLU O 407 -75.22 29.44 -23.87
N LEU O 408 -74.92 28.53 -24.79
CA LEU O 408 -73.63 28.56 -25.46
C LEU O 408 -73.46 29.86 -26.24
N MET O 409 -74.52 30.27 -26.94
CA MET O 409 -74.44 31.50 -27.71
C MET O 409 -74.21 32.68 -26.77
N GLU O 410 -74.81 32.60 -25.59
CA GLU O 410 -74.64 33.70 -24.61
C GLU O 410 -73.16 33.74 -24.18
N LYS O 411 -72.49 32.59 -24.10
CA LYS O 411 -71.07 32.56 -23.66
C LYS O 411 -70.13 33.01 -24.80
N GLY O 412 -70.68 33.26 -25.98
CA GLY O 412 -69.89 33.67 -27.12
C GLY O 412 -69.50 32.54 -28.04
N PHE O 413 -69.97 31.34 -27.79
CA PHE O 413 -69.63 30.18 -28.60
C PHE O 413 -70.57 30.10 -29.79
N ILE O 414 -70.02 29.67 -30.91
CA ILE O 414 -70.78 29.45 -32.14
C ILE O 414 -70.97 27.94 -32.28
N THR O 415 -72.22 27.50 -32.35
CA THR O 415 -72.53 26.11 -32.68
C THR O 415 -72.65 25.99 -34.19
N GLY O 416 -72.02 24.96 -34.76
CA GLY O 416 -72.03 24.86 -36.21
C GLY O 416 -71.13 23.77 -36.72
N SER O 417 -70.57 24.00 -37.92
CA SER O 417 -69.70 23.03 -38.64
C SER O 417 -70.50 21.74 -38.92
N GLU O 418 -71.77 21.91 -39.26
CA GLU O 418 -72.68 20.78 -39.59
C GLU O 418 -73.56 21.17 -40.77
N GLY O 419 -73.93 20.22 -41.63
CA GLY O 419 -74.80 20.51 -42.79
C GLY O 419 -74.05 20.97 -44.03
N PRO O 420 -74.76 21.32 -45.12
CA PRO O 420 -74.10 21.71 -46.38
C PRO O 420 -73.65 23.18 -46.34
N LEU O 421 -72.45 23.40 -45.78
CA LEU O 421 -71.86 24.75 -45.69
C LEU O 421 -70.36 24.61 -45.43
N VAL O 422 -69.66 25.75 -45.34
CA VAL O 422 -68.22 25.78 -45.08
C VAL O 422 -68.01 25.38 -43.62
N ARG O 423 -67.37 24.23 -43.42
CA ARG O 423 -67.12 23.67 -42.10
C ARG O 423 -65.95 24.38 -41.43
N ALA O 424 -65.73 24.04 -40.15
CA ALA O 424 -64.62 24.63 -39.41
C ALA O 424 -63.31 24.38 -40.15
N THR O 425 -62.58 25.47 -40.40
CA THR O 425 -61.27 25.39 -41.03
C THR O 425 -60.29 24.72 -40.08
N LEU O 426 -59.54 23.76 -40.60
CA LEU O 426 -58.62 22.95 -39.80
C LEU O 426 -57.19 23.39 -40.01
N ALA O 427 -56.53 23.83 -38.94
CA ALA O 427 -55.16 24.29 -39.00
C ALA O 427 -54.33 23.67 -37.89
N CYS O 428 -53.04 23.50 -38.15
CA CYS O 428 -52.08 23.03 -37.16
C CYS O 428 -51.48 24.20 -36.39
N PRO O 429 -50.60 23.95 -35.41
CA PRO O 429 -50.04 25.08 -34.64
C PRO O 429 -49.14 25.99 -35.46
N GLY O 430 -48.45 25.48 -36.46
CA GLY O 430 -47.69 26.33 -37.35
C GLY O 430 -46.49 27.05 -36.74
N GLU O 431 -46.07 28.11 -37.43
CA GLU O 431 -44.84 28.80 -37.10
C GLU O 431 -44.84 29.33 -35.68
N GLY O 432 -43.67 29.26 -35.03
CA GLY O 432 -43.51 29.75 -33.68
C GLY O 432 -44.06 28.83 -32.61
N ASN O 433 -44.81 27.79 -32.99
CA ASN O 433 -45.29 26.78 -32.07
C ASN O 433 -44.63 25.45 -32.42
N CYS O 434 -44.94 24.89 -33.59
CA CYS O 434 -44.22 23.73 -34.08
C CYS O 434 -42.87 24.17 -34.65
N GLY O 435 -41.82 23.44 -34.28
CA GLY O 435 -40.48 23.71 -34.79
C GLY O 435 -40.36 23.61 -36.30
N SER O 436 -41.27 22.90 -36.96
CA SER O 436 -41.23 22.80 -38.43
C SER O 436 -42.09 23.86 -39.10
N GLY O 437 -42.81 24.67 -38.34
CA GLY O 437 -43.78 25.58 -38.92
C GLY O 437 -43.12 26.71 -39.71
N LEU O 438 -43.69 26.99 -40.88
CA LEU O 438 -43.22 28.01 -41.79
C LEU O 438 -44.17 29.20 -41.94
N ILE O 439 -45.45 29.04 -41.59
CA ILE O 439 -46.42 30.10 -41.76
C ILE O 439 -47.29 30.21 -40.50
N ASN O 440 -47.91 31.38 -40.35
CA ASN O 440 -48.82 31.65 -39.24
C ASN O 440 -50.18 31.06 -39.59
N THR O 441 -50.31 29.77 -39.28
CA THR O 441 -51.54 29.04 -39.58
C THR O 441 -52.71 29.54 -38.76
N THR O 442 -52.47 29.90 -37.49
CA THR O 442 -53.56 30.33 -36.64
C THR O 442 -54.22 31.59 -37.20
N GLU O 443 -53.39 32.58 -37.59
CA GLU O 443 -53.93 33.83 -38.11
C GLU O 443 -54.62 33.62 -39.46
N LEU O 444 -53.99 32.83 -40.34
CA LEU O 444 -54.65 32.56 -41.61
C LEU O 444 -55.97 31.83 -41.41
N CYS O 445 -56.01 30.88 -40.47
CA CYS O 445 -57.26 30.18 -40.18
C CYS O 445 -58.33 31.13 -39.67
N LYS O 446 -57.95 32.06 -38.78
CA LYS O 446 -58.89 33.06 -38.29
C LYS O 446 -59.41 33.93 -39.42
N ILE O 447 -58.54 34.31 -40.36
CA ILE O 447 -58.96 35.12 -41.50
C ILE O 447 -59.96 34.36 -42.35
N LEU O 448 -59.68 33.09 -42.65
CA LEU O 448 -60.60 32.31 -43.45
C LEU O 448 -61.93 32.11 -42.73
N GLU O 449 -61.88 31.84 -41.42
CA GLU O 449 -63.12 31.71 -40.65
C GLU O 449 -63.90 33.03 -40.65
N ASP O 450 -63.22 34.16 -40.44
CA ASP O 450 -63.90 35.45 -40.40
C ASP O 450 -64.62 35.73 -41.71
N ASN O 451 -64.07 35.27 -42.83
CA ASN O 451 -64.65 35.54 -44.13
C ASN O 451 -65.70 34.52 -44.57
N PHE O 452 -65.58 33.25 -44.17
CA PHE O 452 -66.41 32.20 -44.76
C PHE O 452 -67.15 31.27 -43.81
N LYS O 453 -67.06 31.47 -42.50
CA LYS O 453 -67.64 30.47 -41.60
C LYS O 453 -69.14 30.37 -41.82
N GLU O 454 -69.63 29.13 -41.89
CA GLU O 454 -71.04 28.78 -42.06
C GLU O 454 -71.63 29.25 -43.38
N HIS O 455 -70.80 29.63 -44.35
CA HIS O 455 -71.33 30.07 -45.63
C HIS O 455 -71.94 28.89 -46.37
N PRO O 456 -73.13 29.03 -46.93
CA PRO O 456 -73.77 27.87 -47.56
C PRO O 456 -73.01 27.37 -48.79
N ALA O 457 -73.11 26.06 -49.03
CA ALA O 457 -72.56 25.41 -50.21
C ALA O 457 -73.48 24.26 -50.59
N PRO O 458 -73.38 23.77 -51.84
CA PRO O 458 -74.24 22.63 -52.23
C PRO O 458 -74.10 21.40 -51.34
N TYR O 459 -72.93 21.22 -50.72
CA TYR O 459 -72.62 20.10 -49.85
C TYR O 459 -71.51 20.60 -48.93
N LYS O 460 -71.14 19.78 -47.95
CA LYS O 460 -70.10 20.16 -47.01
C LYS O 460 -68.81 20.55 -47.74
N PHE O 461 -68.14 21.58 -47.21
CA PHE O 461 -66.98 22.21 -47.84
C PHE O 461 -65.95 22.45 -46.74
N LYS O 462 -64.78 21.83 -46.88
CA LYS O 462 -63.79 21.78 -45.81
C LYS O 462 -62.46 22.34 -46.30
N ILE O 463 -61.90 23.25 -45.50
CA ILE O 463 -60.62 23.90 -45.77
C ILE O 463 -59.62 23.47 -44.71
N ALA O 464 -58.38 23.23 -45.12
CA ALA O 464 -57.31 22.89 -44.19
C ALA O 464 -56.06 23.69 -44.51
N ILE O 465 -55.32 24.05 -43.45
CA ILE O 465 -54.09 24.85 -43.52
C ILE O 465 -52.99 24.15 -42.71
N SER O 466 -51.96 23.64 -43.40
CA SER O 466 -50.80 23.08 -42.71
C SER O 466 -49.67 24.11 -42.71
N GLY O 467 -48.87 24.09 -41.64
CA GLY O 467 -47.78 25.05 -41.50
C GLY O 467 -46.56 24.71 -42.33
N CYS O 468 -46.46 23.49 -42.83
CA CYS O 468 -45.32 23.03 -43.60
C CYS O 468 -45.75 21.84 -44.43
N PRO O 469 -44.88 21.34 -45.32
CA PRO O 469 -45.29 20.26 -46.23
C PRO O 469 -45.50 18.90 -45.56
N ASN O 470 -45.25 18.74 -44.25
CA ASN O 470 -45.65 17.48 -43.61
C ASN O 470 -47.17 17.29 -43.64
N LYS O 471 -47.92 18.39 -43.72
CA LYS O 471 -49.35 18.37 -44.05
C LYS O 471 -50.16 17.52 -43.06
N CYS O 472 -49.90 17.76 -41.78
CA CYS O 472 -50.53 16.98 -40.72
C CYS O 472 -52.05 17.04 -40.78
N VAL O 473 -52.61 18.17 -41.23
CA VAL O 473 -54.07 18.34 -41.29
C VAL O 473 -54.63 18.02 -42.68
N ARG O 474 -53.78 17.55 -43.59
CA ARG O 474 -54.13 16.96 -44.88
C ARG O 474 -54.73 17.92 -45.91
N PRO O 475 -54.10 19.06 -46.14
CA PRO O 475 -54.64 20.01 -47.14
C PRO O 475 -54.68 19.47 -48.56
N GLN O 476 -53.90 18.43 -48.88
CA GLN O 476 -53.88 17.92 -50.24
C GLN O 476 -55.10 17.05 -50.56
N ILE O 477 -55.96 16.78 -49.57
CA ILE O 477 -57.22 16.09 -49.83
C ILE O 477 -58.37 16.85 -49.15
N HIS O 478 -58.36 18.17 -49.25
CA HIS O 478 -59.44 19.03 -48.78
C HIS O 478 -60.02 19.81 -49.96
N ASP O 479 -61.26 20.29 -49.78
CA ASP O 479 -61.88 21.09 -50.85
C ASP O 479 -61.02 22.28 -51.23
N ILE O 480 -60.46 22.97 -50.24
CA ILE O 480 -59.38 23.93 -50.41
C ILE O 480 -58.31 23.58 -49.41
N GLY O 481 -57.07 23.50 -49.86
CA GLY O 481 -55.95 23.22 -48.98
C GLY O 481 -54.85 24.25 -49.15
N ILE O 482 -54.21 24.58 -48.04
CA ILE O 482 -53.05 25.46 -48.03
C ILE O 482 -51.94 24.79 -47.23
N ALA O 483 -50.71 24.86 -47.76
CA ALA O 483 -49.55 24.36 -47.07
C ALA O 483 -48.43 25.38 -47.17
N GLY O 484 -47.81 25.70 -46.03
CA GLY O 484 -46.64 26.57 -46.04
C GLY O 484 -45.46 25.85 -46.66
N VAL O 485 -44.72 26.58 -47.50
CA VAL O 485 -43.54 26.05 -48.18
C VAL O 485 -42.41 27.07 -48.13
N LYS O 486 -41.18 26.54 -48.18
CA LYS O 486 -39.98 27.38 -48.20
C LYS O 486 -38.91 26.56 -48.91
N PHE O 487 -38.68 26.87 -50.18
CA PHE O 487 -37.76 26.10 -51.00
C PHE O 487 -36.35 26.68 -50.90
N PRO O 488 -35.32 25.84 -50.90
CA PRO O 488 -33.95 26.32 -50.77
C PRO O 488 -33.27 26.53 -52.12
N VAL O 489 -32.20 27.32 -52.09
CA VAL O 489 -31.24 27.39 -53.19
C VAL O 489 -29.85 27.48 -52.58
N VAL O 490 -28.94 26.62 -53.04
CA VAL O 490 -27.60 26.58 -52.46
C VAL O 490 -26.87 27.88 -52.78
N ASN O 491 -26.18 28.42 -51.76
CA ASN O 491 -25.26 29.58 -51.94
C ASN O 491 -23.89 28.96 -52.27
N GLU O 492 -23.48 29.04 -53.54
CA GLU O 492 -22.23 28.37 -54.02
C GLU O 492 -21.00 28.87 -53.25
N GLU O 493 -20.99 30.14 -52.88
CA GLU O 493 -19.82 30.76 -52.19
C GLU O 493 -19.65 30.21 -50.77
N ASN O 494 -20.75 29.85 -50.09
CA ASN O 494 -20.71 29.39 -48.68
C ASN O 494 -20.66 27.85 -48.52
N CYS O 495 -21.51 27.11 -49.23
CA CYS O 495 -21.56 25.68 -49.10
C CYS O 495 -20.17 25.09 -49.34
N ASN O 496 -19.76 24.21 -48.44
CA ASN O 496 -18.46 23.54 -48.49
C ASN O 496 -18.59 22.02 -48.51
N GLY O 497 -19.79 21.49 -48.74
CA GLY O 497 -20.00 20.05 -48.79
C GLY O 497 -19.90 19.33 -47.47
N CYS O 498 -20.07 20.05 -46.35
CA CYS O 498 -20.01 19.44 -45.02
C CYS O 498 -20.88 18.20 -44.89
N GLY O 499 -22.07 18.22 -45.53
CA GLY O 499 -22.97 17.08 -45.56
C GLY O 499 -24.14 17.18 -44.60
N ARG O 500 -24.17 18.20 -43.73
CA ARG O 500 -25.19 18.21 -42.70
C ARG O 500 -26.63 18.31 -43.25
N CYS O 501 -26.85 19.17 -44.25
CA CYS O 501 -28.22 19.36 -44.78
C CYS O 501 -28.81 18.03 -45.29
N ALA O 502 -28.00 17.17 -45.91
CA ALA O 502 -28.57 15.91 -46.43
C ALA O 502 -29.18 15.04 -45.31
N GLU O 503 -28.63 15.13 -44.09
CA GLU O 503 -29.08 14.26 -42.99
C GLU O 503 -30.47 14.62 -42.50
N VAL O 504 -30.91 15.87 -42.64
CA VAL O 504 -32.23 16.27 -42.16
C VAL O 504 -33.30 16.14 -43.23
N CYS O 505 -32.93 15.78 -44.46
CA CYS O 505 -33.90 15.65 -45.54
C CYS O 505 -34.35 14.19 -45.63
N LYS O 506 -35.51 13.91 -45.03
CA LYS O 506 -35.96 12.51 -44.98
C LYS O 506 -36.30 11.97 -46.36
N ILE O 507 -36.70 12.83 -47.30
CA ILE O 507 -37.03 12.33 -48.64
C ILE O 507 -35.82 12.29 -49.57
N GLU O 508 -34.62 12.66 -49.07
CA GLU O 508 -33.35 12.46 -49.77
C GLU O 508 -33.29 13.20 -51.10
N ALA O 509 -33.62 14.50 -51.05
CA ALA O 509 -33.57 15.36 -52.22
C ALA O 509 -32.22 16.04 -52.41
N ILE O 510 -31.33 15.88 -51.43
CA ILE O 510 -30.03 16.62 -51.44
C ILE O 510 -28.87 15.72 -51.91
N ASP O 511 -28.05 16.25 -52.82
CA ASP O 511 -26.85 15.53 -53.33
C ASP O 511 -25.60 16.24 -52.81
N ILE O 512 -24.83 15.57 -51.94
CA ILE O 512 -23.57 16.16 -51.39
C ILE O 512 -22.46 15.73 -52.34
N ARG O 513 -21.80 16.70 -52.99
CA ARG O 513 -20.78 16.38 -53.99
C ARG O 513 -19.54 17.24 -53.78
N GLY O 514 -18.41 16.60 -53.50
CA GLY O 514 -17.17 17.35 -53.36
C GLY O 514 -17.30 18.44 -52.30
N GLU O 515 -17.08 19.69 -52.71
CA GLU O 515 -17.12 20.83 -51.76
C GLU O 515 -18.41 21.64 -51.94
N THR O 516 -19.49 20.98 -52.37
CA THR O 516 -20.75 21.69 -52.58
C THR O 516 -21.93 20.71 -52.42
N SER O 517 -23.12 21.23 -52.63
CA SER O 517 -24.34 20.46 -52.52
C SER O 517 -25.31 20.90 -53.61
N TYR O 518 -26.31 20.06 -53.86
CA TYR O 518 -27.34 20.33 -54.85
C TYR O 518 -28.68 19.92 -54.28
N THR O 519 -29.75 20.43 -54.89
CA THR O 519 -31.12 20.06 -54.55
C THR O 519 -31.82 19.51 -55.78
N ASN O 520 -32.47 18.36 -55.62
CA ASN O 520 -33.33 17.79 -56.66
C ASN O 520 -34.73 18.38 -56.51
N TYR O 521 -35.04 19.39 -57.33
CA TYR O 521 -36.33 20.07 -57.22
C TYR O 521 -37.49 19.24 -57.74
N ASN O 522 -37.24 18.08 -58.34
CA ASN O 522 -38.32 17.16 -58.67
C ASN O 522 -38.76 16.33 -57.47
N VAL O 523 -38.01 16.40 -56.37
CA VAL O 523 -38.36 15.72 -55.13
C VAL O 523 -38.60 16.70 -53.98
N CYS O 524 -37.79 17.76 -53.92
CA CYS O 524 -37.88 18.76 -52.82
C CYS O 524 -39.32 19.24 -52.64
N ILE O 525 -39.80 19.20 -51.39
CA ILE O 525 -41.15 19.65 -51.07
C ILE O 525 -41.15 21.00 -50.35
N GLY O 526 -39.98 21.64 -50.20
CA GLY O 526 -39.89 22.94 -49.60
C GLY O 526 -40.27 22.94 -48.13
N CYS O 527 -39.66 22.05 -47.35
CA CYS O 527 -39.90 22.05 -45.89
C CYS O 527 -38.94 23.07 -45.25
N GLY O 528 -37.96 23.57 -46.02
CA GLY O 528 -37.05 24.54 -45.54
C GLY O 528 -36.06 24.00 -44.54
N LYS O 529 -36.12 22.70 -44.26
CA LYS O 529 -35.30 22.13 -43.14
C LYS O 529 -33.79 22.28 -43.36
N CYS O 530 -33.31 22.02 -44.57
CA CYS O 530 -31.89 22.19 -44.91
C CYS O 530 -31.44 23.63 -44.63
N ILE O 531 -32.31 24.61 -44.84
CA ILE O 531 -31.91 26.00 -44.64
C ILE O 531 -31.57 26.24 -43.17
N LYS O 532 -32.41 25.73 -42.24
CA LYS O 532 -32.18 25.95 -40.83
C LYS O 532 -31.07 25.07 -40.27
N ALA O 533 -30.83 23.93 -40.87
CA ALA O 533 -29.82 23.03 -40.38
C ALA O 533 -28.42 23.41 -40.82
N CYS O 534 -28.28 24.17 -41.89
CA CYS O 534 -26.95 24.49 -42.39
C CYS O 534 -26.23 25.40 -41.40
N PRO O 535 -25.03 25.02 -40.95
CA PRO O 535 -24.27 25.91 -40.05
C PRO O 535 -23.40 26.91 -40.78
N ASN O 536 -23.43 26.92 -42.11
CA ASN O 536 -22.48 27.69 -42.89
C ASN O 536 -23.16 28.66 -43.85
N GLU O 537 -24.45 28.96 -43.66
CA GLU O 537 -25.18 29.91 -44.55
C GLU O 537 -24.97 29.53 -46.03
N GLY O 538 -25.05 28.23 -46.31
CA GLY O 538 -24.90 27.63 -47.62
C GLY O 538 -26.19 27.49 -48.37
N ARG O 539 -27.34 27.72 -47.73
CA ARG O 539 -28.65 27.60 -48.37
C ARG O 539 -29.47 28.84 -48.10
N ASP O 540 -29.92 29.51 -49.17
CA ASP O 540 -30.80 30.65 -49.08
C ASP O 540 -32.22 30.23 -49.49
N VAL O 541 -33.16 31.15 -49.36
CA VAL O 541 -34.55 30.89 -49.74
C VAL O 541 -34.72 31.19 -51.23
N LYS O 542 -35.16 30.17 -51.98
CA LYS O 542 -35.48 30.34 -53.39
C LYS O 542 -36.87 30.94 -53.57
N GLU O 543 -37.85 30.43 -52.82
CA GLU O 543 -39.25 30.81 -52.95
C GLU O 543 -39.97 30.33 -51.69
N GLU O 544 -40.93 31.11 -51.22
CA GLU O 544 -41.67 30.72 -50.03
C GLU O 544 -43.06 31.36 -50.05
N GLY O 545 -44.01 30.70 -49.39
CA GLY O 545 -45.35 31.26 -49.28
C GLY O 545 -46.39 30.17 -49.04
N PHE O 546 -47.61 30.47 -49.49
CA PHE O 546 -48.77 29.60 -49.27
C PHE O 546 -49.02 28.80 -50.54
N MET O 547 -48.71 27.49 -50.52
CA MET O 547 -49.06 26.61 -51.62
C MET O 547 -50.53 26.21 -51.50
N VAL O 548 -51.25 26.21 -52.63
CA VAL O 548 -52.69 26.02 -52.64
C VAL O 548 -53.08 24.80 -53.48
N TYR O 549 -54.07 24.04 -52.97
CA TYR O 549 -54.68 22.90 -53.65
C TYR O 549 -56.20 23.10 -53.70
N VAL O 550 -56.84 22.67 -54.78
CA VAL O 550 -58.28 22.86 -54.95
C VAL O 550 -58.93 21.55 -55.40
N GLY O 551 -59.96 21.13 -54.69
CA GLY O 551 -60.83 20.06 -55.17
C GLY O 551 -60.52 18.67 -54.66
N GLY O 552 -60.00 18.55 -53.43
CA GLY O 552 -59.77 17.25 -52.83
C GLY O 552 -60.87 16.90 -51.83
N LYS O 553 -60.81 15.66 -51.35
CA LYS O 553 -61.73 15.22 -50.31
C LYS O 553 -61.24 13.91 -49.73
N THR O 554 -61.82 13.58 -48.58
CA THR O 554 -61.74 12.19 -48.08
C THR O 554 -63.20 11.75 -47.90
N GLY O 555 -63.41 10.72 -47.09
CA GLY O 555 -64.75 10.21 -46.86
C GLY O 555 -64.98 8.94 -47.66
N ARG O 556 -66.08 8.92 -48.43
CA ARG O 556 -66.42 7.74 -49.22
C ARG O 556 -65.39 7.47 -50.31
N GLU O 557 -64.70 8.51 -50.77
CA GLU O 557 -63.64 8.41 -51.76
C GLU O 557 -62.49 9.30 -51.31
N VAL O 558 -61.28 8.95 -51.75
CA VAL O 558 -60.10 9.81 -51.57
C VAL O 558 -59.81 10.50 -52.90
N ILE O 559 -59.77 11.83 -52.89
CA ILE O 559 -59.41 12.60 -54.08
C ILE O 559 -58.37 13.65 -53.70
N GLU O 560 -57.23 13.64 -54.39
CA GLU O 560 -56.22 14.67 -54.18
C GLU O 560 -56.57 15.89 -55.01
N GLY O 561 -56.55 17.07 -54.37
CA GLY O 561 -56.84 18.30 -55.06
C GLY O 561 -55.80 18.63 -56.13
N VAL O 562 -56.24 19.49 -57.06
CA VAL O 562 -55.36 20.00 -58.10
C VAL O 562 -54.40 21.00 -57.49
N SER O 563 -53.11 20.74 -57.64
CA SER O 563 -52.11 21.72 -57.21
C SER O 563 -52.21 23.00 -58.03
N MET O 564 -52.19 24.14 -57.35
CA MET O 564 -52.35 25.43 -58.01
C MET O 564 -51.03 26.16 -58.18
N LYS O 565 -50.64 26.93 -57.16
CA LYS O 565 -49.43 27.75 -57.18
C LYS O 565 -49.35 28.44 -55.81
N LEU O 566 -48.29 29.17 -55.56
CA LEU O 566 -48.24 30.02 -54.37
C LEU O 566 -49.17 31.21 -54.55
N MET O 567 -49.88 31.56 -53.50
CA MET O 567 -50.86 32.64 -53.54
C MET O 567 -50.74 33.49 -52.29
N SER O 568 -51.06 34.78 -52.44
CA SER O 568 -51.17 35.68 -51.30
C SER O 568 -52.48 35.46 -50.57
N VAL O 569 -52.58 35.98 -49.34
CA VAL O 569 -53.84 35.82 -48.55
C VAL O 569 -54.99 36.48 -49.32
N GLU O 570 -54.73 37.63 -49.94
CA GLU O 570 -55.79 38.34 -50.70
C GLU O 570 -56.25 37.47 -51.87
N GLU O 571 -55.30 36.79 -52.53
CA GLU O 571 -55.63 35.90 -53.67
C GLU O 571 -56.40 34.67 -53.15
N ILE O 572 -56.03 34.17 -51.97
CA ILE O 572 -56.72 33.00 -51.42
C ILE O 572 -58.16 33.34 -51.08
N LEU O 573 -58.39 34.52 -50.50
CA LEU O 573 -59.75 34.95 -50.19
C LEU O 573 -60.57 35.08 -51.47
N ASN O 574 -59.98 35.67 -52.51
CA ASN O 574 -60.65 35.76 -53.81
C ASN O 574 -60.96 34.38 -54.36
N LEU O 575 -59.98 33.49 -54.31
CA LEU O 575 -60.16 32.14 -54.83
C LEU O 575 -61.29 31.40 -54.14
N ILE O 576 -61.30 31.38 -52.81
CA ILE O 576 -62.31 30.61 -52.11
C ILE O 576 -63.70 31.13 -52.47
N ASP O 577 -63.85 32.46 -52.54
CA ASP O 577 -65.14 33.05 -52.91
C ASP O 577 -65.60 32.59 -54.28
N LYS O 578 -64.69 32.61 -55.26
CA LYS O 578 -65.08 32.25 -56.62
C LYS O 578 -65.25 30.75 -56.79
N VAL O 579 -64.49 29.93 -56.07
CA VAL O 579 -64.72 28.49 -56.10
C VAL O 579 -66.14 28.17 -55.64
N LEU O 580 -66.59 28.81 -54.54
CA LEU O 580 -67.93 28.53 -54.05
C LEU O 580 -69.00 28.95 -55.05
N ILE O 581 -68.77 30.06 -55.77
CA ILE O 581 -69.73 30.52 -56.76
C ILE O 581 -69.82 29.54 -57.93
N VAL O 582 -68.67 29.10 -58.45
CA VAL O 582 -68.69 28.19 -59.59
C VAL O 582 -69.21 26.83 -59.14
N TYR O 583 -68.87 26.41 -57.92
CA TYR O 583 -69.44 25.21 -57.33
C TYR O 583 -70.96 25.29 -57.31
N HIS O 584 -71.50 26.39 -56.79
N HIS O 584 -71.52 26.40 -56.83
CA HIS O 584 -72.95 26.61 -56.81
CA HIS O 584 -72.97 26.53 -56.83
C HIS O 584 -73.50 26.55 -58.23
C HIS O 584 -73.53 26.59 -58.23
N LYS O 585 -72.78 27.16 -59.19
CA LYS O 585 -73.29 27.26 -60.55
C LYS O 585 -73.52 25.89 -61.18
N TYR O 586 -72.59 24.95 -60.96
CA TYR O 586 -72.60 23.69 -61.68
C TYR O 586 -73.11 22.51 -60.87
N ALA O 587 -73.24 22.63 -59.55
CA ALA O 587 -73.71 21.52 -58.73
C ALA O 587 -75.17 21.22 -59.05
N LYS O 588 -75.48 19.95 -59.23
CA LYS O 588 -76.84 19.53 -59.56
C LYS O 588 -77.51 18.71 -58.45
N LYS O 589 -76.74 18.19 -57.50
CA LYS O 589 -77.26 17.29 -56.48
C LYS O 589 -76.83 17.80 -55.11
N PRO O 590 -77.55 18.76 -54.56
CA PRO O 590 -77.25 19.20 -53.19
C PRO O 590 -77.18 18.01 -52.24
N GLN O 591 -76.23 18.06 -51.30
CA GLN O 591 -76.03 17.07 -50.25
C GLN O 591 -75.48 15.75 -50.78
N ARG O 592 -75.06 15.69 -52.04
CA ARG O 592 -74.49 14.49 -52.63
C ARG O 592 -73.23 14.77 -53.45
N GLU O 593 -73.17 15.92 -54.13
CA GLU O 593 -72.06 16.28 -55.00
C GLU O 593 -71.10 17.20 -54.27
N ARG O 594 -69.94 16.67 -53.89
CA ARG O 594 -68.87 17.51 -53.38
C ARG O 594 -68.25 18.31 -54.52
N LEU O 595 -67.46 19.32 -54.15
CA LEU O 595 -66.73 20.11 -55.13
C LEU O 595 -65.96 19.22 -56.09
N ALA O 596 -65.25 18.22 -55.55
CA ALA O 596 -64.45 17.33 -56.38
C ALA O 596 -65.31 16.64 -57.43
N ALA O 597 -66.54 16.26 -57.05
CA ALA O 597 -67.43 15.59 -57.98
C ALA O 597 -67.90 16.54 -59.08
N VAL O 598 -68.15 17.81 -58.75
CA VAL O 598 -68.54 18.76 -59.77
C VAL O 598 -67.37 19.02 -60.72
N MET O 599 -66.17 19.17 -60.18
CA MET O 599 -65.01 19.38 -61.03
C MET O 599 -64.80 18.20 -61.96
N ALA O 600 -64.93 16.98 -61.42
CA ALA O 600 -64.75 15.78 -62.23
C ALA O 600 -65.79 15.68 -63.32
N ARG O 601 -67.03 16.07 -63.00
CA ARG O 601 -68.14 15.94 -63.95
C ARG O 601 -67.98 16.90 -65.13
N ILE O 602 -67.61 18.17 -64.88
CA ILE O 602 -67.58 19.15 -65.97
C ILE O 602 -66.21 19.34 -66.59
N GLY O 603 -65.16 18.79 -66.00
CA GLY O 603 -63.80 19.03 -66.43
C GLY O 603 -63.04 19.90 -65.44
N LYS O 604 -61.91 19.40 -64.94
CA LYS O 604 -61.16 20.14 -63.94
C LYS O 604 -60.67 21.48 -64.49
N GLY O 605 -60.13 21.47 -65.72
CA GLY O 605 -59.69 22.70 -66.35
C GLY O 605 -60.81 23.68 -66.59
N LYS O 606 -61.96 23.20 -67.07
CA LYS O 606 -63.10 24.10 -67.27
C LYS O 606 -63.48 24.79 -65.97
N PHE O 607 -63.60 24.03 -64.88
CA PHE O 607 -63.99 24.61 -63.60
C PHE O 607 -62.99 25.67 -63.15
N LEU O 608 -61.70 25.32 -63.16
CA LEU O 608 -60.69 26.24 -62.67
C LEU O 608 -60.55 27.46 -63.57
N GLU O 609 -60.77 27.28 -64.88
CA GLU O 609 -60.73 28.40 -65.81
C GLU O 609 -61.80 29.43 -65.47
N GLU O 610 -63.02 28.96 -65.19
CA GLU O 610 -64.10 29.85 -64.81
C GLU O 610 -63.81 30.53 -63.50
N VAL O 611 -63.26 29.78 -62.54
CA VAL O 611 -62.88 30.37 -61.26
C VAL O 611 -61.92 31.54 -61.49
N LYS O 612 -60.92 31.30 -62.34
CA LYS O 612 -59.88 32.31 -62.66
C LYS O 612 -60.54 33.53 -63.34
N GLU O 613 -61.46 33.30 -64.27
CA GLU O 613 -62.09 34.44 -64.92
C GLU O 613 -62.80 35.30 -63.89
N LEU O 614 -63.52 34.67 -62.97
CA LEU O 614 -64.24 35.42 -61.95
C LEU O 614 -63.30 36.15 -61.00
N MET O 615 -62.16 35.54 -60.66
CA MET O 615 -61.20 36.20 -59.78
C MET O 615 -60.66 37.48 -60.40
N GLU O 616 -60.45 37.48 -61.72
CA GLU O 616 -59.89 38.64 -62.40
C GLU O 616 -60.87 39.77 -62.52
N GLN O 617 -62.17 39.44 -62.49
CA GLN O 617 -63.23 40.48 -62.56
C GLN O 617 -63.33 41.14 -61.18
N ASN O 618 -62.88 40.44 -60.14
CA ASN O 618 -62.89 40.92 -58.77
C ASN O 618 -62.14 42.25 -58.61
N TYR P 2 -11.52 25.71 -32.14
CA TYR P 2 -12.31 25.48 -33.39
C TYR P 2 -13.79 25.47 -33.03
N GLU P 3 -14.64 25.99 -33.92
CA GLU P 3 -16.09 26.04 -33.68
C GLU P 3 -16.64 24.61 -33.58
N TRP P 4 -17.34 24.30 -32.48
CA TRP P 4 -17.79 22.93 -32.21
C TRP P 4 -19.07 22.99 -31.40
N LYS P 5 -20.19 22.57 -32.00
CA LYS P 5 -21.54 22.76 -31.36
C LYS P 5 -21.61 22.29 -29.90
N LEU P 6 -20.94 21.20 -29.55
CA LEU P 6 -21.06 20.61 -28.24
C LEU P 6 -20.34 21.41 -27.16
N ASN P 7 -19.59 22.43 -27.55
CA ASN P 7 -19.04 23.34 -26.55
C ASN P 7 -20.14 23.99 -25.74
N ASP P 8 -21.37 24.09 -26.28
CA ASP P 8 -22.49 24.55 -25.49
C ASP P 8 -22.67 23.69 -24.23
N ILE P 9 -22.40 22.39 -24.35
CA ILE P 9 -22.47 21.50 -23.20
C ILE P 9 -21.20 21.61 -22.36
N VAL P 10 -20.05 21.49 -23.01
CA VAL P 10 -18.79 21.39 -22.27
C VAL P 10 -18.48 22.71 -21.57
N ASP P 11 -18.70 23.84 -22.25
CA ASP P 11 -18.25 25.10 -21.67
C ASP P 11 -19.11 25.58 -20.52
N ASN P 12 -20.28 24.98 -20.29
CA ASN P 12 -21.18 25.41 -19.23
C ASN P 12 -21.32 24.37 -18.12
N GLY P 13 -20.38 23.43 -18.01
CA GLY P 13 -20.40 22.49 -16.91
C GLY P 13 -21.47 21.42 -16.97
N ILE P 14 -22.01 21.14 -18.15
CA ILE P 14 -23.03 20.09 -18.28
C ILE P 14 -22.43 18.79 -18.79
N CYS P 15 -21.27 18.83 -19.44
CA CYS P 15 -20.66 17.63 -20.00
C CYS P 15 -20.35 16.62 -18.91
N ALA P 16 -20.76 15.37 -19.15
CA ALA P 16 -20.47 14.27 -18.24
C ALA P 16 -19.02 13.78 -18.35
N LYS P 17 -18.26 14.22 -19.35
CA LYS P 17 -16.96 13.66 -19.64
C LYS P 17 -17.08 12.14 -19.77
N CYS P 18 -18.09 11.70 -20.51
CA CYS P 18 -18.25 10.28 -20.80
C CYS P 18 -17.32 9.83 -21.93
N GLY P 19 -17.09 10.67 -22.95
CA GLY P 19 -16.23 10.29 -24.06
C GLY P 19 -16.93 9.68 -25.26
N THR P 20 -18.27 9.64 -25.26
CA THR P 20 -18.99 9.05 -26.38
C THR P 20 -18.79 9.85 -27.66
N CYS P 21 -18.90 11.18 -27.56
CA CYS P 21 -18.81 12.03 -28.75
C CYS P 21 -17.50 11.84 -29.52
N THR P 22 -16.41 11.56 -28.81
CA THR P 22 -15.11 11.55 -29.48
C THR P 22 -14.79 10.23 -30.16
N VAL P 23 -15.62 9.20 -30.02
CA VAL P 23 -15.36 7.93 -30.73
C VAL P 23 -16.14 7.77 -32.02
N VAL P 24 -17.14 8.62 -32.27
CA VAL P 24 -18.03 8.42 -33.41
C VAL P 24 -17.63 9.25 -34.62
N CYS P 25 -16.60 10.07 -34.52
CA CYS P 25 -16.30 10.99 -35.60
C CYS P 25 -15.74 10.24 -36.80
N PRO P 26 -16.37 10.32 -37.97
CA PRO P 26 -15.86 9.55 -39.13
C PRO P 26 -14.62 10.14 -39.75
N ASN P 27 -14.25 11.36 -39.38
CA ASN P 27 -13.02 12.00 -39.83
C ASN P 27 -11.90 11.90 -38.81
N GLY P 28 -12.19 11.32 -37.63
CA GLY P 28 -11.16 11.12 -36.63
C GLY P 28 -10.51 12.37 -36.12
N ILE P 29 -11.23 13.50 -36.11
CA ILE P 29 -10.65 14.78 -35.70
C ILE P 29 -11.05 15.17 -34.28
N LEU P 30 -11.61 14.22 -33.53
CA LEU P 30 -12.02 14.47 -32.12
C LEU P 30 -11.17 13.60 -31.20
N THR P 31 -10.59 14.20 -30.15
CA THR P 31 -9.78 13.44 -29.17
C THR P 31 -10.21 13.85 -27.77
N PHE P 32 -10.10 12.95 -26.79
CA PHE P 32 -10.49 13.33 -25.42
C PHE P 32 -9.25 13.40 -24.52
N GLU P 33 -8.91 14.62 -24.10
CA GLU P 33 -7.79 14.90 -23.17
C GLU P 33 -8.43 15.22 -21.83
N ASP P 34 -8.51 16.51 -21.46
CA ASP P 34 -9.16 16.93 -20.19
C ASP P 34 -10.67 17.05 -20.48
N ARG P 35 -10.98 17.33 -21.74
CA ARG P 35 -12.37 17.45 -22.27
C ARG P 35 -12.36 17.07 -23.76
N PRO P 36 -13.53 16.81 -24.39
CA PRO P 36 -13.56 16.49 -25.82
C PRO P 36 -12.95 17.65 -26.61
N LYS P 37 -12.11 17.36 -27.61
CA LYS P 37 -11.51 18.49 -28.36
C LYS P 37 -11.24 18.14 -29.83
N LEU P 38 -11.50 19.11 -30.70
CA LEU P 38 -11.20 19.06 -32.14
C LEU P 38 -9.69 19.10 -32.39
N THR P 39 -9.22 18.23 -33.28
CA THR P 39 -7.82 18.26 -33.64
C THR P 39 -7.54 19.21 -34.80
N GLU P 40 -8.62 19.48 -35.51
CA GLU P 40 -8.59 20.43 -36.62
C GLU P 40 -10.01 20.93 -36.80
N GLU P 41 -10.15 21.81 -37.77
CA GLU P 41 -11.47 22.43 -38.06
C GLU P 41 -12.46 21.40 -38.61
N CYS P 42 -13.71 21.51 -38.16
CA CYS P 42 -14.83 20.63 -38.60
C CYS P 42 -15.74 21.48 -39.50
N LEU P 43 -15.89 21.10 -40.77
CA LEU P 43 -16.69 21.87 -41.69
C LEU P 43 -18.14 21.96 -41.24
N ARG P 44 -18.58 21.04 -40.40
CA ARG P 44 -19.93 21.08 -39.86
C ARG P 44 -20.04 21.92 -38.60
N LYS P 45 -18.91 22.43 -38.09
CA LYS P 45 -18.90 23.17 -36.82
C LYS P 45 -19.58 22.37 -35.72
N GLY P 46 -19.37 21.06 -35.74
CA GLY P 46 -19.93 20.18 -34.73
C GLY P 46 -21.40 19.83 -34.90
N ASN P 47 -22.01 20.18 -36.03
CA ASN P 47 -23.39 19.77 -36.30
C ASN P 47 -23.34 18.39 -36.93
N GLY P 48 -23.31 17.37 -36.09
CA GLY P 48 -23.19 16.01 -36.58
C GLY P 48 -23.31 14.94 -35.52
N MET P 49 -22.67 13.80 -35.80
CA MET P 49 -22.90 12.60 -35.01
C MET P 49 -22.38 12.76 -33.58
N CYS P 50 -21.31 13.53 -33.43
CA CYS P 50 -20.77 13.80 -32.07
C CYS P 50 -21.89 14.45 -31.26
N PHE P 51 -22.54 15.47 -31.83
CA PHE P 51 -23.62 16.14 -31.05
C PHE P 51 -24.85 15.25 -30.88
N GLU P 52 -25.09 14.35 -31.84
CA GLU P 52 -26.31 13.55 -31.83
C GLU P 52 -26.23 12.36 -30.89
N VAL P 53 -25.04 11.92 -30.48
CA VAL P 53 -24.94 10.81 -29.51
C VAL P 53 -24.77 11.29 -28.06
N CYS P 54 -24.69 12.60 -27.83
CA CYS P 54 -24.36 13.08 -26.49
C CYS P 54 -25.54 12.86 -25.55
N PRO P 55 -25.38 12.12 -24.45
CA PRO P 55 -26.53 11.87 -23.56
C PRO P 55 -26.94 13.09 -22.74
N ARG P 56 -26.16 14.17 -22.77
CA ARG P 56 -26.51 15.40 -22.04
C ARG P 56 -27.22 16.42 -22.92
N VAL P 57 -27.37 16.12 -24.20
CA VAL P 57 -28.26 16.89 -25.06
C VAL P 57 -29.69 16.37 -24.96
N SER P 58 -29.84 15.06 -25.13
CA SER P 58 -31.13 14.39 -25.07
C SER P 58 -30.87 12.95 -24.65
N SER P 59 -31.60 12.46 -23.65
CA SER P 59 -31.37 11.10 -23.11
C SER P 59 -31.78 10.01 -24.10
N GLY P 60 -32.89 10.21 -24.79
CA GLY P 60 -33.43 9.21 -25.73
C GLY P 60 -33.89 7.96 -24.99
N LYS P 61 -34.03 8.05 -23.67
CA LYS P 61 -34.38 6.86 -22.84
C LYS P 61 -35.76 6.30 -23.14
N TYR P 62 -36.77 7.16 -23.37
CA TYR P 62 -38.11 6.57 -23.62
C TYR P 62 -38.07 5.63 -24.83
N GLN P 63 -37.54 6.10 -25.95
CA GLN P 63 -37.54 5.28 -27.16
C GLN P 63 -36.61 4.09 -27.02
N ILE P 64 -35.53 4.23 -26.26
CA ILE P 64 -34.65 3.09 -26.02
C ILE P 64 -35.34 2.04 -25.16
N LYS P 65 -35.91 2.48 -24.03
CA LYS P 65 -36.50 1.54 -23.05
C LYS P 65 -37.71 0.77 -23.62
N ILE P 66 -38.53 1.39 -24.48
CA ILE P 66 -39.67 0.65 -24.99
C ILE P 66 -39.23 -0.47 -25.93
N ARG P 67 -38.00 -0.39 -26.45
CA ARG P 67 -37.41 -1.43 -27.30
C ARG P 67 -36.61 -2.45 -26.50
N GLU P 68 -35.80 -2.01 -25.52
CA GLU P 68 -35.04 -2.95 -24.72
C GLU P 68 -35.94 -3.74 -23.77
N LYS P 69 -37.06 -3.15 -23.34
CA LYS P 69 -38.01 -3.80 -22.43
C LYS P 69 -37.29 -4.36 -21.21
N PHE P 70 -36.63 -3.46 -20.49
CA PHE P 70 -35.75 -3.87 -19.40
C PHE P 70 -36.53 -4.59 -18.30
N LYS P 71 -35.91 -5.62 -17.75
CA LYS P 71 -36.33 -6.21 -16.48
C LYS P 71 -35.40 -5.68 -15.39
N GLU P 72 -35.56 -6.18 -14.16
CA GLU P 72 -34.81 -5.66 -13.02
C GLU P 72 -34.69 -6.76 -11.97
N GLU P 73 -33.75 -7.67 -12.19
CA GLU P 73 -33.50 -8.78 -11.28
C GLU P 73 -32.24 -8.51 -10.46
N TYR P 74 -32.36 -8.62 -9.14
CA TYR P 74 -31.30 -8.25 -8.22
C TYR P 74 -30.61 -9.49 -7.67
N TYR P 75 -29.27 -9.52 -7.78
CA TYR P 75 -28.45 -10.57 -7.19
C TYR P 75 -27.18 -9.92 -6.64
N TYR P 76 -26.40 -10.71 -5.90
CA TYR P 76 -25.04 -10.33 -5.54
C TYR P 76 -24.17 -11.58 -5.62
N GLY P 77 -22.87 -11.36 -5.82
CA GLY P 77 -21.98 -12.50 -5.97
C GLY P 77 -20.53 -12.09 -6.00
N LYS P 78 -19.70 -13.10 -6.20
CA LYS P 78 -18.23 -12.95 -6.25
C LYS P 78 -17.69 -13.80 -7.40
N GLY P 79 -16.73 -13.26 -8.15
CA GLY P 79 -16.06 -13.99 -9.21
C GLY P 79 -14.88 -14.80 -8.66
N ASP P 80 -14.09 -15.34 -9.60
CA ASP P 80 -12.89 -16.10 -9.25
C ASP P 80 -11.62 -15.29 -9.44
N VAL P 81 -11.73 -13.96 -9.47
CA VAL P 81 -10.58 -13.06 -9.57
C VAL P 81 -10.76 -11.96 -8.52
N GLU P 82 -9.64 -11.36 -8.14
CA GLU P 82 -9.60 -10.38 -7.07
C GLU P 82 -9.79 -9.00 -7.68
N GLY P 83 -10.95 -8.39 -7.41
CA GLY P 83 -11.29 -7.11 -8.02
C GLY P 83 -11.67 -6.03 -7.02
N GLN P 84 -12.30 -4.97 -7.51
CA GLN P 84 -12.70 -3.83 -6.65
C GLN P 84 -13.53 -4.34 -5.46
N ASP P 85 -14.57 -5.13 -5.76
CA ASP P 85 -15.46 -5.68 -4.73
C ASP P 85 -15.45 -7.20 -4.83
N GLY P 86 -16.37 -7.78 -5.59
CA GLY P 86 -16.40 -9.21 -5.81
C GLY P 86 -15.67 -9.69 -7.04
N GLY P 87 -15.08 -8.77 -7.81
CA GLY P 87 -14.46 -9.16 -9.07
C GLY P 87 -15.43 -9.67 -10.09
N VAL P 88 -16.69 -9.23 -10.02
CA VAL P 88 -17.69 -9.82 -10.89
C VAL P 88 -17.50 -9.34 -12.33
N VAL P 89 -17.20 -8.07 -12.52
CA VAL P 89 -17.08 -7.54 -13.87
C VAL P 89 -15.98 -8.28 -14.63
N THR P 90 -14.77 -8.30 -14.07
CA THR P 90 -13.66 -8.94 -14.77
C THR P 90 -13.94 -10.42 -15.02
N THR P 91 -14.58 -11.10 -14.06
CA THR P 91 -14.91 -12.50 -14.23
C THR P 91 -15.89 -12.71 -15.37
N PHE P 92 -16.91 -11.86 -15.47
CA PHE P 92 -17.87 -11.96 -16.56
C PHE P 92 -17.18 -11.76 -17.91
N LEU P 93 -16.26 -10.80 -17.99
CA LEU P 93 -15.60 -10.53 -19.26
C LEU P 93 -14.72 -11.70 -19.69
N LYS P 94 -14.05 -12.36 -18.74
CA LYS P 94 -13.30 -13.56 -19.07
C LYS P 94 -14.22 -14.62 -19.67
N TYR P 95 -15.38 -14.85 -19.03
CA TYR P 95 -16.33 -15.81 -19.57
C TYR P 95 -16.74 -15.43 -20.99
N LEU P 96 -17.06 -14.16 -21.23
CA LEU P 96 -17.48 -13.74 -22.57
C LEU P 96 -16.35 -13.96 -23.58
N LEU P 97 -15.11 -13.66 -23.17
CA LEU P 97 -13.98 -13.86 -24.07
C LEU P 97 -13.76 -15.34 -24.34
N LYS P 98 -13.70 -16.15 -23.28
CA LYS P 98 -13.35 -17.55 -23.46
C LYS P 98 -14.41 -18.31 -24.25
N ASN P 99 -15.68 -17.93 -24.10
CA ASN P 99 -16.76 -18.56 -24.84
C ASN P 99 -17.00 -17.88 -26.18
N LYS P 100 -16.11 -16.99 -26.60
CA LYS P 100 -16.16 -16.36 -27.91
C LYS P 100 -17.50 -15.69 -28.16
N LYS P 101 -18.03 -15.02 -27.14
CA LYS P 101 -19.18 -14.14 -27.32
C LYS P 101 -18.79 -12.73 -27.75
N ILE P 102 -17.53 -12.34 -27.47
CA ILE P 102 -16.98 -11.04 -27.87
C ILE P 102 -15.57 -11.28 -28.38
N ASP P 103 -15.10 -10.36 -29.23
CA ASP P 103 -13.73 -10.39 -29.71
C ASP P 103 -12.78 -9.58 -28.84
N GLY P 104 -13.32 -8.67 -28.04
CA GLY P 104 -12.52 -7.90 -27.11
C GLY P 104 -13.44 -7.19 -26.13
N ALA P 105 -12.82 -6.58 -25.12
CA ALA P 105 -13.53 -5.81 -24.11
C ALA P 105 -12.92 -4.43 -24.02
N ILE P 106 -13.78 -3.41 -24.01
CA ILE P 106 -13.38 -2.04 -23.76
C ILE P 106 -13.39 -1.82 -22.25
N VAL P 107 -12.21 -1.60 -21.67
CA VAL P 107 -12.02 -1.57 -20.23
C VAL P 107 -11.02 -0.47 -19.88
N VAL P 108 -11.07 -0.06 -18.60
CA VAL P 108 -10.22 1.06 -18.10
C VAL P 108 -9.06 0.52 -17.27
N GLY P 109 -7.85 0.95 -17.64
CA GLY P 109 -6.57 0.62 -16.98
C GLY P 109 -5.93 1.89 -16.47
N ASP P 110 -4.88 1.78 -15.65
CA ASP P 110 -4.29 3.03 -15.12
C ASP P 110 -2.75 2.99 -15.16
N GLU P 111 -2.15 4.16 -15.35
CA GLU P 111 -0.68 4.33 -15.27
C GLU P 111 -0.47 5.23 -14.04
N CYS P 112 -0.16 4.62 -12.90
CA CYS P 112 -0.02 5.35 -11.61
C CYS P 112 -1.31 6.13 -11.33
N TRP P 113 -2.45 5.43 -11.46
CA TRP P 113 -3.83 5.93 -11.22
C TRP P 113 -4.31 6.92 -12.29
N LYS P 114 -3.57 7.09 -13.38
CA LYS P 114 -4.07 7.94 -14.49
C LYS P 114 -4.81 6.98 -15.42
N PRO P 115 -6.15 7.10 -15.59
CA PRO P 115 -6.91 6.14 -16.39
C PRO P 115 -6.55 6.12 -17.87
N VAL P 116 -6.60 4.91 -18.46
CA VAL P 116 -6.31 4.71 -19.90
C VAL P 116 -7.35 3.73 -20.48
N SER P 117 -8.00 4.11 -21.59
CA SER P 117 -8.99 3.22 -22.25
C SER P 117 -8.23 2.14 -23.01
N LEU P 118 -8.52 0.86 -22.71
CA LEU P 118 -7.79 -0.25 -23.38
C LEU P 118 -8.77 -1.22 -24.04
N ILE P 119 -8.33 -1.85 -25.12
CA ILE P 119 -9.11 -2.91 -25.82
C ILE P 119 -8.36 -4.22 -25.55
N VAL P 120 -8.92 -5.09 -24.71
CA VAL P 120 -8.24 -6.37 -24.35
C VAL P 120 -8.90 -7.52 -25.12
N GLN P 121 -8.07 -8.46 -25.61
CA GLN P 121 -8.58 -9.62 -26.38
C GLN P 121 -8.24 -10.92 -25.65
N ASN P 122 -7.42 -10.83 -24.59
CA ASN P 122 -7.03 -12.03 -23.80
C ASN P 122 -7.17 -11.72 -22.31
N GLU P 123 -7.23 -12.77 -21.47
CA GLU P 123 -7.39 -12.60 -20.00
C GLU P 123 -6.14 -11.94 -19.41
N GLU P 124 -4.96 -12.28 -19.94
CA GLU P 124 -3.68 -11.72 -19.44
C GLU P 124 -3.76 -10.19 -19.36
N ASP P 125 -4.20 -9.54 -20.45
CA ASP P 125 -4.27 -8.06 -20.50
C ASP P 125 -5.49 -7.55 -19.72
N LEU P 126 -6.47 -8.41 -19.47
CA LEU P 126 -7.72 -8.01 -18.75
C LEU P 126 -7.48 -7.92 -17.23
N MET P 127 -6.38 -8.51 -16.74
CA MET P 127 -6.09 -8.52 -15.27
C MET P 127 -5.46 -7.20 -14.81
N ASN P 128 -5.08 -6.32 -15.75
CA ASN P 128 -4.49 -5.00 -15.40
C ASN P 128 -5.61 -3.95 -15.33
N THR P 129 -6.85 -4.36 -15.60
CA THR P 129 -8.01 -3.43 -15.60
C THR P 129 -8.88 -3.65 -14.35
N THR P 130 -8.39 -4.43 -13.37
CA THR P 130 -9.16 -4.66 -12.12
C THR P 130 -9.20 -3.37 -11.30
N LYS P 131 -10.21 -3.29 -10.42
CA LYS P 131 -10.53 -2.19 -9.46
C LYS P 131 -11.15 -0.97 -10.14
N SER P 132 -11.63 -0.03 -9.32
CA SER P 132 -12.20 1.21 -9.80
C SER P 132 -11.14 2.31 -9.86
N LYS P 133 -11.21 3.13 -10.91
CA LYS P 133 -10.42 4.35 -11.05
C LYS P 133 -11.40 5.52 -10.96
N TYR P 134 -11.32 6.29 -9.88
CA TYR P 134 -12.35 7.26 -9.57
C TYR P 134 -12.14 8.61 -10.22
N THR P 135 -11.43 8.67 -11.35
CA THR P 135 -11.22 9.89 -12.08
C THR P 135 -11.68 9.72 -13.53
N VAL P 136 -11.73 10.84 -14.24
CA VAL P 136 -12.28 10.85 -15.59
C VAL P 136 -11.63 9.76 -16.44
N SER P 137 -12.48 9.01 -17.14
CA SER P 137 -12.07 7.96 -18.06
C SER P 137 -12.65 8.27 -19.44
N THR P 138 -12.16 7.57 -20.45
CA THR P 138 -12.61 7.76 -21.82
C THR P 138 -13.08 6.44 -22.43
N LEU P 139 -13.59 6.52 -23.67
CA LEU P 139 -13.97 5.36 -24.46
C LEU P 139 -13.10 5.24 -25.71
N GLU P 140 -11.90 5.83 -25.68
CA GLU P 140 -11.10 5.95 -26.90
C GLU P 140 -10.75 4.60 -27.51
N ALA P 141 -10.65 3.56 -26.68
CA ALA P 141 -10.25 2.24 -27.20
C ALA P 141 -11.27 1.69 -28.19
N LEU P 142 -12.51 2.19 -28.19
CA LEU P 142 -13.47 1.79 -29.22
C LEU P 142 -12.97 2.17 -30.60
N LYS P 143 -12.36 3.36 -30.73
CA LYS P 143 -11.78 3.76 -32.02
C LYS P 143 -10.72 2.76 -32.46
N THR P 144 -9.86 2.34 -31.53
CA THR P 144 -8.84 1.35 -31.84
C THR P 144 -9.47 0.02 -32.23
N ALA P 145 -10.48 -0.43 -31.48
CA ALA P 145 -11.14 -1.69 -31.78
C ALA P 145 -11.73 -1.66 -33.18
N GLY P 146 -12.26 -0.51 -33.60
CA GLY P 146 -12.80 -0.40 -34.96
C GLY P 146 -11.71 -0.39 -36.00
N GLU P 147 -10.57 0.24 -35.69
CA GLU P 147 -9.43 0.20 -36.59
C GLU P 147 -8.94 -1.24 -36.77
N MET P 148 -8.99 -2.04 -35.70
CA MET P 148 -8.53 -3.42 -35.77
C MET P 148 -9.53 -4.36 -36.42
N GLY P 149 -10.75 -3.89 -36.71
CA GLY P 149 -11.72 -4.72 -37.38
C GLY P 149 -12.44 -5.72 -36.50
N LEU P 150 -12.41 -5.54 -35.19
CA LEU P 150 -13.08 -6.48 -34.30
C LEU P 150 -14.58 -6.43 -34.53
N GLU P 151 -15.21 -7.61 -34.63
CA GLU P 151 -16.63 -7.66 -34.95
C GLU P 151 -17.48 -7.23 -33.76
N LYS P 152 -17.20 -7.78 -32.57
CA LYS P 152 -18.05 -7.53 -31.41
C LYS P 152 -17.22 -7.27 -30.17
N VAL P 153 -17.70 -6.36 -29.31
CA VAL P 153 -17.04 -6.07 -28.05
C VAL P 153 -18.07 -5.89 -26.95
N ALA P 154 -17.63 -6.13 -25.73
CA ALA P 154 -18.32 -5.69 -24.53
C ALA P 154 -17.66 -4.40 -24.05
N VAL P 155 -18.48 -3.53 -23.45
CA VAL P 155 -18.00 -2.25 -22.92
C VAL P 155 -18.41 -2.13 -21.47
N VAL P 156 -17.45 -1.78 -20.61
CA VAL P 156 -17.72 -1.42 -19.23
C VAL P 156 -17.76 0.09 -19.15
N GLY P 157 -18.79 0.64 -18.51
CA GLY P 157 -18.98 2.07 -18.49
C GLY P 157 -19.69 2.56 -17.25
N LEU P 158 -19.36 3.78 -16.84
CA LEU P 158 -20.18 4.51 -15.89
C LEU P 158 -21.55 4.78 -16.52
N PRO P 159 -22.56 5.10 -15.71
CA PRO P 159 -23.90 5.33 -16.27
C PRO P 159 -23.88 6.31 -17.44
N CYS P 160 -23.10 7.38 -17.35
CA CYS P 160 -23.04 8.38 -18.43
C CYS P 160 -22.53 7.76 -19.71
N GLN P 161 -21.53 6.86 -19.65
CA GLN P 161 -21.03 6.22 -20.86
C GLN P 161 -22.02 5.18 -21.38
N ILE P 162 -22.72 4.47 -20.49
CA ILE P 162 -23.75 3.53 -20.94
C ILE P 162 -24.83 4.27 -21.72
N ASN P 163 -25.24 5.45 -21.23
CA ASN P 163 -26.29 6.22 -21.87
C ASN P 163 -25.86 6.75 -23.23
N GLY P 164 -24.62 7.24 -23.34
CA GLY P 164 -24.11 7.63 -24.65
C GLY P 164 -24.06 6.48 -25.63
N LEU P 165 -23.64 5.30 -25.16
CA LEU P 165 -23.48 4.18 -26.07
C LEU P 165 -24.83 3.59 -26.48
N ARG P 166 -25.85 3.67 -25.60
CA ARG P 166 -27.18 3.28 -26.03
C ARG P 166 -27.67 4.18 -27.15
N LYS P 167 -27.39 5.49 -27.06
CA LYS P 167 -27.72 6.38 -28.16
C LYS P 167 -27.01 5.97 -29.44
N LEU P 168 -25.75 5.56 -29.34
CA LEU P 168 -25.04 5.10 -30.54
C LEU P 168 -25.72 3.86 -31.12
N GLN P 169 -26.09 2.92 -30.26
CA GLN P 169 -26.74 1.69 -30.74
C GLN P 169 -28.06 2.00 -31.43
N TYR P 170 -28.79 3.00 -30.92
CA TYR P 170 -30.12 3.36 -31.42
C TYR P 170 -30.09 4.60 -32.29
N PHE P 171 -28.94 4.87 -32.92
CA PHE P 171 -28.71 6.16 -33.57
C PHE P 171 -29.77 6.48 -34.61
N GLN P 172 -30.11 5.50 -35.46
CA GLN P 172 -31.05 5.78 -36.54
C GLN P 172 -32.41 6.21 -36.00
N TYR P 173 -32.81 5.65 -34.85
CA TYR P 173 -34.09 6.01 -34.26
C TYR P 173 -34.04 7.39 -33.59
N LEU P 174 -32.91 7.74 -32.97
CA LEU P 174 -32.84 9.00 -32.25
C LEU P 174 -32.43 10.16 -33.14
N ALA P 175 -31.43 9.96 -34.02
CA ALA P 175 -30.99 11.02 -34.93
C ALA P 175 -31.79 11.08 -36.22
N LYS P 176 -32.49 9.99 -36.58
CA LYS P 176 -33.39 9.91 -37.72
C LYS P 176 -32.66 9.85 -39.06
N HIS P 177 -31.42 9.37 -39.07
CA HIS P 177 -30.66 9.17 -40.30
C HIS P 177 -29.51 8.22 -40.00
N ASP P 178 -28.76 7.88 -41.04
CA ASP P 178 -27.64 6.96 -40.92
C ASP P 178 -26.44 7.65 -40.25
N GLY P 179 -25.50 6.83 -39.77
CA GLY P 179 -24.25 7.34 -39.25
C GLY P 179 -23.56 8.31 -40.19
N GLU P 180 -23.05 9.40 -39.62
CA GLU P 180 -22.41 10.49 -40.42
C GLU P 180 -21.28 9.95 -41.29
N LEU P 181 -21.25 10.39 -42.56
CA LEU P 181 -20.21 10.04 -43.52
C LEU P 181 -19.04 11.00 -43.39
N GLY P 182 -17.83 10.45 -43.39
CA GLY P 182 -16.63 11.26 -43.39
C GLY P 182 -16.29 11.77 -44.77
N LYS P 183 -15.16 12.48 -44.84
CA LYS P 183 -14.67 13.01 -46.10
C LYS P 183 -14.62 11.95 -47.19
N ASN P 184 -14.28 10.71 -46.83
CA ASN P 184 -14.13 9.65 -47.82
C ASN P 184 -15.45 8.97 -48.18
N GLY P 185 -16.59 9.48 -47.70
CA GLY P 185 -17.89 8.94 -48.02
C GLY P 185 -18.33 7.77 -47.16
N LYS P 186 -17.56 7.42 -46.13
CA LYS P 186 -17.87 6.24 -45.33
C LYS P 186 -18.05 6.62 -43.87
N PRO P 187 -18.88 5.88 -43.14
CA PRO P 187 -19.09 6.17 -41.72
C PRO P 187 -17.93 5.68 -40.87
N VAL P 188 -17.97 6.04 -39.59
CA VAL P 188 -16.92 5.64 -38.69
C VAL P 188 -16.83 4.11 -38.57
N LYS P 189 -15.62 3.62 -38.34
CA LYS P 189 -15.36 2.21 -38.09
C LYS P 189 -15.45 1.94 -36.60
N LEU P 190 -16.40 1.10 -36.20
CA LEU P 190 -16.56 0.74 -34.80
C LEU P 190 -17.07 -0.70 -34.69
N PRO P 191 -16.63 -1.45 -33.68
CA PRO P 191 -17.20 -2.78 -33.46
C PRO P 191 -18.66 -2.70 -33.03
N LYS P 192 -19.41 -3.77 -33.30
CA LYS P 192 -20.75 -3.91 -32.73
C LYS P 192 -20.62 -4.07 -31.21
N ILE P 193 -21.32 -3.23 -30.47
CA ILE P 193 -21.28 -3.26 -29.01
C ILE P 193 -22.31 -4.31 -28.58
N GLU P 194 -21.81 -5.49 -28.22
CA GLU P 194 -22.65 -6.65 -27.94
C GLU P 194 -23.12 -6.69 -26.50
N TYR P 195 -22.34 -6.14 -25.56
CA TYR P 195 -22.69 -6.13 -24.15
C TYR P 195 -22.38 -4.77 -23.58
N LEU P 196 -23.30 -4.25 -22.77
CA LEU P 196 -23.09 -3.01 -22.04
C LEU P 196 -23.13 -3.33 -20.55
N ILE P 197 -21.98 -3.23 -19.90
CA ILE P 197 -21.83 -3.54 -18.48
C ILE P 197 -21.67 -2.22 -17.73
N GLY P 198 -22.66 -1.88 -16.93
CA GLY P 198 -22.68 -0.61 -16.23
C GLY P 198 -22.15 -0.74 -14.80
N LEU P 199 -21.54 0.33 -14.33
CA LEU P 199 -21.12 0.49 -12.95
C LEU P 199 -22.13 1.40 -12.25
N LEU P 200 -22.53 1.04 -11.04
CA LEU P 200 -23.15 2.02 -10.16
C LEU P 200 -22.17 3.15 -9.90
N CYS P 201 -22.69 4.36 -9.67
CA CYS P 201 -21.75 5.49 -9.62
C CYS P 201 -22.38 6.72 -8.99
N THR P 202 -21.78 7.18 -7.88
CA THR P 202 -22.17 8.41 -7.22
C THR P 202 -21.49 9.63 -7.83
N GLU P 203 -20.18 9.52 -8.08
CA GLU P 203 -19.41 10.67 -8.64
C GLU P 203 -18.00 10.23 -9.04
N LYS P 204 -17.38 11.01 -9.92
CA LYS P 204 -15.98 10.83 -10.29
C LYS P 204 -15.28 12.17 -10.10
N PHE P 205 -13.95 12.14 -9.95
CA PHE P 205 -13.18 13.35 -9.71
C PHE P 205 -12.23 13.61 -10.87
N GLU P 206 -11.67 14.83 -10.86
CA GLU P 206 -10.63 15.25 -11.83
C GLU P 206 -9.31 14.70 -11.26
N TYR P 207 -8.41 14.21 -12.12
CA TYR P 207 -7.12 13.63 -11.63
C TYR P 207 -6.39 14.59 -10.69
N ASP P 208 -6.00 15.76 -11.20
CA ASP P 208 -5.25 16.77 -10.41
C ASP P 208 -5.95 17.04 -9.07
N GLU P 209 -7.26 17.34 -9.13
CA GLU P 209 -8.06 17.64 -7.90
C GLU P 209 -7.90 16.51 -6.88
N LEU P 210 -8.03 15.25 -7.32
CA LEU P 210 -7.91 14.08 -6.42
C LEU P 210 -6.50 14.06 -5.80
N LYS P 211 -5.47 14.31 -6.61
CA LYS P 211 -4.06 14.32 -6.15
C LYS P 211 -3.85 15.48 -5.17
N GLU P 212 -4.33 16.67 -5.54
CA GLU P 212 -4.20 17.89 -4.69
C GLU P 212 -4.80 17.62 -3.31
N THR P 213 -5.99 17.00 -3.27
CA THR P 213 -6.67 16.70 -1.98
C THR P 213 -5.87 15.62 -1.22
N LEU P 214 -5.20 14.73 -1.96
CA LEU P 214 -4.40 13.63 -1.35
C LEU P 214 -3.13 14.23 -0.70
N ALA P 215 -2.63 15.34 -1.25
CA ALA P 215 -1.42 16.00 -0.71
C ALA P 215 -1.75 16.69 0.61
N LYS P 216 -3.01 17.10 0.79
CA LYS P 216 -3.48 17.78 2.03
C LYS P 216 -3.47 16.79 3.21
N TYR P 217 -3.70 15.50 2.92
CA TYR P 217 -3.68 14.45 3.97
C TYR P 217 -2.32 13.73 3.95
N ASN P 218 -1.32 14.37 3.32
CA ASN P 218 0.05 13.81 3.21
C ASN P 218 -0.02 12.36 2.71
N ILE P 219 -0.74 12.14 1.60
CA ILE P 219 -0.88 10.77 1.02
C ILE P 219 -0.53 10.82 -0.47
N ASN P 220 0.73 10.55 -0.82
CA ASN P 220 1.13 10.52 -2.26
C ASN P 220 0.29 9.44 -2.94
N MET P 221 -0.36 9.77 -4.06
CA MET P 221 -1.26 8.82 -4.78
C MET P 221 -0.46 7.75 -5.55
N ASP P 222 0.83 8.00 -5.81
CA ASP P 222 1.66 7.04 -6.57
C ASP P 222 1.83 5.72 -5.80
N ASP P 223 1.60 5.70 -4.49
CA ASP P 223 1.80 4.44 -3.72
C ASP P 223 0.46 3.78 -3.33
N VAL P 224 -0.68 4.41 -3.62
CA VAL P 224 -1.95 3.83 -3.26
C VAL P 224 -2.09 2.46 -3.91
N GLU P 225 -2.55 1.49 -3.13
CA GLU P 225 -2.73 0.10 -3.62
C GLU P 225 -4.18 -0.08 -4.11
N LYS P 226 -5.10 0.68 -3.51
CA LYS P 226 -6.54 0.59 -3.87
C LYS P 226 -7.29 1.82 -3.36
N PHE P 227 -8.36 2.20 -4.08
CA PHE P 227 -9.24 3.35 -3.74
C PHE P 227 -10.66 2.80 -3.56
N ASP P 228 -11.47 3.45 -2.71
CA ASP P 228 -12.86 2.96 -2.52
C ASP P 228 -13.79 4.10 -2.08
N ILE P 229 -15.10 3.94 -2.32
CA ILE P 229 -16.12 4.95 -1.91
C ILE P 229 -17.27 4.19 -1.24
N LYS P 230 -17.11 3.87 0.05
CA LYS P 230 -18.14 3.10 0.81
C LYS P 230 -18.68 3.97 1.96
N LYS P 231 -20.00 3.90 2.18
CA LYS P 231 -20.68 4.64 3.28
C LYS P 231 -20.43 6.16 3.16
N GLY P 232 -20.45 6.69 1.93
CA GLY P 232 -20.28 8.14 1.68
C GLY P 232 -18.92 8.68 2.07
N LYS P 233 -17.88 7.83 2.04
CA LYS P 233 -16.50 8.30 2.36
C LYS P 233 -15.53 7.70 1.35
N LEU P 234 -14.38 8.34 1.12
CA LEU P 234 -13.38 7.82 0.15
C LEU P 234 -12.30 7.04 0.92
N LEU P 235 -12.28 5.71 0.76
CA LEU P 235 -11.25 4.89 1.46
C LEU P 235 -9.97 4.93 0.62
N VAL P 236 -8.85 5.32 1.24
CA VAL P 236 -7.54 5.36 0.54
C VAL P 236 -6.64 4.32 1.19
N TYR P 237 -6.06 3.41 0.41
CA TYR P 237 -5.18 2.37 0.99
C TYR P 237 -3.75 2.57 0.50
N VAL P 238 -2.83 2.86 1.42
CA VAL P 238 -1.39 3.08 1.06
C VAL P 238 -0.50 2.37 2.09
N ASN P 239 0.47 1.58 1.61
CA ASN P 239 1.41 0.85 2.50
C ASN P 239 0.63 -0.01 3.52
N GLY P 240 -0.42 -0.72 3.07
CA GLY P 240 -1.25 -1.56 3.94
C GLY P 240 -1.90 -0.79 5.09
N GLU P 241 -2.23 0.49 4.84
CA GLU P 241 -2.90 1.36 5.85
C GLU P 241 -4.24 1.82 5.27
N GLU P 242 -5.29 1.87 6.10
CA GLU P 242 -6.62 2.32 5.61
C GLU P 242 -6.87 3.76 6.08
N HIS P 243 -7.09 4.67 5.14
CA HIS P 243 -7.34 6.10 5.46
C HIS P 243 -8.74 6.48 4.93
N LYS P 244 -9.51 7.19 5.75
CA LYS P 244 -10.89 7.61 5.35
C LYS P 244 -10.91 9.13 5.12
N ILE P 245 -11.48 9.55 3.99
CA ILE P 245 -11.59 11.00 3.67
C ILE P 245 -13.07 11.33 3.40
N PRO P 246 -13.63 12.43 3.96
CA PRO P 246 -15.02 12.79 3.71
C PRO P 246 -15.22 13.20 2.24
N LEU P 247 -16.35 12.79 1.65
CA LEU P 247 -16.66 13.11 0.22
C LEU P 247 -16.92 14.61 0.07
N LYS P 248 -17.46 15.26 1.12
CA LYS P 248 -17.76 16.71 1.06
C LYS P 248 -16.49 17.53 0.79
N GLU P 249 -15.36 17.14 1.38
CA GLU P 249 -14.08 17.87 1.20
C GLU P 249 -13.62 17.82 -0.26
N ILE P 250 -13.78 16.66 -0.92
CA ILE P 250 -13.33 16.51 -2.33
C ILE P 250 -14.31 17.18 -3.30
N GLU P 251 -13.81 17.92 -4.29
CA GLU P 251 -14.66 18.56 -5.34
C GLU P 251 -14.81 17.61 -6.54
N LEU P 252 -16.01 17.04 -6.73
CA LEU P 252 -16.26 16.06 -7.82
C LEU P 252 -16.32 16.77 -9.19
N SER P 253 -16.15 15.99 -10.27
CA SER P 253 -16.21 16.52 -11.67
C SER P 253 -17.52 17.31 -11.85
N ALA P 254 -17.46 18.47 -12.51
CA ALA P 254 -18.63 19.35 -12.45
C ALA P 254 -19.85 18.72 -13.12
N GLY P 255 -19.63 17.91 -14.16
CA GLY P 255 -20.75 17.30 -14.87
C GLY P 255 -21.52 16.32 -14.03
N CYS P 256 -20.90 15.76 -12.99
CA CYS P 256 -21.61 14.81 -12.14
C CYS P 256 -22.74 15.48 -11.35
N LYS P 257 -22.64 16.79 -11.13
CA LYS P 257 -23.72 17.46 -10.42
C LYS P 257 -24.96 17.62 -11.28
N MET P 258 -24.89 17.32 -12.58
CA MET P 258 -26.03 17.36 -13.49
C MET P 258 -26.51 15.97 -13.88
N CYS P 259 -26.10 14.94 -13.12
CA CYS P 259 -26.39 13.55 -13.45
C CYS P 259 -27.55 13.04 -12.61
N ARG P 260 -28.39 12.19 -13.23
CA ARG P 260 -29.56 11.60 -12.56
C ARG P 260 -29.45 10.10 -12.35
N ASP P 261 -28.49 9.44 -12.99
CA ASP P 261 -28.52 8.00 -13.20
C ASP P 261 -27.49 7.36 -12.28
N PHE P 262 -27.95 6.77 -11.19
CA PHE P 262 -27.03 6.19 -10.22
C PHE P 262 -26.61 4.78 -10.60
N ASP P 263 -27.57 3.95 -11.04
CA ASP P 263 -27.33 2.51 -11.16
C ASP P 263 -27.16 2.05 -12.59
N ALA P 264 -26.87 2.96 -13.52
CA ALA P 264 -26.69 2.62 -14.92
C ALA P 264 -27.91 1.81 -15.40
N GLU P 265 -29.07 2.46 -15.31
CA GLU P 265 -30.35 1.79 -15.50
C GLU P 265 -30.55 1.25 -16.91
N MET P 266 -29.72 1.72 -17.85
CA MET P 266 -29.86 1.32 -19.29
C MET P 266 -28.84 0.26 -19.68
N ALA P 267 -28.06 -0.27 -18.72
CA ALA P 267 -27.08 -1.28 -19.05
C ALA P 267 -27.76 -2.64 -19.23
N ASP P 268 -27.02 -3.57 -19.84
CA ASP P 268 -27.50 -4.95 -19.88
C ASP P 268 -27.44 -5.59 -18.49
N VAL P 269 -26.40 -5.26 -17.74
CA VAL P 269 -26.24 -5.67 -16.35
C VAL P 269 -25.45 -4.57 -15.64
N SER P 270 -25.89 -4.23 -14.44
CA SER P 270 -25.28 -3.20 -13.63
C SER P 270 -24.62 -3.84 -12.41
N VAL P 271 -23.46 -3.33 -12.02
CA VAL P 271 -22.66 -3.93 -10.95
C VAL P 271 -22.15 -2.83 -10.03
N GLY P 272 -22.28 -3.04 -8.73
CA GLY P 272 -21.77 -2.09 -7.76
C GLY P 272 -21.52 -2.76 -6.43
N CYS P 273 -21.28 -1.93 -5.42
CA CYS P 273 -21.05 -2.41 -4.07
C CYS P 273 -22.23 -2.18 -3.12
N VAL P 274 -23.05 -1.17 -3.35
CA VAL P 274 -24.15 -0.85 -2.46
C VAL P 274 -25.19 -1.96 -2.49
N GLY P 275 -25.71 -2.31 -1.30
CA GLY P 275 -26.72 -3.33 -1.16
C GLY P 275 -26.19 -4.75 -1.04
N SER P 276 -24.88 -4.94 -1.11
CA SER P 276 -24.25 -6.25 -1.05
C SER P 276 -23.19 -6.25 0.05
N PRO P 277 -22.91 -7.42 0.64
CA PRO P 277 -21.88 -7.48 1.69
C PRO P 277 -20.51 -7.15 1.13
N ASP P 278 -19.63 -6.65 1.99
CA ASP P 278 -18.26 -6.36 1.55
C ASP P 278 -17.64 -7.59 0.92
N GLY P 279 -16.81 -7.37 -0.09
CA GLY P 279 -16.21 -8.48 -0.81
C GLY P 279 -17.07 -9.06 -1.90
N TYR P 280 -18.33 -8.65 -1.99
CA TYR P 280 -19.25 -9.10 -3.03
C TYR P 280 -19.59 -7.91 -3.94
N SER P 281 -20.13 -8.23 -5.11
CA SER P 281 -20.64 -7.22 -6.02
C SER P 281 -22.15 -7.38 -6.16
N THR P 282 -22.87 -6.27 -6.12
CA THR P 282 -24.30 -6.27 -6.44
C THR P 282 -24.48 -6.35 -7.94
N VAL P 283 -25.43 -7.17 -8.38
CA VAL P 283 -25.66 -7.42 -9.80
C VAL P 283 -27.14 -7.20 -10.12
N ILE P 284 -27.41 -6.27 -11.03
CA ILE P 284 -28.77 -5.97 -11.47
C ILE P 284 -28.87 -6.36 -12.94
N ILE P 285 -29.55 -7.48 -13.22
CA ILE P 285 -29.72 -7.96 -14.58
C ILE P 285 -30.95 -7.33 -15.20
N ARG P 286 -30.78 -6.76 -16.39
CA ARG P 286 -31.82 -5.97 -17.04
C ARG P 286 -32.21 -6.43 -18.43
N THR P 287 -31.38 -7.20 -19.12
CA THR P 287 -31.71 -7.69 -20.45
C THR P 287 -31.28 -9.14 -20.58
N GLU P 288 -31.66 -9.75 -21.71
CA GLU P 288 -31.23 -11.12 -22.00
C GLU P 288 -29.72 -11.21 -22.20
N LYS P 289 -29.10 -10.15 -22.73
CA LYS P 289 -27.64 -10.13 -22.79
C LYS P 289 -27.05 -10.12 -21.38
N GLY P 290 -27.67 -9.39 -20.47
CA GLY P 290 -27.18 -9.36 -19.10
C GLY P 290 -27.40 -10.67 -18.38
N GLU P 291 -28.43 -11.42 -18.78
CA GLU P 291 -28.73 -12.70 -18.13
C GLU P 291 -27.57 -13.66 -18.23
N GLU P 292 -26.74 -13.54 -19.27
CA GLU P 292 -25.65 -14.49 -19.46
C GLU P 292 -24.66 -14.44 -18.31
N ILE P 293 -24.69 -13.39 -17.49
CA ILE P 293 -23.80 -13.33 -16.35
C ILE P 293 -24.10 -14.45 -15.37
N LYS P 294 -25.30 -15.02 -15.42
CA LYS P 294 -25.63 -16.12 -14.54
C LYS P 294 -24.75 -17.33 -14.82
N ASN P 295 -24.24 -17.45 -16.04
CA ASN P 295 -23.34 -18.55 -16.39
C ASN P 295 -21.91 -18.33 -15.93
N ALA P 296 -21.56 -17.11 -15.54
CA ALA P 296 -20.20 -16.80 -15.16
C ALA P 296 -20.01 -16.58 -13.67
N ILE P 297 -21.09 -16.38 -12.92
CA ILE P 297 -21.01 -16.07 -11.50
C ILE P 297 -22.05 -16.94 -10.78
N GLU P 298 -21.67 -17.41 -9.60
CA GLU P 298 -22.58 -18.15 -8.68
C GLU P 298 -23.34 -17.05 -7.94
N LEU P 299 -24.54 -16.69 -8.40
CA LEU P 299 -25.25 -15.57 -7.82
C LEU P 299 -26.22 -16.04 -6.74
N LYS P 300 -26.42 -15.16 -5.74
CA LYS P 300 -27.44 -15.38 -4.71
C LYS P 300 -28.35 -14.17 -4.62
N GLU P 301 -29.54 -14.41 -4.09
CA GLU P 301 -30.53 -13.37 -3.84
C GLU P 301 -30.39 -12.86 -2.40
N GLY P 302 -31.05 -11.74 -2.14
CA GLY P 302 -31.02 -11.16 -0.80
C GLY P 302 -30.40 -9.78 -0.78
N VAL P 303 -30.36 -9.14 -1.95
CA VAL P 303 -29.84 -7.78 -2.05
C VAL P 303 -30.66 -6.85 -1.16
N ASN P 304 -29.98 -5.87 -0.57
CA ASN P 304 -30.65 -4.83 0.23
C ASN P 304 -31.12 -3.74 -0.73
N LEU P 305 -32.39 -3.85 -1.15
CA LEU P 305 -32.91 -2.93 -2.15
C LEU P 305 -33.04 -1.51 -1.61
N GLU P 306 -33.33 -1.36 -0.31
CA GLU P 306 -33.48 -0.02 0.27
C GLU P 306 -32.20 0.78 0.17
N ALA P 307 -31.05 0.12 0.43
CA ALA P 307 -29.77 0.81 0.34
C ALA P 307 -29.53 1.38 -1.05
N ILE P 308 -29.91 0.65 -2.10
CA ILE P 308 -29.73 1.14 -3.46
C ILE P 308 -30.65 2.34 -3.70
N GLU P 309 -31.94 2.19 -3.38
CA GLU P 309 -32.90 3.25 -3.62
C GLU P 309 -32.48 4.54 -2.91
N LYS P 310 -31.94 4.43 -1.70
CA LYS P 310 -31.43 5.60 -0.99
C LYS P 310 -30.43 6.37 -1.84
N LEU P 311 -29.54 5.65 -2.53
CA LEU P 311 -28.50 6.30 -3.32
C LEU P 311 -29.08 6.94 -4.58
N ARG P 312 -30.10 6.30 -5.17
CA ARG P 312 -30.80 6.90 -6.30
C ARG P 312 -31.38 8.25 -5.91
N ASP P 313 -32.07 8.30 -4.78
CA ASP P 313 -32.70 9.54 -4.34
C ASP P 313 -31.66 10.59 -4.01
N LEU P 314 -30.55 10.19 -3.39
CA LEU P 314 -29.49 11.14 -3.08
C LEU P 314 -28.99 11.82 -4.36
N LYS P 315 -28.78 11.03 -5.41
CA LYS P 315 -28.29 11.57 -6.70
C LYS P 315 -29.34 12.50 -7.30
N LEU P 316 -30.61 12.07 -7.33
CA LEU P 316 -31.66 12.89 -7.90
C LEU P 316 -31.80 14.21 -7.16
N ASN P 317 -31.79 14.17 -5.82
CA ASN P 317 -31.86 15.40 -5.06
C ASN P 317 -30.69 16.32 -5.39
N ARG P 318 -29.50 15.75 -5.52
CA ARG P 318 -28.34 16.55 -5.92
C ARG P 318 -28.54 17.17 -7.30
N PHE P 319 -29.08 16.38 -8.24
CA PHE P 319 -29.39 16.90 -9.56
C PHE P 319 -30.42 18.03 -9.46
N LYS P 320 -31.50 17.81 -8.73
CA LYS P 320 -32.53 18.84 -8.59
C LYS P 320 -31.96 20.12 -8.01
N LYS P 321 -31.12 20.00 -6.98
CA LYS P 321 -30.54 21.19 -6.36
C LYS P 321 -29.70 21.98 -7.36
N GLU P 322 -28.92 21.29 -8.18
CA GLU P 322 -28.09 22.00 -9.14
C GLU P 322 -28.94 22.68 -10.22
N VAL P 323 -29.98 22.00 -10.69
CA VAL P 323 -30.85 22.60 -11.70
C VAL P 323 -31.51 23.86 -11.14
N GLU P 324 -32.01 23.79 -9.90
CA GLU P 324 -32.62 24.97 -9.29
C GLU P 324 -31.60 26.10 -9.15
N ARG P 325 -30.36 25.78 -8.79
CA ARG P 325 -29.33 26.81 -8.69
C ARG P 325 -29.11 27.49 -10.04
N ARG P 326 -28.96 26.72 -11.10
CA ARG P 326 -28.74 27.29 -12.42
C ARG P 326 -29.93 28.15 -12.84
N LYS P 327 -31.15 27.70 -12.55
CA LYS P 327 -32.33 28.50 -12.83
C LYS P 327 -32.25 29.86 -12.13
N ALA P 328 -31.96 29.86 -10.83
CA ALA P 328 -31.88 31.11 -10.09
C ALA P 328 -30.74 31.98 -10.61
N GLU P 329 -29.66 31.36 -11.07
CA GLU P 329 -28.46 32.09 -11.48
C GLU P 329 -28.42 32.38 -12.97
N ASP P 330 -29.45 31.98 -13.72
CA ASP P 330 -29.51 32.20 -15.16
C ASP P 330 -28.34 31.54 -15.89
N GLU P 331 -27.94 30.36 -15.41
CA GLU P 331 -26.91 29.57 -16.06
C GLU P 331 -27.54 28.63 -17.08
N LYS P 332 -26.70 28.11 -17.98
CA LYS P 332 -27.21 27.23 -19.07
C LYS P 332 -27.69 25.89 -18.51
N VAL P 333 -28.88 25.47 -18.96
CA VAL P 333 -29.44 24.17 -18.61
C VAL P 333 -29.84 23.47 -19.90
N SER P 334 -29.34 22.26 -20.12
CA SER P 334 -29.83 21.40 -21.18
C SER P 334 -30.81 20.42 -20.57
N PHE P 335 -32.07 20.47 -21.03
CA PHE P 335 -33.14 19.63 -20.45
C PHE P 335 -33.15 18.24 -21.09
N TYR P 336 -32.03 17.55 -20.94
CA TYR P 336 -31.83 16.30 -21.67
C TYR P 336 -32.78 15.21 -21.21
N TRP P 337 -33.28 15.29 -19.98
CA TRP P 337 -34.17 14.26 -19.44
C TRP P 337 -35.61 14.39 -19.92
N THR P 338 -35.97 15.42 -20.70
CA THR P 338 -37.33 15.44 -21.23
C THR P 338 -37.60 14.21 -22.07
N ALA P 339 -36.56 13.69 -22.73
CA ALA P 339 -36.66 12.50 -23.57
C ALA P 339 -36.86 11.24 -22.77
N ASP P 340 -36.87 11.36 -21.44
CA ASP P 340 -37.22 10.23 -20.60
C ASP P 340 -38.69 9.86 -20.69
N TYR P 341 -39.54 10.76 -21.20
CA TYR P 341 -40.98 10.61 -21.12
C TYR P 341 -41.60 10.64 -22.51
N GLY P 342 -42.60 9.78 -22.73
CA GLY P 342 -43.36 9.84 -23.96
C GLY P 342 -44.25 11.07 -24.00
N GLY P 343 -44.55 11.51 -25.22
CA GLY P 343 -45.49 12.60 -25.43
C GLY P 343 -44.92 14.00 -25.26
N VAL P 344 -43.60 14.15 -25.09
CA VAL P 344 -42.97 15.45 -24.85
C VAL P 344 -42.31 15.90 -26.15
N GLY P 345 -42.65 17.10 -26.60
CA GLY P 345 -42.01 17.66 -27.78
C GLY P 345 -41.53 19.08 -27.53
N LYS P 346 -40.49 19.45 -28.26
CA LYS P 346 -39.90 20.80 -28.11
C LYS P 346 -40.52 21.74 -29.14
N ARG P 347 -41.06 22.87 -28.66
CA ARG P 347 -41.62 23.91 -29.50
C ARG P 347 -40.50 24.74 -30.15
N ALA P 348 -40.91 25.58 -31.09
CA ALA P 348 -39.97 26.43 -31.82
C ALA P 348 -39.26 27.44 -30.90
N ASP P 349 -39.89 27.81 -29.79
CA ASP P 349 -39.34 28.86 -28.93
C ASP P 349 -38.61 28.31 -27.72
N GLY P 350 -38.30 27.02 -27.70
CA GLY P 350 -37.54 26.44 -26.61
C GLY P 350 -38.34 25.94 -25.42
N THR P 351 -39.66 26.18 -25.41
CA THR P 351 -40.52 25.56 -24.42
C THR P 351 -41.01 24.24 -25.00
N TYR P 352 -41.86 23.53 -24.25
CA TYR P 352 -42.27 22.20 -24.63
C TYR P 352 -43.79 22.09 -24.71
N PHE P 353 -44.24 21.11 -25.48
CA PHE P 353 -45.64 20.70 -25.47
C PHE P 353 -45.67 19.27 -24.92
N ILE P 354 -46.75 18.96 -24.22
CA ILE P 354 -46.98 17.65 -23.62
C ILE P 354 -48.28 17.12 -24.21
N ARG P 355 -48.20 16.00 -24.91
CA ARG P 355 -49.35 15.40 -25.58
C ARG P 355 -49.92 14.31 -24.69
N ILE P 356 -51.19 14.43 -24.33
CA ILE P 356 -51.91 13.39 -23.61
C ILE P 356 -52.52 12.45 -24.66
N ARG P 357 -52.04 11.21 -24.69
CA ARG P 357 -52.47 10.25 -25.70
C ARG P 357 -54.00 10.19 -25.78
N ALA P 358 -54.54 10.36 -26.99
CA ALA P 358 -55.99 10.47 -27.14
C ALA P 358 -56.70 9.24 -26.58
N LYS P 359 -57.79 9.48 -25.86
CA LYS P 359 -58.64 8.44 -25.32
C LYS P 359 -59.57 7.91 -26.41
N PRO P 360 -59.98 6.65 -26.30
CA PRO P 360 -60.75 6.02 -27.39
C PRO P 360 -61.97 6.83 -27.82
N ALA P 361 -62.04 7.06 -29.13
CA ALA P 361 -63.13 7.74 -29.82
C ALA P 361 -63.29 9.18 -29.33
N GLY P 362 -62.28 9.73 -28.65
CA GLY P 362 -62.34 11.10 -28.20
C GLY P 362 -63.29 11.39 -27.06
N TRP P 363 -63.75 10.37 -26.31
CA TRP P 363 -64.62 10.60 -25.16
C TRP P 363 -63.78 10.94 -23.94
N TYR P 364 -64.14 12.04 -23.26
CA TYR P 364 -63.50 12.46 -22.01
C TYR P 364 -64.60 12.74 -20.99
N SER P 365 -64.43 12.22 -19.77
CA SER P 365 -65.37 12.62 -18.74
C SER P 365 -65.16 14.09 -18.40
N ILE P 366 -66.21 14.73 -17.90
CA ILE P 366 -66.08 16.13 -17.46
C ILE P 366 -65.01 16.22 -16.37
N ASP P 367 -64.97 15.24 -15.45
CA ASP P 367 -63.94 15.24 -14.42
C ASP P 367 -62.55 15.14 -15.03
N GLU P 368 -62.39 14.26 -16.04
CA GLU P 368 -61.09 14.10 -16.68
C GLU P 368 -60.64 15.40 -17.33
N ALA P 369 -61.53 16.03 -18.09
CA ALA P 369 -61.16 17.27 -18.78
C ALA P 369 -60.78 18.35 -17.78
N ARG P 370 -61.55 18.47 -16.69
CA ARG P 370 -61.24 19.47 -15.68
C ARG P 370 -59.90 19.23 -15.03
N GLU P 371 -59.54 17.96 -14.82
CA GLU P 371 -58.24 17.65 -14.22
C GLU P 371 -57.12 18.12 -15.13
N ILE P 372 -57.26 17.88 -16.42
CA ILE P 372 -56.25 18.29 -17.38
C ILE P 372 -56.09 19.80 -17.38
N LEU P 373 -57.22 20.51 -17.41
CA LEU P 373 -57.17 21.97 -17.43
C LEU P 373 -56.49 22.52 -16.17
N GLU P 374 -56.74 21.88 -15.04
CA GLU P 374 -56.15 22.28 -13.76
C GLU P 374 -54.63 22.13 -13.78
N ILE P 375 -54.14 21.01 -14.33
CA ILE P 375 -52.70 20.81 -14.41
C ILE P 375 -52.08 21.79 -15.41
N ALA P 376 -52.74 22.00 -16.55
CA ALA P 376 -52.22 23.00 -17.50
C ALA P 376 -52.10 24.38 -16.84
N GLU P 377 -53.14 24.79 -16.11
CA GLU P 377 -53.14 26.10 -15.47
C GLU P 377 -51.99 26.22 -14.49
N LYS P 378 -51.74 25.16 -13.72
CA LYS P 378 -50.70 25.21 -12.70
C LYS P 378 -49.33 25.47 -13.33
N TYR P 379 -49.08 24.91 -14.50
CA TYR P 379 -47.80 25.03 -15.17
C TYR P 379 -47.88 25.99 -16.33
N ASP P 380 -48.84 26.92 -16.27
CA ASP P 380 -48.98 28.03 -17.25
C ASP P 380 -48.98 27.53 -18.69
N GLY P 381 -49.66 26.40 -18.93
CA GLY P 381 -49.79 25.84 -20.27
C GLY P 381 -51.03 26.28 -21.01
N LYS P 382 -50.94 26.14 -22.33
CA LYS P 382 -52.00 26.51 -23.26
C LYS P 382 -52.55 25.26 -23.95
N ILE P 383 -53.88 25.20 -24.08
CA ILE P 383 -54.56 24.00 -24.57
C ILE P 383 -54.66 24.06 -26.09
N LYS P 384 -54.24 22.96 -26.73
CA LYS P 384 -54.43 22.73 -28.16
C LYS P 384 -55.05 21.34 -28.35
N MET P 385 -56.13 21.29 -29.14
CA MET P 385 -56.82 20.00 -29.44
C MET P 385 -56.28 19.48 -30.78
N THR P 386 -55.76 18.25 -30.79
CA THR P 386 -55.17 17.68 -32.00
C THR P 386 -56.25 17.05 -32.89
N ASN P 387 -55.89 16.79 -34.15
CA ASN P 387 -56.82 16.18 -35.10
C ASN P 387 -56.89 14.66 -34.94
N ARG P 388 -56.33 14.12 -33.86
CA ARG P 388 -56.63 12.77 -33.38
C ARG P 388 -57.37 12.77 -32.05
N GLY P 389 -57.91 13.91 -31.63
CA GLY P 389 -58.72 13.97 -30.43
C GLY P 389 -57.97 14.06 -29.12
N ALA P 390 -56.73 14.53 -29.14
CA ALA P 390 -55.92 14.62 -27.93
C ALA P 390 -55.82 16.05 -27.41
N PHE P 391 -55.76 16.18 -26.08
CA PHE P 391 -55.32 17.40 -25.44
C PHE P 391 -53.80 17.48 -25.52
N GLU P 392 -53.29 18.60 -26.02
CA GLU P 392 -51.85 18.86 -26.08
C GLU P 392 -51.61 20.21 -25.41
N ILE P 393 -50.71 20.23 -24.42
CA ILE P 393 -50.50 21.40 -23.57
C ILE P 393 -49.19 22.06 -23.96
N HIS P 394 -49.27 23.33 -24.37
CA HIS P 394 -48.14 24.05 -24.94
C HIS P 394 -47.58 25.08 -23.98
N GLY P 395 -46.28 25.33 -24.15
CA GLY P 395 -45.61 26.40 -23.45
C GLY P 395 -44.95 26.02 -22.15
N ILE P 396 -44.69 24.74 -21.94
CA ILE P 396 -44.17 24.28 -20.65
C ILE P 396 -42.66 24.51 -20.61
N SER P 397 -42.19 25.15 -19.56
CA SER P 397 -40.76 25.34 -19.40
C SER P 397 -40.08 24.00 -19.22
N GLY P 398 -38.88 23.86 -19.77
CA GLY P 398 -38.08 22.67 -19.52
C GLY P 398 -37.91 22.39 -18.05
N PHE P 399 -37.91 23.43 -17.21
CA PHE P 399 -37.80 23.24 -15.77
C PHE P 399 -39.01 22.53 -15.19
N ASP P 400 -40.15 22.59 -15.87
CA ASP P 400 -41.40 22.05 -15.35
C ASP P 400 -41.85 20.76 -16.02
N VAL P 401 -41.22 20.35 -17.13
CA VAL P 401 -41.78 19.25 -17.91
C VAL P 401 -41.91 17.99 -17.05
N GLU P 402 -40.85 17.65 -16.30
CA GLU P 402 -40.87 16.38 -15.56
C GLU P 402 -41.93 16.38 -14.46
N ALA P 403 -41.97 17.44 -13.65
CA ALA P 403 -42.96 17.50 -12.59
C ALA P 403 -44.38 17.38 -13.14
N MET P 404 -44.66 18.07 -14.26
CA MET P 404 -46.00 18.04 -14.83
C MET P 404 -46.36 16.68 -15.41
N VAL P 405 -45.43 16.04 -16.13
CA VAL P 405 -45.71 14.71 -16.67
C VAL P 405 -46.01 13.75 -15.53
N LEU P 406 -45.21 13.82 -14.46
CA LEU P 406 -45.44 12.95 -13.31
C LEU P 406 -46.79 13.23 -12.66
N GLU P 407 -47.17 14.51 -12.59
CA GLU P 407 -48.48 14.87 -12.04
C GLU P 407 -49.61 14.32 -12.91
N LEU P 408 -49.46 14.42 -14.23
CA LEU P 408 -50.44 13.87 -15.13
C LEU P 408 -50.53 12.36 -14.98
N MET P 409 -49.38 11.69 -14.88
CA MET P 409 -49.40 10.25 -14.72
C MET P 409 -50.00 9.81 -13.39
N GLU P 410 -49.69 10.51 -12.30
CA GLU P 410 -50.26 10.14 -11.00
C GLU P 410 -51.78 10.30 -11.01
N LYS P 411 -52.31 11.26 -11.78
CA LYS P 411 -53.76 11.41 -11.90
C LYS P 411 -54.33 10.46 -12.97
N GLY P 412 -53.51 9.58 -13.56
CA GLY P 412 -54.00 8.52 -14.41
C GLY P 412 -53.89 8.75 -15.90
N PHE P 413 -53.30 9.86 -16.32
CA PHE P 413 -53.16 10.15 -17.73
C PHE P 413 -51.87 9.56 -18.28
N ILE P 414 -51.94 9.12 -19.53
CA ILE P 414 -50.78 8.60 -20.26
C ILE P 414 -50.38 9.67 -21.25
N THR P 415 -49.14 10.14 -21.14
CA THR P 415 -48.56 11.05 -22.11
C THR P 415 -47.90 10.22 -23.21
N GLY P 416 -48.15 10.59 -24.47
CA GLY P 416 -47.60 9.79 -25.55
C GLY P 416 -48.14 10.20 -26.91
N SER P 417 -48.27 9.20 -27.78
CA SER P 417 -48.68 9.40 -29.16
C SER P 417 -47.64 10.26 -29.91
N GLU P 418 -46.38 10.04 -29.54
CA GLU P 418 -45.26 10.80 -30.15
C GLU P 418 -44.08 9.84 -30.39
N GLY P 419 -43.33 10.07 -31.46
CA GLY P 419 -42.16 9.28 -31.76
C GLY P 419 -42.50 8.03 -32.56
N PRO P 420 -41.48 7.22 -32.84
CA PRO P 420 -41.67 6.00 -33.67
C PRO P 420 -42.31 4.84 -32.92
N LEU P 421 -43.64 4.86 -32.86
CA LEU P 421 -44.42 3.85 -32.16
C LEU P 421 -45.87 3.93 -32.62
N VAL P 422 -46.69 3.03 -32.08
CA VAL P 422 -48.12 2.98 -32.38
C VAL P 422 -48.80 4.17 -31.70
N ARG P 423 -49.30 5.10 -32.51
CA ARG P 423 -49.91 6.33 -32.04
C ARG P 423 -51.34 6.06 -31.54
N ALA P 424 -51.95 7.08 -30.96
CA ALA P 424 -53.32 6.95 -30.49
C ALA P 424 -54.22 6.47 -31.61
N THR P 425 -54.95 5.39 -31.34
CA THR P 425 -55.92 4.88 -32.31
C THR P 425 -57.08 5.86 -32.43
N LEU P 426 -57.45 6.19 -33.67
CA LEU P 426 -58.49 7.19 -33.94
C LEU P 426 -59.80 6.50 -34.31
N ALA P 427 -60.83 6.74 -33.52
CA ALA P 427 -62.15 6.16 -33.75
C ALA P 427 -63.22 7.24 -33.70
N CYS P 428 -64.29 7.03 -34.47
CA CYS P 428 -65.45 7.89 -34.47
C CYS P 428 -66.42 7.41 -33.39
N PRO P 429 -67.55 8.09 -33.18
CA PRO P 429 -68.48 7.65 -32.11
C PRO P 429 -69.16 6.30 -32.37
N GLY P 430 -69.36 5.91 -33.62
CA GLY P 430 -69.89 4.60 -33.96
C GLY P 430 -71.33 4.32 -33.56
N GLU P 431 -71.63 3.01 -33.53
CA GLU P 431 -73.00 2.54 -33.33
C GLU P 431 -73.59 3.03 -32.01
N GLY P 432 -74.87 3.35 -32.02
CA GLY P 432 -75.57 3.81 -30.84
C GLY P 432 -75.30 5.25 -30.47
N ASN P 433 -74.30 5.88 -31.08
CA ASN P 433 -74.02 7.30 -30.91
C ASN P 433 -74.34 8.02 -32.21
N CYS P 434 -73.57 7.75 -33.25
CA CYS P 434 -73.89 8.24 -34.58
C CYS P 434 -74.98 7.38 -35.20
N GLY P 435 -75.98 8.03 -35.80
CA GLY P 435 -77.06 7.34 -36.47
C GLY P 435 -76.65 6.44 -37.62
N SER P 436 -75.48 6.69 -38.22
CA SER P 436 -74.99 5.86 -39.31
C SER P 436 -74.11 4.71 -38.82
N GLY P 437 -73.78 4.67 -37.54
CA GLY P 437 -72.78 3.72 -37.05
C GLY P 437 -73.25 2.27 -37.10
N LEU P 438 -72.35 1.40 -37.56
CA LEU P 438 -72.66 -0.02 -37.70
C LEU P 438 -71.92 -0.92 -36.72
N ILE P 439 -70.83 -0.45 -36.11
CA ILE P 439 -70.01 -1.25 -35.20
C ILE P 439 -69.70 -0.41 -33.96
N ASN P 440 -69.32 -1.11 -32.88
CA ASN P 440 -68.93 -0.47 -31.63
C ASN P 440 -67.47 -0.01 -31.74
N THR P 441 -67.30 1.19 -32.30
CA THR P 441 -65.96 1.71 -32.53
C THR P 441 -65.22 1.98 -31.24
N THR P 442 -65.93 2.49 -30.21
CA THR P 442 -65.27 2.83 -28.96
C THR P 442 -64.66 1.59 -28.32
N GLU P 443 -65.40 0.48 -28.29
CA GLU P 443 -64.91 -0.72 -27.66
C GLU P 443 -63.75 -1.33 -28.44
N LEU P 444 -63.87 -1.39 -29.77
CA LEU P 444 -62.77 -1.90 -30.56
C LEU P 444 -61.53 -1.02 -30.40
N CYS P 445 -61.73 0.30 -30.34
CA CYS P 445 -60.62 1.20 -30.12
C CYS P 445 -59.93 0.93 -28.78
N LYS P 446 -60.71 0.73 -27.72
CA LYS P 446 -60.13 0.41 -26.41
C LYS P 446 -59.33 -0.88 -26.47
N ILE P 447 -59.85 -1.90 -27.19
CA ILE P 447 -59.15 -3.17 -27.29
C ILE P 447 -57.81 -3.01 -28.01
N LEU P 448 -57.82 -2.26 -29.12
CA LEU P 448 -56.56 -2.07 -29.83
C LEU P 448 -55.56 -1.28 -28.99
N GLU P 449 -56.03 -0.26 -28.27
CA GLU P 449 -55.15 0.48 -27.39
C GLU P 449 -54.58 -0.39 -26.28
N ASP P 450 -55.44 -1.23 -25.67
CA ASP P 450 -54.97 -2.08 -24.58
C ASP P 450 -53.89 -3.04 -25.07
N ASN P 451 -53.95 -3.47 -26.32
CA ASN P 451 -52.97 -4.43 -26.84
C ASN P 451 -51.71 -3.78 -27.40
N PHE P 452 -51.81 -2.57 -27.97
CA PHE P 452 -50.72 -2.02 -28.77
C PHE P 452 -50.26 -0.62 -28.42
N LYS P 453 -50.84 0.03 -27.42
CA LYS P 453 -50.51 1.44 -27.18
C LYS P 453 -49.02 1.59 -26.91
N GLU P 454 -48.40 2.55 -27.60
CA GLU P 454 -47.00 2.94 -27.42
C GLU P 454 -46.02 1.84 -27.81
N HIS P 455 -46.46 0.82 -28.56
CA HIS P 455 -45.54 -0.23 -28.97
C HIS P 455 -44.58 0.31 -30.03
N PRO P 456 -43.29 0.00 -29.93
CA PRO P 456 -42.33 0.56 -30.89
C PRO P 456 -42.54 0.05 -32.31
N ALA P 457 -42.19 0.89 -33.27
CA ALA P 457 -42.19 0.56 -34.69
C ALA P 457 -41.06 1.31 -35.36
N PRO P 458 -40.63 0.90 -36.56
CA PRO P 458 -39.56 1.65 -37.25
C PRO P 458 -39.88 3.13 -37.46
N TYR P 459 -41.16 3.49 -37.56
CA TYR P 459 -41.62 4.87 -37.76
C TYR P 459 -43.03 4.94 -37.19
N LYS P 460 -43.60 6.13 -37.17
CA LYS P 460 -44.94 6.30 -36.62
C LYS P 460 -45.93 5.37 -37.32
N PHE P 461 -46.87 4.84 -36.55
CA PHE P 461 -47.79 3.81 -37.01
C PHE P 461 -49.18 4.17 -36.47
N LYS P 462 -50.13 4.42 -37.38
CA LYS P 462 -51.42 5.00 -37.01
C LYS P 462 -52.56 4.09 -37.46
N ILE P 463 -53.47 3.80 -36.52
CA ILE P 463 -54.65 2.98 -36.76
C ILE P 463 -55.89 3.84 -36.62
N ALA P 464 -56.87 3.63 -37.51
CA ALA P 464 -58.15 4.32 -37.46
C ALA P 464 -59.31 3.33 -37.62
N ILE P 465 -60.40 3.61 -36.93
CA ILE P 465 -61.60 2.76 -36.91
C ILE P 465 -62.81 3.65 -37.18
N SER P 466 -63.44 3.47 -38.34
CA SER P 466 -64.69 4.17 -38.64
C SER P 466 -65.87 3.24 -38.40
N GLY P 467 -66.99 3.85 -37.98
CA GLY P 467 -68.19 3.09 -37.67
C GLY P 467 -68.98 2.63 -38.88
N CYS P 468 -68.72 3.22 -40.03
CA CYS P 468 -69.45 2.94 -41.27
C CYS P 468 -68.56 3.37 -42.44
N PRO P 469 -69.01 3.13 -43.66
CA PRO P 469 -68.18 3.46 -44.85
C PRO P 469 -68.04 4.95 -45.14
N ASN P 470 -68.68 5.85 -44.40
CA ASN P 470 -68.36 7.27 -44.60
C ASN P 470 -66.92 7.58 -44.20
N LYS P 471 -66.35 6.78 -43.31
CA LYS P 471 -64.91 6.78 -43.05
C LYS P 471 -64.42 8.18 -42.62
N CYS P 472 -65.15 8.77 -41.68
CA CYS P 472 -64.82 10.11 -41.21
C CYS P 472 -63.39 10.21 -40.67
N VAL P 473 -62.86 9.13 -40.08
CA VAL P 473 -61.54 9.15 -39.50
C VAL P 473 -60.49 8.59 -40.45
N ARG P 474 -60.89 8.27 -41.70
CA ARG P 474 -60.01 7.97 -42.83
C ARG P 474 -59.23 6.67 -42.68
N PRO P 475 -59.90 5.57 -42.37
CA PRO P 475 -59.18 4.28 -42.26
C PRO P 475 -58.56 3.81 -43.56
N GLN P 476 -59.03 4.29 -44.72
CA GLN P 476 -58.47 3.83 -45.97
C GLN P 476 -57.13 4.46 -46.30
N ILE P 477 -56.64 5.40 -45.48
CA ILE P 477 -55.30 5.96 -45.63
C ILE P 477 -54.59 5.97 -44.28
N HIS P 478 -54.72 4.87 -43.53
CA HIS P 478 -54.00 4.65 -42.29
C HIS P 478 -53.14 3.39 -42.42
N ASP P 479 -52.13 3.28 -41.57
CA ASP P 479 -51.29 2.08 -41.58
C ASP P 479 -52.15 0.83 -41.42
N ILE P 480 -53.10 0.84 -40.49
CA ILE P 480 -54.17 -0.15 -40.39
C ILE P 480 -55.47 0.62 -40.30
N GLY P 481 -56.45 0.22 -41.12
CA GLY P 481 -57.76 0.84 -41.08
C GLY P 481 -58.84 -0.21 -40.93
N ILE P 482 -59.88 0.14 -40.16
CA ILE P 482 -61.06 -0.69 -39.99
C ILE P 482 -62.28 0.18 -40.27
N ALA P 483 -63.23 -0.37 -41.03
CA ALA P 483 -64.49 0.31 -41.30
C ALA P 483 -65.64 -0.68 -41.12
N GLY P 484 -66.64 -0.30 -40.34
CA GLY P 484 -67.83 -1.13 -40.23
C GLY P 484 -68.59 -1.14 -41.54
N VAL P 485 -69.07 -2.33 -41.93
CA VAL P 485 -69.89 -2.46 -43.14
C VAL P 485 -71.08 -3.38 -42.90
N LYS P 486 -72.14 -3.18 -43.70
CA LYS P 486 -73.36 -3.97 -43.63
C LYS P 486 -73.99 -3.95 -45.03
N PHE P 487 -73.81 -5.03 -45.77
CA PHE P 487 -74.29 -5.05 -47.15
C PHE P 487 -75.71 -5.60 -47.21
N PRO P 488 -76.55 -5.07 -48.09
CA PRO P 488 -77.93 -5.53 -48.17
C PRO P 488 -78.10 -6.65 -49.16
N VAL P 489 -79.20 -7.38 -49.00
CA VAL P 489 -79.73 -8.26 -50.03
C VAL P 489 -81.24 -8.12 -50.02
N VAL P 490 -81.81 -7.87 -51.21
CA VAL P 490 -83.25 -7.66 -51.30
C VAL P 490 -83.99 -8.96 -51.01
N ASN P 491 -85.00 -8.86 -50.13
CA ASN P 491 -85.95 -9.97 -49.86
C ASN P 491 -87.04 -9.87 -50.93
N GLU P 492 -87.01 -10.76 -51.93
CA GLU P 492 -87.95 -10.73 -53.09
C GLU P 492 -89.42 -10.89 -52.68
N GLU P 493 -89.69 -11.64 -51.62
CA GLU P 493 -91.10 -11.84 -51.17
C GLU P 493 -91.70 -10.55 -50.59
N ASN P 494 -90.86 -9.65 -50.04
CA ASN P 494 -91.35 -8.45 -49.33
C ASN P 494 -91.19 -7.16 -50.13
N CYS P 495 -90.09 -6.99 -50.87
CA CYS P 495 -89.89 -5.74 -51.60
C CYS P 495 -91.02 -5.55 -52.61
N ASN P 496 -91.58 -4.33 -52.67
CA ASN P 496 -92.68 -4.03 -53.59
C ASN P 496 -92.37 -2.89 -54.56
N GLY P 497 -91.11 -2.47 -54.65
CA GLY P 497 -90.68 -1.43 -55.55
C GLY P 497 -91.18 -0.03 -55.22
N CYS P 498 -91.50 0.19 -53.94
CA CYS P 498 -92.00 1.50 -53.44
C CYS P 498 -91.03 2.63 -53.83
N GLY P 499 -89.73 2.35 -53.82
CA GLY P 499 -88.68 3.31 -54.22
C GLY P 499 -87.97 4.03 -53.10
N ARG P 500 -88.36 3.84 -51.83
CA ARG P 500 -87.78 4.65 -50.76
C ARG P 500 -86.27 4.41 -50.61
N CYS P 501 -85.83 3.16 -50.63
CA CYS P 501 -84.40 2.88 -50.40
C CYS P 501 -83.50 3.63 -51.37
N ALA P 502 -83.89 3.74 -52.63
CA ALA P 502 -83.01 4.39 -53.61
C ALA P 502 -82.73 5.83 -53.23
N GLU P 503 -83.67 6.45 -52.50
CA GLU P 503 -83.54 7.86 -52.14
C GLU P 503 -82.47 8.10 -51.09
N VAL P 504 -82.21 7.11 -50.23
CA VAL P 504 -81.22 7.31 -49.17
C VAL P 504 -79.84 6.88 -49.59
N CYS P 505 -79.71 6.29 -50.78
CA CYS P 505 -78.40 5.82 -51.26
C CYS P 505 -77.79 6.94 -52.08
N LYS P 506 -76.88 7.69 -51.46
CA LYS P 506 -76.30 8.86 -52.10
C LYS P 506 -75.41 8.48 -53.27
N ILE P 507 -74.82 7.29 -53.27
CA ILE P 507 -73.98 6.90 -54.41
C ILE P 507 -74.80 6.21 -55.51
N GLU P 508 -76.12 6.11 -55.35
CA GLU P 508 -77.04 5.67 -56.39
C GLU P 508 -76.75 4.24 -56.86
N ALA P 509 -76.64 3.34 -55.88
CA ALA P 509 -76.38 1.93 -56.18
C ALA P 509 -77.63 1.10 -56.36
N ILE P 510 -78.79 1.70 -56.11
CA ILE P 510 -80.07 0.92 -56.12
C ILE P 510 -80.86 1.17 -57.41
N ASP P 511 -81.33 0.07 -58.02
CA ASP P 511 -82.18 0.15 -59.24
C ASP P 511 -83.60 -0.23 -58.82
N ILE P 512 -84.54 0.70 -58.94
CA ILE P 512 -85.97 0.42 -58.61
C ILE P 512 -86.61 -0.03 -59.93
N ARG P 513 -87.16 -1.25 -59.96
CA ARG P 513 -87.72 -1.75 -61.22
C ARG P 513 -89.06 -2.42 -60.99
N GLY P 514 -90.11 -1.86 -61.58
CA GLY P 514 -91.42 -2.47 -61.48
C GLY P 514 -91.82 -2.64 -60.03
N GLU P 515 -92.05 -3.89 -59.64
CA GLU P 515 -92.48 -4.20 -58.28
C GLU P 515 -91.34 -4.71 -57.41
N THR P 516 -90.09 -4.35 -57.72
CA THR P 516 -88.95 -4.86 -56.97
C THR P 516 -87.79 -3.88 -57.06
N SER P 517 -86.68 -4.27 -56.43
CA SER P 517 -85.47 -3.46 -56.43
C SER P 517 -84.26 -4.39 -56.51
N TYR P 518 -83.14 -3.78 -56.87
CA TYR P 518 -81.85 -4.45 -57.03
C TYR P 518 -80.75 -3.57 -56.43
N THR P 519 -79.60 -4.21 -56.15
CA THR P 519 -78.42 -3.51 -55.68
C THR P 519 -77.26 -3.76 -56.64
N ASN P 520 -76.56 -2.71 -57.04
CA ASN P 520 -75.34 -2.84 -57.84
C ASN P 520 -74.16 -3.01 -56.87
N TYR P 521 -73.72 -4.26 -56.69
CA TYR P 521 -72.65 -4.55 -55.73
C TYR P 521 -71.29 -4.10 -56.20
N ASN P 522 -71.15 -3.62 -57.44
CA ASN P 522 -69.90 -2.98 -57.84
C ASN P 522 -69.80 -1.54 -57.37
N VAL P 523 -70.90 -0.98 -56.84
CA VAL P 523 -70.93 0.38 -56.32
C VAL P 523 -71.24 0.41 -54.83
N CYS P 524 -72.17 -0.43 -54.37
CA CYS P 524 -72.57 -0.47 -52.96
C CYS P 524 -71.36 -0.58 -52.03
N ILE P 525 -71.32 0.28 -51.01
CA ILE P 525 -70.23 0.30 -50.05
C ILE P 525 -70.64 -0.29 -48.71
N GLY P 526 -71.85 -0.82 -48.61
CA GLY P 526 -72.28 -1.46 -47.37
C GLY P 526 -72.51 -0.52 -46.20
N CYS P 527 -73.18 0.61 -46.43
CA CYS P 527 -73.52 1.53 -45.35
C CYS P 527 -74.75 1.07 -44.58
N GLY P 528 -75.56 0.19 -45.17
CA GLY P 528 -76.74 -0.30 -44.50
C GLY P 528 -77.93 0.63 -44.46
N LYS P 529 -77.83 1.82 -45.05
CA LYS P 529 -78.91 2.81 -44.92
C LYS P 529 -80.21 2.33 -45.58
N CYS P 530 -80.11 1.63 -46.70
CA CYS P 530 -81.31 1.07 -47.35
C CYS P 530 -82.03 0.04 -46.48
N ILE P 531 -81.30 -0.74 -45.68
CA ILE P 531 -81.95 -1.72 -44.79
C ILE P 531 -82.77 -1.00 -43.74
N LYS P 532 -82.16 0.01 -43.13
CA LYS P 532 -82.82 0.80 -42.04
C LYS P 532 -83.97 1.65 -42.60
N ALA P 533 -83.86 2.11 -43.84
CA ALA P 533 -84.87 2.99 -44.42
C ALA P 533 -86.11 2.24 -44.96
N CYS P 534 -85.99 0.95 -45.28
CA CYS P 534 -87.10 0.24 -45.93
C CYS P 534 -88.27 0.10 -44.96
N PRO P 535 -89.48 0.49 -45.32
CA PRO P 535 -90.63 0.31 -44.42
C PRO P 535 -91.32 -1.03 -44.55
N ASN P 536 -90.81 -1.91 -45.42
CA ASN P 536 -91.54 -3.12 -45.83
C ASN P 536 -90.75 -4.41 -45.61
N GLU P 537 -89.71 -4.37 -44.79
CA GLU P 537 -88.86 -5.53 -44.53
C GLU P 537 -88.34 -6.12 -45.85
N GLY P 538 -87.99 -5.23 -46.77
CA GLY P 538 -87.59 -5.65 -48.09
C GLY P 538 -86.12 -5.89 -48.29
N ARG P 539 -85.30 -5.47 -47.34
CA ARG P 539 -83.83 -5.65 -47.47
C ARG P 539 -83.27 -6.33 -46.21
N ASP P 540 -82.60 -7.47 -46.40
CA ASP P 540 -81.94 -8.20 -45.33
C ASP P 540 -80.44 -7.94 -45.38
N VAL P 541 -79.72 -8.46 -44.39
CA VAL P 541 -78.27 -8.36 -44.34
C VAL P 541 -77.65 -9.50 -45.15
N LYS P 542 -76.85 -9.14 -46.15
CA LYS P 542 -76.08 -10.12 -46.91
C LYS P 542 -74.80 -10.51 -46.16
N GLU P 543 -74.10 -9.50 -45.64
CA GLU P 543 -72.79 -9.66 -45.03
C GLU P 543 -72.54 -8.43 -44.18
N GLU P 544 -71.90 -8.61 -43.01
CA GLU P 544 -71.57 -7.48 -42.17
C GLU P 544 -70.35 -7.80 -41.31
N GLY P 545 -69.63 -6.75 -40.92
CA GLY P 545 -68.50 -6.93 -40.01
C GLY P 545 -67.48 -5.79 -40.16
N PHE P 546 -66.24 -6.13 -39.84
CA PHE P 546 -65.12 -5.19 -39.80
C PHE P 546 -64.31 -5.35 -41.09
N MET P 547 -64.43 -4.37 -41.99
CA MET P 547 -63.61 -4.34 -43.19
C MET P 547 -62.25 -3.76 -42.86
N VAL P 548 -61.20 -4.38 -43.38
CA VAL P 548 -59.83 -4.07 -42.99
C VAL P 548 -59.02 -3.60 -44.19
N TYR P 549 -58.17 -2.58 -43.96
CA TYR P 549 -57.25 -2.02 -44.94
C TYR P 549 -55.86 -2.03 -44.33
N VAL P 550 -54.84 -2.30 -45.14
CA VAL P 550 -53.46 -2.35 -44.64
C VAL P 550 -52.54 -1.56 -45.57
N GLY P 551 -51.75 -0.66 -44.98
CA GLY P 551 -50.65 -0.02 -45.67
C GLY P 551 -50.91 1.36 -46.26
N GLY P 552 -51.79 2.15 -45.65
CA GLY P 552 -52.03 3.52 -46.06
C GLY P 552 -51.33 4.56 -45.19
N LYS P 553 -51.40 5.82 -45.65
CA LYS P 553 -50.87 6.95 -44.91
C LYS P 553 -51.36 8.24 -45.53
N THR P 554 -51.19 9.30 -44.77
CA THR P 554 -51.26 10.67 -45.32
C THR P 554 -49.92 11.32 -44.97
N GLY P 555 -49.88 12.64 -44.95
CA GLY P 555 -48.65 13.34 -44.61
C GLY P 555 -47.94 13.86 -45.86
N ARG P 556 -46.64 13.51 -45.99
CA ARG P 556 -45.91 13.98 -47.17
C ARG P 556 -46.46 13.36 -48.45
N GLU P 557 -47.03 12.15 -48.37
CA GLU P 557 -47.68 11.47 -49.48
C GLU P 557 -49.02 10.90 -49.03
N VAL P 558 -49.94 10.73 -49.98
CA VAL P 558 -51.21 10.05 -49.75
C VAL P 558 -51.14 8.66 -50.36
N ILE P 559 -51.38 7.63 -49.55
CA ILE P 559 -51.40 6.26 -50.04
C ILE P 559 -52.62 5.53 -49.48
N GLU P 560 -53.40 4.93 -50.36
CA GLU P 560 -54.51 4.11 -49.92
C GLU P 560 -54.03 2.70 -49.59
N GLY P 561 -54.42 2.21 -48.42
CA GLY P 561 -54.07 0.87 -48.02
C GLY P 561 -54.71 -0.17 -48.91
N VAL P 562 -54.12 -1.37 -48.87
CA VAL P 562 -54.66 -2.52 -49.59
C VAL P 562 -55.91 -3.00 -48.86
N SER P 563 -57.02 -3.09 -49.59
CA SER P 563 -58.23 -3.71 -49.04
C SER P 563 -57.98 -5.20 -48.77
N MET P 564 -58.38 -5.67 -47.60
CA MET P 564 -58.09 -7.05 -47.23
C MET P 564 -59.36 -7.88 -47.36
N LYS P 565 -60.17 -7.87 -46.29
CA LYS P 565 -61.39 -8.66 -46.21
C LYS P 565 -62.04 -8.34 -44.86
N LEU P 566 -63.23 -8.87 -44.62
CA LEU P 566 -63.83 -8.78 -43.29
C LEU P 566 -63.10 -9.70 -42.33
N MET P 567 -62.84 -9.21 -41.12
CA MET P 567 -62.06 -9.93 -40.13
C MET P 567 -62.72 -9.80 -38.75
N SER P 568 -62.54 -10.83 -37.93
CA SER P 568 -62.97 -10.80 -36.53
C SER P 568 -61.98 -9.97 -35.69
N VAL P 569 -62.40 -9.62 -34.48
CA VAL P 569 -61.52 -8.86 -33.59
C VAL P 569 -60.26 -9.69 -33.28
N GLU P 570 -60.45 -10.99 -33.05
CA GLU P 570 -59.30 -11.89 -32.76
C GLU P 570 -58.34 -11.86 -33.95
N GLU P 571 -58.88 -11.90 -35.17
CA GLU P 571 -58.06 -11.88 -36.38
C GLU P 571 -57.36 -10.52 -36.54
N ILE P 572 -58.04 -9.43 -36.20
CA ILE P 572 -57.43 -8.11 -36.31
C ILE P 572 -56.25 -7.97 -35.35
N LEU P 573 -56.41 -8.45 -34.12
CA LEU P 573 -55.31 -8.38 -33.16
C LEU P 573 -54.09 -9.17 -33.66
N ASN P 574 -54.34 -10.36 -34.20
CA ASN P 574 -53.29 -11.17 -34.82
C ASN P 574 -52.63 -10.42 -35.96
N LEU P 575 -53.44 -9.82 -36.82
CA LEU P 575 -52.95 -9.09 -37.99
C LEU P 575 -52.02 -7.95 -37.60
N ILE P 576 -52.44 -7.11 -36.66
CA ILE P 576 -51.64 -5.95 -36.31
C ILE P 576 -50.30 -6.39 -35.74
N ASP P 577 -50.34 -7.41 -34.88
CA ASP P 577 -49.10 -7.94 -34.29
C ASP P 577 -48.14 -8.40 -35.38
N LYS P 578 -48.65 -9.13 -36.38
CA LYS P 578 -47.78 -9.68 -37.42
C LYS P 578 -47.35 -8.61 -38.43
N VAL P 579 -48.20 -7.63 -38.70
CA VAL P 579 -47.79 -6.51 -39.55
C VAL P 579 -46.60 -5.79 -38.93
N LEU P 580 -46.66 -5.53 -37.64
CA LEU P 580 -45.56 -4.84 -36.98
C LEU P 580 -44.28 -5.65 -37.05
N ILE P 581 -44.40 -6.97 -36.91
CA ILE P 581 -43.21 -7.82 -36.98
C ILE P 581 -42.62 -7.81 -38.38
N VAL P 582 -43.45 -7.97 -39.41
CA VAL P 582 -42.90 -7.98 -40.77
C VAL P 582 -42.38 -6.59 -41.13
N TYR P 583 -43.06 -5.54 -40.67
CA TYR P 583 -42.57 -4.17 -40.85
C TYR P 583 -41.19 -4.01 -40.24
N HIS P 584 -41.01 -4.43 -38.98
N HIS P 584 -40.99 -4.46 -39.00
CA HIS P 584 -39.70 -4.41 -38.34
CA HIS P 584 -39.66 -4.36 -38.38
C HIS P 584 -38.66 -5.19 -39.15
C HIS P 584 -38.64 -5.21 -39.12
N LYS P 585 -39.07 -6.36 -39.66
CA LYS P 585 -38.12 -7.23 -40.37
C LYS P 585 -37.50 -6.55 -41.58
N TYR P 586 -38.33 -5.85 -42.37
CA TYR P 586 -37.89 -5.29 -43.67
C TYR P 586 -37.55 -3.80 -43.64
N ALA P 587 -37.94 -3.07 -42.59
CA ALA P 587 -37.65 -1.64 -42.54
C ALA P 587 -36.13 -1.49 -42.41
N LYS P 588 -35.56 -0.57 -43.19
CA LYS P 588 -34.09 -0.32 -43.17
C LYS P 588 -33.80 1.13 -42.76
N LYS P 589 -34.81 1.98 -42.71
CA LYS P 589 -34.59 3.41 -42.41
C LYS P 589 -35.56 3.84 -41.31
N PRO P 590 -35.20 3.58 -40.05
CA PRO P 590 -36.02 4.09 -38.94
C PRO P 590 -36.25 5.58 -39.07
N GLN P 591 -37.46 6.01 -38.73
CA GLN P 591 -37.92 7.39 -38.73
C GLN P 591 -38.07 8.01 -40.12
N ARG P 592 -38.00 7.21 -41.18
CA ARG P 592 -38.14 7.68 -42.55
C ARG P 592 -39.05 6.79 -43.40
N GLU P 593 -39.05 5.48 -43.16
CA GLU P 593 -39.84 4.52 -43.92
C GLU P 593 -41.11 4.16 -43.17
N ARG P 594 -42.24 4.67 -43.65
CA ARG P 594 -43.52 4.22 -43.15
C ARG P 594 -43.80 2.79 -43.62
N LEU P 595 -44.78 2.14 -42.99
CA LEU P 595 -45.19 0.81 -43.43
C LEU P 595 -45.50 0.79 -44.93
N ALA P 596 -46.20 1.82 -45.42
CA ALA P 596 -46.52 1.85 -46.85
C ALA P 596 -45.26 1.81 -47.71
N ALA P 597 -44.18 2.46 -47.27
CA ALA P 597 -42.95 2.49 -48.04
C ALA P 597 -42.26 1.13 -48.05
N VAL P 598 -42.31 0.42 -46.92
CA VAL P 598 -41.73 -0.91 -46.87
C VAL P 598 -42.49 -1.86 -47.81
N MET P 599 -43.83 -1.81 -47.75
CA MET P 599 -44.63 -2.64 -48.64
C MET P 599 -44.32 -2.31 -50.11
N ALA P 600 -44.19 -1.03 -50.43
CA ALA P 600 -43.90 -0.66 -51.84
C ALA P 600 -42.52 -1.19 -52.25
N ARG P 601 -41.53 -1.09 -51.35
CA ARG P 601 -40.15 -1.51 -51.65
C ARG P 601 -40.02 -3.02 -51.90
N ILE P 602 -40.68 -3.87 -51.09
CA ILE P 602 -40.48 -5.34 -51.24
C ILE P 602 -41.60 -5.99 -52.06
N GLY P 603 -42.69 -5.28 -52.32
CA GLY P 603 -43.84 -5.85 -53.00
C GLY P 603 -44.99 -6.04 -52.04
N LYS P 604 -46.17 -5.49 -52.37
CA LYS P 604 -47.30 -5.57 -51.45
C LYS P 604 -47.68 -7.03 -51.20
N GLY P 605 -47.72 -7.83 -52.25
CA GLY P 605 -48.07 -9.23 -52.10
C GLY P 605 -47.09 -10.00 -51.25
N LYS P 606 -45.79 -9.77 -51.45
CA LYS P 606 -44.78 -10.44 -50.62
C LYS P 606 -44.97 -10.08 -49.16
N PHE P 607 -45.15 -8.79 -48.87
CA PHE P 607 -45.32 -8.38 -47.49
C PHE P 607 -46.54 -9.05 -46.87
N LEU P 608 -47.68 -8.97 -47.54
CA LEU P 608 -48.93 -9.48 -46.98
C LEU P 608 -48.93 -11.01 -46.88
N GLU P 609 -48.21 -11.67 -47.79
CA GLU P 609 -48.10 -13.15 -47.74
C GLU P 609 -47.33 -13.54 -46.46
N GLU P 610 -46.27 -12.81 -46.14
CA GLU P 610 -45.48 -13.11 -44.95
C GLU P 610 -46.31 -12.87 -43.69
N VAL P 611 -47.09 -11.79 -43.67
CA VAL P 611 -48.00 -11.53 -42.55
C VAL P 611 -48.95 -12.69 -42.37
N LYS P 612 -49.55 -13.15 -43.47
CA LYS P 612 -50.52 -14.24 -43.37
C LYS P 612 -49.87 -15.50 -42.83
N GLU P 613 -48.67 -15.82 -43.32
CA GLU P 613 -47.96 -17.04 -42.83
C GLU P 613 -47.77 -16.95 -41.32
N LEU P 614 -47.34 -15.79 -40.82
CA LEU P 614 -47.13 -15.63 -39.38
C LEU P 614 -48.44 -15.74 -38.61
N MET P 615 -49.53 -15.20 -39.18
CA MET P 615 -50.82 -15.27 -38.52
C MET P 615 -51.27 -16.71 -38.33
N GLU P 616 -50.97 -17.57 -39.30
CA GLU P 616 -51.41 -18.95 -39.25
C GLU P 616 -50.61 -19.77 -38.26
N GLN P 617 -49.35 -19.41 -38.00
CA GLN P 617 -48.58 -20.09 -36.97
C GLN P 617 -49.05 -19.73 -35.57
N ASN P 618 -49.62 -18.52 -35.43
CA ASN P 618 -50.13 -18.03 -34.12
C ASN P 618 -51.07 -19.08 -33.50
#